data_7LB6
#
_entry.id   7LB6
#
_cell.length_a   1.00
_cell.length_b   1.00
_cell.length_c   1.00
_cell.angle_alpha   90.00
_cell.angle_beta   90.00
_cell.angle_gamma   90.00
#
_symmetry.space_group_name_H-M   'P 1'
#
loop_
_entity.id
_entity.type
_entity.pdbx_description
1 polymer "Pyridoxal 5'-phosphate synthase-like subunit PDX1.2"
2 polymer "Pyridoxal 5'-phosphate synthase subunit PDX1.3"
#
loop_
_entity_poly.entity_id
_entity_poly.type
_entity_poly.pdbx_seq_one_letter_code
_entity_poly.pdbx_strand_id
1 'polypeptide(L)'
;MDYKDHDGDYKDHDIDYKDDDDKLAGGGGSGGGGSADQAMTDQDQGAVTLYSGTAITDAKKNHPFSVKVGLAQVLRGGAI
VEVSSVNQAKLAESAGACSVIVSDPVRSRGGVRRMPDPVLIKEVKRAVSVPVMARARVGHFVEAQILESLAVDYIDESEI
ISVADDDHFINKHNFRSPFICGCRDTGEALRRIREGAAMIRIQGDLTATGNIAETVKNVRSLMGEVRVLNNMDDDEVFTF
AKKISAPYDLVAQTKQMGRVPVVQFASGGITTPADAALMMQLGCDGVFVGSEVFDGPDPFKKLRSIVQAVQHYNDPHVLA
EMSSGLENAMESLNVRGDRIQDFGQGSV
;
A,B,C,D,E,F,G,H,I,J,K,L
2 'polypeptide(L)'
;MDYKDHDGDYKDHDIDYKDDDDKLAGGGGSEGTGVVAVYGNGAITEAKKSPFSVKVGLAQMLRGGVIMDVVNAEQARIAE
EAGACAVMALERVPADIRAQGGVARMSDPQMIKEIKQAVTIPVMAKARIGHFVEAQILEAIGIDYIDESEVLTLADEDHH
INKHNFRIPFVCGCRNLGEALRRIREGAAMIRTKGEAGTGNIIEAVRHVRSVNGDIRVLRNMDDDEVFTFAKKLAAPYDL
VMQTKQLGRLPVVQFAAGGVATPADAALMMQLGCDGVFVGSGIFKSGDPARRARAIVQAVTHYSDPEMLVEVSCGLGEAM
VGINLNDEKVERFANRSE
;
M,N,O,P,Q,R,S,T,U,V,W,X
#
# COMPACT_ATOMS: atom_id res chain seq x y z
N PRO A 64 -29.73 -7.22 46.48
CA PRO A 64 -30.86 -8.11 46.22
C PRO A 64 -30.86 -8.65 44.80
N PHE A 65 -29.72 -9.18 44.35
CA PHE A 65 -29.64 -9.75 43.01
C PHE A 65 -30.32 -11.11 42.95
N SER A 66 -30.30 -11.87 44.04
CA SER A 66 -30.87 -13.21 44.02
C SER A 66 -32.38 -13.16 43.85
N VAL A 67 -33.05 -12.22 44.53
CA VAL A 67 -34.50 -12.11 44.38
C VAL A 67 -34.84 -11.63 42.97
N LYS A 68 -33.98 -10.81 42.36
CA LYS A 68 -34.23 -10.38 40.99
C LYS A 68 -34.08 -11.55 40.02
N VAL A 69 -33.08 -12.41 40.24
CA VAL A 69 -32.92 -13.58 39.40
C VAL A 69 -34.11 -14.52 39.58
N GLY A 70 -34.58 -14.68 40.81
CA GLY A 70 -35.77 -15.49 41.04
C GLY A 70 -37.01 -14.93 40.37
N LEU A 71 -37.14 -13.61 40.37
CA LEU A 71 -38.26 -12.98 39.67
C LEU A 71 -38.15 -13.17 38.17
N ALA A 72 -36.93 -13.14 37.64
CA ALA A 72 -36.76 -13.29 36.20
C ALA A 72 -36.96 -14.73 35.74
N GLN A 73 -36.59 -15.69 36.57
CA GLN A 73 -36.62 -17.09 36.15
C GLN A 73 -38.02 -17.70 36.16
N VAL A 74 -39.07 -16.90 36.35
CA VAL A 74 -40.41 -17.43 36.18
C VAL A 74 -40.77 -17.50 34.70
N LEU A 75 -40.06 -16.75 33.86
CA LEU A 75 -40.30 -16.71 32.42
C LEU A 75 -39.69 -17.91 31.69
N ARG A 76 -39.05 -18.82 32.41
CA ARG A 76 -38.40 -19.96 31.76
C ARG A 76 -39.41 -20.79 30.98
N GLY A 77 -39.00 -21.25 29.80
CA GLY A 77 -39.87 -22.04 28.96
C GLY A 77 -41.08 -21.31 28.44
N GLY A 78 -40.91 -20.03 28.07
CA GLY A 78 -42.01 -19.24 27.56
C GLY A 78 -41.56 -18.35 26.42
N ALA A 79 -42.54 -17.71 25.80
CA ALA A 79 -42.30 -16.80 24.68
C ALA A 79 -42.69 -15.39 25.09
N ILE A 80 -41.89 -14.41 24.68
CA ILE A 80 -42.13 -13.01 24.97
C ILE A 80 -42.51 -12.30 23.68
N VAL A 81 -43.75 -11.81 23.62
CA VAL A 81 -44.30 -11.23 22.41
C VAL A 81 -44.22 -9.71 22.52
N GLU A 82 -43.64 -9.09 21.49
CA GLU A 82 -43.55 -7.64 21.44
C GLU A 82 -44.84 -7.06 20.89
N VAL A 83 -45.59 -6.38 21.76
CA VAL A 83 -46.90 -5.85 21.39
C VAL A 83 -46.79 -4.35 21.18
N SER A 84 -47.77 -3.79 20.47
CA SER A 84 -47.79 -2.38 20.14
C SER A 84 -49.08 -1.68 20.54
N SER A 85 -50.03 -2.38 21.13
CA SER A 85 -51.30 -1.78 21.50
C SER A 85 -51.97 -2.67 22.54
N VAL A 86 -53.15 -2.24 23.00
CA VAL A 86 -53.91 -3.03 23.97
C VAL A 86 -54.41 -4.31 23.32
N ASN A 87 -54.82 -4.24 22.05
CA ASN A 87 -55.38 -5.40 21.39
C ASN A 87 -54.31 -6.45 21.10
N GLN A 88 -53.14 -6.01 20.64
CA GLN A 88 -52.04 -6.96 20.42
C GLN A 88 -51.60 -7.58 21.74
N ALA A 89 -51.61 -6.81 22.83
CA ALA A 89 -51.27 -7.36 24.13
C ALA A 89 -52.29 -8.40 24.57
N LYS A 90 -53.58 -8.14 24.34
CA LYS A 90 -54.61 -9.12 24.68
C LYS A 90 -54.46 -10.38 23.86
N LEU A 91 -54.15 -10.24 22.56
CA LEU A 91 -53.91 -11.41 21.72
C LEU A 91 -52.72 -12.22 22.23
N ALA A 92 -51.62 -11.54 22.56
CA ALA A 92 -50.43 -12.23 23.04
C ALA A 92 -50.69 -12.92 24.37
N GLU A 93 -51.54 -12.33 25.21
CA GLU A 93 -51.91 -13.00 26.46
C GLU A 93 -52.77 -14.23 26.19
N SER A 94 -53.74 -14.10 25.28
CA SER A 94 -54.61 -15.23 24.96
C SER A 94 -53.84 -16.36 24.30
N ALA A 95 -52.76 -16.05 23.59
CA ALA A 95 -51.95 -17.11 22.99
C ALA A 95 -51.22 -17.93 24.04
N GLY A 96 -50.75 -17.29 25.11
CA GLY A 96 -50.06 -18.01 26.16
C GLY A 96 -48.65 -17.50 26.39
N ALA A 97 -48.38 -16.27 25.97
CA ALA A 97 -47.06 -15.68 26.18
C ALA A 97 -46.81 -15.48 27.66
N CYS A 98 -45.53 -15.58 28.04
CA CYS A 98 -45.16 -15.39 29.44
C CYS A 98 -45.06 -13.93 29.82
N SER A 99 -44.90 -13.03 28.85
CA SER A 99 -44.85 -11.59 29.10
C SER A 99 -45.00 -10.89 27.77
N VAL A 100 -45.12 -9.56 27.84
CA VAL A 100 -45.27 -8.72 26.66
C VAL A 100 -44.36 -7.51 26.81
N ILE A 101 -43.48 -7.30 25.84
CA ILE A 101 -42.59 -6.15 25.81
C ILE A 101 -43.20 -5.10 24.90
N VAL A 102 -43.37 -3.90 25.43
CA VAL A 102 -44.18 -2.85 24.80
C VAL A 102 -43.32 -2.03 23.85
N SER A 103 -43.80 -1.85 22.62
CA SER A 103 -43.21 -0.95 21.66
C SER A 103 -44.33 -0.07 21.11
N ASP A 104 -44.22 1.25 21.32
CA ASP A 104 -45.33 2.15 21.03
C ASP A 104 -45.69 2.31 19.55
N PRO A 105 -44.75 2.53 18.64
CA PRO A 105 -45.14 3.02 17.31
C PRO A 105 -45.66 1.87 16.42
N VAL A 106 -46.33 2.28 15.35
CA VAL A 106 -46.66 1.33 14.29
C VAL A 106 -45.40 0.88 13.57
N ARG A 107 -44.45 1.80 13.40
CA ARG A 107 -43.15 1.52 12.82
C ARG A 107 -42.27 2.75 13.05
N SER A 108 -40.96 2.58 12.90
CA SER A 108 -40.00 3.69 12.97
C SER A 108 -39.48 3.96 11.58
N ARG A 109 -39.90 5.07 10.99
CA ARG A 109 -39.62 5.39 9.59
C ARG A 109 -38.27 6.13 9.54
N GLY A 110 -37.19 5.37 9.67
CA GLY A 110 -35.85 5.92 9.59
C GLY A 110 -35.58 7.01 10.62
N GLY A 111 -36.28 6.95 11.75
CA GLY A 111 -36.14 7.94 12.81
C GLY A 111 -35.46 7.36 14.03
N VAL A 112 -35.40 8.16 15.08
CA VAL A 112 -34.80 7.76 16.34
C VAL A 112 -35.88 7.13 17.21
N ARG A 113 -35.59 5.96 17.76
CA ARG A 113 -36.51 5.29 18.66
C ARG A 113 -36.09 5.52 20.11
N ARG A 114 -37.03 5.31 21.02
CA ARG A 114 -36.78 5.56 22.44
C ARG A 114 -37.83 4.81 23.25
N MET A 115 -37.87 5.10 24.55
CA MET A 115 -38.81 4.44 25.44
C MET A 115 -40.25 4.74 25.00
N PRO A 116 -41.14 3.76 25.03
CA PRO A 116 -42.53 4.01 24.64
C PRO A 116 -43.20 5.01 25.57
N ASP A 117 -44.30 5.58 25.08
CA ASP A 117 -44.99 6.61 25.83
C ASP A 117 -45.60 6.00 27.09
N PRO A 118 -45.53 6.69 28.23
CA PRO A 118 -46.00 6.10 29.49
C PRO A 118 -47.47 5.70 29.49
N VAL A 119 -48.37 6.47 28.88
CA VAL A 119 -49.78 6.14 28.98
C VAL A 119 -50.08 4.84 28.24
N LEU A 120 -49.35 4.56 27.16
CA LEU A 120 -49.54 3.30 26.47
C LEU A 120 -49.08 2.13 27.33
N ILE A 121 -47.97 2.31 28.05
CA ILE A 121 -47.50 1.26 28.95
C ILE A 121 -48.51 1.02 30.06
N LYS A 122 -49.07 2.08 30.62
CA LYS A 122 -50.08 1.90 31.66
C LYS A 122 -51.33 1.23 31.13
N GLU A 123 -51.75 1.57 29.91
CA GLU A 123 -52.91 0.92 29.32
C GLU A 123 -52.65 -0.57 29.11
N VAL A 124 -51.47 -0.91 28.59
CA VAL A 124 -51.11 -2.31 28.40
C VAL A 124 -51.10 -3.05 29.73
N LYS A 125 -50.45 -2.46 30.73
CA LYS A 125 -50.37 -3.10 32.05
C LYS A 125 -51.74 -3.29 32.66
N ARG A 126 -52.66 -2.35 32.43
CA ARG A 126 -54.02 -2.51 32.91
C ARG A 126 -54.77 -3.58 32.13
N ALA A 127 -54.45 -3.77 30.86
CA ALA A 127 -55.16 -4.72 30.03
C ALA A 127 -54.82 -6.16 30.40
N VAL A 128 -53.56 -6.54 30.26
CA VAL A 128 -53.13 -7.92 30.46
C VAL A 128 -52.74 -8.14 31.91
N SER A 129 -52.74 -9.40 32.33
CA SER A 129 -52.34 -9.78 33.68
C SER A 129 -50.93 -10.35 33.73
N VAL A 130 -50.38 -10.75 32.60
CA VAL A 130 -49.02 -11.31 32.53
C VAL A 130 -48.02 -10.20 32.85
N PRO A 131 -46.79 -10.53 33.23
CA PRO A 131 -45.77 -9.48 33.41
C PRO A 131 -45.61 -8.65 32.14
N VAL A 132 -45.41 -7.35 32.32
CA VAL A 132 -45.27 -6.41 31.21
C VAL A 132 -43.85 -5.87 31.22
N MET A 133 -43.16 -5.98 30.09
CA MET A 133 -41.82 -5.46 29.94
C MET A 133 -41.88 -4.06 29.34
N ALA A 134 -40.70 -3.47 29.16
CA ALA A 134 -40.57 -2.16 28.55
C ALA A 134 -39.14 -2.00 28.08
N ARG A 135 -38.95 -1.09 27.12
CA ARG A 135 -37.65 -0.87 26.52
C ARG A 135 -37.08 0.46 26.97
N ALA A 136 -35.79 0.45 27.26
CA ALA A 136 -35.05 1.66 27.61
C ALA A 136 -33.75 1.68 26.80
N ARG A 137 -33.42 2.86 26.28
CA ARG A 137 -32.21 2.98 25.48
C ARG A 137 -30.98 2.59 26.29
N VAL A 138 -30.08 1.85 25.67
CA VAL A 138 -28.89 1.37 26.38
C VAL A 138 -28.03 2.56 26.81
N GLY A 139 -27.80 2.66 28.11
CA GLY A 139 -27.08 3.77 28.68
C GLY A 139 -27.97 4.90 29.19
N HIS A 140 -29.27 4.85 28.91
CA HIS A 140 -30.21 5.89 29.33
C HIS A 140 -30.84 5.45 30.64
N PHE A 141 -30.20 5.81 31.76
CA PHE A 141 -30.72 5.39 33.05
C PHE A 141 -31.93 6.20 33.49
N VAL A 142 -32.15 7.38 32.91
CA VAL A 142 -33.34 8.16 33.27
C VAL A 142 -34.59 7.53 32.69
N GLU A 143 -34.49 6.99 31.48
CA GLU A 143 -35.60 6.22 30.93
C GLU A 143 -35.90 5.01 31.80
N ALA A 144 -34.86 4.37 32.33
CA ALA A 144 -35.05 3.25 33.23
C ALA A 144 -35.72 3.70 34.52
N GLN A 145 -35.37 4.89 35.02
CA GLN A 145 -36.02 5.42 36.21
C GLN A 145 -37.49 5.67 35.96
N ILE A 146 -37.82 6.27 34.81
CA ILE A 146 -39.21 6.52 34.46
C ILE A 146 -39.97 5.22 34.30
N LEU A 147 -39.33 4.18 33.75
CA LEU A 147 -39.99 2.90 33.61
C LEU A 147 -40.24 2.25 34.96
N GLU A 148 -39.26 2.33 35.87
CA GLU A 148 -39.43 1.77 37.20
C GLU A 148 -40.51 2.52 37.98
N SER A 149 -40.67 3.82 37.72
CA SER A 149 -41.73 4.56 38.40
C SER A 149 -43.12 4.09 37.94
N LEU A 150 -43.24 3.68 36.67
CA LEU A 150 -44.48 3.10 36.18
C LEU A 150 -44.69 1.68 36.70
N ALA A 151 -43.74 1.14 37.45
CA ALA A 151 -43.84 -0.18 38.07
C ALA A 151 -43.97 -1.29 37.03
N VAL A 152 -43.23 -1.16 35.93
CA VAL A 152 -43.18 -2.24 34.97
C VAL A 152 -42.49 -3.45 35.59
N ASP A 153 -42.91 -4.64 35.18
CA ASP A 153 -42.38 -5.86 35.78
C ASP A 153 -40.92 -6.09 35.38
N TYR A 154 -40.57 -5.79 34.14
CA TYR A 154 -39.21 -5.97 33.66
C TYR A 154 -38.83 -4.81 32.77
N ILE A 155 -37.53 -4.49 32.74
CA ILE A 155 -37.00 -3.43 31.90
C ILE A 155 -35.99 -4.06 30.96
N ASP A 156 -36.08 -3.74 29.67
CA ASP A 156 -35.21 -4.29 28.65
C ASP A 156 -34.28 -3.17 28.17
N GLU A 157 -33.01 -3.25 28.58
CA GLU A 157 -31.99 -2.31 28.10
C GLU A 157 -31.64 -2.70 26.67
N SER A 158 -32.57 -2.42 25.77
CA SER A 158 -32.49 -2.93 24.40
C SER A 158 -31.58 -2.07 23.55
N GLU A 159 -30.87 -2.72 22.64
CA GLU A 159 -30.01 -2.04 21.68
C GLU A 159 -30.64 -1.95 20.29
N ILE A 160 -31.78 -2.59 20.08
CA ILE A 160 -32.47 -2.41 18.80
C ILE A 160 -33.02 -0.99 18.72
N ILE A 161 -33.35 -0.40 19.86
CA ILE A 161 -33.61 1.03 19.94
C ILE A 161 -32.28 1.79 19.85
N SER A 162 -32.34 2.99 19.30
CA SER A 162 -31.15 3.83 19.14
C SER A 162 -30.33 3.88 20.43
N VAL A 163 -29.02 3.72 20.29
CA VAL A 163 -28.12 3.69 21.43
C VAL A 163 -28.07 5.07 22.09
N ALA A 164 -28.36 5.11 23.39
CA ALA A 164 -28.23 6.37 24.11
C ALA A 164 -26.76 6.67 24.42
N ASP A 165 -26.07 5.74 25.06
CA ASP A 165 -24.66 5.91 25.42
C ASP A 165 -23.86 4.80 24.77
N ASP A 166 -22.94 5.16 23.88
CA ASP A 166 -22.16 4.16 23.16
C ASP A 166 -21.13 3.49 24.07
N ASP A 167 -20.53 4.25 24.98
CA ASP A 167 -19.44 3.72 25.78
C ASP A 167 -19.94 2.95 26.99
N HIS A 168 -20.82 3.56 27.78
CA HIS A 168 -21.24 2.99 29.05
C HIS A 168 -22.68 2.49 28.98
N PHE A 169 -23.00 1.60 29.91
CA PHE A 169 -24.33 1.01 30.04
C PHE A 169 -24.97 1.51 31.33
N ILE A 170 -26.18 1.03 31.59
CA ILE A 170 -26.91 1.40 32.80
C ILE A 170 -26.36 0.58 33.96
N ASN A 171 -26.01 1.27 35.05
CA ASN A 171 -25.60 0.60 36.29
C ASN A 171 -26.86 0.06 36.96
N LYS A 172 -27.26 -1.14 36.52
CA LYS A 172 -28.55 -1.71 36.89
C LYS A 172 -28.64 -2.12 38.34
N HIS A 173 -27.61 -1.90 39.15
CA HIS A 173 -27.70 -2.22 40.57
C HIS A 173 -28.50 -1.18 41.35
N ASN A 174 -28.69 0.01 40.78
CA ASN A 174 -29.42 1.08 41.48
C ASN A 174 -30.93 0.92 41.39
N PHE A 175 -31.43 0.01 40.54
CA PHE A 175 -32.85 -0.14 40.31
C PHE A 175 -33.40 -1.35 41.04
N ARG A 176 -34.69 -1.33 41.30
CA ARG A 176 -35.38 -2.44 41.96
C ARG A 176 -35.96 -3.44 40.98
N SER A 177 -36.31 -2.99 39.78
CA SER A 177 -36.91 -3.89 38.79
C SER A 177 -35.82 -4.69 38.07
N PRO A 178 -36.11 -5.93 37.70
CA PRO A 178 -35.11 -6.73 36.98
C PRO A 178 -34.89 -6.19 35.58
N PHE A 179 -33.67 -6.37 35.10
CA PHE A 179 -33.26 -5.86 33.80
C PHE A 179 -32.99 -7.00 32.84
N ILE A 180 -33.13 -6.71 31.55
CA ILE A 180 -32.84 -7.65 30.47
C ILE A 180 -31.88 -6.99 29.51
N CYS A 181 -30.73 -7.62 29.28
CA CYS A 181 -29.68 -7.05 28.44
C CYS A 181 -29.38 -7.99 27.29
N GLY A 182 -29.09 -7.40 26.13
CA GLY A 182 -28.70 -8.19 24.99
C GLY A 182 -27.23 -8.57 25.01
N CYS A 183 -26.93 -9.70 24.40
CA CYS A 183 -25.56 -10.19 24.37
C CYS A 183 -25.32 -10.90 23.05
N ARG A 184 -24.05 -10.92 22.64
CA ARG A 184 -23.63 -11.62 21.44
C ARG A 184 -22.60 -12.72 21.70
N ASP A 185 -21.99 -12.76 22.87
CA ASP A 185 -21.05 -13.81 23.24
C ASP A 185 -21.07 -13.94 24.76
N THR A 186 -20.14 -14.72 25.30
CA THR A 186 -20.07 -14.89 26.75
C THR A 186 -19.52 -13.64 27.42
N GLY A 187 -18.62 -12.93 26.76
CA GLY A 187 -18.05 -11.71 27.32
C GLY A 187 -19.10 -10.66 27.63
N GLU A 188 -19.90 -10.31 26.63
CA GLU A 188 -20.96 -9.31 26.83
C GLU A 188 -21.97 -9.79 27.87
N ALA A 189 -22.34 -11.07 27.81
CA ALA A 189 -23.32 -11.60 28.76
C ALA A 189 -22.81 -11.48 30.19
N LEU A 190 -21.56 -11.86 30.42
CA LEU A 190 -21.01 -11.78 31.76
C LEU A 190 -20.82 -10.34 32.22
N ARG A 191 -20.46 -9.45 31.29
CA ARG A 191 -20.38 -8.03 31.65
C ARG A 191 -21.75 -7.51 32.09
N ARG A 192 -22.81 -7.87 31.36
CA ARG A 192 -24.14 -7.40 31.71
C ARG A 192 -24.61 -7.99 33.03
N ILE A 193 -24.29 -9.27 33.28
CA ILE A 193 -24.64 -9.87 34.56
C ILE A 193 -23.89 -9.18 35.70
N ARG A 194 -22.64 -8.78 35.44
CA ARG A 194 -21.88 -8.05 36.44
C ARG A 194 -22.48 -6.68 36.71
N GLU A 195 -22.97 -6.01 35.66
CA GLU A 195 -23.59 -4.71 35.84
C GLU A 195 -24.90 -4.81 36.62
N GLY A 196 -25.59 -5.94 36.55
CA GLY A 196 -26.80 -6.12 37.33
C GLY A 196 -27.99 -6.66 36.55
N ALA A 197 -27.76 -7.11 35.32
CA ALA A 197 -28.83 -7.64 34.50
C ALA A 197 -29.30 -8.97 35.07
N ALA A 198 -30.57 -9.03 35.46
CA ALA A 198 -31.16 -10.24 36.03
C ALA A 198 -31.61 -11.23 34.96
N MET A 199 -31.44 -10.91 33.69
CA MET A 199 -31.86 -11.78 32.60
C MET A 199 -31.15 -11.34 31.33
N ILE A 200 -30.74 -12.31 30.52
CA ILE A 200 -29.91 -12.07 29.34
C ILE A 200 -30.64 -12.62 28.12
N ARG A 201 -30.64 -11.84 27.04
CA ARG A 201 -31.20 -12.27 25.76
C ARG A 201 -30.09 -12.26 24.72
N ILE A 202 -29.94 -13.38 24.01
CA ILE A 202 -28.97 -13.46 22.92
C ILE A 202 -29.55 -12.76 21.70
N GLN A 203 -28.88 -11.71 21.27
CA GLN A 203 -29.35 -10.85 20.19
C GLN A 203 -28.83 -11.38 18.85
N GLY A 204 -29.69 -11.30 17.83
CA GLY A 204 -29.29 -11.66 16.48
C GLY A 204 -29.15 -10.43 15.60
N ASP A 205 -30.15 -10.21 14.74
CA ASP A 205 -30.18 -9.04 13.87
C ASP A 205 -31.62 -8.54 13.83
N LEU A 206 -31.96 -7.60 14.70
CA LEU A 206 -33.30 -7.07 14.75
C LEU A 206 -33.44 -5.88 13.82
N THR A 207 -34.69 -5.61 13.41
CA THR A 207 -35.06 -4.46 12.60
C THR A 207 -34.40 -4.54 11.22
N ALA A 208 -33.67 -5.61 10.96
CA ALA A 208 -33.00 -5.78 9.68
C ALA A 208 -33.78 -6.73 8.76
N THR A 209 -34.16 -7.90 9.28
CA THR A 209 -34.89 -8.91 8.52
C THR A 209 -35.44 -9.93 9.50
N GLY A 210 -36.04 -10.99 8.97
CA GLY A 210 -36.50 -12.11 9.76
C GLY A 210 -35.57 -13.31 9.73
N ASN A 211 -34.32 -13.12 9.32
CA ASN A 211 -33.37 -14.23 9.24
C ASN A 211 -32.96 -14.70 10.63
N ILE A 212 -32.60 -15.98 10.71
CA ILE A 212 -32.23 -16.61 11.98
C ILE A 212 -30.75 -16.89 12.09
N ALA A 213 -29.95 -16.52 11.08
CA ALA A 213 -28.55 -16.91 11.04
C ALA A 213 -27.77 -16.29 12.19
N GLU A 214 -27.90 -14.98 12.39
CA GLU A 214 -27.12 -14.32 13.42
C GLU A 214 -27.53 -14.78 14.82
N THR A 215 -28.83 -14.98 15.03
CA THR A 215 -29.30 -15.42 16.35
C THR A 215 -28.75 -16.80 16.69
N VAL A 216 -28.87 -17.75 15.76
CA VAL A 216 -28.36 -19.09 16.03
C VAL A 216 -26.84 -19.08 16.15
N LYS A 217 -26.18 -18.21 15.40
CA LYS A 217 -24.73 -18.10 15.51
C LYS A 217 -24.31 -17.63 16.89
N ASN A 218 -24.97 -16.59 17.41
CA ASN A 218 -24.62 -16.09 18.74
C ASN A 218 -24.98 -17.09 19.83
N VAL A 219 -26.12 -17.77 19.68
CA VAL A 219 -26.49 -18.80 20.65
C VAL A 219 -25.45 -19.91 20.67
N ARG A 220 -25.03 -20.38 19.49
CA ARG A 220 -24.03 -21.43 19.42
C ARG A 220 -22.70 -20.97 20.00
N SER A 221 -22.32 -19.72 19.73
CA SER A 221 -21.07 -19.18 20.28
C SER A 221 -21.11 -19.17 21.80
N LEU A 222 -22.21 -18.66 22.37
CA LEU A 222 -22.32 -18.61 23.83
C LEU A 222 -22.29 -20.00 24.45
N MET A 223 -23.10 -20.92 23.92
CA MET A 223 -23.15 -22.25 24.49
C MET A 223 -21.82 -22.98 24.33
N GLY A 224 -21.14 -22.76 23.22
CA GLY A 224 -19.84 -23.40 23.02
C GLY A 224 -18.79 -22.87 23.97
N GLU A 225 -18.78 -21.54 24.19
CA GLU A 225 -17.83 -20.98 25.15
C GLU A 225 -18.14 -21.45 26.56
N VAL A 226 -19.42 -21.62 26.90
CA VAL A 226 -19.77 -22.12 28.23
C VAL A 226 -19.34 -23.57 28.38
N ARG A 227 -19.51 -24.38 27.33
CA ARG A 227 -19.04 -25.77 27.39
C ARG A 227 -17.53 -25.84 27.46
N VAL A 228 -16.82 -24.90 26.82
CA VAL A 228 -15.38 -24.83 26.94
C VAL A 228 -14.97 -24.51 28.37
N LEU A 229 -15.67 -23.56 28.99
CA LEU A 229 -15.42 -23.22 30.39
C LEU A 229 -15.62 -24.43 31.30
N ASN A 230 -16.74 -25.14 31.12
CA ASN A 230 -17.10 -26.21 32.04
C ASN A 230 -16.07 -27.33 32.07
N ASN A 231 -15.20 -27.41 31.08
CA ASN A 231 -14.19 -28.46 31.01
C ASN A 231 -12.76 -27.94 31.06
N MET A 232 -12.56 -26.63 31.00
CA MET A 232 -11.22 -26.07 30.94
C MET A 232 -10.46 -26.33 32.23
N ASP A 233 -9.14 -26.25 32.14
CA ASP A 233 -8.29 -26.35 33.33
C ASP A 233 -8.39 -25.07 34.13
N ASP A 234 -8.29 -25.19 35.46
CA ASP A 234 -8.42 -24.03 36.32
C ASP A 234 -7.33 -23.01 36.06
N ASP A 235 -6.07 -23.45 35.93
CA ASP A 235 -4.95 -22.52 35.78
C ASP A 235 -5.07 -21.67 34.52
N GLU A 236 -5.85 -22.10 33.53
CA GLU A 236 -6.05 -21.34 32.31
C GLU A 236 -7.24 -20.40 32.39
N VAL A 237 -8.16 -20.63 33.33
CA VAL A 237 -9.41 -19.87 33.38
C VAL A 237 -9.13 -18.38 33.39
N PHE A 238 -8.18 -17.94 34.22
CA PHE A 238 -7.84 -16.52 34.27
C PHE A 238 -7.57 -15.97 32.88
N THR A 239 -6.67 -16.62 32.13
CA THR A 239 -6.36 -16.14 30.79
C THR A 239 -7.61 -16.10 29.92
N PHE A 240 -8.49 -17.09 30.07
CA PHE A 240 -9.74 -17.10 29.31
C PHE A 240 -10.54 -15.84 29.56
N ALA A 241 -10.59 -15.39 30.82
CA ALA A 241 -11.26 -14.13 31.13
C ALA A 241 -10.65 -13.00 30.32
N LYS A 242 -9.31 -12.92 30.29
CA LYS A 242 -8.63 -11.93 29.46
C LYS A 242 -9.08 -12.03 28.01
N LYS A 243 -9.30 -13.24 27.51
CA LYS A 243 -9.70 -13.41 26.11
C LYS A 243 -11.11 -12.90 25.88
N ILE A 244 -11.95 -12.90 26.92
CA ILE A 244 -13.34 -12.48 26.77
C ILE A 244 -13.66 -11.19 27.51
N SER A 245 -12.71 -10.66 28.27
CA SER A 245 -12.88 -9.42 29.04
C SER A 245 -14.16 -9.48 29.89
N ALA A 246 -14.17 -10.43 30.80
CA ALA A 246 -15.28 -10.65 31.72
C ALA A 246 -14.75 -10.79 33.13
N PRO A 247 -15.53 -10.44 34.14
CA PRO A 247 -15.08 -10.60 35.53
C PRO A 247 -14.76 -12.05 35.84
N TYR A 248 -13.63 -12.28 36.50
CA TYR A 248 -13.21 -13.64 36.79
C TYR A 248 -14.17 -14.34 37.74
N ASP A 249 -14.79 -13.60 38.65
CA ASP A 249 -15.73 -14.22 39.59
C ASP A 249 -16.91 -14.82 38.85
N LEU A 250 -17.49 -14.07 37.92
CA LEU A 250 -18.61 -14.59 37.13
C LEU A 250 -18.16 -15.72 36.22
N VAL A 251 -16.94 -15.64 35.69
CA VAL A 251 -16.42 -16.72 34.85
C VAL A 251 -16.33 -18.01 35.65
N ALA A 252 -15.76 -17.93 36.85
CA ALA A 252 -15.67 -19.11 37.71
C ALA A 252 -17.05 -19.61 38.11
N GLN A 253 -18.00 -18.69 38.30
CA GLN A 253 -19.35 -19.10 38.66
C GLN A 253 -20.01 -19.88 37.53
N THR A 254 -19.86 -19.40 36.29
CA THR A 254 -20.41 -20.15 35.15
C THR A 254 -19.71 -21.48 34.98
N LYS A 255 -18.39 -21.51 35.17
CA LYS A 255 -17.66 -22.77 35.06
C LYS A 255 -18.15 -23.77 36.10
N GLN A 256 -18.41 -23.31 37.33
CA GLN A 256 -18.89 -24.20 38.37
C GLN A 256 -20.33 -24.62 38.14
N MET A 257 -21.13 -23.76 37.50
CA MET A 257 -22.55 -24.04 37.32
C MET A 257 -22.88 -24.68 35.99
N GLY A 258 -22.02 -24.56 34.99
CA GLY A 258 -22.30 -25.09 33.68
C GLY A 258 -23.15 -24.21 32.79
N ARG A 259 -23.63 -23.08 33.32
CA ARG A 259 -24.40 -22.12 32.55
C ARG A 259 -24.12 -20.73 33.12
N VAL A 260 -24.52 -19.71 32.38
CA VAL A 260 -24.48 -18.36 32.95
C VAL A 260 -25.50 -18.27 34.06
N PRO A 261 -25.23 -17.56 35.16
CA PRO A 261 -26.15 -17.58 36.30
C PRO A 261 -27.36 -16.69 36.11
N VAL A 262 -27.94 -16.72 34.91
CA VAL A 262 -29.15 -15.95 34.59
C VAL A 262 -29.99 -16.78 33.65
N VAL A 263 -31.13 -16.25 33.24
CA VAL A 263 -32.00 -16.89 32.27
C VAL A 263 -31.65 -16.39 30.88
N GLN A 264 -31.46 -17.32 29.95
CA GLN A 264 -31.09 -16.98 28.58
C GLN A 264 -32.30 -17.08 27.67
N PHE A 265 -32.63 -15.98 27.02
CA PHE A 265 -33.66 -15.95 25.99
C PHE A 265 -33.00 -15.70 24.65
N ALA A 266 -33.76 -15.84 23.58
CA ALA A 266 -33.25 -15.57 22.25
C ALA A 266 -34.06 -14.47 21.58
N SER A 267 -33.42 -13.75 20.66
CA SER A 267 -34.13 -12.68 19.96
C SER A 267 -33.59 -12.58 18.55
N GLY A 268 -34.46 -12.20 17.62
CA GLY A 268 -34.06 -11.95 16.25
C GLY A 268 -34.40 -13.05 15.27
N GLY A 269 -35.37 -12.79 14.40
CA GLY A 269 -35.70 -13.70 13.33
C GLY A 269 -36.62 -14.85 13.71
N ILE A 270 -37.00 -14.98 14.97
CA ILE A 270 -37.88 -16.06 15.37
C ILE A 270 -39.29 -15.73 14.88
N THR A 271 -39.68 -16.33 13.77
CA THR A 271 -41.00 -16.09 13.17
C THR A 271 -41.84 -17.35 13.09
N THR A 272 -41.24 -18.47 12.77
CA THR A 272 -41.97 -19.73 12.65
C THR A 272 -41.74 -20.60 13.88
N PRO A 273 -42.65 -21.52 14.17
CA PRO A 273 -42.43 -22.44 15.30
C PRO A 273 -41.13 -23.22 15.19
N ALA A 274 -40.66 -23.48 13.97
CA ALA A 274 -39.38 -24.16 13.80
C ALA A 274 -38.25 -23.34 14.41
N ASP A 275 -38.27 -22.02 14.23
CA ASP A 275 -37.20 -21.18 14.77
C ASP A 275 -37.23 -21.17 16.30
N ALA A 276 -38.42 -21.08 16.89
CA ALA A 276 -38.53 -21.09 18.34
C ALA A 276 -38.07 -22.42 18.92
N ALA A 277 -38.48 -23.52 18.29
CA ALA A 277 -38.06 -24.84 18.77
C ALA A 277 -36.56 -25.03 18.59
N LEU A 278 -36.00 -24.46 17.53
CA LEU A 278 -34.55 -24.53 17.34
C LEU A 278 -33.82 -23.77 18.43
N MET A 279 -34.30 -22.57 18.76
CA MET A 279 -33.68 -21.80 19.83
C MET A 279 -33.79 -22.52 21.17
N MET A 280 -34.94 -23.14 21.43
CA MET A 280 -35.12 -23.84 22.71
C MET A 280 -34.32 -25.14 22.75
N GLN A 281 -34.01 -25.73 21.59
CA GLN A 281 -33.25 -26.97 21.58
C GLN A 281 -31.75 -26.73 21.68
N LEU A 282 -31.30 -25.51 21.38
CA LEU A 282 -29.89 -25.18 21.52
C LEU A 282 -29.48 -24.87 22.95
N GLY A 283 -30.43 -24.82 23.88
CA GLY A 283 -30.14 -24.56 25.27
C GLY A 283 -30.78 -23.31 25.84
N CYS A 284 -31.37 -22.46 25.01
CA CYS A 284 -32.02 -21.25 25.52
C CYS A 284 -33.24 -21.61 26.37
N ASP A 285 -33.73 -20.62 27.11
CA ASP A 285 -34.88 -20.80 27.97
C ASP A 285 -36.13 -20.13 27.43
N GLY A 286 -36.03 -19.37 26.34
CA GLY A 286 -37.18 -18.72 25.77
C GLY A 286 -36.83 -18.03 24.48
N VAL A 287 -37.81 -17.31 23.93
CA VAL A 287 -37.64 -16.61 22.67
C VAL A 287 -38.30 -15.24 22.75
N PHE A 288 -37.82 -14.32 21.91
CA PHE A 288 -38.37 -12.98 21.76
C PHE A 288 -38.97 -12.88 20.36
N VAL A 289 -40.26 -13.16 20.24
CA VAL A 289 -40.92 -13.02 18.94
C VAL A 289 -41.26 -11.56 18.72
N GLY A 290 -40.82 -11.03 17.58
CA GLY A 290 -40.99 -9.63 17.28
C GLY A 290 -42.44 -9.28 16.99
N SER A 291 -42.62 -8.02 16.56
CA SER A 291 -43.95 -7.51 16.22
C SER A 291 -44.40 -7.92 14.82
N GLU A 292 -43.50 -8.50 14.01
CA GLU A 292 -43.87 -8.88 12.66
C GLU A 292 -44.85 -10.05 12.63
N VAL A 293 -45.16 -10.64 13.79
CA VAL A 293 -46.11 -11.76 13.82
C VAL A 293 -47.53 -11.26 13.62
N PHE A 294 -47.80 -10.01 14.00
CA PHE A 294 -49.17 -9.51 14.02
C PHE A 294 -49.66 -9.01 12.66
N ASP A 295 -48.75 -8.62 11.76
CA ASP A 295 -49.16 -8.16 10.44
C ASP A 295 -49.26 -9.30 9.43
N GLY A 296 -49.17 -10.55 9.88
CA GLY A 296 -49.32 -11.69 9.01
C GLY A 296 -50.76 -11.96 8.67
N PRO A 297 -51.03 -13.11 8.04
CA PRO A 297 -52.41 -13.46 7.70
C PRO A 297 -53.28 -13.69 8.94
N ASP A 298 -52.78 -14.46 9.89
CA ASP A 298 -53.48 -14.72 11.14
C ASP A 298 -52.50 -14.57 12.30
N PRO A 299 -52.56 -13.48 13.06
CA PRO A 299 -51.58 -13.25 14.11
C PRO A 299 -51.64 -14.25 15.24
N PHE A 300 -52.83 -14.42 15.83
CA PHE A 300 -52.94 -15.26 17.02
C PHE A 300 -52.72 -16.73 16.73
N LYS A 301 -53.02 -17.18 15.51
CA LYS A 301 -52.70 -18.56 15.14
C LYS A 301 -51.19 -18.79 15.18
N LYS A 302 -50.42 -17.89 14.55
CA LYS A 302 -48.96 -18.00 14.60
C LYS A 302 -48.45 -17.87 16.02
N LEU A 303 -49.07 -17.01 16.83
CA LEU A 303 -48.63 -16.85 18.21
C LEU A 303 -48.85 -18.13 19.01
N ARG A 304 -50.02 -18.73 18.90
CA ARG A 304 -50.29 -19.99 19.58
C ARG A 304 -49.36 -21.08 19.08
N SER A 305 -49.06 -21.09 17.78
CA SER A 305 -48.14 -22.07 17.22
C SER A 305 -46.75 -21.93 17.83
N ILE A 306 -46.26 -20.69 17.93
CA ILE A 306 -44.92 -20.47 18.49
C ILE A 306 -44.91 -20.81 19.97
N VAL A 307 -45.98 -20.48 20.69
CA VAL A 307 -46.05 -20.80 22.12
C VAL A 307 -46.01 -22.30 22.33
N GLN A 308 -46.83 -23.04 21.56
CA GLN A 308 -46.84 -24.50 21.68
C GLN A 308 -45.51 -25.10 21.25
N ALA A 309 -44.82 -24.47 20.30
CA ALA A 309 -43.50 -24.94 19.92
C ALA A 309 -42.50 -24.78 21.07
N VAL A 310 -42.55 -23.62 21.73
CA VAL A 310 -41.66 -23.41 22.88
C VAL A 310 -41.98 -24.39 24.00
N GLN A 311 -43.27 -24.65 24.23
CA GLN A 311 -43.66 -25.57 25.29
C GLN A 311 -43.25 -27.00 24.95
N HIS A 312 -43.31 -27.37 23.67
CA HIS A 312 -43.02 -28.74 23.26
C HIS A 312 -41.87 -28.80 22.28
N TYR A 313 -40.77 -28.11 22.60
CA TYR A 313 -39.62 -28.03 21.71
C TYR A 313 -38.98 -29.39 21.42
N ASN A 314 -39.39 -30.46 22.11
CA ASN A 314 -38.82 -31.77 21.87
C ASN A 314 -39.71 -32.67 21.02
N ASP A 315 -40.99 -32.35 20.90
CA ASP A 315 -41.92 -33.20 20.17
C ASP A 315 -42.03 -32.71 18.73
N PRO A 316 -41.57 -33.47 17.74
CA PRO A 316 -41.69 -33.03 16.34
C PRO A 316 -43.11 -33.08 15.80
N HIS A 317 -43.96 -33.97 16.32
CA HIS A 317 -45.31 -34.10 15.78
C HIS A 317 -46.16 -32.89 16.10
N VAL A 318 -46.11 -32.40 17.35
CA VAL A 318 -46.83 -31.17 17.69
C VAL A 318 -46.29 -30.00 16.88
N LEU A 319 -44.97 -29.96 16.67
CA LEU A 319 -44.38 -28.92 15.83
C LEU A 319 -44.98 -28.96 14.43
N ALA A 320 -45.10 -30.16 13.85
CA ALA A 320 -45.67 -30.28 12.51
C ALA A 320 -47.15 -29.91 12.50
N GLU A 321 -47.87 -30.19 13.59
CA GLU A 321 -49.29 -29.87 13.64
C GLU A 321 -49.52 -28.36 13.71
N MET A 322 -48.82 -27.68 14.62
CA MET A 322 -49.00 -26.24 14.76
C MET A 322 -48.37 -25.43 13.63
N SER A 323 -47.38 -25.98 12.94
CA SER A 323 -46.76 -25.27 11.82
C SER A 323 -47.51 -25.51 10.52
N PRO B 64 -13.94 42.74 32.81
CA PRO B 64 -15.22 42.46 33.47
C PRO B 64 -15.75 41.07 33.16
N PHE B 65 -14.90 40.05 33.31
CA PHE B 65 -15.34 38.68 33.05
C PHE B 65 -16.20 38.15 34.19
N SER B 66 -15.94 38.59 35.42
CA SER B 66 -16.68 38.08 36.57
C SER B 66 -18.14 38.51 36.52
N VAL B 67 -18.40 39.76 36.12
CA VAL B 67 -19.79 40.20 36.03
C VAL B 67 -20.50 39.48 34.88
N LYS B 68 -19.77 39.14 33.82
CA LYS B 68 -20.38 38.38 32.74
C LYS B 68 -20.72 36.96 33.17
N VAL B 69 -19.84 36.34 33.96
CA VAL B 69 -20.14 35.01 34.49
C VAL B 69 -21.33 35.07 35.44
N GLY B 70 -21.40 36.12 36.25
CA GLY B 70 -22.55 36.28 37.14
C GLY B 70 -23.84 36.49 36.37
N LEU B 71 -23.77 37.23 35.26
CA LEU B 71 -24.95 37.41 34.42
C LEU B 71 -25.37 36.10 33.77
N ALA B 72 -24.39 35.27 33.39
CA ALA B 72 -24.71 34.02 32.71
C ALA B 72 -25.26 32.98 33.68
N GLN B 73 -24.79 32.99 34.93
CA GLN B 73 -25.16 31.94 35.88
C GLN B 73 -26.55 32.11 36.47
N VAL B 74 -27.36 33.05 35.95
CA VAL B 74 -28.74 33.11 36.37
C VAL B 74 -29.56 32.04 35.65
N LEU B 75 -29.06 31.54 34.53
CA LEU B 75 -29.75 30.53 33.74
C LEU B 75 -29.58 29.12 34.31
N ARG B 76 -28.89 28.97 35.43
CA ARG B 76 -28.66 27.65 36.00
C ARG B 76 -29.98 26.96 36.33
N GLY B 77 -30.03 25.67 36.06
CA GLY B 77 -31.23 24.90 36.32
C GLY B 77 -32.43 25.30 35.48
N GLY B 78 -32.20 25.62 34.20
CA GLY B 78 -33.28 26.02 33.33
C GLY B 78 -33.09 25.45 31.93
N ALA B 79 -34.11 25.64 31.10
CA ALA B 79 -34.11 25.17 29.73
C ALA B 79 -34.14 26.36 28.79
N ILE B 80 -33.38 26.27 27.70
CA ILE B 80 -33.30 27.32 26.69
C ILE B 80 -33.97 26.81 25.43
N VAL B 81 -35.08 27.46 25.05
CA VAL B 81 -35.90 27.02 23.94
C VAL B 81 -35.56 27.86 22.71
N GLU B 82 -35.26 27.19 21.60
CA GLU B 82 -34.97 27.88 20.36
C GLU B 82 -36.27 28.22 19.65
N VAL B 83 -36.60 29.50 19.58
CA VAL B 83 -37.86 29.96 19.01
C VAL B 83 -37.60 30.53 17.63
N SER B 84 -38.67 30.61 16.83
CA SER B 84 -38.59 31.11 15.47
C SER B 84 -39.56 32.23 15.16
N SER B 85 -40.37 32.65 16.13
CA SER B 85 -41.35 33.71 15.89
C SER B 85 -41.77 34.28 17.23
N VAL B 86 -42.65 35.28 17.18
CA VAL B 86 -43.17 35.87 18.40
C VAL B 86 -44.04 34.88 19.16
N ASN B 87 -44.82 34.07 18.44
CA ASN B 87 -45.73 33.14 19.09
C ASN B 87 -44.98 32.00 19.76
N GLN B 88 -43.96 31.45 19.08
CA GLN B 88 -43.15 30.41 19.69
C GLN B 88 -42.40 30.95 20.90
N ALA B 89 -41.95 32.21 20.84
CA ALA B 89 -41.30 32.81 21.99
C ALA B 89 -42.26 32.96 23.15
N LYS B 90 -43.50 33.37 22.88
CA LYS B 90 -44.49 33.49 23.94
C LYS B 90 -44.81 32.13 24.55
N LEU B 91 -44.91 31.10 23.72
CA LEU B 91 -45.13 29.75 24.23
C LEU B 91 -43.97 29.30 25.12
N ALA B 92 -42.74 29.53 24.66
CA ALA B 92 -41.58 29.12 25.45
C ALA B 92 -41.49 29.89 26.76
N GLU B 93 -41.93 31.15 26.77
CA GLU B 93 -41.97 31.89 28.02
C GLU B 93 -43.04 31.34 28.94
N SER B 94 -44.22 31.04 28.40
CA SER B 94 -45.31 30.50 29.23
C SER B 94 -44.97 29.13 29.78
N ALA B 95 -44.14 28.37 29.08
CA ALA B 95 -43.73 27.06 29.59
C ALA B 95 -42.83 27.19 30.81
N GLY B 96 -41.95 28.19 30.82
CA GLY B 96 -41.07 28.39 31.96
C GLY B 96 -39.61 28.34 31.58
N ALA B 97 -39.31 28.57 30.31
CA ALA B 97 -37.93 28.57 29.86
C ALA B 97 -37.18 29.74 30.48
N CYS B 98 -35.88 29.55 30.70
CA CYS B 98 -35.05 30.60 31.28
C CYS B 98 -34.62 31.64 30.25
N SER B 99 -34.65 31.29 28.97
CA SER B 99 -34.31 32.21 27.89
C SER B 99 -34.78 31.61 26.58
N VAL B 100 -34.67 32.40 25.51
CA VAL B 100 -35.07 31.97 24.18
C VAL B 100 -33.99 32.41 23.20
N ILE B 101 -33.45 31.45 22.45
CA ILE B 101 -32.46 31.71 21.42
C ILE B 101 -33.16 31.78 20.08
N VAL B 102 -32.97 32.88 19.36
CA VAL B 102 -33.78 33.22 18.19
C VAL B 102 -33.16 32.61 16.94
N SER B 103 -33.98 31.91 16.16
CA SER B 103 -33.60 31.43 14.83
C SER B 103 -34.69 31.86 13.86
N ASP B 104 -34.34 32.68 12.87
CA ASP B 104 -35.33 33.31 12.02
C ASP B 104 -36.13 32.36 11.10
N PRO B 105 -35.50 31.44 10.37
CA PRO B 105 -36.23 30.80 9.26
C PRO B 105 -37.16 29.70 9.77
N VAL B 106 -38.07 29.31 8.89
CA VAL B 106 -38.87 28.10 9.13
C VAL B 106 -37.98 26.87 9.04
N ARG B 107 -37.01 26.89 8.14
CA ARG B 107 -36.02 25.83 7.98
C ARG B 107 -34.94 26.35 7.04
N SER B 108 -33.80 25.68 7.01
CA SER B 108 -32.71 25.99 6.09
C SER B 108 -32.63 24.86 5.07
N ARG B 109 -33.05 25.13 3.84
CA ARG B 109 -33.18 24.12 2.80
C ARG B 109 -31.84 23.99 2.08
N GLY B 110 -30.90 23.32 2.73
CA GLY B 110 -29.58 23.09 2.15
C GLY B 110 -28.84 24.35 1.78
N GLY B 111 -29.14 25.45 2.48
CA GLY B 111 -28.52 26.73 2.21
C GLY B 111 -27.58 27.14 3.33
N VAL B 112 -27.07 28.36 3.21
CA VAL B 112 -26.16 28.93 4.20
C VAL B 112 -26.99 29.64 5.26
N ARG B 113 -26.71 29.36 6.52
CA ARG B 113 -27.38 30.03 7.62
C ARG B 113 -26.49 31.12 8.19
N ARG B 114 -27.10 32.06 8.91
CA ARG B 114 -26.38 33.20 9.45
C ARG B 114 -27.21 33.80 10.59
N MET B 115 -26.79 34.98 11.04
CA MET B 115 -27.48 35.65 12.12
C MET B 115 -28.92 35.97 11.71
N PRO B 116 -29.89 35.79 12.60
CA PRO B 116 -31.28 36.11 12.26
C PRO B 116 -31.46 37.59 11.96
N ASP B 117 -32.56 37.89 11.27
CA ASP B 117 -32.81 39.25 10.85
C ASP B 117 -33.07 40.13 12.08
N PRO B 118 -32.54 41.36 12.10
CA PRO B 118 -32.66 42.19 13.31
C PRO B 118 -34.09 42.49 13.74
N VAL B 119 -35.01 42.73 12.80
CA VAL B 119 -36.35 43.13 13.21
C VAL B 119 -37.07 41.98 13.92
N LEU B 120 -36.77 40.74 13.53
CA LEU B 120 -37.35 39.61 14.22
C LEU B 120 -36.82 39.50 15.64
N ILE B 121 -35.53 39.77 15.83
CA ILE B 121 -34.95 39.75 17.17
C ILE B 121 -35.57 40.84 18.03
N LYS B 122 -35.76 42.03 17.46
CA LYS B 122 -36.39 43.10 18.23
C LYS B 122 -37.84 42.78 18.57
N GLU B 123 -38.57 42.15 17.65
CA GLU B 123 -39.94 41.74 17.94
C GLU B 123 -39.99 40.72 19.06
N VAL B 124 -39.09 39.73 19.01
CA VAL B 124 -39.03 38.71 20.07
C VAL B 124 -38.70 39.36 21.39
N LYS B 125 -37.68 40.22 21.41
CA LYS B 125 -37.28 40.88 22.65
C LYS B 125 -38.39 41.74 23.22
N ARG B 126 -39.19 42.36 22.35
CA ARG B 126 -40.33 43.14 22.82
C ARG B 126 -41.44 42.24 23.34
N ALA B 127 -41.57 41.02 22.78
CA ALA B 127 -42.65 40.14 23.18
C ALA B 127 -42.42 39.55 24.57
N VAL B 128 -41.34 38.81 24.75
CA VAL B 128 -41.08 38.09 25.99
C VAL B 128 -40.28 38.96 26.93
N SER B 129 -40.34 38.63 28.22
CA SER B 129 -39.57 39.34 29.24
C SER B 129 -38.33 38.60 29.67
N VAL B 130 -38.23 37.30 29.37
CA VAL B 130 -37.06 36.50 29.73
C VAL B 130 -35.87 36.98 28.92
N PRO B 131 -34.64 36.66 29.33
CA PRO B 131 -33.48 36.99 28.50
C PRO B 131 -33.61 36.38 27.10
N VAL B 132 -33.18 37.13 26.10
CA VAL B 132 -33.26 36.72 24.70
C VAL B 132 -31.85 36.51 24.17
N MET B 133 -31.59 35.33 23.63
CA MET B 133 -30.30 35.02 23.03
C MET B 133 -30.35 35.30 21.54
N ALA B 134 -29.21 35.07 20.88
CA ALA B 134 -29.10 35.23 19.45
C ALA B 134 -27.89 34.45 18.97
N ARG B 135 -27.88 34.12 17.69
CA ARG B 135 -26.83 33.30 17.10
C ARG B 135 -25.95 34.15 16.20
N ALA B 136 -24.65 33.93 16.29
CA ALA B 136 -23.67 34.57 15.44
C ALA B 136 -22.72 33.50 14.91
N ARG B 137 -22.40 33.59 13.62
CA ARG B 137 -21.50 32.62 13.02
C ARG B 137 -20.15 32.62 13.72
N VAL B 138 -19.62 31.43 13.96
CA VAL B 138 -18.35 31.32 14.67
C VAL B 138 -17.24 31.97 13.88
N GLY B 139 -16.58 32.95 14.48
CA GLY B 139 -15.57 33.73 13.82
C GLY B 139 -16.07 35.02 13.19
N HIS B 140 -17.38 35.24 13.16
CA HIS B 140 -17.97 36.43 12.55
C HIS B 140 -18.21 37.45 13.67
N PHE B 141 -17.19 38.28 13.94
CA PHE B 141 -17.32 39.24 15.02
C PHE B 141 -18.20 40.43 14.63
N VAL B 142 -18.42 40.67 13.34
CA VAL B 142 -19.29 41.77 12.95
C VAL B 142 -20.75 41.43 13.23
N GLU B 143 -21.12 40.17 13.01
CA GLU B 143 -22.45 39.74 13.43
C GLU B 143 -22.63 39.87 14.93
N ALA B 144 -21.58 39.59 15.69
CA ALA B 144 -21.64 39.77 17.14
C ALA B 144 -21.78 41.25 17.49
N GLN B 145 -21.12 42.12 16.75
CA GLN B 145 -21.26 43.57 16.98
C GLN B 145 -22.69 44.01 16.72
N ILE B 146 -23.27 43.54 15.61
CA ILE B 146 -24.65 43.90 15.28
C ILE B 146 -25.61 43.35 16.33
N LEU B 147 -25.33 42.16 16.87
CA LEU B 147 -26.18 41.61 17.91
C LEU B 147 -26.08 42.42 19.19
N GLU B 148 -24.86 42.81 19.56
CA GLU B 148 -24.68 43.61 20.77
C GLU B 148 -25.32 44.99 20.62
N SER B 149 -25.36 45.53 19.40
CA SER B 149 -26.04 46.80 19.20
C SER B 149 -27.54 46.69 19.41
N LEU B 150 -28.13 45.53 19.07
CA LEU B 150 -29.53 45.28 19.37
C LEU B 150 -29.77 45.02 20.86
N ALA B 151 -28.72 44.98 21.66
CA ALA B 151 -28.80 44.81 23.11
C ALA B 151 -29.42 43.47 23.48
N VAL B 152 -29.07 42.43 22.74
CA VAL B 152 -29.49 41.09 23.13
C VAL B 152 -28.81 40.70 24.43
N ASP B 153 -29.52 39.91 25.24
CA ASP B 153 -29.01 39.55 26.55
C ASP B 153 -27.81 38.62 26.46
N TYR B 154 -27.83 37.68 25.52
CA TYR B 154 -26.74 36.74 25.34
C TYR B 154 -26.50 36.52 23.86
N ILE B 155 -25.25 36.21 23.51
CA ILE B 155 -24.87 35.92 22.13
C ILE B 155 -24.31 34.51 22.10
N ASP B 156 -24.78 33.71 21.14
CA ASP B 156 -24.37 32.32 20.99
C ASP B 156 -23.49 32.22 19.76
N GLU B 157 -22.18 32.04 19.97
CA GLU B 157 -21.24 31.81 18.87
C GLU B 157 -21.43 30.37 18.40
N SER B 158 -22.55 30.15 17.73
CA SER B 158 -22.98 28.79 17.42
C SER B 158 -22.28 28.26 16.18
N GLU B 159 -22.01 26.96 16.20
CA GLU B 159 -21.41 26.27 15.06
C GLU B 159 -22.42 25.46 14.27
N ILE B 160 -23.66 25.34 14.75
CA ILE B 160 -24.69 24.70 13.94
C ILE B 160 -25.02 25.56 12.73
N ILE B 161 -24.87 26.88 12.88
CA ILE B 161 -24.88 27.78 11.73
C ILE B 161 -23.56 27.64 10.98
N SER B 162 -23.61 27.87 9.68
CA SER B 162 -22.43 27.77 8.83
C SER B 162 -21.24 28.50 9.43
N VAL B 163 -20.08 27.85 9.42
CA VAL B 163 -18.88 28.41 10.01
C VAL B 163 -18.42 29.62 9.21
N ALA B 164 -18.26 30.76 9.89
CA ALA B 164 -17.72 31.93 9.22
C ALA B 164 -16.21 31.82 9.06
N ASP B 165 -15.49 31.59 10.15
CA ASP B 165 -14.03 31.47 10.12
C ASP B 165 -13.66 30.10 10.67
N ASP B 166 -13.03 29.28 9.82
CA ASP B 166 -12.67 27.93 10.24
C ASP B 166 -11.53 27.92 11.23
N ASP B 167 -10.55 28.82 11.05
CA ASP B 167 -9.35 28.79 11.87
C ASP B 167 -9.55 29.49 13.20
N HIS B 168 -10.03 30.73 13.16
CA HIS B 168 -10.09 31.57 14.35
C HIS B 168 -11.54 31.75 14.81
N PHE B 169 -11.67 32.12 16.08
CA PHE B 169 -12.96 32.38 16.72
C PHE B 169 -13.07 33.87 17.04
N ILE B 170 -14.19 34.24 17.64
CA ILE B 170 -14.43 35.62 18.03
C ILE B 170 -13.66 35.91 19.31
N ASN B 171 -12.88 37.00 19.31
CA ASN B 171 -12.20 37.47 20.52
C ASN B 171 -13.25 38.14 21.39
N LYS B 172 -13.94 37.32 22.18
CA LYS B 172 -15.11 37.75 22.93
C LYS B 172 -14.79 38.70 24.07
N HIS B 173 -13.53 39.08 24.26
CA HIS B 173 -13.20 40.05 25.31
C HIS B 173 -13.55 41.47 24.90
N ASN B 174 -13.73 41.73 23.60
CA ASN B 174 -14.04 43.08 23.12
C ASN B 174 -15.50 43.45 23.30
N PHE B 175 -16.37 42.50 23.61
CA PHE B 175 -17.79 42.74 23.70
C PHE B 175 -18.26 42.86 25.14
N ARG B 176 -19.38 43.53 25.34
CA ARG B 176 -19.97 43.70 26.65
C ARG B 176 -20.98 42.61 27.00
N SER B 177 -21.64 42.03 26.00
CA SER B 177 -22.63 41.01 26.23
C SER B 177 -21.97 39.65 26.46
N PRO B 178 -22.54 38.82 27.32
CA PRO B 178 -21.96 37.49 27.55
C PRO B 178 -22.12 36.60 26.33
N PHE B 179 -21.16 35.70 26.15
CA PHE B 179 -21.11 34.82 24.99
C PHE B 179 -21.34 33.38 25.42
N ILE B 180 -21.84 32.58 24.48
CA ILE B 180 -22.06 31.16 24.68
C ILE B 180 -21.37 30.41 23.54
N CYS B 181 -20.47 29.50 23.89
CA CYS B 181 -19.67 28.79 22.91
C CYS B 181 -19.90 27.29 23.05
N GLY B 182 -19.90 26.60 21.92
CA GLY B 182 -20.03 25.16 21.93
C GLY B 182 -18.70 24.47 22.19
N CYS B 183 -18.78 23.30 22.80
CA CYS B 183 -17.58 22.54 23.12
C CYS B 183 -17.88 21.06 22.99
N ARG B 184 -16.83 20.28 22.71
CA ARG B 184 -16.93 18.83 22.63
C ARG B 184 -16.05 18.10 23.63
N ASP B 185 -15.10 18.77 24.27
CA ASP B 185 -14.26 18.19 25.31
C ASP B 185 -13.81 19.32 26.23
N THR B 186 -12.88 19.00 27.14
CA THR B 186 -12.37 20.01 28.05
C THR B 186 -11.45 21.00 27.34
N GLY B 187 -10.73 20.54 26.32
CA GLY B 187 -9.83 21.41 25.58
C GLY B 187 -10.57 22.57 24.93
N GLU B 188 -11.58 22.25 24.13
CA GLU B 188 -12.35 23.31 23.46
C GLU B 188 -13.04 24.21 24.47
N ALA B 189 -13.59 23.63 25.54
CA ALA B 189 -14.28 24.43 26.55
C ALA B 189 -13.33 25.43 27.20
N LEU B 190 -12.14 24.97 27.56
CA LEU B 190 -11.18 25.86 28.20
C LEU B 190 -10.65 26.90 27.23
N ARG B 191 -10.48 26.53 25.96
CA ARG B 191 -10.08 27.52 24.97
C ARG B 191 -11.14 28.61 24.84
N ARG B 192 -12.42 28.22 24.81
CA ARG B 192 -13.49 29.21 24.66
C ARG B 192 -13.59 30.09 25.91
N ILE B 193 -13.39 29.51 27.09
CA ILE B 193 -13.40 30.31 28.31
C ILE B 193 -12.23 31.28 28.31
N ARG B 194 -11.09 30.86 27.77
CA ARG B 194 -9.94 31.76 27.65
C ARG B 194 -10.22 32.89 26.68
N GLU B 195 -10.91 32.59 25.58
CA GLU B 195 -11.24 33.65 24.62
C GLU B 195 -12.23 34.65 25.19
N GLY B 196 -13.07 34.25 26.14
CA GLY B 196 -13.98 35.18 26.77
C GLY B 196 -15.42 34.70 26.88
N ALA B 197 -15.66 33.43 26.57
CA ALA B 197 -17.01 32.89 26.64
C ALA B 197 -17.46 32.80 28.08
N ALA B 198 -18.53 33.51 28.41
CA ALA B 198 -19.08 33.52 29.76
C ALA B 198 -19.99 32.34 30.04
N MET B 199 -20.19 31.45 29.07
CA MET B 199 -21.07 30.30 29.24
C MET B 199 -20.74 29.30 28.15
N ILE B 200 -20.76 28.01 28.51
CA ILE B 200 -20.33 26.94 27.62
C ILE B 200 -21.48 25.96 27.46
N ARG B 201 -21.72 25.52 26.22
CA ARG B 201 -22.71 24.50 25.92
C ARG B 201 -22.01 23.30 25.28
N ILE B 202 -22.26 22.12 25.83
CA ILE B 202 -21.72 20.89 25.27
C ILE B 202 -22.55 20.51 24.05
N GLN B 203 -21.90 20.49 22.88
CA GLN B 203 -22.56 20.26 21.61
C GLN B 203 -22.59 18.77 21.30
N GLY B 204 -23.71 18.31 20.73
CA GLY B 204 -23.81 16.95 20.28
C GLY B 204 -23.79 16.84 18.77
N ASP B 205 -24.97 16.65 18.17
CA ASP B 205 -25.10 16.60 16.71
C ASP B 205 -26.40 17.32 16.35
N LEU B 206 -26.29 18.62 16.06
CA LEU B 206 -27.45 19.41 15.71
C LEU B 206 -27.70 19.36 14.21
N THR B 207 -28.97 19.60 13.83
CA THR B 207 -29.40 19.71 12.45
C THR B 207 -29.24 18.37 11.73
N ALA B 208 -28.80 17.34 12.46
CA ALA B 208 -28.61 16.02 11.87
C ALA B 208 -29.77 15.09 12.22
N THR B 209 -30.14 15.02 13.49
CA THR B 209 -31.21 14.15 13.96
C THR B 209 -31.56 14.57 15.38
N GLY B 210 -32.45 13.82 16.02
CA GLY B 210 -32.79 13.99 17.41
C GLY B 210 -32.10 13.02 18.35
N ASN B 211 -31.04 12.36 17.90
CA ASN B 211 -30.34 11.39 18.74
C ASN B 211 -29.58 12.08 19.87
N ILE B 212 -29.40 11.35 20.97
CA ILE B 212 -28.75 11.88 22.15
C ILE B 212 -27.37 11.30 22.38
N ALA B 213 -26.89 10.43 21.47
CA ALA B 213 -25.65 9.71 21.70
C ALA B 213 -24.46 10.65 21.76
N GLU B 214 -24.32 11.54 20.78
CA GLU B 214 -23.17 12.41 20.74
C GLU B 214 -23.16 13.40 21.90
N THR B 215 -24.34 13.91 22.26
CA THR B 215 -24.43 14.86 23.37
C THR B 215 -24.01 14.22 24.67
N VAL B 216 -24.55 13.06 24.98
CA VAL B 216 -24.19 12.37 26.23
C VAL B 216 -22.73 11.94 26.20
N LYS B 217 -22.22 11.58 25.02
CA LYS B 217 -20.81 11.22 24.92
C LYS B 217 -19.91 12.40 25.23
N ASN B 218 -20.21 13.57 24.69
CA ASN B 218 -19.38 14.74 24.96
C ASN B 218 -19.51 15.20 26.41
N VAL B 219 -20.73 15.13 26.97
CA VAL B 219 -20.91 15.47 28.37
C VAL B 219 -20.09 14.54 29.26
N ARG B 220 -20.15 13.23 29.00
CA ARG B 220 -19.39 12.28 29.79
C ARG B 220 -17.89 12.50 29.64
N SER B 221 -17.44 12.81 28.43
CA SER B 221 -16.02 13.08 28.21
C SER B 221 -15.57 14.29 29.02
N LEU B 222 -16.33 15.38 28.97
CA LEU B 222 -15.96 16.58 29.71
C LEU B 222 -15.93 16.32 31.21
N MET B 223 -17.00 15.70 31.74
CA MET B 223 -17.07 15.48 33.17
C MET B 223 -15.97 14.51 33.62
N GLY B 224 -15.66 13.51 32.81
CA GLY B 224 -14.61 12.57 33.17
C GLY B 224 -13.24 13.23 33.17
N GLU B 225 -12.97 14.09 32.18
CA GLU B 225 -11.69 14.79 32.18
C GLU B 225 -11.59 15.76 33.36
N VAL B 226 -12.70 16.38 33.74
CA VAL B 226 -12.68 17.26 34.90
C VAL B 226 -12.44 16.48 36.18
N ARG B 227 -13.05 15.30 36.30
CA ARG B 227 -12.80 14.45 37.47
C ARG B 227 -11.37 13.94 37.48
N VAL B 228 -10.78 13.70 36.31
CA VAL B 228 -9.38 13.31 36.25
C VAL B 228 -8.50 14.45 36.74
N LEU B 229 -8.81 15.68 36.30
CA LEU B 229 -8.08 16.85 36.76
C LEU B 229 -8.15 17.00 38.27
N ASN B 230 -9.36 16.88 38.83
CA ASN B 230 -9.56 17.16 40.25
C ASN B 230 -8.75 16.24 41.15
N ASN B 231 -8.27 15.11 40.64
CA ASN B 231 -7.50 14.16 41.43
C ASN B 231 -6.06 13.97 40.94
N MET B 232 -5.71 14.54 39.80
CA MET B 232 -4.39 14.33 39.22
C MET B 232 -3.30 14.93 40.10
N ASP B 233 -2.09 14.44 39.93
CA ASP B 233 -0.93 15.02 40.60
C ASP B 233 -0.57 16.34 39.96
N ASP B 234 -0.07 17.27 40.77
CA ASP B 234 0.26 18.60 40.27
C ASP B 234 1.35 18.55 39.20
N ASP B 235 2.41 17.78 39.45
CA ASP B 235 3.54 17.75 38.53
C ASP B 235 3.16 17.26 37.14
N GLU B 236 2.05 16.53 37.01
CA GLU B 236 1.58 16.06 35.72
C GLU B 236 0.64 17.03 35.03
N VAL B 237 0.04 17.96 35.79
CA VAL B 237 -1.00 18.82 35.25
C VAL B 237 -0.52 19.52 33.98
N PHE B 238 0.70 20.07 34.01
CA PHE B 238 1.25 20.73 32.83
C PHE B 238 1.13 19.85 31.60
N THR B 239 1.64 18.61 31.68
CA THR B 239 1.56 17.71 30.54
C THR B 239 0.12 17.49 30.11
N PHE B 240 -0.80 17.39 31.07
CA PHE B 240 -2.21 17.23 30.74
C PHE B 240 -2.69 18.38 29.86
N ALA B 241 -2.26 19.60 30.16
CA ALA B 241 -2.61 20.73 29.31
C ALA B 241 -2.13 20.48 27.88
N LYS B 242 -0.88 20.03 27.74
CA LYS B 242 -0.37 19.67 26.42
C LYS B 242 -1.26 18.64 25.73
N LYS B 243 -1.82 17.70 26.50
CA LYS B 243 -2.65 16.67 25.90
C LYS B 243 -3.98 17.24 25.43
N ILE B 244 -4.43 18.35 26.05
CA ILE B 244 -5.72 18.93 25.68
C ILE B 244 -5.59 20.29 25.02
N SER B 245 -4.38 20.84 24.93
CA SER B 245 -4.11 22.14 24.31
C SER B 245 -5.03 23.22 24.89
N ALA B 246 -4.89 23.44 26.19
CA ALA B 246 -5.67 24.42 26.92
C ALA B 246 -4.74 25.25 27.78
N PRO B 247 -5.10 26.50 28.07
CA PRO B 247 -4.25 27.34 28.94
C PRO B 247 -4.07 26.70 30.30
N TYR B 248 -2.83 26.71 30.78
CA TYR B 248 -2.55 26.07 32.06
C TYR B 248 -3.24 26.78 33.22
N ASP B 249 -3.42 28.09 33.12
CA ASP B 249 -4.09 28.82 34.20
C ASP B 249 -5.52 28.35 34.38
N LEU B 250 -6.25 28.22 33.26
CA LEU B 250 -7.62 27.73 33.34
C LEU B 250 -7.66 26.27 33.77
N VAL B 251 -6.68 25.47 33.35
CA VAL B 251 -6.62 24.07 33.77
C VAL B 251 -6.47 23.98 35.28
N ALA B 252 -5.54 24.76 35.84
CA ALA B 252 -5.36 24.78 37.29
C ALA B 252 -6.59 25.32 38.00
N GLN B 253 -7.28 26.29 37.38
CA GLN B 253 -8.49 26.81 37.99
C GLN B 253 -9.58 25.75 38.06
N THR B 254 -9.77 24.98 36.98
CA THR B 254 -10.77 23.91 37.03
C THR B 254 -10.36 22.83 38.02
N LYS B 255 -9.07 22.49 38.07
CA LYS B 255 -8.61 21.50 39.03
C LYS B 255 -8.88 21.95 40.47
N GLN B 256 -8.65 23.24 40.75
CA GLN B 256 -8.90 23.76 42.09
C GLN B 256 -10.39 23.86 42.40
N MET B 257 -11.21 24.09 41.37
CA MET B 257 -12.64 24.31 41.58
C MET B 257 -13.47 23.04 41.42
N GLY B 258 -12.97 22.03 40.73
CA GLY B 258 -13.73 20.83 40.48
C GLY B 258 -14.68 20.91 39.31
N ARG B 259 -14.80 22.07 38.67
CA ARG B 259 -15.62 22.25 37.48
C ARG B 259 -14.98 23.32 36.62
N VAL B 260 -15.43 23.42 35.38
CA VAL B 260 -15.01 24.55 34.56
C VAL B 260 -15.60 25.83 35.14
N PRO B 261 -14.89 26.95 35.12
CA PRO B 261 -15.39 28.15 35.81
C PRO B 261 -16.45 28.89 35.02
N VAL B 262 -17.38 28.14 34.42
CA VAL B 262 -18.50 28.72 33.68
C VAL B 262 -19.72 27.84 33.91
N VAL B 263 -20.84 28.21 33.30
CA VAL B 263 -22.06 27.42 33.36
C VAL B 263 -22.09 26.48 32.17
N GLN B 264 -22.35 25.20 32.43
CA GLN B 264 -22.40 24.18 31.39
C GLN B 264 -23.84 23.85 31.05
N PHE B 265 -24.20 24.03 29.79
CA PHE B 265 -25.49 23.61 29.26
C PHE B 265 -25.26 22.47 28.30
N ALA B 266 -26.34 21.84 27.87
CA ALA B 266 -26.25 20.75 26.89
C ALA B 266 -27.06 21.10 25.66
N SER B 267 -26.65 20.55 24.51
CA SER B 267 -27.38 20.80 23.28
C SER B 267 -27.32 19.57 22.40
N GLY B 268 -28.37 19.35 21.62
CA GLY B 268 -28.40 18.27 20.65
C GLY B 268 -29.19 17.06 21.06
N GLY B 269 -30.34 16.85 20.43
CA GLY B 269 -31.13 15.66 20.64
C GLY B 269 -32.04 15.67 21.84
N ILE B 270 -32.00 16.72 22.66
CA ILE B 270 -32.86 16.78 23.84
C ILE B 270 -34.28 17.06 23.36
N THR B 271 -35.10 16.02 23.29
CA THR B 271 -36.49 16.14 22.84
C THR B 271 -37.49 15.71 23.89
N THR B 272 -37.20 14.67 24.63
CA THR B 272 -38.10 14.17 25.66
C THR B 272 -37.61 14.59 27.04
N PRO B 273 -38.51 14.64 28.02
CA PRO B 273 -38.08 14.96 29.39
C PRO B 273 -37.01 14.02 29.92
N ALA B 274 -37.01 12.78 29.45
CA ALA B 274 -35.95 11.84 29.85
C ALA B 274 -34.59 12.35 29.44
N ASP B 275 -34.47 12.91 28.23
CA ASP B 275 -33.17 13.39 27.77
C ASP B 275 -32.71 14.59 28.59
N ALA B 276 -33.62 15.51 28.90
CA ALA B 276 -33.25 16.68 29.69
C ALA B 276 -32.83 16.27 31.10
N ALA B 277 -33.58 15.34 31.72
CA ALA B 277 -33.23 14.88 33.04
C ALA B 277 -31.91 14.12 33.03
N LEU B 278 -31.64 13.39 31.95
CA LEU B 278 -30.36 12.71 31.83
C LEU B 278 -29.21 13.70 31.73
N MET B 279 -29.38 14.75 30.94
CA MET B 279 -28.35 15.78 30.84
C MET B 279 -28.12 16.47 32.17
N MET B 280 -29.21 16.75 32.91
CA MET B 280 -29.06 17.44 34.19
C MET B 280 -28.50 16.51 35.26
N GLN B 281 -28.67 15.19 35.10
CA GLN B 281 -28.14 14.27 36.10
C GLN B 281 -26.67 13.95 35.87
N LEU B 282 -26.17 14.20 34.67
CA LEU B 282 -24.75 13.99 34.38
C LEU B 282 -23.87 15.12 34.88
N GLY B 283 -24.45 16.19 35.39
CA GLY B 283 -23.68 17.31 35.91
C GLY B 283 -23.92 18.63 35.20
N CYS B 284 -24.61 18.64 34.08
CA CYS B 284 -24.88 19.90 33.37
C CYS B 284 -25.80 20.78 34.19
N ASP B 285 -25.88 22.05 33.79
CA ASP B 285 -26.70 23.04 34.47
C ASP B 285 -27.95 23.40 33.68
N GLY B 286 -28.10 22.91 32.45
CA GLY B 286 -29.26 23.22 31.66
C GLY B 286 -29.24 22.46 30.36
N VAL B 287 -30.23 22.75 29.50
CA VAL B 287 -30.37 22.07 28.23
C VAL B 287 -30.76 23.08 27.16
N PHE B 288 -30.44 22.74 25.91
CA PHE B 288 -30.82 23.52 24.74
C PHE B 288 -31.81 22.70 23.93
N VAL B 289 -33.09 22.91 24.16
CA VAL B 289 -34.11 22.21 23.39
C VAL B 289 -34.29 22.91 22.04
N GLY B 290 -34.17 22.15 20.97
CA GLY B 290 -34.22 22.71 19.64
C GLY B 290 -35.61 23.17 19.26
N SER B 291 -35.73 23.56 17.99
CA SER B 291 -37.01 24.03 17.45
C SER B 291 -37.93 22.89 17.05
N GLU B 292 -37.44 21.64 17.05
CA GLU B 292 -38.28 20.52 16.66
C GLU B 292 -39.38 20.22 17.69
N VAL B 293 -39.38 20.92 18.82
CA VAL B 293 -40.42 20.69 19.83
C VAL B 293 -41.74 21.30 19.38
N PHE B 294 -41.70 22.34 18.56
CA PHE B 294 -42.89 23.09 18.21
C PHE B 294 -43.71 22.47 17.09
N ASP B 295 -43.10 21.66 16.22
CA ASP B 295 -43.84 21.02 15.15
C ASP B 295 -44.42 19.67 15.56
N GLY B 296 -44.37 19.33 16.84
CA GLY B 296 -44.96 18.10 17.33
C GLY B 296 -46.46 18.21 17.46
N PRO B 297 -47.09 17.22 18.11
CA PRO B 297 -48.54 17.25 18.29
C PRO B 297 -48.99 18.39 19.19
N ASP B 298 -48.33 18.56 20.33
CA ASP B 298 -48.62 19.64 21.27
C ASP B 298 -47.30 20.26 21.71
N PRO B 299 -46.96 21.45 21.21
CA PRO B 299 -45.66 22.06 21.52
C PRO B 299 -45.51 22.44 22.98
N PHE B 300 -46.46 23.20 23.51
CA PHE B 300 -46.30 23.74 24.86
C PHE B 300 -46.40 22.65 25.93
N LYS B 301 -47.14 21.57 25.66
CA LYS B 301 -47.16 20.45 26.60
C LYS B 301 -45.77 19.84 26.73
N LYS B 302 -45.13 19.56 25.61
CA LYS B 302 -43.76 19.03 25.64
C LYS B 302 -42.81 20.03 26.28
N LEU B 303 -43.01 21.32 26.03
CA LEU B 303 -42.12 22.33 26.61
C LEU B 303 -42.25 22.36 28.12
N ARG B 304 -43.48 22.35 28.64
CA ARG B 304 -43.69 22.33 30.07
C ARG B 304 -43.15 21.03 30.68
N SER B 305 -43.28 19.92 29.95
CA SER B 305 -42.75 18.66 30.44
C SER B 305 -41.23 18.72 30.57
N ILE B 306 -40.56 19.26 29.56
CA ILE B 306 -39.10 19.35 29.61
C ILE B 306 -38.66 20.32 30.70
N VAL B 307 -39.37 21.43 30.86
CA VAL B 307 -39.03 22.39 31.90
C VAL B 307 -39.15 21.75 33.27
N GLN B 308 -40.27 21.05 33.52
CA GLN B 308 -40.45 20.39 34.81
C GLN B 308 -39.44 19.27 35.01
N ALA B 309 -39.01 18.63 33.93
CA ALA B 309 -37.96 17.62 34.06
C ALA B 309 -36.64 18.25 34.49
N VAL B 310 -36.30 19.39 33.88
CA VAL B 310 -35.06 20.09 34.27
C VAL B 310 -35.15 20.56 35.71
N GLN B 311 -36.32 21.05 36.12
CA GLN B 311 -36.48 21.52 37.49
C GLN B 311 -36.41 20.36 38.49
N HIS B 312 -36.93 19.20 38.12
CA HIS B 312 -37.00 18.06 39.02
C HIS B 312 -36.25 16.87 38.48
N TYR B 313 -35.01 17.10 38.02
CA TYR B 313 -34.21 16.04 37.41
C TYR B 313 -33.90 14.88 38.35
N ASN B 314 -34.23 15.01 39.64
CA ASN B 314 -33.97 13.93 40.59
C ASN B 314 -35.20 13.11 40.93
N ASP B 315 -36.39 13.64 40.67
CA ASP B 315 -37.62 12.94 41.02
C ASP B 315 -38.11 12.12 39.84
N PRO B 316 -38.11 10.78 39.93
CA PRO B 316 -38.61 9.98 38.80
C PRO B 316 -40.12 10.04 38.63
N HIS B 317 -40.88 10.26 39.71
CA HIS B 317 -42.34 10.24 39.60
C HIS B 317 -42.85 11.43 38.80
N VAL B 318 -42.33 12.63 39.06
CA VAL B 318 -42.71 13.78 38.26
C VAL B 318 -42.29 13.59 36.81
N LEU B 319 -41.12 12.98 36.58
CA LEU B 319 -40.69 12.67 35.23
C LEU B 319 -41.70 11.76 34.53
N ALA B 320 -42.18 10.73 35.23
CA ALA B 320 -43.16 9.83 34.64
C ALA B 320 -44.49 10.53 34.40
N GLU B 321 -44.86 11.48 35.27
CA GLU B 321 -46.12 12.18 35.10
C GLU B 321 -46.09 13.11 33.88
N MET B 322 -45.04 13.93 33.77
CA MET B 322 -44.95 14.85 32.65
C MET B 322 -44.62 14.18 31.32
N SER B 323 -43.99 13.01 31.35
CA SER B 323 -43.67 12.30 30.12
C SER B 323 -44.82 11.42 29.66
N PRO C 64 3.79 52.74 -17.37
CA PRO C 64 2.77 53.56 -16.71
C PRO C 64 1.96 52.77 -15.69
N PHE C 65 2.66 52.05 -14.80
CA PHE C 65 1.96 51.30 -13.76
C PHE C 65 1.44 52.20 -12.65
N SER C 66 2.15 53.30 -12.38
CA SER C 66 1.75 54.18 -11.28
C SER C 66 0.43 54.88 -11.59
N VAL C 67 0.24 55.32 -12.83
CA VAL C 67 -1.03 55.95 -13.18
C VAL C 67 -2.16 54.94 -13.16
N LYS C 68 -1.87 53.67 -13.50
CA LYS C 68 -2.90 52.65 -13.41
C LYS C 68 -3.28 52.37 -11.96
N VAL C 69 -2.30 52.35 -11.06
CA VAL C 69 -2.61 52.16 -9.64
C VAL C 69 -3.40 53.35 -9.12
N GLY C 70 -3.05 54.56 -9.56
CA GLY C 70 -3.83 55.73 -9.15
C GLY C 70 -5.25 55.69 -9.66
N LEU C 71 -5.43 55.20 -10.89
CA LEU C 71 -6.78 55.05 -11.44
C LEU C 71 -7.57 54.00 -10.66
N ALA C 72 -6.90 52.92 -10.23
CA ALA C 72 -7.60 51.86 -9.53
C ALA C 72 -7.95 52.26 -8.11
N GLN C 73 -7.12 53.07 -7.46
CA GLN C 73 -7.31 53.38 -6.05
C GLN C 73 -8.39 54.43 -5.80
N VAL C 74 -9.17 54.80 -6.82
CA VAL C 74 -10.33 55.64 -6.56
C VAL C 74 -11.48 54.81 -6.02
N LEU C 75 -11.45 53.50 -6.22
CA LEU C 75 -12.49 52.59 -5.77
C LEU C 75 -12.36 52.24 -4.29
N ARG C 76 -11.38 52.79 -3.59
CA ARG C 76 -11.17 52.47 -2.19
C ARG C 76 -12.40 52.82 -1.36
N GLY C 77 -12.73 51.95 -0.41
CA GLY C 77 -13.88 52.17 0.43
C GLY C 77 -15.21 52.14 -0.30
N GLY C 78 -15.37 51.24 -1.27
CA GLY C 78 -16.60 51.15 -2.02
C GLY C 78 -16.95 49.70 -2.30
N ALA C 79 -18.14 49.51 -2.85
CA ALA C 79 -18.65 48.19 -3.21
C ALA C 79 -18.81 48.09 -4.71
N ILE C 80 -18.46 46.94 -5.26
CA ILE C 80 -18.55 46.68 -6.69
C ILE C 80 -19.66 45.67 -6.92
N VAL C 81 -20.73 46.09 -7.60
CA VAL C 81 -21.91 45.29 -7.80
C VAL C 81 -21.87 44.66 -9.18
N GLU C 82 -22.04 43.35 -9.24
CA GLU C 82 -22.07 42.63 -10.51
C GLU C 82 -23.47 42.71 -11.10
N VAL C 83 -23.60 43.45 -12.20
CA VAL C 83 -24.90 43.67 -12.82
C VAL C 83 -25.02 42.82 -14.07
N SER C 84 -26.26 42.61 -14.51
CA SER C 84 -26.55 41.78 -15.67
C SER C 84 -27.39 42.47 -16.72
N SER C 85 -27.78 43.72 -16.50
CA SER C 85 -28.61 44.43 -17.47
C SER C 85 -28.49 45.93 -17.20
N VAL C 86 -29.19 46.72 -18.02
CA VAL C 86 -29.19 48.16 -17.83
C VAL C 86 -29.91 48.54 -16.53
N ASN C 87 -30.99 47.82 -16.22
CA ASN C 87 -31.77 48.15 -15.03
C ASN C 87 -31.02 47.81 -13.75
N GLN C 88 -30.37 46.64 -13.72
CA GLN C 88 -29.56 46.29 -12.56
C GLN C 88 -28.39 47.26 -12.38
N ALA C 89 -27.81 47.70 -13.50
CA ALA C 89 -26.73 48.69 -13.42
C ALA C 89 -27.24 50.01 -12.87
N LYS C 90 -28.43 50.44 -13.29
CA LYS C 90 -29.00 51.67 -12.76
C LYS C 90 -29.30 51.55 -11.28
N LEU C 91 -29.82 50.40 -10.85
CA LEU C 91 -30.05 50.16 -9.43
C LEU C 91 -28.75 50.21 -8.64
N ALA C 92 -27.71 49.55 -9.14
CA ALA C 92 -26.43 49.54 -8.44
C ALA C 92 -25.81 50.93 -8.38
N GLU C 93 -26.04 51.75 -9.41
CA GLU C 93 -25.56 53.14 -9.35
C GLU C 93 -26.35 53.94 -8.33
N SER C 94 -27.68 53.77 -8.30
CA SER C 94 -28.50 54.50 -7.36
C SER C 94 -28.21 54.10 -5.92
N ALA C 95 -27.77 52.86 -5.71
CA ALA C 95 -27.42 52.43 -4.35
C ALA C 95 -26.17 53.14 -3.85
N GLY C 96 -25.19 53.36 -4.72
CA GLY C 96 -23.98 54.04 -4.33
C GLY C 96 -22.73 53.22 -4.57
N ALA C 97 -22.83 52.24 -5.46
CA ALA C 97 -21.68 51.41 -5.79
C ALA C 97 -20.61 52.24 -6.47
N CYS C 98 -19.35 51.86 -6.26
CA CYS C 98 -18.24 52.57 -6.87
C CYS C 98 -18.01 52.16 -8.33
N SER C 99 -18.50 50.99 -8.73
CA SER C 99 -18.39 50.52 -10.10
C SER C 99 -19.34 49.35 -10.28
N VAL C 100 -19.47 48.90 -11.52
CA VAL C 100 -20.33 47.78 -11.87
C VAL C 100 -19.58 46.86 -12.82
N ILE C 101 -19.45 45.59 -12.45
CA ILE C 101 -18.81 44.59 -13.29
C ILE C 101 -19.89 43.82 -14.03
N VAL C 102 -19.78 43.78 -15.35
CA VAL C 102 -20.86 43.32 -16.22
C VAL C 102 -20.78 41.81 -16.42
N SER C 103 -21.90 41.13 -16.22
CA SER C 103 -22.04 39.72 -16.54
C SER C 103 -23.31 39.56 -17.38
N ASP C 104 -23.18 39.10 -18.61
CA ASP C 104 -24.29 39.11 -19.55
C ASP C 104 -25.47 38.19 -19.21
N PRO C 105 -25.26 36.91 -18.87
CA PRO C 105 -26.38 35.98 -18.89
C PRO C 105 -27.25 36.11 -17.65
N VAL C 106 -28.45 35.55 -17.74
CA VAL C 106 -29.29 35.38 -16.56
C VAL C 106 -28.67 34.36 -15.62
N ARG C 107 -28.05 33.32 -16.18
CA ARG C 107 -27.33 32.30 -15.42
C ARG C 107 -26.55 31.46 -16.43
N SER C 108 -25.58 30.70 -15.94
CA SER C 108 -24.82 29.75 -16.76
C SER C 108 -25.24 28.35 -16.36
N ARG C 109 -25.98 27.68 -17.24
CA ARG C 109 -26.60 26.39 -16.95
C ARG C 109 -25.58 25.29 -17.31
N GLY C 110 -24.59 25.12 -16.44
CA GLY C 110 -23.59 24.09 -16.62
C GLY C 110 -22.83 24.20 -17.93
N GLY C 111 -22.71 25.43 -18.46
CA GLY C 111 -22.04 25.67 -19.71
C GLY C 111 -20.73 26.43 -19.50
N VAL C 112 -20.12 26.79 -20.61
CA VAL C 112 -18.86 27.54 -20.60
C VAL C 112 -19.20 29.03 -20.59
N ARG C 113 -18.57 29.76 -19.68
CA ARG C 113 -18.75 31.20 -19.61
C ARG C 113 -17.57 31.91 -20.26
N ARG C 114 -17.78 33.17 -20.62
CA ARG C 114 -16.76 33.94 -21.33
C ARG C 114 -17.08 35.42 -21.18
N MET C 115 -16.37 36.24 -21.94
CA MET C 115 -16.57 37.68 -21.88
C MET C 115 -17.99 38.03 -22.31
N PRO C 116 -18.64 38.97 -21.62
CA PRO C 116 -20.01 39.35 -21.99
C PRO C 116 -20.05 39.96 -23.39
N ASP C 117 -21.26 39.96 -23.95
CA ASP C 117 -21.43 40.45 -25.31
C ASP C 117 -21.15 41.94 -25.37
N PRO C 118 -20.46 42.42 -26.41
CA PRO C 118 -20.07 43.83 -26.45
C PRO C 118 -21.23 44.83 -26.39
N VAL C 119 -22.35 44.55 -27.05
CA VAL C 119 -23.42 45.54 -27.10
C VAL C 119 -24.02 45.74 -25.71
N LEU C 120 -24.06 44.68 -24.90
CA LEU C 120 -24.55 44.82 -23.54
C LEU C 120 -23.60 45.70 -22.71
N ILE C 121 -22.30 45.52 -22.90
CA ILE C 121 -21.33 46.35 -22.20
C ILE C 121 -21.47 47.81 -22.61
N LYS C 122 -21.66 48.06 -23.91
CA LYS C 122 -21.84 49.44 -24.36
C LYS C 122 -23.13 50.04 -23.82
N GLU C 123 -24.21 49.24 -23.75
CA GLU C 123 -25.46 49.74 -23.18
C GLU C 123 -25.29 50.09 -21.71
N VAL C 124 -24.62 49.22 -20.95
CA VAL C 124 -24.37 49.49 -19.54
C VAL C 124 -23.54 50.75 -19.38
N LYS C 125 -22.45 50.85 -20.15
CA LYS C 125 -21.58 52.01 -20.05
C LYS C 125 -22.31 53.30 -20.41
N ARG C 126 -23.25 53.23 -21.35
CA ARG C 126 -24.05 54.40 -21.69
C ARG C 126 -25.05 54.72 -20.59
N ALA C 127 -25.53 53.71 -19.87
CA ALA C 127 -26.54 53.92 -18.85
C ALA C 127 -25.97 54.61 -17.62
N VAL C 128 -25.01 53.99 -16.96
CA VAL C 128 -24.48 54.49 -15.70
C VAL C 128 -23.29 55.39 -15.97
N SER C 129 -22.98 56.24 -14.98
CA SER C 129 -21.84 57.14 -15.07
C SER C 129 -20.64 56.65 -14.28
N VAL C 130 -20.84 55.71 -13.36
CA VAL C 130 -19.75 55.16 -12.55
C VAL C 130 -18.82 54.36 -13.46
N PRO C 131 -17.59 54.09 -13.04
CA PRO C 131 -16.72 53.20 -13.83
C PRO C 131 -17.38 51.85 -14.06
N VAL C 132 -17.19 51.30 -15.26
CA VAL C 132 -17.78 50.03 -15.66
C VAL C 132 -16.65 49.03 -15.85
N MET C 133 -16.76 47.89 -15.18
CA MET C 133 -15.79 46.82 -15.29
C MET C 133 -16.27 45.82 -16.34
N ALA C 134 -15.46 44.80 -16.56
CA ALA C 134 -15.79 43.72 -17.49
C ALA C 134 -14.92 42.52 -17.16
N ARG C 135 -15.38 41.35 -17.57
CA ARG C 135 -14.71 40.09 -17.26
C ARG C 135 -14.04 39.53 -18.51
N ALA C 136 -12.83 39.03 -18.33
CA ALA C 136 -12.09 38.36 -19.40
C ALA C 136 -11.53 37.06 -18.83
N ARG C 137 -11.63 35.99 -19.62
CA ARG C 137 -11.14 34.70 -19.18
C ARG C 137 -9.64 34.78 -18.88
N VAL C 138 -9.24 34.15 -17.78
CA VAL C 138 -7.84 34.20 -17.36
C VAL C 138 -6.96 33.53 -18.39
N GLY C 139 -6.01 34.29 -18.93
CA GLY C 139 -5.16 33.83 -20.00
C GLY C 139 -5.64 34.20 -21.39
N HIS C 140 -6.85 34.73 -21.52
CA HIS C 140 -7.41 35.11 -22.82
C HIS C 140 -7.13 36.58 -23.06
N PHE C 141 -5.97 36.87 -23.66
CA PHE C 141 -5.61 38.26 -23.88
C PHE C 141 -6.37 38.89 -25.03
N VAL C 142 -6.95 38.10 -25.93
CA VAL C 142 -7.74 38.67 -27.02
C VAL C 142 -9.06 39.21 -26.51
N GLU C 143 -9.67 38.52 -25.54
CA GLU C 143 -10.84 39.08 -24.88
C GLU C 143 -10.50 40.38 -24.18
N ALA C 144 -9.32 40.45 -23.58
CA ALA C 144 -8.88 41.70 -22.94
C ALA C 144 -8.68 42.80 -23.98
N GLN C 145 -8.17 42.44 -25.17
CA GLN C 145 -8.03 43.42 -26.23
C GLN C 145 -9.37 43.96 -26.68
N ILE C 146 -10.35 43.05 -26.85
CA ILE C 146 -11.69 43.46 -27.25
C ILE C 146 -12.32 44.33 -26.17
N LEU C 147 -12.07 44.03 -24.90
CA LEU C 147 -12.62 44.84 -23.83
C LEU C 147 -11.99 46.22 -23.81
N GLU C 148 -10.67 46.30 -24.01
CA GLU C 148 -9.99 47.59 -24.04
C GLU C 148 -10.44 48.42 -25.25
N SER C 149 -10.79 47.77 -26.35
CA SER C 149 -11.30 48.51 -27.50
C SER C 149 -12.66 49.14 -27.21
N LEU C 150 -13.48 48.49 -26.38
CA LEU C 150 -14.74 49.07 -25.93
C LEU C 150 -14.52 50.17 -24.90
N ALA C 151 -13.28 50.41 -24.49
CA ALA C 151 -12.93 51.48 -23.55
C ALA C 151 -13.58 51.28 -22.20
N VAL C 152 -13.65 50.02 -21.74
CA VAL C 152 -14.11 49.78 -20.38
C VAL C 152 -13.11 50.37 -19.39
N ASP C 153 -13.64 50.82 -18.25
CA ASP C 153 -12.79 51.48 -17.26
C ASP C 153 -11.83 50.49 -16.60
N TYR C 154 -12.29 49.27 -16.32
CA TYR C 154 -11.47 48.26 -15.69
C TYR C 154 -11.75 46.91 -16.32
N ILE C 155 -10.74 46.04 -16.32
CA ILE C 155 -10.87 44.68 -16.84
C ILE C 155 -10.57 43.73 -15.71
N ASP C 156 -11.42 42.72 -15.53
CA ASP C 156 -11.29 41.75 -14.46
C ASP C 156 -10.88 40.43 -15.09
N GLU C 157 -9.61 40.04 -14.90
CA GLU C 157 -9.12 38.74 -15.34
C GLU C 157 -9.67 37.68 -14.38
N SER C 158 -10.96 37.43 -14.50
CA SER C 158 -11.67 36.63 -13.51
C SER C 158 -11.48 35.14 -13.76
N GLU C 159 -11.41 34.38 -12.68
CA GLU C 159 -11.32 32.93 -12.76
C GLU C 159 -12.65 32.24 -12.44
N ILE C 160 -13.66 32.99 -12.02
CA ILE C 160 -14.98 32.40 -11.86
C ILE C 160 -15.55 32.02 -13.22
N ILE C 161 -15.17 32.77 -14.26
CA ILE C 161 -15.42 32.35 -15.62
C ILE C 161 -14.44 31.23 -15.99
N SER C 162 -14.87 30.35 -16.89
CA SER C 162 -14.06 29.23 -17.32
C SER C 162 -12.64 29.67 -17.69
N VAL C 163 -11.66 28.90 -17.21
CA VAL C 163 -10.26 29.25 -17.42
C VAL C 163 -9.91 29.10 -18.89
N ALA C 164 -9.38 30.16 -19.48
CA ALA C 164 -8.91 30.07 -20.87
C ALA C 164 -7.57 29.36 -20.94
N ASP C 165 -6.58 29.83 -20.19
CA ASP C 165 -5.25 29.24 -20.18
C ASP C 165 -4.93 28.81 -18.76
N ASP C 166 -4.72 27.50 -18.56
CA ASP C 166 -4.46 27.00 -17.22
C ASP C 166 -3.06 27.36 -16.74
N ASP C 167 -2.08 27.36 -17.64
CA ASP C 167 -0.70 27.56 -17.23
C ASP C 167 -0.35 29.03 -17.10
N HIS C 168 -0.63 29.82 -18.12
CA HIS C 168 -0.18 31.21 -18.19
C HIS C 168 -1.36 32.17 -18.02
N PHE C 169 -1.03 33.39 -17.64
CA PHE C 169 -1.98 34.46 -17.44
C PHE C 169 -1.77 35.53 -18.51
N ILE C 170 -2.57 36.59 -18.42
CA ILE C 170 -2.46 37.70 -19.37
C ILE C 170 -1.29 38.58 -18.96
N ASN C 171 -0.40 38.86 -19.92
CA ASN C 171 0.69 39.82 -19.69
C ASN C 171 0.09 41.22 -19.72
N LYS C 172 -0.42 41.64 -18.57
CA LYS C 172 -1.21 42.86 -18.46
C LYS C 172 -0.40 44.13 -18.67
N HIS C 173 0.90 44.03 -18.95
CA HIS C 173 1.67 45.24 -19.21
C HIS C 173 1.43 45.79 -20.61
N ASN C 174 0.88 44.98 -21.52
CA ASN C 174 0.64 45.42 -22.89
C ASN C 174 -0.62 46.26 -23.03
N PHE C 175 -1.47 46.31 -22.01
CA PHE C 175 -2.75 47.00 -22.09
C PHE C 175 -2.69 48.35 -21.39
N ARG C 176 -3.58 49.24 -21.78
CA ARG C 176 -3.69 50.56 -21.18
C ARG C 176 -4.68 50.62 -20.03
N SER C 177 -5.70 49.77 -20.05
CA SER C 177 -6.71 49.76 -19.01
C SER C 177 -6.21 48.99 -17.79
N PRO C 178 -6.60 49.42 -16.58
CA PRO C 178 -6.17 48.70 -15.38
C PRO C 178 -6.85 47.34 -15.29
N PHE C 179 -6.14 46.40 -14.68
CA PHE C 179 -6.60 45.03 -14.57
C PHE C 179 -6.89 44.68 -13.11
N ILE C 180 -7.77 43.71 -12.92
CA ILE C 180 -8.12 43.19 -11.62
C ILE C 180 -7.95 41.68 -11.64
N CYS C 181 -7.13 41.16 -10.74
CA CYS C 181 -6.80 39.75 -10.71
C CYS C 181 -7.19 39.15 -9.37
N GLY C 182 -7.66 37.91 -9.40
CA GLY C 182 -7.98 37.21 -8.17
C GLY C 182 -6.76 36.59 -7.53
N CYS C 183 -6.82 36.47 -6.22
CA CYS C 183 -5.70 35.90 -5.47
C CYS C 183 -6.25 35.13 -4.27
N ARG C 184 -5.46 34.15 -3.83
CA ARG C 184 -5.79 33.36 -2.65
C ARG C 184 -4.75 33.45 -1.55
N ASP C 185 -3.56 33.96 -1.83
CA ASP C 185 -2.53 34.17 -0.81
C ASP C 185 -1.65 35.32 -1.27
N THR C 186 -0.53 35.53 -0.56
CA THR C 186 0.38 36.59 -0.96
C THR C 186 1.16 36.24 -2.22
N GLY C 187 1.45 34.95 -2.42
CA GLY C 187 2.17 34.52 -3.60
C GLY C 187 1.45 34.88 -4.89
N GLU C 188 0.20 34.45 -5.01
CA GLU C 188 -0.59 34.75 -6.20
C GLU C 188 -0.78 36.25 -6.38
N ALA C 189 -1.03 36.96 -5.29
CA ALA C 189 -1.24 38.40 -5.38
C ALA C 189 0.01 39.10 -5.91
N LEU C 190 1.18 38.73 -5.39
CA LEU C 190 2.41 39.37 -5.84
C LEU C 190 2.75 38.97 -7.28
N ARG C 191 2.45 37.72 -7.66
CA ARG C 191 2.64 37.33 -9.05
C ARG C 191 1.77 38.17 -9.97
N ARG C 192 0.51 38.39 -9.60
CA ARG C 192 -0.39 39.17 -10.45
C ARG C 192 0.04 40.63 -10.51
N ILE C 193 0.52 41.18 -9.39
CA ILE C 193 1.02 42.55 -9.40
C ILE C 193 2.26 42.65 -10.28
N ARG C 194 3.09 41.60 -10.29
CA ARG C 194 4.26 41.58 -11.16
C ARG C 194 3.85 41.52 -12.62
N GLU C 195 2.81 40.75 -12.94
CA GLU C 195 2.34 40.67 -14.31
C GLU C 195 1.75 41.98 -14.79
N GLY C 196 1.21 42.80 -13.90
CA GLY C 196 0.70 44.10 -14.29
C GLY C 196 -0.68 44.43 -13.76
N ALA C 197 -1.19 43.62 -12.85
CA ALA C 197 -2.51 43.86 -12.28
C ALA C 197 -2.49 45.10 -11.40
N ALA C 198 -3.28 46.10 -11.76
CA ALA C 198 -3.35 47.34 -11.01
C ALA C 198 -4.29 47.26 -9.81
N MET C 199 -4.92 46.11 -9.58
CA MET C 199 -5.85 45.94 -8.49
C MET C 199 -6.05 44.46 -8.24
N ILE C 200 -6.14 44.07 -6.97
CA ILE C 200 -6.18 42.67 -6.57
C ILE C 200 -7.46 42.42 -5.78
N ARG C 201 -8.14 41.32 -6.07
CA ARG C 201 -9.31 40.91 -5.32
C ARG C 201 -9.04 39.53 -4.70
N ILE C 202 -9.27 39.42 -3.39
CA ILE C 202 -9.13 38.15 -2.70
C ILE C 202 -10.35 37.30 -2.99
N GLN C 203 -10.12 36.16 -3.65
CA GLN C 203 -11.18 35.28 -4.10
C GLN C 203 -11.52 34.27 -3.02
N GLY C 204 -12.82 33.98 -2.88
CA GLY C 204 -13.27 32.95 -1.97
C GLY C 204 -13.75 31.72 -2.71
N ASP C 205 -15.07 31.55 -2.80
CA ASP C 205 -15.67 30.44 -3.54
C ASP C 205 -16.89 31.00 -4.28
N LEU C 206 -16.69 31.40 -5.53
CA LEU C 206 -17.78 31.95 -6.31
C LEU C 206 -18.50 30.85 -7.07
N THR C 207 -19.77 31.12 -7.41
CA THR C 207 -20.61 30.27 -8.23
C THR C 207 -20.88 28.94 -7.50
N ALA C 208 -20.38 28.81 -6.28
CA ALA C 208 -20.59 27.61 -5.49
C ALA C 208 -21.71 27.79 -4.46
N THR C 209 -21.65 28.87 -3.69
CA THR C 209 -22.63 29.16 -2.65
C THR C 209 -22.44 30.60 -2.21
N GLY C 210 -23.18 31.01 -1.18
CA GLY C 210 -23.02 32.31 -0.57
C GLY C 210 -22.22 32.29 0.72
N ASN C 211 -21.46 31.23 0.97
CA ASN C 211 -20.68 31.13 2.21
C ASN C 211 -19.51 32.10 2.20
N ILE C 212 -19.10 32.50 3.39
CA ILE C 212 -18.02 33.48 3.55
C ILE C 212 -16.75 32.86 4.09
N ALA C 213 -16.72 31.54 4.31
CA ALA C 213 -15.59 30.91 4.97
C ALA C 213 -14.32 31.03 4.15
N GLU C 214 -14.38 30.69 2.86
CA GLU C 214 -13.18 30.71 2.04
C GLU C 214 -12.66 32.13 1.85
N THR C 215 -13.57 33.09 1.67
CA THR C 215 -13.16 34.47 1.47
C THR C 215 -12.43 35.01 2.70
N VAL C 216 -13.02 34.82 3.89
CA VAL C 216 -12.39 35.31 5.10
C VAL C 216 -11.09 34.55 5.38
N LYS C 217 -11.04 33.27 5.01
CA LYS C 217 -9.81 32.50 5.18
C LYS C 217 -8.69 33.06 4.32
N ASN C 218 -8.97 33.35 3.05
CA ASN C 218 -7.94 33.89 2.17
C ASN C 218 -7.53 35.30 2.58
N VAL C 219 -8.50 36.12 3.01
CA VAL C 219 -8.17 37.46 3.49
C VAL C 219 -7.25 37.37 4.71
N ARG C 220 -7.59 36.50 5.66
CA ARG C 220 -6.77 36.35 6.86
C ARG C 220 -5.38 35.83 6.50
N SER C 221 -5.29 34.89 5.56
CA SER C 221 -4.00 34.37 5.14
C SER C 221 -3.13 35.47 4.55
N LEU C 222 -3.71 36.27 3.65
CA LEU C 222 -2.95 37.34 3.02
C LEU C 222 -2.48 38.36 4.04
N MET C 223 -3.39 38.83 4.90
CA MET C 223 -3.03 39.85 5.88
C MET C 223 -2.00 39.31 6.88
N GLY C 224 -2.12 38.04 7.25
CA GLY C 224 -1.16 37.46 8.17
C GLY C 224 0.22 37.33 7.56
N GLU C 225 0.28 36.92 6.28
CA GLU C 225 1.58 36.84 5.62
C GLU C 225 2.19 38.23 5.45
N VAL C 226 1.37 39.23 5.19
CA VAL C 226 1.89 40.59 5.07
C VAL C 226 2.41 41.10 6.41
N ARG C 227 1.70 40.78 7.50
CA ARG C 227 2.19 41.15 8.82
C ARG C 227 3.45 40.40 9.19
N VAL C 228 3.60 39.17 8.73
CA VAL C 228 4.83 38.41 8.94
C VAL C 228 5.98 39.08 8.20
N LEU C 229 5.73 39.49 6.94
CA LEU C 229 6.74 40.22 6.18
C LEU C 229 7.17 41.49 6.88
N ASN C 230 6.20 42.28 7.34
CA ASN C 230 6.51 43.60 7.89
C ASN C 230 7.42 43.55 9.11
N ASN C 231 7.55 42.39 9.74
CA ASN C 231 8.38 42.24 10.93
C ASN C 231 9.54 41.26 10.75
N MET C 232 9.58 40.54 9.63
CA MET C 232 10.60 39.51 9.43
C MET C 232 11.99 40.13 9.34
N ASP C 233 13.00 39.32 9.60
CA ASP C 233 14.38 39.73 9.42
C ASP C 233 14.71 39.81 7.93
N ASP C 234 15.58 40.76 7.56
CA ASP C 234 15.92 40.94 6.16
C ASP C 234 16.59 39.71 5.57
N ASP C 235 17.55 39.12 6.29
CA ASP C 235 18.31 38.00 5.76
C ASP C 235 17.43 36.79 5.43
N GLU C 236 16.24 36.70 6.03
CA GLU C 236 15.32 35.61 5.76
C GLU C 236 14.36 35.92 4.62
N VAL C 237 14.18 37.20 4.29
CA VAL C 237 13.16 37.60 3.32
C VAL C 237 13.31 36.82 2.03
N PHE C 238 14.54 36.69 1.51
CA PHE C 238 14.77 35.93 0.30
C PHE C 238 14.14 34.55 0.38
N THR C 239 14.45 33.79 1.43
CA THR C 239 13.88 32.46 1.58
C THR C 239 12.36 32.51 1.60
N PHE C 240 11.80 33.53 2.25
CA PHE C 240 10.35 33.68 2.28
C PHE C 240 9.78 33.77 0.88
N ALA C 241 10.46 34.49 -0.02
CA ALA C 241 10.03 34.54 -1.41
C ALA C 241 9.98 33.14 -2.00
N LYS C 242 11.03 32.35 -1.75
CA LYS C 242 11.04 30.96 -2.20
C LYS C 242 9.83 30.20 -1.66
N LYS C 243 9.42 30.50 -0.42
CA LYS C 243 8.30 29.78 0.16
C LYS C 243 6.98 30.18 -0.51
N ILE C 244 6.92 31.39 -1.06
CA ILE C 244 5.69 31.86 -1.69
C ILE C 244 5.79 32.01 -3.19
N SER C 245 6.98 31.81 -3.77
CA SER C 245 7.23 31.92 -5.21
C SER C 245 6.70 33.25 -5.75
N ALA C 246 7.29 34.33 -5.24
CA ALA C 246 6.94 35.69 -5.63
C ALA C 246 8.21 36.47 -5.92
N PRO C 247 8.15 37.47 -6.79
CA PRO C 247 9.35 38.28 -7.06
C PRO C 247 9.86 38.95 -5.80
N TYR C 248 11.17 38.89 -5.61
CA TYR C 248 11.76 39.46 -4.40
C TYR C 248 11.58 40.96 -4.33
N ASP C 249 11.58 41.65 -5.48
CA ASP C 249 11.41 43.09 -5.48
C ASP C 249 10.05 43.48 -4.90
N LEU C 250 8.99 42.81 -5.35
CA LEU C 250 7.66 43.08 -4.82
C LEU C 250 7.55 42.67 -3.36
N VAL C 251 8.21 41.58 -2.98
CA VAL C 251 8.20 41.16 -1.58
C VAL C 251 8.81 42.24 -0.69
N ALA C 252 9.97 42.75 -1.09
CA ALA C 252 10.61 43.81 -0.34
C ALA C 252 9.77 45.08 -0.34
N GLN C 253 9.07 45.35 -1.45
CA GLN C 253 8.21 46.53 -1.49
C GLN C 253 7.05 46.41 -0.50
N THR C 254 6.42 45.24 -0.44
CA THR C 254 5.34 45.05 0.54
C THR C 254 5.89 45.12 1.97
N LYS C 255 7.06 44.53 2.20
CA LYS C 255 7.65 44.60 3.53
C LYS C 255 7.93 46.04 3.94
N GLN C 256 8.42 46.86 3.00
CA GLN C 256 8.69 48.25 3.30
C GLN C 256 7.41 49.06 3.46
N MET C 257 6.35 48.68 2.77
CA MET C 257 5.11 49.45 2.77
C MET C 257 4.10 48.96 3.79
N GLY C 258 4.20 47.72 4.24
CA GLY C 258 3.23 47.16 5.16
C GLY C 258 1.97 46.62 4.51
N ARG C 259 1.83 46.77 3.19
CA ARG C 259 0.71 46.24 2.45
C ARG C 259 1.19 45.90 1.04
N VAL C 260 0.38 45.15 0.32
CA VAL C 260 0.67 44.95 -1.11
C VAL C 260 0.50 46.27 -1.83
N PRO C 261 1.33 46.60 -2.82
CA PRO C 261 1.25 47.94 -3.42
C PRO C 261 0.11 48.08 -4.42
N VAL C 262 -1.06 47.56 -4.07
CA VAL C 262 -2.26 47.66 -4.89
C VAL C 262 -3.45 47.81 -3.96
N VAL C 263 -4.64 47.92 -4.54
CA VAL C 263 -5.88 47.98 -3.78
C VAL C 263 -6.44 46.58 -3.63
N GLN C 264 -6.78 46.20 -2.41
CA GLN C 264 -7.30 44.88 -2.11
C GLN C 264 -8.81 44.94 -1.94
N PHE C 265 -9.53 44.18 -2.76
CA PHE C 265 -10.96 44.01 -2.61
C PHE C 265 -11.23 42.58 -2.19
N ALA C 266 -12.47 42.29 -1.83
CA ALA C 266 -12.86 40.93 -1.46
C ALA C 266 -13.97 40.44 -2.37
N SER C 267 -14.03 39.12 -2.55
CA SER C 267 -15.07 38.54 -3.39
C SER C 267 -15.48 37.19 -2.84
N GLY C 268 -16.75 36.84 -3.01
CA GLY C 268 -17.24 35.54 -2.63
C GLY C 268 -18.03 35.49 -1.35
N GLY C 269 -19.34 35.30 -1.47
CA GLY C 269 -20.19 35.10 -0.31
C GLY C 269 -20.64 36.37 0.38
N ILE C 270 -20.20 37.54 -0.05
CA ILE C 270 -20.61 38.79 0.58
C ILE C 270 -22.05 39.07 0.16
N THR C 271 -22.99 38.75 1.04
CA THR C 271 -24.42 38.94 0.77
C THR C 271 -25.08 39.89 1.76
N THR C 272 -24.73 39.81 3.02
CA THR C 272 -25.31 40.66 4.04
C THR C 272 -24.35 41.79 4.40
N PRO C 273 -24.87 42.90 4.94
CA PRO C 273 -23.97 43.98 5.39
C PRO C 273 -22.95 43.52 6.41
N ALA C 274 -23.28 42.50 7.20
CA ALA C 274 -22.30 41.96 8.15
C ALA C 274 -21.08 41.43 7.43
N ASP C 275 -21.28 40.74 6.30
CA ASP C 275 -20.14 40.18 5.56
C ASP C 275 -19.27 41.28 4.98
N ALA C 276 -19.88 42.32 4.42
CA ALA C 276 -19.11 43.42 3.86
C ALA C 276 -18.33 44.16 4.94
N ALA C 277 -18.97 44.40 6.09
CA ALA C 277 -18.28 45.08 7.17
C ALA C 277 -17.16 44.21 7.74
N LEU C 278 -17.36 42.89 7.75
CA LEU C 278 -16.31 41.99 8.19
C LEU C 278 -15.11 42.04 7.25
N MET C 279 -15.37 42.03 5.94
CA MET C 279 -14.29 42.13 4.97
C MET C 279 -13.55 43.45 5.09
N MET C 280 -14.28 44.54 5.31
CA MET C 280 -13.64 45.85 5.43
C MET C 280 -12.90 45.99 6.75
N GLN C 281 -13.30 45.25 7.78
CA GLN C 281 -12.62 45.36 9.07
C GLN C 281 -11.37 44.50 9.13
N LEU C 282 -11.25 43.52 8.24
CA LEU C 282 -10.05 42.69 8.20
C LEU C 282 -8.89 43.36 7.46
N GLY C 283 -9.12 44.52 6.87
CA GLY C 283 -8.07 45.24 6.17
C GLY C 283 -8.33 45.46 4.69
N CYS C 284 -9.33 44.84 4.11
CA CYS C 284 -9.62 45.04 2.70
C CYS C 284 -10.09 46.47 2.44
N ASP C 285 -10.11 46.84 1.16
CA ASP C 285 -10.52 48.17 0.75
C ASP C 285 -11.88 48.19 0.08
N GLY C 286 -12.48 47.03 -0.17
CA GLY C 286 -13.78 46.98 -0.80
C GLY C 286 -14.30 45.56 -0.85
N VAL C 287 -15.45 45.40 -1.50
CA VAL C 287 -16.09 44.10 -1.62
C VAL C 287 -16.65 43.94 -3.03
N PHE C 288 -16.81 42.68 -3.43
CA PHE C 288 -17.42 42.30 -4.70
C PHE C 288 -18.73 41.59 -4.39
N VAL C 289 -19.83 42.33 -4.38
CA VAL C 289 -21.13 41.72 -4.15
C VAL C 289 -21.62 41.10 -5.46
N GLY C 290 -21.96 39.82 -5.41
CA GLY C 290 -22.36 39.10 -6.60
C GLY C 290 -23.72 39.53 -7.12
N SER C 291 -24.18 38.80 -8.12
CA SER C 291 -25.48 39.07 -8.74
C SER C 291 -26.64 38.48 -7.94
N GLU C 292 -26.36 37.66 -6.93
CA GLU C 292 -27.43 37.07 -6.15
C GLU C 292 -28.18 38.09 -5.29
N VAL C 293 -27.72 39.33 -5.26
CA VAL C 293 -28.40 40.36 -4.47
C VAL C 293 -29.69 40.79 -5.14
N PHE C 294 -29.75 40.68 -6.47
CA PHE C 294 -30.88 41.22 -7.22
C PHE C 294 -32.09 40.31 -7.27
N ASP C 295 -31.92 39.00 -7.08
CA ASP C 295 -33.05 38.09 -7.08
C ASP C 295 -33.66 37.90 -5.70
N GLY C 296 -33.25 38.71 -4.73
CA GLY C 296 -33.82 38.66 -3.40
C GLY C 296 -35.17 39.34 -3.34
N PRO C 297 -35.70 39.53 -2.13
CA PRO C 297 -36.99 40.20 -1.98
C PRO C 297 -36.96 41.65 -2.42
N ASP C 298 -35.94 42.39 -1.98
CA ASP C 298 -35.76 43.79 -2.37
C ASP C 298 -34.29 44.00 -2.72
N PRO C 299 -33.96 44.11 -4.00
CA PRO C 299 -32.55 44.22 -4.41
C PRO C 299 -31.88 45.51 -3.95
N PHE C 300 -32.49 46.65 -4.26
CA PHE C 300 -31.83 47.92 -3.98
C PHE C 300 -31.75 48.22 -2.49
N LYS C 301 -32.68 47.70 -1.70
CA LYS C 301 -32.56 47.86 -0.25
C LYS C 301 -31.31 47.15 0.27
N LYS C 302 -31.11 45.90 -0.14
CA LYS C 302 -29.90 45.17 0.25
C LYS C 302 -28.65 45.85 -0.29
N LEU C 303 -28.73 46.41 -1.50
CA LEU C 303 -27.57 47.08 -2.08
C LEU C 303 -27.20 48.31 -1.28
N ARG C 304 -28.18 49.14 -0.93
CA ARG C 304 -27.93 50.32 -0.12
C ARG C 304 -27.41 49.92 1.26
N SER C 305 -27.93 48.82 1.82
CA SER C 305 -27.47 48.35 3.11
C SER C 305 -25.99 47.96 3.05
N ILE C 306 -25.61 47.22 2.00
CA ILE C 306 -24.21 46.79 1.87
C ILE C 306 -23.31 47.99 1.63
N VAL C 307 -23.77 48.95 0.83
CA VAL C 307 -22.97 50.15 0.56
C VAL C 307 -22.73 50.92 1.86
N GLN C 308 -23.80 51.14 2.63
CA GLN C 308 -23.66 51.85 3.89
C GLN C 308 -22.82 51.07 4.89
N ALA C 309 -22.85 49.74 4.82
CA ALA C 309 -21.98 48.95 5.68
C ALA C 309 -20.51 49.15 5.30
N VAL C 310 -20.22 49.16 4.01
CA VAL C 310 -18.84 49.39 3.57
C VAL C 310 -18.38 50.79 3.96
N GLN C 311 -19.27 51.78 3.82
CA GLN C 311 -18.92 53.15 4.19
C GLN C 311 -18.70 53.30 5.69
N HIS C 312 -19.48 52.57 6.49
CA HIS C 312 -19.42 52.70 7.94
C HIS C 312 -19.06 51.39 8.61
N TYR C 313 -18.02 50.72 8.10
CA TYR C 313 -17.63 49.42 8.62
C TYR C 313 -17.20 49.44 10.08
N ASN C 314 -17.07 50.62 10.69
CA ASN C 314 -16.68 50.70 12.09
C ASN C 314 -17.85 50.97 13.03
N ASP C 315 -18.97 51.46 12.52
CA ASP C 315 -20.11 51.80 13.36
C ASP C 315 -21.07 50.63 13.43
N PRO C 316 -21.24 49.99 14.60
CA PRO C 316 -22.18 48.86 14.69
C PRO C 316 -23.64 49.29 14.63
N HIS C 317 -23.97 50.52 15.07
CA HIS C 317 -25.37 50.92 15.10
C HIS C 317 -25.93 51.10 13.70
N VAL C 318 -25.18 51.76 12.80
CA VAL C 318 -25.63 51.87 11.42
C VAL C 318 -25.74 50.49 10.78
N LEU C 319 -24.80 49.59 11.11
CA LEU C 319 -24.88 48.22 10.62
C LEU C 319 -26.19 47.56 11.05
N ALA C 320 -26.56 47.72 12.32
CA ALA C 320 -27.80 47.15 12.82
C ALA C 320 -29.02 47.79 12.17
N GLU C 321 -28.94 49.09 11.86
CA GLU C 321 -30.08 49.76 11.24
C GLU C 321 -30.30 49.30 9.81
N MET C 322 -29.24 49.27 9.01
CA MET C 322 -29.38 48.85 7.61
C MET C 322 -29.59 47.36 7.45
N SER C 323 -29.16 46.54 8.42
CA SER C 323 -29.36 45.09 8.31
C SER C 323 -30.72 44.68 8.87
N PRO D 64 5.77 12.75 -53.86
CA PRO D 64 5.15 14.06 -54.13
C PRO D 64 4.61 14.72 -52.88
N PHE D 65 5.43 14.80 -51.83
CA PHE D 65 5.00 15.45 -50.60
C PHE D 65 5.01 16.96 -50.74
N SER D 66 5.92 17.51 -51.54
CA SER D 66 6.02 18.95 -51.67
C SER D 66 4.79 19.54 -52.35
N VAL D 67 4.29 18.87 -53.39
CA VAL D 67 3.09 19.37 -54.05
C VAL D 67 1.88 19.25 -53.13
N LYS D 68 1.86 18.24 -52.26
CA LYS D 68 0.76 18.13 -51.30
C LYS D 68 0.83 19.24 -50.26
N VAL D 69 2.03 19.59 -49.81
CA VAL D 69 2.17 20.70 -48.87
C VAL D 69 1.77 22.01 -49.55
N GLY D 70 2.14 22.18 -50.81
CA GLY D 70 1.73 23.37 -51.54
C GLY D 70 0.22 23.45 -51.71
N LEU D 71 -0.42 22.30 -51.95
CA LEU D 71 -1.88 22.26 -52.05
C LEU D 71 -2.52 22.60 -50.72
N ALA D 72 -1.92 22.14 -49.61
CA ALA D 72 -2.50 22.38 -48.30
C ALA D 72 -2.32 23.82 -47.85
N GLN D 73 -1.21 24.45 -48.22
CA GLN D 73 -0.89 25.78 -47.72
C GLN D 73 -1.68 26.90 -48.39
N VAL D 74 -2.67 26.57 -49.22
CA VAL D 74 -3.56 27.61 -49.74
C VAL D 74 -4.58 28.00 -48.69
N LEU D 75 -4.80 27.15 -47.70
CA LEU D 75 -5.77 27.39 -46.63
C LEU D 75 -5.24 28.31 -45.55
N ARG D 76 -4.01 28.81 -45.69
CA ARG D 76 -3.41 29.65 -44.66
C ARG D 76 -4.24 30.91 -44.45
N GLY D 77 -4.38 31.31 -43.19
CA GLY D 77 -5.16 32.48 -42.86
C GLY D 77 -6.64 32.37 -43.16
N GLY D 78 -7.23 31.19 -42.92
CA GLY D 78 -8.63 30.99 -43.18
C GLY D 78 -9.27 30.13 -42.10
N ALA D 79 -10.59 30.02 -42.18
CA ALA D 79 -11.38 29.25 -41.24
C ALA D 79 -12.03 28.07 -41.97
N ILE D 80 -12.05 26.92 -41.31
CA ILE D 80 -12.62 25.69 -41.86
C ILE D 80 -13.89 25.39 -41.08
N VAL D 81 -15.04 25.45 -41.76
CA VAL D 81 -16.33 25.29 -41.12
C VAL D 81 -16.83 23.87 -41.35
N GLU D 82 -17.20 23.20 -40.26
CA GLU D 82 -17.74 21.85 -40.35
C GLU D 82 -19.23 21.92 -40.67
N VAL D 83 -19.61 21.49 -41.87
CA VAL D 83 -20.97 21.59 -42.34
C VAL D 83 -21.61 20.20 -42.28
N SER D 84 -22.94 20.19 -42.29
CA SER D 84 -23.70 18.96 -42.20
C SER D 84 -24.73 18.80 -43.30
N SER D 85 -24.84 19.75 -44.23
CA SER D 85 -25.82 19.67 -45.30
C SER D 85 -25.39 20.62 -46.41
N VAL D 86 -26.19 20.63 -47.49
CA VAL D 86 -25.92 21.53 -48.60
C VAL D 86 -26.11 22.98 -48.17
N ASN D 87 -27.13 23.24 -47.34
CA ASN D 87 -27.43 24.61 -46.94
C ASN D 87 -26.37 25.16 -46.00
N GLN D 88 -25.92 24.35 -45.03
CA GLN D 88 -24.85 24.79 -44.15
C GLN D 88 -23.56 25.01 -44.93
N ALA D 89 -23.30 24.17 -45.95
CA ALA D 89 -22.13 24.38 -46.78
C ALA D 89 -22.23 25.68 -47.56
N LYS D 90 -23.41 25.99 -48.09
CA LYS D 90 -23.60 27.24 -48.81
C LYS D 90 -23.42 28.44 -47.89
N LEU D 91 -23.94 28.34 -46.66
CA LEU D 91 -23.74 29.42 -45.69
C LEU D 91 -22.27 29.60 -45.37
N ALA D 92 -21.54 28.50 -45.13
CA ALA D 92 -20.13 28.60 -44.81
C ALA D 92 -19.32 29.15 -45.97
N GLU D 93 -19.74 28.85 -47.21
CA GLU D 93 -19.06 29.46 -48.36
C GLU D 93 -19.36 30.95 -48.44
N SER D 94 -20.62 31.34 -48.22
CA SER D 94 -20.98 32.75 -48.29
C SER D 94 -20.31 33.55 -47.19
N ALA D 95 -20.01 32.92 -46.05
CA ALA D 95 -19.32 33.64 -44.98
C ALA D 95 -17.87 33.95 -45.36
N GLY D 96 -17.21 33.05 -46.08
CA GLY D 96 -15.85 33.28 -46.50
C GLY D 96 -14.88 32.23 -46.00
N ALA D 97 -15.40 31.06 -45.65
CA ALA D 97 -14.55 29.98 -45.19
C ALA D 97 -13.64 29.49 -46.32
N CYS D 98 -12.46 29.02 -45.94
CA CYS D 98 -11.50 28.53 -46.93
C CYS D 98 -11.82 27.11 -47.38
N SER D 99 -12.58 26.35 -46.59
CA SER D 99 -12.99 25.00 -46.95
C SER D 99 -14.11 24.58 -46.01
N VAL D 100 -14.69 23.42 -46.29
CA VAL D 100 -15.77 22.88 -45.49
C VAL D 100 -15.52 21.39 -45.28
N ILE D 101 -15.47 20.97 -44.02
CA ILE D 101 -15.29 19.58 -43.66
C ILE D 101 -16.66 18.97 -43.36
N VAL D 102 -16.98 17.88 -44.04
CA VAL D 102 -18.34 17.35 -44.08
C VAL D 102 -18.54 16.37 -42.93
N SER D 103 -19.63 16.56 -42.19
CA SER D 103 -20.08 15.62 -41.17
C SER D 103 -21.56 15.34 -41.42
N ASP D 104 -21.90 14.09 -41.71
CA ASP D 104 -23.24 13.76 -42.18
C ASP D 104 -24.36 13.94 -41.16
N PRO D 105 -24.25 13.47 -39.91
CA PRO D 105 -25.45 13.36 -39.08
C PRO D 105 -25.85 14.70 -38.48
N VAL D 106 -27.09 14.75 -37.99
CA VAL D 106 -27.51 15.88 -37.18
C VAL D 106 -26.78 15.86 -35.83
N ARG D 107 -26.54 14.67 -35.29
CA ARG D 107 -25.78 14.47 -34.08
C ARG D 107 -25.50 12.98 -33.96
N SER D 108 -24.54 12.62 -33.09
CA SER D 108 -24.24 11.23 -32.79
C SER D 108 -24.71 10.94 -31.37
N ARG D 109 -25.80 10.18 -31.24
CA ARG D 109 -26.46 9.94 -29.96
C ARG D 109 -25.80 8.74 -29.29
N GLY D 110 -24.62 8.98 -28.72
CA GLY D 110 -23.89 7.94 -28.01
C GLY D 110 -23.58 6.72 -28.86
N GLY D 111 -23.45 6.91 -30.17
CA GLY D 111 -23.19 5.83 -31.09
C GLY D 111 -21.79 5.93 -31.68
N VAL D 112 -21.51 5.04 -32.62
CA VAL D 112 -20.23 5.00 -33.30
C VAL D 112 -20.31 5.90 -34.53
N ARG D 113 -19.33 6.77 -34.68
CA ARG D 113 -19.26 7.65 -35.85
C ARG D 113 -18.25 7.08 -36.85
N ARG D 114 -18.38 7.54 -38.10
CA ARG D 114 -17.53 7.03 -39.17
C ARG D 114 -17.56 8.04 -40.32
N MET D 115 -17.01 7.63 -41.46
CA MET D 115 -16.97 8.49 -42.63
C MET D 115 -18.39 8.85 -43.07
N PRO D 116 -18.64 10.10 -43.45
CA PRO D 116 -19.98 10.48 -43.91
C PRO D 116 -20.38 9.73 -45.17
N ASP D 117 -21.68 9.71 -45.42
CA ASP D 117 -22.21 8.97 -46.56
C ASP D 117 -21.74 9.61 -47.87
N PRO D 118 -21.36 8.80 -48.86
CA PRO D 118 -20.78 9.38 -50.09
C PRO D 118 -21.70 10.35 -50.82
N VAL D 119 -23.01 10.08 -50.90
CA VAL D 119 -23.87 10.93 -51.70
C VAL D 119 -23.96 12.32 -51.08
N LEU D 120 -23.89 12.41 -49.75
CA LEU D 120 -23.90 13.73 -49.11
C LEU D 120 -22.62 14.49 -49.45
N ILE D 121 -21.48 13.79 -49.47
CA ILE D 121 -20.22 14.44 -49.83
C ILE D 121 -20.28 14.93 -51.28
N LYS D 122 -20.83 14.12 -52.18
CA LYS D 122 -20.93 14.55 -53.57
C LYS D 122 -21.89 15.74 -53.72
N GLU D 123 -22.99 15.75 -52.96
CA GLU D 123 -23.90 16.88 -53.00
C GLU D 123 -23.22 18.16 -52.51
N VAL D 124 -22.48 18.06 -51.41
CA VAL D 124 -21.76 19.21 -50.88
C VAL D 124 -20.74 19.70 -51.89
N LYS D 125 -19.95 18.78 -52.45
CA LYS D 125 -18.93 19.16 -53.41
C LYS D 125 -19.53 19.80 -54.65
N ARG D 126 -20.72 19.36 -55.06
CA ARG D 126 -21.41 19.99 -56.18
C ARG D 126 -21.95 21.36 -55.80
N ALA D 127 -22.31 21.56 -54.54
CA ALA D 127 -22.91 22.82 -54.11
C ALA D 127 -21.87 23.94 -54.06
N VAL D 128 -20.85 23.78 -53.23
CA VAL D 128 -19.88 24.84 -52.99
C VAL D 128 -18.72 24.70 -53.96
N SER D 129 -18.00 25.79 -54.15
CA SER D 129 -16.82 25.80 -55.02
C SER D 129 -15.51 25.74 -54.23
N VAL D 130 -15.54 26.03 -52.93
CA VAL D 130 -14.35 26.00 -52.09
C VAL D 130 -13.90 24.54 -51.95
N PRO D 131 -12.65 24.30 -51.57
CA PRO D 131 -12.22 22.92 -51.29
C PRO D 131 -13.11 22.26 -50.25
N VAL D 132 -13.39 20.98 -50.45
CA VAL D 132 -14.26 20.21 -49.57
C VAL D 132 -13.42 19.14 -48.88
N MET D 133 -13.48 19.11 -47.56
CA MET D 133 -12.78 18.12 -46.77
C MET D 133 -13.71 16.94 -46.47
N ALA D 134 -13.17 15.95 -45.77
CA ALA D 134 -13.94 14.80 -45.36
C ALA D 134 -13.19 14.13 -44.21
N ARG D 135 -13.93 13.35 -43.43
CA ARG D 135 -13.39 12.70 -42.25
C ARG D 135 -13.25 11.21 -42.49
N ALA D 136 -12.14 10.65 -42.02
CA ALA D 136 -11.89 9.22 -42.07
C ALA D 136 -11.38 8.78 -40.72
N ARG D 137 -11.89 7.64 -40.23
CA ARG D 137 -11.47 7.15 -38.93
C ARG D 137 -9.97 6.90 -38.91
N VAL D 138 -9.33 7.29 -37.81
CA VAL D 138 -7.89 7.15 -37.70
C VAL D 138 -7.49 5.68 -37.75
N GLY D 139 -6.65 5.33 -38.72
CA GLY D 139 -6.28 3.96 -38.95
C GLY D 139 -7.10 3.24 -39.99
N HIS D 140 -8.21 3.84 -40.45
CA HIS D 140 -9.10 3.22 -41.43
C HIS D 140 -8.69 3.71 -42.81
N PHE D 141 -7.75 2.98 -43.44
CA PHE D 141 -7.27 3.42 -44.75
C PHE D 141 -8.25 3.11 -45.87
N VAL D 142 -9.21 2.20 -45.64
CA VAL D 142 -10.21 1.93 -46.68
C VAL D 142 -11.19 3.07 -46.79
N GLU D 143 -11.56 3.68 -45.66
CA GLU D 143 -12.37 4.90 -45.71
C GLU D 143 -11.63 6.00 -46.44
N ALA D 144 -10.31 6.09 -46.24
CA ALA D 144 -9.52 7.07 -46.96
C ALA D 144 -9.50 6.78 -48.46
N GLN D 145 -9.45 5.50 -48.82
CA GLN D 145 -9.51 5.13 -50.24
C GLN D 145 -10.84 5.53 -50.85
N ILE D 146 -11.94 5.26 -50.13
CA ILE D 146 -13.26 5.63 -50.63
C ILE D 146 -13.38 7.15 -50.75
N LEU D 147 -12.78 7.89 -49.81
CA LEU D 147 -12.82 9.35 -49.88
C LEU D 147 -12.02 9.86 -51.08
N GLU D 148 -10.84 9.28 -51.31
CA GLU D 148 -10.03 9.69 -52.45
C GLU D 148 -10.71 9.34 -53.77
N SER D 149 -11.49 8.27 -53.80
CA SER D 149 -12.22 7.94 -55.03
C SER D 149 -13.30 8.98 -55.32
N LEU D 150 -13.90 9.55 -54.28
CA LEU D 150 -14.85 10.65 -54.47
C LEU D 150 -14.16 11.96 -54.84
N ALA D 151 -12.82 11.96 -54.89
CA ALA D 151 -12.04 13.12 -55.31
C ALA D 151 -12.25 14.31 -54.37
N VAL D 152 -12.35 14.04 -53.06
CA VAL D 152 -12.38 15.12 -52.09
C VAL D 152 -11.04 15.85 -52.11
N ASP D 153 -11.10 17.16 -51.84
CA ASP D 153 -9.90 17.97 -51.91
C ASP D 153 -8.93 17.64 -50.76
N TYR D 154 -9.46 17.38 -49.57
CA TYR D 154 -8.63 17.05 -48.42
C TYR D 154 -9.30 15.96 -47.61
N ILE D 155 -8.50 15.16 -46.93
CA ILE D 155 -8.97 14.08 -46.07
C ILE D 155 -8.47 14.36 -44.66
N ASP D 156 -9.37 14.28 -43.69
CA ASP D 156 -9.06 14.54 -42.29
C ASP D 156 -9.07 13.22 -41.54
N GLU D 157 -7.88 12.73 -41.17
CA GLU D 157 -7.76 11.52 -40.35
C GLU D 157 -8.12 11.92 -38.92
N SER D 158 -9.40 12.15 -38.71
CA SER D 158 -9.87 12.75 -37.47
C SER D 158 -10.00 11.71 -36.37
N GLU D 159 -9.70 12.13 -35.14
CA GLU D 159 -9.85 11.28 -33.96
C GLU D 159 -11.09 11.63 -33.15
N ILE D 160 -11.81 12.70 -33.51
CA ILE D 160 -13.07 12.98 -32.85
C ILE D 160 -14.10 11.92 -33.23
N ILE D 161 -13.96 11.38 -34.45
CA ILE D 161 -14.69 10.18 -34.82
C ILE D 161 -14.06 8.96 -34.13
N SER D 162 -14.89 7.96 -33.86
CA SER D 162 -14.42 6.75 -33.18
C SER D 162 -13.15 6.20 -33.82
N VAL D 163 -12.20 5.84 -32.98
CA VAL D 163 -10.90 5.36 -33.45
C VAL D 163 -11.08 4.01 -34.14
N ALA D 164 -10.61 3.92 -35.39
CA ALA D 164 -10.62 2.64 -36.07
C ALA D 164 -9.50 1.74 -35.58
N ASP D 165 -8.26 2.23 -35.63
CA ASP D 165 -7.10 1.46 -35.19
C ASP D 165 -6.40 2.22 -34.08
N ASP D 166 -6.35 1.63 -32.89
CA ASP D 166 -5.76 2.31 -31.75
C ASP D 166 -4.23 2.39 -31.87
N ASP D 167 -3.61 1.34 -32.40
CA ASP D 167 -2.15 1.28 -32.41
C ASP D 167 -1.57 2.04 -33.60
N HIS D 168 -2.04 1.74 -34.80
CA HIS D 168 -1.43 2.26 -36.02
C HIS D 168 -2.33 3.30 -36.67
N PHE D 169 -1.72 4.12 -37.51
CA PHE D 169 -2.39 5.18 -38.26
C PHE D 169 -2.37 4.83 -39.75
N ILE D 170 -2.94 5.72 -40.55
CA ILE D 170 -2.97 5.53 -41.99
C ILE D 170 -1.60 5.89 -42.57
N ASN D 171 -1.04 4.99 -43.37
CA ASN D 171 0.20 5.29 -44.11
C ASN D 171 -0.17 6.20 -45.27
N LYS D 172 -0.21 7.50 -44.97
CA LYS D 172 -0.74 8.49 -45.90
C LYS D 172 0.14 8.71 -47.12
N HIS D 173 1.25 7.99 -47.26
CA HIS D 173 2.08 8.14 -48.45
C HIS D 173 1.48 7.43 -49.66
N ASN D 174 0.56 6.50 -49.44
CA ASN D 174 -0.04 5.74 -50.54
C ASN D 174 -1.14 6.51 -51.26
N PHE D 175 -1.59 7.62 -50.71
CA PHE D 175 -2.72 8.36 -51.26
C PHE D 175 -2.24 9.60 -52.01
N ARG D 176 -3.07 10.07 -52.93
CA ARG D 176 -2.76 11.27 -53.71
C ARG D 176 -3.33 12.53 -53.09
N SER D 177 -4.42 12.43 -52.33
CA SER D 177 -5.02 13.59 -51.71
C SER D 177 -4.28 13.97 -50.43
N PRO D 178 -4.19 15.27 -50.13
CA PRO D 178 -3.52 15.68 -48.89
C PRO D 178 -4.32 15.27 -47.67
N PHE D 179 -3.60 15.00 -46.58
CA PHE D 179 -4.20 14.54 -45.34
C PHE D 179 -4.05 15.59 -44.25
N ILE D 180 -4.97 15.54 -43.29
CA ILE D 180 -4.96 16.41 -42.12
C ILE D 180 -5.04 15.54 -40.88
N CYS D 181 -4.05 15.69 -39.99
CA CYS D 181 -3.96 14.86 -38.81
C CYS D 181 -3.98 15.72 -37.57
N GLY D 182 -4.61 15.21 -36.52
CA GLY D 182 -4.62 15.91 -35.25
C GLY D 182 -3.36 15.66 -34.44
N CYS D 183 -3.02 16.65 -33.63
CA CYS D 183 -1.82 16.54 -32.81
C CYS D 183 -2.06 17.25 -31.48
N ARG D 184 -1.33 16.81 -30.46
CA ARG D 184 -1.39 17.43 -29.15
C ARG D 184 -0.05 17.97 -28.66
N ASP D 185 1.06 17.62 -29.31
CA ASP D 185 2.38 18.15 -28.99
C ASP D 185 3.23 18.08 -30.25
N THR D 186 4.52 18.34 -30.10
CA THR D 186 5.41 18.28 -31.26
C THR D 186 5.69 16.84 -31.67
N GLY D 187 5.70 15.92 -30.73
CA GLY D 187 5.94 14.52 -31.04
C GLY D 187 4.90 13.96 -31.99
N GLU D 188 3.62 14.08 -31.63
CA GLU D 188 2.55 13.58 -32.50
C GLU D 188 2.55 14.29 -33.84
N ALA D 189 2.76 15.61 -33.84
CA ALA D 189 2.76 16.36 -35.08
C ALA D 189 3.85 15.86 -36.02
N LEU D 190 5.06 15.68 -35.49
CA LEU D 190 6.17 15.22 -36.33
C LEU D 190 5.96 13.78 -36.78
N ARG D 191 5.38 12.94 -35.93
CA ARG D 191 5.04 11.58 -36.36
C ARG D 191 4.07 11.61 -37.52
N ARG D 192 3.04 12.45 -37.44
CA ARG D 192 2.04 12.51 -38.51
C ARG D 192 2.65 13.09 -39.79
N ILE D 193 3.54 14.07 -39.67
CA ILE D 193 4.21 14.60 -40.85
C ILE D 193 5.10 13.54 -41.47
N ARG D 194 5.72 12.70 -40.64
CA ARG D 194 6.53 11.60 -41.15
C ARG D 194 5.67 10.57 -41.87
N GLU D 195 4.48 10.29 -41.35
CA GLU D 195 3.59 9.34 -42.00
C GLU D 195 3.07 9.86 -43.34
N GLY D 196 2.98 11.17 -43.51
CA GLY D 196 2.57 11.72 -44.79
C GLY D 196 1.50 12.79 -44.71
N ALA D 197 1.19 13.25 -43.49
CA ALA D 197 0.17 14.28 -43.32
C ALA D 197 0.66 15.60 -43.89
N ALA D 198 -0.04 16.13 -44.89
CA ALA D 198 0.32 17.39 -45.52
C ALA D 198 -0.20 18.60 -44.77
N MET D 199 -0.88 18.39 -43.64
CA MET D 199 -1.43 19.49 -42.86
C MET D 199 -1.75 18.96 -41.47
N ILE D 200 -1.49 19.79 -40.45
CA ILE D 200 -1.62 19.39 -39.06
C ILE D 200 -2.59 20.31 -38.36
N ARG D 201 -3.49 19.74 -37.56
CA ARG D 201 -4.40 20.53 -36.74
C ARG D 201 -4.16 20.20 -35.27
N ILE D 202 -3.97 21.23 -34.46
CA ILE D 202 -3.81 21.07 -33.03
C ILE D 202 -5.17 20.81 -32.40
N GLN D 203 -5.33 19.63 -31.82
CA GLN D 203 -6.61 19.19 -31.26
C GLN D 203 -6.73 19.63 -29.82
N GLY D 204 -7.94 20.04 -29.43
CA GLY D 204 -8.22 20.36 -28.05
C GLY D 204 -9.10 19.31 -27.39
N ASP D 205 -10.38 19.61 -27.23
CA ASP D 205 -11.35 18.67 -26.67
C ASP D 205 -12.65 18.81 -27.48
N LEU D 206 -12.79 17.98 -28.51
CA LEU D 206 -13.98 18.04 -29.34
C LEU D 206 -15.07 17.13 -28.78
N THR D 207 -16.31 17.45 -29.13
CA THR D 207 -17.50 16.65 -28.81
C THR D 207 -17.71 16.63 -27.29
N ALA D 208 -16.88 17.34 -26.55
CA ALA D 208 -17.00 17.40 -25.09
C ALA D 208 -17.69 18.68 -24.64
N THR D 209 -17.22 19.82 -25.13
CA THR D 209 -17.77 21.13 -24.76
C THR D 209 -17.23 22.15 -25.75
N GLY D 210 -17.53 23.42 -25.50
CA GLY D 210 -16.99 24.53 -26.26
C GLY D 210 -15.84 25.24 -25.59
N ASN D 211 -15.19 24.62 -24.60
CA ASN D 211 -14.11 25.26 -23.88
C ASN D 211 -12.87 25.34 -24.77
N ILE D 212 -12.03 26.33 -24.48
CA ILE D 212 -10.83 26.60 -25.26
C ILE D 212 -9.55 26.24 -24.52
N ALA D 213 -9.66 25.71 -23.30
CA ALA D 213 -8.49 25.51 -22.47
C ALA D 213 -7.53 24.49 -23.07
N GLU D 214 -8.06 23.33 -23.48
CA GLU D 214 -7.19 22.28 -24.01
C GLU D 214 -6.56 22.69 -25.32
N THR D 215 -7.33 23.37 -26.18
CA THR D 215 -6.79 23.80 -27.47
C THR D 215 -5.64 24.78 -27.30
N VAL D 216 -5.84 25.80 -26.47
CA VAL D 216 -4.79 26.79 -26.25
C VAL D 216 -3.60 26.15 -25.54
N LYS D 217 -3.86 25.18 -24.65
CA LYS D 217 -2.77 24.48 -23.98
C LYS D 217 -1.92 23.71 -24.97
N ASN D 218 -2.54 22.97 -25.89
CA ASN D 218 -1.77 22.21 -26.87
C ASN D 218 -1.05 23.12 -27.84
N VAL D 219 -1.69 24.22 -28.26
CA VAL D 219 -1.03 25.18 -29.14
C VAL D 219 0.21 25.76 -28.46
N ARG D 220 0.06 26.17 -27.19
CA ARG D 220 1.19 26.73 -26.46
C ARG D 220 2.30 25.70 -26.29
N SER D 221 1.93 24.45 -26.00
CA SER D 221 2.93 23.40 -25.86
C SER D 221 3.73 23.20 -27.16
N LEU D 222 3.01 23.12 -28.29
CA LEU D 222 3.68 22.93 -29.57
C LEU D 222 4.60 24.09 -29.89
N MET D 223 4.09 25.32 -29.77
CA MET D 223 4.90 26.48 -30.11
C MET D 223 6.09 26.63 -29.18
N GLY D 224 5.91 26.30 -27.90
CA GLY D 224 7.02 26.38 -26.96
C GLY D 224 8.09 25.34 -27.25
N GLU D 225 7.69 24.12 -27.61
CA GLU D 225 8.67 23.11 -27.96
C GLU D 225 9.40 23.48 -29.24
N VAL D 226 8.70 24.10 -30.19
CA VAL D 226 9.35 24.53 -31.43
C VAL D 226 10.34 25.66 -31.15
N ARG D 227 9.98 26.58 -30.26
CA ARG D 227 10.91 27.65 -29.89
C ARG D 227 12.11 27.09 -29.12
N VAL D 228 11.90 26.03 -28.34
CA VAL D 228 13.02 25.38 -27.65
C VAL D 228 13.95 24.75 -28.68
N LEU D 229 13.38 24.08 -29.68
CA LEU D 229 14.19 23.50 -30.75
C LEU D 229 15.00 24.56 -31.48
N ASN D 230 14.37 25.68 -31.83
CA ASN D 230 15.03 26.68 -32.66
C ASN D 230 16.26 27.28 -32.00
N ASN D 231 16.41 27.12 -30.68
CA ASN D 231 17.55 27.68 -29.97
C ASN D 231 18.42 26.63 -29.30
N MET D 232 18.00 25.36 -29.30
CA MET D 232 18.74 24.32 -28.61
C MET D 232 20.10 24.09 -29.25
N ASP D 233 21.01 23.50 -28.47
CA ASP D 233 22.30 23.10 -28.99
C ASP D 233 22.14 21.87 -29.87
N ASP D 234 22.99 21.78 -30.91
CA ASP D 234 22.89 20.66 -31.84
C ASP D 234 23.14 19.32 -31.16
N ASP D 235 24.17 19.24 -30.33
CA ASP D 235 24.54 17.97 -29.71
C ASP D 235 23.44 17.40 -28.83
N GLU D 236 22.51 18.23 -28.37
CA GLU D 236 21.39 17.77 -27.55
C GLU D 236 20.17 17.39 -28.38
N VAL D 237 20.10 17.85 -29.62
CA VAL D 237 18.89 17.67 -30.44
C VAL D 237 18.49 16.20 -30.48
N PHE D 238 19.47 15.31 -30.72
CA PHE D 238 19.18 13.88 -30.75
C PHE D 238 18.41 13.44 -29.51
N THR D 239 18.92 13.77 -28.33
CA THR D 239 18.24 13.38 -27.10
C THR D 239 16.84 13.95 -27.05
N PHE D 240 16.67 15.19 -27.53
CA PHE D 240 15.34 15.80 -27.56
C PHE D 240 14.37 14.95 -28.36
N ALA D 241 14.84 14.40 -29.49
CA ALA D 241 14.00 13.49 -30.26
C ALA D 241 13.55 12.31 -29.40
N LYS D 242 14.49 11.72 -28.66
CA LYS D 242 14.15 10.65 -27.73
C LYS D 242 13.08 11.09 -26.74
N LYS D 243 13.13 12.35 -26.30
CA LYS D 243 12.16 12.83 -25.33
C LYS D 243 10.78 12.98 -25.96
N ILE D 244 10.72 13.19 -27.28
CA ILE D 244 9.44 13.39 -27.94
C ILE D 244 9.08 12.25 -28.89
N SER D 245 9.98 11.29 -29.09
CA SER D 245 9.76 10.14 -29.97
C SER D 245 9.30 10.60 -31.37
N ALA D 246 10.17 11.35 -32.02
CA ALA D 246 9.92 11.88 -33.35
C ALA D 246 11.14 11.62 -34.22
N PRO D 247 10.95 11.49 -35.53
CA PRO D 247 12.10 11.28 -36.42
C PRO D 247 13.08 12.43 -36.32
N TYR D 248 14.37 12.09 -36.25
CA TYR D 248 15.39 13.13 -36.09
C TYR D 248 15.46 14.03 -37.31
N ASP D 249 15.20 13.49 -38.51
CA ASP D 249 15.26 14.31 -39.72
C ASP D 249 14.23 15.43 -39.66
N LEU D 250 12.99 15.10 -39.29
CA LEU D 250 11.96 16.12 -39.17
C LEU D 250 12.26 17.08 -38.02
N VAL D 251 12.85 16.58 -36.93
CA VAL D 251 13.22 17.45 -35.82
C VAL D 251 14.23 18.49 -36.27
N ALA D 252 15.27 18.04 -36.98
CA ALA D 252 16.27 18.96 -37.50
C ALA D 252 15.67 19.91 -38.53
N GLN D 253 14.70 19.44 -39.31
CA GLN D 253 14.05 20.31 -40.27
C GLN D 253 13.27 21.43 -39.59
N THR D 254 12.52 21.10 -38.53
CA THR D 254 11.81 22.13 -37.79
C THR D 254 12.78 23.09 -37.11
N LYS D 255 13.87 22.55 -36.54
CA LYS D 255 14.86 23.42 -35.91
C LYS D 255 15.45 24.39 -36.92
N GLN D 256 15.74 23.92 -38.13
CA GLN D 256 16.31 24.78 -39.16
C GLN D 256 15.27 25.78 -39.69
N MET D 257 14.00 25.40 -39.68
CA MET D 257 12.96 26.24 -40.27
C MET D 257 12.25 27.14 -39.25
N GLY D 258 12.32 26.80 -37.97
CA GLY D 258 11.61 27.56 -36.96
C GLY D 258 10.15 27.21 -36.80
N ARG D 259 9.62 26.32 -37.63
CA ARG D 259 8.24 25.85 -37.53
C ARG D 259 8.20 24.42 -38.03
N VAL D 260 7.10 23.74 -37.74
CA VAL D 260 6.89 22.43 -38.36
C VAL D 260 6.69 22.62 -39.87
N PRO D 261 7.20 21.74 -40.71
CA PRO D 261 7.14 21.99 -42.16
C PRO D 261 5.77 21.68 -42.76
N VAL D 262 4.71 22.09 -42.07
CA VAL D 262 3.34 21.93 -42.54
C VAL D 262 2.54 23.14 -42.10
N VAL D 263 1.26 23.16 -42.44
CA VAL D 263 0.35 24.22 -42.03
C VAL D 263 -0.32 23.80 -40.74
N GLN D 264 -0.31 24.67 -39.74
CA GLN D 264 -0.91 24.40 -38.45
C GLN D 264 -2.25 25.10 -38.33
N PHE D 265 -3.30 24.31 -38.11
CA PHE D 265 -4.62 24.83 -37.81
C PHE D 265 -4.95 24.50 -36.35
N ALA D 266 -6.04 25.07 -35.85
CA ALA D 266 -6.49 24.79 -34.50
C ALA D 266 -7.89 24.20 -34.51
N SER D 267 -8.19 23.40 -33.50
CA SER D 267 -9.52 22.80 -33.42
C SER D 267 -9.93 22.68 -31.96
N GLY D 268 -11.23 22.80 -31.71
CA GLY D 268 -11.76 22.57 -30.38
C GLY D 268 -12.10 23.84 -29.61
N GLY D 269 -13.39 24.10 -29.44
CA GLY D 269 -13.85 25.20 -28.61
C GLY D 269 -13.86 26.56 -29.27
N ILE D 270 -13.40 26.67 -30.52
CA ILE D 270 -13.41 27.96 -31.20
C ILE D 270 -14.85 28.29 -31.58
N THR D 271 -15.50 29.14 -30.80
CA THR D 271 -16.88 29.52 -31.03
C THR D 271 -17.05 31.00 -31.26
N THR D 272 -16.33 31.83 -30.53
CA THR D 272 -16.42 33.26 -30.66
C THR D 272 -15.23 33.80 -31.46
N PRO D 273 -15.38 34.98 -32.07
CA PRO D 273 -14.23 35.58 -32.78
C PRO D 273 -13.02 35.78 -31.91
N ALA D 274 -13.22 35.98 -30.60
CA ALA D 274 -12.10 36.10 -29.68
C ALA D 274 -11.25 34.83 -29.69
N ASP D 275 -11.90 33.66 -29.71
CA ASP D 275 -11.16 32.40 -29.70
C ASP D 275 -10.36 32.21 -30.97
N ALA D 276 -10.97 32.53 -32.13
CA ALA D 276 -10.26 32.40 -33.39
C ALA D 276 -9.07 33.36 -33.47
N ALA D 277 -9.27 34.61 -33.03
CA ALA D 277 -8.17 35.56 -33.04
C ALA D 277 -7.08 35.15 -32.06
N LEU D 278 -7.45 34.54 -30.93
CA LEU D 278 -6.46 34.04 -29.99
C LEU D 278 -5.64 32.91 -30.60
N MET D 279 -6.31 31.99 -31.29
CA MET D 279 -5.58 30.91 -31.95
C MET D 279 -4.66 31.44 -33.03
N MET D 280 -5.11 32.43 -33.80
CA MET D 280 -4.28 32.98 -34.85
C MET D 280 -3.14 33.83 -34.31
N GLN D 281 -3.29 34.38 -33.10
CA GLN D 281 -2.24 35.20 -32.53
C GLN D 281 -1.17 34.37 -31.84
N LEU D 282 -1.49 33.12 -31.50
CA LEU D 282 -0.50 32.24 -30.89
C LEU D 282 0.44 31.61 -31.90
N GLY D 283 0.22 31.83 -33.20
CA GLY D 283 1.08 31.29 -34.23
C GLY D 283 0.41 30.36 -35.20
N CYS D 284 -0.82 29.92 -34.94
CA CYS D 284 -1.51 29.03 -35.87
C CYS D 284 -1.82 29.74 -37.17
N ASP D 285 -2.19 28.94 -38.18
CA ASP D 285 -2.51 29.47 -39.50
C ASP D 285 -4.00 29.44 -39.81
N GLY D 286 -4.81 28.84 -38.94
CA GLY D 286 -6.23 28.78 -39.17
C GLY D 286 -6.94 28.18 -37.98
N VAL D 287 -8.25 27.99 -38.13
CA VAL D 287 -9.09 27.44 -37.07
C VAL D 287 -10.09 26.46 -37.67
N PHE D 288 -10.55 25.54 -36.83
CA PHE D 288 -11.58 24.57 -37.17
C PHE D 288 -12.81 24.89 -36.34
N VAL D 289 -13.73 25.67 -36.89
CA VAL D 289 -14.96 25.98 -36.19
C VAL D 289 -15.93 24.82 -36.36
N GLY D 290 -16.43 24.31 -35.24
CA GLY D 290 -17.29 23.14 -35.26
C GLY D 290 -18.66 23.45 -35.84
N SER D 291 -19.52 22.44 -35.74
CA SER D 291 -20.89 22.55 -36.22
C SER D 291 -21.81 23.28 -35.25
N GLU D 292 -21.36 23.54 -34.02
CA GLU D 292 -22.20 24.21 -33.04
C GLU D 292 -22.47 25.67 -33.40
N VAL D 293 -21.83 26.19 -34.46
CA VAL D 293 -22.06 27.57 -34.86
C VAL D 293 -23.43 27.72 -35.52
N PHE D 294 -23.93 26.65 -36.13
CA PHE D 294 -25.14 26.75 -36.94
C PHE D 294 -26.43 26.66 -36.14
N ASP D 295 -26.39 26.05 -34.95
CA ASP D 295 -27.60 25.97 -34.12
C ASP D 295 -27.75 27.16 -33.18
N GLY D 296 -26.94 28.21 -33.37
CA GLY D 296 -27.06 29.41 -32.58
C GLY D 296 -28.21 30.29 -33.04
N PRO D 297 -28.27 31.51 -32.53
CA PRO D 297 -29.34 32.42 -32.94
C PRO D 297 -29.22 32.83 -34.40
N ASP D 298 -28.03 33.21 -34.83
CA ASP D 298 -27.76 33.57 -36.22
C ASP D 298 -26.48 32.90 -36.67
N PRO D 299 -26.57 31.84 -37.48
CA PRO D 299 -25.36 31.09 -37.86
C PRO D 299 -24.39 31.89 -38.72
N PHE D 300 -24.88 32.45 -39.82
CA PHE D 300 -23.99 33.10 -40.77
C PHE D 300 -23.40 34.38 -40.22
N LYS D 301 -24.08 35.06 -39.30
CA LYS D 301 -23.49 36.22 -38.65
C LYS D 301 -22.26 35.83 -37.85
N LYS D 302 -22.39 34.78 -37.03
CA LYS D 302 -21.25 34.29 -36.27
C LYS D 302 -20.15 33.79 -37.20
N LEU D 303 -20.52 33.16 -38.31
CA LEU D 303 -19.53 32.65 -39.25
C LEU D 303 -18.74 33.79 -39.87
N ARG D 304 -19.43 34.83 -40.32
CA ARG D 304 -18.74 35.99 -40.88
C ARG D 304 -17.89 36.68 -39.83
N SER D 305 -18.36 36.72 -38.59
CA SER D 305 -17.57 37.31 -37.52
C SER D 305 -16.29 36.54 -37.29
N ILE D 306 -16.36 35.22 -37.25
CA ILE D 306 -15.17 34.41 -37.05
C ILE D 306 -14.22 34.52 -38.23
N VAL D 307 -14.76 34.57 -39.44
CA VAL D 307 -13.91 34.70 -40.63
C VAL D 307 -13.17 36.03 -40.60
N GLN D 308 -13.89 37.12 -40.30
CA GLN D 308 -13.25 38.42 -40.22
C GLN D 308 -12.24 38.50 -39.08
N ALA D 309 -12.50 37.77 -37.99
CA ALA D 309 -11.53 37.70 -36.90
C ALA D 309 -10.25 37.01 -37.35
N VAL D 310 -10.38 35.90 -38.07
CA VAL D 310 -9.21 35.20 -38.58
C VAL D 310 -8.44 36.07 -39.57
N GLN D 311 -9.17 36.81 -40.42
CA GLN D 311 -8.51 37.67 -41.40
C GLN D 311 -7.81 38.84 -40.71
N HIS D 312 -8.40 39.36 -39.64
CA HIS D 312 -7.86 40.55 -38.97
C HIS D 312 -7.50 40.25 -37.52
N TYR D 313 -6.78 39.15 -37.28
CA TYR D 313 -6.45 38.71 -35.93
C TYR D 313 -5.59 39.72 -35.18
N ASN D 314 -5.09 40.77 -35.84
CA ASN D 314 -4.26 41.77 -35.17
C ASN D 314 -5.01 43.04 -34.83
N ASP D 315 -6.17 43.29 -35.46
CA ASP D 315 -6.90 44.52 -35.24
C ASP D 315 -7.95 44.30 -34.16
N PRO D 316 -7.83 44.93 -32.99
CA PRO D 316 -8.86 44.75 -31.95
C PRO D 316 -10.17 45.44 -32.26
N HIS D 317 -10.17 46.52 -33.04
CA HIS D 317 -11.40 47.25 -33.29
C HIS D 317 -12.35 46.46 -34.17
N VAL D 318 -11.84 45.84 -35.24
CA VAL D 318 -12.67 44.97 -36.07
C VAL D 318 -13.18 43.81 -35.25
N LEU D 319 -12.35 43.26 -34.37
CA LEU D 319 -12.79 42.18 -33.48
C LEU D 319 -13.96 42.64 -32.62
N ALA D 320 -13.88 43.84 -32.06
CA ALA D 320 -14.97 44.35 -31.24
C ALA D 320 -16.22 44.62 -32.07
N GLU D 321 -16.05 45.02 -33.33
CA GLU D 321 -17.21 45.30 -34.17
C GLU D 321 -17.94 44.01 -34.54
N MET D 322 -17.21 43.00 -35.01
CA MET D 322 -17.86 41.75 -35.40
C MET D 322 -18.33 40.91 -34.22
N SER D 323 -17.75 41.09 -33.04
CA SER D 323 -18.17 40.32 -31.86
C SER D 323 -19.33 41.01 -31.16
N PRO E 64 -10.07 -37.17 -40.18
CA PRO E 64 -10.54 -36.47 -41.39
C PRO E 64 -10.55 -34.96 -41.23
N PHE E 65 -9.43 -34.41 -40.77
CA PHE E 65 -9.34 -32.95 -40.63
C PHE E 65 -9.15 -32.26 -41.97
N SER E 66 -8.48 -32.93 -42.92
CA SER E 66 -8.20 -32.31 -44.21
C SER E 66 -9.49 -32.09 -45.00
N VAL E 67 -10.40 -33.07 -44.97
CA VAL E 67 -11.66 -32.90 -45.68
C VAL E 67 -12.51 -31.83 -45.02
N LYS E 68 -12.39 -31.67 -43.70
CA LYS E 68 -13.13 -30.60 -43.02
C LYS E 68 -12.56 -29.23 -43.40
N VAL E 69 -11.24 -29.12 -43.50
CA VAL E 69 -10.64 -27.86 -43.94
C VAL E 69 -11.04 -27.56 -45.38
N GLY E 70 -11.08 -28.58 -46.23
CA GLY E 70 -11.53 -28.37 -47.60
C GLY E 70 -12.98 -27.93 -47.68
N LEU E 71 -13.82 -28.50 -46.81
CA LEU E 71 -15.22 -28.08 -46.76
C LEU E 71 -15.35 -26.65 -46.27
N ALA E 72 -14.49 -26.24 -45.32
CA ALA E 72 -14.58 -24.90 -44.78
C ALA E 72 -14.05 -23.86 -45.75
N GLN E 73 -13.05 -24.21 -46.54
CA GLN E 73 -12.38 -23.23 -47.40
C GLN E 73 -13.17 -22.89 -48.66
N VAL E 74 -14.42 -23.35 -48.79
CA VAL E 74 -15.25 -22.90 -49.89
C VAL E 74 -15.82 -21.51 -49.58
N LEU E 75 -15.84 -21.12 -48.31
CA LEU E 75 -16.36 -19.83 -47.90
C LEU E 75 -15.37 -18.69 -48.11
N ARG E 76 -14.19 -18.97 -48.67
CA ARG E 76 -13.18 -17.94 -48.85
C ARG E 76 -13.70 -16.82 -49.74
N GLY E 77 -13.36 -15.59 -49.39
CA GLY E 77 -13.81 -14.44 -50.15
C GLY E 77 -15.30 -14.22 -50.14
N GLY E 78 -15.96 -14.45 -48.99
CA GLY E 78 -17.38 -14.26 -48.88
C GLY E 78 -17.76 -13.65 -47.55
N ALA E 79 -19.03 -13.30 -47.43
CA ALA E 79 -19.57 -12.71 -46.22
C ALA E 79 -20.59 -13.66 -45.59
N ILE E 80 -20.56 -13.74 -44.27
CA ILE E 80 -21.47 -14.60 -43.51
C ILE E 80 -22.44 -13.72 -42.75
N VAL E 81 -23.72 -13.80 -43.11
CA VAL E 81 -24.75 -12.95 -42.56
C VAL E 81 -25.49 -13.68 -41.46
N GLU E 82 -25.59 -13.06 -40.29
CA GLU E 82 -26.33 -13.65 -39.17
C GLU E 82 -27.81 -13.34 -39.32
N VAL E 83 -28.60 -14.36 -39.60
CA VAL E 83 -30.03 -14.19 -39.85
C VAL E 83 -30.81 -14.66 -38.63
N SER E 84 -32.06 -14.19 -38.55
CA SER E 84 -32.92 -14.51 -37.43
C SER E 84 -34.27 -15.09 -37.83
N SER E 85 -34.52 -15.27 -39.12
CA SER E 85 -35.80 -15.80 -39.59
C SER E 85 -35.62 -16.31 -41.00
N VAL E 86 -36.71 -16.86 -41.56
CA VAL E 86 -36.68 -17.34 -42.93
C VAL E 86 -36.52 -16.18 -43.91
N ASN E 87 -37.16 -15.05 -43.61
CA ASN E 87 -37.11 -13.91 -44.53
C ASN E 87 -35.73 -13.27 -44.54
N GLN E 88 -35.13 -13.10 -43.36
CA GLN E 88 -33.77 -12.56 -43.31
C GLN E 88 -32.78 -13.50 -44.00
N ALA E 89 -32.99 -14.81 -43.85
CA ALA E 89 -32.14 -15.77 -44.54
C ALA E 89 -32.29 -15.66 -46.05
N LYS E 90 -33.52 -15.50 -46.53
CA LYS E 90 -33.74 -15.33 -47.97
C LYS E 90 -33.10 -14.05 -48.47
N LEU E 91 -33.20 -12.96 -47.70
CA LEU E 91 -32.54 -11.72 -48.09
C LEU E 91 -31.03 -11.89 -48.15
N ALA E 92 -30.45 -12.54 -47.14
CA ALA E 92 -29.00 -12.74 -47.12
C ALA E 92 -28.55 -13.64 -48.26
N GLU E 93 -29.38 -14.60 -48.66
CA GLU E 93 -29.04 -15.41 -49.82
C GLU E 93 -29.12 -14.58 -51.11
N SER E 94 -30.16 -13.77 -51.24
CA SER E 94 -30.31 -12.96 -52.44
C SER E 94 -29.21 -11.92 -52.56
N ALA E 95 -28.66 -11.47 -51.43
CA ALA E 95 -27.55 -10.52 -51.48
C ALA E 95 -26.29 -11.15 -52.04
N GLY E 96 -26.03 -12.41 -51.70
CA GLY E 96 -24.85 -13.08 -52.21
C GLY E 96 -23.95 -13.59 -51.10
N ALA E 97 -24.49 -13.76 -49.91
CA ALA E 97 -23.71 -14.27 -48.79
C ALA E 97 -23.30 -15.71 -49.05
N CYS E 98 -22.14 -16.09 -48.51
CA CYS E 98 -21.64 -17.44 -48.68
C CYS E 98 -22.29 -18.43 -47.72
N SER E 99 -22.86 -17.94 -46.63
CA SER E 99 -23.56 -18.79 -45.66
C SER E 99 -24.36 -17.89 -44.74
N VAL E 100 -25.17 -18.50 -43.89
CA VAL E 100 -26.01 -17.80 -42.93
C VAL E 100 -25.91 -18.51 -41.59
N ILE E 101 -25.52 -17.76 -40.56
CA ILE E 101 -25.44 -18.28 -39.20
C ILE E 101 -26.70 -17.88 -38.46
N VAL E 102 -27.39 -18.87 -37.90
CA VAL E 102 -28.75 -18.70 -37.39
C VAL E 102 -28.72 -18.24 -35.94
N SER E 103 -29.47 -17.19 -35.64
CA SER E 103 -29.70 -16.74 -34.27
C SER E 103 -31.20 -16.56 -34.10
N ASP E 104 -31.80 -17.33 -33.18
CA ASP E 104 -33.25 -17.39 -33.07
C ASP E 104 -33.95 -16.10 -32.62
N PRO E 105 -33.50 -15.43 -31.56
CA PRO E 105 -34.37 -14.41 -30.94
C PRO E 105 -34.35 -13.11 -31.73
N VAL E 106 -35.34 -12.26 -31.43
CA VAL E 106 -35.31 -10.89 -31.91
C VAL E 106 -34.20 -10.11 -31.21
N ARG E 107 -33.98 -10.41 -29.93
CA ARG E 107 -32.89 -9.83 -29.15
C ARG E 107 -32.81 -10.63 -27.84
N SER E 108 -31.70 -10.48 -27.13
CA SER E 108 -31.52 -11.08 -25.80
C SER E 108 -31.54 -9.96 -24.78
N ARG E 109 -32.62 -9.89 -24.01
CA ARG E 109 -32.87 -8.78 -23.08
C ARG E 109 -32.21 -9.13 -21.75
N GLY E 110 -30.89 -8.98 -21.70
CA GLY E 110 -30.13 -9.23 -20.49
C GLY E 110 -30.29 -10.63 -19.93
N GLY E 111 -30.57 -11.59 -20.82
CA GLY E 111 -30.78 -12.96 -20.42
C GLY E 111 -29.65 -13.85 -20.90
N VAL E 112 -29.83 -15.16 -20.68
CA VAL E 112 -28.85 -16.15 -21.10
C VAL E 112 -29.20 -16.61 -22.51
N ARG E 113 -28.19 -16.62 -23.38
CA ARG E 113 -28.38 -17.09 -24.74
C ARG E 113 -27.85 -18.51 -24.87
N ARG E 114 -28.30 -19.19 -25.93
CA ARG E 114 -27.93 -20.59 -26.14
C ARG E 114 -28.19 -20.94 -27.60
N MET E 115 -28.11 -22.24 -27.90
CA MET E 115 -28.31 -22.70 -29.26
C MET E 115 -29.73 -22.36 -29.72
N PRO E 116 -29.90 -21.91 -30.95
CA PRO E 116 -31.25 -21.60 -31.46
C PRO E 116 -32.14 -22.83 -31.49
N ASP E 117 -33.44 -22.57 -31.53
CA ASP E 117 -34.40 -23.65 -31.49
C ASP E 117 -34.29 -24.49 -32.77
N PRO E 118 -34.38 -25.82 -32.66
CA PRO E 118 -34.16 -26.68 -33.84
C PRO E 118 -35.12 -26.42 -35.00
N VAL E 119 -36.40 -26.15 -34.74
CA VAL E 119 -37.34 -26.02 -35.84
C VAL E 119 -37.02 -24.78 -36.67
N LEU E 120 -36.51 -23.74 -36.03
CA LEU E 120 -36.11 -22.55 -36.78
C LEU E 120 -34.92 -22.86 -37.67
N ILE E 121 -33.97 -23.64 -37.16
CA ILE E 121 -32.81 -24.02 -37.97
C ILE E 121 -33.25 -24.87 -39.16
N LYS E 122 -34.18 -25.80 -38.94
CA LYS E 122 -34.67 -26.61 -40.05
C LYS E 122 -35.43 -25.77 -41.07
N GLU E 123 -36.21 -24.80 -40.61
CA GLU E 123 -36.91 -23.91 -41.53
C GLU E 123 -35.93 -23.10 -42.38
N VAL E 124 -34.89 -22.55 -41.73
CA VAL E 124 -33.88 -21.79 -42.45
C VAL E 124 -33.18 -22.67 -43.47
N LYS E 125 -32.76 -23.87 -43.04
CA LYS E 125 -32.06 -24.79 -43.95
C LYS E 125 -32.93 -25.19 -45.12
N ARG E 126 -34.24 -25.32 -44.90
CA ARG E 126 -35.15 -25.62 -45.99
C ARG E 126 -35.33 -24.41 -46.92
N ALA E 127 -35.24 -23.20 -46.37
CA ALA E 127 -35.46 -22.00 -47.17
C ALA E 127 -34.31 -21.73 -48.14
N VAL E 128 -33.12 -21.52 -47.62
CA VAL E 128 -31.97 -21.13 -48.42
C VAL E 128 -31.23 -22.37 -48.89
N SER E 129 -30.44 -22.20 -49.96
CA SER E 129 -29.62 -23.28 -50.48
C SER E 129 -28.16 -23.16 -50.10
N VAL E 130 -27.73 -21.99 -49.63
CA VAL E 130 -26.34 -21.77 -49.20
C VAL E 130 -26.08 -22.59 -47.95
N PRO E 131 -24.83 -22.86 -47.59
CA PRO E 131 -24.55 -23.52 -46.31
C PRO E 131 -25.14 -22.74 -45.15
N VAL E 132 -25.66 -23.47 -44.17
CA VAL E 132 -26.30 -22.89 -43.00
C VAL E 132 -25.46 -23.21 -41.77
N MET E 133 -25.08 -22.18 -41.03
CA MET E 133 -24.31 -22.34 -39.81
C MET E 133 -25.26 -22.39 -38.61
N ALA E 134 -24.68 -22.56 -37.43
CA ALA E 134 -25.43 -22.58 -36.19
C ALA E 134 -24.47 -22.30 -35.05
N ARG E 135 -25.01 -21.84 -33.94
CA ARG E 135 -24.22 -21.46 -32.78
C ARG E 135 -24.39 -22.47 -31.66
N ALA E 136 -23.28 -22.79 -31.01
CA ALA E 136 -23.28 -23.67 -29.85
C ALA E 136 -22.42 -23.03 -28.77
N ARG E 137 -22.91 -23.07 -27.53
CA ARG E 137 -22.18 -22.48 -26.43
C ARG E 137 -20.80 -23.12 -26.29
N VAL E 138 -19.79 -22.28 -26.05
CA VAL E 138 -18.42 -22.78 -25.97
C VAL E 138 -18.29 -23.72 -24.78
N GLY E 139 -17.88 -24.95 -25.06
CA GLY E 139 -17.79 -25.99 -24.06
C GLY E 139 -19.02 -26.87 -23.97
N HIS E 140 -20.10 -26.53 -24.67
CA HIS E 140 -21.34 -27.30 -24.62
C HIS E 140 -21.33 -28.27 -25.81
N PHE E 141 -20.77 -29.47 -25.59
CA PHE E 141 -20.68 -30.42 -26.69
C PHE E 141 -22.01 -31.10 -26.99
N VAL E 142 -22.97 -31.07 -26.05
CA VAL E 142 -24.27 -31.66 -26.32
C VAL E 142 -25.06 -30.80 -27.29
N GLU E 143 -24.94 -29.47 -27.17
CA GLU E 143 -25.54 -28.59 -28.17
C GLU E 143 -24.92 -28.85 -29.53
N ALA E 144 -23.61 -29.09 -29.57
CA ALA E 144 -22.96 -29.42 -30.83
C ALA E 144 -23.47 -30.74 -31.39
N GLN E 145 -23.74 -31.71 -30.52
CA GLN E 145 -24.30 -32.98 -30.98
C GLN E 145 -25.68 -32.79 -31.57
N ILE E 146 -26.51 -31.98 -30.90
CA ILE E 146 -27.85 -31.70 -31.41
C ILE E 146 -27.78 -30.96 -32.72
N LEU E 147 -26.81 -30.06 -32.88
CA LEU E 147 -26.66 -29.34 -34.13
C LEU E 147 -26.22 -30.27 -35.26
N GLU E 148 -25.28 -31.17 -34.96
CA GLU E 148 -24.83 -32.12 -35.97
C GLU E 148 -25.94 -33.09 -36.37
N SER E 149 -26.84 -33.40 -35.43
CA SER E 149 -27.97 -34.27 -35.78
C SER E 149 -28.92 -33.58 -36.75
N LEU E 150 -29.07 -32.25 -36.64
CA LEU E 150 -29.85 -31.50 -37.61
C LEU E 150 -29.12 -31.35 -38.94
N ALA E 151 -27.90 -31.85 -39.05
CA ALA E 151 -27.12 -31.83 -40.29
C ALA E 151 -26.83 -30.40 -40.76
N VAL E 152 -26.55 -29.51 -39.82
CA VAL E 152 -26.11 -28.18 -40.21
C VAL E 152 -24.76 -28.27 -40.89
N ASP E 153 -24.53 -27.35 -41.84
CA ASP E 153 -23.31 -27.41 -42.62
C ASP E 153 -22.08 -27.03 -41.78
N TYR E 154 -22.23 -26.06 -40.89
CA TYR E 154 -21.13 -25.62 -40.05
C TYR E 154 -21.66 -25.34 -38.65
N ILE E 155 -20.80 -25.53 -37.65
CA ILE E 155 -21.13 -25.24 -36.26
C ILE E 155 -20.17 -24.19 -35.75
N ASP E 156 -20.70 -23.15 -35.10
CA ASP E 156 -19.91 -22.04 -34.59
C ASP E 156 -19.88 -22.16 -33.07
N GLU E 157 -18.72 -22.54 -32.53
CA GLU E 157 -18.52 -22.58 -31.08
C GLU E 157 -18.33 -21.14 -30.61
N SER E 158 -19.43 -20.40 -30.62
CA SER E 158 -19.37 -18.96 -30.42
C SER E 158 -19.29 -18.61 -28.95
N GLU E 159 -18.56 -17.54 -28.65
CA GLU E 159 -18.45 -17.01 -27.29
C GLU E 159 -19.29 -15.77 -27.08
N ILE E 160 -19.91 -15.23 -28.13
CA ILE E 160 -20.84 -14.12 -27.93
C ILE E 160 -22.08 -14.63 -27.20
N ILE E 161 -22.43 -15.90 -27.40
CA ILE E 161 -23.41 -16.56 -26.57
C ILE E 161 -22.77 -16.89 -25.21
N SER E 162 -23.60 -16.91 -24.17
CA SER E 162 -23.14 -17.19 -22.82
C SER E 162 -22.24 -18.41 -22.78
N VAL E 163 -21.12 -18.29 -22.06
CA VAL E 163 -20.14 -19.36 -21.99
C VAL E 163 -20.71 -20.54 -21.22
N ALA E 164 -20.69 -21.72 -21.85
CA ALA E 164 -21.13 -22.92 -21.14
C ALA E 164 -20.04 -23.41 -20.19
N ASP E 165 -18.83 -23.62 -20.69
CA ASP E 165 -17.72 -24.09 -19.87
C ASP E 165 -16.60 -23.07 -19.95
N ASP E 166 -16.24 -22.48 -18.82
CA ASP E 166 -15.21 -21.45 -18.80
C ASP E 166 -13.83 -22.03 -19.02
N ASP E 167 -13.57 -23.22 -18.46
CA ASP E 167 -12.22 -23.77 -18.50
C ASP E 167 -11.94 -24.50 -19.80
N HIS E 168 -12.82 -25.42 -20.18
CA HIS E 168 -12.57 -26.30 -21.32
C HIS E 168 -13.47 -25.94 -22.49
N PHE E 169 -13.04 -26.39 -23.67
CA PHE E 169 -13.76 -26.18 -24.92
C PHE E 169 -14.27 -27.51 -25.44
N ILE E 170 -14.93 -27.48 -26.58
CA ILE E 170 -15.46 -28.68 -27.21
C ILE E 170 -14.32 -29.42 -27.90
N ASN E 171 -14.18 -30.71 -27.62
CA ASN E 171 -13.22 -31.56 -28.32
C ASN E 171 -13.80 -31.86 -29.70
N LYS E 172 -13.56 -30.93 -30.62
CA LYS E 172 -14.20 -30.94 -31.93
C LYS E 172 -13.74 -32.08 -32.83
N HIS E 173 -12.85 -32.96 -32.36
CA HIS E 173 -12.44 -34.09 -33.18
C HIS E 173 -13.50 -35.20 -33.20
N ASN E 174 -14.43 -35.19 -32.25
CA ASN E 174 -15.45 -36.22 -32.18
C ASN E 174 -16.60 -36.00 -33.15
N PHE E 175 -16.69 -34.82 -33.76
CA PHE E 175 -17.80 -34.48 -34.62
C PHE E 175 -17.42 -34.58 -36.09
N ARG E 176 -18.42 -34.75 -36.93
CA ARG E 176 -18.22 -34.83 -38.38
C ARG E 176 -18.35 -33.48 -39.07
N SER E 177 -19.13 -32.57 -38.51
CA SER E 177 -19.33 -31.27 -39.12
C SER E 177 -18.17 -30.33 -38.78
N PRO E 178 -17.80 -29.46 -39.71
CA PRO E 178 -16.70 -28.51 -39.42
C PRO E 178 -17.12 -27.49 -38.37
N PHE E 179 -16.14 -27.05 -37.60
CA PHE E 179 -16.37 -26.12 -36.50
C PHE E 179 -15.73 -24.77 -36.81
N ILE E 180 -16.28 -23.73 -36.19
CA ILE E 180 -15.76 -22.37 -36.29
C ILE E 180 -15.55 -21.84 -34.88
N CYS E 181 -14.33 -21.42 -34.58
CA CYS E 181 -13.97 -20.98 -33.24
C CYS E 181 -13.46 -19.55 -33.30
N GLY E 182 -13.79 -18.78 -32.26
CA GLY E 182 -13.29 -17.42 -32.17
C GLY E 182 -11.90 -17.37 -31.58
N CYS E 183 -11.16 -16.35 -31.99
CA CYS E 183 -9.78 -16.18 -31.53
C CYS E 183 -9.48 -14.70 -31.38
N ARG E 184 -8.54 -14.39 -30.50
CA ARG E 184 -8.07 -13.03 -30.31
C ARG E 184 -6.58 -12.85 -30.58
N ASP E 185 -5.81 -13.92 -30.68
CA ASP E 185 -4.39 -13.86 -31.03
C ASP E 185 -4.02 -15.17 -31.71
N THR E 186 -2.72 -15.37 -31.91
CA THR E 186 -2.27 -16.61 -32.54
C THR E 186 -2.36 -17.78 -31.58
N GLY E 187 -2.18 -17.54 -30.28
CA GLY E 187 -2.26 -18.60 -29.30
C GLY E 187 -3.62 -19.27 -29.28
N GLU E 188 -4.68 -18.48 -29.12
CA GLU E 188 -6.03 -19.03 -29.12
C GLU E 188 -6.37 -19.70 -30.44
N ALA E 189 -5.97 -19.08 -31.54
CA ALA E 189 -6.27 -19.66 -32.86
C ALA E 189 -5.62 -21.03 -33.02
N LEU E 190 -4.35 -21.13 -32.63
CA LEU E 190 -3.66 -22.41 -32.76
C LEU E 190 -4.21 -23.45 -31.79
N ARG E 191 -4.61 -23.03 -30.59
CA ARG E 191 -5.25 -23.96 -29.67
C ARG E 191 -6.54 -24.50 -30.27
N ARG E 192 -7.35 -23.63 -30.87
CA ARG E 192 -8.62 -24.08 -31.45
C ARG E 192 -8.38 -24.98 -32.66
N ILE E 193 -7.37 -24.69 -33.47
CA ILE E 193 -7.04 -25.56 -34.59
C ILE E 193 -6.57 -26.92 -34.08
N ARG E 194 -5.85 -26.93 -32.96
CA ARG E 194 -5.42 -28.18 -32.37
C ARG E 194 -6.60 -28.98 -31.84
N GLU E 195 -7.59 -28.30 -31.25
CA GLU E 195 -8.77 -28.99 -30.76
C GLU E 195 -9.61 -29.58 -31.89
N GLY E 196 -9.55 -28.99 -33.09
CA GLY E 196 -10.27 -29.54 -34.22
C GLY E 196 -11.09 -28.55 -35.01
N ALA E 197 -10.92 -27.26 -34.73
CA ALA E 197 -11.67 -26.23 -35.43
C ALA E 197 -11.19 -26.15 -36.89
N ALA E 198 -12.10 -26.40 -37.82
CA ALA E 198 -11.78 -26.36 -39.23
C ALA E 198 -11.83 -24.95 -39.82
N MET E 199 -12.14 -23.95 -39.00
CA MET E 199 -12.24 -22.57 -39.46
C MET E 199 -12.17 -21.66 -38.25
N ILE E 200 -11.48 -20.53 -38.40
CA ILE E 200 -11.20 -19.61 -37.30
C ILE E 200 -11.74 -18.25 -37.66
N ARG E 201 -12.41 -17.60 -36.69
CA ARG E 201 -12.88 -16.23 -36.85
C ARG E 201 -12.23 -15.36 -35.79
N ILE E 202 -11.64 -14.25 -36.24
CA ILE E 202 -11.04 -13.28 -35.33
C ILE E 202 -12.15 -12.45 -34.70
N GLN E 203 -12.29 -12.56 -33.38
CA GLN E 203 -13.37 -11.92 -32.65
C GLN E 203 -12.95 -10.52 -32.21
N GLY E 204 -13.90 -9.58 -32.29
CA GLY E 204 -13.67 -8.24 -31.79
C GLY E 204 -14.42 -7.98 -30.50
N ASP E 205 -15.53 -7.24 -30.61
CA ASP E 205 -16.39 -6.97 -29.45
C ASP E 205 -17.84 -7.06 -29.93
N LEU E 206 -18.44 -8.24 -29.79
CA LEU E 206 -19.81 -8.43 -30.22
C LEU E 206 -20.78 -8.10 -29.09
N THR E 207 -22.01 -7.76 -29.49
CA THR E 207 -23.12 -7.52 -28.58
C THR E 207 -22.84 -6.28 -27.72
N ALA E 208 -21.71 -5.62 -27.97
CA ALA E 208 -21.35 -4.42 -27.22
C ALA E 208 -21.65 -3.16 -28.01
N THR E 209 -21.21 -3.10 -29.26
CA THR E 209 -21.41 -1.94 -30.12
C THR E 209 -21.08 -2.35 -31.55
N GLY E 210 -21.09 -1.39 -32.45
CA GLY E 210 -20.67 -1.59 -33.82
C GLY E 210 -19.27 -1.10 -34.12
N ASN E 211 -18.45 -0.88 -33.10
CA ASN E 211 -17.09 -0.38 -33.30
C ASN E 211 -16.21 -1.45 -33.92
N ILE E 212 -15.19 -1.00 -34.66
CA ILE E 212 -14.28 -1.89 -35.37
C ILE E 212 -12.90 -1.95 -34.74
N ALA E 213 -12.68 -1.24 -33.62
CA ALA E 213 -11.34 -1.12 -33.07
C ALA E 213 -10.80 -2.46 -32.59
N GLU E 214 -11.59 -3.20 -31.81
CA GLU E 214 -11.11 -4.46 -31.27
C GLU E 214 -10.89 -5.49 -32.35
N THR E 215 -11.78 -5.53 -33.35
CA THR E 215 -11.63 -6.49 -34.44
C THR E 215 -10.36 -6.24 -35.22
N VAL E 216 -10.13 -4.99 -35.63
CA VAL E 216 -8.92 -4.68 -36.39
C VAL E 216 -7.68 -4.88 -35.54
N LYS E 217 -7.78 -4.61 -34.23
CA LYS E 217 -6.65 -4.84 -33.34
C LYS E 217 -6.28 -6.31 -33.28
N ASN E 218 -7.27 -7.19 -33.13
CA ASN E 218 -6.98 -8.62 -33.06
C ASN E 218 -6.49 -9.15 -34.40
N VAL E 219 -7.07 -8.68 -35.50
CA VAL E 219 -6.58 -9.08 -36.82
C VAL E 219 -5.13 -8.68 -37.00
N ARG E 220 -4.79 -7.44 -36.66
CA ARG E 220 -3.42 -6.98 -36.80
C ARG E 220 -2.48 -7.78 -35.89
N SER E 221 -2.91 -8.09 -34.67
CA SER E 221 -2.08 -8.87 -33.77
C SER E 221 -1.80 -10.26 -34.35
N LEU E 222 -2.84 -10.92 -34.86
CA LEU E 222 -2.65 -12.26 -35.42
C LEU E 222 -1.72 -12.22 -36.63
N MET E 223 -1.98 -11.30 -37.56
CA MET E 223 -1.17 -11.24 -38.78
C MET E 223 0.27 -10.86 -38.45
N GLY E 224 0.47 -9.98 -37.47
CA GLY E 224 1.82 -9.61 -37.09
C GLY E 224 2.58 -10.74 -36.44
N GLU E 225 1.90 -11.51 -35.59
CA GLU E 225 2.56 -12.67 -34.98
C GLU E 225 2.87 -13.73 -36.03
N VAL E 226 2.01 -13.89 -37.03
CA VAL E 226 2.28 -14.85 -38.09
C VAL E 226 3.46 -14.39 -38.94
N ARG E 227 3.55 -13.09 -39.22
CA ARG E 227 4.70 -12.57 -39.95
C ARG E 227 5.98 -12.68 -39.14
N VAL E 228 5.89 -12.56 -37.81
CA VAL E 228 7.05 -12.77 -36.96
C VAL E 228 7.50 -14.22 -37.04
N LEU E 229 6.55 -15.15 -36.99
CA LEU E 229 6.86 -16.56 -37.14
C LEU E 229 7.55 -16.85 -38.46
N ASN E 230 7.01 -16.33 -39.56
CA ASN E 230 7.50 -16.68 -40.88
C ASN E 230 8.96 -16.28 -41.09
N ASN E 231 9.50 -15.40 -40.26
CA ASN E 231 10.87 -14.94 -40.39
C ASN E 231 11.76 -15.29 -39.20
N MET E 232 11.18 -15.80 -38.12
CA MET E 232 11.93 -16.07 -36.91
C MET E 232 12.97 -17.17 -37.14
N ASP E 233 13.97 -17.19 -36.26
CA ASP E 233 14.96 -18.26 -36.29
C ASP E 233 14.34 -19.54 -35.72
N ASP E 234 14.78 -20.67 -36.26
CA ASP E 234 14.22 -21.95 -35.82
C ASP E 234 14.48 -22.21 -34.34
N ASP E 235 15.71 -21.99 -33.88
CA ASP E 235 16.07 -22.30 -32.50
C ASP E 235 15.24 -21.52 -31.48
N GLU E 236 14.63 -20.40 -31.88
CA GLU E 236 13.79 -19.62 -31.00
C GLU E 236 12.33 -20.04 -31.05
N VAL E 237 11.92 -20.74 -32.11
CA VAL E 237 10.50 -21.03 -32.33
C VAL E 237 9.90 -21.70 -31.10
N PHE E 238 10.61 -22.68 -30.53
CA PHE E 238 10.11 -23.36 -29.33
C PHE E 238 9.72 -22.36 -28.26
N THR E 239 10.64 -21.45 -27.92
CA THR E 239 10.34 -20.46 -26.89
C THR E 239 9.13 -19.64 -27.26
N PHE E 240 9.00 -19.29 -28.55
CA PHE E 240 7.84 -18.54 -29.01
C PHE E 240 6.55 -19.27 -28.67
N ALA E 241 6.54 -20.59 -28.85
CA ALA E 241 5.36 -21.37 -28.46
C ALA E 241 5.06 -21.16 -26.98
N LYS E 242 6.09 -21.23 -26.13
CA LYS E 242 5.91 -20.95 -24.72
C LYS E 242 5.29 -19.57 -24.50
N LYS E 243 5.67 -18.60 -25.32
CA LYS E 243 5.15 -17.25 -25.13
C LYS E 243 3.68 -17.17 -25.52
N ILE E 244 3.23 -18.06 -26.41
CA ILE E 244 1.85 -18.02 -26.86
C ILE E 244 1.03 -19.23 -26.41
N SER E 245 1.67 -20.21 -25.76
CA SER E 245 1.01 -21.42 -25.26
C SER E 245 0.20 -22.09 -26.37
N ALA E 246 0.91 -22.50 -27.41
CA ALA E 246 0.33 -23.18 -28.56
C ALA E 246 1.13 -24.41 -28.88
N PRO E 247 0.52 -25.43 -29.47
CA PRO E 247 1.28 -26.64 -29.84
C PRO E 247 2.40 -26.31 -30.81
N TYR E 248 3.57 -26.87 -30.56
CA TYR E 248 4.73 -26.57 -31.39
C TYR E 248 4.54 -27.08 -32.82
N ASP E 249 3.83 -28.18 -33.00
CA ASP E 249 3.61 -28.71 -34.34
C ASP E 249 2.83 -27.72 -35.19
N LEU E 250 1.75 -27.18 -34.64
CA LEU E 250 0.98 -26.18 -35.38
C LEU E 250 1.76 -24.89 -35.58
N VAL E 251 2.59 -24.52 -34.61
CA VAL E 251 3.42 -23.33 -34.75
C VAL E 251 4.38 -23.49 -35.93
N ALA E 252 5.05 -24.64 -35.99
CA ALA E 252 5.95 -24.91 -37.10
C ALA E 252 5.20 -24.99 -38.41
N GLN E 253 3.97 -25.50 -38.39
CA GLN E 253 3.19 -25.58 -39.62
C GLN E 253 2.84 -24.18 -40.13
N THR E 254 2.44 -23.27 -39.24
CA THR E 254 2.16 -21.90 -39.67
C THR E 254 3.43 -21.22 -40.15
N LYS E 255 4.55 -21.44 -39.46
CA LYS E 255 5.80 -20.85 -39.89
C LYS E 255 6.19 -21.33 -41.29
N GLN E 256 5.98 -22.61 -41.57
CA GLN E 256 6.31 -23.15 -42.89
C GLN E 256 5.33 -22.68 -43.95
N MET E 257 4.08 -22.43 -43.56
CA MET E 257 3.04 -22.08 -44.52
C MET E 257 2.85 -20.57 -44.68
N GLY E 258 3.26 -19.78 -43.71
CA GLY E 258 3.05 -18.34 -43.76
C GLY E 258 1.69 -17.89 -43.30
N ARG E 259 0.79 -18.82 -42.97
CA ARG E 259 -0.53 -18.49 -42.44
C ARG E 259 -0.95 -19.62 -41.52
N VAL E 260 -1.99 -19.37 -40.73
CA VAL E 260 -2.58 -20.47 -39.95
C VAL E 260 -3.22 -21.46 -40.91
N PRO E 261 -3.15 -22.76 -40.66
CA PRO E 261 -3.63 -23.72 -41.66
C PRO E 261 -5.15 -23.87 -41.64
N VAL E 262 -5.86 -22.74 -41.56
CA VAL E 262 -7.32 -22.72 -41.60
C VAL E 262 -7.74 -21.46 -42.34
N VAL E 263 -9.05 -21.27 -42.47
CA VAL E 263 -9.60 -20.07 -43.08
C VAL E 263 -9.89 -19.06 -41.99
N GLN E 264 -9.42 -17.82 -42.19
CA GLN E 264 -9.60 -16.76 -41.21
C GLN E 264 -10.71 -15.82 -41.66
N PHE E 265 -11.73 -15.70 -40.82
CA PHE E 265 -12.80 -14.73 -41.03
C PHE E 265 -12.69 -13.66 -39.95
N ALA E 266 -13.46 -12.59 -40.09
CA ALA E 266 -13.47 -11.53 -39.09
C ALA E 266 -14.88 -11.36 -38.53
N SER E 267 -14.96 -10.88 -37.29
CA SER E 267 -16.26 -10.66 -36.68
C SER E 267 -16.19 -9.46 -35.75
N GLY E 268 -17.30 -8.74 -35.65
CA GLY E 268 -17.41 -7.64 -34.71
C GLY E 268 -17.28 -6.27 -35.34
N GLY E 269 -18.40 -5.54 -35.39
CA GLY E 269 -18.39 -4.17 -35.84
C GLY E 269 -18.42 -3.96 -37.34
N ILE E 270 -18.38 -5.03 -38.13
CA ILE E 270 -18.41 -4.88 -39.58
C ILE E 270 -19.83 -4.50 -39.98
N THR E 271 -20.06 -3.22 -40.23
CA THR E 271 -21.38 -2.71 -40.61
C THR E 271 -21.38 -2.04 -41.97
N THR E 272 -20.35 -1.30 -42.30
CA THR E 272 -20.27 -0.62 -43.59
C THR E 272 -19.34 -1.37 -44.53
N PRO E 273 -19.50 -1.18 -45.83
CA PRO E 273 -18.58 -1.82 -46.78
C PRO E 273 -17.12 -1.46 -46.54
N ALA E 274 -16.86 -0.27 -46.00
CA ALA E 274 -15.49 0.10 -45.66
C ALA E 274 -14.90 -0.86 -44.64
N ASP E 275 -15.68 -1.26 -43.64
CA ASP E 275 -15.17 -2.17 -42.61
C ASP E 275 -14.87 -3.54 -43.20
N ALA E 276 -15.75 -4.06 -44.06
CA ALA E 276 -15.52 -5.35 -44.67
C ALA E 276 -14.30 -5.32 -45.58
N ALA E 277 -14.15 -4.26 -46.37
CA ALA E 277 -12.99 -4.16 -47.23
C ALA E 277 -11.71 -3.99 -46.43
N LEU E 278 -11.79 -3.30 -45.29
CA LEU E 278 -10.63 -3.19 -44.42
C LEU E 278 -10.23 -4.54 -43.85
N MET E 279 -11.20 -5.33 -43.40
CA MET E 279 -10.91 -6.66 -42.90
C MET E 279 -10.31 -7.54 -43.98
N MET E 280 -10.84 -7.46 -45.20
CA MET E 280 -10.32 -8.29 -46.27
C MET E 280 -8.95 -7.82 -46.76
N GLN E 281 -8.63 -6.53 -46.55
CA GLN E 281 -7.33 -6.03 -47.00
C GLN E 281 -6.24 -6.31 -45.98
N LEU E 282 -6.61 -6.59 -44.72
CA LEU E 282 -5.62 -6.93 -43.71
C LEU E 282 -5.16 -8.37 -43.79
N GLY E 283 -5.75 -9.18 -44.66
CA GLY E 283 -5.36 -10.57 -44.82
C GLY E 283 -6.45 -11.58 -44.53
N CYS E 284 -7.57 -11.18 -43.96
CA CYS E 284 -8.65 -12.11 -43.67
C CYS E 284 -9.25 -12.65 -44.96
N ASP E 285 -10.04 -13.71 -44.82
CA ASP E 285 -10.68 -14.35 -45.95
C ASP E 285 -12.18 -14.09 -46.00
N GLY E 286 -12.75 -13.43 -44.99
CA GLY E 286 -14.16 -13.15 -44.99
C GLY E 286 -14.53 -12.30 -43.80
N VAL E 287 -15.84 -12.05 -43.66
CA VAL E 287 -16.35 -11.23 -42.58
C VAL E 287 -17.62 -11.85 -42.01
N PHE E 288 -17.92 -11.51 -40.76
CA PHE E 288 -19.14 -11.93 -40.08
C PHE E 288 -19.97 -10.68 -39.83
N VAL E 289 -20.89 -10.37 -40.74
CA VAL E 289 -21.77 -9.24 -40.55
C VAL E 289 -22.90 -9.63 -39.61
N GLY E 290 -23.08 -8.86 -38.54
CA GLY E 290 -24.06 -9.19 -37.53
C GLY E 290 -25.48 -8.99 -38.02
N SER E 291 -26.41 -9.14 -37.07
CA SER E 291 -27.84 -8.98 -37.36
C SER E 291 -28.27 -7.52 -37.39
N GLU E 292 -27.41 -6.59 -36.96
CA GLU E 292 -27.78 -5.18 -36.95
C GLU E 292 -27.93 -4.60 -38.36
N VAL E 293 -27.61 -5.37 -39.40
CA VAL E 293 -27.75 -4.87 -40.76
C VAL E 293 -29.21 -4.83 -41.17
N PHE E 294 -30.04 -5.69 -40.58
CA PHE E 294 -31.41 -5.84 -41.03
C PHE E 294 -32.37 -4.81 -40.44
N ASP E 295 -32.05 -4.21 -39.30
CA ASP E 295 -32.92 -3.20 -38.72
C ASP E 295 -32.58 -1.79 -39.20
N GLY E 296 -31.72 -1.66 -40.21
CA GLY E 296 -31.40 -0.38 -40.78
C GLY E 296 -32.49 0.12 -41.71
N PRO E 297 -32.21 1.18 -42.45
CA PRO E 297 -33.20 1.72 -43.38
C PRO E 297 -33.52 0.75 -44.52
N ASP E 298 -32.48 0.19 -45.15
CA ASP E 298 -32.64 -0.79 -46.22
C ASP E 298 -31.67 -1.94 -45.96
N PRO E 299 -32.17 -3.09 -45.50
CA PRO E 299 -31.28 -4.20 -45.16
C PRO E 299 -30.53 -4.79 -46.35
N PHE E 300 -31.27 -5.17 -47.38
CA PHE E 300 -30.65 -5.88 -48.49
C PHE E 300 -29.72 -4.99 -49.30
N LYS E 301 -29.97 -3.68 -49.34
CA LYS E 301 -29.03 -2.77 -49.99
C LYS E 301 -27.68 -2.80 -49.29
N LYS E 302 -27.69 -2.67 -47.96
CA LYS E 302 -26.44 -2.74 -47.20
C LYS E 302 -25.79 -4.10 -47.34
N LEU E 303 -26.60 -5.17 -47.40
CA LEU E 303 -26.04 -6.51 -47.54
C LEU E 303 -25.34 -6.66 -48.88
N ARG E 304 -25.98 -6.24 -49.96
CA ARG E 304 -25.35 -6.30 -51.28
C ARG E 304 -24.11 -5.43 -51.33
N SER E 305 -24.14 -4.27 -50.66
CA SER E 305 -22.97 -3.40 -50.62
C SER E 305 -21.80 -4.09 -49.92
N ILE E 306 -22.07 -4.73 -48.79
CA ILE E 306 -20.99 -5.41 -48.06
C ILE E 306 -20.48 -6.59 -48.85
N VAL E 307 -21.36 -7.33 -49.51
CA VAL E 307 -20.94 -8.47 -50.32
C VAL E 307 -20.04 -8.01 -51.46
N GLN E 308 -20.45 -6.96 -52.16
CA GLN E 308 -19.63 -6.44 -53.26
C GLN E 308 -18.32 -5.86 -52.75
N ALA E 309 -18.32 -5.32 -51.53
CA ALA E 309 -17.07 -4.85 -50.95
C ALA E 309 -16.11 -6.01 -50.68
N VAL E 310 -16.64 -7.10 -50.14
CA VAL E 310 -15.80 -8.27 -49.88
C VAL E 310 -15.29 -8.85 -51.20
N GLN E 311 -16.13 -8.88 -52.23
CA GLN E 311 -15.71 -9.41 -53.52
C GLN E 311 -14.66 -8.51 -54.17
N HIS E 312 -14.77 -7.20 -54.00
CA HIS E 312 -13.88 -6.25 -54.65
C HIS E 312 -13.13 -5.41 -53.63
N TYR E 313 -12.55 -6.05 -52.63
CA TYR E 313 -11.86 -5.35 -51.55
C TYR E 313 -10.65 -4.54 -52.04
N ASN E 314 -10.25 -4.68 -53.30
CA ASN E 314 -9.12 -3.93 -53.82
C ASN E 314 -9.52 -2.73 -54.66
N ASP E 315 -10.76 -2.69 -55.15
CA ASP E 315 -11.19 -1.60 -56.02
C ASP E 315 -11.86 -0.52 -55.19
N PRO E 316 -11.28 0.68 -55.09
CA PRO E 316 -11.92 1.74 -54.32
C PRO E 316 -13.15 2.33 -55.00
N HIS E 317 -13.23 2.30 -56.33
CA HIS E 317 -14.37 2.92 -57.01
C HIS E 317 -15.65 2.15 -56.77
N VAL E 318 -15.61 0.82 -56.86
CA VAL E 318 -16.80 0.02 -56.53
C VAL E 318 -17.18 0.22 -55.07
N LEU E 319 -16.19 0.32 -54.18
CA LEU E 319 -16.47 0.60 -52.77
C LEU E 319 -17.23 1.91 -52.62
N ALA E 320 -16.79 2.96 -53.33
CA ALA E 320 -17.47 4.24 -53.26
C ALA E 320 -18.86 4.17 -53.86
N GLU E 321 -19.05 3.35 -54.90
CA GLU E 321 -20.37 3.25 -55.51
C GLU E 321 -21.37 2.55 -54.60
N MET E 322 -20.98 1.40 -54.04
CA MET E 322 -21.89 0.66 -53.17
C MET E 322 -22.07 1.30 -51.81
N SER E 323 -21.12 2.12 -51.34
CA SER E 323 -21.26 2.77 -50.05
C SER E 323 -22.00 4.09 -50.18
N PRO F 64 -27.79 -47.17 9.98
CA PRO F 64 -28.53 -47.58 8.78
C PRO F 64 -28.26 -46.66 7.59
N PHE F 65 -26.98 -46.41 7.32
CA PHE F 65 -26.64 -45.57 6.17
C PHE F 65 -26.79 -46.31 4.85
N SER F 66 -26.57 -47.63 4.87
CA SER F 66 -26.63 -48.41 3.63
C SER F 66 -28.06 -48.46 3.10
N VAL F 67 -29.04 -48.62 3.98
CA VAL F 67 -30.43 -48.65 3.52
C VAL F 67 -30.84 -47.28 3.02
N LYS F 68 -30.29 -46.20 3.60
CA LYS F 68 -30.60 -44.87 3.11
C LYS F 68 -30.00 -44.64 1.73
N VAL F 69 -28.78 -45.12 1.50
CA VAL F 69 -28.17 -45.02 0.18
C VAL F 69 -28.96 -45.84 -0.84
N GLY F 70 -29.42 -47.02 -0.44
CA GLY F 70 -30.26 -47.82 -1.33
C GLY F 70 -31.57 -47.14 -1.66
N LEU F 71 -32.16 -46.47 -0.67
CA LEU F 71 -33.39 -45.72 -0.91
C LEU F 71 -33.14 -44.55 -1.84
N ALA F 72 -31.98 -43.90 -1.72
CA ALA F 72 -31.69 -42.74 -2.55
C ALA F 72 -31.36 -43.14 -3.98
N GLN F 73 -30.72 -44.29 -4.17
CA GLN F 73 -30.23 -44.67 -5.49
C GLN F 73 -31.32 -45.20 -6.42
N VAL F 74 -32.60 -45.10 -6.02
CA VAL F 74 -33.66 -45.43 -6.95
C VAL F 74 -33.89 -44.28 -7.93
N LEU F 75 -33.44 -43.07 -7.57
CA LEU F 75 -33.61 -41.89 -8.40
C LEU F 75 -32.58 -41.81 -9.52
N ARG F 76 -31.70 -42.80 -9.65
CA ARG F 76 -30.66 -42.74 -10.67
C ARG F 76 -31.28 -42.68 -12.06
N GLY F 77 -30.66 -41.88 -12.92
CA GLY F 77 -31.15 -41.71 -14.28
C GLY F 77 -32.51 -41.06 -14.37
N GLY F 78 -32.79 -40.06 -13.52
CA GLY F 78 -34.06 -39.38 -13.54
C GLY F 78 -33.89 -37.90 -13.31
N ALA F 79 -35.00 -37.18 -13.48
CA ALA F 79 -35.03 -35.73 -13.29
C ALA F 79 -35.91 -35.39 -12.10
N ILE F 80 -35.48 -34.42 -11.31
CA ILE F 80 -36.21 -33.96 -10.13
C ILE F 80 -36.74 -32.58 -10.42
N VAL F 81 -38.07 -32.45 -10.46
CA VAL F 81 -38.73 -31.21 -10.84
C VAL F 81 -39.18 -30.48 -9.58
N GLU F 82 -38.81 -29.22 -9.45
CA GLU F 82 -39.22 -28.40 -8.32
C GLU F 82 -40.61 -27.84 -8.59
N VAL F 83 -41.59 -28.31 -7.84
CA VAL F 83 -42.98 -27.92 -8.04
C VAL F 83 -43.39 -26.94 -6.94
N SER F 84 -44.46 -26.20 -7.22
CA SER F 84 -44.96 -25.18 -6.31
C SER F 84 -46.43 -25.33 -5.96
N SER F 85 -47.11 -26.34 -6.50
CA SER F 85 -48.53 -26.53 -6.23
C SER F 85 -48.89 -27.97 -6.59
N VAL F 86 -50.17 -28.30 -6.37
CA VAL F 86 -50.66 -29.63 -6.70
C VAL F 86 -50.65 -29.83 -8.21
N ASN F 87 -50.99 -28.80 -8.97
CA ASN F 87 -51.07 -28.93 -10.42
C ASN F 87 -49.69 -29.08 -11.05
N GLN F 88 -48.72 -28.29 -10.58
CA GLN F 88 -47.36 -28.44 -11.08
C GLN F 88 -46.79 -29.80 -10.71
N ALA F 89 -47.13 -30.31 -9.52
CA ALA F 89 -46.69 -31.65 -9.14
C ALA F 89 -47.30 -32.71 -10.04
N LYS F 90 -48.58 -32.56 -10.37
CA LYS F 90 -49.23 -33.52 -11.27
C LYS F 90 -48.60 -33.46 -12.66
N LEU F 91 -48.30 -32.26 -13.14
CA LEU F 91 -47.61 -32.14 -14.44
C LEU F 91 -46.25 -32.81 -14.40
N ALA F 92 -45.47 -32.56 -13.35
CA ALA F 92 -44.14 -33.16 -13.24
C ALA F 92 -44.22 -34.68 -13.14
N GLU F 93 -45.26 -35.20 -12.50
CA GLU F 93 -45.44 -36.65 -12.46
C GLU F 93 -45.81 -37.19 -13.84
N SER F 94 -46.70 -36.50 -14.55
CA SER F 94 -47.11 -36.96 -15.87
C SER F 94 -45.96 -36.88 -16.87
N ALA F 95 -45.02 -35.96 -16.67
CA ALA F 95 -43.86 -35.89 -17.55
C ALA F 95 -42.95 -37.10 -17.39
N GLY F 96 -42.78 -37.59 -16.17
CA GLY F 96 -41.95 -38.74 -15.93
C GLY F 96 -40.82 -38.47 -14.96
N ALA F 97 -40.97 -37.42 -14.14
CA ALA F 97 -39.95 -37.10 -13.15
C ALA F 97 -39.87 -38.21 -12.11
N CYS F 98 -38.66 -38.39 -11.56
CA CYS F 98 -38.45 -39.41 -10.54
C CYS F 98 -38.90 -38.95 -9.16
N SER F 99 -39.00 -37.65 -8.95
CA SER F 99 -39.47 -37.10 -7.68
C SER F 99 -39.79 -35.62 -7.89
N VAL F 100 -40.37 -35.01 -6.87
CA VAL F 100 -40.74 -33.60 -6.90
C VAL F 100 -40.32 -32.96 -5.59
N ILE F 101 -39.51 -31.91 -5.67
CA ILE F 101 -39.08 -31.15 -4.51
C ILE F 101 -39.97 -29.92 -4.37
N VAL F 102 -40.58 -29.77 -3.20
CA VAL F 102 -41.66 -28.80 -3.00
C VAL F 102 -41.10 -27.45 -2.59
N SER F 103 -41.55 -26.41 -3.28
CA SER F 103 -41.25 -25.02 -2.90
C SER F 103 -42.58 -24.27 -2.87
N ASP F 104 -42.95 -23.75 -1.71
CA ASP F 104 -44.29 -23.19 -1.52
C ASP F 104 -44.60 -21.92 -2.31
N PRO F 105 -43.75 -20.90 -2.33
CA PRO F 105 -44.21 -19.59 -2.80
C PRO F 105 -44.25 -19.52 -4.33
N VAL F 106 -44.96 -18.50 -4.81
CA VAL F 106 -44.89 -18.16 -6.23
C VAL F 106 -43.51 -17.61 -6.56
N ARG F 107 -42.93 -16.85 -5.63
CA ARG F 107 -41.58 -16.30 -5.74
C ARG F 107 -41.20 -15.74 -4.38
N SER F 108 -39.91 -15.49 -4.18
CA SER F 108 -39.41 -14.85 -2.97
C SER F 108 -38.93 -13.45 -3.35
N ARG F 109 -39.68 -12.44 -2.94
CA ARG F 109 -39.46 -11.06 -3.35
C ARG F 109 -38.46 -10.43 -2.38
N GLY F 110 -37.19 -10.77 -2.54
CA GLY F 110 -36.12 -10.23 -1.73
C GLY F 110 -36.31 -10.48 -0.24
N GLY F 111 -36.99 -11.56 0.10
CA GLY F 111 -37.26 -11.91 1.48
C GLY F 111 -36.49 -13.15 1.91
N VAL F 112 -36.77 -13.58 3.13
CA VAL F 112 -36.14 -14.78 3.70
C VAL F 112 -36.99 -15.99 3.32
N ARG F 113 -36.33 -17.02 2.81
CA ARG F 113 -37.01 -18.26 2.48
C ARG F 113 -36.77 -19.29 3.57
N ARG F 114 -37.62 -20.31 3.60
CA ARG F 114 -37.56 -21.34 4.64
C ARG F 114 -38.32 -22.56 4.16
N MET F 115 -38.53 -23.50 5.07
CA MET F 115 -39.23 -24.73 4.75
C MET F 115 -40.65 -24.42 4.29
N PRO F 116 -41.14 -25.08 3.24
CA PRO F 116 -42.51 -24.83 2.78
C PRO F 116 -43.54 -25.20 3.85
N ASP F 117 -44.74 -24.65 3.67
CA ASP F 117 -45.78 -24.84 4.66
C ASP F 117 -46.21 -26.31 4.67
N PRO F 118 -46.45 -26.89 5.85
CA PRO F 118 -46.75 -28.33 5.91
C PRO F 118 -47.98 -28.75 5.13
N VAL F 119 -49.06 -27.97 5.11
CA VAL F 119 -50.27 -28.44 4.46
C VAL F 119 -50.06 -28.54 2.95
N LEU F 120 -49.22 -27.67 2.38
CA LEU F 120 -48.92 -27.77 0.96
C LEU F 120 -48.13 -29.05 0.67
N ILE F 121 -47.19 -29.40 1.55
CA ILE F 121 -46.43 -30.63 1.38
C ILE F 121 -47.35 -31.84 1.47
N LYS F 122 -48.28 -31.83 2.42
CA LYS F 122 -49.22 -32.95 2.52
C LYS F 122 -50.13 -33.03 1.31
N GLU F 123 -50.57 -31.89 0.78
CA GLU F 123 -51.39 -31.90 -0.43
C GLU F 123 -50.62 -32.47 -1.61
N VAL F 124 -49.37 -32.05 -1.78
CA VAL F 124 -48.53 -32.57 -2.86
C VAL F 124 -48.34 -34.06 -2.71
N LYS F 125 -47.99 -34.51 -1.49
CA LYS F 125 -47.76 -35.92 -1.26
C LYS F 125 -49.01 -36.75 -1.51
N ARG F 126 -50.18 -36.19 -1.21
CA ARG F 126 -51.43 -36.89 -1.50
C ARG F 126 -51.72 -36.91 -3.00
N ALA F 127 -51.28 -35.88 -3.72
CA ALA F 127 -51.57 -35.79 -5.15
C ALA F 127 -50.76 -36.80 -5.96
N VAL F 128 -49.45 -36.71 -5.91
CA VAL F 128 -48.58 -37.53 -6.75
C VAL F 128 -48.21 -38.80 -6.00
N SER F 129 -47.80 -39.82 -6.76
CA SER F 129 -47.36 -41.08 -6.18
C SER F 129 -45.84 -41.22 -6.15
N VAL F 130 -45.12 -40.40 -6.91
CA VAL F 130 -43.66 -40.43 -6.93
C VAL F 130 -43.13 -39.98 -5.58
N PRO F 131 -41.88 -40.28 -5.23
CA PRO F 131 -41.31 -39.73 -4.00
C PRO F 131 -41.37 -38.21 -3.99
N VAL F 132 -41.65 -37.65 -2.82
CA VAL F 132 -41.79 -36.21 -2.64
C VAL F 132 -40.65 -35.72 -1.75
N MET F 133 -39.91 -34.74 -2.24
CA MET F 133 -38.82 -34.13 -1.48
C MET F 133 -39.33 -32.91 -0.74
N ALA F 134 -38.43 -32.28 0.00
CA ALA F 134 -38.73 -31.05 0.73
C ALA F 134 -37.43 -30.37 1.07
N ARG F 135 -37.52 -29.07 1.31
CA ARG F 135 -36.34 -28.25 1.57
C ARG F 135 -36.30 -27.85 3.04
N ALA F 136 -35.10 -27.90 3.61
CA ALA F 136 -34.85 -27.46 4.97
C ALA F 136 -33.60 -26.58 4.97
N ARG F 137 -33.67 -25.48 5.70
CA ARG F 137 -32.54 -24.56 5.75
C ARG F 137 -31.31 -25.27 6.29
N VAL F 138 -30.16 -24.99 5.66
CA VAL F 138 -28.93 -25.66 6.05
C VAL F 138 -28.56 -25.28 7.48
N GLY F 139 -28.45 -26.30 8.34
CA GLY F 139 -28.20 -26.09 9.75
C GLY F 139 -29.45 -26.05 10.60
N HIS F 140 -30.63 -26.03 10.00
CA HIS F 140 -31.89 -25.98 10.73
C HIS F 140 -32.41 -27.40 10.91
N PHE F 141 -31.99 -28.06 11.99
CA PHE F 141 -32.40 -29.44 12.20
C PHE F 141 -33.84 -29.55 12.68
N VAL F 142 -34.42 -28.48 13.21
CA VAL F 142 -35.82 -28.56 13.63
C VAL F 142 -36.75 -28.58 12.43
N GLU F 143 -36.40 -27.83 11.38
CA GLU F 143 -37.15 -27.94 10.14
C GLU F 143 -37.04 -29.34 9.56
N ALA F 144 -35.87 -29.96 9.69
CA ALA F 144 -35.71 -31.35 9.24
C ALA F 144 -36.56 -32.29 10.07
N GLN F 145 -36.68 -32.03 11.38
CA GLN F 145 -37.54 -32.85 12.23
C GLN F 145 -38.98 -32.72 11.81
N ILE F 146 -39.43 -31.49 11.55
CA ILE F 146 -40.81 -31.27 11.12
C ILE F 146 -41.06 -31.94 9.77
N LEU F 147 -40.06 -31.92 8.88
CA LEU F 147 -40.23 -32.58 7.59
C LEU F 147 -40.31 -34.09 7.74
N GLU F 148 -39.47 -34.65 8.60
CA GLU F 148 -39.51 -36.09 8.83
C GLU F 148 -40.81 -36.51 9.49
N SER F 149 -41.41 -35.65 10.30
CA SER F 149 -42.70 -35.98 10.90
C SER F 149 -43.80 -36.03 9.85
N LEU F 150 -43.71 -35.21 8.81
CA LEU F 150 -44.64 -35.29 7.69
C LEU F 150 -44.37 -36.50 6.80
N ALA F 151 -43.33 -37.27 7.09
CA ALA F 151 -42.99 -38.50 6.37
C ALA F 151 -42.67 -38.22 4.90
N VAL F 152 -41.97 -37.12 4.65
CA VAL F 152 -41.49 -36.87 3.30
C VAL F 152 -40.45 -37.92 2.93
N ASP F 153 -40.42 -38.27 1.64
CA ASP F 153 -39.53 -39.33 1.19
C ASP F 153 -38.06 -38.90 1.26
N TYR F 154 -37.77 -37.66 0.94
CA TYR F 154 -36.41 -37.15 0.98
C TYR F 154 -36.40 -35.73 1.51
N ILE F 155 -35.31 -35.35 2.17
CA ILE F 155 -35.13 -34.01 2.70
C ILE F 155 -33.91 -33.40 2.03
N ASP F 156 -34.05 -32.17 1.55
CA ASP F 156 -32.98 -31.47 0.85
C ASP F 156 -32.48 -30.36 1.76
N GLU F 157 -31.28 -30.54 2.33
CA GLU F 157 -30.63 -29.50 3.13
C GLU F 157 -30.09 -28.45 2.16
N SER F 158 -31.01 -27.68 1.59
CA SER F 158 -30.69 -26.80 0.49
C SER F 158 -30.08 -25.50 0.99
N GLU F 159 -29.15 -24.96 0.22
CA GLU F 159 -28.53 -23.68 0.50
C GLU F 159 -29.07 -22.56 -0.38
N ILE F 160 -29.90 -22.88 -1.37
CA ILE F 160 -30.54 -21.82 -2.13
C ILE F 160 -31.54 -21.09 -1.25
N ILE F 161 -32.12 -21.78 -0.29
CA ILE F 161 -32.87 -21.14 0.78
C ILE F 161 -31.89 -20.48 1.76
N SER F 162 -32.33 -19.40 2.38
CA SER F 162 -31.50 -18.64 3.32
C SER F 162 -30.83 -19.57 4.32
N VAL F 163 -29.53 -19.34 4.54
CA VAL F 163 -28.75 -20.19 5.43
C VAL F 163 -29.21 -20.01 6.87
N ALA F 164 -29.57 -21.11 7.52
CA ALA F 164 -29.93 -21.05 8.92
C ALA F 164 -28.68 -20.94 9.80
N ASP F 165 -27.74 -21.86 9.64
CA ASP F 165 -26.50 -21.87 10.42
C ASP F 165 -25.33 -21.79 9.45
N ASP F 166 -24.55 -20.71 9.56
CA ASP F 166 -23.43 -20.52 8.64
C ASP F 166 -22.28 -21.48 8.94
N ASP F 167 -22.03 -21.75 10.22
CA ASP F 167 -20.88 -22.55 10.60
C ASP F 167 -21.13 -24.04 10.49
N HIS F 168 -22.21 -24.51 11.10
CA HIS F 168 -22.47 -25.94 11.21
C HIS F 168 -23.65 -26.35 10.33
N PHE F 169 -23.69 -27.65 10.04
CA PHE F 169 -24.73 -28.26 9.22
C PHE F 169 -25.57 -29.18 10.10
N ILE F 170 -26.55 -29.83 9.48
CA ILE F 170 -27.42 -30.76 10.18
C ILE F 170 -26.69 -32.08 10.37
N ASN F 171 -26.66 -32.58 11.60
CA ASN F 171 -26.11 -33.91 11.87
C ASN F 171 -27.14 -34.93 11.41
N LYS F 172 -27.07 -35.25 10.11
CA LYS F 172 -28.09 -36.05 9.46
C LYS F 172 -28.12 -37.51 9.90
N HIS F 173 -27.27 -37.91 10.84
CA HIS F 173 -27.32 -39.28 11.33
C HIS F 173 -28.47 -39.51 12.30
N ASN F 174 -29.04 -38.45 12.86
CA ASN F 174 -30.13 -38.57 13.82
C ASN F 174 -31.48 -38.81 13.16
N PHE F 175 -31.58 -38.63 11.85
CA PHE F 175 -32.85 -38.73 11.16
C PHE F 175 -32.98 -40.07 10.43
N ARG F 176 -34.21 -40.46 10.16
CA ARG F 176 -34.50 -41.69 9.44
C ARG F 176 -34.65 -41.48 7.95
N SER F 177 -35.06 -40.30 7.52
CA SER F 177 -35.25 -40.02 6.11
C SER F 177 -33.92 -39.68 5.45
N PRO F 178 -33.74 -40.05 4.19
CA PRO F 178 -32.49 -39.73 3.50
C PRO F 178 -32.39 -38.23 3.23
N PHE F 179 -31.16 -37.74 3.22
CA PHE F 179 -30.89 -36.33 3.05
C PHE F 179 -30.18 -36.08 1.72
N ILE F 180 -30.34 -34.87 1.21
CA ILE F 180 -29.69 -34.41 -0.01
C ILE F 180 -28.97 -33.11 0.29
N CYS F 181 -27.67 -33.08 0.04
CA CYS F 181 -26.83 -31.94 0.37
C CYS F 181 -26.16 -31.41 -0.89
N GLY F 182 -26.03 -30.08 -0.96
CA GLY F 182 -25.33 -29.47 -2.06
C GLY F 182 -23.83 -29.48 -1.87
N CYS F 183 -23.12 -29.52 -2.99
CA CYS F 183 -21.66 -29.55 -2.95
C CYS F 183 -21.12 -28.77 -4.14
N ARG F 184 -19.90 -28.26 -3.97
CA ARG F 184 -19.20 -27.56 -5.03
C ARG F 184 -17.87 -28.19 -5.40
N ASP F 185 -17.34 -29.11 -4.60
CA ASP F 185 -16.12 -29.84 -4.93
C ASP F 185 -16.18 -31.18 -4.21
N THR F 186 -15.05 -31.90 -4.23
CA THR F 186 -15.02 -33.19 -3.55
C THR F 186 -14.97 -33.02 -2.04
N GLY F 187 -14.35 -31.96 -1.55
CA GLY F 187 -14.27 -31.71 -0.12
C GLY F 187 -15.63 -31.58 0.52
N GLU F 188 -16.45 -30.67 0.00
CA GLU F 188 -17.80 -30.48 0.55
C GLU F 188 -18.64 -31.74 0.40
N ALA F 189 -18.53 -32.42 -0.73
CA ALA F 189 -19.31 -33.63 -0.95
C ALA F 189 -18.96 -34.70 0.08
N LEU F 190 -17.66 -34.91 0.32
CA LEU F 190 -17.25 -35.91 1.28
C LEU F 190 -17.60 -35.51 2.70
N ARG F 191 -17.52 -34.21 3.01
CA ARG F 191 -17.96 -33.77 4.33
C ARG F 191 -19.45 -34.06 4.53
N ARG F 192 -20.27 -33.79 3.53
CA ARG F 192 -21.71 -34.04 3.65
C ARG F 192 -22.01 -35.53 3.74
N ILE F 193 -21.28 -36.36 3.01
CA ILE F 193 -21.46 -37.80 3.11
C ILE F 193 -21.06 -38.28 4.51
N ARG F 194 -20.02 -37.66 5.07
CA ARG F 194 -19.62 -38.02 6.43
C ARG F 194 -20.67 -37.62 7.45
N GLU F 195 -21.31 -36.46 7.25
CA GLU F 195 -22.35 -36.02 8.16
C GLU F 195 -23.58 -36.91 8.07
N GLY F 196 -23.83 -37.55 6.94
CA GLY F 196 -24.95 -38.48 6.83
C GLY F 196 -25.82 -38.28 5.61
N ALA F 197 -25.39 -37.45 4.67
CA ALA F 197 -26.15 -37.20 3.46
C ALA F 197 -26.16 -38.43 2.59
N ALA F 198 -27.35 -38.99 2.34
CA ALA F 198 -27.50 -40.18 1.52
C ALA F 198 -27.53 -39.87 0.03
N MET F 199 -27.41 -38.61 -0.36
CA MET F 199 -27.45 -38.21 -1.75
C MET F 199 -26.86 -36.81 -1.87
N ILE F 200 -26.09 -36.58 -2.94
CA ILE F 200 -25.34 -35.35 -3.12
C ILE F 200 -25.77 -34.71 -4.44
N ARG F 201 -25.98 -33.40 -4.42
CA ARG F 201 -26.28 -32.63 -5.62
C ARG F 201 -25.20 -31.59 -5.82
N ILE F 202 -24.63 -31.56 -7.03
CA ILE F 202 -23.63 -30.55 -7.37
C ILE F 202 -24.35 -29.24 -7.67
N GLN F 203 -24.07 -28.22 -6.86
CA GLN F 203 -24.75 -26.94 -6.95
C GLN F 203 -24.01 -26.02 -7.90
N GLY F 204 -24.79 -25.25 -8.68
CA GLY F 204 -24.21 -24.25 -9.55
C GLY F 204 -24.46 -22.85 -9.04
N ASP F 205 -25.43 -22.15 -9.65
CA ASP F 205 -25.82 -20.81 -9.22
C ASP F 205 -27.35 -20.73 -9.32
N LEU F 206 -28.03 -21.02 -8.22
CA LEU F 206 -29.48 -20.98 -8.21
C LEU F 206 -29.97 -19.59 -7.83
N THR F 207 -31.21 -19.29 -8.26
CA THR F 207 -31.92 -18.07 -7.92
C THR F 207 -31.20 -16.86 -8.50
N ALA F 208 -30.12 -17.09 -9.24
CA ALA F 208 -29.37 -16.01 -9.87
C ALA F 208 -29.72 -15.85 -11.35
N THR F 209 -29.70 -16.95 -12.09
CA THR F 209 -29.99 -16.94 -13.52
C THR F 209 -30.20 -18.39 -13.96
N GLY F 210 -30.36 -18.58 -15.26
CA GLY F 210 -30.43 -19.90 -15.87
C GLY F 210 -29.15 -20.37 -16.50
N ASN F 211 -28.02 -19.75 -16.18
CA ASN F 211 -26.74 -20.11 -16.79
C ASN F 211 -26.27 -21.47 -16.26
N ILE F 212 -25.49 -22.16 -17.10
CA ILE F 212 -25.00 -23.49 -16.78
C ILE F 212 -23.51 -23.51 -16.47
N ALA F 213 -22.85 -22.35 -16.47
CA ALA F 213 -21.40 -22.31 -16.34
C ALA F 213 -20.94 -22.85 -14.99
N GLU F 214 -21.53 -22.35 -13.91
CA GLU F 214 -21.09 -22.75 -12.59
C GLU F 214 -21.39 -24.22 -12.31
N THR F 215 -22.55 -24.71 -12.77
CA THR F 215 -22.90 -26.10 -12.56
C THR F 215 -21.93 -27.03 -13.26
N VAL F 216 -21.66 -26.77 -14.54
CA VAL F 216 -20.73 -27.62 -15.29
C VAL F 216 -19.31 -27.49 -14.72
N LYS F 217 -18.96 -26.31 -14.23
CA LYS F 217 -17.64 -26.13 -13.63
C LYS F 217 -17.50 -26.97 -12.37
N ASN F 218 -18.50 -26.97 -11.50
CA ASN F 218 -18.42 -27.76 -10.28
C ASN F 218 -18.47 -29.26 -10.58
N VAL F 219 -19.29 -29.67 -11.55
CA VAL F 219 -19.33 -31.08 -11.95
C VAL F 219 -17.96 -31.52 -12.47
N ARG F 220 -17.35 -30.71 -13.33
CA ARG F 220 -16.04 -31.05 -13.87
C ARG F 220 -14.99 -31.10 -12.76
N SER F 221 -15.05 -30.16 -11.83
CA SER F 221 -14.10 -30.16 -10.71
C SER F 221 -14.22 -31.44 -9.89
N LEU F 222 -15.46 -31.81 -9.54
CA LEU F 222 -15.66 -33.02 -8.74
C LEU F 222 -15.18 -34.26 -9.47
N MET F 223 -15.59 -34.42 -10.73
CA MET F 223 -15.21 -35.61 -11.48
C MET F 223 -13.69 -35.66 -11.71
N GLY F 224 -13.07 -34.50 -11.92
CA GLY F 224 -11.62 -34.48 -12.11
C GLY F 224 -10.88 -34.84 -10.83
N GLU F 225 -11.35 -34.35 -9.70
CA GLU F 225 -10.71 -34.72 -8.44
C GLU F 225 -10.91 -36.19 -8.13
N VAL F 226 -12.06 -36.75 -8.49
CA VAL F 226 -12.29 -38.18 -8.27
C VAL F 226 -11.39 -39.00 -9.18
N ARG F 227 -11.20 -38.57 -10.43
CA ARG F 227 -10.29 -39.27 -11.32
C ARG F 227 -8.85 -39.15 -10.85
N VAL F 228 -8.49 -38.01 -10.24
CA VAL F 228 -7.16 -37.87 -9.67
C VAL F 228 -6.97 -38.85 -8.51
N LEU F 229 -7.99 -38.96 -7.66
CA LEU F 229 -7.95 -39.92 -6.56
C LEU F 229 -7.77 -41.35 -7.07
N ASN F 230 -8.56 -41.74 -8.08
CA ASN F 230 -8.57 -43.12 -8.53
C ASN F 230 -7.22 -43.58 -9.05
N ASN F 231 -6.31 -42.66 -9.38
CA ASN F 231 -5.00 -43.02 -9.90
C ASN F 231 -3.84 -42.57 -9.01
N MET F 232 -4.12 -41.80 -7.96
CA MET F 232 -3.06 -41.26 -7.13
C MET F 232 -2.32 -42.38 -6.39
N ASP F 233 -1.11 -42.07 -5.95
CA ASP F 233 -0.35 -42.99 -5.12
C ASP F 233 -0.93 -43.00 -3.71
N ASP F 234 -0.87 -44.17 -3.06
CA ASP F 234 -1.44 -44.30 -1.73
C ASP F 234 -0.76 -43.37 -0.72
N ASP F 235 0.57 -43.33 -0.73
CA ASP F 235 1.31 -42.54 0.25
C ASP F 235 0.97 -41.06 0.21
N GLU F 236 0.44 -40.57 -0.91
CA GLU F 236 0.06 -39.18 -1.05
C GLU F 236 -1.39 -38.93 -0.65
N VAL F 237 -2.22 -39.97 -0.62
CA VAL F 237 -3.66 -39.80 -0.41
C VAL F 237 -3.92 -38.99 0.85
N PHE F 238 -3.23 -39.31 1.95
CA PHE F 238 -3.40 -38.56 3.19
C PHE F 238 -3.27 -37.07 2.95
N THR F 239 -2.17 -36.64 2.33
CA THR F 239 -1.97 -35.22 2.07
C THR F 239 -3.11 -34.66 1.23
N PHE F 240 -3.59 -35.43 0.26
CA PHE F 240 -4.71 -34.98 -0.56
C PHE F 240 -5.92 -34.65 0.30
N ALA F 241 -6.19 -35.48 1.32
CA ALA F 241 -7.27 -35.17 2.24
C ALA F 241 -7.05 -33.82 2.89
N LYS F 242 -5.83 -33.55 3.35
CA LYS F 242 -5.49 -32.23 3.89
C LYS F 242 -5.80 -31.13 2.89
N LYS F 243 -5.56 -31.39 1.60
CA LYS F 243 -5.80 -30.36 0.60
C LYS F 243 -7.28 -30.11 0.40
N ILE F 244 -8.12 -31.11 0.69
CA ILE F 244 -9.55 -30.96 0.49
C ILE F 244 -10.35 -30.95 1.79
N SER F 245 -9.69 -31.18 2.93
CA SER F 245 -10.32 -31.19 4.25
C SER F 245 -11.54 -32.13 4.25
N ALA F 246 -11.27 -33.41 4.00
CA ALA F 246 -12.28 -34.44 3.98
C ALA F 246 -11.81 -35.63 4.80
N PRO F 247 -12.72 -36.41 5.37
CA PRO F 247 -12.31 -37.59 6.14
C PRO F 247 -11.52 -38.55 5.28
N TYR F 248 -10.43 -39.06 5.83
CA TYR F 248 -9.57 -39.95 5.06
C TYR F 248 -10.28 -41.26 4.72
N ASP F 249 -11.17 -41.74 5.59
CA ASP F 249 -11.87 -42.98 5.31
C ASP F 249 -12.74 -42.85 4.07
N LEU F 250 -13.49 -41.76 3.97
CA LEU F 250 -14.31 -41.54 2.77
C LEU F 250 -13.44 -41.30 1.54
N VAL F 251 -12.30 -40.63 1.71
CA VAL F 251 -11.39 -40.41 0.59
C VAL F 251 -10.90 -41.75 0.04
N ALA F 252 -10.46 -42.63 0.93
CA ALA F 252 -10.01 -43.95 0.51
C ALA F 252 -11.15 -44.75 -0.09
N GLN F 253 -12.37 -44.58 0.41
CA GLN F 253 -13.51 -45.29 -0.14
C GLN F 253 -13.79 -44.84 -1.58
N THR F 254 -13.75 -43.53 -1.83
CA THR F 254 -13.95 -43.05 -3.20
C THR F 254 -12.81 -43.51 -4.11
N LYS F 255 -11.58 -43.47 -3.61
CA LYS F 255 -10.45 -43.95 -4.40
C LYS F 255 -10.62 -45.42 -4.78
N GLN F 256 -11.09 -46.24 -3.83
CA GLN F 256 -11.29 -47.65 -4.11
C GLN F 256 -12.47 -47.89 -5.03
N MET F 257 -13.48 -47.02 -4.97
CA MET F 257 -14.71 -47.22 -5.73
C MET F 257 -14.72 -46.49 -7.06
N GLY F 258 -13.90 -45.46 -7.24
CA GLY F 258 -13.90 -44.68 -8.45
C GLY F 258 -14.96 -43.60 -8.51
N ARG F 259 -15.83 -43.52 -7.50
CA ARG F 259 -16.85 -42.49 -7.42
C ARG F 259 -17.11 -42.20 -5.94
N VAL F 260 -17.79 -41.10 -5.68
CA VAL F 260 -18.26 -40.86 -4.30
C VAL F 260 -19.31 -41.90 -3.95
N PRO F 261 -19.36 -42.42 -2.73
CA PRO F 261 -20.27 -43.53 -2.43
C PRO F 261 -21.71 -43.06 -2.23
N VAL F 262 -22.18 -42.16 -3.09
CA VAL F 262 -23.55 -41.67 -3.05
C VAL F 262 -24.00 -41.44 -4.48
N VAL F 263 -25.24 -40.98 -4.64
CA VAL F 263 -25.78 -40.64 -5.95
C VAL F 263 -25.54 -39.15 -6.20
N GLN F 264 -24.99 -38.83 -7.36
CA GLN F 264 -24.69 -37.44 -7.72
C GLN F 264 -25.74 -36.92 -8.68
N PHE F 265 -26.40 -35.84 -8.29
CA PHE F 265 -27.32 -35.12 -9.15
C PHE F 265 -26.71 -33.77 -9.48
N ALA F 266 -27.32 -33.04 -10.40
CA ALA F 266 -26.86 -31.71 -10.75
C ALA F 266 -27.97 -30.70 -10.52
N SER F 267 -27.58 -29.45 -10.24
CA SER F 267 -28.57 -28.41 -10.02
C SER F 267 -28.03 -27.09 -10.54
N GLY F 268 -28.93 -26.24 -11.02
CA GLY F 268 -28.56 -24.90 -11.44
C GLY F 268 -28.44 -24.71 -12.93
N GLY F 269 -29.39 -23.98 -13.52
CA GLY F 269 -29.33 -23.61 -14.91
C GLY F 269 -29.81 -24.66 -15.89
N ILE F 270 -30.18 -25.85 -15.43
CA ILE F 270 -30.66 -26.88 -16.33
C ILE F 270 -32.06 -26.51 -16.79
N THR F 271 -32.16 -25.95 -17.99
CA THR F 271 -33.44 -25.51 -18.55
C THR F 271 -33.79 -26.22 -19.84
N THR F 272 -32.82 -26.45 -20.70
CA THR F 272 -33.05 -27.11 -21.97
C THR F 272 -32.60 -28.57 -21.90
N PRO F 273 -33.14 -29.43 -22.77
CA PRO F 273 -32.68 -30.82 -22.79
C PRO F 273 -31.18 -30.96 -23.04
N ALA F 274 -30.59 -29.99 -23.75
CA ALA F 274 -29.14 -30.02 -23.95
C ALA F 274 -28.41 -29.94 -22.63
N ASP F 275 -28.88 -29.10 -21.71
CA ASP F 275 -28.20 -28.95 -20.42
C ASP F 275 -28.31 -30.23 -19.60
N ALA F 276 -29.49 -30.86 -19.59
CA ALA F 276 -29.66 -32.10 -18.84
C ALA F 276 -28.80 -33.22 -19.42
N ALA F 277 -28.76 -33.33 -20.75
CA ALA F 277 -27.94 -34.35 -21.38
C ALA F 277 -26.46 -34.08 -21.14
N LEU F 278 -26.07 -32.80 -21.09
CA LEU F 278 -24.68 -32.47 -20.78
C LEU F 278 -24.33 -32.89 -19.37
N MET F 279 -25.21 -32.61 -18.41
CA MET F 279 -24.97 -33.02 -17.03
C MET F 279 -24.88 -34.53 -16.91
N MET F 280 -25.75 -35.24 -17.62
CA MET F 280 -25.74 -36.70 -17.53
C MET F 280 -24.54 -37.30 -18.26
N GLN F 281 -23.99 -36.59 -19.24
CA GLN F 281 -22.84 -37.12 -19.97
C GLN F 281 -21.54 -36.86 -19.24
N LEU F 282 -21.53 -35.91 -18.31
CA LEU F 282 -20.32 -35.63 -17.53
C LEU F 282 -20.13 -36.61 -16.39
N GLY F 283 -21.08 -37.51 -16.15
CA GLY F 283 -20.97 -38.50 -15.10
C GLY F 283 -22.04 -38.41 -14.03
N CYS F 284 -22.85 -37.37 -14.00
CA CYS F 284 -23.90 -37.25 -13.00
C CYS F 284 -24.96 -38.33 -13.21
N ASP F 285 -25.81 -38.51 -12.20
CA ASP F 285 -26.87 -39.50 -12.24
C ASP F 285 -28.24 -38.87 -12.42
N GLY F 286 -28.36 -37.55 -12.38
CA GLY F 286 -29.64 -36.90 -12.55
C GLY F 286 -29.47 -35.40 -12.60
N VAL F 287 -30.61 -34.71 -12.66
CA VAL F 287 -30.63 -33.25 -12.73
C VAL F 287 -31.73 -32.70 -11.84
N PHE F 288 -31.55 -31.45 -11.43
CA PHE F 288 -32.53 -30.71 -10.65
C PHE F 288 -33.05 -29.56 -11.51
N VAL F 289 -34.15 -29.80 -12.21
CA VAL F 289 -34.75 -28.75 -13.02
C VAL F 289 -35.57 -27.83 -12.12
N GLY F 290 -35.28 -26.53 -12.18
CA GLY F 290 -35.92 -25.57 -11.31
C GLY F 290 -37.38 -25.35 -11.66
N SER F 291 -37.96 -24.38 -10.97
CA SER F 291 -39.36 -24.01 -11.19
C SER F 291 -39.57 -23.12 -12.40
N GLU F 292 -38.48 -22.60 -13.00
CA GLU F 292 -38.62 -21.73 -14.16
C GLU F 292 -39.13 -22.46 -15.39
N VAL F 293 -39.27 -23.79 -15.33
CA VAL F 293 -39.77 -24.53 -16.47
C VAL F 293 -41.26 -24.32 -16.66
N PHE F 294 -41.98 -24.03 -15.56
CA PHE F 294 -43.43 -23.98 -15.61
C PHE F 294 -43.99 -22.65 -16.11
N ASP F 295 -43.23 -21.55 -16.00
CA ASP F 295 -43.70 -20.27 -16.49
C ASP F 295 -43.33 -20.03 -17.96
N GLY F 296 -42.84 -21.05 -18.65
CA GLY F 296 -42.54 -20.94 -20.06
C GLY F 296 -43.78 -21.01 -20.91
N PRO F 297 -43.59 -21.13 -22.23
CA PRO F 297 -44.75 -21.23 -23.14
C PRO F 297 -45.54 -22.50 -22.92
N ASP F 298 -44.86 -23.64 -22.84
CA ASP F 298 -45.49 -24.93 -22.59
C ASP F 298 -44.68 -25.67 -21.54
N PRO F 299 -45.16 -25.75 -20.31
CA PRO F 299 -44.38 -26.36 -19.23
C PRO F 299 -44.16 -27.85 -19.41
N PHE F 300 -45.24 -28.61 -19.62
CA PHE F 300 -45.11 -30.06 -19.65
C PHE F 300 -44.37 -30.55 -20.90
N LYS F 301 -44.43 -29.80 -22.00
CA LYS F 301 -43.63 -30.17 -23.16
C LYS F 301 -42.14 -30.10 -22.84
N LYS F 302 -41.70 -29.00 -22.23
CA LYS F 302 -40.30 -28.88 -21.82
C LYS F 302 -39.94 -29.94 -20.79
N LEU F 303 -40.87 -30.25 -19.88
CA LEU F 303 -40.59 -31.26 -18.86
C LEU F 303 -40.39 -32.63 -19.49
N ARG F 304 -41.27 -33.03 -20.41
CA ARG F 304 -41.12 -34.29 -21.10
C ARG F 304 -39.84 -34.31 -21.93
N SER F 305 -39.48 -33.18 -22.53
CA SER F 305 -38.25 -33.10 -23.31
C SER F 305 -37.04 -33.32 -22.41
N ILE F 306 -37.01 -32.68 -21.24
CA ILE F 306 -35.87 -32.85 -20.34
C ILE F 306 -35.82 -34.27 -19.80
N VAL F 307 -36.97 -34.85 -19.49
CA VAL F 307 -37.00 -36.22 -18.99
C VAL F 307 -36.45 -37.18 -20.04
N GLN F 308 -36.92 -37.05 -21.29
CA GLN F 308 -36.43 -37.91 -22.36
C GLN F 308 -34.95 -37.67 -22.64
N ALA F 309 -34.47 -36.44 -22.44
CA ALA F 309 -33.05 -36.18 -22.59
C ALA F 309 -32.24 -36.90 -21.52
N VAL F 310 -32.72 -36.87 -20.28
CA VAL F 310 -32.03 -37.58 -19.20
C VAL F 310 -32.05 -39.08 -19.46
N GLN F 311 -33.18 -39.60 -19.94
CA GLN F 311 -33.27 -41.03 -20.23
C GLN F 311 -32.37 -41.44 -21.38
N HIS F 312 -32.23 -40.58 -22.38
CA HIS F 312 -31.46 -40.90 -23.58
C HIS F 312 -30.31 -39.93 -23.78
N TYR F 313 -29.54 -39.68 -22.72
CA TYR F 313 -28.44 -38.72 -22.77
C TYR F 313 -27.35 -39.10 -23.78
N ASN F 314 -27.41 -40.29 -24.36
CA ASN F 314 -26.40 -40.70 -25.33
C ASN F 314 -26.87 -40.58 -26.77
N ASP F 315 -28.17 -40.50 -27.01
CA ASP F 315 -28.70 -40.47 -28.36
C ASP F 315 -28.90 -39.02 -28.79
N PRO F 316 -28.15 -38.53 -29.77
CA PRO F 316 -28.35 -37.14 -30.22
C PRO F 316 -29.63 -36.93 -31.00
N HIS F 317 -30.14 -37.95 -31.70
CA HIS F 317 -31.33 -37.76 -32.53
C HIS F 317 -32.56 -37.53 -31.68
N VAL F 318 -32.75 -38.30 -30.61
CA VAL F 318 -33.87 -38.06 -29.70
C VAL F 318 -33.73 -36.68 -29.06
N LEU F 319 -32.50 -36.29 -28.71
CA LEU F 319 -32.27 -34.95 -28.18
C LEU F 319 -32.74 -33.88 -29.16
N ALA F 320 -32.40 -34.04 -30.44
CA ALA F 320 -32.82 -33.07 -31.44
C ALA F 320 -34.33 -33.09 -31.64
N GLU F 321 -34.97 -34.25 -31.49
CA GLU F 321 -36.41 -34.33 -31.67
C GLU F 321 -37.16 -33.64 -30.53
N MET F 322 -36.78 -33.94 -29.29
CA MET F 322 -37.46 -33.33 -28.15
C MET F 322 -37.10 -31.87 -27.94
N SER F 323 -35.94 -31.42 -28.42
CA SER F 323 -35.56 -30.03 -28.26
C SER F 323 -36.10 -29.18 -29.40
N PRO G 64 -2.58 -54.26 12.10
CA PRO G 64 -2.04 -54.50 13.44
C PRO G 64 -1.66 -53.21 14.15
N PHE G 65 -2.57 -52.23 14.17
CA PHE G 65 -2.28 -50.97 14.85
C PHE G 65 -2.39 -51.12 16.37
N SER G 66 -3.28 -52.00 16.83
CA SER G 66 -3.49 -52.15 18.26
C SER G 66 -2.25 -52.74 18.94
N VAL G 67 -1.62 -53.72 18.30
CA VAL G 67 -0.42 -54.30 18.90
C VAL G 67 0.72 -53.29 18.89
N LYS G 68 0.76 -52.41 17.88
CA LYS G 68 1.78 -51.37 17.86
C LYS G 68 1.55 -50.35 18.96
N VAL G 69 0.29 -49.99 19.22
CA VAL G 69 0.00 -49.08 20.31
C VAL G 69 0.35 -49.73 21.65
N GLY G 70 0.07 -51.03 21.79
CA GLY G 70 0.44 -51.72 23.01
C GLY G 70 1.95 -51.78 23.20
N LEU G 71 2.68 -51.97 22.10
CA LEU G 71 4.14 -51.95 22.18
C LEU G 71 4.65 -50.58 22.56
N ALA G 72 4.01 -49.52 22.07
CA ALA G 72 4.47 -48.17 22.35
C ALA G 72 4.15 -47.75 23.78
N GLN G 73 3.02 -48.21 24.32
CA GLN G 73 2.56 -47.73 25.62
C GLN G 73 3.31 -48.37 26.79
N VAL G 74 4.39 -49.11 26.54
CA VAL G 74 5.22 -49.57 27.65
C VAL G 74 6.13 -48.44 28.12
N LEU G 75 6.35 -47.43 27.28
CA LEU G 75 7.21 -46.30 27.60
C LEU G 75 6.52 -45.26 28.48
N ARG G 76 5.27 -45.50 28.88
CA ARG G 76 4.53 -44.53 29.68
C ARG G 76 5.25 -44.27 31.00
N GLY G 77 5.27 -43.00 31.40
CA GLY G 77 5.92 -42.62 32.64
C GLY G 77 7.42 -42.81 32.64
N GLY G 78 8.08 -42.53 31.51
CA GLY G 78 9.52 -42.68 31.42
C GLY G 78 10.13 -41.55 30.62
N ALA G 79 11.46 -41.52 30.62
CA ALA G 79 12.23 -40.52 29.90
C ALA G 79 13.02 -41.19 28.79
N ILE G 80 13.08 -40.52 27.63
CA ILE G 80 13.79 -41.02 26.46
C ILE G 80 15.01 -40.14 26.25
N VAL G 81 16.19 -40.72 26.40
CA VAL G 81 17.45 -39.99 26.34
C VAL G 81 18.07 -40.17 24.96
N GLU G 82 18.41 -39.05 24.33
CA GLU G 82 19.06 -39.09 23.02
C GLU G 82 20.56 -39.30 23.21
N VAL G 83 21.05 -40.46 22.82
CA VAL G 83 22.44 -40.82 23.01
C VAL G 83 23.18 -40.71 21.69
N SER G 84 24.51 -40.61 21.78
CA SER G 84 25.34 -40.46 20.60
C SER G 84 26.47 -41.48 20.52
N SER G 85 26.58 -42.40 21.47
CA SER G 85 27.63 -43.40 21.47
C SER G 85 27.22 -44.55 22.38
N VAL G 86 28.09 -45.55 22.45
CA VAL G 86 27.84 -46.70 23.33
C VAL G 86 27.89 -46.26 24.79
N ASN G 87 28.82 -45.36 25.13
CA ASN G 87 28.98 -44.96 26.51
C ASN G 87 27.81 -44.09 26.98
N GLN G 88 27.36 -43.17 26.14
CA GLN G 88 26.19 -42.37 26.50
C GLN G 88 24.95 -43.24 26.62
N ALA G 89 24.84 -44.26 25.77
CA ALA G 89 23.71 -45.18 25.87
C ALA G 89 23.77 -45.97 27.18
N LYS G 90 24.97 -46.42 27.58
CA LYS G 90 25.10 -47.13 28.84
C LYS G 90 24.76 -46.23 30.02
N LEU G 91 25.20 -44.97 29.96
CA LEU G 91 24.84 -44.02 31.02
C LEU G 91 23.34 -43.81 31.10
N ALA G 92 22.69 -43.63 29.94
CA ALA G 92 21.25 -43.42 29.92
C ALA G 92 20.49 -44.64 30.41
N GLU G 93 21.01 -45.84 30.15
CA GLU G 93 20.40 -47.04 30.69
C GLU G 93 20.58 -47.11 32.21
N SER G 94 21.78 -46.80 32.69
CA SER G 94 22.03 -46.85 34.12
C SER G 94 21.22 -45.81 34.88
N ALA G 95 20.89 -44.70 34.23
CA ALA G 95 20.06 -43.69 34.88
C ALA G 95 18.64 -44.18 35.09
N GLY G 96 18.10 -44.93 34.14
CA GLY G 96 16.75 -45.45 34.26
C GLY G 96 15.84 -45.02 33.14
N ALA G 97 16.42 -44.62 32.02
CA ALA G 97 15.63 -44.22 30.87
C ALA G 97 14.84 -45.41 30.32
N CYS G 98 13.67 -45.12 29.75
CA CYS G 98 12.84 -46.17 29.19
C CYS G 98 13.29 -46.58 27.79
N SER G 99 14.06 -45.73 27.10
CA SER G 99 14.59 -46.05 25.79
C SER G 99 15.67 -45.02 25.46
N VAL G 100 16.36 -45.26 24.35
CA VAL G 100 17.42 -44.37 23.88
C VAL G 100 17.26 -44.17 22.38
N ILE G 101 17.14 -42.91 21.97
CA ILE G 101 17.05 -42.56 20.55
C ILE G 101 18.43 -42.15 20.07
N VAL G 102 18.89 -42.79 19.01
CA VAL G 102 20.28 -42.73 18.57
C VAL G 102 20.48 -41.55 17.62
N SER G 103 21.49 -40.74 17.90
CA SER G 103 21.93 -39.68 16.99
C SER G 103 23.43 -39.82 16.83
N ASP G 104 23.89 -40.07 15.61
CA ASP G 104 25.28 -40.43 15.38
C ASP G 104 26.31 -39.33 15.65
N PRO G 105 26.15 -38.10 15.18
CA PRO G 105 27.28 -37.16 15.17
C PRO G 105 27.53 -36.56 16.54
N VAL G 106 28.71 -35.97 16.68
CA VAL G 106 28.99 -35.14 17.85
C VAL G 106 28.17 -33.86 17.77
N ARG G 107 27.98 -33.33 16.57
CA ARG G 107 27.14 -32.16 16.30
C ARG G 107 26.98 -32.05 14.80
N SER G 108 25.99 -31.27 14.37
CA SER G 108 25.78 -30.97 12.96
C SER G 108 26.16 -29.52 12.71
N ARG G 109 27.27 -29.31 12.04
CA ARG G 109 27.86 -27.98 11.85
C ARG G 109 27.24 -27.35 10.61
N GLY G 110 26.01 -26.87 10.76
CA GLY G 110 25.31 -26.21 9.67
C GLY G 110 25.16 -27.06 8.43
N GLY G 111 25.12 -28.38 8.60
CA GLY G 111 25.01 -29.31 7.50
C GLY G 111 23.66 -30.00 7.49
N VAL G 112 23.52 -30.95 6.57
CA VAL G 112 22.30 -31.74 6.44
C VAL G 112 22.40 -32.96 7.34
N ARG G 113 21.36 -33.19 8.13
CA ARG G 113 21.32 -34.37 8.99
C ARG G 113 20.45 -35.45 8.35
N ARG G 114 20.63 -36.68 8.81
CA ARG G 114 19.90 -37.81 8.25
C ARG G 114 19.94 -38.95 9.24
N MET G 115 19.52 -40.14 8.79
CA MET G 115 19.50 -41.31 9.64
C MET G 115 20.91 -41.65 10.10
N PRO G 116 21.10 -42.02 11.37
CA PRO G 116 22.43 -42.38 11.86
C PRO G 116 22.98 -43.60 11.14
N ASP G 117 24.30 -43.75 11.22
CA ASP G 117 24.96 -44.83 10.52
C ASP G 117 24.55 -46.17 11.12
N PRO G 118 24.31 -47.19 10.29
CA PRO G 118 23.79 -48.46 10.81
C PRO G 118 24.68 -49.14 11.84
N VAL G 119 26.00 -49.11 11.67
CA VAL G 119 26.85 -49.85 12.60
C VAL G 119 26.79 -49.24 14.00
N LEU G 120 26.62 -47.92 14.08
CA LEU G 120 26.47 -47.30 15.38
C LEU G 120 25.17 -47.73 16.05
N ILE G 121 24.09 -47.83 15.27
CA ILE G 121 22.82 -48.30 15.81
C ILE G 121 22.94 -49.73 16.30
N LYS G 122 23.63 -50.59 15.54
CA LYS G 122 23.80 -51.97 15.97
C LYS G 122 24.66 -52.05 17.23
N GLU G 123 25.71 -51.22 17.33
CA GLU G 123 26.53 -51.20 18.53
C GLU G 123 25.71 -50.77 19.74
N VAL G 124 24.90 -49.72 19.59
CA VAL G 124 24.06 -49.26 20.68
C VAL G 124 23.08 -50.36 21.10
N LYS G 125 22.41 -50.97 20.11
CA LYS G 125 21.44 -52.01 20.41
C LYS G 125 22.08 -53.20 21.10
N ARG G 126 23.33 -53.51 20.74
CA ARG G 126 24.05 -54.58 21.42
C ARG G 126 24.45 -54.18 22.83
N ALA G 127 24.71 -52.89 23.06
CA ALA G 127 25.16 -52.43 24.36
C ALA G 127 24.04 -52.46 25.40
N VAL G 128 22.98 -51.71 25.17
CA VAL G 128 21.91 -51.56 26.15
C VAL G 128 20.84 -52.61 25.91
N SER G 129 20.05 -52.87 26.95
CA SER G 129 18.94 -53.81 26.86
C SER G 129 17.59 -53.13 26.70
N VAL G 130 17.50 -51.84 27.00
CA VAL G 130 16.26 -51.08 26.86
C VAL G 130 15.90 -50.97 25.39
N PRO G 131 14.65 -50.68 25.04
CA PRO G 131 14.32 -50.42 23.63
C PRO G 131 15.18 -49.31 23.06
N VAL G 132 15.57 -49.48 21.79
CA VAL G 132 16.43 -48.53 21.10
C VAL G 132 15.62 -47.90 19.97
N MET G 133 15.58 -46.57 19.95
CA MET G 133 14.90 -45.84 18.90
C MET G 133 15.89 -45.46 17.81
N ALA G 134 15.37 -44.79 16.79
CA ALA G 134 16.20 -44.31 15.69
C ALA G 134 15.43 -43.22 14.96
N ARG G 135 16.16 -42.38 14.25
CA ARG G 135 15.58 -41.23 13.57
C ARG G 135 15.58 -41.47 12.06
N ALA G 136 14.48 -41.09 11.42
CA ALA G 136 14.35 -41.14 9.98
C ALA G 136 13.77 -39.82 9.50
N ARG G 137 14.32 -39.30 8.40
CA ARG G 137 13.86 -38.03 7.88
C ARG G 137 12.38 -38.12 7.52
N VAL G 138 11.64 -37.07 7.86
CA VAL G 138 10.20 -37.07 7.62
C VAL G 138 9.93 -37.13 6.12
N GLY G 139 9.19 -38.17 5.70
CA GLY G 139 8.94 -38.42 4.31
C GLY G 139 9.90 -39.38 3.65
N HIS G 140 10.98 -39.77 4.33
CA HIS G 140 11.98 -40.67 3.77
C HIS G 140 11.65 -42.08 4.23
N PHE G 141 10.82 -42.77 3.44
CA PHE G 141 10.41 -44.12 3.83
C PHE G 141 11.50 -45.15 3.58
N VAL G 142 12.50 -44.85 2.77
CA VAL G 142 13.59 -45.81 2.56
C VAL G 142 14.49 -45.85 3.79
N GLU G 143 14.73 -44.70 4.41
CA GLU G 143 15.44 -44.70 5.69
C GLU G 143 14.66 -45.50 6.74
N ALA G 144 13.33 -45.39 6.72
CA ALA G 144 12.52 -46.18 7.65
C ALA G 144 12.64 -47.67 7.34
N GLN G 145 12.73 -48.04 6.06
CA GLN G 145 12.91 -49.43 5.69
C GLN G 145 14.26 -49.95 6.20
N ILE G 146 15.31 -49.15 6.01
CA ILE G 146 16.63 -49.54 6.49
C ILE G 146 16.65 -49.66 8.00
N LEU G 147 15.92 -48.78 8.70
CA LEU G 147 15.85 -48.86 10.15
C LEU G 147 15.11 -50.11 10.60
N GLU G 148 14.00 -50.44 9.93
CA GLU G 148 13.25 -51.64 10.28
C GLU G 148 14.05 -52.90 9.98
N SER G 149 14.91 -52.86 8.97
CA SER G 149 15.76 -54.03 8.70
C SER G 149 16.77 -54.25 9.81
N LEU G 150 17.25 -53.18 10.44
CA LEU G 150 18.12 -53.31 11.60
C LEU G 150 17.36 -53.74 12.85
N ALA G 151 16.03 -53.88 12.76
CA ALA G 151 15.20 -54.36 13.85
C ALA G 151 15.24 -53.42 15.05
N VAL G 152 15.27 -52.11 14.78
CA VAL G 152 15.14 -51.15 15.87
C VAL G 152 13.76 -51.27 16.50
N ASP G 153 13.69 -51.01 17.80
CA ASP G 153 12.43 -51.16 18.52
C ASP G 153 11.42 -50.10 18.12
N TYR G 154 11.86 -48.87 17.91
CA TYR G 154 10.98 -47.78 17.52
C TYR G 154 11.68 -46.92 16.48
N ILE G 155 10.88 -46.30 15.62
CA ILE G 155 11.38 -45.39 14.59
C ILE G 155 10.75 -44.03 14.83
N ASP G 156 11.58 -42.98 14.81
CA ASP G 156 11.13 -41.62 15.06
C ASP G 156 11.20 -40.86 13.75
N GLU G 157 10.03 -40.58 13.17
CA GLU G 157 9.93 -39.75 11.96
C GLU G 157 10.15 -38.31 12.38
N SER G 158 11.39 -38.00 12.72
CA SER G 158 11.72 -36.73 13.35
C SER G 158 11.84 -35.62 12.32
N GLU G 159 11.42 -34.41 12.72
CA GLU G 159 11.56 -33.23 11.89
C GLU G 159 12.70 -32.33 12.34
N ILE G 160 13.34 -32.63 13.47
CA ILE G 160 14.54 -31.88 13.83
C ILE G 160 15.66 -32.19 12.85
N ILE G 161 15.67 -33.40 12.30
CA ILE G 161 16.51 -33.72 11.16
C ILE G 161 15.92 -33.06 9.91
N SER G 162 16.80 -32.72 8.97
CA SER G 162 16.39 -32.08 7.73
C SER G 162 15.22 -32.80 7.09
N VAL G 163 14.23 -32.02 6.65
CA VAL G 163 13.02 -32.60 6.07
C VAL G 163 13.34 -33.25 4.74
N ALA G 164 12.98 -34.53 4.61
CA ALA G 164 13.15 -35.20 3.33
C ALA G 164 12.06 -34.79 2.35
N ASP G 165 10.79 -34.93 2.73
CA ASP G 165 9.67 -34.58 1.88
C ASP G 165 8.83 -33.53 2.60
N ASP G 166 8.72 -32.34 2.00
CA ASP G 166 8.00 -31.25 2.64
C ASP G 166 6.50 -31.49 2.60
N ASP G 167 6.00 -32.06 1.50
CA ASP G 167 4.55 -32.18 1.33
C ASP G 167 4.00 -33.41 2.03
N HIS G 168 4.58 -34.58 1.77
CA HIS G 168 4.03 -35.84 2.25
C HIS G 168 4.90 -36.42 3.35
N PHE G 169 4.28 -37.32 4.12
CA PHE G 169 4.93 -38.03 5.22
C PHE G 169 5.05 -39.51 4.86
N ILE G 170 5.60 -40.27 5.79
CA ILE G 170 5.76 -41.71 5.59
C ILE G 170 4.42 -42.39 5.86
N ASN G 171 3.98 -43.22 4.92
CA ASN G 171 2.79 -44.05 5.10
C ASN G 171 3.17 -45.19 6.05
N LYS G 172 3.09 -44.90 7.35
CA LYS G 172 3.61 -45.80 8.37
C LYS G 172 2.81 -47.08 8.52
N HIS G 173 1.77 -47.30 7.72
CA HIS G 173 1.03 -48.56 7.81
C HIS G 173 1.77 -49.71 7.14
N ASN G 174 2.74 -49.41 6.28
CA ASN G 174 3.48 -50.45 5.57
C ASN G 174 4.56 -51.09 6.42
N PHE G 175 4.90 -50.52 7.57
CA PHE G 175 5.99 -51.00 8.39
C PHE G 175 5.47 -51.79 9.58
N ARG G 176 6.34 -52.65 10.12
CA ARG G 176 6.00 -53.45 11.28
C ARG G 176 6.42 -52.80 12.58
N SER G 177 7.45 -51.96 12.57
CA SER G 177 7.92 -51.31 13.78
C SER G 177 7.05 -50.09 14.10
N PRO G 178 6.84 -49.80 15.39
CA PRO G 178 6.05 -48.63 15.75
C PRO G 178 6.77 -47.34 15.41
N PHE G 179 6.01 -46.31 15.09
CA PHE G 179 6.55 -45.03 14.67
C PHE G 179 6.24 -43.96 15.71
N ILE G 180 7.09 -42.93 15.73
CA ILE G 180 6.92 -41.78 16.60
C ILE G 180 6.95 -40.53 15.74
N CYS G 181 5.91 -39.72 15.82
CA CYS G 181 5.77 -38.54 14.98
C CYS G 181 5.63 -37.30 15.85
N GLY G 182 6.23 -36.20 15.39
CA GLY G 182 6.09 -34.95 16.09
C GLY G 182 4.80 -34.23 15.75
N CYS G 183 4.31 -33.46 16.71
CA CYS G 183 3.07 -32.72 16.52
C CYS G 183 3.16 -31.39 17.25
N ARG G 184 2.39 -30.42 16.75
CA ARG G 184 2.29 -29.11 17.38
C ARG G 184 0.89 -28.75 17.81
N ASP G 185 -0.14 -29.47 17.36
CA ASP G 185 -1.51 -29.25 17.80
C ASP G 185 -2.26 -30.57 17.65
N THR G 186 -3.58 -30.52 17.83
CA THR G 186 -4.38 -31.73 17.69
C THR G 186 -4.50 -32.17 16.23
N GLY G 187 -4.52 -31.21 15.31
CA GLY G 187 -4.61 -31.53 13.90
C GLY G 187 -3.48 -32.40 13.42
N GLU G 188 -2.24 -31.94 13.64
CA GLU G 188 -1.08 -32.71 13.22
C GLU G 188 -1.03 -34.06 13.92
N ALA G 189 -1.33 -34.08 15.22
CA ALA G 189 -1.30 -35.34 15.97
C ALA G 189 -2.28 -36.35 15.39
N LEU G 190 -3.50 -35.90 15.11
CA LEU G 190 -4.50 -36.83 14.56
C LEU G 190 -4.14 -37.25 13.15
N ARG G 191 -3.56 -36.35 12.36
CA ARG G 191 -3.11 -36.75 11.02
C ARG G 191 -2.04 -37.83 11.12
N ARG G 192 -1.09 -37.68 12.04
CA ARG G 192 -0.03 -38.67 12.19
C ARG G 192 -0.58 -39.99 12.70
N ILE G 193 -1.55 -39.95 13.61
CA ILE G 193 -2.16 -41.18 14.09
C ILE G 193 -2.92 -41.86 12.95
N ARG G 194 -3.53 -41.07 12.07
CA ARG G 194 -4.21 -41.64 10.92
C ARG G 194 -3.23 -42.28 9.96
N GLU G 195 -2.06 -41.66 9.77
CA GLU G 195 -1.05 -42.23 8.89
C GLU G 195 -0.48 -43.54 9.44
N GLY G 196 -0.47 -43.71 10.76
CA GLY G 196 -0.02 -44.96 11.34
C GLY G 196 0.96 -44.81 12.49
N ALA G 197 1.14 -43.59 12.97
CA ALA G 197 2.06 -43.35 14.08
C ALA G 197 1.51 -43.95 15.35
N ALA G 198 2.25 -44.90 15.93
CA ALA G 198 1.84 -45.57 17.16
C ALA G 198 2.20 -44.79 18.41
N MET G 199 2.82 -43.61 18.26
CA MET G 199 3.21 -42.80 19.40
C MET G 199 3.47 -41.39 18.90
N ILE G 200 3.08 -40.40 19.70
CA ILE G 200 3.11 -39.00 19.31
C ILE G 200 3.97 -38.24 20.32
N ARG G 201 4.84 -37.36 19.83
CA ARG G 201 5.63 -36.48 20.68
C ARG G 201 5.30 -35.03 20.34
N ILE G 202 4.97 -34.25 21.36
CA ILE G 202 4.71 -32.83 21.18
C ILE G 202 6.04 -32.10 21.04
N GLN G 203 6.25 -31.50 19.88
CA GLN G 203 7.50 -30.85 19.53
C GLN G 203 7.49 -29.40 19.98
N GLY G 204 8.63 -28.92 20.48
CA GLY G 204 8.78 -27.53 20.83
C GLY G 204 9.68 -26.80 19.86
N ASP G 205 10.92 -26.55 20.25
CA ASP G 205 11.91 -25.91 19.39
C ASP G 205 13.25 -26.61 19.63
N LEU G 206 13.54 -27.62 18.81
CA LEU G 206 14.78 -28.36 18.96
C LEU G 206 15.89 -27.71 18.13
N THR G 207 17.13 -27.97 18.56
CA THR G 207 18.34 -27.55 17.85
C THR G 207 18.45 -26.03 17.85
N ALA G 208 17.50 -25.35 18.49
CA ALA G 208 17.51 -23.90 18.57
C ALA G 208 18.05 -23.40 19.90
N THR G 209 17.55 -23.93 21.00
CA THR G 209 17.96 -23.53 22.34
C THR G 209 17.43 -24.57 23.32
N GLY G 210 17.61 -24.31 24.61
CA GLY G 210 17.04 -25.11 25.67
C GLY G 210 15.78 -24.53 26.29
N ASN G 211 15.12 -23.59 25.63
CA ASN G 211 13.93 -22.97 26.18
C ASN G 211 12.75 -23.95 26.16
N ILE G 212 11.82 -23.73 27.09
CA ILE G 212 10.68 -24.60 27.26
C ILE G 212 9.38 -23.96 26.81
N ALA G 213 9.44 -22.73 26.29
CA ALA G 213 8.22 -21.98 25.99
C ALA G 213 7.40 -22.65 24.90
N GLU G 214 8.04 -23.01 23.79
CA GLU G 214 7.30 -23.58 22.67
C GLU G 214 6.74 -24.96 23.03
N THR G 215 7.51 -25.76 23.76
CA THR G 215 7.05 -27.09 24.14
C THR G 215 5.81 -27.01 25.03
N VAL G 216 5.87 -26.17 26.08
CA VAL G 216 4.73 -26.04 26.98
C VAL G 216 3.55 -25.42 26.25
N LYS G 217 3.81 -24.51 25.30
CA LYS G 217 2.73 -23.91 24.53
C LYS G 217 2.02 -24.96 23.68
N ASN G 218 2.76 -25.83 23.00
CA ASN G 218 2.13 -26.85 22.17
C ASN G 218 1.42 -27.89 23.03
N VAL G 219 2.01 -28.26 24.17
CA VAL G 219 1.34 -29.19 25.07
C VAL G 219 0.02 -28.61 25.56
N ARG G 220 0.02 -27.35 25.98
CA ARG G 220 -1.19 -26.70 26.44
C ARG G 220 -2.23 -26.61 25.34
N SER G 221 -1.79 -26.29 24.11
CA SER G 221 -2.72 -26.21 22.99
C SER G 221 -3.38 -27.56 22.74
N LEU G 222 -2.58 -28.63 22.71
CA LEU G 222 -3.13 -29.96 22.45
C LEU G 222 -4.11 -30.36 23.56
N MET G 223 -3.71 -30.21 24.82
CA MET G 223 -4.58 -30.62 25.91
C MET G 223 -5.85 -29.78 25.97
N GLY G 224 -5.74 -28.49 25.64
CA GLY G 224 -6.92 -27.64 25.64
C GLY G 224 -7.88 -28.01 24.53
N GLU G 225 -7.36 -28.31 23.34
CA GLU G 225 -8.24 -28.73 22.26
C GLU G 225 -8.90 -30.08 22.57
N VAL G 226 -8.17 -30.97 23.24
CA VAL G 226 -8.76 -32.26 23.61
C VAL G 226 -9.85 -32.06 24.66
N ARG G 227 -9.63 -31.16 25.62
CA ARG G 227 -10.67 -30.86 26.60
C ARG G 227 -11.87 -30.18 25.96
N VAL G 228 -11.64 -29.37 24.92
CA VAL G 228 -12.75 -28.77 24.18
C VAL G 228 -13.55 -29.87 23.48
N LEU G 229 -12.86 -30.81 22.85
CA LEU G 229 -13.54 -31.94 22.21
C LEU G 229 -14.38 -32.73 23.20
N ASN G 230 -13.80 -33.05 24.36
CA ASN G 230 -14.47 -33.94 25.31
C ASN G 230 -15.80 -33.37 25.81
N ASN G 231 -16.03 -32.07 25.65
CA ASN G 231 -17.26 -31.44 26.12
C ASN G 231 -18.10 -30.84 25.00
N MET G 232 -17.59 -30.80 23.77
CA MET G 232 -18.29 -30.14 22.68
C MET G 232 -19.58 -30.89 22.34
N ASP G 233 -20.49 -30.17 21.69
CA ASP G 233 -21.71 -30.79 21.19
C ASP G 233 -21.39 -31.65 19.96
N ASP G 234 -22.13 -32.74 19.80
CA ASP G 234 -21.88 -33.65 18.70
C ASP G 234 -22.08 -32.99 17.35
N ASP G 235 -23.17 -32.23 17.19
CA ASP G 235 -23.48 -31.63 15.89
C ASP G 235 -22.41 -30.67 15.42
N GLU G 236 -21.58 -30.15 16.32
CA GLU G 236 -20.50 -29.24 15.95
C GLU G 236 -19.20 -29.97 15.66
N VAL G 237 -19.06 -31.22 16.13
CA VAL G 237 -17.79 -31.92 16.03
C VAL G 237 -17.28 -31.94 14.60
N PHE G 238 -18.15 -32.23 13.64
CA PHE G 238 -17.75 -32.23 12.23
C PHE G 238 -17.05 -30.93 11.86
N THR G 239 -17.68 -29.80 12.15
CA THR G 239 -17.06 -28.52 11.81
C THR G 239 -15.71 -28.37 12.49
N PHE G 240 -15.61 -28.84 13.74
CA PHE G 240 -14.33 -28.78 14.45
C PHE G 240 -13.24 -29.50 13.68
N ALA G 241 -13.57 -30.65 13.09
CA ALA G 241 -12.61 -31.35 12.25
C ALA G 241 -12.14 -30.45 11.11
N LYS G 242 -13.09 -29.78 10.44
CA LYS G 242 -12.73 -28.82 9.41
C LYS G 242 -11.78 -27.75 9.94
N LYS G 243 -11.96 -27.34 11.19
CA LYS G 243 -11.10 -26.29 11.74
C LYS G 243 -9.69 -26.82 11.99
N ILE G 244 -9.56 -28.13 12.21
CA ILE G 244 -8.25 -28.70 12.50
C ILE G 244 -7.73 -29.61 11.40
N SER G 245 -8.53 -29.86 10.37
CA SER G 245 -8.16 -30.72 9.24
C SER G 245 -7.64 -32.07 9.73
N ALA G 246 -8.51 -32.80 10.41
CA ALA G 246 -8.20 -34.12 10.95
C ALA G 246 -9.33 -35.07 10.60
N PRO G 247 -9.02 -36.36 10.48
CA PRO G 247 -10.09 -37.33 10.18
C PRO G 247 -11.16 -37.32 11.24
N TYR G 248 -12.43 -37.34 10.81
CA TYR G 248 -13.53 -37.27 11.76
C TYR G 248 -13.58 -38.51 12.65
N ASP G 249 -13.18 -39.66 12.14
CA ASP G 249 -13.22 -40.87 12.94
C ASP G 249 -12.28 -40.76 14.14
N LEU G 250 -11.05 -40.30 13.91
CA LEU G 250 -10.12 -40.10 15.01
C LEU G 250 -10.58 -38.99 15.94
N VAL G 251 -11.20 -37.94 15.40
CA VAL G 251 -11.71 -36.86 16.25
C VAL G 251 -12.77 -37.41 17.20
N ALA G 252 -13.71 -38.19 16.67
CA ALA G 252 -14.74 -38.79 17.50
C ALA G 252 -14.14 -39.76 18.50
N GLN G 253 -13.08 -40.48 18.11
CA GLN G 253 -12.43 -41.39 19.02
C GLN G 253 -11.80 -40.66 20.19
N THR G 254 -11.11 -39.56 19.92
CA THR G 254 -10.53 -38.76 21.02
C THR G 254 -11.63 -38.17 21.89
N LYS G 255 -12.71 -37.68 21.27
CA LYS G 255 -13.81 -37.14 22.06
C LYS G 255 -14.40 -38.19 22.99
N GLN G 256 -14.54 -39.42 22.49
CA GLN G 256 -15.10 -40.49 23.31
C GLN G 256 -14.12 -40.95 24.38
N MET G 257 -12.82 -40.85 24.11
CA MET G 257 -11.81 -41.37 25.02
C MET G 257 -11.25 -40.31 25.96
N GLY G 258 -11.39 -39.02 25.62
CA GLY G 258 -10.82 -37.97 26.44
C GLY G 258 -9.36 -37.69 26.21
N ARG G 259 -8.69 -38.47 25.36
CA ARG G 259 -7.30 -38.27 25.00
C ARG G 259 -7.10 -38.74 23.57
N VAL G 260 -5.98 -38.37 22.98
CA VAL G 260 -5.62 -38.97 21.68
C VAL G 260 -5.32 -40.45 21.89
N PRO G 261 -5.70 -41.33 20.97
CA PRO G 261 -5.55 -42.77 21.23
C PRO G 261 -4.13 -43.26 21.03
N VAL G 262 -3.15 -42.49 21.52
CA VAL G 262 -1.74 -42.86 21.46
C VAL G 262 -1.07 -42.38 22.74
N VAL G 263 0.22 -42.62 22.85
CA VAL G 263 1.01 -42.14 23.97
C VAL G 263 1.62 -40.81 23.61
N GLN G 264 1.47 -39.82 24.48
CA GLN G 264 1.98 -38.49 24.26
C GLN G 264 3.25 -38.27 25.07
N PHE G 265 4.34 -37.95 24.36
CA PHE G 265 5.60 -37.56 24.99
C PHE G 265 5.84 -36.09 24.69
N ALA G 266 6.83 -35.51 25.33
CA ALA G 266 7.20 -34.13 25.09
C ALA G 266 8.64 -34.03 24.61
N SER G 267 8.94 -32.99 23.84
CA SER G 267 10.29 -32.81 23.35
C SER G 267 10.60 -31.33 23.26
N GLY G 268 11.86 -30.97 23.49
CA GLY G 268 12.31 -29.61 23.31
C GLY G 268 12.48 -28.82 24.59
N GLY G 269 13.74 -28.55 24.96
CA GLY G 269 14.04 -27.71 26.09
C GLY G 269 13.99 -28.37 27.44
N ILE G 270 13.63 -29.65 27.51
CA ILE G 270 13.59 -30.34 28.80
C ILE G 270 15.02 -30.63 29.24
N THR G 271 15.54 -29.79 30.13
CA THR G 271 16.91 -29.93 30.63
C THR G 271 16.97 -30.16 32.13
N THR G 272 16.14 -29.49 32.88
CA THR G 272 16.12 -29.62 34.33
C THR G 272 14.96 -30.51 34.78
N PRO G 273 15.07 -31.12 35.96
CA PRO G 273 13.93 -31.92 36.47
C PRO G 273 12.64 -31.14 36.56
N ALA G 274 12.74 -29.83 36.78
CA ALA G 274 11.54 -29.00 36.81
C ALA G 274 10.80 -29.05 35.48
N ASP G 275 11.53 -29.02 34.37
CA ASP G 275 10.90 -29.05 33.06
C ASP G 275 10.21 -30.39 32.81
N ALA G 276 10.87 -31.48 33.17
CA ALA G 276 10.28 -32.80 32.98
C ALA G 276 9.03 -32.97 33.84
N ALA G 277 9.09 -32.53 35.10
CA ALA G 277 7.92 -32.63 35.96
C ALA G 277 6.80 -31.73 35.48
N LEU G 278 7.14 -30.58 34.91
CA LEU G 278 6.11 -29.71 34.33
C LEU G 278 5.43 -30.37 33.15
N MET G 279 6.22 -31.00 32.27
CA MET G 279 5.64 -31.71 31.13
C MET G 279 4.76 -32.86 31.59
N MET G 280 5.18 -33.59 32.61
CA MET G 280 4.39 -34.71 33.09
C MET G 280 3.16 -34.26 33.86
N GLN G 281 3.17 -33.05 34.41
CA GLN G 281 2.01 -32.57 35.15
C GLN G 281 0.97 -31.96 34.24
N LEU G 282 1.36 -31.58 33.02
CA LEU G 282 0.40 -31.04 32.06
C LEU G 282 -0.41 -32.12 31.36
N GLY G 283 -0.11 -33.39 31.59
CA GLY G 283 -0.85 -34.49 30.99
C GLY G 283 -0.03 -35.39 30.11
N CYS G 284 1.21 -35.04 29.78
CA CYS G 284 2.03 -35.90 28.93
C CYS G 284 2.38 -37.19 29.66
N ASP G 285 2.88 -38.16 28.90
CA ASP G 285 3.26 -39.46 29.44
C ASP G 285 4.77 -39.65 29.52
N GLY G 286 5.55 -38.71 29.00
CA GLY G 286 6.99 -38.84 29.04
C GLY G 286 7.65 -37.59 28.50
N VAL G 287 8.98 -37.65 28.41
CA VAL G 287 9.77 -36.53 27.94
C VAL G 287 10.89 -37.03 27.03
N PHE G 288 11.35 -36.15 26.15
CA PHE G 288 12.49 -36.41 25.26
C PHE G 288 13.62 -35.48 25.68
N VAL G 289 14.51 -35.97 26.54
CA VAL G 289 15.66 -35.19 26.94
C VAL G 289 16.73 -35.27 25.86
N GLY G 290 17.18 -34.11 25.39
CA GLY G 290 18.12 -34.06 24.30
C GLY G 290 19.51 -34.53 24.69
N SER G 291 20.44 -34.36 23.76
CA SER G 291 21.82 -34.75 23.99
C SER G 291 22.61 -33.71 24.77
N GLU G 292 22.05 -32.52 25.01
CA GLU G 292 22.76 -31.50 25.75
C GLU G 292 22.93 -31.83 27.22
N VAL G 293 22.35 -32.94 27.68
CA VAL G 293 22.50 -33.33 29.08
C VAL G 293 23.89 -33.89 29.33
N PHE G 294 24.52 -34.46 28.31
CA PHE G 294 25.78 -35.18 28.49
C PHE G 294 27.00 -34.27 28.50
N ASP G 295 26.93 -33.09 27.90
CA ASP G 295 28.06 -32.17 27.92
C ASP G 295 28.05 -31.23 29.12
N GLY G 296 27.18 -31.48 30.09
CA GLY G 296 27.15 -30.69 31.31
C GLY G 296 28.26 -31.08 32.26
N PRO G 297 28.19 -30.57 33.50
CA PRO G 297 29.21 -30.91 34.49
C PRO G 297 29.18 -32.38 34.88
N ASP G 298 27.98 -32.91 35.16
CA ASP G 298 27.81 -34.32 35.51
C ASP G 298 26.61 -34.85 34.72
N PRO G 299 26.84 -35.64 33.67
CA PRO G 299 25.73 -36.10 32.83
C PRO G 299 24.77 -37.04 33.55
N PHE G 300 25.31 -38.11 34.15
CA PHE G 300 24.43 -39.12 34.73
C PHE G 300 23.71 -38.63 35.96
N LYS G 301 24.26 -37.67 36.70
CA LYS G 301 23.53 -37.08 37.81
C LYS G 301 22.28 -36.37 37.32
N LYS G 302 22.43 -35.53 36.28
CA LYS G 302 21.28 -34.86 35.70
C LYS G 302 20.29 -35.86 35.12
N LEU G 303 20.79 -36.94 34.52
CA LEU G 303 19.92 -37.94 33.94
C LEU G 303 19.08 -38.63 35.01
N ARG G 304 19.73 -39.05 36.10
CA ARG G 304 19.00 -39.67 37.20
C ARG G 304 18.02 -38.68 37.82
N SER G 305 18.39 -37.41 37.91
CA SER G 305 17.48 -36.41 38.44
C SER G 305 16.24 -36.27 37.57
N ILE G 306 16.42 -36.22 36.25
CA ILE G 306 15.28 -36.08 35.35
C ILE G 306 14.41 -37.34 35.39
N VAL G 307 15.04 -38.51 35.47
CA VAL G 307 14.28 -39.76 35.54
C VAL G 307 13.44 -39.80 36.81
N GLN G 308 14.04 -39.45 37.95
CA GLN G 308 13.30 -39.44 39.20
C GLN G 308 12.21 -38.37 39.19
N ALA G 309 12.44 -37.26 38.49
CA ALA G 309 11.40 -36.24 38.36
C ALA G 309 10.21 -36.79 37.57
N VAL G 310 10.49 -37.49 36.48
CA VAL G 310 9.40 -38.08 35.68
C VAL G 310 8.65 -39.12 36.49
N GLN G 311 9.39 -39.92 37.27
CA GLN G 311 8.74 -40.96 38.08
C GLN G 311 7.90 -40.34 39.19
N HIS G 312 8.36 -39.23 39.76
CA HIS G 312 7.68 -38.61 40.90
C HIS G 312 7.24 -37.19 40.57
N TYR G 313 6.60 -37.00 39.42
CA TYR G 313 6.20 -35.67 38.97
C TYR G 313 5.21 -34.99 39.91
N ASN G 314 4.67 -35.70 40.91
CA ASN G 314 3.72 -35.11 41.84
C ASN G 314 4.36 -34.72 43.18
N ASP G 315 5.52 -35.26 43.51
CA ASP G 315 6.14 -34.99 44.80
C ASP G 315 7.12 -33.84 44.66
N PRO G 316 6.87 -32.69 45.29
CA PRO G 316 7.81 -31.57 45.19
C PRO G 316 9.09 -31.79 45.97
N HIS G 317 9.06 -32.58 47.06
CA HIS G 317 10.25 -32.74 47.88
C HIS G 317 11.33 -33.54 47.15
N VAL G 318 10.94 -34.64 46.50
CA VAL G 318 11.91 -35.39 45.70
C VAL G 318 12.45 -34.52 44.56
N LEU G 319 11.58 -33.70 43.96
CA LEU G 319 12.04 -32.77 42.94
C LEU G 319 13.11 -31.84 43.47
N ALA G 320 12.89 -31.29 44.67
CA ALA G 320 13.88 -30.40 45.26
C ALA G 320 15.15 -31.13 45.62
N GLU G 321 15.05 -32.40 46.01
CA GLU G 321 16.25 -33.17 46.37
C GLU G 321 17.11 -33.46 45.15
N MET G 322 16.49 -33.98 44.08
CA MET G 322 17.26 -34.31 42.89
C MET G 322 17.70 -33.09 42.09
N SER G 323 17.02 -31.96 42.23
CA SER G 323 17.41 -30.75 41.50
C SER G 323 18.46 -29.95 42.28
N PRO H 64 15.90 -38.93 -36.46
CA PRO H 64 16.42 -40.11 -35.75
C PRO H 64 16.29 -39.97 -34.23
N PHE H 65 15.10 -39.60 -33.76
CA PHE H 65 14.89 -39.47 -32.33
C PHE H 65 14.75 -40.83 -31.65
N SER H 66 14.21 -41.81 -32.37
CA SER H 66 13.99 -43.13 -31.77
C SER H 66 15.31 -43.82 -31.46
N VAL H 67 16.28 -43.72 -32.38
CA VAL H 67 17.57 -44.34 -32.11
C VAL H 67 18.29 -43.62 -30.97
N LYS H 68 18.07 -42.31 -30.83
CA LYS H 68 18.67 -41.60 -29.70
C LYS H 68 18.04 -42.02 -28.38
N VAL H 69 16.72 -42.23 -28.36
CA VAL H 69 16.06 -42.73 -27.16
C VAL H 69 16.54 -44.12 -26.82
N GLY H 70 16.73 -44.96 -27.85
CA GLY H 70 17.26 -46.30 -27.61
C GLY H 70 18.67 -46.27 -27.07
N LEU H 71 19.48 -45.33 -27.56
CA LEU H 71 20.84 -45.18 -27.05
C LEU H 71 20.82 -44.70 -25.61
N ALA H 72 19.88 -43.83 -25.27
CA ALA H 72 19.82 -43.29 -23.91
C ALA H 72 19.30 -44.31 -22.91
N GLN H 73 18.37 -45.17 -23.33
CA GLN H 73 17.71 -46.08 -22.42
C GLN H 73 18.56 -47.28 -22.03
N VAL H 74 19.85 -47.31 -22.39
CA VAL H 74 20.72 -48.35 -21.88
C VAL H 74 21.16 -48.01 -20.46
N LEU H 75 21.06 -46.76 -20.06
CA LEU H 75 21.44 -46.31 -18.73
C LEU H 75 20.39 -46.60 -17.67
N ARG H 76 19.29 -47.24 -18.04
CA ARG H 76 18.21 -47.50 -17.09
C ARG H 76 18.72 -48.37 -15.94
N GLY H 77 18.26 -48.04 -14.73
CA GLY H 77 18.69 -48.79 -13.56
C GLY H 77 20.14 -48.66 -13.22
N GLY H 78 20.72 -47.47 -13.40
CA GLY H 78 22.12 -47.26 -13.10
C GLY H 78 22.35 -45.91 -12.47
N ALA H 79 23.58 -45.70 -12.02
CA ALA H 79 24.00 -44.46 -11.39
C ALA H 79 25.03 -43.76 -12.26
N ILE H 80 24.91 -42.43 -12.34
CA ILE H 80 25.81 -41.60 -13.13
C ILE H 80 26.66 -40.78 -12.17
N VAL H 81 27.97 -41.04 -12.17
CA VAL H 81 28.89 -40.43 -11.22
C VAL H 81 29.60 -39.27 -11.91
N GLU H 82 29.57 -38.10 -11.29
CA GLU H 82 30.25 -36.93 -11.81
C GLU H 82 31.72 -36.97 -11.39
N VAL H 83 32.61 -37.19 -12.35
CA VAL H 83 34.03 -37.33 -12.08
C VAL H 83 34.76 -36.05 -12.47
N SER H 84 35.96 -35.88 -11.92
CA SER H 84 36.76 -34.69 -12.18
C SER H 84 38.16 -35.00 -12.65
N SER H 85 38.53 -36.26 -12.81
CA SER H 85 39.87 -36.62 -13.25
C SER H 85 39.84 -38.04 -13.78
N VAL H 86 41.00 -38.51 -14.24
CA VAL H 86 41.11 -39.88 -14.73
C VAL H 86 40.93 -40.88 -13.59
N ASN H 87 41.47 -40.55 -12.41
CA ASN H 87 41.40 -41.48 -11.28
C ASN H 87 39.98 -41.59 -10.74
N GLN H 88 39.28 -40.46 -10.62
CA GLN H 88 37.89 -40.52 -10.18
C GLN H 88 37.03 -41.26 -11.20
N ALA H 89 37.33 -41.09 -12.49
CA ALA H 89 36.59 -41.84 -13.51
C ALA H 89 36.84 -43.33 -13.39
N LYS H 90 38.10 -43.72 -13.13
CA LYS H 90 38.40 -45.14 -12.96
C LYS H 90 37.71 -45.70 -11.73
N LEU H 91 37.67 -44.93 -10.64
CA LEU H 91 36.96 -45.37 -9.44
C LEU H 91 35.47 -45.55 -9.73
N ALA H 92 34.87 -44.58 -10.41
CA ALA H 92 33.44 -44.66 -10.73
C ALA H 92 33.15 -45.83 -11.65
N GLU H 93 34.06 -46.17 -12.56
CA GLU H 93 33.88 -47.34 -13.39
C GLU H 93 33.98 -48.62 -12.57
N SER H 94 34.98 -48.68 -11.68
CA SER H 94 35.15 -49.87 -10.85
C SER H 94 33.99 -50.08 -9.90
N ALA H 95 33.32 -49.00 -9.49
CA ALA H 95 32.17 -49.14 -8.62
C ALA H 95 30.99 -49.77 -9.35
N GLY H 96 30.80 -49.46 -10.63
CA GLY H 96 29.71 -50.03 -11.40
C GLY H 96 28.78 -49.00 -11.96
N ALA H 97 29.24 -47.76 -12.08
CA ALA H 97 28.43 -46.71 -12.65
C ALA H 97 28.13 -46.99 -14.11
N CYS H 98 26.97 -46.53 -14.57
CA CYS H 98 26.59 -46.73 -15.96
C CYS H 98 27.23 -45.71 -16.89
N SER H 99 27.67 -44.57 -16.36
CA SER H 99 28.36 -43.56 -17.15
C SER H 99 29.03 -42.60 -16.19
N VAL H 100 29.81 -41.68 -16.75
CA VAL H 100 30.52 -40.66 -15.97
C VAL H 100 30.38 -39.33 -16.68
N ILE H 101 29.87 -38.33 -15.96
CA ILE H 101 29.72 -36.98 -16.49
C ILE H 101 30.89 -36.15 -15.99
N VAL H 102 31.62 -35.53 -16.93
CA VAL H 102 32.91 -34.93 -16.65
C VAL H 102 32.73 -33.49 -16.20
N SER H 103 33.38 -33.14 -15.09
CA SER H 103 33.48 -31.76 -14.63
C SER H 103 34.94 -31.48 -14.33
N ASP H 104 35.52 -30.52 -15.05
CA ASP H 104 36.97 -30.31 -15.00
C ASP H 104 37.54 -29.81 -13.68
N PRO H 105 36.97 -28.79 -13.02
CA PRO H 105 37.71 -28.12 -11.95
C PRO H 105 37.65 -28.92 -10.64
N VAL H 106 38.55 -28.55 -9.74
CA VAL H 106 38.45 -29.05 -8.37
C VAL H 106 37.24 -28.44 -7.68
N ARG H 107 36.95 -27.18 -7.98
CA ARG H 107 35.77 -26.47 -7.49
C ARG H 107 35.65 -25.17 -8.28
N SER H 108 34.48 -24.54 -8.22
CA SER H 108 34.25 -23.24 -8.82
C SER H 108 34.11 -22.22 -7.70
N ARG H 109 35.13 -21.37 -7.55
CA ARG H 109 35.22 -20.44 -6.43
C ARG H 109 34.49 -19.15 -6.81
N GLY H 110 33.16 -19.20 -6.76
CA GLY H 110 32.33 -18.05 -7.06
C GLY H 110 32.56 -17.48 -8.45
N GLY H 111 32.98 -18.32 -9.38
CA GLY H 111 33.26 -17.90 -10.74
C GLY H 111 32.23 -18.47 -11.71
N VAL H 112 32.49 -18.22 -13.00
CA VAL H 112 31.62 -18.69 -14.06
C VAL H 112 32.10 -20.08 -14.50
N ARG H 113 31.16 -21.02 -14.58
CA ARG H 113 31.49 -22.36 -15.04
C ARG H 113 31.08 -22.51 -16.50
N ARG H 114 31.65 -23.52 -17.15
CA ARG H 114 31.40 -23.75 -18.57
C ARG H 114 31.80 -25.18 -18.91
N MET H 115 31.82 -25.48 -20.20
CA MET H 115 32.17 -26.82 -20.66
C MET H 115 33.59 -27.18 -20.22
N PRO H 116 33.82 -28.41 -19.76
CA PRO H 116 35.17 -28.81 -19.34
C PRO H 116 36.14 -28.76 -20.51
N ASP H 117 37.43 -28.72 -20.16
CA ASP H 117 38.47 -28.59 -21.16
C ASP H 117 38.51 -29.87 -22.01
N PRO H 118 38.69 -29.73 -23.33
CA PRO H 118 38.62 -30.92 -24.20
C PRO H 118 39.63 -32.00 -23.88
N VAL H 119 40.87 -31.66 -23.52
CA VAL H 119 41.88 -32.69 -23.32
C VAL H 119 41.53 -33.55 -22.11
N LEU H 120 40.90 -32.96 -21.10
CA LEU H 120 40.47 -33.75 -19.95
C LEU H 120 39.37 -34.72 -20.34
N ILE H 121 38.44 -34.28 -21.19
CA ILE H 121 37.39 -35.16 -21.66
C ILE H 121 37.97 -36.31 -22.48
N LYS H 122 38.96 -36.02 -23.34
CA LYS H 122 39.57 -37.09 -24.11
C LYS H 122 40.35 -38.05 -23.22
N GLU H 123 41.02 -37.54 -22.19
CA GLU H 123 41.71 -38.42 -21.26
C GLU H 123 40.74 -39.33 -20.53
N VAL H 124 39.63 -38.77 -20.06
CA VAL H 124 38.62 -39.58 -19.37
C VAL H 124 38.05 -40.64 -20.32
N LYS H 125 37.70 -40.23 -21.54
CA LYS H 125 37.14 -41.17 -22.49
C LYS H 125 38.12 -42.28 -22.84
N ARG H 126 39.42 -41.95 -22.87
CA ARG H 126 40.42 -42.99 -23.11
C ARG H 126 40.58 -43.90 -21.90
N ALA H 127 40.36 -43.38 -20.69
CA ALA H 127 40.56 -44.16 -19.49
C ALA H 127 39.46 -45.22 -19.30
N VAL H 128 38.22 -44.78 -19.19
CA VAL H 128 37.11 -45.67 -18.88
C VAL H 128 36.49 -46.18 -20.17
N SER H 129 35.79 -47.31 -20.06
CA SER H 129 35.09 -47.88 -21.20
C SER H 129 33.60 -47.60 -21.19
N VAL H 130 33.04 -47.19 -20.06
CA VAL H 130 31.62 -46.86 -19.94
C VAL H 130 31.33 -45.62 -20.76
N PRO H 131 30.07 -45.35 -21.13
CA PRO H 131 29.75 -44.09 -21.80
C PRO H 131 30.20 -42.90 -20.98
N VAL H 132 30.69 -41.88 -21.67
CA VAL H 132 31.19 -40.66 -21.03
C VAL H 132 30.29 -39.51 -21.41
N MET H 133 29.78 -38.80 -20.41
CA MET H 133 28.95 -37.64 -20.62
C MET H 133 29.80 -36.37 -20.60
N ALA H 134 29.15 -35.24 -20.81
CA ALA H 134 29.81 -33.95 -20.76
C ALA H 134 28.74 -32.88 -20.56
N ARG H 135 29.17 -31.73 -20.06
CA ARG H 135 28.27 -30.64 -19.73
C ARG H 135 28.44 -29.50 -20.72
N ALA H 136 27.30 -28.93 -21.13
CA ALA H 136 27.27 -27.77 -22.01
C ALA H 136 26.31 -26.76 -21.42
N ARG H 137 26.69 -25.49 -21.43
CA ARG H 137 25.84 -24.45 -20.88
C ARG H 137 24.51 -24.42 -21.62
N VAL H 138 23.43 -24.24 -20.86
CA VAL H 138 22.10 -24.26 -21.45
C VAL H 138 21.95 -23.07 -22.40
N GLY H 139 21.64 -23.38 -23.66
CA GLY H 139 21.57 -22.38 -24.70
C GLY H 139 22.84 -22.19 -25.50
N HIS H 140 23.94 -22.81 -25.08
CA HIS H 140 25.23 -22.67 -25.75
C HIS H 140 25.39 -23.84 -26.71
N PHE H 141 24.90 -23.66 -27.94
CA PHE H 141 24.96 -24.75 -28.91
C PHE H 141 26.36 -24.94 -29.49
N VAL H 142 27.23 -23.94 -29.39
CA VAL H 142 28.59 -24.12 -29.89
C VAL H 142 29.39 -25.03 -28.96
N GLU H 143 29.17 -24.93 -27.66
CA GLU H 143 29.77 -25.89 -26.74
C GLU H 143 29.27 -27.29 -27.03
N ALA H 144 27.99 -27.42 -27.39
CA ALA H 144 27.46 -28.72 -27.76
C ALA H 144 28.10 -29.24 -29.04
N GLN H 145 28.37 -28.34 -29.99
CA GLN H 145 29.06 -28.74 -31.22
C GLN H 145 30.47 -29.24 -30.91
N ILE H 146 31.19 -28.51 -30.05
CA ILE H 146 32.54 -28.92 -29.69
C ILE H 146 32.51 -30.24 -28.94
N LEU H 147 31.48 -30.48 -28.12
CA LEU H 147 31.37 -31.75 -27.41
C LEU H 147 31.10 -32.89 -28.38
N GLU H 148 30.20 -32.66 -29.35
CA GLU H 148 29.90 -33.69 -30.33
C GLU H 148 31.10 -33.99 -31.21
N SER H 149 31.95 -32.99 -31.46
CA SER H 149 33.16 -33.25 -32.24
C SER H 149 34.13 -34.15 -31.48
N LEU H 150 34.17 -34.05 -30.16
CA LEU H 150 34.96 -34.96 -29.35
C LEU H 150 34.33 -36.35 -29.25
N ALA H 151 33.15 -36.53 -29.83
CA ALA H 151 32.48 -37.83 -29.88
C ALA H 151 32.12 -38.34 -28.49
N VAL H 152 31.70 -37.42 -27.60
CA VAL H 152 31.20 -37.85 -26.32
C VAL H 152 29.90 -38.64 -26.51
N ASP H 153 29.68 -39.60 -25.62
CA ASP H 153 28.52 -40.47 -25.76
C ASP H 153 27.22 -39.73 -25.48
N TYR H 154 27.22 -38.83 -24.49
CA TYR H 154 26.04 -38.07 -24.14
C TYR H 154 26.44 -36.64 -23.80
N ILE H 155 25.53 -35.71 -24.05
CA ILE H 155 25.72 -34.30 -23.75
C ILE H 155 24.65 -33.88 -22.76
N ASP H 156 25.07 -33.21 -21.69
CA ASP H 156 24.16 -32.76 -20.64
C ASP H 156 24.02 -31.25 -20.75
N GLU H 157 22.86 -30.79 -21.22
CA GLU H 157 22.55 -29.35 -21.26
C GLU H 157 22.23 -28.91 -19.85
N SER H 158 23.27 -28.85 -19.02
CA SER H 158 23.09 -28.66 -17.59
C SER H 158 22.88 -27.20 -17.24
N GLU H 159 22.04 -26.97 -16.23
CA GLU H 159 21.80 -25.63 -15.72
C GLU H 159 22.53 -25.36 -14.40
N ILE H 160 23.18 -26.37 -13.83
CA ILE H 160 24.02 -26.11 -12.66
C ILE H 160 25.22 -25.29 -13.07
N ILE H 161 25.68 -25.46 -14.30
CA ILE H 161 26.64 -24.54 -14.90
C ILE H 161 25.93 -23.24 -15.26
N SER H 162 26.69 -22.14 -15.22
CA SER H 162 26.14 -20.82 -15.52
C SER H 162 25.33 -20.84 -16.81
N VAL H 163 24.16 -20.21 -16.76
CA VAL H 163 23.25 -20.20 -17.92
C VAL H 163 23.86 -19.38 -19.04
N ALA H 164 23.97 -20.00 -20.22
CA ALA H 164 24.44 -19.26 -21.38
C ALA H 164 23.33 -18.38 -21.95
N ASP H 165 22.17 -18.96 -22.25
CA ASP H 165 21.04 -18.23 -22.81
C ASP H 165 19.86 -18.40 -21.87
N ASP H 166 19.37 -17.28 -21.31
CA ASP H 166 18.28 -17.37 -20.35
C ASP H 166 16.96 -17.68 -21.03
N ASP H 167 16.75 -17.13 -22.23
CA ASP H 167 15.45 -17.26 -22.89
C ASP H 167 15.32 -18.58 -23.64
N HIS H 168 16.29 -18.88 -24.50
CA HIS H 168 16.19 -20.02 -25.39
C HIS H 168 17.14 -21.13 -24.98
N PHE H 169 16.85 -22.34 -25.45
CA PHE H 169 17.63 -23.53 -25.19
C PHE H 169 18.28 -23.99 -26.49
N ILE H 170 19.02 -25.10 -26.40
CA ILE H 170 19.67 -25.67 -27.57
C ILE H 170 18.64 -26.44 -28.39
N ASN H 171 18.58 -26.15 -29.69
CA ASN H 171 17.75 -26.91 -30.61
C ASN H 171 18.44 -28.25 -30.87
N LYS H 172 18.21 -29.20 -29.96
CA LYS H 172 18.94 -30.45 -29.93
C LYS H 172 18.63 -31.37 -31.10
N HIS H 173 17.78 -30.96 -32.04
CA HIS H 173 17.53 -31.80 -33.20
C HIS H 173 18.65 -31.74 -34.22
N ASN H 174 19.51 -30.72 -34.15
CA ASN H 174 20.60 -30.56 -35.11
C ASN H 174 21.78 -31.45 -34.80
N PHE H 175 21.84 -32.06 -33.63
CA PHE H 175 22.98 -32.85 -33.20
C PHE H 175 22.71 -34.34 -33.33
N ARG H 176 23.79 -35.11 -33.42
CA ARG H 176 23.69 -36.56 -33.52
C ARG H 176 23.78 -37.25 -32.17
N SER H 177 24.46 -36.64 -31.21
CA SER H 177 24.60 -37.24 -29.90
C SER H 177 23.35 -37.00 -29.05
N PRO H 178 22.98 -37.95 -28.20
CA PRO H 178 21.80 -37.76 -27.34
C PRO H 178 22.06 -36.69 -26.29
N PHE H 179 20.99 -36.00 -25.92
CA PHE H 179 21.08 -34.89 -24.98
C PHE H 179 20.36 -35.25 -23.68
N ILE H 180 20.79 -34.60 -22.60
CA ILE H 180 20.18 -34.75 -21.28
C ILE H 180 19.84 -33.37 -20.76
N CYS H 181 18.56 -33.16 -20.43
CA CYS H 181 18.07 -31.85 -20.01
C CYS H 181 17.46 -31.96 -18.63
N GLY H 182 17.66 -30.92 -17.83
CA GLY H 182 17.06 -30.86 -16.52
C GLY H 182 15.62 -30.39 -16.57
N CYS H 183 14.84 -30.86 -15.60
CA CYS H 183 13.43 -30.49 -15.53
C CYS H 183 13.01 -30.39 -14.08
N ARG H 184 11.98 -29.58 -13.85
CA ARG H 184 11.39 -29.43 -12.52
C ARG H 184 9.92 -29.82 -12.45
N ASP H 185 9.25 -29.96 -13.58
CA ASP H 185 7.87 -30.42 -13.61
C ASP H 185 7.63 -31.10 -14.96
N THR H 186 6.37 -31.42 -15.25
CA THR H 186 6.06 -32.06 -16.53
C THR H 186 6.17 -31.08 -17.69
N GLY H 187 5.87 -29.81 -17.45
CA GLY H 187 5.97 -28.80 -18.50
C GLY H 187 7.36 -28.69 -19.07
N GLU H 188 8.35 -28.45 -18.20
CA GLU H 188 9.73 -28.34 -18.65
C GLU H 188 10.20 -29.63 -19.30
N ALA H 189 9.86 -30.77 -18.72
CA ALA H 189 10.29 -32.05 -19.26
C ALA H 189 9.75 -32.24 -20.68
N LEU H 190 8.47 -31.95 -20.88
CA LEU H 190 7.89 -32.13 -22.20
C LEU H 190 8.44 -31.11 -23.20
N ARG H 191 8.72 -29.89 -22.74
CA ARG H 191 9.36 -28.92 -23.62
C ARG H 191 10.72 -29.41 -24.07
N ARG H 192 11.51 -29.96 -23.14
CA ARG H 192 12.84 -30.44 -23.50
C ARG H 192 12.77 -31.65 -24.42
N ILE H 193 11.80 -32.54 -24.20
CA ILE H 193 11.63 -33.68 -25.11
C ILE H 193 11.22 -33.19 -26.48
N ARG H 194 10.42 -32.13 -26.55
CA ARG H 194 10.03 -31.56 -27.84
C ARG H 194 11.23 -30.95 -28.54
N GLU H 195 12.12 -30.29 -27.78
CA GLU H 195 13.31 -29.70 -28.38
C GLU H 195 14.27 -30.77 -28.91
N GLY H 196 14.26 -31.96 -28.33
CA GLY H 196 15.10 -33.03 -28.83
C GLY H 196 15.90 -33.78 -27.78
N ALA H 197 15.61 -33.51 -26.50
CA ALA H 197 16.33 -34.17 -25.43
C ALA H 197 15.96 -35.65 -25.38
N ALA H 198 16.95 -36.52 -25.57
CA ALA H 198 16.73 -37.95 -25.56
C ALA H 198 16.73 -38.54 -24.15
N MET H 199 16.90 -37.71 -23.12
CA MET H 199 16.93 -38.18 -21.75
C MET H 199 16.70 -36.99 -20.84
N ILE H 200 15.94 -37.19 -19.76
CA ILE H 200 15.52 -36.13 -18.88
C ILE H 200 15.99 -36.44 -17.47
N ARG H 201 16.52 -35.44 -16.77
CA ARG H 201 16.91 -35.58 -15.38
C ARG H 201 16.11 -34.58 -14.54
N ILE H 202 15.48 -35.07 -13.48
CA ILE H 202 14.75 -34.22 -12.56
C ILE H 202 15.75 -33.52 -11.65
N GLN H 203 15.80 -32.19 -11.74
CA GLN H 203 16.76 -31.38 -11.02
C GLN H 203 16.22 -30.99 -9.66
N GLY H 204 17.09 -31.01 -8.65
CA GLY H 204 16.73 -30.54 -7.33
C GLY H 204 17.36 -29.20 -7.01
N ASP H 205 18.42 -29.23 -6.19
CA ASP H 205 19.18 -28.02 -5.85
C ASP H 205 20.65 -28.39 -5.84
N LEU H 206 21.32 -28.20 -6.97
CA LEU H 206 22.73 -28.52 -7.06
C LEU H 206 23.59 -27.33 -6.65
N THR H 207 24.82 -27.63 -6.23
CA THR H 207 25.84 -26.65 -5.90
C THR H 207 25.40 -25.83 -4.68
N ALA H 208 24.25 -26.15 -4.10
CA ALA H 208 23.75 -25.44 -2.94
C ALA H 208 24.01 -26.22 -1.66
N THR H 209 23.66 -27.50 -1.64
CA THR H 209 23.83 -28.35 -0.47
C THR H 209 23.65 -29.80 -0.91
N GLY H 210 23.65 -30.71 0.05
CA GLY H 210 23.35 -32.11 -0.18
C GLY H 210 21.94 -32.51 0.19
N ASN H 211 21.03 -31.55 0.36
CA ASN H 211 19.66 -31.86 0.76
C ASN H 211 18.91 -32.54 -0.38
N ILE H 212 17.92 -33.34 -0.01
CA ILE H 212 17.13 -34.11 -0.97
C ILE H 212 15.72 -33.58 -1.13
N ALA H 213 15.37 -32.50 -0.43
CA ALA H 213 13.99 -32.04 -0.40
C ALA H 213 13.51 -31.60 -1.78
N GLU H 214 14.30 -30.75 -2.46
CA GLU H 214 13.86 -30.23 -3.75
C GLU H 214 13.80 -31.33 -4.80
N THR H 215 14.77 -32.26 -4.77
CA THR H 215 14.77 -33.34 -5.75
C THR H 215 13.54 -34.23 -5.59
N VAL H 216 13.25 -34.65 -4.37
CA VAL H 216 12.08 -35.51 -4.15
C VAL H 216 10.81 -34.74 -4.43
N LYS H 217 10.79 -33.44 -4.16
CA LYS H 217 9.61 -32.63 -4.47
C LYS H 217 9.34 -32.58 -5.96
N ASN H 218 10.38 -32.35 -6.76
CA ASN H 218 10.20 -32.29 -8.21
C ASN H 218 9.84 -33.66 -8.78
N VAL H 219 10.46 -34.72 -8.26
CA VAL H 219 10.12 -36.07 -8.71
C VAL H 219 8.65 -36.36 -8.42
N ARG H 220 8.19 -36.04 -7.21
CA ARG H 220 6.81 -36.29 -6.84
C ARG H 220 5.87 -35.46 -7.71
N SER H 221 6.23 -34.20 -7.98
CA SER H 221 5.39 -33.36 -8.83
C SER H 221 5.26 -33.95 -10.23
N LEU H 222 6.38 -34.37 -10.82
CA LEU H 222 6.34 -34.94 -12.15
C LEU H 222 5.50 -36.21 -12.20
N MET H 223 5.76 -37.13 -11.27
CA MET H 223 5.03 -38.40 -11.27
C MET H 223 3.55 -38.19 -10.99
N GLY H 224 3.22 -37.22 -10.13
CA GLY H 224 1.82 -36.95 -9.85
C GLY H 224 1.11 -36.35 -11.04
N GLU H 225 1.76 -35.44 -11.76
CA GLU H 225 1.14 -34.89 -12.96
C GLU H 225 0.99 -35.94 -14.04
N VAL H 226 1.95 -36.87 -14.13
CA VAL H 226 1.82 -37.94 -15.12
C VAL H 226 0.67 -38.87 -14.75
N ARG H 227 0.51 -39.16 -13.46
CA ARG H 227 -0.62 -40.00 -13.03
C ARG H 227 -1.94 -39.28 -13.24
N VAL H 228 -1.95 -37.95 -13.11
CA VAL H 228 -3.16 -37.18 -13.40
C VAL H 228 -3.49 -37.28 -14.88
N LEU H 229 -2.48 -37.16 -15.73
CA LEU H 229 -2.69 -37.30 -17.18
C LEU H 229 -3.24 -38.68 -17.52
N ASN H 230 -2.67 -39.73 -16.95
CA ASN H 230 -3.03 -41.09 -17.34
C ASN H 230 -4.50 -41.41 -17.05
N ASN H 231 -5.16 -40.63 -16.21
CA ASN H 231 -6.55 -40.87 -15.87
C ASN H 231 -7.49 -39.74 -16.27
N MET H 232 -6.96 -38.61 -16.73
CA MET H 232 -7.78 -37.45 -17.05
C MET H 232 -8.72 -37.75 -18.22
N ASP H 233 -9.78 -36.96 -18.32
CA ASP H 233 -10.67 -37.05 -19.46
C ASP H 233 -10.01 -36.43 -20.68
N ASP H 234 -10.32 -36.97 -21.86
CA ASP H 234 -9.70 -36.49 -23.09
C ASP H 234 -10.04 -35.04 -23.36
N ASP H 235 -11.32 -34.67 -23.22
CA ASP H 235 -11.76 -33.31 -23.55
C ASP H 235 -11.06 -32.25 -22.72
N GLU H 236 -10.52 -32.61 -21.56
CA GLU H 236 -9.80 -31.67 -20.71
C GLU H 236 -8.32 -31.62 -21.02
N VAL H 237 -7.77 -32.64 -21.69
CA VAL H 237 -6.34 -32.75 -21.88
C VAL H 237 -5.78 -31.48 -22.50
N PHE H 238 -6.44 -30.95 -23.54
CA PHE H 238 -5.99 -29.72 -24.17
C PHE H 238 -5.75 -28.62 -23.13
N THR H 239 -6.76 -28.35 -22.30
CA THR H 239 -6.62 -27.31 -21.28
C THR H 239 -5.43 -27.60 -20.37
N PHE H 240 -5.25 -28.88 -20.03
CA PHE H 240 -4.11 -29.26 -19.19
C PHE H 240 -2.80 -28.82 -19.81
N ALA H 241 -2.67 -28.99 -21.14
CA ALA H 241 -1.48 -28.50 -21.82
C ALA H 241 -1.30 -27.01 -21.59
N LYS H 242 -2.38 -26.24 -21.74
CA LYS H 242 -2.33 -24.82 -21.44
C LYS H 242 -1.84 -24.56 -20.02
N LYS H 243 -2.23 -25.42 -19.07
CA LYS H 243 -1.81 -25.21 -17.68
C LYS H 243 -0.34 -25.48 -17.51
N ILE H 244 0.24 -26.34 -18.36
CA ILE H 244 1.65 -26.68 -18.23
C ILE H 244 2.52 -26.16 -19.36
N SER H 245 1.92 -25.55 -20.38
CA SER H 245 2.62 -25.00 -21.54
C SER H 245 3.56 -26.04 -22.15
N ALA H 246 2.96 -27.12 -22.63
CA ALA H 246 3.68 -28.22 -23.26
C ALA H 246 2.98 -28.60 -24.55
N PRO H 247 3.71 -29.13 -25.53
CA PRO H 247 3.08 -29.54 -26.77
C PRO H 247 2.01 -30.60 -26.53
N TYR H 248 0.86 -30.42 -27.19
CA TYR H 248 -0.24 -31.34 -26.98
C TYR H 248 0.08 -32.75 -27.46
N ASP H 249 0.89 -32.86 -28.52
CA ASP H 249 1.24 -34.18 -29.03
C ASP H 249 2.01 -34.98 -27.99
N LEU H 250 3.01 -34.36 -27.36
CA LEU H 250 3.75 -35.05 -26.31
C LEU H 250 2.89 -35.32 -25.10
N VAL H 251 1.97 -34.41 -24.77
CA VAL H 251 1.06 -34.62 -23.65
C VAL H 251 0.20 -35.86 -23.89
N ALA H 252 -0.37 -35.96 -25.09
CA ALA H 252 -1.17 -37.13 -25.43
C ALA H 252 -0.31 -38.39 -25.45
N GLN H 253 0.94 -38.27 -25.88
CA GLN H 253 1.82 -39.44 -25.89
C GLN H 253 2.09 -39.94 -24.48
N THR H 254 2.37 -39.03 -23.54
CA THR H 254 2.58 -39.44 -22.15
C THR H 254 1.30 -40.02 -21.56
N LYS H 255 0.15 -39.41 -21.86
CA LYS H 255 -1.11 -39.95 -21.37
C LYS H 255 -1.35 -41.36 -21.88
N GLN H 256 -1.04 -41.62 -23.15
CA GLN H 256 -1.23 -42.95 -23.71
C GLN H 256 -0.20 -43.93 -23.17
N MET H 257 0.99 -43.46 -22.83
CA MET H 257 2.06 -44.35 -22.40
C MET H 257 2.16 -44.51 -20.90
N GLY H 258 1.62 -43.57 -20.12
CA GLY H 258 1.72 -43.62 -18.68
C GLY H 258 3.02 -43.06 -18.12
N ARG H 259 3.95 -42.66 -18.98
CA ARG H 259 5.21 -42.04 -18.56
C ARG H 259 5.63 -41.07 -19.65
N VAL H 260 6.59 -40.22 -19.32
CA VAL H 260 7.20 -39.39 -20.37
C VAL H 260 7.98 -40.30 -21.31
N PRO H 261 7.98 -40.04 -22.61
CA PRO H 261 8.62 -40.98 -23.55
C PRO H 261 10.13 -40.86 -23.58
N VAL H 262 10.76 -40.73 -22.40
CA VAL H 262 12.20 -40.67 -22.27
C VAL H 262 12.59 -41.39 -20.99
N VAL H 263 13.89 -41.42 -20.70
CA VAL H 263 14.39 -42.00 -19.46
C VAL H 263 14.52 -40.90 -18.42
N GLN H 264 13.97 -41.14 -17.24
CA GLN H 264 14.00 -40.17 -16.15
C GLN H 264 15.08 -40.53 -15.14
N PHE H 265 16.02 -39.63 -14.93
CA PHE H 265 17.03 -39.76 -13.89
C PHE H 265 16.75 -38.70 -12.83
N ALA H 266 17.46 -38.79 -11.71
CA ALA H 266 17.32 -37.81 -10.65
C ALA H 266 18.66 -37.15 -10.37
N SER H 267 18.61 -35.91 -9.89
CA SER H 267 19.84 -35.20 -9.57
C SER H 267 19.62 -34.30 -8.37
N GLY H 268 20.67 -34.12 -7.58
CA GLY H 268 20.61 -33.18 -6.47
C GLY H 268 20.44 -33.83 -5.10
N GLY H 269 21.49 -33.81 -4.30
CA GLY H 269 21.43 -34.26 -2.93
C GLY H 269 21.55 -35.75 -2.73
N ILE H 270 21.64 -36.54 -3.80
CA ILE H 270 21.77 -37.98 -3.64
C ILE H 270 23.18 -38.29 -3.17
N THR H 271 23.34 -38.53 -1.87
CA THR H 271 24.63 -38.81 -1.27
C THR H 271 24.69 -40.17 -0.61
N THR H 272 23.64 -40.59 0.05
CA THR H 272 23.60 -41.87 0.72
C THR H 272 22.80 -42.88 -0.09
N PRO H 273 23.04 -44.18 0.10
CA PRO H 273 22.24 -45.19 -0.61
C PRO H 273 20.75 -45.05 -0.35
N ALA H 274 20.36 -44.53 0.82
CA ALA H 274 18.95 -44.31 1.09
C ALA H 274 18.36 -43.33 0.08
N ASP H 275 19.09 -42.26 -0.25
CA ASP H 275 18.57 -41.28 -1.20
C ASP H 275 18.41 -41.87 -2.59
N ALA H 276 19.39 -42.65 -3.03
CA ALA H 276 19.31 -43.28 -4.35
C ALA H 276 18.16 -44.27 -4.41
N ALA H 277 17.99 -45.08 -3.37
CA ALA H 277 16.89 -46.03 -3.35
C ALA H 277 15.54 -45.32 -3.28
N LEU H 278 15.50 -44.18 -2.59
CA LEU H 278 14.26 -43.39 -2.55
C LEU H 278 13.93 -42.84 -3.93
N MET H 279 14.93 -42.33 -4.64
CA MET H 279 14.68 -41.82 -6.00
C MET H 279 14.24 -42.94 -6.92
N MET H 280 14.84 -44.13 -6.80
CA MET H 280 14.46 -45.23 -7.66
C MET H 280 13.11 -45.82 -7.30
N GLN H 281 12.67 -45.65 -6.05
CA GLN H 281 11.38 -46.18 -5.64
C GLN H 281 10.24 -45.25 -6.00
N LEU H 282 10.54 -43.97 -6.25
CA LEU H 282 9.51 -43.03 -6.65
C LEU H 282 9.16 -43.13 -8.13
N GLY H 283 9.87 -43.95 -8.89
CA GLY H 283 9.60 -44.13 -10.30
C GLY H 283 10.73 -43.75 -11.23
N CYS H 284 11.78 -43.09 -10.74
CA CYS H 284 12.89 -42.72 -11.60
C CYS H 284 13.63 -43.96 -12.09
N ASP H 285 14.48 -43.75 -13.10
CA ASP H 285 15.26 -44.83 -13.69
C ASP H 285 16.73 -44.78 -13.30
N GLY H 286 17.17 -43.73 -12.62
CA GLY H 286 18.55 -43.63 -12.23
C GLY H 286 18.77 -42.41 -11.34
N VAL H 287 20.04 -42.18 -11.00
CA VAL H 287 20.41 -41.07 -10.13
C VAL H 287 21.68 -40.42 -10.67
N PHE H 288 21.85 -39.15 -10.31
CA PHE H 288 23.05 -38.37 -10.62
C PHE H 288 23.77 -38.07 -9.32
N VAL H 289 24.73 -38.91 -8.94
CA VAL H 289 25.51 -38.67 -7.75
C VAL H 289 26.59 -37.64 -8.06
N GLY H 290 26.64 -36.58 -7.27
CA GLY H 290 27.56 -35.49 -7.52
C GLY H 290 28.99 -35.88 -7.22
N SER H 291 29.86 -34.86 -7.29
CA SER H 291 31.28 -35.04 -7.03
C SER H 291 31.61 -35.05 -5.55
N GLU H 292 30.65 -34.70 -4.68
CA GLU H 292 30.92 -34.68 -3.26
C GLU H 292 31.13 -36.07 -2.67
N VAL H 293 30.94 -37.12 -3.46
CA VAL H 293 31.14 -38.48 -2.96
C VAL H 293 32.62 -38.77 -2.80
N PHE H 294 33.47 -38.12 -3.60
CA PHE H 294 34.88 -38.47 -3.65
C PHE H 294 35.71 -37.83 -2.55
N ASP H 295 35.26 -36.71 -1.98
CA ASP H 295 36.01 -36.08 -0.90
C ASP H 295 35.60 -36.59 0.48
N GLY H 296 34.82 -37.66 0.54
CA GLY H 296 34.44 -38.27 1.79
C GLY H 296 35.56 -39.12 2.36
N PRO H 297 35.25 -39.89 3.42
CA PRO H 297 36.28 -40.75 4.02
C PRO H 297 36.75 -41.86 3.07
N ASP H 298 35.79 -42.55 2.44
CA ASP H 298 36.11 -43.59 1.47
C ASP H 298 35.21 -43.40 0.25
N PRO H 299 35.76 -42.91 -0.86
CA PRO H 299 34.92 -42.60 -2.03
C PRO H 299 34.32 -43.84 -2.68
N PHE H 300 35.16 -44.83 -3.01
CA PHE H 300 34.67 -45.97 -3.76
C PHE H 300 33.75 -46.86 -2.95
N LYS H 301 33.89 -46.88 -1.62
CA LYS H 301 32.94 -47.61 -0.79
C LYS H 301 31.55 -47.01 -0.91
N LYS H 302 31.46 -45.68 -0.78
CA LYS H 302 30.16 -45.02 -0.94
C LYS H 302 29.63 -45.19 -2.35
N LEU H 303 30.51 -45.18 -3.35
CA LEU H 303 30.07 -45.35 -4.73
C LEU H 303 29.47 -46.74 -4.95
N ARG H 304 30.16 -47.78 -4.47
CA ARG H 304 29.64 -49.13 -4.58
C ARG H 304 28.34 -49.27 -3.80
N SER H 305 28.24 -48.62 -2.65
CA SER H 305 27.02 -48.68 -1.87
C SER H 305 25.85 -48.06 -2.64
N ILE H 306 26.07 -46.90 -3.25
CA ILE H 306 25.01 -46.24 -4.00
C ILE H 306 24.63 -47.06 -5.24
N VAL H 307 25.63 -47.65 -5.90
CA VAL H 307 25.35 -48.49 -7.07
C VAL H 307 24.50 -49.68 -6.68
N GLN H 308 24.89 -50.37 -5.60
CA GLN H 308 24.12 -51.52 -5.15
C GLN H 308 22.72 -51.12 -4.67
N ALA H 309 22.59 -49.91 -4.13
CA ALA H 309 21.27 -49.42 -3.74
C ALA H 309 20.40 -49.22 -4.97
N VAL H 310 20.95 -48.63 -6.03
CA VAL H 310 20.19 -48.43 -7.26
C VAL H 310 19.81 -49.77 -7.87
N GLN H 311 20.73 -50.74 -7.84
CA GLN H 311 20.44 -52.05 -8.40
C GLN H 311 19.38 -52.78 -7.60
N HIS H 312 19.39 -52.61 -6.27
CA HIS H 312 18.48 -53.34 -5.39
C HIS H 312 17.59 -52.38 -4.61
N TYR H 313 16.98 -51.41 -5.29
CA TYR H 313 16.17 -50.40 -4.63
C TYR H 313 14.96 -50.98 -3.92
N ASN H 314 14.65 -52.27 -4.09
CA ASN H 314 13.51 -52.88 -3.44
C ASN H 314 13.89 -53.69 -2.21
N ASP H 315 15.15 -54.10 -2.08
CA ASP H 315 15.57 -54.93 -0.97
C ASP H 315 16.08 -54.07 0.17
N PRO H 316 15.41 -54.03 1.32
CA PRO H 316 15.92 -53.21 2.44
C PRO H 316 17.15 -53.80 3.11
N HIS H 317 17.33 -55.13 3.08
CA HIS H 317 18.46 -55.73 3.78
C HIS H 317 19.78 -55.39 3.11
N VAL H 318 19.84 -55.46 1.77
CA VAL H 318 21.05 -55.05 1.07
C VAL H 318 21.32 -53.57 1.30
N LEU H 319 20.25 -52.76 1.33
CA LEU H 319 20.41 -51.34 1.64
C LEU H 319 21.06 -51.14 3.00
N ALA H 320 20.59 -51.88 4.01
CA ALA H 320 21.17 -51.77 5.34
C ALA H 320 22.61 -52.27 5.38
N GLU H 321 22.93 -53.27 4.56
CA GLU H 321 24.29 -53.80 4.56
C GLU H 321 25.27 -52.81 3.93
N MET H 322 24.93 -52.27 2.76
CA MET H 322 25.82 -51.33 2.10
C MET H 322 25.87 -49.96 2.76
N SER H 323 24.82 -49.58 3.48
CA SER H 323 24.81 -48.28 4.16
C SER H 323 25.47 -48.37 5.53
N PRO I 64 30.56 12.61 -44.90
CA PRO I 64 31.41 11.48 -45.24
C PRO I 64 31.16 10.27 -44.36
N PHE I 65 29.89 9.88 -44.21
CA PHE I 65 29.58 8.72 -43.40
C PHE I 65 29.89 7.42 -44.14
N SER I 66 29.77 7.42 -45.46
CA SER I 66 29.99 6.20 -46.23
C SER I 66 31.46 5.78 -46.17
N VAL I 67 32.39 6.74 -46.26
CA VAL I 67 33.79 6.39 -46.17
C VAL I 67 34.14 5.91 -44.77
N LYS I 68 33.46 6.44 -43.75
CA LYS I 68 33.70 5.96 -42.40
C LYS I 68 33.19 4.54 -42.21
N VAL I 69 32.04 4.22 -42.80
CA VAL I 69 31.53 2.85 -42.75
C VAL I 69 32.47 1.91 -43.50
N GLY I 70 32.98 2.35 -44.64
CA GLY I 70 33.94 1.53 -45.36
C GLY I 70 35.22 1.31 -44.59
N LEU I 71 35.68 2.34 -43.87
CA LEU I 71 36.86 2.18 -43.01
C LEU I 71 36.59 1.21 -41.88
N ALA I 72 35.37 1.24 -41.33
CA ALA I 72 35.05 0.39 -40.19
C ALA I 72 34.87 -1.06 -40.63
N GLN I 73 34.33 -1.30 -41.82
CA GLN I 73 33.99 -2.64 -42.24
C GLN I 73 35.19 -3.47 -42.69
N VAL I 74 36.42 -2.99 -42.48
CA VAL I 74 37.58 -3.83 -42.72
C VAL I 74 37.79 -4.79 -41.56
N LEU I 75 37.22 -4.48 -40.39
CA LEU I 75 37.35 -5.31 -39.20
C LEU I 75 36.42 -6.50 -39.20
N ARG I 76 35.63 -6.69 -40.27
CA ARG I 76 34.68 -7.79 -40.30
C ARG I 76 35.38 -9.13 -40.19
N GLY I 77 34.78 -10.04 -39.43
CA GLY I 77 35.36 -11.36 -39.24
C GLY I 77 36.67 -11.35 -38.48
N GLY I 78 36.80 -10.49 -37.46
CA GLY I 78 38.01 -10.42 -36.67
C GLY I 78 37.70 -10.21 -35.21
N ALA I 79 38.75 -10.30 -34.40
CA ALA I 79 38.65 -10.12 -32.96
C ALA I 79 39.42 -8.87 -32.55
N ILE I 80 38.84 -8.12 -31.61
CA ILE I 80 39.43 -6.89 -31.10
C ILE I 80 39.88 -7.14 -29.67
N VAL I 81 41.19 -7.09 -29.44
CA VAL I 81 41.78 -7.42 -28.14
C VAL I 81 42.07 -6.14 -27.39
N GLU I 82 41.58 -6.06 -26.15
CA GLU I 82 41.84 -4.90 -25.31
C GLU I 82 43.19 -5.06 -24.62
N VAL I 83 44.16 -4.23 -25.02
CA VAL I 83 45.52 -4.32 -24.52
C VAL I 83 45.75 -3.21 -23.51
N SER I 84 46.78 -3.41 -22.68
CA SER I 84 47.12 -2.46 -21.64
C SER I 84 48.57 -2.01 -21.66
N SER I 85 49.36 -2.48 -22.60
CA SER I 85 50.77 -2.11 -22.68
C SER I 85 51.28 -2.41 -24.08
N VAL I 86 52.56 -2.09 -24.31
CA VAL I 86 53.18 -2.38 -25.60
C VAL I 86 53.30 -3.88 -25.80
N ASN I 87 53.62 -4.62 -24.75
CA ASN I 87 53.82 -6.06 -24.87
C ASN I 87 52.51 -6.79 -25.14
N GLN I 88 51.44 -6.41 -24.43
CA GLN I 88 50.14 -7.01 -24.69
C GLN I 88 49.65 -6.68 -26.09
N ALA I 89 49.96 -5.46 -26.57
CA ALA I 89 49.59 -5.10 -27.94
C ALA I 89 50.35 -5.94 -28.95
N LYS I 90 51.64 -6.17 -28.70
CA LYS I 90 52.42 -7.01 -29.61
C LYS I 90 51.91 -8.45 -29.60
N LEU I 91 51.54 -8.97 -28.42
CA LEU I 91 50.97 -10.30 -28.36
C LEU I 91 49.66 -10.37 -29.14
N ALA I 92 48.78 -9.38 -28.96
CA ALA I 92 47.51 -9.38 -29.65
C ALA I 92 47.69 -9.26 -31.16
N GLU I 93 48.72 -8.53 -31.60
CA GLU I 93 49.01 -8.47 -33.03
C GLU I 93 49.52 -9.81 -33.54
N SER I 94 50.42 -10.45 -32.79
CA SER I 94 50.96 -11.74 -33.20
C SER I 94 49.89 -12.82 -33.24
N ALA I 95 48.86 -12.70 -32.39
CA ALA I 95 47.79 -13.68 -32.41
C ALA I 95 46.96 -13.57 -33.69
N GLY I 96 46.74 -12.36 -34.19
CA GLY I 96 45.98 -12.19 -35.41
C GLY I 96 44.76 -11.30 -35.23
N ALA I 97 44.77 -10.49 -34.17
CA ALA I 97 43.65 -9.58 -33.93
C ALA I 97 43.57 -8.53 -35.03
N CYS I 98 42.34 -8.09 -35.31
CA CYS I 98 42.13 -7.08 -36.34
C CYS I 98 42.43 -5.67 -35.84
N SER I 99 42.42 -5.45 -34.54
CA SER I 99 42.73 -4.16 -33.95
C SER I 99 42.95 -4.36 -32.46
N VAL I 100 43.39 -3.30 -31.80
CA VAL I 100 43.65 -3.32 -30.36
C VAL I 100 43.09 -2.05 -29.75
N ILE I 101 42.20 -2.20 -28.77
CA ILE I 101 41.62 -1.08 -28.05
C ILE I 101 42.39 -0.88 -26.75
N VAL I 102 42.90 0.32 -26.54
CA VAL I 102 43.88 0.61 -25.50
C VAL I 102 43.17 0.95 -24.20
N SER I 103 43.59 0.30 -23.12
CA SER I 103 43.17 0.64 -21.76
C SER I 103 44.41 0.76 -20.91
N ASP I 104 44.65 1.96 -20.36
CA ASP I 104 45.92 2.24 -19.69
C ASP I 104 46.19 1.46 -18.40
N PRO I 105 45.26 1.37 -17.44
CA PRO I 105 45.65 0.92 -16.10
C PRO I 105 45.80 -0.59 -16.03
N VAL I 106 46.47 -1.03 -14.97
CA VAL I 106 46.48 -2.45 -14.64
C VAL I 106 45.09 -2.89 -14.20
N ARG I 107 44.39 -2.02 -13.48
CA ARG I 107 43.00 -2.25 -13.05
C ARG I 107 42.48 -0.93 -12.51
N SER I 108 41.16 -0.82 -12.38
CA SER I 108 40.52 0.33 -11.77
C SER I 108 39.96 -0.09 -10.41
N ARG I 109 40.60 0.37 -9.34
CA ARG I 109 40.28 -0.07 -7.98
C ARG I 109 39.17 0.82 -7.44
N GLY I 110 37.94 0.55 -7.89
CA GLY I 110 36.78 1.28 -7.42
C GLY I 110 36.86 2.77 -7.65
N GLY I 111 37.61 3.19 -8.69
CA GLY I 111 37.79 4.58 -9.00
C GLY I 111 37.09 4.95 -10.30
N VAL I 112 37.31 6.20 -10.71
CA VAL I 112 36.74 6.72 -11.95
C VAL I 112 37.70 6.44 -13.09
N ARG I 113 37.17 5.87 -14.17
CA ARG I 113 37.98 5.61 -15.35
C ARG I 113 37.74 6.69 -16.40
N ARG I 114 38.66 6.79 -17.35
CA ARG I 114 38.59 7.83 -18.36
C ARG I 114 39.49 7.43 -19.53
N MET I 115 39.70 8.36 -20.45
CA MET I 115 40.52 8.09 -21.61
C MET I 115 41.94 7.75 -21.19
N PRO I 116 42.56 6.75 -21.82
CA PRO I 116 43.95 6.40 -21.46
C PRO I 116 44.91 7.54 -21.73
N ASP I 117 46.07 7.46 -21.09
CA ASP I 117 47.05 8.52 -21.20
C ASP I 117 47.60 8.58 -22.63
N PRO I 118 47.79 9.78 -23.18
CA PRO I 118 48.19 9.88 -24.59
C PRO I 118 49.51 9.20 -24.92
N VAL I 119 50.52 9.26 -24.05
CA VAL I 119 51.82 8.70 -24.42
C VAL I 119 51.73 7.19 -24.54
N LEU I 120 50.88 6.55 -23.75
CA LEU I 120 50.69 5.12 -23.87
C LEU I 120 50.03 4.77 -25.20
N ILE I 121 49.06 5.58 -25.63
CA ILE I 121 48.42 5.35 -26.92
C ILE I 121 49.41 5.53 -28.05
N LYS I 122 50.27 6.54 -27.96
CA LYS I 122 51.28 6.73 -29.00
C LYS I 122 52.29 5.59 -29.02
N GLU I 123 52.68 5.09 -27.84
CA GLU I 123 53.60 3.95 -27.79
C GLU I 123 52.97 2.72 -28.43
N VAL I 124 51.69 2.45 -28.11
CA VAL I 124 51.00 1.31 -28.69
C VAL I 124 50.91 1.46 -30.21
N LYS I 125 50.50 2.65 -30.66
CA LYS I 125 50.36 2.87 -32.10
C LYS I 125 51.71 2.73 -32.81
N ARG I 126 52.80 3.12 -32.16
CA ARG I 126 54.11 2.93 -32.75
C ARG I 126 54.52 1.46 -32.75
N ALA I 127 54.05 0.69 -31.77
CA ALA I 127 54.46 -0.70 -31.66
C ALA I 127 53.80 -1.58 -32.74
N VAL I 128 52.47 -1.63 -32.75
CA VAL I 128 51.75 -2.52 -33.64
C VAL I 128 51.43 -1.79 -34.94
N SER I 129 51.16 -2.58 -35.98
CA SER I 129 50.78 -2.03 -37.27
C SER I 129 49.28 -2.11 -37.54
N VAL I 130 48.56 -2.93 -36.78
CA VAL I 130 47.10 -3.07 -36.94
C VAL I 130 46.44 -1.77 -36.51
N PRO I 131 45.19 -1.51 -36.93
CA PRO I 131 44.48 -0.33 -36.41
C PRO I 131 44.43 -0.34 -34.90
N VAL I 132 44.56 0.86 -34.31
CA VAL I 132 44.57 1.03 -32.87
C VAL I 132 43.33 1.82 -32.47
N MET I 133 42.56 1.27 -31.55
CA MET I 133 41.37 1.94 -31.04
C MET I 133 41.71 2.70 -29.77
N ALA I 134 40.71 3.37 -29.22
CA ALA I 134 40.86 4.11 -27.97
C ALA I 134 39.48 4.34 -27.39
N ARG I 135 39.44 4.58 -26.09
CA ARG I 135 38.19 4.74 -25.36
C ARG I 135 37.99 6.19 -24.97
N ALA I 136 36.76 6.67 -25.12
CA ALA I 136 36.36 8.00 -24.69
C ALA I 136 35.07 7.89 -23.92
N ARG I 137 34.99 8.62 -22.81
CA ARG I 137 33.79 8.57 -21.98
C ARG I 137 32.58 9.02 -22.79
N VAL I 138 31.47 8.30 -22.61
CA VAL I 138 30.26 8.60 -23.38
C VAL I 138 29.76 9.99 -23.02
N GLY I 139 29.65 10.85 -24.04
CA GLY I 139 29.28 12.23 -23.85
C GLY I 139 30.44 13.18 -23.71
N HIS I 140 31.67 12.68 -23.61
CA HIS I 140 32.86 13.50 -23.44
C HIS I 140 33.48 13.73 -24.81
N PHE I 141 33.03 14.78 -25.49
CA PHE I 141 33.53 15.03 -26.85
C PHE I 141 34.93 15.63 -26.85
N VAL I 142 35.38 16.19 -25.73
CA VAL I 142 36.74 16.73 -25.69
C VAL I 142 37.76 15.59 -25.64
N GLU I 143 37.44 14.51 -24.92
CA GLU I 143 38.29 13.34 -24.97
C GLU I 143 38.34 12.77 -26.38
N ALA I 144 37.21 12.81 -27.10
CA ALA I 144 37.20 12.36 -28.49
C ALA I 144 38.06 13.26 -29.36
N GLN I 145 38.05 14.57 -29.09
CA GLN I 145 38.90 15.50 -29.83
C GLN I 145 40.37 15.19 -29.58
N ILE I 146 40.73 14.96 -28.32
CA ILE I 146 42.12 14.63 -28.00
C ILE I 146 42.53 13.31 -28.64
N LEU I 147 41.61 12.35 -28.71
CA LEU I 147 41.92 11.07 -29.35
C LEU I 147 42.11 11.24 -30.85
N GLU I 148 41.25 12.04 -31.49
CA GLU I 148 41.40 12.29 -32.92
C GLU I 148 42.68 13.05 -33.23
N SER I 149 43.13 13.91 -32.32
CA SER I 149 44.39 14.61 -32.53
C SER I 149 45.57 13.64 -32.50
N LEU I 150 45.50 12.59 -31.69
CA LEU I 150 46.51 11.55 -31.70
C LEU I 150 46.42 10.65 -32.93
N ALA I 151 45.41 10.87 -33.78
CA ALA I 151 45.25 10.13 -35.04
C ALA I 151 45.02 8.64 -34.79
N VAL I 152 44.26 8.32 -33.74
CA VAL I 152 43.86 6.94 -33.54
C VAL I 152 42.95 6.49 -34.68
N ASP I 153 43.04 5.21 -35.02
CA ASP I 153 42.27 4.70 -36.15
C ASP I 153 40.77 4.66 -35.85
N TYR I 154 40.41 4.30 -34.63
CA TYR I 154 39.01 4.23 -34.23
C TYR I 154 38.86 4.75 -32.82
N ILE I 155 37.68 5.31 -32.53
CA ILE I 155 37.36 5.82 -31.20
C ILE I 155 36.14 5.05 -30.70
N ASP I 156 36.23 4.57 -29.46
CA ASP I 156 35.16 3.79 -28.84
C ASP I 156 34.50 4.64 -27.78
N GLU I 157 33.29 5.11 -28.05
CA GLU I 157 32.49 5.85 -27.07
C GLU I 157 31.95 4.84 -26.07
N SER I 158 32.84 4.34 -25.23
CA SER I 158 32.54 3.21 -24.38
C SER I 158 31.80 3.64 -23.12
N GLU I 159 30.87 2.80 -22.67
CA GLU I 159 30.14 3.02 -21.44
C GLU I 159 30.65 2.17 -20.29
N ILE I 160 31.59 1.26 -20.54
CA ILE I 160 32.20 0.53 -19.43
C ILE I 160 33.06 1.49 -18.62
N ILE I 161 33.62 2.51 -19.26
CA ILE I 161 34.23 3.62 -18.56
C ILE I 161 33.12 4.50 -17.98
N SER I 162 33.43 5.16 -16.86
CA SER I 162 32.46 6.02 -16.18
C SER I 162 31.79 6.97 -17.16
N VAL I 163 30.47 7.09 -17.03
CA VAL I 163 29.69 7.92 -17.94
C VAL I 163 30.02 9.39 -17.72
N ALA I 164 30.42 10.07 -18.79
CA ALA I 164 30.66 11.51 -18.70
C ALA I 164 29.34 12.28 -18.68
N ASP I 165 28.49 12.05 -19.68
CA ASP I 165 27.20 12.73 -19.79
C ASP I 165 26.10 11.68 -19.80
N ASP I 166 25.23 11.71 -18.79
CA ASP I 166 24.18 10.71 -18.69
C ASP I 166 23.09 10.93 -19.74
N ASP I 167 22.77 12.19 -20.03
CA ASP I 167 21.65 12.48 -20.91
C ASP I 167 22.04 12.40 -22.38
N HIS I 168 23.10 13.10 -22.77
CA HIS I 168 23.47 13.24 -24.17
C HIS I 168 24.72 12.46 -24.49
N PHE I 169 24.90 12.18 -25.77
CA PHE I 169 26.05 11.46 -26.30
C PHE I 169 26.89 12.41 -27.15
N ILE I 170 27.96 11.86 -27.71
CA ILE I 170 28.84 12.65 -28.57
C ILE I 170 28.21 12.78 -29.94
N ASN I 171 28.13 14.01 -30.45
CA ASN I 171 27.66 14.25 -31.82
C ASN I 171 28.80 13.88 -32.76
N LYS I 172 28.87 12.59 -33.08
CA LYS I 172 30.00 12.02 -33.79
C LYS I 172 30.11 12.47 -35.24
N HIS I 173 29.22 13.35 -35.71
CA HIS I 173 29.34 13.85 -37.07
C HIS I 173 30.43 14.91 -37.20
N ASN I 174 30.86 15.50 -36.10
CA ASN I 174 31.87 16.55 -36.13
C ASN I 174 33.29 16.01 -36.26
N PHE I 175 33.49 14.70 -36.08
CA PHE I 175 34.82 14.11 -36.08
C PHE I 175 35.09 13.40 -37.40
N ARG I 176 36.39 13.24 -37.69
CA ARG I 176 36.81 12.56 -38.90
C ARG I 176 37.07 11.07 -38.68
N SER I 177 37.42 10.67 -37.46
CA SER I 177 37.70 9.28 -37.17
C SER I 177 36.40 8.50 -36.94
N PRO I 178 36.34 7.24 -37.34
CA PRO I 178 35.13 6.45 -37.11
C PRO I 178 34.93 6.17 -35.64
N PHE I 179 33.67 6.06 -35.24
CA PHE I 179 33.30 5.85 -33.85
C PHE I 179 32.68 4.47 -33.66
N ILE I 180 32.79 3.96 -32.44
CA ILE I 180 32.19 2.69 -32.05
C ILE I 180 31.35 2.93 -30.80
N CYS I 181 30.07 2.57 -30.89
CA CYS I 181 29.14 2.82 -29.81
C CYS I 181 28.52 1.52 -29.34
N GLY I 182 28.29 1.43 -28.03
CA GLY I 182 27.62 0.26 -27.48
C GLY I 182 26.12 0.33 -27.62
N CYS I 183 25.50 -0.84 -27.71
CA CYS I 183 24.06 -0.90 -27.86
C CYS I 183 23.54 -2.14 -27.14
N ARG I 184 22.28 -2.07 -26.71
CA ARG I 184 21.61 -3.19 -26.07
C ARG I 184 20.38 -3.66 -26.81
N ASP I 185 19.86 -2.90 -27.77
CA ASP I 185 18.74 -3.32 -28.60
C ASP I 185 18.84 -2.57 -29.93
N THR I 186 17.79 -2.68 -30.74
CA THR I 186 17.81 -1.99 -32.03
C THR I 186 17.62 -0.50 -31.86
N GLY I 187 16.87 -0.07 -30.85
CA GLY I 187 16.66 1.35 -30.61
C GLY I 187 17.96 2.10 -30.36
N GLU I 188 18.75 1.64 -29.39
CA GLU I 188 20.01 2.28 -29.09
C GLU I 188 20.97 2.22 -30.28
N ALA I 189 21.01 1.08 -30.97
CA ALA I 189 21.90 0.94 -32.11
C ALA I 189 21.55 1.94 -33.20
N LEU I 190 20.25 2.08 -33.51
CA LEU I 190 19.85 3.01 -34.55
C LEU I 190 20.06 4.45 -34.12
N ARG I 191 19.85 4.76 -32.83
CA ARG I 191 20.17 6.10 -32.34
C ARG I 191 21.63 6.42 -32.52
N ARG I 192 22.51 5.47 -32.19
CA ARG I 192 23.94 5.71 -32.32
C ARG I 192 24.36 5.85 -33.77
N ILE I 193 23.75 5.06 -34.66
CA ILE I 193 24.05 5.20 -36.09
C ILE I 193 23.58 6.55 -36.59
N ARG I 194 22.46 7.03 -36.07
CA ARG I 194 21.97 8.35 -36.45
C ARG I 194 22.91 9.45 -35.96
N GLU I 195 23.46 9.29 -34.75
CA GLU I 195 24.40 10.27 -34.23
C GLU I 195 25.70 10.30 -35.01
N GLY I 196 26.08 9.19 -35.63
CA GLY I 196 27.27 9.17 -36.47
C GLY I 196 28.23 8.02 -36.20
N ALA I 197 27.79 7.05 -35.41
CA ALA I 197 28.64 5.90 -35.10
C ALA I 197 28.82 5.04 -36.34
N ALA I 198 30.06 4.89 -36.79
CA ALA I 198 30.36 4.10 -37.97
C ALA I 198 30.49 2.61 -37.66
N MET I 199 30.30 2.20 -36.41
CA MET I 199 30.42 0.81 -36.02
C MET I 199 29.72 0.64 -34.68
N ILE I 200 29.03 -0.49 -34.51
CA ILE I 200 28.20 -0.74 -33.33
C ILE I 200 28.68 -2.03 -32.67
N ARG I 201 28.78 -2.00 -31.35
CA ARG I 201 29.11 -3.19 -30.57
C ARG I 201 27.97 -3.48 -29.61
N ILE I 202 27.49 -4.72 -29.62
CA ILE I 202 26.45 -5.16 -28.70
C ILE I 202 27.08 -5.41 -27.35
N GLN I 203 26.66 -4.64 -26.35
CA GLN I 203 27.23 -4.67 -25.01
C GLN I 203 26.51 -5.69 -24.16
N GLY I 204 27.27 -6.41 -23.33
CA GLY I 204 26.69 -7.33 -22.38
C GLY I 204 26.79 -6.82 -20.96
N ASP I 205 27.74 -7.35 -20.19
CA ASP I 205 27.98 -6.91 -18.82
C ASP I 205 29.50 -6.89 -18.61
N LEU I 206 30.11 -5.73 -18.86
CA LEU I 206 31.55 -5.62 -18.70
C LEU I 206 31.90 -5.20 -17.28
N THR I 207 33.14 -5.54 -16.88
CA THR I 207 33.72 -5.15 -15.60
C THR I 207 32.95 -5.80 -14.44
N ALA I 208 31.96 -6.63 -14.77
CA ALA I 208 31.18 -7.32 -13.75
C ALA I 208 31.62 -8.76 -13.57
N THR I 209 31.75 -9.49 -14.67
CA THR I 209 32.15 -10.90 -14.64
C THR I 209 32.51 -11.31 -16.06
N GLY I 210 32.79 -12.59 -16.25
CA GLY I 210 33.01 -13.18 -17.56
C GLY I 210 31.82 -13.91 -18.12
N ASN I 211 30.62 -13.68 -17.60
CA ASN I 211 29.44 -14.39 -18.07
C ASN I 211 29.05 -13.89 -19.46
N ILE I 212 28.38 -14.78 -20.21
CA ILE I 212 27.98 -14.50 -21.58
C ILE I 212 26.48 -14.28 -21.72
N ALA I 213 25.73 -14.35 -20.62
CA ALA I 213 24.27 -14.34 -20.70
C ALA I 213 23.75 -13.02 -21.26
N GLU I 214 24.22 -11.91 -20.71
CA GLU I 214 23.70 -10.61 -21.15
C GLU I 214 24.10 -10.31 -22.59
N THR I 215 25.32 -10.68 -22.97
CA THR I 215 25.78 -10.42 -24.34
C THR I 215 24.93 -11.19 -25.34
N VAL I 216 24.74 -12.49 -25.12
CA VAL I 216 23.95 -13.29 -26.04
C VAL I 216 22.49 -12.85 -26.02
N LYS I 217 22.00 -12.39 -24.86
CA LYS I 217 20.64 -11.89 -24.80
C LYS I 217 20.45 -10.64 -25.65
N ASN I 218 21.38 -9.70 -25.56
CA ASN I 218 21.27 -8.48 -26.36
C ASN I 218 21.46 -8.76 -27.84
N VAL I 219 22.39 -9.67 -28.18
CA VAL I 219 22.57 -10.05 -29.58
C VAL I 219 21.29 -10.67 -30.14
N ARG I 220 20.68 -11.59 -29.39
CA ARG I 220 19.45 -12.22 -29.84
C ARG I 220 18.33 -11.20 -29.96
N SER I 221 18.24 -10.27 -29.02
CA SER I 221 17.20 -9.23 -29.09
C SER I 221 17.37 -8.39 -30.35
N LEU I 222 18.60 -7.95 -30.63
CA LEU I 222 18.84 -7.12 -31.81
C LEU I 222 18.52 -7.88 -33.09
N MET I 223 19.03 -9.11 -33.21
CA MET I 223 18.80 -9.87 -34.43
C MET I 223 17.33 -10.21 -34.61
N GLY I 224 16.62 -10.49 -33.51
CA GLY I 224 15.21 -10.78 -33.61
C GLY I 224 14.40 -9.57 -34.02
N GLU I 225 14.73 -8.40 -33.49
CA GLU I 225 14.02 -7.20 -33.90
C GLU I 225 14.31 -6.86 -35.36
N VAL I 226 15.54 -7.12 -35.82
CA VAL I 226 15.87 -6.88 -37.22
C VAL I 226 15.11 -7.84 -38.13
N ARG I 227 14.98 -9.11 -37.71
CA ARG I 227 14.21 -10.06 -38.49
C ARG I 227 12.72 -9.71 -38.47
N VAL I 228 12.23 -9.14 -37.38
CA VAL I 228 10.85 -8.67 -37.34
C VAL I 228 10.65 -7.52 -38.32
N LEU I 229 11.61 -6.59 -38.36
CA LEU I 229 11.55 -5.49 -39.32
C LEU I 229 11.54 -6.00 -40.75
N ASN I 230 12.43 -6.94 -41.08
CA ASN I 230 12.58 -7.38 -42.46
C ASN I 230 11.31 -8.00 -43.03
N ASN I 231 10.37 -8.41 -42.18
CA ASN I 231 9.14 -9.03 -42.65
C ASN I 231 7.88 -8.23 -42.29
N MET I 232 8.00 -7.17 -41.50
CA MET I 232 6.85 -6.42 -41.05
C MET I 232 6.15 -5.74 -42.22
N ASP I 233 4.88 -5.41 -42.01
CA ASP I 233 4.14 -4.62 -42.99
C ASP I 233 4.61 -3.17 -42.95
N ASP I 234 4.58 -2.52 -44.11
CA ASP I 234 5.05 -1.14 -44.20
C ASP I 234 4.22 -0.20 -43.33
N ASP I 235 2.90 -0.32 -43.39
CA ASP I 235 2.03 0.60 -42.66
C ASP I 235 2.25 0.57 -41.15
N GLU I 236 2.82 -0.52 -40.63
CA GLU I 236 3.11 -0.63 -39.21
C GLU I 236 4.49 -0.12 -38.84
N VAL I 237 5.40 -0.02 -39.82
CA VAL I 237 6.80 0.30 -39.53
C VAL I 237 6.90 1.57 -38.69
N PHE I 238 6.15 2.61 -39.07
CA PHE I 238 6.16 3.86 -38.30
C PHE I 238 5.93 3.60 -36.83
N THR I 239 4.85 2.88 -36.50
CA THR I 239 4.55 2.60 -35.09
C THR I 239 5.71 1.85 -34.44
N PHE I 240 6.32 0.92 -35.18
CA PHE I 240 7.47 0.19 -34.64
C PHE I 240 8.57 1.14 -34.21
N ALA I 241 8.82 2.18 -35.01
CA ALA I 241 9.80 3.20 -34.62
C ALA I 241 9.43 3.80 -33.27
N LYS I 242 8.15 4.17 -33.11
CA LYS I 242 7.67 4.67 -31.83
C LYS I 242 7.96 3.68 -30.71
N LYS I 243 7.85 2.38 -30.98
CA LYS I 243 8.08 1.39 -29.94
C LYS I 243 9.55 1.31 -29.57
N ILE I 244 10.44 1.67 -30.50
CA ILE I 244 11.88 1.58 -30.24
C ILE I 244 12.56 2.94 -30.16
N SER I 245 11.83 4.03 -30.44
CA SER I 245 12.37 5.39 -30.41
C SER I 245 13.64 5.50 -31.23
N ALA I 246 13.50 5.24 -32.53
CA ALA I 246 14.59 5.30 -33.48
C ALA I 246 14.15 6.10 -34.70
N PRO I 247 15.08 6.74 -35.39
CA PRO I 247 14.70 7.50 -36.60
C PRO I 247 14.07 6.58 -37.63
N TYR I 248 12.97 7.04 -38.24
CA TYR I 248 12.26 6.22 -39.20
C TYR I 248 13.09 5.95 -40.44
N ASP I 249 13.94 6.89 -40.83
CA ASP I 249 14.76 6.68 -42.02
C ASP I 249 15.71 5.50 -41.82
N LEU I 250 16.39 5.45 -40.68
CA LEU I 250 17.27 4.32 -40.40
C LEU I 250 16.48 3.02 -40.23
N VAL I 251 15.28 3.10 -39.65
CA VAL I 251 14.46 1.90 -39.51
C VAL I 251 14.11 1.33 -40.87
N ALA I 252 13.68 2.20 -41.80
CA ALA I 252 13.37 1.75 -43.15
C ALA I 252 14.62 1.24 -43.85
N GLN I 253 15.77 1.86 -43.58
CA GLN I 253 17.01 1.38 -44.20
C GLN I 253 17.36 -0.02 -43.74
N THR I 254 17.24 -0.30 -42.43
CA THR I 254 17.50 -1.64 -41.94
C THR I 254 16.49 -2.63 -42.49
N LYS I 255 15.21 -2.23 -42.56
CA LYS I 255 14.19 -3.11 -43.12
C LYS I 255 14.50 -3.46 -44.57
N GLN I 256 14.97 -2.47 -45.34
CA GLN I 256 15.29 -2.73 -46.74
C GLN I 256 16.57 -3.55 -46.88
N MET I 257 17.50 -3.42 -45.93
CA MET I 257 18.79 -4.07 -46.04
C MET I 257 18.85 -5.41 -45.32
N GLY I 258 17.97 -5.65 -44.36
CA GLY I 258 18.00 -6.87 -43.57
C GLY I 258 18.98 -6.86 -42.42
N ARG I 259 19.76 -5.79 -42.26
CA ARG I 259 20.68 -5.63 -41.15
C ARG I 259 20.80 -4.14 -40.84
N VAL I 260 21.36 -3.82 -39.69
CA VAL I 260 21.70 -2.42 -39.42
C VAL I 260 22.81 -1.99 -40.37
N PRO I 261 22.79 -0.76 -40.87
CA PRO I 261 23.77 -0.38 -41.89
C PRO I 261 25.14 -0.06 -41.32
N VAL I 262 25.60 -0.89 -40.39
CA VAL I 262 26.92 -0.76 -39.78
C VAL I 262 27.47 -2.15 -39.52
N VAL I 263 28.67 -2.22 -38.97
CA VAL I 263 29.28 -3.49 -38.58
C VAL I 263 28.94 -3.76 -37.12
N GLN I 264 28.46 -4.97 -36.84
CA GLN I 264 28.08 -5.37 -35.50
C GLN I 264 29.16 -6.24 -34.88
N PHE I 265 29.70 -5.80 -33.76
CA PHE I 265 30.62 -6.60 -32.96
C PHE I 265 29.93 -6.98 -31.66
N ALA I 266 30.55 -7.86 -30.90
CA ALA I 266 30.02 -8.26 -29.61
C ALA I 266 31.02 -7.95 -28.51
N SER I 267 30.51 -7.72 -27.31
CA SER I 267 31.39 -7.43 -26.18
C SER I 267 30.78 -8.00 -24.91
N GLY I 268 31.65 -8.42 -23.98
CA GLY I 268 31.20 -8.86 -22.69
C GLY I 268 31.19 -10.37 -22.50
N GLY I 269 32.13 -10.88 -21.70
CA GLY I 269 32.14 -12.28 -21.34
C GLY I 269 32.77 -13.21 -22.36
N ILE I 270 33.21 -12.72 -23.50
CA ILE I 270 33.84 -13.57 -24.50
C ILE I 270 35.24 -13.91 -24.01
N THR I 271 35.39 -15.11 -23.45
CA THR I 271 36.66 -15.58 -22.91
C THR I 271 37.17 -16.83 -23.59
N THR I 272 36.29 -17.76 -23.90
CA THR I 272 36.68 -19.00 -24.55
C THR I 272 36.34 -18.96 -26.03
N PRO I 273 37.01 -19.77 -26.86
CA PRO I 273 36.67 -19.82 -28.28
C PRO I 273 35.22 -20.18 -28.53
N ALA I 274 34.60 -20.94 -27.62
CA ALA I 274 33.18 -21.27 -27.76
C ALA I 274 32.34 -20.00 -27.74
N ASP I 275 32.66 -19.05 -26.87
CA ASP I 275 31.89 -17.82 -26.78
C ASP I 275 32.03 -16.98 -28.04
N ALA I 276 33.25 -16.87 -28.57
CA ALA I 276 33.46 -16.10 -29.79
C ALA I 276 32.76 -16.74 -30.97
N ALA I 277 32.83 -18.07 -31.09
CA ALA I 277 32.14 -18.75 -32.18
C ALA I 277 30.63 -18.63 -32.03
N LEU I 278 30.13 -18.63 -30.79
CA LEU I 278 28.70 -18.42 -30.56
C LEU I 278 28.27 -17.04 -31.00
N MET I 279 29.05 -16.02 -30.65
CA MET I 279 28.73 -14.67 -31.07
C MET I 279 28.76 -14.53 -32.59
N MET I 280 29.75 -15.16 -33.24
CA MET I 280 29.84 -15.07 -34.68
C MET I 280 28.76 -15.88 -35.38
N GLN I 281 28.22 -16.91 -34.72
CA GLN I 281 27.19 -17.72 -35.35
C GLN I 281 25.80 -17.10 -35.18
N LEU I 282 25.64 -16.18 -34.24
CA LEU I 282 24.37 -15.50 -34.06
C LEU I 282 24.16 -14.36 -35.06
N GLY I 283 25.16 -14.05 -35.87
CA GLY I 283 25.05 -12.99 -36.87
C GLY I 283 26.02 -11.84 -36.69
N CYS I 284 26.74 -11.76 -35.57
CA CYS I 284 27.69 -10.69 -35.38
C CYS I 284 28.86 -10.80 -36.36
N ASP I 285 29.63 -9.73 -36.47
CA ASP I 285 30.77 -9.69 -37.36
C ASP I 285 32.10 -9.75 -36.64
N GLY I 286 32.09 -9.72 -35.31
CA GLY I 286 33.33 -9.79 -34.56
C GLY I 286 33.05 -9.86 -33.08
N VAL I 287 34.13 -9.84 -32.29
CA VAL I 287 34.04 -9.94 -30.84
C VAL I 287 35.02 -8.96 -30.20
N PHE I 288 34.70 -8.57 -28.98
CA PHE I 288 35.56 -7.71 -28.15
C PHE I 288 36.05 -8.56 -26.97
N VAL I 289 37.22 -9.16 -27.11
CA VAL I 289 37.80 -9.93 -26.02
C VAL I 289 38.46 -8.97 -25.04
N GLY I 290 38.08 -9.07 -23.77
CA GLY I 290 38.56 -8.16 -22.76
C GLY I 290 40.02 -8.39 -22.42
N SER I 291 40.47 -7.67 -21.40
CA SER I 291 41.84 -7.78 -20.93
C SER I 291 42.07 -8.98 -20.02
N GLU I 292 41.01 -9.67 -19.60
CA GLU I 292 41.17 -10.81 -18.72
C GLU I 292 41.82 -12.00 -19.40
N VAL I 293 42.06 -11.92 -20.71
CA VAL I 293 42.71 -13.01 -21.43
C VAL I 293 44.19 -13.08 -21.09
N PHE I 294 44.79 -11.94 -20.73
CA PHE I 294 46.24 -11.87 -20.57
C PHE I 294 46.72 -12.34 -19.20
N ASP I 295 45.87 -12.31 -18.17
CA ASP I 295 46.27 -12.77 -16.85
C ASP I 295 46.00 -14.25 -16.65
N GLY I 296 45.65 -14.97 -17.70
CA GLY I 296 45.45 -16.40 -17.61
C GLY I 296 46.77 -17.16 -17.59
N PRO I 297 46.69 -18.49 -17.73
CA PRO I 297 47.92 -19.30 -17.73
C PRO I 297 48.80 -19.01 -18.94
N ASP I 298 48.20 -18.98 -20.13
CA ASP I 298 48.90 -18.67 -21.37
C ASP I 298 48.07 -17.68 -22.17
N PRO I 299 48.48 -16.40 -22.20
CA PRO I 299 47.65 -15.39 -22.88
C PRO I 299 47.57 -15.58 -24.39
N PHE I 300 48.72 -15.69 -25.05
CA PHE I 300 48.72 -15.73 -26.51
C PHE I 300 48.12 -17.01 -27.06
N LYS I 301 48.20 -18.11 -26.31
CA LYS I 301 47.53 -19.34 -26.74
C LYS I 301 46.02 -19.13 -26.80
N LYS I 302 45.44 -18.56 -25.72
CA LYS I 302 44.01 -18.26 -25.72
C LYS I 302 43.66 -17.26 -26.80
N LEU I 303 44.53 -16.28 -27.04
CA LEU I 303 44.26 -15.27 -28.06
C LEU I 303 44.21 -15.90 -29.44
N ARG I 304 45.20 -16.74 -29.76
CA ARG I 304 45.20 -17.43 -31.05
C ARG I 304 44.00 -18.35 -31.18
N SER I 305 43.60 -19.00 -30.07
CA SER I 305 42.43 -19.87 -30.09
C SER I 305 41.17 -19.08 -30.42
N ILE I 306 41.00 -17.92 -29.78
CA ILE I 306 39.82 -17.10 -30.03
C ILE I 306 39.83 -16.55 -31.45
N VAL I 307 41.01 -16.16 -31.94
CA VAL I 307 41.10 -15.64 -33.30
C VAL I 307 40.73 -16.72 -34.30
N GLN I 308 41.26 -17.93 -34.13
CA GLN I 308 40.93 -19.03 -35.03
C GLN I 308 39.46 -19.43 -34.92
N ALA I 309 38.88 -19.27 -33.73
CA ALA I 309 37.45 -19.53 -33.58
C ALA I 309 36.62 -18.53 -34.38
N VAL I 310 37.00 -17.24 -34.30
CA VAL I 310 36.29 -16.23 -35.07
C VAL I 310 36.45 -16.47 -36.56
N GLN I 311 37.65 -16.86 -36.98
CA GLN I 311 37.87 -17.12 -38.40
C GLN I 311 37.11 -18.34 -38.88
N HIS I 312 36.98 -19.35 -38.03
CA HIS I 312 36.34 -20.61 -38.41
C HIS I 312 35.13 -20.91 -37.55
N TYR I 313 34.25 -19.91 -37.36
CA TYR I 313 33.09 -20.07 -36.50
C TYR I 313 32.12 -21.14 -36.95
N ASN I 314 32.31 -21.71 -38.14
CA ASN I 314 31.42 -22.75 -38.64
C ASN I 314 32.01 -24.15 -38.49
N ASP I 315 33.31 -24.28 -38.31
CA ASP I 315 33.94 -25.59 -38.23
C ASP I 315 34.05 -26.02 -36.76
N PRO I 316 33.34 -27.07 -36.33
CA PRO I 316 33.46 -27.51 -34.94
C PRO I 316 34.78 -28.19 -34.62
N HIS I 317 35.42 -28.83 -35.61
CA HIS I 317 36.64 -29.57 -35.33
C HIS I 317 37.80 -28.63 -34.99
N VAL I 318 37.96 -27.54 -35.74
CA VAL I 318 38.98 -26.55 -35.41
C VAL I 318 38.68 -25.92 -34.05
N LEU I 319 37.40 -25.70 -33.75
CA LEU I 319 37.02 -25.19 -32.44
C LEU I 319 37.48 -26.14 -31.33
N ALA I 320 37.26 -27.43 -31.52
CA ALA I 320 37.68 -28.41 -30.52
C ALA I 320 39.19 -28.48 -30.42
N GLU I 321 39.90 -28.28 -31.53
CA GLU I 321 41.36 -28.35 -31.49
C GLU I 321 41.95 -27.16 -30.74
N MET I 322 41.51 -25.94 -31.06
CA MET I 322 42.05 -24.76 -30.40
C MET I 322 41.55 -24.59 -28.97
N SER I 323 40.41 -25.16 -28.62
CA SER I 323 39.89 -25.05 -27.26
C SER I 323 40.46 -26.15 -26.37
N PRO J 64 26.50 48.69 -4.64
CA PRO J 64 27.72 48.52 -5.45
C PRO J 64 27.86 47.11 -5.99
N PHE J 65 26.79 46.60 -6.61
CA PHE J 65 26.85 45.25 -7.19
C PHE J 65 27.64 45.25 -8.50
N SER J 66 27.59 46.35 -9.25
CA SER J 66 28.25 46.39 -10.55
C SER J 66 29.78 46.34 -10.38
N VAL J 67 30.31 47.05 -9.39
CA VAL J 67 31.74 47.00 -9.17
C VAL J 67 32.17 45.63 -8.68
N LYS J 68 31.30 44.94 -7.92
CA LYS J 68 31.62 43.59 -7.49
C LYS J 68 31.63 42.62 -8.67
N VAL J 69 30.68 42.78 -9.61
CA VAL J 69 30.68 41.94 -10.79
C VAL J 69 31.92 42.21 -11.64
N GLY J 70 32.31 43.49 -11.75
CA GLY J 70 33.52 43.81 -12.48
C GLY J 70 34.76 43.23 -11.83
N LEU J 71 34.80 43.23 -10.50
CA LEU J 71 35.92 42.62 -9.79
C LEU J 71 35.94 41.11 -10.01
N ALA J 72 34.76 40.48 -10.07
CA ALA J 72 34.71 39.04 -10.23
C ALA J 72 35.07 38.61 -11.65
N GLN J 73 34.69 39.42 -12.64
CA GLN J 73 34.86 39.02 -14.03
C GLN J 73 36.29 39.14 -14.54
N VAL J 74 37.26 39.40 -13.67
CA VAL J 74 38.65 39.34 -14.09
C VAL J 74 39.13 37.89 -14.14
N LEU J 75 38.43 36.99 -13.45
CA LEU J 75 38.78 35.58 -13.41
C LEU J 75 38.31 34.81 -14.64
N ARG J 76 37.69 35.49 -15.60
CA ARG J 76 37.18 34.81 -16.79
C ARG J 76 38.30 34.11 -17.55
N GLY J 77 38.01 32.92 -18.04
CA GLY J 77 39.00 32.15 -18.77
C GLY J 77 40.19 31.71 -17.94
N GLY J 78 39.96 31.33 -16.69
CA GLY J 78 41.04 30.89 -15.83
C GLY J 78 40.61 29.71 -14.98
N ALA J 79 41.59 29.15 -14.27
CA ALA J 79 41.36 28.02 -13.38
C ALA J 79 41.63 28.43 -11.94
N ILE J 80 40.79 27.94 -11.04
CA ILE J 80 40.89 28.25 -9.61
C ILE J 80 41.33 26.97 -8.89
N VAL J 81 42.52 27.01 -8.31
CA VAL J 81 43.12 25.84 -7.68
C VAL J 81 42.92 25.91 -6.18
N GLU J 82 42.38 24.85 -5.61
CA GLU J 82 42.17 24.78 -4.17
C GLU J 82 43.47 24.32 -3.50
N VAL J 83 44.10 25.23 -2.76
CA VAL J 83 45.38 24.96 -2.14
C VAL J 83 45.18 24.72 -0.65
N SER J 84 46.17 24.08 -0.03
CA SER J 84 46.10 23.75 1.38
C SER J 84 47.31 24.23 2.18
N SER J 85 48.27 24.90 1.55
CA SER J 85 49.46 25.37 2.24
C SER J 85 50.11 26.46 1.41
N VAL J 86 51.20 27.01 1.93
CA VAL J 86 51.95 28.02 1.21
C VAL J 86 52.59 27.43 -0.03
N ASN J 87 53.09 26.21 0.05
CA ASN J 87 53.79 25.60 -1.07
C ASN J 87 52.82 25.23 -2.19
N GLN J 88 51.65 24.68 -1.85
CA GLN J 88 50.65 24.39 -2.87
C GLN J 88 50.16 25.68 -3.52
N ALA J 89 50.04 26.76 -2.74
CA ALA J 89 49.63 28.04 -3.30
C ALA J 89 50.69 28.57 -4.27
N LYS J 90 51.97 28.42 -3.91
CA LYS J 90 53.03 28.86 -4.80
C LYS J 90 53.04 28.04 -6.08
N LEU J 91 52.82 26.72 -5.97
CA LEU J 91 52.74 25.89 -7.16
C LEU J 91 51.57 26.30 -8.05
N ALA J 92 50.41 26.54 -7.45
CA ALA J 92 49.25 26.93 -8.23
C ALA J 92 49.45 28.30 -8.89
N GLU J 93 50.18 29.19 -8.24
CA GLU J 93 50.50 30.47 -8.87
C GLU J 93 51.46 30.27 -10.03
N SER J 94 52.50 29.45 -9.84
CA SER J 94 53.46 29.20 -10.89
C SER J 94 52.84 28.50 -12.09
N ALA J 95 51.80 27.71 -11.86
CA ALA J 95 51.12 27.06 -12.98
C ALA J 95 50.37 28.05 -13.86
N GLY J 96 49.77 29.07 -13.25
CA GLY J 96 49.06 30.08 -14.00
C GLY J 96 47.60 30.20 -13.60
N ALA J 97 47.28 29.75 -12.40
CA ALA J 97 45.91 29.85 -11.91
C ALA J 97 45.53 31.31 -11.72
N CYS J 98 44.23 31.59 -11.90
CA CYS J 98 43.74 32.96 -11.74
C CYS J 98 43.51 33.32 -10.29
N SER J 99 43.35 32.33 -9.41
CA SER J 99 43.18 32.56 -7.98
C SER J 99 43.38 31.23 -7.27
N VAL J 100 43.40 31.30 -5.94
CA VAL J 100 43.57 30.12 -5.10
C VAL J 100 42.57 30.18 -3.95
N ILE J 101 41.76 29.14 -3.82
CA ILE J 101 40.78 29.04 -2.74
C ILE J 101 41.38 28.17 -1.65
N VAL J 102 41.42 28.70 -0.43
CA VAL J 102 42.19 28.12 0.66
C VAL J 102 41.35 27.10 1.41
N SER J 103 41.91 25.91 1.62
CA SER J 103 41.34 24.89 2.48
C SER J 103 42.42 24.42 3.44
N ASP J 104 42.21 24.61 4.73
CA ASP J 104 43.26 24.40 5.72
C ASP J 104 43.72 22.95 5.90
N PRO J 105 42.84 21.96 6.05
CA PRO J 105 43.30 20.65 6.54
C PRO J 105 43.95 19.83 5.45
N VAL J 106 44.68 18.80 5.88
CA VAL J 106 45.16 17.79 4.96
C VAL J 106 43.99 16.97 4.42
N ARG J 107 43.00 16.72 5.26
CA ARG J 107 41.77 16.04 4.89
C ARG J 107 40.78 16.20 6.05
N SER J 108 39.51 15.94 5.78
CA SER J 108 38.47 15.94 6.82
C SER J 108 38.03 14.50 7.03
N ARG J 109 38.42 13.93 8.17
CA ARG J 109 38.21 12.52 8.47
C ARG J 109 36.83 12.36 9.10
N GLY J 110 35.81 12.41 8.27
CA GLY J 110 34.44 12.23 8.72
C GLY J 110 34.01 13.22 9.78
N GLY J 111 34.61 14.40 9.78
CA GLY J 111 34.32 15.42 10.77
C GLY J 111 33.60 16.61 10.14
N VAL J 112 33.40 17.64 10.95
CA VAL J 112 32.74 18.86 10.51
C VAL J 112 33.80 19.81 9.97
N ARG J 113 33.55 20.35 8.78
CA ARG J 113 34.45 21.32 8.19
C ARG J 113 33.90 22.73 8.39
N ARG J 114 34.78 23.72 8.25
CA ARG J 114 34.41 25.10 8.49
C ARG J 114 35.43 26.01 7.82
N MET J 115 35.35 27.30 8.12
CA MET J 115 36.28 28.26 7.54
C MET J 115 37.71 27.93 7.95
N PRO J 116 38.67 28.03 7.03
CA PRO J 116 40.07 27.76 7.39
C PRO J 116 40.59 28.73 8.44
N ASP J 117 41.67 28.32 9.09
CA ASP J 117 42.23 29.11 10.17
C ASP J 117 42.79 30.42 9.61
N PRO J 118 42.59 31.54 10.31
CA PRO J 118 42.99 32.84 9.76
C PRO J 118 44.48 32.95 9.46
N VAL J 119 45.36 32.40 10.30
CA VAL J 119 46.79 32.62 10.07
C VAL J 119 47.24 31.92 8.79
N LEU J 120 46.61 30.79 8.45
CA LEU J 120 46.95 30.11 7.20
C LEU J 120 46.51 30.95 6.01
N ILE J 121 45.34 31.59 6.11
CA ILE J 121 44.88 32.46 5.03
C ILE J 121 45.81 33.65 4.87
N LYS J 122 46.26 34.23 5.98
CA LYS J 122 47.19 35.35 5.89
C LYS J 122 48.53 34.92 5.30
N GLU J 123 49.01 33.74 5.67
CA GLU J 123 50.26 33.23 5.10
C GLU J 123 50.13 33.03 3.59
N VAL J 124 49.02 32.43 3.16
CA VAL J 124 48.78 32.22 1.74
C VAL J 124 48.72 33.56 1.01
N LYS J 125 47.96 34.51 1.55
CA LYS J 125 47.81 35.82 0.92
C LYS J 125 49.15 36.53 0.83
N ARG J 126 50.01 36.35 1.84
CA ARG J 126 51.35 36.94 1.78
C ARG J 126 52.22 36.24 0.76
N ALA J 127 52.01 34.94 0.55
CA ALA J 127 52.86 34.18 -0.36
C ALA J 127 52.60 34.53 -1.82
N VAL J 128 51.38 34.32 -2.29
CA VAL J 128 51.04 34.50 -3.69
C VAL J 128 50.56 35.92 -3.92
N SER J 129 50.63 36.35 -5.19
CA SER J 129 50.14 37.66 -5.58
C SER J 129 48.79 37.62 -6.26
N VAL J 130 48.34 36.45 -6.71
CA VAL J 130 47.05 36.29 -7.36
C VAL J 130 45.95 36.52 -6.33
N PRO J 131 44.71 36.80 -6.74
CA PRO J 131 43.61 36.89 -5.78
C PRO J 131 43.49 35.60 -4.97
N VAL J 132 43.17 35.75 -3.69
CA VAL J 132 43.05 34.63 -2.77
C VAL J 132 41.60 34.53 -2.33
N MET J 133 41.02 33.35 -2.50
CA MET J 133 39.65 33.09 -2.09
C MET J 133 39.64 32.48 -0.69
N ALA J 134 38.44 32.21 -0.19
CA ALA J 134 38.27 31.58 1.10
C ALA J 134 36.88 31.00 1.17
N ARG J 135 36.69 30.02 2.04
CA ARG J 135 35.44 29.31 2.17
C ARG J 135 34.73 29.70 3.45
N ALA J 136 33.42 29.90 3.36
CA ALA J 136 32.57 30.18 4.50
C ALA J 136 31.35 29.27 4.43
N ARG J 137 30.97 28.72 5.57
CA ARG J 137 29.82 27.82 5.61
C ARG J 137 28.57 28.55 5.13
N VAL J 138 27.76 27.87 4.32
CA VAL J 138 26.57 28.48 3.76
C VAL J 138 25.59 28.83 4.87
N GLY J 139 25.25 30.12 4.96
CA GLY J 139 24.42 30.62 6.03
C GLY J 139 25.17 31.18 7.21
N HIS J 140 26.49 31.01 7.25
CA HIS J 140 27.32 31.48 8.37
C HIS J 140 27.88 32.84 8.00
N PHE J 141 27.13 33.90 8.30
CA PHE J 141 27.58 35.23 7.93
C PHE J 141 28.68 35.76 8.83
N VAL J 142 28.87 35.17 10.02
CA VAL J 142 29.95 35.62 10.88
C VAL J 142 31.30 35.14 10.35
N GLU J 143 31.34 33.92 9.80
CA GLU J 143 32.54 33.48 9.11
C GLU J 143 32.85 34.38 7.93
N ALA J 144 31.82 34.84 7.22
CA ALA J 144 32.03 35.76 6.12
C ALA J 144 32.56 37.10 6.63
N GLN J 145 32.08 37.55 7.78
CA GLN J 145 32.60 38.78 8.37
C GLN J 145 34.08 38.64 8.73
N ILE J 146 34.43 37.51 9.34
CA ILE J 146 35.83 37.27 9.70
C ILE J 146 36.70 37.18 8.45
N LEU J 147 36.17 36.61 7.37
CA LEU J 147 36.93 36.52 6.13
C LEU J 147 37.13 37.90 5.52
N GLU J 148 36.08 38.72 5.52
CA GLU J 148 36.20 40.07 4.99
C GLU J 148 37.15 40.93 5.82
N SER J 149 37.24 40.67 7.13
CA SER J 149 38.18 41.41 7.95
C SER J 149 39.62 41.06 7.59
N LEU J 150 39.87 39.81 7.18
CA LEU J 150 41.19 39.43 6.67
C LEU J 150 41.47 39.97 5.28
N ALA J 151 40.49 40.66 4.68
CA ALA J 151 40.66 41.30 3.38
C ALA J 151 40.94 40.28 2.27
N VAL J 152 40.29 39.12 2.35
CA VAL J 152 40.39 38.17 1.25
C VAL J 152 39.73 38.76 0.00
N ASP J 153 40.27 38.39 -1.16
CA ASP J 153 39.79 38.96 -2.41
C ASP J 153 38.39 38.47 -2.75
N TYR J 154 38.11 37.20 -2.48
CA TYR J 154 36.81 36.61 -2.76
C TYR J 154 36.41 35.67 -1.64
N ILE J 155 35.11 35.55 -1.42
CA ILE J 155 34.56 34.66 -0.41
C ILE J 155 33.66 33.65 -1.11
N ASP J 156 33.85 32.37 -0.80
CA ASP J 156 33.10 31.29 -1.41
C ASP J 156 32.13 30.74 -0.37
N GLU J 157 30.84 31.04 -0.55
CA GLU J 157 29.79 30.48 0.31
C GLU J 157 29.58 29.04 -0.10
N SER J 158 30.56 28.20 0.24
CA SER J 158 30.62 26.85 -0.28
C SER J 158 29.70 25.91 0.51
N GLU J 159 29.11 24.95 -0.20
CA GLU J 159 28.29 23.92 0.41
C GLU J 159 29.00 22.59 0.53
N ILE J 160 30.21 22.46 -0.02
CA ILE J 160 30.99 21.25 0.20
C ILE J 160 31.42 21.19 1.66
N ILE J 161 31.62 22.34 2.28
CA ILE J 161 31.77 22.43 3.72
C ILE J 161 30.41 22.24 4.38
N SER J 162 30.41 21.68 5.58
CA SER J 162 29.18 21.42 6.32
C SER J 162 28.26 22.63 6.33
N VAL J 163 26.98 22.40 6.07
CA VAL J 163 26.01 23.47 5.98
C VAL J 163 25.81 24.10 7.36
N ALA J 164 26.00 25.42 7.43
CA ALA J 164 25.70 26.12 8.67
C ALA J 164 24.21 26.32 8.87
N ASP J 165 23.53 26.91 7.89
CA ASP J 165 22.10 27.16 7.96
C ASP J 165 21.44 26.46 6.78
N ASP J 166 20.56 25.51 7.08
CA ASP J 166 19.91 24.74 6.01
C ASP J 166 18.87 25.57 5.28
N ASP J 167 18.15 26.42 6.00
CA ASP J 167 17.04 27.14 5.40
C ASP J 167 17.51 28.40 4.66
N HIS J 168 18.27 29.25 5.34
CA HIS J 168 18.64 30.55 4.82
C HIS J 168 20.11 30.60 4.42
N PHE J 169 20.43 31.56 3.56
CA PHE J 169 21.78 31.80 3.07
C PHE J 169 22.28 33.13 3.62
N ILE J 170 23.50 33.48 3.23
CA ILE J 170 24.10 34.74 3.66
C ILE J 170 23.53 35.88 2.82
N ASN J 171 23.04 36.92 3.48
CA ASN J 171 22.59 38.13 2.79
C ASN J 171 23.84 38.89 2.35
N LYS J 172 24.36 38.50 1.19
CA LYS J 172 25.66 38.97 0.71
C LYS J 172 25.67 40.44 0.32
N HIS J 173 24.56 41.16 0.47
CA HIS J 173 24.56 42.58 0.16
C HIS J 173 25.22 43.41 1.25
N ASN J 174 25.37 42.86 2.46
CA ASN J 174 25.95 43.58 3.57
C ASN J 174 27.47 43.61 3.53
N PHE J 175 28.10 42.82 2.67
CA PHE J 175 29.55 42.69 2.62
C PHE J 175 30.12 43.48 1.45
N ARG J 176 31.40 43.83 1.56
CA ARG J 176 32.10 44.55 0.52
C ARG J 176 32.84 43.64 -0.44
N SER J 177 33.25 42.46 0.02
CA SER J 177 33.97 41.52 -0.83
C SER J 177 33.01 40.73 -1.71
N PRO J 178 33.42 40.40 -2.93
CA PRO J 178 32.54 39.62 -3.81
C PRO J 178 32.38 38.20 -3.30
N PHE J 179 31.21 37.63 -3.57
CA PHE J 179 30.87 36.30 -3.09
C PHE J 179 30.76 35.32 -4.26
N ILE J 180 30.98 34.05 -3.96
CA ILE J 180 30.85 32.97 -4.92
C ILE J 180 29.91 31.93 -4.34
N CYS J 181 28.84 31.62 -5.06
CA CYS J 181 27.82 30.70 -4.59
C CYS J 181 27.67 29.53 -5.54
N GLY J 182 27.42 28.36 -4.99
CA GLY J 182 27.18 27.19 -5.80
C GLY J 182 25.75 27.11 -6.29
N CYS J 183 25.59 26.49 -7.45
CA CYS J 183 24.26 26.35 -8.04
C CYS J 183 24.16 25.03 -8.77
N ARG J 184 22.94 24.53 -8.88
CA ARG J 184 22.67 23.31 -9.63
C ARG J 184 21.71 23.50 -10.79
N ASP J 185 21.01 24.62 -10.87
CA ASP J 185 20.13 24.93 -11.99
C ASP J 185 20.04 26.45 -12.10
N THR J 186 19.13 26.93 -12.96
CA THR J 186 18.96 28.37 -13.11
C THR J 186 18.27 28.98 -11.91
N GLY J 187 17.37 28.24 -11.26
CA GLY J 187 16.68 28.75 -10.09
C GLY J 187 17.62 29.13 -8.97
N GLU J 188 18.48 28.18 -8.56
CA GLU J 188 19.42 28.45 -7.49
C GLU J 188 20.39 29.57 -7.88
N ALA J 189 20.86 29.55 -9.13
CA ALA J 189 21.80 30.58 -9.58
C ALA J 189 21.18 31.96 -9.49
N LEU J 190 19.94 32.11 -9.96
CA LEU J 190 19.28 33.40 -9.92
C LEU J 190 18.96 33.82 -8.49
N ARG J 191 18.60 32.87 -7.63
CA ARG J 191 18.40 33.20 -6.23
C ARG J 191 19.69 33.74 -5.61
N ARG J 192 20.81 33.09 -5.89
CA ARG J 192 22.08 33.54 -5.32
C ARG J 192 22.49 34.90 -5.87
N ILE J 193 22.25 35.14 -7.16
CA ILE J 193 22.54 36.45 -7.73
C ILE J 193 21.65 37.51 -7.09
N ARG J 194 20.41 37.16 -6.78
CA ARG J 194 19.51 38.09 -6.11
C ARG J 194 20.00 38.39 -4.71
N GLU J 195 20.51 37.38 -4.00
CA GLU J 195 21.02 37.60 -2.65
C GLU J 195 22.27 38.46 -2.65
N GLY J 196 23.04 38.47 -3.73
CA GLY J 196 24.20 39.33 -3.81
C GLY J 196 25.48 38.65 -4.27
N ALA J 197 25.37 37.41 -4.73
CA ALA J 197 26.54 36.68 -5.20
C ALA J 197 27.07 37.30 -6.48
N ALA J 198 28.31 37.78 -6.45
CA ALA J 198 28.94 38.40 -7.61
C ALA J 198 29.54 37.39 -8.57
N MET J 199 29.45 36.10 -8.27
CA MET J 199 30.01 35.05 -9.10
C MET J 199 29.37 33.74 -8.73
N ILE J 200 29.10 32.91 -9.74
CA ILE J 200 28.35 31.66 -9.56
C ILE J 200 29.20 30.51 -10.06
N ARG J 201 29.22 29.42 -9.29
CA ARG J 201 29.91 28.20 -9.69
C ARG J 201 28.89 27.07 -9.76
N ILE J 202 28.87 26.37 -10.88
CA ILE J 202 28.01 25.21 -11.06
C ILE J 202 28.62 24.03 -10.32
N GLN J 203 27.91 23.54 -9.31
CA GLN J 203 28.39 22.48 -8.44
C GLN J 203 28.02 21.12 -9.00
N GLY J 204 28.94 20.17 -8.87
CA GLY J 204 28.68 18.80 -9.26
C GLY J 204 28.52 17.89 -8.06
N ASP J 205 29.55 17.11 -7.77
CA ASP J 205 29.57 16.23 -6.60
C ASP J 205 30.97 16.29 -6.00
N LEU J 206 31.16 17.18 -5.03
CA LEU J 206 32.46 17.32 -4.40
C LEU J 206 32.58 16.39 -3.20
N THR J 207 33.83 16.08 -2.86
CA THR J 207 34.18 15.28 -1.68
C THR J 207 33.63 13.86 -1.81
N ALA J 208 33.00 13.56 -2.94
CA ALA J 208 32.45 12.22 -3.18
C ALA J 208 33.37 11.39 -4.07
N THR J 209 33.79 11.94 -5.19
CA THR J 209 34.65 11.25 -6.15
C THR J 209 35.20 12.28 -7.12
N GLY J 210 35.91 11.81 -8.13
CA GLY J 210 36.39 12.63 -9.22
C GLY J 210 35.55 12.56 -10.48
N ASN J 211 34.33 12.05 -10.40
CA ASN J 211 33.48 11.91 -11.57
C ASN J 211 33.00 13.27 -12.06
N ILE J 212 32.72 13.34 -13.36
CA ILE J 212 32.32 14.58 -14.01
C ILE J 212 30.84 14.58 -14.40
N ALA J 213 30.11 13.51 -14.09
CA ALA J 213 28.74 13.37 -14.59
C ALA J 213 27.82 14.45 -14.02
N GLU J 214 27.86 14.65 -12.71
CA GLU J 214 26.94 15.61 -12.09
C GLU J 214 27.28 17.04 -12.51
N THR J 215 28.57 17.35 -12.63
CA THR J 215 28.97 18.70 -13.02
C THR J 215 28.50 19.02 -14.43
N VAL J 216 28.76 18.12 -15.38
CA VAL J 216 28.34 18.35 -16.76
C VAL J 216 26.82 18.35 -16.85
N LYS J 217 26.15 17.55 -16.03
CA LYS J 217 24.69 17.55 -16.03
C LYS J 217 24.13 18.89 -15.58
N ASN J 218 24.67 19.44 -14.50
CA ASN J 218 24.19 20.73 -14.02
C ASN J 218 24.53 21.86 -14.98
N VAL J 219 25.73 21.81 -15.58
CA VAL J 219 26.10 22.82 -16.57
C VAL J 219 25.14 22.78 -17.75
N ARG J 220 24.85 21.57 -18.26
CA ARG J 220 23.94 21.44 -19.38
C ARG J 220 22.54 21.91 -19.01
N SER J 221 22.09 21.59 -17.80
CA SER J 221 20.76 22.04 -17.36
C SER J 221 20.69 23.56 -17.33
N LEU J 222 21.70 24.20 -16.75
CA LEU J 222 21.70 25.66 -16.66
C LEU J 222 21.72 26.29 -18.05
N MET J 223 22.63 25.84 -18.91
CA MET J 223 22.74 26.43 -20.24
C MET J 223 21.49 26.17 -21.07
N GLY J 224 20.87 25.00 -20.91
CA GLY J 224 19.65 24.72 -21.65
C GLY J 224 18.49 25.58 -21.18
N GLU J 225 18.36 25.79 -19.87
CA GLU J 225 17.31 26.67 -19.37
C GLU J 225 17.54 28.11 -19.81
N VAL J 226 18.80 28.54 -19.87
CA VAL J 226 19.09 29.89 -20.34
C VAL J 226 18.75 30.04 -21.82
N ARG J 227 19.06 29.01 -22.62
CA ARG J 227 18.69 29.04 -24.03
C ARG J 227 17.19 29.00 -24.22
N VAL J 228 16.46 28.31 -23.33
CA VAL J 228 15.01 28.31 -23.38
C VAL J 228 14.48 29.71 -23.08
N LEU J 229 15.05 30.37 -22.07
CA LEU J 229 14.66 31.73 -21.75
C LEU J 229 14.90 32.67 -22.93
N ASN J 230 16.08 32.58 -23.55
CA ASN J 230 16.44 33.54 -24.60
C ASN J 230 15.49 33.51 -25.79
N ASN J 231 14.70 32.46 -25.94
CA ASN J 231 13.79 32.32 -27.07
C ASN J 231 12.33 32.26 -26.65
N MET J 232 12.03 32.16 -25.36
CA MET J 232 10.66 32.00 -24.90
C MET J 232 9.83 33.24 -25.20
N ASP J 233 8.52 33.05 -25.24
CA ASP J 233 7.60 34.16 -25.39
C ASP J 233 7.53 34.96 -24.08
N ASP J 234 7.34 36.27 -24.22
CA ASP J 234 7.31 37.13 -23.04
C ASP J 234 6.17 36.77 -22.09
N ASP J 235 4.97 36.56 -22.64
CA ASP J 235 3.80 36.30 -21.80
C ASP J 235 3.95 35.05 -20.95
N GLU J 236 4.83 34.13 -21.32
CA GLU J 236 5.07 32.92 -20.56
C GLU J 236 6.17 33.08 -19.53
N VAL J 237 7.03 34.09 -19.69
CA VAL J 237 8.22 34.23 -18.85
C VAL J 237 7.84 34.20 -17.37
N PHE J 238 6.80 34.95 -16.99
CA PHE J 238 6.34 34.95 -15.61
C PHE J 238 6.15 33.55 -15.09
N THR J 239 5.35 32.74 -15.80
CA THR J 239 5.11 31.36 -15.36
C THR J 239 6.43 30.59 -15.22
N PHE J 240 7.36 30.83 -16.16
CA PHE J 240 8.66 30.16 -16.08
C PHE J 240 9.34 30.46 -14.75
N ALA J 241 9.25 31.72 -14.30
CA ALA J 241 9.80 32.06 -12.99
C ALA J 241 9.18 31.19 -11.91
N LYS J 242 7.85 31.06 -11.94
CA LYS J 242 7.17 30.16 -11.00
C LYS J 242 7.72 28.76 -11.07
N LYS J 243 8.08 28.29 -12.27
CA LYS J 243 8.59 26.93 -12.41
C LYS J 243 9.98 26.80 -11.81
N ILE J 244 10.73 27.90 -11.74
CA ILE J 244 12.09 27.85 -11.22
C ILE J 244 12.26 28.59 -9.91
N SER J 245 11.22 29.28 -9.43
CA SER J 245 11.24 30.04 -8.19
C SER J 245 12.44 30.99 -8.14
N ALA J 246 12.46 31.91 -9.09
CA ALA J 246 13.51 32.92 -9.21
C ALA J 246 12.87 34.29 -9.39
N PRO J 247 13.56 35.34 -8.98
CA PRO J 247 13.02 36.69 -9.16
C PRO J 247 12.78 36.99 -10.63
N TYR J 248 11.61 37.57 -10.93
CA TYR J 248 11.28 37.85 -12.33
C TYR J 248 12.22 38.87 -12.94
N ASP J 249 12.71 39.82 -12.16
CA ASP J 249 13.61 40.84 -12.70
C ASP J 249 14.89 40.20 -13.21
N LEU J 250 15.49 39.30 -12.42
CA LEU J 250 16.69 38.61 -12.88
C LEU J 250 16.39 37.68 -14.04
N VAL J 251 15.22 37.05 -14.05
CA VAL J 251 14.84 36.18 -15.17
C VAL J 251 14.79 36.99 -16.46
N ALA J 252 14.13 38.14 -16.42
CA ALA J 252 14.05 39.00 -17.59
C ALA J 252 15.44 39.52 -17.98
N GLN J 253 16.30 39.78 -16.99
CA GLN J 253 17.65 40.24 -17.30
C GLN J 253 18.44 39.16 -18.04
N THR J 254 18.36 37.91 -17.58
CA THR J 254 19.05 36.83 -18.29
C THR J 254 18.46 36.62 -19.67
N LYS J 255 17.13 36.71 -19.80
CA LYS J 255 16.51 36.56 -21.12
C LYS J 255 16.99 37.65 -22.07
N GLN J 256 17.11 38.88 -21.58
CA GLN J 256 17.58 39.97 -22.43
C GLN J 256 19.07 39.85 -22.74
N MET J 257 19.84 39.26 -21.83
CA MET J 257 21.29 39.20 -22.00
C MET J 257 21.77 37.90 -22.62
N GLY J 258 20.97 36.84 -22.57
CA GLY J 258 21.39 35.55 -23.09
C GLY J 258 22.24 34.73 -22.15
N ARG J 259 22.60 35.28 -20.99
CA ARG J 259 23.37 34.57 -19.97
C ARG J 259 22.94 35.09 -18.60
N VAL J 260 23.31 34.37 -17.56
CA VAL J 260 23.12 34.92 -16.22
C VAL J 260 24.06 36.11 -16.03
N PRO J 261 23.64 37.18 -15.35
CA PRO J 261 24.48 38.39 -15.31
C PRO J 261 25.63 38.27 -14.31
N VAL J 262 26.30 37.13 -14.31
CA VAL J 262 27.47 36.88 -13.46
C VAL J 262 28.44 36.02 -14.23
N VAL J 263 29.57 35.69 -13.61
CA VAL J 263 30.55 34.80 -14.20
C VAL J 263 30.27 33.38 -13.73
N GLN J 264 30.22 32.45 -14.67
CA GLN J 264 29.93 31.05 -14.38
C GLN J 264 31.22 30.24 -14.40
N PHE J 265 31.52 29.60 -13.27
CA PHE J 265 32.62 28.66 -13.17
C PHE J 265 32.04 27.27 -12.99
N ALA J 266 32.89 26.26 -13.06
CA ALA J 266 32.46 24.88 -12.84
C ALA J 266 33.24 24.27 -11.69
N SER J 267 32.62 23.30 -11.01
CA SER J 267 33.29 22.64 -9.91
C SER J 267 32.86 21.18 -9.85
N GLY J 268 33.77 20.32 -9.42
CA GLY J 268 33.46 18.93 -9.20
C GLY J 268 33.95 17.99 -10.28
N GLY J 269 34.97 17.19 -9.95
CA GLY J 269 35.44 16.16 -10.85
C GLY J 269 36.40 16.62 -11.92
N ILE J 270 36.70 17.90 -12.02
CA ILE J 270 37.63 18.39 -13.02
C ILE J 270 39.04 18.01 -12.59
N THR J 271 39.57 16.93 -13.17
CA THR J 271 40.89 16.44 -12.83
C THR J 271 41.83 16.42 -14.02
N THR J 272 41.35 16.07 -15.18
CA THR J 272 42.17 16.02 -16.38
C THR J 272 41.91 17.24 -17.26
N PRO J 273 42.86 17.61 -18.12
CA PRO J 273 42.62 18.73 -19.05
C PRO J 273 41.39 18.53 -19.93
N ALA J 274 41.05 17.28 -20.22
CA ALA J 274 39.83 17.02 -20.99
C ALA J 274 38.60 17.53 -20.26
N ASP J 275 38.54 17.34 -18.95
CA ASP J 275 37.38 17.79 -18.19
C ASP J 275 37.29 19.32 -18.17
N ALA J 276 38.42 20.00 -17.98
CA ALA J 276 38.41 21.45 -17.97
C ALA J 276 38.02 22.01 -19.33
N ALA J 277 38.55 21.42 -20.41
CA ALA J 277 38.19 21.88 -21.74
C ALA J 277 36.72 21.59 -22.05
N LEU J 278 36.20 20.48 -21.53
CA LEU J 278 34.78 20.19 -21.71
C LEU J 278 33.92 21.21 -21.00
N MET J 279 34.29 21.57 -19.76
CA MET J 279 33.53 22.58 -19.03
C MET J 279 33.60 23.92 -19.74
N MET J 280 34.77 24.29 -20.28
CA MET J 280 34.89 25.57 -20.95
C MET J 280 34.19 25.57 -22.31
N GLN J 281 34.01 24.39 -22.92
CA GLN J 281 33.35 24.35 -24.22
C GLN J 281 31.83 24.33 -24.08
N LEU J 282 31.32 23.98 -22.90
CA LEU J 282 29.88 24.00 -22.68
C LEU J 282 29.34 25.40 -22.39
N GLY J 283 30.21 26.40 -22.27
CA GLY J 283 29.79 27.76 -22.02
C GLY J 283 30.29 28.36 -20.73
N CYS J 284 30.89 27.58 -19.84
CA CYS J 284 31.40 28.12 -18.59
C CYS J 284 32.58 29.05 -18.85
N ASP J 285 32.94 29.82 -17.82
CA ASP J 285 34.03 30.77 -17.90
C ASP J 285 35.27 30.32 -17.15
N GLY J 286 35.20 29.22 -16.41
CA GLY J 286 36.34 28.74 -15.67
C GLY J 286 36.03 27.41 -15.01
N VAL J 287 37.00 26.93 -14.23
CA VAL J 287 36.88 25.65 -13.55
C VAL J 287 37.42 25.76 -12.13
N PHE J 288 36.93 24.88 -11.26
CA PHE J 288 37.40 24.77 -9.88
C PHE J 288 38.09 23.41 -9.75
N VAL J 289 39.41 23.38 -9.92
CA VAL J 289 40.16 22.15 -9.75
C VAL J 289 40.40 21.92 -8.27
N GLY J 290 40.01 20.75 -7.78
CA GLY J 290 40.11 20.46 -6.37
C GLY J 290 41.54 20.26 -5.91
N SER J 291 41.66 19.84 -4.66
CA SER J 291 42.96 19.60 -4.05
C SER J 291 43.54 18.25 -4.42
N GLU J 292 42.77 17.37 -5.06
CA GLU J 292 43.27 16.06 -5.43
C GLU J 292 44.33 16.11 -6.53
N VAL J 293 44.59 17.29 -7.09
CA VAL J 293 45.60 17.42 -8.13
C VAL J 293 47.00 17.32 -7.53
N PHE J 294 47.16 17.70 -6.27
CA PHE J 294 48.48 17.82 -5.67
C PHE J 294 49.03 16.49 -5.14
N ASP J 295 48.17 15.53 -4.81
CA ASP J 295 48.64 14.24 -4.34
C ASP J 295 48.89 13.25 -5.47
N GLY J 296 48.86 13.70 -6.72
CA GLY J 296 49.16 12.85 -7.85
C GLY J 296 50.65 12.64 -8.02
N PRO J 297 51.05 12.05 -9.15
CA PRO J 297 52.48 11.82 -9.39
C PRO J 297 53.26 13.10 -9.55
N ASP J 298 52.74 14.03 -10.35
CA ASP J 298 53.37 15.34 -10.56
C ASP J 298 52.28 16.40 -10.47
N PRO J 299 52.22 17.16 -9.38
CA PRO J 299 51.13 18.14 -9.21
C PRO J 299 51.19 19.29 -10.20
N PHE J 300 52.34 19.95 -10.28
CA PHE J 300 52.42 21.16 -11.09
C PHE J 300 52.33 20.87 -12.58
N LYS J 301 52.75 19.67 -13.02
CA LYS J 301 52.56 19.30 -14.41
C LYS J 301 51.07 19.23 -14.76
N LYS J 302 50.29 18.55 -13.92
CA LYS J 302 48.85 18.48 -14.14
C LYS J 302 48.22 19.86 -14.04
N LEU J 303 48.72 20.70 -13.13
CA LEU J 303 48.16 22.04 -13.00
C LEU J 303 48.40 22.86 -14.25
N ARG J 304 49.63 22.85 -14.77
CA ARG J 304 49.93 23.56 -15.99
C ARG J 304 49.13 23.01 -17.16
N SER J 305 48.93 21.69 -17.19
CA SER J 305 48.13 21.08 -18.25
C SER J 305 46.69 21.58 -18.20
N ILE J 306 46.10 21.62 -17.01
CA ILE J 306 44.72 22.08 -16.88
C ILE J 306 44.61 23.56 -17.22
N VAL J 307 45.60 24.35 -16.80
CA VAL J 307 45.58 25.79 -17.11
C VAL J 307 45.64 26.00 -18.62
N GLN J 308 46.56 25.31 -19.28
CA GLN J 308 46.68 25.45 -20.74
C GLN J 308 45.43 24.92 -21.44
N ALA J 309 44.77 23.91 -20.87
CA ALA J 309 43.52 23.44 -21.45
C ALA J 309 42.44 24.51 -21.34
N VAL J 310 42.33 25.17 -20.19
CA VAL J 310 41.35 26.24 -20.03
C VAL J 310 41.66 27.39 -20.98
N GLN J 311 42.94 27.72 -21.13
CA GLN J 311 43.31 28.82 -22.03
C GLN J 311 43.03 28.46 -23.49
N HIS J 312 43.22 27.20 -23.86
CA HIS J 312 43.08 26.78 -25.24
C HIS J 312 42.00 25.71 -25.39
N TYR J 313 40.83 25.95 -24.79
CA TYR J 313 39.75 24.97 -24.80
C TYR J 313 39.24 24.65 -26.20
N ASN J 314 39.68 25.38 -27.23
CA ASN J 314 39.22 25.12 -28.59
C ASN J 314 40.24 24.34 -29.42
N ASP J 315 41.50 24.32 -29.01
CA ASP J 315 42.54 23.65 -29.79
C ASP J 315 42.72 22.23 -29.30
N PRO J 316 42.40 21.21 -30.10
CA PRO J 316 42.59 19.83 -29.65
C PRO J 316 44.04 19.41 -29.60
N HIS J 317 44.92 19.99 -30.43
CA HIS J 317 46.31 19.55 -30.46
C HIS J 317 47.05 19.93 -29.18
N VAL J 318 46.86 21.16 -28.70
CA VAL J 318 47.46 21.54 -27.42
C VAL J 318 46.90 20.69 -26.30
N LEU J 319 45.61 20.37 -26.35
CA LEU J 319 45.01 19.48 -25.37
C LEU J 319 45.71 18.12 -25.36
N ALA J 320 45.96 17.56 -26.56
CA ALA J 320 46.64 16.28 -26.64
C ALA J 320 48.08 16.38 -26.16
N GLU J 321 48.74 17.52 -26.39
CA GLU J 321 50.12 17.67 -25.95
C GLU J 321 50.23 17.75 -24.43
N MET J 322 49.42 18.60 -23.80
CA MET J 322 49.47 18.73 -22.35
C MET J 322 48.88 17.55 -21.60
N SER J 323 48.00 16.78 -22.22
CA SER J 323 47.41 15.62 -21.57
C SER J 323 48.27 14.38 -21.75
N PRO K 64 8.06 33.33 43.86
CA PRO K 64 9.30 34.09 43.68
C PRO K 64 9.97 33.83 42.33
N PHE K 65 9.18 33.92 41.25
CA PHE K 65 9.75 33.72 39.92
C PHE K 65 10.56 34.92 39.46
N SER K 66 10.17 36.13 39.89
CA SER K 66 10.85 37.34 39.44
C SER K 66 12.28 37.39 39.98
N VAL K 67 12.47 37.00 41.24
CA VAL K 67 13.83 37.01 41.79
C VAL K 67 14.67 35.93 41.12
N LYS K 68 14.07 34.82 40.72
CA LYS K 68 14.81 33.79 40.01
C LYS K 68 15.22 34.27 38.62
N VAL K 69 14.33 34.99 37.93
CA VAL K 69 14.69 35.56 36.63
C VAL K 69 15.79 36.60 36.79
N GLY K 70 15.73 37.40 37.85
CA GLY K 70 16.79 38.37 38.10
C GLY K 70 18.12 37.70 38.39
N LEU K 71 18.07 36.59 39.13
CA LEU K 71 19.29 35.82 39.40
C LEU K 71 19.86 35.22 38.12
N ALA K 72 18.98 34.78 37.22
CA ALA K 72 19.45 34.15 35.99
C ALA K 72 20.00 35.17 35.00
N GLN K 73 19.43 36.37 34.98
CA GLN K 73 19.80 37.35 33.97
C GLN K 73 21.13 38.05 34.25
N VAL K 74 21.90 37.59 35.25
CA VAL K 74 23.24 38.11 35.41
C VAL K 74 24.19 37.47 34.41
N LEU K 75 23.82 36.32 33.86
CA LEU K 75 24.63 35.59 32.90
C LEU K 75 24.54 36.16 31.49
N ARG K 76 23.78 37.24 31.29
CA ARG K 76 23.60 37.80 29.96
C ARG K 76 24.93 38.24 29.38
N GLY K 77 25.12 37.98 28.08
CA GLY K 77 26.35 38.35 27.42
C GLY K 77 27.56 37.58 27.90
N GLY K 78 27.41 36.30 28.21
CA GLY K 78 28.53 35.50 28.68
C GLY K 78 28.48 34.11 28.09
N ALA K 79 29.56 33.35 28.34
CA ALA K 79 29.70 31.99 27.87
C ALA K 79 29.71 31.03 29.06
N ILE K 80 29.05 29.90 28.90
CA ILE K 80 28.96 28.88 29.93
C ILE K 80 29.77 27.67 29.48
N VAL K 81 30.84 27.37 30.20
CA VAL K 81 31.78 26.32 29.83
C VAL K 81 31.47 25.07 30.63
N GLU K 82 31.31 23.95 29.93
CA GLU K 82 31.06 22.67 30.59
C GLU K 82 32.39 22.06 31.02
N VAL K 83 32.63 22.01 32.33
CA VAL K 83 33.88 21.53 32.87
C VAL K 83 33.68 20.13 33.43
N SER K 84 34.80 19.41 33.58
CA SER K 84 34.77 18.04 34.06
C SER K 84 35.69 17.80 35.25
N SER K 85 36.39 18.82 35.74
CA SER K 85 37.30 18.65 36.87
C SER K 85 37.57 20.01 37.48
N VAL K 86 38.38 20.02 38.54
CA VAL K 86 38.75 21.26 39.18
C VAL K 86 39.64 22.11 38.26
N ASN K 87 40.53 21.45 37.51
CA ASN K 87 41.45 22.18 36.65
C ASN K 87 40.74 22.79 35.46
N GLN K 88 39.82 22.04 34.84
CA GLN K 88 39.05 22.60 33.74
C GLN K 88 38.17 23.75 34.23
N ALA K 89 37.63 23.64 35.44
CA ALA K 89 36.84 24.73 36.00
C ALA K 89 37.70 25.97 36.24
N LYS K 90 38.93 25.78 36.73
CA LYS K 90 39.83 26.91 36.94
C LYS K 90 40.20 27.55 35.61
N LEU K 91 40.44 26.75 34.58
CA LEU K 91 40.72 27.29 33.26
C LEU K 91 39.54 28.09 32.72
N ALA K 92 38.33 27.54 32.85
CA ALA K 92 37.15 28.24 32.36
C ALA K 92 36.90 29.53 33.14
N GLU K 93 37.23 29.56 34.42
CA GLU K 93 37.13 30.81 35.17
C GLU K 93 38.16 31.82 34.70
N SER K 94 39.40 31.37 34.50
CA SER K 94 40.46 32.27 34.05
C SER K 94 40.19 32.82 32.66
N ALA K 95 39.46 32.06 31.82
CA ALA K 95 39.13 32.56 30.50
C ALA K 95 38.13 33.71 30.57
N GLY K 96 37.18 33.64 31.49
CA GLY K 96 36.20 34.70 31.63
C GLY K 96 34.78 34.22 31.47
N ALA K 97 34.56 32.92 31.67
CA ALA K 97 33.22 32.37 31.56
C ALA K 97 32.34 32.92 32.67
N CYS K 98 31.04 33.04 32.38
CA CYS K 98 30.10 33.55 33.37
C CYS K 98 29.67 32.47 34.36
N SER K 99 29.82 31.20 34.01
CA SER K 99 29.49 30.09 34.90
C SER K 99 30.11 28.83 34.33
N VAL K 100 30.02 27.75 35.09
CA VAL K 100 30.55 26.45 34.70
C VAL K 100 29.53 25.38 35.04
N ILE K 101 29.12 24.61 34.04
CA ILE K 101 28.19 23.50 34.23
C ILE K 101 28.98 22.22 34.34
N VAL K 102 28.77 21.48 35.41
CA VAL K 102 29.63 20.36 35.81
C VAL K 102 29.16 19.08 35.14
N SER K 103 30.09 18.37 34.52
CA SER K 103 29.85 17.02 34.00
C SER K 103 30.98 16.13 34.49
N ASP K 104 30.63 15.11 35.28
CA ASP K 104 31.65 14.32 35.99
C ASP K 104 32.57 13.49 35.11
N PRO K 105 32.09 12.71 34.13
CA PRO K 105 32.93 11.69 33.54
C PRO K 105 33.91 12.26 32.52
N VAL K 106 34.92 11.46 32.19
CA VAL K 106 35.78 11.78 31.06
C VAL K 106 35.00 11.64 29.75
N ARG K 107 34.10 10.66 29.70
CA ARG K 107 33.21 10.44 28.56
C ARG K 107 32.17 9.41 29.00
N SER K 108 31.09 9.32 28.24
CA SER K 108 30.07 8.30 28.46
C SER K 108 30.14 7.29 27.32
N ARG K 109 30.63 6.10 27.62
CA ARG K 109 30.91 5.07 26.61
C ARG K 109 29.65 4.26 26.38
N GLY K 110 28.72 4.84 25.63
CA GLY K 110 27.47 4.17 25.30
C GLY K 110 26.67 3.73 26.51
N GLY K 111 26.82 4.43 27.62
CA GLY K 111 26.13 4.11 28.86
C GLY K 111 25.08 5.15 29.20
N VAL K 112 24.48 4.97 30.37
CA VAL K 112 23.46 5.88 30.87
C VAL K 112 24.15 6.99 31.66
N ARG K 113 23.79 8.24 31.36
CA ARG K 113 24.33 9.37 32.09
C ARG K 113 23.32 9.86 33.12
N ARG K 114 23.81 10.61 34.08
CA ARG K 114 22.95 11.09 35.17
C ARG K 114 23.64 12.28 35.85
N MET K 115 23.10 12.68 36.98
CA MET K 115 23.66 13.82 37.72
C MET K 115 25.08 13.50 38.15
N PRO K 116 26.00 14.46 38.05
CA PRO K 116 27.38 14.22 38.47
C PRO K 116 27.48 13.92 39.96
N ASP K 117 28.59 13.32 40.34
CA ASP K 117 28.78 12.91 41.71
C ASP K 117 28.87 14.14 42.61
N PRO K 118 28.25 14.11 43.79
CA PRO K 118 28.22 15.32 44.64
C PRO K 118 29.58 15.84 45.06
N VAL K 119 30.55 14.98 45.37
CA VAL K 119 31.82 15.49 45.87
C VAL K 119 32.56 16.26 44.77
N LEU K 120 32.39 15.86 43.52
CA LEU K 120 33.01 16.61 42.43
C LEU K 120 32.37 17.99 42.30
N ILE K 121 31.05 18.07 42.47
CA ILE K 121 30.37 19.36 42.40
C ILE K 121 30.84 20.25 43.54
N LYS K 122 31.00 19.69 44.74
CA LYS K 122 31.47 20.49 45.86
C LYS K 122 32.92 20.94 45.66
N GLU K 123 33.76 20.09 45.09
CA GLU K 123 35.13 20.49 44.78
C GLU K 123 35.16 21.62 43.77
N VAL K 124 34.36 21.51 42.72
CA VAL K 124 34.30 22.57 41.71
C VAL K 124 33.81 23.87 42.33
N LYS K 125 32.74 23.80 43.12
CA LYS K 125 32.18 25.00 43.74
C LYS K 125 33.19 25.64 44.69
N ARG K 126 34.00 24.82 45.36
CA ARG K 126 35.04 25.37 46.23
C ARG K 126 36.17 25.98 45.42
N ALA K 127 36.43 25.45 44.21
CA ALA K 127 37.55 25.94 43.42
C ALA K 127 37.26 27.32 42.83
N VAL K 128 36.21 27.42 42.01
CA VAL K 128 35.93 28.64 41.27
C VAL K 128 34.99 29.51 42.10
N SER K 129 34.97 30.80 41.77
CA SER K 129 34.09 31.75 42.42
C SER K 129 32.86 32.10 41.58
N VAL K 130 32.89 31.81 40.29
CA VAL K 130 31.77 32.08 39.39
C VAL K 130 30.60 31.17 39.77
N PRO K 131 29.38 31.50 39.37
CA PRO K 131 28.26 30.58 39.61
C PRO K 131 28.55 29.21 39.00
N VAL K 132 28.13 28.16 39.71
CA VAL K 132 28.35 26.78 39.28
C VAL K 132 27.00 26.15 38.98
N MET K 133 26.89 25.59 37.78
CA MET K 133 25.68 24.91 37.37
C MET K 133 25.80 23.42 37.64
N ALA K 134 24.75 22.68 37.32
CA ALA K 134 24.74 21.24 37.47
C ALA K 134 23.63 20.69 36.59
N ARG K 135 23.75 19.41 36.25
CA ARG K 135 22.81 18.75 35.36
C ARG K 135 21.94 17.78 36.13
N ALA K 136 20.65 17.78 35.81
CA ALA K 136 19.69 16.84 36.37
C ALA K 136 18.87 16.24 35.23
N ARG K 137 18.64 14.93 35.28
CA ARG K 137 17.88 14.28 34.24
C ARG K 137 16.48 14.88 34.14
N VAL K 138 16.02 15.08 32.92
CA VAL K 138 14.72 15.71 32.71
C VAL K 138 13.62 14.81 33.27
N GLY K 139 12.85 15.36 34.20
CA GLY K 139 11.83 14.61 34.90
C GLY K 139 12.27 14.01 36.22
N HIS K 140 13.57 14.08 36.54
CA HIS K 140 14.10 13.51 37.77
C HIS K 140 14.18 14.62 38.81
N PHE K 141 13.09 14.81 39.55
CA PHE K 141 13.06 15.88 40.54
C PHE K 141 13.87 15.56 41.79
N VAL K 142 14.17 14.28 42.03
CA VAL K 142 14.97 13.94 43.20
C VAL K 142 16.43 14.33 42.98
N GLU K 143 16.92 14.17 41.74
CA GLU K 143 18.25 14.69 41.41
C GLU K 143 18.29 16.19 41.57
N ALA K 144 17.20 16.88 41.20
CA ALA K 144 17.14 18.32 41.41
C ALA K 144 17.15 18.67 42.89
N GLN K 145 16.48 17.86 43.71
CA GLN K 145 16.49 18.10 45.16
C GLN K 145 17.90 17.93 45.72
N ILE K 146 18.59 16.88 45.29
CA ILE K 146 19.97 16.65 45.74
C ILE K 146 20.88 17.78 45.27
N LEU K 147 20.65 18.31 44.07
CA LEU K 147 21.46 19.41 43.59
C LEU K 147 21.20 20.68 44.39
N GLU K 148 19.92 20.95 44.69
CA GLU K 148 19.60 22.13 45.49
C GLU K 148 20.14 22.01 46.91
N SER K 149 20.24 20.79 47.45
CA SER K 149 20.83 20.63 48.77
C SER K 149 22.31 20.96 48.76
N LEU K 150 23.00 20.68 47.66
CA LEU K 150 24.39 21.09 47.52
C LEU K 150 24.55 22.58 47.28
N ALA K 151 23.43 23.31 47.17
CA ALA K 151 23.43 24.77 47.01
C ALA K 151 24.12 25.20 45.73
N VAL K 152 23.91 24.44 44.64
CA VAL K 152 24.40 24.88 43.35
C VAL K 152 23.66 26.14 42.92
N ASP K 153 24.35 27.00 42.19
CA ASP K 153 23.77 28.27 41.80
C ASP K 153 22.66 28.10 40.77
N TYR K 154 22.82 27.17 39.84
CA TYR K 154 21.82 26.92 38.82
C TYR K 154 21.72 25.42 38.57
N ILE K 155 20.53 24.98 38.17
CA ILE K 155 20.26 23.59 37.84
C ILE K 155 19.83 23.52 36.39
N ASP K 156 20.43 22.62 35.63
CA ASP K 156 20.13 22.46 34.21
C ASP K 156 19.36 21.15 34.03
N GLU K 157 18.06 21.27 33.75
CA GLU K 157 17.23 20.10 33.45
C GLU K 157 17.56 19.67 32.03
N SER K 158 18.75 19.08 31.88
CA SER K 158 19.30 18.82 30.56
C SER K 158 18.74 17.54 29.97
N GLU K 159 18.55 17.54 28.65
CA GLU K 159 18.11 16.37 27.92
C GLU K 159 19.24 15.68 27.17
N ILE K 160 20.45 16.26 27.17
CA ILE K 160 21.58 15.54 26.60
C ILE K 160 21.92 14.35 27.48
N ILE K 161 21.67 14.46 28.77
CA ILE K 161 21.70 13.31 29.66
C ILE K 161 20.45 12.47 29.43
N SER K 162 20.58 11.16 29.65
CA SER K 162 19.48 10.23 29.45
C SER K 162 18.20 10.73 30.10
N VAL K 163 17.10 10.64 29.36
CA VAL K 163 15.81 11.13 29.84
C VAL K 163 15.33 10.28 31.00
N ALA K 164 15.04 10.93 32.12
CA ALA K 164 14.46 10.22 33.25
C ALA K 164 12.98 9.93 33.02
N ASP K 165 12.20 10.97 32.74
CA ASP K 165 10.76 10.84 32.50
C ASP K 165 10.45 11.36 31.11
N ASP K 166 9.95 10.49 30.24
CA ASP K 166 9.67 10.89 28.86
C ASP K 166 8.45 11.79 28.77
N ASP K 167 7.43 11.53 29.60
CA ASP K 167 6.18 12.26 29.48
C ASP K 167 6.22 13.59 30.20
N HIS K 168 6.60 13.58 31.47
CA HIS K 168 6.51 14.76 32.33
C HIS K 168 7.89 15.32 32.62
N PHE K 169 7.91 16.59 33.01
CA PHE K 169 9.12 17.32 33.37
C PHE K 169 9.09 17.63 34.85
N ILE K 170 10.13 18.32 35.32
CA ILE K 170 10.23 18.71 36.72
C ILE K 170 9.34 19.92 36.96
N ASN K 171 8.49 19.84 37.97
CA ASN K 171 7.68 20.99 38.40
C ASN K 171 8.60 21.95 39.15
N LYS K 172 9.29 22.78 38.39
CA LYS K 172 10.37 23.62 38.91
C LYS K 172 9.89 24.72 39.86
N HIS K 173 8.59 24.81 40.13
CA HIS K 173 8.12 25.82 41.07
C HIS K 173 8.38 25.42 42.53
N ASN K 174 8.64 24.15 42.78
CA ASN K 174 8.88 23.68 44.14
C ASN K 174 10.29 23.95 44.63
N PHE K 175 11.20 24.34 43.75
CA PHE K 175 12.60 24.53 44.11
C PHE K 175 12.93 26.01 44.26
N ARG K 176 13.99 26.28 45.02
CA ARG K 176 14.45 27.64 45.24
C ARG K 176 15.52 28.06 44.24
N SER K 177 16.29 27.12 43.70
CA SER K 177 17.34 27.45 42.76
C SER K 177 16.77 27.64 41.36
N PRO K 178 17.34 28.55 40.58
CA PRO K 178 16.84 28.75 39.21
C PRO K 178 17.15 27.56 38.33
N PHE K 179 16.28 27.31 37.36
CA PHE K 179 16.40 26.17 36.48
C PHE K 179 16.70 26.63 35.05
N ILE K 180 17.34 25.74 34.30
CA ILE K 180 17.64 25.96 32.88
C ILE K 180 17.10 24.79 32.09
N CYS K 181 16.25 25.08 31.11
CA CYS K 181 15.58 24.05 30.33
C CYS K 181 15.91 24.22 28.86
N GLY K 182 16.06 23.10 28.17
CA GLY K 182 16.28 23.15 26.74
C GLY K 182 15.00 23.31 25.95
N CYS K 183 15.13 23.93 24.79
CA CYS K 183 13.97 24.17 23.94
C CYS K 183 14.39 24.07 22.48
N ARG K 184 13.42 23.73 21.64
CA ARG K 184 13.64 23.68 20.20
C ARG K 184 12.74 24.61 19.40
N ASP K 185 11.69 25.16 20.01
CA ASP K 185 10.83 26.15 19.37
C ASP K 185 10.22 27.02 20.46
N THR K 186 9.26 27.85 20.07
CA THR K 186 8.61 28.71 21.05
C THR K 186 7.67 27.93 21.96
N GLY K 187 7.05 26.87 21.44
CA GLY K 187 6.17 26.05 22.24
C GLY K 187 6.86 25.44 23.44
N GLU K 188 7.95 24.72 23.20
CA GLU K 188 8.69 24.10 24.31
C GLU K 188 9.23 25.15 25.27
N ALA K 189 9.74 26.27 24.74
CA ALA K 189 10.28 27.31 25.59
C ALA K 189 9.21 27.87 26.52
N LEU K 190 8.03 28.16 25.97
CA LEU K 190 6.96 28.72 26.79
C LEU K 190 6.43 27.69 27.78
N ARG K 191 6.39 26.41 27.38
CA ARG K 191 6.00 25.39 28.34
C ARG K 191 6.97 25.32 29.51
N ARG K 192 8.27 25.39 29.22
CA ARG K 192 9.27 25.33 30.29
C ARG K 192 9.21 26.56 31.18
N ILE K 193 8.97 27.74 30.58
CA ILE K 193 8.82 28.94 31.39
C ILE K 193 7.59 28.83 32.28
N ARG K 194 6.53 28.21 31.77
CA ARG K 194 5.32 28.00 32.57
C ARG K 194 5.59 27.04 33.72
N GLU K 195 6.38 26.00 33.46
CA GLU K 195 6.71 25.06 34.54
C GLU K 195 7.58 25.69 35.61
N GLY K 196 8.36 26.71 35.28
CA GLY K 196 9.14 27.40 36.28
C GLY K 196 10.60 27.61 35.93
N ALA K 197 10.96 27.34 34.68
CA ALA K 197 12.34 27.51 34.24
C ALA K 197 12.69 29.00 34.19
N ALA K 198 13.67 29.40 34.98
CA ALA K 198 14.10 30.79 35.04
C ALA K 198 15.09 31.14 33.94
N MET K 199 15.43 30.20 33.06
CA MET K 199 16.38 30.44 31.98
C MET K 199 16.21 29.35 30.95
N ILE K 200 16.31 29.72 29.68
CA ILE K 200 16.03 28.81 28.56
C ILE K 200 17.25 28.74 27.67
N ARG K 201 17.61 27.54 27.26
CA ARG K 201 18.71 27.33 26.31
C ARG K 201 18.15 26.65 25.06
N ILE K 202 18.45 27.23 23.90
CA ILE K 202 18.05 26.64 22.63
C ILE K 202 18.99 25.49 22.31
N GLN K 203 18.44 24.29 22.23
CA GLN K 203 19.21 23.07 22.05
C GLN K 203 19.38 22.78 20.56
N GLY K 204 20.56 22.30 20.19
CA GLY K 204 20.82 21.87 18.83
C GLY K 204 20.92 20.37 18.72
N ASP K 205 22.14 19.85 18.61
CA ASP K 205 22.40 18.42 18.56
C ASP K 205 23.66 18.15 19.39
N LEU K 206 23.46 17.83 20.67
CA LEU K 206 24.59 17.56 21.54
C LEU K 206 24.95 16.09 21.51
N THR K 207 26.22 15.81 21.84
CA THR K 207 26.76 14.46 21.97
C THR K 207 26.75 13.74 20.62
N ALA K 208 26.33 14.44 19.58
CA ALA K 208 26.30 13.87 18.24
C ALA K 208 27.49 14.30 17.40
N THR K 209 27.76 15.60 17.36
CA THR K 209 28.86 16.17 16.58
C THR K 209 29.07 17.61 17.04
N GLY K 210 29.96 18.31 16.35
CA GLY K 210 30.18 19.73 16.56
C GLY K 210 29.50 20.63 15.54
N ASN K 211 28.52 20.11 14.81
CA ASN K 211 27.85 20.89 13.78
C ASN K 211 26.96 21.95 14.42
N ILE K 212 26.74 23.04 13.69
CA ILE K 212 25.96 24.18 14.18
C ILE K 212 24.61 24.29 13.48
N ALA K 213 24.28 23.36 12.58
CA ALA K 213 23.08 23.52 11.76
C ALA K 213 21.81 23.47 12.61
N GLU K 214 21.70 22.47 13.48
CA GLU K 214 20.47 22.34 14.27
C GLU K 214 20.32 23.48 15.25
N THR K 215 21.42 23.92 15.86
CA THR K 215 21.35 25.01 16.83
C THR K 215 20.86 26.30 16.16
N VAL K 216 21.48 26.66 15.02
CA VAL K 216 21.09 27.88 14.33
C VAL K 216 19.67 27.74 13.79
N LYS K 217 19.27 26.54 13.39
CA LYS K 217 17.91 26.33 12.92
C LYS K 217 16.89 26.57 14.02
N ASN K 218 17.15 26.03 15.21
CA ASN K 218 16.21 26.23 16.31
C ASN K 218 16.20 27.67 16.79
N VAL K 219 17.36 28.33 16.81
CA VAL K 219 17.42 29.74 17.18
C VAL K 219 16.61 30.57 16.19
N ARG K 220 16.79 30.32 14.89
CA ARG K 220 16.05 31.06 13.89
C ARG K 220 14.55 30.81 14.00
N SER K 221 14.17 29.55 14.26
CA SER K 221 12.74 29.23 14.42
C SER K 221 12.15 29.99 15.59
N LEU K 222 12.83 29.98 16.73
CA LEU K 222 12.31 30.68 17.91
C LEU K 222 12.20 32.17 17.66
N MET K 223 13.25 32.79 17.14
CA MET K 223 13.23 34.23 16.92
C MET K 223 12.19 34.61 15.87
N GLY K 224 12.01 33.78 14.84
CA GLY K 224 11.01 34.07 13.83
C GLY K 224 9.59 33.95 14.37
N GLU K 225 9.34 32.95 15.21
CA GLU K 225 8.01 32.84 15.81
C GLU K 225 7.75 34.00 16.77
N VAL K 226 8.78 34.46 17.48
CA VAL K 226 8.60 35.59 18.37
C VAL K 226 8.32 36.87 17.58
N ARG K 227 9.01 37.04 16.44
CA ARG K 227 8.75 38.20 15.59
C ARG K 227 7.35 38.12 14.97
N VAL K 228 6.88 36.90 14.67
CA VAL K 228 5.52 36.73 14.18
C VAL K 228 4.52 37.14 15.25
N LEU K 229 4.77 36.72 16.50
CA LEU K 229 3.91 37.11 17.61
C LEU K 229 3.86 38.61 17.78
N ASN K 230 5.03 39.27 17.75
CA ASN K 230 5.10 40.69 18.05
C ASN K 230 4.29 41.55 17.08
N ASN K 231 3.93 41.00 15.92
CA ASN K 231 3.18 41.76 14.91
C ASN K 231 1.81 41.16 14.62
N MET K 232 1.50 39.98 15.14
CA MET K 232 0.25 39.31 14.82
C MET K 232 -0.94 40.10 15.35
N ASP K 233 -2.11 39.83 14.76
CA ASP K 233 -3.35 40.40 15.25
C ASP K 233 -3.76 39.73 16.55
N ASP K 234 -4.39 40.49 17.44
CA ASP K 234 -4.79 39.95 18.73
C ASP K 234 -5.78 38.81 18.59
N ASP K 235 -6.80 38.97 17.74
CA ASP K 235 -7.85 37.98 17.62
C ASP K 235 -7.33 36.62 17.15
N GLU K 236 -6.15 36.59 16.52
CA GLU K 236 -5.55 35.34 16.07
C GLU K 236 -4.64 34.72 17.11
N VAL K 237 -4.18 35.50 18.09
CA VAL K 237 -3.16 35.04 19.04
C VAL K 237 -3.59 33.74 19.69
N PHE K 238 -4.85 33.66 20.13
CA PHE K 238 -5.36 32.44 20.74
C PHE K 238 -5.08 31.23 19.86
N THR K 239 -5.49 31.29 18.60
CA THR K 239 -5.26 30.17 17.70
C THR K 239 -3.78 29.84 17.58
N PHE K 240 -2.93 30.88 17.56
CA PHE K 240 -1.49 30.65 17.51
C PHE K 240 -1.03 29.80 18.68
N ALA K 241 -1.58 30.06 19.88
CA ALA K 241 -1.25 29.22 21.02
C ALA K 241 -1.60 27.76 20.73
N LYS K 242 -2.79 27.53 20.18
CA LYS K 242 -3.17 26.17 19.77
C LYS K 242 -2.16 25.58 18.82
N LYS K 243 -1.59 26.39 17.93
CA LYS K 243 -0.63 25.87 16.96
C LYS K 243 0.67 25.49 17.63
N ILE K 244 0.99 26.13 18.77
CA ILE K 244 2.25 25.85 19.44
C ILE K 244 2.07 25.17 20.78
N SER K 245 0.84 24.98 21.24
CA SER K 245 0.52 24.34 22.52
C SER K 245 1.31 24.97 23.66
N ALA K 246 1.05 26.25 23.87
CA ALA K 246 1.69 27.03 24.92
C ALA K 246 0.64 27.80 25.69
N PRO K 247 0.88 28.11 26.95
CA PRO K 247 -0.09 28.89 27.73
C PRO K 247 -0.33 30.25 27.09
N TYR K 248 -1.60 30.64 27.00
CA TYR K 248 -1.93 31.91 26.36
C TYR K 248 -1.38 33.10 27.12
N ASP K 249 -1.29 33.00 28.45
CA ASP K 249 -0.78 34.12 29.23
C ASP K 249 0.68 34.40 28.88
N LEU K 250 1.50 33.36 28.79
CA LEU K 250 2.88 33.54 28.40
C LEU K 250 3.00 33.99 26.95
N VAL K 251 2.12 33.50 26.07
CA VAL K 251 2.15 33.94 24.68
C VAL K 251 1.88 35.43 24.59
N ALA K 252 0.86 35.90 25.30
CA ALA K 252 0.56 37.34 25.30
C ALA K 252 1.69 38.13 25.95
N GLN K 253 2.35 37.55 26.95
CA GLN K 253 3.47 38.24 27.58
C GLN K 253 4.62 38.42 26.60
N THR K 254 4.96 37.37 25.85
CA THR K 254 6.02 37.50 24.86
C THR K 254 5.62 38.47 23.76
N LYS K 255 4.36 38.43 23.32
CA LYS K 255 3.90 39.37 22.30
C LYS K 255 4.04 40.81 22.78
N GLN K 256 3.69 41.05 24.05
CA GLN K 256 3.80 42.40 24.59
C GLN K 256 5.24 42.82 24.81
N MET K 257 6.12 41.87 25.09
CA MET K 257 7.51 42.18 25.42
C MET K 257 8.44 42.09 24.23
N GLY K 258 8.07 41.38 23.17
CA GLY K 258 8.93 41.20 22.03
C GLY K 258 9.96 40.11 22.18
N ARG K 259 10.04 39.47 23.35
CA ARG K 259 10.94 38.35 23.58
C ARG K 259 10.29 37.43 24.60
N VAL K 260 10.83 36.22 24.72
CA VAL K 260 10.39 35.35 25.82
C VAL K 260 10.83 35.96 27.14
N PRO K 261 10.03 35.88 28.20
CA PRO K 261 10.39 36.59 29.43
C PRO K 261 11.45 35.87 30.25
N VAL K 262 12.48 35.36 29.58
CA VAL K 262 13.61 34.70 30.23
C VAL K 262 14.86 35.02 29.45
N VAL K 263 15.99 34.50 29.91
CA VAL K 263 17.26 34.66 29.21
C VAL K 263 17.46 33.48 28.27
N GLN K 264 17.79 33.78 27.01
CA GLN K 264 18.00 32.76 26.00
C GLN K 264 19.49 32.54 25.77
N PHE K 265 19.92 31.30 25.98
CA PHE K 265 21.28 30.88 25.66
C PHE K 265 21.21 29.92 24.49
N ALA K 266 22.37 29.58 23.93
CA ALA K 266 22.43 28.61 22.85
C ALA K 266 23.31 27.43 23.26
N SER K 267 23.03 26.27 22.66
CA SER K 267 23.82 25.09 22.96
C SER K 267 23.93 24.22 21.72
N GLY K 268 25.06 23.53 21.59
CA GLY K 268 25.23 22.58 20.51
C GLY K 268 26.09 23.06 19.36
N GLY K 269 27.30 22.51 19.25
CA GLY K 269 28.16 22.79 18.12
C GLY K 269 28.96 24.07 18.20
N ILE K 270 28.78 24.88 19.24
CA ILE K 270 29.55 26.11 19.38
C ILE K 270 30.98 25.75 19.77
N THR K 271 31.88 25.74 18.79
CA THR K 271 33.27 25.39 19.02
C THR K 271 34.23 26.53 18.67
N THR K 272 33.96 27.25 17.61
CA THR K 272 34.81 28.35 17.19
C THR K 272 34.19 29.69 17.58
N PRO K 273 35.01 30.74 17.71
CA PRO K 273 34.44 32.07 18.00
C PRO K 273 33.41 32.51 16.99
N ALA K 274 33.54 32.07 15.73
CA ALA K 274 32.54 32.40 14.73
C ALA K 274 31.17 31.89 15.12
N ASP K 275 31.10 30.67 15.67
CA ASP K 275 29.82 30.09 16.05
C ASP K 275 29.20 30.86 17.21
N ALA K 276 30.00 31.22 18.20
CA ALA K 276 29.49 31.98 19.34
C ALA K 276 29.01 33.36 18.91
N ALA K 277 29.77 34.03 18.05
CA ALA K 277 29.35 35.34 17.56
C ALA K 277 28.10 35.23 16.70
N LEU K 278 27.97 34.15 15.95
CA LEU K 278 26.76 33.93 15.17
C LEU K 278 25.54 33.74 16.07
N MET K 279 25.70 32.95 17.13
CA MET K 279 24.60 32.76 18.07
C MET K 279 24.22 34.06 18.75
N MET K 280 25.22 34.87 19.12
CA MET K 280 24.92 36.14 19.79
C MET K 280 24.35 37.17 18.84
N GLN K 281 24.63 37.04 17.54
CA GLN K 281 24.10 38.02 16.58
C GLN K 281 22.68 37.67 16.15
N LEU K 282 22.25 36.42 16.36
CA LEU K 282 20.88 36.04 16.02
C LEU K 282 19.88 36.45 17.09
N GLY K 283 20.34 36.99 18.21
CA GLY K 283 19.45 37.45 19.27
C GLY K 283 19.64 36.74 20.60
N CYS K 284 20.42 35.66 20.66
CA CYS K 284 20.64 34.98 21.92
C CYS K 284 21.42 35.85 22.88
N ASP K 285 21.44 35.44 24.15
CA ASP K 285 22.14 36.17 25.20
C ASP K 285 23.41 35.48 25.66
N GLY K 286 23.67 34.27 25.18
CA GLY K 286 24.88 33.56 25.58
C GLY K 286 25.01 32.27 24.79
N VAL K 287 26.04 31.50 25.16
CA VAL K 287 26.34 30.24 24.49
C VAL K 287 26.72 29.19 25.52
N PHE K 288 26.53 27.93 25.15
CA PHE K 288 26.92 26.78 25.96
C PHE K 288 28.03 26.05 25.20
N VAL K 289 29.29 26.38 25.51
CA VAL K 289 30.41 25.69 24.89
C VAL K 289 30.63 24.37 25.59
N GLY K 290 30.65 23.28 24.82
CA GLY K 290 30.76 21.96 25.38
C GLY K 290 32.14 21.68 25.94
N SER K 291 32.33 20.42 26.34
CA SER K 291 33.60 19.97 26.89
C SER K 291 34.64 19.67 25.82
N GLU K 292 34.25 19.64 24.55
CA GLU K 292 35.20 19.33 23.49
C GLU K 292 36.23 20.43 23.28
N VAL K 293 36.10 21.56 23.98
CA VAL K 293 37.06 22.64 23.85
C VAL K 293 38.37 22.29 24.54
N PHE K 294 38.31 21.45 25.58
CA PHE K 294 39.47 21.19 26.41
C PHE K 294 40.41 20.14 25.85
N ASP K 295 39.93 19.25 24.99
CA ASP K 295 40.79 18.23 24.40
C ASP K 295 41.44 18.70 23.10
N GLY K 296 41.33 19.99 22.77
CA GLY K 296 41.96 20.53 21.60
C GLY K 296 43.45 20.77 21.82
N PRO K 297 44.09 21.47 20.88
CA PRO K 297 45.52 21.76 21.04
C PRO K 297 45.81 22.68 22.21
N ASP K 298 45.04 23.77 22.32
CA ASP K 298 45.19 24.71 23.43
C ASP K 298 43.80 25.04 23.95
N PRO K 299 43.41 24.50 25.11
CA PRO K 299 42.05 24.72 25.61
C PRO K 299 41.75 26.16 25.99
N PHE K 300 42.59 26.75 26.84
CA PHE K 300 42.30 28.07 27.36
C PHE K 300 42.41 29.16 26.30
N LYS K 301 43.23 28.96 25.27
CA LYS K 301 43.27 29.91 24.16
C LYS K 301 41.92 29.95 23.45
N LYS K 302 41.39 28.77 23.11
CA LYS K 302 40.08 28.71 22.48
C LYS K 302 38.99 29.26 23.39
N LEU K 303 39.11 29.01 24.70
CA LEU K 303 38.11 29.52 25.64
C LEU K 303 38.12 31.03 25.69
N ARG K 304 39.31 31.64 25.79
CA ARG K 304 39.41 33.10 25.77
C ARG K 304 38.92 33.66 24.45
N SER K 305 39.20 32.96 23.35
CA SER K 305 38.72 33.43 22.05
C SER K 305 37.20 33.43 21.99
N ILE K 306 36.57 32.37 22.48
CA ILE K 306 35.11 32.30 22.46
C ILE K 306 34.51 33.35 23.40
N VAL K 307 35.13 33.56 24.56
CA VAL K 307 34.63 34.56 25.49
C VAL K 307 34.70 35.94 24.87
N GLN K 308 35.84 36.28 24.26
CA GLN K 308 35.98 37.59 23.62
C GLN K 308 35.03 37.72 22.44
N ALA K 309 34.73 36.62 21.75
CA ALA K 309 33.76 36.67 20.66
C ALA K 309 32.37 36.99 21.20
N VAL K 310 31.98 36.36 22.30
CA VAL K 310 30.69 36.64 22.90
C VAL K 310 30.62 38.07 23.39
N GLN K 311 31.72 38.58 23.97
CA GLN K 311 31.73 39.95 24.46
C GLN K 311 31.68 40.95 23.31
N HIS K 312 32.31 40.62 22.19
CA HIS K 312 32.40 41.56 21.06
C HIS K 312 31.77 40.96 19.81
N TYR K 313 30.57 40.41 19.93
CA TYR K 313 29.90 39.75 18.82
C TYR K 313 29.62 40.68 17.64
N ASN K 314 29.82 41.99 17.80
CA ASN K 314 29.58 42.92 16.72
C ASN K 314 30.84 43.36 16.00
N ASP K 315 32.01 43.20 16.61
CA ASP K 315 33.25 43.66 16.01
C ASP K 315 33.89 42.52 15.22
N PRO K 316 33.99 42.61 13.89
CA PRO K 316 34.64 41.55 13.12
C PRO K 316 36.15 41.49 13.29
N HIS K 317 36.80 42.62 13.58
CA HIS K 317 38.25 42.62 13.68
C HIS K 317 38.74 41.85 14.89
N VAL K 318 38.11 42.06 16.06
CA VAL K 318 38.45 41.27 17.23
C VAL K 318 38.17 39.80 16.99
N LEU K 319 37.07 39.49 16.30
CA LEU K 319 36.77 38.10 15.94
C LEU K 319 37.90 37.50 15.12
N ALA K 320 38.39 38.24 14.13
CA ALA K 320 39.48 37.74 13.31
C ALA K 320 40.78 37.60 14.10
N GLU K 321 41.00 38.48 15.08
CA GLU K 321 42.22 38.40 15.89
C GLU K 321 42.20 37.17 16.79
N MET K 322 41.10 36.97 17.53
CA MET K 322 41.03 35.84 18.44
C MET K 322 40.86 34.50 17.73
N SER K 323 40.33 34.49 16.51
CA SER K 323 40.14 33.24 15.78
C SER K 323 41.40 32.88 14.99
N PRO L 64 -6.46 -18.13 52.17
CA PRO L 64 -5.56 -17.40 53.08
C PRO L 64 -4.79 -16.30 52.36
N PHE L 65 -5.49 -15.47 51.59
CA PHE L 65 -4.81 -14.38 50.90
C PHE L 65 -4.47 -13.24 51.85
N SER L 66 -5.27 -13.03 52.88
CA SER L 66 -5.03 -11.92 53.81
C SER L 66 -3.75 -12.14 54.60
N VAL L 67 -3.50 -13.36 55.05
CA VAL L 67 -2.27 -13.62 55.79
C VAL L 67 -1.06 -13.50 54.86
N LYS L 68 -1.22 -13.84 53.59
CA LYS L 68 -0.11 -13.66 52.64
C LYS L 68 0.17 -12.19 52.39
N VAL L 69 -0.88 -11.36 52.30
CA VAL L 69 -0.67 -9.92 52.15
C VAL L 69 -0.01 -9.34 53.40
N GLY L 70 -0.42 -9.82 54.58
CA GLY L 70 0.22 -9.38 55.80
C GLY L 70 1.68 -9.78 55.88
N LEU L 71 2.00 -10.98 55.40
CA LEU L 71 3.39 -11.41 55.35
C LEU L 71 4.19 -10.57 54.38
N ALA L 72 3.58 -10.18 53.25
CA ALA L 72 4.30 -9.41 52.25
C ALA L 72 4.51 -7.97 52.68
N GLN L 73 3.56 -7.40 53.42
CA GLN L 73 3.62 -5.99 53.76
C GLN L 73 4.60 -5.66 54.88
N VAL L 74 5.42 -6.62 55.32
CA VAL L 74 6.49 -6.28 56.25
C VAL L 74 7.65 -5.65 55.51
N LEU L 75 7.75 -5.84 54.20
CA LEU L 75 8.81 -5.29 53.38
C LEU L 75 8.59 -3.83 53.03
N ARG L 76 7.52 -3.22 53.51
CA ARG L 76 7.23 -1.83 53.17
C ARG L 76 8.36 -0.91 53.63
N GLY L 77 8.69 0.07 52.78
CA GLY L 77 9.75 1.00 53.11
C GLY L 77 11.12 0.38 53.17
N GLY L 78 11.42 -0.57 52.29
CA GLY L 78 12.71 -1.23 52.29
C GLY L 78 13.20 -1.47 50.87
N ALA L 79 14.44 -1.92 50.78
CA ALA L 79 15.09 -2.21 49.51
C ALA L 79 15.37 -3.70 49.42
N ILE L 80 15.16 -4.27 48.23
CA ILE L 80 15.37 -5.68 47.97
C ILE L 80 16.58 -5.81 47.05
N VAL L 81 17.66 -6.41 47.56
CA VAL L 81 18.93 -6.51 46.85
C VAL L 81 19.03 -7.88 46.22
N GLU L 82 19.31 -7.91 44.91
CA GLU L 82 19.49 -9.17 44.20
C GLU L 82 20.93 -9.65 44.39
N VAL L 83 21.10 -10.74 45.13
CA VAL L 83 22.42 -11.27 45.46
C VAL L 83 22.69 -12.49 44.61
N SER L 84 23.97 -12.83 44.51
CA SER L 84 24.41 -13.95 43.69
C SER L 84 25.29 -14.94 44.44
N SER L 85 25.56 -14.72 45.72
CA SER L 85 26.40 -15.62 46.50
C SER L 85 26.14 -15.37 47.98
N VAL L 86 26.83 -16.14 48.82
CA VAL L 86 26.71 -15.97 50.26
C VAL L 86 27.28 -14.63 50.69
N ASN L 87 28.40 -14.21 50.07
CA ASN L 87 29.05 -12.97 50.47
C ASN L 87 28.23 -11.75 50.07
N GLN L 88 27.68 -11.76 48.86
CA GLN L 88 26.80 -10.66 48.45
C GLN L 88 25.56 -10.60 49.32
N ALA L 89 25.03 -11.76 49.72
CA ALA L 89 23.88 -11.77 50.60
C ALA L 89 24.24 -11.19 51.97
N LYS L 90 25.42 -11.53 52.48
CA LYS L 90 25.85 -10.97 53.77
C LYS L 90 26.03 -9.46 53.67
N LEU L 91 26.60 -8.99 52.56
CA LEU L 91 26.75 -7.55 52.36
C LEU L 91 25.39 -6.86 52.31
N ALA L 92 24.45 -7.44 51.56
CA ALA L 92 23.13 -6.84 51.45
C ALA L 92 22.39 -6.84 52.79
N GLU L 93 22.63 -7.86 53.62
CA GLU L 93 22.05 -7.85 54.95
C GLU L 93 22.68 -6.78 55.83
N SER L 94 24.01 -6.65 55.76
CA SER L 94 24.70 -5.65 56.57
C SER L 94 24.32 -4.23 56.15
N ALA L 95 23.97 -4.04 54.89
CA ALA L 95 23.55 -2.72 54.43
C ALA L 95 22.21 -2.32 55.04
N GLY L 96 21.30 -3.27 55.18
CA GLY L 96 20.00 -2.98 55.76
C GLY L 96 18.85 -3.30 54.84
N ALA L 97 19.09 -4.18 53.86
CA ALA L 97 18.04 -4.59 52.95
C ALA L 97 16.96 -5.36 53.68
N CYS L 98 15.72 -5.24 53.20
CA CYS L 98 14.61 -5.95 53.82
C CYS L 98 14.53 -7.41 53.39
N SER L 99 15.15 -7.76 52.26
CA SER L 99 15.18 -9.14 51.78
C SER L 99 16.24 -9.22 50.69
N VAL L 100 16.50 -10.45 50.24
CA VAL L 100 17.47 -10.71 49.18
C VAL L 100 16.87 -11.71 48.22
N ILE L 101 16.81 -11.34 46.94
CA ILE L 101 16.32 -12.21 45.89
C ILE L 101 17.52 -12.86 45.20
N VAL L 102 17.52 -14.18 45.14
CA VAL L 102 18.69 -14.96 44.77
C VAL L 102 18.74 -15.15 43.26
N SER L 103 19.90 -14.86 42.67
CA SER L 103 20.18 -15.16 41.27
C SER L 103 21.51 -15.88 41.22
N ASP L 104 21.51 -17.13 40.74
CA ASP L 104 22.69 -17.98 40.84
C ASP L 104 23.91 -17.53 40.01
N PRO L 105 23.78 -17.20 38.72
CA PRO L 105 24.97 -17.11 37.89
C PRO L 105 25.73 -15.81 38.09
N VAL L 106 26.97 -15.81 37.62
CA VAL L 106 27.73 -14.56 37.54
C VAL L 106 27.12 -13.65 36.47
N ARG L 107 26.63 -14.25 35.38
CA ARG L 107 25.93 -13.55 34.31
C ARG L 107 25.31 -14.61 33.41
N SER L 108 24.37 -14.19 32.57
CA SER L 108 23.75 -15.05 31.57
C SER L 108 24.25 -14.61 30.20
N ARG L 109 25.11 -15.41 29.59
CA ARG L 109 25.79 -15.06 28.35
C ARG L 109 24.91 -15.49 27.18
N GLY L 110 23.87 -14.70 26.93
CA GLY L 110 22.96 -14.95 25.82
C GLY L 110 22.30 -16.31 25.87
N GLY L 111 22.14 -16.85 27.07
CA GLY L 111 21.54 -18.16 27.26
C GLY L 111 20.18 -18.06 27.90
N VAL L 112 19.62 -19.23 28.22
CA VAL L 112 18.31 -19.32 28.86
C VAL L 112 18.52 -19.30 30.37
N ARG L 113 17.77 -18.44 31.06
CA ARG L 113 17.83 -18.38 32.51
C ARG L 113 16.64 -19.13 33.11
N ARG L 114 16.78 -19.48 34.39
CA ARG L 114 15.77 -20.28 35.07
C ARG L 114 15.95 -20.12 36.57
N MET L 115 15.24 -20.94 37.34
CA MET L 115 15.31 -20.88 38.78
C MET L 115 16.74 -21.19 39.24
N PRO L 116 17.26 -20.47 40.23
CA PRO L 116 18.62 -20.74 40.72
C PRO L 116 18.72 -22.13 41.32
N ASP L 117 19.96 -22.61 41.43
CA ASP L 117 20.21 -23.96 41.91
C ASP L 117 19.81 -24.05 43.38
N PRO L 118 19.17 -25.14 43.80
CA PRO L 118 18.66 -25.22 45.18
C PRO L 118 19.73 -25.09 46.26
N VAL L 119 20.92 -25.66 46.07
CA VAL L 119 21.91 -25.63 47.14
C VAL L 119 22.39 -24.21 47.39
N LEU L 120 22.44 -23.39 46.34
CA LEU L 120 22.81 -21.99 46.53
C LEU L 120 21.74 -21.25 47.33
N ILE L 121 20.47 -21.53 47.05
CA ILE L 121 19.38 -20.91 47.80
C ILE L 121 19.44 -21.33 49.27
N LYS L 122 19.71 -22.62 49.53
CA LYS L 122 19.82 -23.06 50.91
C LYS L 122 21.02 -22.43 51.62
N GLU L 123 22.14 -22.27 50.92
CA GLU L 123 23.30 -21.61 51.51
C GLU L 123 22.98 -20.17 51.86
N VAL L 124 22.33 -19.45 50.93
CA VAL L 124 21.95 -18.07 51.18
C VAL L 124 21.00 -17.98 52.38
N LYS L 125 19.99 -18.84 52.39
CA LYS L 125 19.01 -18.82 53.48
C LYS L 125 19.67 -19.12 54.82
N ARG L 126 20.68 -19.99 54.82
CA ARG L 126 21.40 -20.28 56.05
C ARG L 126 22.30 -19.11 56.45
N ALA L 127 22.79 -18.35 55.48
CA ALA L 127 23.71 -17.25 55.79
C ALA L 127 22.99 -16.08 56.43
N VAL L 128 22.02 -15.49 55.73
CA VAL L 128 21.36 -14.28 56.19
C VAL L 128 20.13 -14.65 57.01
N SER L 129 19.68 -13.71 57.83
CA SER L 129 18.47 -13.88 58.63
C SER L 129 17.26 -13.18 58.06
N VAL L 130 17.46 -12.24 57.14
CA VAL L 130 16.35 -11.52 56.49
C VAL L 130 15.57 -12.48 55.62
N PRO L 131 14.33 -12.16 55.25
CA PRO L 131 13.61 -13.00 54.30
C PRO L 131 14.40 -13.17 53.00
N VAL L 132 14.32 -14.38 52.44
CA VAL L 132 15.04 -14.72 51.22
C VAL L 132 14.02 -14.98 50.12
N MET L 133 14.17 -14.29 49.00
CA MET L 133 13.31 -14.48 47.85
C MET L 133 13.94 -15.47 46.89
N ALA L 134 13.23 -15.74 45.79
CA ALA L 134 13.73 -16.62 44.76
C ALA L 134 12.93 -16.34 43.49
N ARG L 135 13.51 -16.71 42.36
CA ARG L 135 12.91 -16.45 41.06
C ARG L 135 12.40 -17.73 40.44
N ALA L 136 11.22 -17.66 39.84
CA ALA L 136 10.63 -18.75 39.10
C ALA L 136 10.13 -18.24 37.78
N ARG L 137 10.38 -18.99 36.71
CA ARG L 137 9.95 -18.59 35.38
C ARG L 137 8.44 -18.39 35.35
N VAL L 138 8.00 -17.32 34.69
CA VAL L 138 6.58 -17.01 34.64
C VAL L 138 5.84 -18.12 33.89
N GLY L 139 4.87 -18.73 34.57
CA GLY L 139 4.15 -19.86 34.03
C GLY L 139 4.70 -21.21 34.44
N HIS L 140 5.87 -21.25 35.07
CA HIS L 140 6.50 -22.51 35.47
C HIS L 140 6.12 -22.78 36.92
N PHE L 141 5.00 -23.47 37.12
CA PHE L 141 4.54 -23.74 38.48
C PHE L 141 5.34 -24.84 39.16
N VAL L 142 6.06 -25.67 38.40
CA VAL L 142 6.87 -26.71 39.03
C VAL L 142 8.10 -26.09 39.69
N GLU L 143 8.69 -25.07 39.05
CA GLU L 143 9.76 -24.33 39.70
C GLU L 143 9.26 -23.67 40.97
N ALA L 144 8.02 -23.17 40.96
CA ALA L 144 7.44 -22.59 42.17
C ALA L 144 7.24 -23.64 43.24
N GLN L 145 6.85 -24.86 42.84
CA GLN L 145 6.71 -25.94 43.81
C GLN L 145 8.06 -26.29 44.44
N ILE L 146 9.10 -26.38 43.62
CA ILE L 146 10.43 -26.68 44.13
C ILE L 146 10.91 -25.56 45.05
N LEU L 147 10.58 -24.31 44.74
CA LEU L 147 10.97 -23.20 45.59
C LEU L 147 10.24 -23.26 46.93
N GLU L 148 8.93 -23.56 46.89
CA GLU L 148 8.17 -23.65 48.12
C GLU L 148 8.64 -24.82 48.98
N SER L 149 9.13 -25.90 48.35
CA SER L 149 9.66 -27.01 49.14
C SER L 149 10.94 -26.61 49.87
N LEU L 150 11.75 -25.72 49.28
CA LEU L 150 12.90 -25.18 49.97
C LEU L 150 12.54 -24.18 51.05
N ALA L 151 11.25 -23.87 51.20
CA ALA L 151 10.74 -22.98 52.24
C ALA L 151 11.30 -21.57 52.09
N VAL L 152 11.43 -21.10 50.86
CA VAL L 152 11.80 -19.71 50.65
C VAL L 152 10.68 -18.80 51.16
N ASP L 153 11.07 -17.63 51.65
CA ASP L 153 10.10 -16.72 52.24
C ASP L 153 9.18 -16.12 51.19
N TYR L 154 9.71 -15.80 50.02
CA TYR L 154 8.92 -15.21 48.94
C TYR L 154 9.36 -15.80 47.62
N ILE L 155 8.43 -15.87 46.67
CA ILE L 155 8.70 -16.38 45.33
C ILE L 155 8.38 -15.26 44.35
N ASP L 156 9.31 -15.00 43.43
CA ASP L 156 9.17 -13.94 42.44
C ASP L 156 8.92 -14.58 41.09
N GLU L 157 7.68 -14.49 40.60
CA GLU L 157 7.33 -14.96 39.26
C GLU L 157 7.87 -13.94 38.26
N SER L 158 9.20 -13.96 38.11
CA SER L 158 9.88 -12.90 37.38
C SER L 158 9.83 -13.16 35.88
N GLU L 159 9.74 -12.07 35.11
CA GLU L 159 9.77 -12.14 33.66
C GLU L 159 11.11 -11.71 33.08
N ILE L 160 12.04 -11.23 33.92
CA ILE L 160 13.38 -10.95 33.42
C ILE L 160 14.08 -12.27 33.09
N ILE L 161 13.73 -13.34 33.80
CA ILE L 161 14.11 -14.68 33.40
C ILE L 161 13.25 -15.10 32.21
N SER L 162 13.83 -15.96 31.36
CA SER L 162 13.14 -16.44 30.17
C SER L 162 11.73 -16.92 30.50
N VAL L 163 10.77 -16.51 29.66
CA VAL L 163 9.37 -16.84 29.89
C VAL L 163 9.16 -18.33 29.70
N ALA L 164 8.60 -18.98 30.72
CA ALA L 164 8.24 -20.38 30.59
C ALA L 164 6.97 -20.56 29.76
N ASP L 165 5.89 -19.89 30.16
CA ASP L 165 4.61 -19.97 29.47
C ASP L 165 4.21 -18.59 29.02
N ASP L 166 4.10 -18.39 27.71
CA ASP L 166 3.77 -17.07 27.18
C ASP L 166 2.32 -16.70 27.44
N ASP L 167 1.42 -17.67 27.35
CA ASP L 167 -0.01 -17.37 27.44
C ASP L 167 -0.48 -17.29 28.88
N HIS L 168 -0.19 -18.30 29.68
CA HIS L 168 -0.73 -18.41 31.03
C HIS L 168 0.34 -18.16 32.08
N PHE L 169 -0.11 -17.82 33.27
CA PHE L 169 0.74 -17.56 34.43
C PHE L 169 0.52 -18.64 35.47
N ILE L 170 1.22 -18.52 36.59
CA ILE L 170 1.10 -19.47 37.67
C ILE L 170 -0.17 -19.17 38.46
N ASN L 171 -1.00 -20.20 38.67
CA ASN L 171 -2.17 -20.07 39.53
C ASN L 171 -1.68 -20.07 40.97
N LYS L 172 -1.30 -18.88 41.45
CA LYS L 172 -0.62 -18.73 42.73
C LYS L 172 -1.51 -19.01 43.93
N HIS L 173 -2.77 -19.39 43.73
CA HIS L 173 -3.61 -19.72 44.87
C HIS L 173 -3.31 -21.11 45.43
N ASN L 174 -2.63 -21.96 44.66
CA ASN L 174 -2.31 -23.31 45.11
C ASN L 174 -1.12 -23.36 46.05
N PHE L 175 -0.36 -22.28 46.18
CA PHE L 175 0.86 -22.28 46.96
C PHE L 175 0.63 -21.58 48.30
N ARG L 176 1.49 -21.92 49.26
CA ARG L 176 1.44 -21.32 50.58
C ARG L 176 2.34 -20.11 50.73
N SER L 177 3.42 -20.03 49.96
CA SER L 177 4.34 -18.92 50.04
C SER L 177 3.81 -17.73 49.24
N PRO L 178 4.06 -16.51 49.71
CA PRO L 178 3.61 -15.33 48.96
C PRO L 178 4.36 -15.17 47.66
N PHE L 179 3.69 -14.61 46.66
CA PHE L 179 4.25 -14.45 45.34
C PHE L 179 4.45 -12.97 45.02
N ILE L 180 5.40 -12.71 44.13
CA ILE L 180 5.68 -11.36 43.63
C ILE L 180 5.64 -11.39 42.12
N CYS L 181 4.79 -10.55 41.54
CA CYS L 181 4.57 -10.53 40.10
C CYS L 181 4.90 -9.15 39.55
N GLY L 182 5.46 -9.13 38.35
CA GLY L 182 5.74 -7.88 37.69
C GLY L 182 4.53 -7.33 36.96
N CYS L 183 4.49 -6.01 36.86
CA CYS L 183 3.38 -5.35 36.21
C CYS L 183 3.88 -4.11 35.48
N ARG L 184 3.14 -3.72 34.44
CA ARG L 184 3.44 -2.51 33.69
C ARG L 184 2.31 -1.49 33.70
N ASP L 185 1.11 -1.86 34.12
CA ASP L 185 0.00 -0.94 34.25
C ASP L 185 -0.94 -1.48 35.31
N THR L 186 -2.12 -0.86 35.44
CA THR L 186 -3.08 -1.34 36.43
C THR L 186 -3.73 -2.65 36.00
N GLY L 187 -3.90 -2.86 34.70
CA GLY L 187 -4.48 -4.09 34.21
C GLY L 187 -3.70 -5.31 34.61
N GLU L 188 -2.40 -5.33 34.29
CA GLU L 188 -1.56 -6.46 34.65
C GLU L 188 -1.48 -6.64 36.16
N ALA L 189 -1.37 -5.54 36.90
CA ALA L 189 -1.27 -5.63 38.35
C ALA L 189 -2.52 -6.27 38.94
N LEU L 190 -3.69 -5.84 38.47
CA LEU L 190 -4.93 -6.39 39.00
C LEU L 190 -5.12 -7.84 38.58
N ARG L 191 -4.70 -8.19 37.36
CA ARG L 191 -4.74 -9.59 36.94
C ARG L 191 -3.87 -10.45 37.85
N ARG L 192 -2.67 -9.98 38.17
CA ARG L 192 -1.77 -10.76 39.01
C ARG L 192 -2.32 -10.86 40.43
N ILE L 193 -2.92 -9.79 40.95
CA ILE L 193 -3.53 -9.86 42.27
C ILE L 193 -4.70 -10.85 42.27
N ARG L 194 -5.44 -10.90 41.16
CA ARG L 194 -6.53 -11.86 41.04
C ARG L 194 -6.00 -13.28 41.01
N GLU L 195 -4.88 -13.51 40.32
CA GLU L 195 -4.30 -14.84 40.28
C GLU L 195 -3.78 -15.29 41.63
N GLY L 196 -3.38 -14.36 42.50
CA GLY L 196 -2.95 -14.73 43.83
C GLY L 196 -1.64 -14.09 44.27
N ALA L 197 -1.14 -13.14 43.50
CA ALA L 197 0.11 -12.48 43.85
C ALA L 197 -0.09 -11.61 45.08
N ALA L 198 0.64 -11.92 46.15
CA ALA L 198 0.56 -11.17 47.40
C ALA L 198 1.41 -9.91 47.40
N MET L 199 2.11 -9.62 46.30
CA MET L 199 2.97 -8.46 46.21
C MET L 199 3.25 -8.18 44.75
N ILE L 200 3.28 -6.90 44.37
CA ILE L 200 3.40 -6.49 42.98
C ILE L 200 4.63 -5.59 42.85
N ARG L 201 5.41 -5.82 41.80
CA ARG L 201 6.55 -4.97 41.48
C ARG L 201 6.34 -4.36 40.10
N ILE L 202 6.47 -3.04 40.01
CA ILE L 202 6.38 -2.34 38.74
C ILE L 202 7.69 -2.54 37.98
N GLN L 203 7.60 -3.19 36.83
CA GLN L 203 8.76 -3.55 36.03
C GLN L 203 9.10 -2.43 35.05
N GLY L 204 10.39 -2.19 34.87
CA GLY L 204 10.85 -1.24 33.89
C GLY L 204 11.49 -1.92 32.70
N ASP L 205 12.82 -1.91 32.63
CA ASP L 205 13.56 -2.59 31.57
C ASP L 205 14.79 -3.24 32.22
N LEU L 206 14.65 -4.50 32.60
CA LEU L 206 15.76 -5.20 33.23
C LEU L 206 16.62 -5.90 32.19
N THR L 207 17.88 -6.14 32.57
CA THR L 207 18.85 -6.88 31.77
C THR L 207 19.17 -6.12 30.48
N ALA L 208 18.58 -4.93 30.31
CA ALA L 208 18.83 -4.12 29.13
C ALA L 208 19.84 -3.01 29.41
N THR L 209 19.64 -2.26 30.48
CA THR L 209 20.51 -1.14 30.85
C THR L 209 20.17 -0.75 32.28
N GLY L 210 20.79 0.34 32.75
CA GLY L 210 20.48 0.93 34.03
C GLY L 210 19.59 2.15 33.96
N ASN L 211 18.90 2.36 32.84
CA ASN L 211 18.05 3.52 32.68
C ASN L 211 16.80 3.41 33.55
N ILE L 212 16.26 4.56 33.93
CA ILE L 212 15.10 4.64 34.82
C ILE L 212 13.84 5.08 34.10
N ALA L 213 13.91 5.30 32.79
CA ALA L 213 12.77 5.88 32.06
C ALA L 213 11.56 4.96 32.08
N GLU L 214 11.76 3.69 31.73
CA GLU L 214 10.63 2.78 31.66
C GLU L 214 10.01 2.52 33.04
N THR L 215 10.86 2.41 34.07
CA THR L 215 10.35 2.17 35.41
C THR L 215 9.49 3.33 35.88
N VAL L 216 9.99 4.56 35.76
CA VAL L 216 9.23 5.72 36.20
C VAL L 216 7.99 5.89 35.34
N LYS L 217 8.06 5.54 34.06
CA LYS L 217 6.89 5.62 33.19
C LYS L 217 5.80 4.67 33.65
N ASN L 218 6.16 3.42 33.97
CA ASN L 218 5.15 2.46 34.41
C ASN L 218 4.60 2.83 35.78
N VAL L 219 5.47 3.32 36.69
CA VAL L 219 5.00 3.76 37.98
C VAL L 219 3.99 4.90 37.83
N ARG L 220 4.33 5.89 37.01
CA ARG L 220 3.42 7.01 36.79
C ARG L 220 2.11 6.56 36.16
N SER L 221 2.18 5.62 35.20
CA SER L 221 0.97 5.11 34.59
C SER L 221 0.07 4.44 35.61
N LEU L 222 0.65 3.58 36.45
CA LEU L 222 -0.15 2.87 37.46
C LEU L 222 -0.77 3.85 38.44
N MET L 223 0.03 4.78 38.98
CA MET L 223 -0.49 5.71 39.96
C MET L 223 -1.54 6.63 39.36
N GLY L 224 -1.35 7.02 38.10
CA GLY L 224 -2.34 7.87 37.45
C GLY L 224 -3.65 7.16 37.21
N GLU L 225 -3.58 5.90 36.79
CA GLU L 225 -4.81 5.13 36.61
C GLU L 225 -5.51 4.89 37.94
N VAL L 226 -4.75 4.69 39.01
CA VAL L 226 -5.37 4.51 40.32
C VAL L 226 -6.04 5.80 40.78
N ARG L 227 -5.39 6.95 40.53
CA ARG L 227 -6.00 8.23 40.86
C ARG L 227 -7.23 8.50 40.02
N VAL L 228 -7.23 8.04 38.77
CA VAL L 228 -8.43 8.16 37.92
C VAL L 228 -9.56 7.32 38.50
N LEU L 229 -9.24 6.10 38.93
CA LEU L 229 -10.25 5.24 39.55
C LEU L 229 -10.83 5.88 40.80
N ASN L 230 -9.97 6.42 41.67
CA ASN L 230 -10.43 6.93 42.96
C ASN L 230 -11.43 8.07 42.83
N ASN L 231 -11.50 8.71 41.66
CA ASN L 231 -12.43 9.83 41.46
C ASN L 231 -13.48 9.57 40.39
N MET L 232 -13.37 8.46 39.66
CA MET L 232 -14.29 8.20 38.56
C MET L 232 -15.71 7.99 39.07
N ASP L 233 -16.67 8.17 38.17
CA ASP L 233 -18.06 7.88 38.48
C ASP L 233 -18.28 6.37 38.51
N ASP L 234 -19.19 5.94 39.39
CA ASP L 234 -19.43 4.50 39.55
C ASP L 234 -19.95 3.87 38.26
N ASP L 235 -20.91 4.52 37.60
CA ASP L 235 -21.54 3.95 36.41
C ASP L 235 -20.54 3.71 35.29
N GLU L 236 -19.40 4.39 35.29
CA GLU L 236 -18.37 4.21 34.28
C GLU L 236 -17.35 3.14 34.65
N VAL L 237 -17.26 2.80 35.94
CA VAL L 237 -16.20 1.92 36.42
C VAL L 237 -16.18 0.62 35.62
N PHE L 238 -17.35 0.03 35.40
CA PHE L 238 -17.43 -1.20 34.61
C PHE L 238 -16.70 -1.06 33.29
N THR L 239 -17.02 -0.02 32.52
CA THR L 239 -16.37 0.18 31.23
C THR L 239 -14.86 0.32 31.40
N PHE L 240 -14.43 1.01 32.47
CA PHE L 240 -13.01 1.15 32.73
C PHE L 240 -12.34 -0.21 32.87
N ALA L 241 -13.00 -1.16 33.53
CA ALA L 241 -12.47 -2.52 33.60
C ALA L 241 -12.27 -3.08 32.20
N LYS L 242 -13.27 -2.92 31.34
CA LYS L 242 -13.12 -3.34 29.94
C LYS L 242 -11.91 -2.71 29.29
N LYS L 243 -11.62 -1.44 29.63
CA LYS L 243 -10.49 -0.76 29.01
C LYS L 243 -9.17 -1.33 29.51
N ILE L 244 -9.16 -1.91 30.71
CA ILE L 244 -7.92 -2.43 31.28
C ILE L 244 -7.92 -3.94 31.42
N SER L 245 -9.04 -4.60 31.11
CA SER L 245 -9.17 -6.06 31.20
C SER L 245 -8.72 -6.57 32.57
N ALA L 246 -9.42 -6.11 33.60
CA ALA L 246 -9.15 -6.50 34.97
C ALA L 246 -10.47 -6.89 35.64
N PRO L 247 -10.41 -7.76 36.65
CA PRO L 247 -11.64 -8.14 37.36
C PRO L 247 -12.30 -6.93 37.99
N TYR L 248 -13.63 -6.84 37.84
CA TYR L 248 -14.34 -5.68 38.35
C TYR L 248 -14.29 -5.62 39.87
N ASP L 249 -14.25 -6.77 40.55
CA ASP L 249 -14.20 -6.76 42.00
C ASP L 249 -12.93 -6.10 42.50
N LEU L 250 -11.78 -6.46 41.92
CA LEU L 250 -10.53 -5.83 42.30
C LEU L 250 -10.49 -4.35 41.90
N VAL L 251 -11.10 -4.01 40.76
CA VAL L 251 -11.17 -2.61 40.35
C VAL L 251 -11.93 -1.78 41.37
N ALA L 252 -13.10 -2.28 41.79
CA ALA L 252 -13.88 -1.59 42.81
C ALA L 252 -13.13 -1.54 44.13
N GLN L 253 -12.37 -2.59 44.45
CA GLN L 253 -11.60 -2.59 45.70
C GLN L 253 -10.53 -1.51 45.67
N THR L 254 -9.81 -1.37 44.57
CA THR L 254 -8.81 -0.31 44.46
C THR L 254 -9.47 1.06 44.49
N LYS L 255 -10.60 1.22 43.81
CA LYS L 255 -11.30 2.49 43.85
C LYS L 255 -11.72 2.86 45.26
N GLN L 256 -12.19 1.87 46.03
CA GLN L 256 -12.61 2.15 47.41
C GLN L 256 -11.41 2.39 48.31
N MET L 257 -10.27 1.79 48.01
CA MET L 257 -9.10 1.88 48.89
C MET L 257 -8.13 2.98 48.48
N GLY L 258 -8.17 3.43 47.23
CA GLY L 258 -7.24 4.43 46.76
C GLY L 258 -5.89 3.88 46.32
N ARG L 259 -5.66 2.58 46.48
CA ARG L 259 -4.44 1.93 46.03
C ARG L 259 -4.78 0.50 45.65
N VAL L 260 -3.86 -0.15 44.96
CA VAL L 260 -4.03 -1.60 44.73
C VAL L 260 -3.89 -2.32 46.06
N PRO L 261 -4.68 -3.36 46.31
CA PRO L 261 -4.65 -3.97 47.66
C PRO L 261 -3.46 -4.89 47.88
N VAL L 262 -2.28 -4.44 47.45
CA VAL L 262 -1.03 -5.16 47.66
C VAL L 262 0.08 -4.15 47.90
N VAL L 263 1.29 -4.64 48.10
CA VAL L 263 2.46 -3.78 48.27
C VAL L 263 3.11 -3.57 46.91
N GLN L 264 3.38 -2.32 46.58
CA GLN L 264 3.99 -1.98 45.30
C GLN L 264 5.47 -1.68 45.48
N PHE L 265 6.30 -2.44 44.79
CA PHE L 265 7.73 -2.19 44.72
C PHE L 265 8.08 -1.72 43.32
N ALA L 266 9.30 -1.26 43.13
CA ALA L 266 9.77 -0.85 41.82
C ALA L 266 10.98 -1.67 41.41
N SER L 267 11.16 -1.82 40.09
CA SER L 267 12.31 -2.57 39.59
C SER L 267 12.77 -1.97 38.28
N GLY L 268 14.08 -2.05 38.04
CA GLY L 268 14.64 -1.63 36.78
C GLY L 268 15.33 -0.28 36.81
N GLY L 269 16.66 -0.28 36.71
CA GLY L 269 17.42 0.93 36.60
C GLY L 269 17.72 1.65 37.90
N ILE L 270 17.22 1.17 39.03
CA ILE L 270 17.49 1.81 40.30
C ILE L 270 18.92 1.51 40.70
N THR L 271 19.82 2.46 40.45
CA THR L 271 21.24 2.30 40.77
C THR L 271 21.74 3.33 41.76
N THR L 272 21.30 4.55 41.67
CA THR L 272 21.73 5.61 42.56
C THR L 272 20.66 5.89 43.61
N PRO L 273 21.04 6.45 44.76
CA PRO L 273 20.03 6.81 45.76
C PRO L 273 18.97 7.75 45.23
N ALA L 274 19.31 8.58 44.25
CA ALA L 274 18.31 9.45 43.63
C ALA L 274 17.20 8.65 43.00
N ASP L 275 17.53 7.55 42.33
CA ASP L 275 16.51 6.73 41.68
C ASP L 275 15.60 6.08 42.70
N ALA L 276 16.17 5.54 43.78
CA ALA L 276 15.36 4.91 44.82
C ALA L 276 14.45 5.93 45.49
N ALA L 277 14.97 7.11 45.80
CA ALA L 277 14.14 8.14 46.42
C ALA L 277 13.06 8.62 45.46
N LEU L 278 13.36 8.66 44.16
CA LEU L 278 12.35 9.03 43.18
C LEU L 278 11.24 7.99 43.13
N MET L 279 11.60 6.71 43.14
CA MET L 279 10.59 5.67 43.14
C MET L 279 9.74 5.71 44.40
N MET L 280 10.37 5.98 45.55
CA MET L 280 9.61 6.03 46.80
C MET L 280 8.76 7.29 46.89
N GLN L 281 9.13 8.36 46.19
CA GLN L 281 8.35 9.58 46.25
C GLN L 281 7.17 9.55 45.29
N LEU L 282 7.20 8.67 44.29
CA LEU L 282 6.08 8.54 43.38
C LEU L 282 4.93 7.72 43.95
N GLY L 283 5.11 7.12 45.13
CA GLY L 283 4.07 6.34 45.76
C GLY L 283 4.42 4.89 46.00
N CYS L 284 5.52 4.39 45.45
CA CYS L 284 5.89 3.00 45.67
C CYS L 284 6.27 2.77 47.12
N ASP L 285 6.35 1.49 47.50
CA ASP L 285 6.69 1.09 48.85
C ASP L 285 8.11 0.53 48.98
N GLY L 286 8.80 0.35 47.87
CA GLY L 286 10.15 -0.18 47.92
C GLY L 286 10.78 -0.18 46.54
N VAL L 287 11.99 -0.73 46.47
CA VAL L 287 12.75 -0.79 45.23
C VAL L 287 13.42 -2.15 45.10
N PHE L 288 13.71 -2.52 43.86
CA PHE L 288 14.45 -3.74 43.53
C PHE L 288 15.77 -3.32 42.92
N VAL L 289 16.81 -3.23 43.74
CA VAL L 289 18.14 -2.89 43.24
C VAL L 289 18.78 -4.15 42.66
N GLY L 290 19.22 -4.06 41.41
CA GLY L 290 19.75 -5.21 40.73
C GLY L 290 21.11 -5.63 41.26
N SER L 291 21.72 -6.58 40.56
CA SER L 291 23.03 -7.09 40.93
C SER L 291 24.16 -6.21 40.45
N GLU L 292 23.88 -5.21 39.61
CA GLU L 292 24.93 -4.34 39.10
C GLU L 292 25.52 -3.44 40.19
N VAL L 293 24.96 -3.46 41.39
CA VAL L 293 25.49 -2.63 42.47
C VAL L 293 26.79 -3.20 43.00
N PHE L 294 26.98 -4.53 42.89
CA PHE L 294 28.11 -5.19 43.52
C PHE L 294 29.39 -5.12 42.71
N ASP L 295 29.30 -4.95 41.38
CA ASP L 295 30.50 -4.85 40.56
C ASP L 295 31.01 -3.42 40.44
N GLY L 296 30.47 -2.48 41.22
CA GLY L 296 30.94 -1.12 41.21
C GLY L 296 32.22 -0.96 42.00
N PRO L 297 32.62 0.29 42.24
CA PRO L 297 33.85 0.53 43.02
C PRO L 297 33.73 0.06 44.46
N ASP L 298 32.63 0.42 45.12
CA ASP L 298 32.37 0.01 46.49
C ASP L 298 30.92 -0.46 46.58
N PRO L 299 30.69 -1.77 46.66
CA PRO L 299 29.31 -2.28 46.65
C PRO L 299 28.51 -1.89 47.88
N PHE L 300 29.04 -2.17 49.08
CA PHE L 300 28.27 -1.96 50.29
C PHE L 300 28.04 -0.48 50.59
N LYS L 301 28.94 0.40 50.15
CA LYS L 301 28.70 1.83 50.29
C LYS L 301 27.48 2.25 49.49
N LYS L 302 27.40 1.84 48.23
CA LYS L 302 26.23 2.14 47.42
C LYS L 302 24.98 1.50 47.99
N LEU L 303 25.11 0.29 48.53
CA LEU L 303 23.95 -0.38 49.11
C LEU L 303 23.41 0.38 50.32
N ARG L 304 24.31 0.78 51.23
CA ARG L 304 23.88 1.57 52.38
C ARG L 304 23.30 2.91 51.95
N SER L 305 23.86 3.51 50.90
CA SER L 305 23.33 4.77 50.40
C SER L 305 21.91 4.59 49.89
N ILE L 306 21.66 3.54 49.11
CA ILE L 306 20.33 3.30 48.58
C ILE L 306 19.35 2.97 49.69
N VAL L 307 19.79 2.20 50.69
CA VAL L 307 18.91 1.86 51.81
C VAL L 307 18.53 3.12 52.58
N GLN L 308 19.51 3.98 52.88
CA GLN L 308 19.21 5.22 53.59
C GLN L 308 18.35 6.15 52.75
N ALA L 309 18.49 6.10 51.43
CA ALA L 309 17.63 6.90 50.56
C ALA L 309 16.19 6.41 50.65
N VAL L 310 15.99 5.09 50.62
CA VAL L 310 14.65 4.55 50.74
C VAL L 310 14.05 4.88 52.10
N GLN L 311 14.87 4.81 53.16
CA GLN L 311 14.37 5.12 54.50
C GLN L 311 14.03 6.61 54.63
N HIS L 312 14.79 7.47 53.98
CA HIS L 312 14.61 8.91 54.12
C HIS L 312 14.31 9.57 52.78
N TYR L 313 13.37 8.99 52.02
CA TYR L 313 13.04 9.48 50.70
C TYR L 313 12.51 10.90 50.69
N ASN L 314 12.23 11.49 51.85
CA ASN L 314 11.73 12.86 51.91
C ASN L 314 12.78 13.88 52.28
N ASP L 315 13.91 13.45 52.85
CA ASP L 315 14.95 14.37 53.29
C ASP L 315 15.99 14.54 52.19
N PRO L 316 16.12 15.72 51.58
CA PRO L 316 17.13 15.90 50.54
C PRO L 316 18.55 15.95 51.08
N HIS L 317 18.74 16.40 52.32
CA HIS L 317 20.10 16.53 52.84
C HIS L 317 20.76 15.18 53.06
N VAL L 318 20.03 14.22 53.65
CA VAL L 318 20.57 12.87 53.79
C VAL L 318 20.84 12.26 52.42
N LEU L 319 19.96 12.52 51.45
CA LEU L 319 20.19 12.05 50.09
C LEU L 319 21.50 12.59 49.54
N ALA L 320 21.76 13.89 49.74
CA ALA L 320 23.00 14.48 49.26
C ALA L 320 24.21 13.93 50.00
N GLU L 321 24.05 13.60 51.29
CA GLU L 321 25.18 13.07 52.06
C GLU L 321 25.54 11.66 51.59
N MET L 322 24.56 10.77 51.48
CA MET L 322 24.84 9.40 51.07
C MET L 322 25.19 9.27 49.59
N SER L 323 24.75 10.21 48.75
CA SER L 323 25.06 10.14 47.32
C SER L 323 26.40 10.81 47.03
N PRO M 51 -30.04 -7.10 46.48
CA PRO M 51 -30.83 -8.33 46.35
C PRO M 51 -30.83 -8.86 44.92
N PHE M 52 -29.65 -8.97 44.31
CA PHE M 52 -29.57 -9.44 42.94
C PHE M 52 -30.15 -10.84 42.81
N SER M 53 -29.96 -11.69 43.83
CA SER M 53 -30.55 -13.02 43.79
C SER M 53 -32.06 -12.96 43.76
N VAL M 54 -32.66 -11.94 44.39
CA VAL M 54 -34.11 -11.78 44.33
C VAL M 54 -34.56 -11.51 42.91
N LYS M 55 -33.84 -10.63 42.20
CA LYS M 55 -34.17 -10.34 40.81
C LYS M 55 -33.98 -11.57 39.93
N VAL M 56 -32.91 -12.33 40.19
CA VAL M 56 -32.66 -13.54 39.41
C VAL M 56 -33.80 -14.54 39.61
N GLY M 57 -34.19 -14.79 40.86
CA GLY M 57 -35.28 -15.71 41.11
C GLY M 57 -36.61 -15.20 40.58
N LEU M 58 -36.78 -13.88 40.56
CA LEU M 58 -38.02 -13.31 40.05
C LEU M 58 -38.10 -13.46 38.53
N ALA M 59 -36.98 -13.35 37.84
CA ALA M 59 -36.96 -13.56 36.40
C ALA M 59 -37.06 -15.03 36.02
N GLN M 60 -36.94 -15.94 36.99
CA GLN M 60 -36.94 -17.37 36.67
C GLN M 60 -38.27 -17.85 36.11
N MET M 61 -39.37 -17.20 36.48
CA MET M 61 -40.68 -17.69 36.05
C MET M 61 -40.89 -17.50 34.56
N LEU M 62 -40.01 -16.75 33.89
CA LEU M 62 -40.08 -16.61 32.44
C LEU M 62 -39.49 -17.80 31.71
N ARG M 63 -38.88 -18.75 32.41
CA ARG M 63 -38.25 -19.89 31.76
C ARG M 63 -39.28 -20.70 30.99
N GLY M 64 -38.91 -21.10 29.78
CA GLY M 64 -39.78 -21.92 28.96
C GLY M 64 -40.99 -21.20 28.39
N GLY M 65 -40.89 -19.91 28.13
CA GLY M 65 -42.00 -19.13 27.63
C GLY M 65 -41.60 -18.27 26.43
N VAL M 66 -42.58 -17.51 25.95
CA VAL M 66 -42.43 -16.64 24.79
C VAL M 66 -42.71 -15.21 25.22
N ILE M 67 -41.96 -14.26 24.68
CA ILE M 67 -42.16 -12.84 24.95
C ILE M 67 -42.48 -12.14 23.64
N MET M 68 -43.57 -11.39 23.61
CA MET M 68 -44.12 -10.84 22.38
C MET M 68 -44.18 -9.32 22.45
N ASP M 69 -43.57 -8.65 21.49
CA ASP M 69 -43.66 -7.20 21.41
C ASP M 69 -45.06 -6.78 20.97
N VAL M 70 -45.72 -6.00 21.80
CA VAL M 70 -47.08 -5.54 21.51
C VAL M 70 -47.04 -4.01 21.38
N VAL M 71 -48.02 -3.46 20.66
CA VAL M 71 -48.08 -2.03 20.40
C VAL M 71 -49.41 -1.43 20.79
N ASN M 72 -50.33 -2.21 21.32
CA ASN M 72 -51.60 -1.68 21.80
C ASN M 72 -52.19 -2.65 22.81
N ALA M 73 -53.32 -2.27 23.40
CA ALA M 73 -53.99 -3.16 24.33
C ALA M 73 -54.53 -4.39 23.62
N GLU M 74 -54.86 -4.28 22.33
CA GLU M 74 -55.47 -5.41 21.63
C GLU M 74 -54.42 -6.46 21.27
N GLN M 75 -53.27 -6.02 20.76
CA GLN M 75 -52.18 -6.96 20.51
C GLN M 75 -51.69 -7.57 21.82
N ALA M 76 -51.69 -6.79 22.90
CA ALA M 76 -51.32 -7.33 24.19
C ALA M 76 -52.31 -8.41 24.65
N ARG M 77 -53.60 -8.15 24.45
CA ARG M 77 -54.61 -9.15 24.81
C ARG M 77 -54.44 -10.42 23.98
N ILE M 78 -54.21 -10.27 22.67
CA ILE M 78 -54.00 -11.43 21.82
C ILE M 78 -52.79 -12.23 22.31
N ALA M 79 -51.66 -11.54 22.50
CA ALA M 79 -50.44 -12.21 22.96
C ALA M 79 -50.66 -12.88 24.32
N GLU M 80 -51.59 -12.35 25.12
CA GLU M 80 -51.93 -13.02 26.37
C GLU M 80 -52.70 -14.30 26.11
N GLU M 81 -53.70 -14.24 25.23
CA GLU M 81 -54.50 -15.44 24.96
C GLU M 81 -53.70 -16.50 24.24
N ALA M 82 -52.67 -16.10 23.49
CA ALA M 82 -51.81 -17.07 22.83
C ALA M 82 -50.93 -17.84 23.80
N GLY M 83 -50.85 -17.41 25.06
CA GLY M 83 -50.06 -18.10 26.04
C GLY M 83 -48.67 -17.52 26.30
N ALA M 84 -48.38 -16.33 25.80
CA ALA M 84 -47.07 -15.73 26.03
C ALA M 84 -46.86 -15.48 27.52
N CYS M 85 -45.59 -15.51 27.94
CA CYS M 85 -45.26 -15.34 29.34
C CYS M 85 -45.09 -13.88 29.73
N ALA M 86 -44.82 -12.99 28.77
CA ALA M 86 -44.66 -11.57 29.03
C ALA M 86 -44.78 -10.84 27.70
N VAL M 87 -45.10 -9.55 27.78
CA VAL M 87 -45.19 -8.71 26.61
C VAL M 87 -44.20 -7.57 26.75
N MET M 88 -43.72 -7.08 25.62
CA MET M 88 -42.76 -5.98 25.58
C MET M 88 -43.47 -4.77 24.99
N ALA M 89 -44.06 -3.95 25.85
CA ALA M 89 -44.81 -2.79 25.40
C ALA M 89 -43.89 -1.84 24.66
N LEU M 90 -44.34 -1.35 23.51
CA LEU M 90 -43.56 -0.46 22.67
C LEU M 90 -44.47 0.18 21.64
N GLU M 91 -44.09 1.39 21.20
CA GLU M 91 -44.99 2.22 20.41
C GLU M 91 -45.26 1.62 19.03
N ARG M 92 -44.22 1.10 18.38
CA ARG M 92 -44.37 0.47 17.07
C ARG M 92 -43.33 -0.64 16.94
N VAL M 93 -43.74 -1.77 16.35
CA VAL M 93 -42.96 -3.00 16.29
C VAL M 93 -41.58 -2.74 15.72
N PRO M 94 -40.58 -3.62 15.98
CA PRO M 94 -39.26 -3.41 15.38
C PRO M 94 -39.28 -3.31 13.86
N ALA M 95 -40.25 -3.95 13.21
CA ALA M 95 -40.40 -3.78 11.77
C ALA M 95 -40.65 -2.32 11.42
N ASP M 96 -41.49 -1.63 12.18
CA ASP M 96 -41.71 -0.21 11.96
C ASP M 96 -40.48 0.60 12.33
N ILE M 97 -39.75 0.19 13.37
CA ILE M 97 -38.51 0.87 13.74
C ILE M 97 -37.53 0.85 12.57
N ARG M 98 -37.46 -0.27 11.86
CA ARG M 98 -36.56 -0.36 10.71
C ARG M 98 -37.13 0.37 9.50
N ALA M 99 -38.46 0.32 9.31
CA ALA M 99 -39.05 0.89 8.11
C ALA M 99 -39.10 2.41 8.16
N GLN M 100 -39.81 2.98 9.14
CA GLN M 100 -39.98 4.42 9.23
C GLN M 100 -38.66 5.13 9.54
N GLY M 101 -37.70 4.43 10.14
CA GLY M 101 -36.45 5.07 10.45
C GLY M 101 -36.57 6.00 11.65
N GLY M 102 -35.69 6.99 11.67
CA GLY M 102 -35.65 7.94 12.77
C GLY M 102 -35.13 7.31 14.04
N VAL M 103 -35.20 8.08 15.12
CA VAL M 103 -34.74 7.63 16.42
C VAL M 103 -35.91 6.99 17.16
N ALA M 104 -35.63 5.90 17.86
CA ALA M 104 -36.63 5.19 18.66
C ALA M 104 -36.23 5.31 20.12
N ARG M 105 -37.20 5.61 20.97
CA ARG M 105 -36.95 5.86 22.38
C ARG M 105 -37.82 4.93 23.22
N MET M 106 -37.79 5.16 24.54
CA MET M 106 -38.69 4.47 25.44
C MET M 106 -40.13 4.70 25.02
N SER M 107 -40.94 3.66 25.10
CA SER M 107 -42.34 3.76 24.74
C SER M 107 -43.07 4.73 25.66
N ASP M 108 -44.17 5.27 25.15
CA ASP M 108 -44.88 6.33 25.86
C ASP M 108 -45.52 5.77 27.13
N PRO M 109 -45.41 6.48 28.26
CA PRO M 109 -45.94 5.94 29.52
C PRO M 109 -47.43 5.65 29.51
N GLN M 110 -48.22 6.41 28.75
CA GLN M 110 -49.67 6.21 28.76
C GLN M 110 -50.03 4.85 28.18
N MET M 111 -49.40 4.47 27.06
CA MET M 111 -49.71 3.18 26.47
C MET M 111 -49.15 2.05 27.33
N ILE M 112 -48.04 2.28 28.03
CA ILE M 112 -47.56 1.27 28.97
C ILE M 112 -48.58 1.04 30.08
N LYS M 113 -49.15 2.13 30.61
CA LYS M 113 -50.16 1.97 31.66
C LYS M 113 -51.40 1.28 31.12
N GLU M 114 -51.79 1.61 29.88
CA GLU M 114 -52.95 0.95 29.28
C GLU M 114 -52.73 -0.54 29.13
N ILE M 115 -51.57 -0.93 28.58
CA ILE M 115 -51.24 -2.34 28.43
C ILE M 115 -51.20 -3.03 29.78
N LYS M 116 -50.51 -2.43 30.77
CA LYS M 116 -50.41 -3.02 32.09
C LYS M 116 -51.79 -3.22 32.71
N GLN M 117 -52.73 -2.32 32.43
CA GLN M 117 -54.08 -2.49 32.93
C GLN M 117 -54.90 -3.46 32.08
N ALA M 118 -54.45 -3.77 30.87
CA ALA M 118 -55.20 -4.63 29.97
C ALA M 118 -54.87 -6.10 30.11
N VAL M 119 -53.63 -6.45 30.50
CA VAL M 119 -53.21 -7.83 30.64
C VAL M 119 -52.79 -8.09 32.07
N THR M 120 -52.67 -9.38 32.41
CA THR M 120 -52.27 -9.79 33.75
C THR M 120 -50.85 -10.30 33.82
N ILE M 121 -50.28 -10.75 32.70
CA ILE M 121 -48.94 -11.30 32.66
C ILE M 121 -47.92 -10.19 32.95
N PRO M 122 -46.68 -10.53 33.29
CA PRO M 122 -45.65 -9.48 33.42
C PRO M 122 -45.53 -8.67 32.13
N VAL M 123 -45.29 -7.38 32.31
CA VAL M 123 -45.20 -6.44 31.20
C VAL M 123 -43.79 -5.85 31.20
N MET M 124 -43.13 -5.90 30.06
CA MET M 124 -41.81 -5.32 29.90
C MET M 124 -41.90 -3.98 29.20
N ALA M 125 -40.74 -3.32 29.10
CA ALA M 125 -40.59 -2.14 28.29
C ALA M 125 -39.13 -2.01 27.92
N LYS M 126 -38.87 -1.28 26.85
N LYS M 126 -38.87 -1.28 26.85
CA LYS M 126 -37.51 -1.09 26.34
CA LYS M 126 -37.51 -1.09 26.34
C LYS M 126 -36.93 0.22 26.85
C LYS M 126 -36.93 0.22 26.85
N ALA M 127 -35.65 0.22 27.16
CA ALA M 127 -34.92 1.40 27.58
C ALA M 127 -33.62 1.48 26.81
N ARG M 128 -33.29 2.68 26.33
CA ARG M 128 -32.08 2.85 25.55
C ARG M 128 -30.85 2.53 26.39
N ILE M 129 -29.79 2.09 25.72
CA ILE M 129 -28.57 1.69 26.42
C ILE M 129 -27.93 2.89 27.06
N GLY M 130 -27.64 2.79 28.36
CA GLY M 130 -27.01 3.87 29.09
C GLY M 130 -27.94 4.99 29.48
N HIS M 131 -29.19 4.97 29.02
CA HIS M 131 -30.17 6.00 29.38
C HIS M 131 -30.83 5.57 30.69
N PHE M 132 -30.15 5.88 31.80
CA PHE M 132 -30.67 5.46 33.09
C PHE M 132 -31.88 6.26 33.52
N VAL M 133 -32.15 7.40 32.90
CA VAL M 133 -33.33 8.17 33.27
C VAL M 133 -34.59 7.55 32.68
N GLU M 134 -34.51 7.00 31.46
CA GLU M 134 -35.62 6.23 30.94
C GLU M 134 -35.89 5.01 31.81
N ALA M 135 -34.83 4.38 32.32
CA ALA M 135 -35.01 3.26 33.23
C ALA M 135 -35.65 3.72 34.53
N GLN M 136 -35.29 4.91 35.02
CA GLN M 136 -35.94 5.44 36.22
C GLN M 136 -37.42 5.68 35.99
N ILE M 137 -37.76 6.24 34.82
CA ILE M 137 -39.17 6.47 34.48
C ILE M 137 -39.92 5.15 34.41
N LEU M 138 -39.32 4.13 33.79
CA LEU M 138 -39.98 2.84 33.66
C LEU M 138 -40.16 2.19 35.03
N GLU M 139 -39.17 2.31 35.91
CA GLU M 139 -39.31 1.77 37.25
C GLU M 139 -40.39 2.50 38.03
N ALA M 140 -40.53 3.81 37.79
CA ALA M 140 -41.55 4.58 38.48
C ALA M 140 -42.95 4.30 37.94
N ILE M 141 -43.06 3.84 36.69
CA ILE M 141 -44.36 3.42 36.17
C ILE M 141 -44.80 2.13 36.85
N GLY M 142 -43.86 1.25 37.16
CA GLY M 142 -44.18 0.02 37.85
C GLY M 142 -44.18 -1.22 36.99
N ILE M 143 -43.48 -1.19 35.86
CA ILE M 143 -43.42 -2.35 34.97
C ILE M 143 -42.63 -3.46 35.66
N ASP M 144 -42.74 -4.67 35.15
CA ASP M 144 -42.11 -5.82 35.79
C ASP M 144 -40.66 -6.04 35.38
N TYR M 145 -40.34 -5.89 34.09
CA TYR M 145 -38.98 -6.07 33.61
C TYR M 145 -38.65 -4.92 32.67
N ILE M 146 -37.40 -4.48 32.72
CA ILE M 146 -36.89 -3.44 31.84
C ILE M 146 -35.88 -4.06 30.89
N ASP M 147 -36.02 -3.77 29.60
CA ASP M 147 -35.13 -4.33 28.59
C ASP M 147 -34.22 -3.20 28.11
N GLU M 148 -32.95 -3.23 28.55
CA GLU M 148 -31.96 -2.30 28.04
C GLU M 148 -31.65 -2.73 26.61
N SER M 149 -32.39 -2.16 25.66
CA SER M 149 -32.54 -2.73 24.33
C SER M 149 -31.65 -2.04 23.32
N GLU M 150 -30.83 -2.82 22.62
CA GLU M 150 -30.08 -2.35 21.46
C GLU M 150 -30.94 -2.26 20.22
N VAL M 151 -32.14 -2.86 20.24
CA VAL M 151 -33.08 -2.67 19.14
C VAL M 151 -33.46 -1.20 19.02
N LEU M 152 -33.56 -0.50 20.13
CA LEU M 152 -33.76 0.94 20.13
C LEU M 152 -32.48 1.66 19.75
N THR M 153 -32.51 2.98 19.88
CA THR M 153 -31.34 3.78 19.55
C THR M 153 -30.39 3.85 20.74
N LEU M 154 -29.09 3.79 20.46
CA LEU M 154 -28.07 3.94 21.49
C LEU M 154 -28.16 5.32 22.13
N ALA M 155 -28.25 5.36 23.46
CA ALA M 155 -28.19 6.61 24.20
C ALA M 155 -26.81 6.89 24.78
N ASP M 156 -26.04 5.85 25.06
CA ASP M 156 -24.66 6.00 25.56
C ASP M 156 -23.83 4.91 24.91
N GLU M 157 -22.99 5.30 23.94
CA GLU M 157 -22.23 4.32 23.18
C GLU M 157 -21.16 3.64 24.02
N ASP M 158 -20.65 4.31 25.05
CA ASP M 158 -19.54 3.78 25.83
C ASP M 158 -19.96 3.06 27.10
N HIS M 159 -21.06 3.45 27.73
CA HIS M 159 -21.43 2.91 29.03
C HIS M 159 -22.86 2.39 29.00
N HIS M 160 -23.10 1.33 29.76
CA HIS M 160 -24.45 0.82 29.96
C HIS M 160 -24.97 1.27 31.33
N ILE M 161 -26.24 0.95 31.59
CA ILE M 161 -26.86 1.35 32.85
C ILE M 161 -26.24 0.57 33.99
N ASN M 162 -25.93 1.27 35.08
CA ASN M 162 -25.53 0.62 36.31
C ASN M 162 -26.79 0.06 36.95
N LYS M 163 -27.16 -1.15 36.52
CA LYS M 163 -28.48 -1.69 36.83
C LYS M 163 -28.62 -2.11 38.29
N HIS M 164 -27.61 -1.87 39.12
CA HIS M 164 -27.74 -2.20 40.54
C HIS M 164 -28.55 -1.16 41.31
N ASN M 165 -28.90 -0.05 40.67
CA ASN M 165 -29.59 1.03 41.37
C ASN M 165 -31.10 0.88 41.36
N PHE M 166 -31.65 -0.06 40.60
CA PHE M 166 -33.09 -0.22 40.46
C PHE M 166 -33.56 -1.50 41.14
N ARG M 167 -34.79 -1.48 41.64
CA ARG M 167 -35.38 -2.67 42.23
C ARG M 167 -36.06 -3.54 41.17
N ILE M 168 -36.04 -3.11 39.91
CA ILE M 168 -36.71 -3.83 38.84
C ILE M 168 -35.68 -4.65 38.07
N PRO M 169 -35.96 -5.92 37.78
CA PRO M 169 -35.01 -6.72 37.01
C PRO M 169 -34.86 -6.21 35.60
N PHE M 170 -33.65 -6.36 35.07
CA PHE M 170 -33.32 -5.86 33.74
C PHE M 170 -33.11 -7.02 32.78
N VAL M 171 -33.30 -6.76 31.50
CA VAL M 171 -33.05 -7.70 30.43
C VAL M 171 -32.08 -7.07 29.45
N CYS M 172 -30.90 -7.65 29.31
CA CYS M 172 -29.85 -7.05 28.51
C CYS M 172 -29.44 -7.99 27.39
N GLY M 173 -29.21 -7.41 26.21
CA GLY M 173 -28.77 -8.18 25.07
C GLY M 173 -27.33 -8.63 25.21
N CYS M 174 -26.97 -9.61 24.38
CA CYS M 174 -25.61 -10.14 24.40
C CYS M 174 -25.33 -10.79 23.05
N ARG M 175 -24.04 -10.89 22.73
N ARG M 175 -24.04 -10.89 22.73
CA ARG M 175 -23.61 -11.55 21.51
CA ARG M 175 -23.57 -11.50 21.51
C ARG M 175 -22.57 -12.64 21.75
C ARG M 175 -22.57 -12.62 21.75
N ASN M 176 -22.02 -12.76 22.95
CA ASN M 176 -21.05 -13.79 23.27
C ASN M 176 -21.02 -13.93 24.79
N LEU M 177 -20.11 -14.78 25.26
CA LEU M 177 -20.04 -15.03 26.70
C LEU M 177 -19.49 -13.84 27.45
N GLY M 178 -18.50 -13.15 26.88
CA GLY M 178 -17.94 -11.98 27.55
C GLY M 178 -18.98 -10.90 27.77
N GLU M 179 -19.79 -10.62 26.75
N GLU M 179 -19.79 -10.62 26.75
CA GLU M 179 -20.81 -9.59 26.89
CA GLU M 179 -20.81 -9.59 26.89
C GLU M 179 -21.88 -10.00 27.89
C GLU M 179 -21.87 -10.00 27.90
N ALA M 180 -22.29 -11.27 27.86
CA ALA M 180 -23.30 -11.73 28.80
C ALA M 180 -22.80 -11.62 30.23
N LEU M 181 -21.53 -11.99 30.45
CA LEU M 181 -20.97 -11.90 31.80
C LEU M 181 -20.81 -10.44 32.24
N ARG M 182 -20.41 -9.56 31.32
CA ARG M 182 -20.31 -8.15 31.68
C ARG M 182 -21.68 -7.58 32.05
N ARG M 183 -22.71 -7.92 31.29
CA ARG M 183 -24.05 -7.41 31.59
C ARG M 183 -24.56 -7.99 32.90
N ILE M 184 -24.23 -9.25 33.20
CA ILE M 184 -24.65 -9.83 34.48
C ILE M 184 -23.91 -9.15 35.63
N ARG M 185 -22.67 -8.75 35.40
CA ARG M 185 -21.95 -8.02 36.44
C ARG M 185 -22.52 -6.63 36.66
N GLU M 186 -22.93 -5.95 35.59
CA GLU M 186 -23.55 -4.64 35.75
C GLU M 186 -24.87 -4.72 36.50
N GLY M 187 -25.55 -5.86 36.49
CA GLY M 187 -26.76 -6.02 37.27
C GLY M 187 -27.92 -6.62 36.51
N ALA M 188 -27.70 -7.02 35.27
CA ALA M 188 -28.78 -7.60 34.47
C ALA M 188 -29.20 -8.94 35.04
N ALA M 189 -30.49 -9.06 35.35
CA ALA M 189 -31.04 -10.28 35.93
C ALA M 189 -31.54 -11.26 34.89
N MET M 190 -31.34 -10.98 33.60
CA MET M 190 -31.81 -11.84 32.53
C MET M 190 -31.13 -11.41 31.25
N ILE M 191 -30.67 -12.39 30.46
CA ILE M 191 -29.89 -12.15 29.26
C ILE M 191 -30.64 -12.68 28.06
N ARG M 192 -30.63 -11.92 26.97
CA ARG M 192 -31.16 -12.38 25.70
C ARG M 192 -30.10 -12.22 24.62
N THR M 193 -29.94 -13.26 23.80
CA THR M 193 -28.95 -13.21 22.74
C THR M 193 -29.42 -12.29 21.61
N LYS M 194 -28.53 -11.40 21.19
CA LYS M 194 -28.90 -10.29 20.33
C LYS M 194 -29.50 -10.74 19.01
N GLY M 195 -28.74 -11.47 18.20
CA GLY M 195 -29.25 -11.80 16.89
C GLY M 195 -29.15 -10.63 15.94
N GLU M 196 -30.24 -10.39 15.22
CA GLU M 196 -30.33 -9.29 14.26
C GLU M 196 -31.79 -8.82 14.22
N ALA M 197 -31.98 -7.51 14.16
CA ALA M 197 -33.31 -6.95 14.38
C ALA M 197 -34.05 -6.72 13.06
N GLY M 198 -35.21 -7.38 12.93
CA GLY M 198 -36.21 -6.98 11.96
C GLY M 198 -36.25 -7.77 10.67
N THR M 199 -35.36 -8.73 10.46
CA THR M 199 -35.26 -9.41 9.17
C THR M 199 -35.95 -10.76 9.12
N GLY M 200 -36.22 -11.38 10.27
CA GLY M 200 -36.77 -12.71 10.25
C GLY M 200 -35.78 -13.80 9.88
N ASN M 201 -34.49 -13.49 9.84
CA ASN M 201 -33.44 -14.44 9.50
C ASN M 201 -32.68 -14.79 10.76
N ILE M 202 -32.73 -16.06 11.16
CA ILE M 202 -32.19 -16.48 12.45
C ILE M 202 -30.73 -16.89 12.39
N ILE M 203 -30.04 -16.62 11.28
CA ILE M 203 -28.65 -17.05 11.17
C ILE M 203 -27.80 -16.42 12.26
N GLU M 204 -27.99 -15.12 12.52
CA GLU M 204 -27.19 -14.46 13.54
C GLU M 204 -27.59 -14.86 14.95
N ALA M 205 -28.89 -15.00 15.20
CA ALA M 205 -29.33 -15.46 16.51
C ALA M 205 -28.81 -16.87 16.79
N VAL M 206 -28.84 -17.74 15.78
CA VAL M 206 -28.30 -19.08 15.95
C VAL M 206 -26.80 -19.03 16.20
N ARG M 207 -26.09 -18.18 15.45
CA ARG M 207 -24.65 -18.06 15.65
C ARG M 207 -24.34 -17.58 17.07
N HIS M 208 -25.13 -16.66 17.60
CA HIS M 208 -24.84 -16.14 18.94
C HIS M 208 -25.19 -17.15 20.02
N VAL M 209 -26.31 -17.86 19.88
CA VAL M 209 -26.63 -18.93 20.81
C VAL M 209 -25.53 -19.98 20.82
N ARG M 210 -25.07 -20.38 19.63
CA ARG M 210 -24.01 -21.36 19.53
C ARG M 210 -22.72 -20.84 20.13
N SER M 211 -22.42 -19.55 19.94
CA SER M 211 -21.20 -18.99 20.51
C SER M 211 -21.24 -19.00 22.03
N VAL M 212 -22.37 -18.60 22.61
CA VAL M 212 -22.48 -18.57 24.07
C VAL M 212 -22.40 -19.98 24.64
N ASN M 213 -23.17 -20.90 24.08
CA ASN M 213 -23.18 -22.26 24.62
C ASN M 213 -21.84 -22.96 24.37
N GLY M 214 -21.15 -22.62 23.28
CA GLY M 214 -19.85 -23.19 23.03
C GLY M 214 -18.80 -22.67 23.98
N ASP M 215 -18.83 -21.36 24.28
CA ASP M 215 -17.94 -20.82 25.29
C ASP M 215 -18.21 -21.45 26.65
N ILE M 216 -19.48 -21.69 26.99
CA ILE M 216 -19.78 -22.31 28.27
C ILE M 216 -19.27 -23.75 28.31
N ARG M 217 -19.45 -24.50 27.23
CA ARG M 217 -18.95 -25.87 27.19
C ARG M 217 -17.43 -25.91 27.26
N VAL M 218 -16.77 -24.97 26.58
CA VAL M 218 -15.31 -24.89 26.65
C VAL M 218 -14.86 -24.59 28.07
N LEU M 219 -15.56 -23.67 28.73
CA LEU M 219 -15.20 -23.28 30.10
C LEU M 219 -15.42 -24.42 31.07
N ARG M 220 -16.44 -25.25 30.85
CA ARG M 220 -16.78 -26.28 31.82
C ARG M 220 -15.64 -27.26 32.05
N ASN M 221 -14.94 -27.65 30.99
CA ASN M 221 -13.80 -28.54 31.10
C ASN M 221 -12.47 -27.83 31.25
N MET M 222 -12.42 -26.53 30.95
CA MET M 222 -11.16 -25.79 30.93
C MET M 222 -10.40 -25.96 32.25
N ASP M 223 -9.09 -26.09 32.13
CA ASP M 223 -8.23 -26.19 33.31
C ASP M 223 -8.30 -24.91 34.12
N ASP M 224 -8.30 -25.07 35.45
CA ASP M 224 -8.42 -23.90 36.33
C ASP M 224 -7.31 -22.90 36.07
N ASP M 225 -6.07 -23.38 35.96
CA ASP M 225 -4.93 -22.50 35.75
C ASP M 225 -5.06 -21.66 34.49
N GLU M 226 -5.86 -22.11 33.52
CA GLU M 226 -6.08 -21.36 32.29
C GLU M 226 -7.26 -20.42 32.38
N VAL M 227 -8.19 -20.65 33.31
CA VAL M 227 -9.42 -19.86 33.37
C VAL M 227 -9.12 -18.38 33.40
N PHE M 228 -8.14 -17.95 34.20
CA PHE M 228 -7.79 -16.54 34.28
C PHE M 228 -7.55 -15.95 32.89
N THR M 229 -6.70 -16.61 32.09
CA THR M 229 -6.43 -16.11 30.75
C THR M 229 -7.71 -16.05 29.93
N PHE M 230 -8.58 -17.06 30.07
CA PHE M 230 -9.87 -17.03 29.41
C PHE M 230 -10.64 -15.78 29.80
N ALA M 231 -10.65 -15.44 31.09
CA ALA M 231 -11.35 -14.25 31.55
C ALA M 231 -10.76 -13.01 30.89
N LYS M 232 -9.47 -13.03 30.58
CA LYS M 232 -8.87 -11.88 29.89
C LYS M 232 -9.22 -11.90 28.41
N LYS M 233 -9.37 -13.10 27.84
CA LYS M 233 -9.72 -13.19 26.42
C LYS M 233 -11.10 -12.62 26.15
N LEU M 234 -12.03 -12.83 27.08
CA LEU M 234 -13.38 -12.29 26.95
C LEU M 234 -13.50 -10.87 27.49
N ALA M 235 -12.58 -10.44 28.35
CA ALA M 235 -12.72 -9.21 29.12
C ALA M 235 -13.99 -9.25 29.96
N ALA M 236 -14.17 -10.36 30.66
CA ALA M 236 -15.30 -10.59 31.55
C ALA M 236 -14.81 -10.74 32.99
N PRO M 237 -15.64 -10.38 33.96
CA PRO M 237 -15.23 -10.52 35.37
C PRO M 237 -14.88 -11.96 35.70
N TYR M 238 -13.76 -12.15 36.39
CA TYR M 238 -13.29 -13.51 36.66
C TYR M 238 -14.23 -14.25 37.61
N ASP M 239 -14.80 -13.54 38.58
CA ASP M 239 -15.69 -14.21 39.53
C ASP M 239 -16.91 -14.77 38.81
N LEU M 240 -17.45 -14.03 37.85
CA LEU M 240 -18.57 -14.54 37.07
C LEU M 240 -18.14 -15.67 36.15
N VAL M 241 -16.90 -15.62 35.64
CA VAL M 241 -16.40 -16.72 34.82
C VAL M 241 -16.31 -17.99 35.64
N MET M 242 -15.85 -17.90 36.88
CA MET M 242 -15.76 -19.07 37.73
C MET M 242 -17.15 -19.56 38.13
N GLN M 243 -18.08 -18.64 38.36
CA GLN M 243 -19.45 -19.05 38.68
C GLN M 243 -20.09 -19.77 37.50
N THR M 244 -19.83 -19.29 36.28
CA THR M 244 -20.30 -19.99 35.09
C THR M 244 -19.67 -21.37 34.98
N LYS M 245 -18.35 -21.47 35.20
CA LYS M 245 -17.67 -22.74 35.12
C LYS M 245 -18.23 -23.73 36.13
N GLN M 246 -18.64 -23.24 37.31
CA GLN M 246 -19.23 -24.13 38.30
C GLN M 246 -20.64 -24.53 37.93
N LEU M 247 -21.44 -23.58 37.45
CA LEU M 247 -22.85 -23.87 37.16
C LEU M 247 -23.02 -24.63 35.86
N GLY M 248 -22.04 -24.57 34.95
CA GLY M 248 -22.22 -25.16 33.65
C GLY M 248 -23.11 -24.38 32.72
N ARG M 249 -23.51 -23.17 33.10
N ARG M 249 -23.49 -23.17 33.10
CA ARG M 249 -24.35 -22.30 32.28
CA ARG M 249 -24.34 -22.31 32.28
C ARG M 249 -24.28 -20.90 32.83
C ARG M 249 -24.24 -20.89 32.81
N LEU M 250 -24.88 -19.96 32.10
CA LEU M 250 -24.91 -18.59 32.55
C LEU M 250 -25.69 -18.49 33.87
N PRO M 251 -25.23 -17.67 34.82
CA PRO M 251 -25.90 -17.62 36.13
C PRO M 251 -27.30 -17.03 36.10
N VAL M 252 -27.81 -16.64 34.94
CA VAL M 252 -29.12 -16.01 34.82
C VAL M 252 -29.92 -16.71 33.73
N VAL M 253 -31.20 -16.35 33.64
CA VAL M 253 -32.04 -16.89 32.58
C VAL M 253 -31.55 -16.35 31.24
N GLN M 254 -31.58 -17.19 30.22
CA GLN M 254 -30.96 -16.89 28.94
C GLN M 254 -32.00 -17.07 27.83
N PHE M 255 -32.35 -15.98 27.18
CA PHE M 255 -33.38 -15.96 26.15
C PHE M 255 -32.75 -15.76 24.77
N ALA M 256 -33.54 -16.00 23.74
CA ALA M 256 -33.12 -15.74 22.36
C ALA M 256 -33.99 -14.64 21.76
N ALA M 257 -33.42 -13.92 20.80
CA ALA M 257 -34.15 -12.81 20.20
C ALA M 257 -33.56 -12.54 18.82
N GLY M 258 -34.42 -12.08 17.92
CA GLY M 258 -33.98 -11.65 16.61
C GLY M 258 -34.20 -12.68 15.52
N GLY M 259 -35.25 -12.48 14.72
CA GLY M 259 -35.49 -13.34 13.58
C GLY M 259 -36.41 -14.52 13.83
N VAL M 260 -36.76 -14.80 15.09
CA VAL M 260 -37.63 -15.94 15.37
C VAL M 260 -39.01 -15.62 14.80
N ALA M 261 -39.39 -16.32 13.72
CA ALA M 261 -40.63 -16.04 13.03
C ALA M 261 -41.57 -17.23 12.92
N THR M 262 -41.06 -18.44 12.93
CA THR M 262 -41.87 -19.64 12.76
C THR M 262 -41.66 -20.56 13.94
N PRO M 263 -42.63 -21.45 14.21
CA PRO M 263 -42.45 -22.40 15.33
C PRO M 263 -41.17 -23.21 15.23
N ALA M 264 -40.71 -23.50 14.02
CA ALA M 264 -39.44 -24.20 13.86
C ALA M 264 -38.29 -23.39 14.44
N ASP M 265 -38.30 -22.07 14.25
CA ASP M 265 -37.22 -21.24 14.79
C ASP M 265 -37.25 -21.21 16.30
N ALA M 266 -38.45 -21.10 16.88
CA ALA M 266 -38.56 -21.10 18.34
C ALA M 266 -38.08 -22.41 18.93
N ALA M 267 -38.51 -23.53 18.33
CA ALA M 267 -38.05 -24.82 18.81
C ALA M 267 -36.55 -24.99 18.61
N LEU M 268 -35.99 -24.44 17.53
CA LEU M 268 -34.55 -24.48 17.33
C LEU M 268 -33.82 -23.75 18.44
N MET M 269 -34.28 -22.53 18.76
CA MET M 269 -33.66 -21.79 19.85
C MET M 269 -33.76 -22.56 21.17
N MET M 270 -34.92 -23.14 21.45
CA MET M 270 -35.09 -23.85 22.72
C MET M 270 -34.29 -25.15 22.74
N GLN M 271 -33.94 -25.68 21.57
CA GLN M 271 -33.14 -26.91 21.54
C GLN M 271 -31.66 -26.61 21.57
N LEU M 272 -31.25 -25.42 21.12
CA LEU M 272 -29.85 -25.04 21.22
C LEU M 272 -29.43 -24.71 22.65
N GLY M 273 -30.38 -24.64 23.58
CA GLY M 273 -30.05 -24.45 24.98
C GLY M 273 -30.69 -23.26 25.64
N CYS M 274 -31.40 -22.43 24.86
CA CYS M 274 -32.02 -21.24 25.41
C CYS M 274 -33.18 -21.60 26.33
N ASP M 275 -33.72 -20.58 27.00
CA ASP M 275 -34.85 -20.75 27.90
C ASP M 275 -36.11 -20.10 27.38
N GLY M 276 -36.05 -19.40 26.26
CA GLY M 276 -37.21 -18.72 25.71
C GLY M 276 -36.83 -18.00 24.44
N VAL M 277 -37.80 -17.26 23.90
CA VAL M 277 -37.62 -16.56 22.64
C VAL M 277 -38.33 -15.21 22.68
N PHE M 278 -37.86 -14.28 21.86
CA PHE M 278 -38.53 -13.02 21.62
C PHE M 278 -39.07 -12.98 20.20
N VAL M 279 -40.35 -12.69 20.06
CA VAL M 279 -41.01 -12.58 18.76
C VAL M 279 -41.66 -11.20 18.69
N GLY M 280 -41.16 -10.35 17.79
CA GLY M 280 -41.55 -8.95 17.81
C GLY M 280 -42.67 -8.49 16.89
N SER M 281 -42.53 -8.74 15.60
CA SER M 281 -43.43 -8.12 14.62
C SER M 281 -44.09 -9.09 13.67
N GLY M 282 -43.39 -10.14 13.24
CA GLY M 282 -43.88 -10.99 12.17
C GLY M 282 -45.18 -11.71 12.49
N ILE M 283 -45.64 -11.67 13.74
CA ILE M 283 -46.85 -12.37 14.12
C ILE M 283 -48.08 -11.53 13.78
N PHE M 284 -48.02 -10.24 14.07
CA PHE M 284 -49.18 -9.38 13.94
C PHE M 284 -49.28 -8.71 12.58
N LYS M 285 -48.30 -8.90 11.71
CA LYS M 285 -48.36 -8.41 10.34
C LYS M 285 -48.71 -9.51 9.35
N SER M 286 -48.89 -10.74 9.80
CA SER M 286 -49.11 -11.89 8.94
C SER M 286 -50.60 -12.11 8.67
N GLY M 287 -50.89 -13.26 8.07
CA GLY M 287 -52.27 -13.57 7.72
C GLY M 287 -53.17 -13.78 8.92
N ASP M 288 -52.67 -14.46 9.96
CA ASP M 288 -53.43 -14.71 11.18
C ASP M 288 -52.48 -14.56 12.36
N PRO M 289 -52.65 -13.50 13.16
CA PRO M 289 -51.75 -13.32 14.31
C PRO M 289 -51.97 -14.33 15.41
N ALA M 290 -53.23 -14.57 15.80
CA ALA M 290 -53.49 -15.50 16.90
C ALA M 290 -52.98 -16.90 16.58
N ARG M 291 -53.17 -17.36 15.36
CA ARG M 291 -52.74 -18.71 15.00
C ARG M 291 -51.23 -18.85 15.09
N ARG M 292 -50.49 -17.91 14.50
CA ARG M 292 -49.03 -18.02 14.52
C ARG M 292 -48.48 -17.84 15.93
N ALA M 293 -49.08 -16.94 16.72
CA ALA M 293 -48.62 -16.75 18.09
C ALA M 293 -48.84 -18.01 18.92
N ARG M 294 -50.03 -18.61 18.79
CA ARG M 294 -50.30 -19.86 19.49
C ARG M 294 -49.35 -20.96 19.03
N ALA M 295 -49.04 -20.99 17.74
CA ALA M 295 -48.13 -21.99 17.22
C ALA M 295 -46.74 -21.83 17.81
N ILE M 296 -46.26 -20.59 17.91
CA ILE M 296 -44.92 -20.37 18.46
C ILE M 296 -44.90 -20.70 19.95
N VAL M 297 -45.96 -20.35 20.67
CA VAL M 297 -46.02 -20.68 22.09
C VAL M 297 -45.99 -22.20 22.28
N GLN M 298 -46.80 -22.92 21.51
CA GLN M 298 -46.83 -24.37 21.61
C GLN M 298 -45.48 -24.98 21.20
N ALA M 299 -44.79 -24.36 20.25
CA ALA M 299 -43.47 -24.87 19.87
C ALA M 299 -42.47 -24.69 20.99
N VAL M 300 -42.52 -23.55 21.67
CA VAL M 300 -41.61 -23.33 22.80
C VAL M 300 -41.92 -24.30 23.93
N THR M 301 -43.20 -24.50 24.22
CA THR M 301 -43.58 -25.41 25.31
C THR M 301 -43.20 -26.84 24.99
N HIS M 302 -43.31 -27.24 23.73
CA HIS M 302 -43.07 -28.62 23.29
C HIS M 302 -41.87 -28.70 22.34
N TYR M 303 -40.76 -28.07 22.70
CA TYR M 303 -39.63 -27.95 21.79
C TYR M 303 -39.00 -29.29 21.42
N SER M 304 -39.44 -30.39 22.04
CA SER M 304 -38.90 -31.71 21.75
C SER M 304 -39.94 -32.65 21.14
N ASP M 305 -41.03 -32.12 20.59
CA ASP M 305 -42.12 -32.93 20.03
C ASP M 305 -42.28 -32.57 18.57
N PRO M 306 -41.63 -33.30 17.65
CA PRO M 306 -41.75 -32.97 16.22
C PRO M 306 -43.16 -33.04 15.68
N GLU M 307 -43.95 -34.00 16.14
CA GLU M 307 -45.34 -34.08 15.68
C GLU M 307 -46.13 -32.85 16.11
N MET M 308 -45.86 -32.33 17.31
CA MET M 308 -46.53 -31.11 17.74
C MET M 308 -46.09 -29.92 16.90
N LEU M 309 -44.79 -29.82 16.59
CA LEU M 309 -44.32 -28.75 15.72
C LEU M 309 -44.96 -28.84 14.35
N VAL M 310 -45.24 -30.05 13.88
CA VAL M 310 -45.91 -30.22 12.59
C VAL M 310 -47.35 -29.74 12.68
N GLU M 311 -48.07 -30.20 13.71
CA GLU M 311 -49.48 -29.87 13.82
C GLU M 311 -49.68 -28.36 13.99
N VAL M 312 -48.80 -27.70 14.75
CA VAL M 312 -48.93 -26.26 14.93
C VAL M 312 -48.51 -25.49 13.69
N SER M 313 -47.73 -26.11 12.81
CA SER M 313 -47.36 -25.46 11.55
C SER M 313 -48.33 -25.82 10.44
N PRO N 51 -14.83 43.25 32.39
CA PRO N 51 -15.08 42.50 33.62
C PRO N 51 -15.66 41.12 33.34
N PHE N 52 -14.79 40.15 33.09
CA PHE N 52 -15.25 38.81 32.74
C PHE N 52 -16.10 38.20 33.85
N SER N 53 -15.70 38.40 35.11
CA SER N 53 -16.44 37.84 36.22
C SER N 53 -17.87 38.37 36.27
N VAL N 54 -18.08 39.61 35.83
CA VAL N 54 -19.44 40.14 35.75
C VAL N 54 -20.26 39.35 34.75
N LYS N 55 -19.66 39.01 33.61
CA LYS N 55 -20.37 38.19 32.61
C LYS N 55 -20.66 36.81 33.15
N VAL N 56 -19.70 36.21 33.86
CA VAL N 56 -19.93 34.88 34.43
C VAL N 56 -21.08 34.93 35.43
N GLY N 57 -21.08 35.93 36.31
CA GLY N 57 -22.16 36.05 37.27
C GLY N 57 -23.50 36.34 36.60
N LEU N 58 -23.48 37.08 35.50
CA LEU N 58 -24.71 37.36 34.77
C LEU N 58 -25.28 36.09 34.14
N ALA N 59 -24.40 35.22 33.64
CA ALA N 59 -24.85 33.96 33.06
C ALA N 59 -25.26 32.95 34.11
N GLN N 60 -24.90 33.18 35.39
CA GLN N 60 -25.21 32.20 36.43
C GLN N 60 -26.72 32.02 36.62
N MET N 61 -27.51 33.07 36.39
CA MET N 61 -28.95 32.98 36.65
C MET N 61 -29.65 32.06 35.66
N LEU N 62 -28.95 31.60 34.61
CA LEU N 62 -29.50 30.61 33.71
C LEU N 62 -29.41 29.19 34.28
N ARG N 63 -28.74 29.00 35.41
CA ARG N 63 -28.54 27.66 35.95
C ARG N 63 -29.87 27.00 36.26
N GLY N 64 -29.98 25.72 35.90
CA GLY N 64 -31.19 24.96 36.17
C GLY N 64 -32.38 25.32 35.32
N GLY N 65 -32.17 25.76 34.08
CA GLY N 65 -33.26 26.15 33.21
C GLY N 65 -33.15 25.50 31.83
N VAL N 66 -34.05 25.92 30.95
CA VAL N 66 -34.16 25.41 29.59
C VAL N 66 -34.10 26.58 28.63
N ILE N 67 -33.36 26.42 27.54
CA ILE N 67 -33.26 27.42 26.50
C ILE N 67 -33.87 26.85 25.22
N MET N 68 -34.82 27.58 24.64
CA MET N 68 -35.67 27.04 23.59
C MET N 68 -35.53 27.87 22.32
N ASP N 69 -35.24 27.21 21.21
CA ASP N 69 -35.12 27.89 19.92
C ASP N 69 -36.48 28.37 19.46
N VAL N 70 -36.63 29.69 19.29
CA VAL N 70 -37.88 30.26 18.84
C VAL N 70 -37.65 30.93 17.49
N VAL N 71 -38.71 31.01 16.68
CA VAL N 71 -38.63 31.59 15.35
C VAL N 71 -39.66 32.68 15.12
N ASN N 72 -40.50 32.97 16.10
CA ASN N 72 -41.48 34.03 15.97
C ASN N 72 -41.89 34.48 17.38
N ALA N 73 -42.69 35.54 17.43
CA ALA N 73 -43.13 36.05 18.73
C ALA N 73 -44.07 35.07 19.42
N GLU N 74 -44.81 34.26 18.65
CA GLU N 74 -45.76 33.33 19.27
C GLU N 74 -45.05 32.13 19.87
N GLN N 75 -44.08 31.57 19.15
CA GLN N 75 -43.26 30.51 19.74
C GLN N 75 -42.48 31.03 20.93
N ALA N 76 -42.02 32.28 20.86
CA ALA N 76 -41.33 32.87 22.00
C ALA N 76 -42.25 33.00 23.20
N ARG N 77 -43.50 33.42 22.97
CA ARG N 77 -44.46 33.55 24.06
C ARG N 77 -44.77 32.18 24.67
N ILE N 78 -44.93 31.15 23.83
CA ILE N 78 -45.16 29.81 24.34
C ILE N 78 -43.98 29.36 25.19
N ALA N 79 -42.76 29.46 24.64
CA ALA N 79 -41.57 29.04 25.37
C ALA N 79 -41.41 29.82 26.66
N GLU N 80 -41.90 31.05 26.70
CA GLU N 80 -41.88 31.80 27.95
C GLU N 80 -42.88 31.22 28.94
N GLU N 81 -44.10 30.94 28.48
CA GLU N 81 -45.13 30.44 29.40
C GLU N 81 -44.84 29.02 29.84
N ALA N 82 -44.05 28.28 29.08
CA ALA N 82 -43.66 26.94 29.50
C ALA N 82 -42.61 26.97 30.60
N GLY N 83 -41.99 28.11 30.87
CA GLY N 83 -41.04 28.24 31.94
C GLY N 83 -39.59 28.28 31.52
N ALA N 84 -39.28 28.49 30.25
CA ALA N 84 -37.90 28.57 29.82
C ALA N 84 -37.21 29.76 30.46
N CYS N 85 -35.89 29.66 30.61
CA CYS N 85 -35.11 30.76 31.18
C CYS N 85 -34.61 31.74 30.13
N ALA N 86 -34.56 31.33 28.86
CA ALA N 86 -34.09 32.19 27.78
C ALA N 86 -34.52 31.56 26.47
N VAL N 87 -34.59 32.39 25.44
CA VAL N 87 -34.96 31.94 24.11
C VAL N 87 -33.81 32.27 23.15
N MET N 88 -33.72 31.49 22.08
CA MET N 88 -32.68 31.65 21.07
C MET N 88 -33.34 32.11 19.79
N ALA N 89 -33.49 33.43 19.62
CA ALA N 89 -34.15 33.97 18.44
C ALA N 89 -33.39 33.57 17.20
N LEU N 90 -34.13 33.10 16.19
CA LEU N 90 -33.53 32.65 14.94
C LEU N 90 -34.63 32.50 13.90
N GLU N 91 -34.25 32.68 12.62
CA GLU N 91 -35.24 32.78 11.56
C GLU N 91 -35.99 31.47 11.33
N ARG N 92 -35.29 30.34 11.35
CA ARG N 92 -35.91 29.04 11.13
C ARG N 92 -35.14 27.98 11.90
N VAL N 93 -35.86 27.05 12.50
CA VAL N 93 -35.32 26.06 13.46
C VAL N 93 -34.15 25.29 12.87
N PRO N 94 -33.30 24.68 13.70
CA PRO N 94 -32.23 23.82 13.15
C PRO N 94 -32.74 22.71 12.25
N ALA N 95 -33.96 22.21 12.49
CA ALA N 95 -34.55 21.25 11.58
C ALA N 95 -34.76 21.86 10.20
N ASP N 96 -35.21 23.12 10.14
CA ASP N 96 -35.37 23.78 8.85
C ASP N 96 -34.02 24.15 8.25
N ILE N 97 -33.02 24.46 9.09
CA ILE N 97 -31.67 24.68 8.60
C ILE N 97 -31.15 23.42 7.90
N ARG N 98 -31.45 22.25 8.47
CA ARG N 98 -31.05 21.00 7.84
C ARG N 98 -31.88 20.73 6.58
N ALA N 99 -33.17 21.07 6.61
CA ALA N 99 -34.06 20.72 5.50
C ALA N 99 -33.79 21.58 4.27
N GLN N 100 -33.98 22.90 4.39
CA GLN N 100 -33.78 23.78 3.26
C GLN N 100 -32.33 23.85 2.81
N GLY N 101 -31.40 23.58 3.72
CA GLY N 101 -29.99 23.64 3.35
C GLY N 101 -29.53 25.08 3.20
N GLY N 102 -28.51 25.26 2.37
CA GLY N 102 -27.93 26.56 2.15
C GLY N 102 -27.16 27.05 3.36
N VAL N 103 -26.79 28.32 3.30
CA VAL N 103 -26.05 28.95 4.38
C VAL N 103 -27.02 29.57 5.37
N ALA N 104 -26.72 29.43 6.66
CA ALA N 104 -27.52 30.02 7.72
C ALA N 104 -26.68 31.07 8.42
N ARG N 105 -27.24 32.25 8.65
CA ARG N 105 -26.53 33.38 9.20
C ARG N 105 -27.22 33.83 10.48
N MET N 106 -26.72 34.95 11.01
CA MET N 106 -27.39 35.61 12.13
C MET N 106 -28.83 35.94 11.74
N SER N 107 -29.74 35.76 12.68
CA SER N 107 -31.14 36.02 12.43
C SER N 107 -31.38 37.51 12.16
N ASP N 108 -32.51 37.79 11.51
CA ASP N 108 -32.81 39.15 11.07
C ASP N 108 -33.03 40.06 12.28
N PRO N 109 -32.45 41.26 12.29
CA PRO N 109 -32.60 42.14 13.46
C PRO N 109 -34.04 42.50 13.78
N GLN N 110 -34.91 42.59 12.77
CA GLN N 110 -36.29 42.99 13.03
C GLN N 110 -37.01 41.95 13.86
N MET N 111 -36.83 40.67 13.54
CA MET N 111 -37.51 39.64 14.33
C MET N 111 -36.88 39.49 15.71
N ILE N 112 -35.59 39.77 15.84
CA ILE N 112 -34.98 39.80 17.17
C ILE N 112 -35.61 40.90 18.01
N LYS N 113 -35.82 42.08 17.41
CA LYS N 113 -36.46 43.16 18.17
C LYS N 113 -37.90 42.81 18.51
N GLU N 114 -38.60 42.15 17.60
CA GLU N 114 -39.97 41.75 17.88
C GLU N 114 -40.03 40.77 19.04
N ILE N 115 -39.18 39.73 19.00
CA ILE N 115 -39.14 38.76 20.09
C ILE N 115 -38.77 39.44 21.40
N LYS N 116 -37.72 40.26 21.39
CA LYS N 116 -37.30 40.95 22.61
C LYS N 116 -38.42 41.83 23.16
N GLN N 117 -39.26 42.38 22.29
CA GLN N 117 -40.40 43.17 22.77
C GLN N 117 -41.57 42.28 23.17
N ALA N 118 -41.57 41.01 22.77
CA ALA N 118 -42.69 40.12 23.05
C ALA N 118 -42.54 39.36 24.37
N VAL N 119 -41.32 39.01 24.77
CA VAL N 119 -41.09 38.27 25.99
C VAL N 119 -40.26 39.13 26.95
N THR N 120 -40.23 38.71 28.22
CA THR N 120 -39.48 39.42 29.23
C THR N 120 -38.20 38.71 29.66
N ILE N 121 -38.10 37.41 29.40
CA ILE N 121 -36.94 36.61 29.79
C ILE N 121 -35.73 37.04 28.97
N PRO N 122 -34.51 36.68 29.36
CA PRO N 122 -33.36 36.93 28.49
C PRO N 122 -33.56 36.34 27.10
N VAL N 123 -33.05 37.04 26.11
CA VAL N 123 -33.18 36.65 24.71
C VAL N 123 -31.79 36.50 24.12
N MET N 124 -31.53 35.34 23.54
CA MET N 124 -30.26 35.06 22.90
C MET N 124 -30.38 35.23 21.40
N ALA N 125 -29.24 35.14 20.73
CA ALA N 125 -29.19 35.08 19.28
C ALA N 125 -27.92 34.36 18.88
N LYS N 126 -27.92 33.80 17.68
N LYS N 126 -27.92 33.80 17.68
CA LYS N 126 -26.80 33.04 17.17
CA LYS N 126 -26.80 33.04 17.17
C LYS N 126 -25.91 33.92 16.30
C LYS N 126 -25.91 33.92 16.30
N ALA N 127 -24.61 33.73 16.42
CA ALA N 127 -23.63 34.41 15.60
C ALA N 127 -22.63 33.41 15.05
N ARG N 128 -22.31 33.53 13.77
CA ARG N 128 -21.41 32.57 13.14
C ARG N 128 -20.04 32.62 13.80
N ILE N 129 -19.34 31.48 13.74
CA ILE N 129 -18.05 31.37 14.40
C ILE N 129 -17.05 32.29 13.73
N GLY N 130 -16.35 33.08 14.54
CA GLY N 130 -15.37 34.02 14.03
C GLY N 130 -15.94 35.23 13.35
N HIS N 131 -17.26 35.30 13.16
CA HIS N 131 -17.89 36.45 12.53
C HIS N 131 -18.17 37.49 13.61
N PHE N 132 -17.14 38.28 13.91
CA PHE N 132 -17.27 39.25 14.99
C PHE N 132 -18.15 40.43 14.62
N VAL N 133 -18.46 40.61 13.33
CA VAL N 133 -19.33 41.72 12.96
C VAL N 133 -20.79 41.38 13.22
N GLU N 134 -21.18 40.11 13.03
CA GLU N 134 -22.50 39.69 13.48
C GLU N 134 -22.63 39.85 14.98
N ALA N 135 -21.56 39.57 15.71
CA ALA N 135 -21.56 39.79 17.15
C ALA N 135 -21.70 41.26 17.49
N GLN N 136 -21.04 42.14 16.73
CA GLN N 136 -21.18 43.57 16.94
C GLN N 136 -22.61 44.02 16.69
N ILE N 137 -23.23 43.51 15.63
CA ILE N 137 -24.61 43.86 15.32
C ILE N 137 -25.54 43.40 16.44
N LEU N 138 -25.34 42.16 16.91
CA LEU N 138 -26.18 41.64 17.98
C LEU N 138 -26.01 42.44 19.26
N GLU N 139 -24.77 42.78 19.63
CA GLU N 139 -24.54 43.60 20.80
C GLU N 139 -25.18 44.98 20.66
N ALA N 140 -25.21 45.51 19.44
CA ALA N 140 -25.83 46.81 19.23
C ALA N 140 -27.35 46.73 19.23
N ILE N 141 -27.92 45.55 18.96
CA ILE N 141 -29.37 45.39 19.11
C ILE N 141 -29.75 45.38 20.57
N GLY N 142 -28.89 44.82 21.43
CA GLY N 142 -29.14 44.83 22.85
C GLY N 142 -29.61 43.51 23.42
N ILE N 143 -29.30 42.39 22.76
CA ILE N 143 -29.71 41.09 23.25
C ILE N 143 -28.93 40.77 24.53
N ASP N 144 -29.41 39.79 25.29
CA ASP N 144 -28.79 39.46 26.57
C ASP N 144 -27.60 38.52 26.45
N TYR N 145 -27.67 37.51 25.60
CA TYR N 145 -26.56 36.59 25.40
C TYR N 145 -26.39 36.35 23.92
N ILE N 146 -25.14 36.12 23.51
CA ILE N 146 -24.80 35.83 22.12
C ILE N 146 -24.24 34.42 22.06
N ASP N 147 -24.71 33.63 21.11
CA ASP N 147 -24.29 32.24 20.99
C ASP N 147 -23.43 32.13 19.73
N GLU N 148 -22.12 31.96 19.91
CA GLU N 148 -21.23 31.71 18.79
C GLU N 148 -21.48 30.27 18.35
N SER N 149 -22.43 30.11 17.44
CA SER N 149 -23.08 28.82 17.19
C SER N 149 -22.44 28.10 16.01
N GLU N 150 -21.96 26.89 16.26
CA GLU N 150 -21.56 25.99 15.20
C GLU N 150 -22.76 25.35 14.50
N VAL N 151 -23.96 25.46 15.07
CA VAL N 151 -25.15 25.02 14.39
C VAL N 151 -25.35 25.81 13.10
N LEU N 152 -24.97 27.08 13.09
CA LEU N 152 -24.97 27.88 11.89
C LEU N 152 -23.78 27.53 11.02
N THR N 153 -23.55 28.33 9.99
CA THR N 153 -22.45 28.08 9.08
C THR N 153 -21.17 28.72 9.62
N LEU N 154 -20.06 28.03 9.44
CA LEU N 154 -18.75 28.57 9.81
C LEU N 154 -18.44 29.82 9.00
N ALA N 155 -18.11 30.90 9.70
CA ALA N 155 -17.65 32.11 9.04
C ALA N 155 -16.13 32.26 9.07
N ASP N 156 -15.46 31.67 10.04
CA ASP N 156 -14.01 31.66 10.11
C ASP N 156 -13.58 30.29 10.61
N GLU N 157 -13.02 29.47 9.72
CA GLU N 157 -12.71 28.10 10.06
C GLU N 157 -11.59 28.01 11.10
N ASP N 158 -10.65 28.95 11.08
CA ASP N 158 -9.46 28.86 11.93
C ASP N 158 -9.58 29.64 13.23
N HIS N 159 -10.31 30.74 13.27
CA HIS N 159 -10.31 31.61 14.43
C HIS N 159 -11.73 31.86 14.92
N HIS N 160 -11.89 31.90 16.23
CA HIS N 160 -13.15 32.28 16.85
C HIS N 160 -13.10 33.76 17.24
N ILE N 161 -14.24 34.27 17.72
CA ILE N 161 -14.32 35.67 18.09
C ILE N 161 -13.47 35.93 19.32
N ASN N 162 -12.74 37.04 19.31
CA ASN N 162 -12.05 37.52 20.52
C ASN N 162 -13.12 38.15 21.39
N LYS N 163 -13.79 37.29 22.17
CA LYS N 163 -15.02 37.69 22.85
C LYS N 163 -14.78 38.64 24.02
N HIS N 164 -13.54 39.08 24.23
CA HIS N 164 -13.27 40.05 25.30
C HIS N 164 -13.63 41.46 24.90
N ASN N 165 -13.99 41.68 23.63
CA ASN N 165 -14.26 43.03 23.15
C ASN N 165 -15.71 43.46 23.33
N PHE N 166 -16.59 42.56 23.76
CA PHE N 166 -18.01 42.87 23.89
C PHE N 166 -18.42 42.89 25.35
N ARG N 167 -19.39 43.74 25.68
CA ARG N 167 -19.95 43.77 27.01
C ARG N 167 -21.04 42.72 27.21
N ILE N 168 -21.39 42.00 26.15
CA ILE N 168 -22.47 41.02 26.19
C ILE N 168 -21.86 39.63 26.39
N PRO N 169 -22.38 38.83 27.31
CA PRO N 169 -21.81 37.49 27.53
C PRO N 169 -22.09 36.58 26.35
N PHE N 170 -21.12 35.71 26.08
CA PHE N 170 -21.19 34.80 24.94
C PHE N 170 -21.47 33.38 25.41
N VAL N 171 -22.08 32.59 24.54
CA VAL N 171 -22.31 31.17 24.75
C VAL N 171 -21.62 30.40 23.64
N CYS N 172 -20.63 29.59 24.00
CA CYS N 172 -19.80 28.93 23.02
C CYS N 172 -19.93 27.41 23.14
N GLY N 173 -19.93 26.75 21.99
CA GLY N 173 -20.01 25.31 21.97
C GLY N 173 -18.70 24.65 22.36
N CYS N 174 -18.78 23.37 22.71
CA CYS N 174 -17.60 22.62 23.08
C CYS N 174 -17.87 21.15 22.87
N ARG N 175 -16.79 20.37 22.75
N ARG N 175 -16.79 20.38 22.74
CA ARG N 175 -16.88 18.92 22.62
CA ARG N 175 -16.85 18.94 22.57
C ARG N 175 -16.01 18.17 23.60
C ARG N 175 -16.02 18.17 23.59
N ASN N 176 -15.11 18.84 24.30
CA ASN N 176 -14.25 18.19 25.29
C ASN N 176 -13.75 19.27 26.23
N LEU N 177 -12.89 18.88 27.16
CA LEU N 177 -12.40 19.83 28.15
C LEU N 177 -11.47 20.86 27.51
N GLY N 178 -10.62 20.43 26.58
CA GLY N 178 -9.72 21.36 25.94
C GLY N 178 -10.44 22.47 25.21
N GLU N 179 -11.46 22.11 24.42
N GLU N 179 -11.46 22.11 24.42
CA GLU N 179 -12.21 23.11 23.68
CA GLU N 179 -12.22 23.12 23.69
C GLU N 179 -12.95 24.06 24.62
C GLU N 179 -12.94 24.06 24.63
N ALA N 180 -13.55 23.52 25.68
CA ALA N 180 -14.27 24.35 26.63
C ALA N 180 -13.34 25.34 27.30
N LEU N 181 -12.14 24.88 27.68
CA LEU N 181 -11.19 25.78 28.32
C LEU N 181 -10.67 26.83 27.34
N ARG N 182 -10.45 26.45 26.08
CA ARG N 182 -10.02 27.43 25.10
C ARG N 182 -11.10 28.49 24.89
N ARG N 183 -12.36 28.08 24.81
CA ARG N 183 -13.44 29.05 24.63
C ARG N 183 -13.57 29.95 25.85
N ILE N 184 -13.38 29.41 27.06
CA ILE N 184 -13.44 30.25 28.25
C ILE N 184 -12.27 31.23 28.25
N ARG N 185 -11.13 30.83 27.71
CA ARG N 185 -10.01 31.76 27.63
C ARG N 185 -10.27 32.86 26.62
N GLU N 186 -10.89 32.52 25.48
CA GLU N 186 -11.22 33.54 24.50
C GLU N 186 -12.23 34.55 25.01
N GLY N 187 -13.00 34.22 26.04
CA GLY N 187 -13.92 35.18 26.63
C GLY N 187 -15.34 34.68 26.80
N ALA N 188 -15.60 33.42 26.45
CA ALA N 188 -16.93 32.88 26.56
C ALA N 188 -17.36 32.76 28.02
N ALA N 189 -18.48 33.38 28.35
CA ALA N 189 -18.98 33.40 29.72
C ALA N 189 -19.94 32.26 30.01
N MET N 190 -20.13 31.33 29.07
CA MET N 190 -21.04 30.21 29.27
C MET N 190 -20.78 29.20 28.17
N ILE N 191 -20.73 27.92 28.55
CA ILE N 191 -20.34 26.84 27.65
C ILE N 191 -21.51 25.90 27.47
N ARG N 192 -21.73 25.44 26.24
CA ARG N 192 -22.71 24.42 25.96
C ARG N 192 -22.04 23.30 25.17
N THR N 193 -22.31 22.07 25.58
CA THR N 193 -21.72 20.92 24.92
C THR N 193 -22.39 20.68 23.57
N LYS N 194 -21.56 20.52 22.54
CA LYS N 194 -22.01 20.56 21.15
C LYS N 194 -23.06 19.49 20.85
N GLY N 195 -22.69 18.22 20.93
CA GLY N 195 -23.64 17.21 20.54
C GLY N 195 -23.68 17.06 19.03
N GLU N 196 -24.90 16.98 18.51
CA GLU N 196 -25.15 16.86 17.07
C GLU N 196 -26.47 17.58 16.76
N ALA N 197 -26.47 18.37 15.68
CA ALA N 197 -27.57 19.29 15.44
C ALA N 197 -28.61 18.69 14.50
N GLY N 198 -29.82 18.48 15.02
CA GLY N 198 -30.98 18.26 14.19
C GLY N 198 -31.58 16.87 14.18
N THR N 199 -30.92 15.88 14.78
CA THR N 199 -31.35 14.50 14.65
C THR N 199 -32.20 14.01 15.81
N GLY N 200 -32.19 14.70 16.95
CA GLY N 200 -32.92 14.22 18.11
C GLY N 200 -32.29 13.02 18.78
N ASN N 201 -31.05 12.68 18.43
CA ASN N 201 -30.35 11.55 19.01
C ASN N 201 -29.28 12.08 19.96
N ILE N 202 -29.38 11.69 21.24
CA ILE N 202 -28.51 12.28 22.26
C ILE N 202 -27.24 11.49 22.49
N ILE N 203 -26.89 10.55 21.62
CA ILE N 203 -25.70 9.74 21.84
C ILE N 203 -24.45 10.61 21.87
N GLU N 204 -24.35 11.58 20.95
CA GLU N 204 -23.19 12.44 20.90
C GLU N 204 -23.18 13.45 22.03
N ALA N 205 -24.34 14.03 22.35
CA ALA N 205 -24.41 14.96 23.47
C ALA N 205 -24.04 14.24 24.77
N VAL N 206 -24.54 13.03 24.96
CA VAL N 206 -24.20 12.26 26.16
C VAL N 206 -22.72 11.96 26.19
N ARG N 207 -22.15 11.57 25.04
CA ARG N 207 -20.72 11.29 24.99
C ARG N 207 -19.90 12.53 25.35
N HIS N 208 -20.35 13.71 24.90
CA HIS N 208 -19.58 14.92 25.16
C HIS N 208 -19.68 15.35 26.63
N VAL N 209 -20.88 15.28 27.20
CA VAL N 209 -21.02 15.55 28.63
C VAL N 209 -20.15 14.60 29.45
N ARG N 210 -20.21 13.31 29.11
CA ARG N 210 -19.41 12.35 29.85
C ARG N 210 -17.93 12.60 29.68
N SER N 211 -17.50 13.03 28.48
CA SER N 211 -16.08 13.30 28.26
C SER N 211 -15.62 14.51 29.05
N VAL N 212 -16.40 15.58 29.04
CA VAL N 212 -16.03 16.79 29.78
C VAL N 212 -15.97 16.49 31.27
N ASN N 213 -17.00 15.84 31.80
CA ASN N 213 -17.02 15.57 33.24
C ASN N 213 -15.96 14.54 33.62
N GLY N 214 -15.62 13.64 32.70
CA GLY N 214 -14.57 12.69 32.98
C GLY N 214 -13.20 13.33 33.02
N ASP N 215 -12.93 14.25 32.07
CA ASP N 215 -11.70 15.02 32.15
C ASP N 215 -11.62 15.85 33.42
N ILE N 216 -12.75 16.43 33.85
CA ILE N 216 -12.75 17.19 35.09
C ILE N 216 -12.42 16.29 36.28
N ARG N 217 -13.04 15.12 36.35
CA ARG N 217 -12.79 14.22 37.46
C ARG N 217 -11.35 13.70 37.45
N VAL N 218 -10.81 13.45 36.26
CA VAL N 218 -9.41 13.03 36.13
C VAL N 218 -8.50 14.13 36.63
N LEU N 219 -8.80 15.37 36.25
CA LEU N 219 -7.98 16.50 36.65
C LEU N 219 -8.03 16.73 38.15
N ARG N 220 -9.18 16.48 38.77
CA ARG N 220 -9.35 16.82 40.18
C ARG N 220 -8.37 16.06 41.07
N ASN N 221 -8.07 14.80 40.74
CA ASN N 221 -7.10 14.02 41.49
C ASN N 221 -5.70 14.06 40.89
N MET N 222 -5.56 14.49 39.65
CA MET N 222 -4.28 14.42 38.95
C MET N 222 -3.17 15.09 39.77
N ASP N 223 -2.00 14.46 39.77
CA ASP N 223 -0.85 15.03 40.45
C ASP N 223 -0.47 16.36 39.85
N ASP N 224 -0.04 17.30 40.70
CA ASP N 224 0.32 18.63 40.22
C ASP N 224 1.39 18.57 39.15
N ASP N 225 2.45 17.81 39.39
CA ASP N 225 3.57 17.74 38.47
C ASP N 225 3.15 17.25 37.09
N GLU N 226 2.04 16.52 36.98
CA GLU N 226 1.57 16.04 35.69
C GLU N 226 0.62 17.01 35.01
N VAL N 227 0.03 17.95 35.76
CA VAL N 227 -0.99 18.83 35.20
C VAL N 227 -0.50 19.52 33.95
N PHE N 228 0.74 20.03 33.97
CA PHE N 228 1.30 20.70 32.80
C PHE N 228 1.17 19.84 31.56
N THR N 229 1.61 18.58 31.64
CA THR N 229 1.50 17.70 30.49
C THR N 229 0.05 17.54 30.06
N PHE N 230 -0.86 17.42 31.03
CA PHE N 230 -2.28 17.36 30.71
C PHE N 230 -2.70 18.59 29.92
N ALA N 231 -2.24 19.76 30.35
CA ALA N 231 -2.57 20.98 29.64
C ALA N 231 -2.07 20.95 28.20
N LYS N 232 -0.95 20.26 27.97
CA LYS N 232 -0.46 20.11 26.61
C LYS N 232 -1.27 19.06 25.85
N LYS N 233 -1.75 18.04 26.55
CA LYS N 233 -2.54 17.01 25.89
C LYS N 233 -3.85 17.59 25.35
N LEU N 234 -4.45 18.51 26.09
CA LEU N 234 -5.67 19.18 25.65
C LEU N 234 -5.39 20.37 24.74
N ALA N 235 -4.19 20.95 24.80
CA ALA N 235 -3.90 22.23 24.18
C ALA N 235 -4.82 23.31 24.75
N ALA N 236 -4.96 23.30 26.07
CA ALA N 236 -5.76 24.26 26.82
C ALA N 236 -4.86 25.13 27.68
N PRO N 237 -5.25 26.38 27.95
CA PRO N 237 -4.42 27.25 28.78
C PRO N 237 -4.21 26.65 30.16
N TYR N 238 -2.96 26.69 30.63
CA TYR N 238 -2.64 26.05 31.90
C TYR N 238 -3.32 26.73 33.07
N ASP N 239 -3.44 28.06 33.04
CA ASP N 239 -4.07 28.75 34.15
C ASP N 239 -5.53 28.33 34.30
N LEU N 240 -6.23 28.16 33.19
CA LEU N 240 -7.61 27.69 33.26
C LEU N 240 -7.67 26.23 33.68
N VAL N 241 -6.65 25.43 33.31
CA VAL N 241 -6.61 24.04 33.76
C VAL N 241 -6.46 23.98 35.27
N MET N 242 -5.61 24.83 35.83
CA MET N 242 -5.44 24.85 37.28
C MET N 242 -6.68 25.40 37.97
N GLN N 243 -7.35 26.37 37.36
CA GLN N 243 -8.59 26.88 37.93
C GLN N 243 -9.66 25.80 37.95
N THR N 244 -9.75 25.01 36.88
CA THR N 244 -10.67 23.87 36.86
C THR N 244 -10.30 22.86 37.93
N LYS N 245 -9.02 22.51 38.04
CA LYS N 245 -8.59 21.55 39.04
C LYS N 245 -8.92 22.02 40.45
N GLN N 246 -8.86 23.34 40.67
CA GLN N 246 -9.20 23.86 41.99
C GLN N 246 -10.71 23.84 42.22
N LEU N 247 -11.49 24.19 41.19
CA LEU N 247 -12.93 24.31 41.37
C LEU N 247 -13.65 22.97 41.31
N GLY N 248 -13.04 21.97 40.67
CA GLY N 248 -13.74 20.73 40.44
C GLY N 248 -14.75 20.77 39.31
N ARG N 249 -14.76 21.84 38.53
N ARG N 249 -14.75 21.84 38.52
CA ARG N 249 -15.67 21.98 37.41
CA ARG N 249 -15.66 21.99 37.40
C ARG N 249 -15.19 23.15 36.55
C ARG N 249 -15.15 23.11 36.52
N LEU N 250 -15.84 23.33 35.41
CA LEU N 250 -15.50 24.46 34.55
C LEU N 250 -15.78 25.76 35.28
N PRO N 251 -14.96 26.80 35.07
CA PRO N 251 -15.17 28.07 35.76
C PRO N 251 -16.43 28.81 35.34
N VAL N 252 -17.23 28.26 34.42
CA VAL N 252 -18.39 28.93 33.88
C VAL N 252 -19.58 27.99 33.93
N VAL N 253 -20.75 28.54 33.63
CA VAL N 253 -21.95 27.71 33.51
C VAL N 253 -21.79 26.79 32.32
N GLN N 254 -22.39 25.60 32.41
CA GLN N 254 -22.17 24.53 31.46
C GLN N 254 -23.51 23.93 31.08
N PHE N 255 -23.93 24.13 29.83
CA PHE N 255 -25.22 23.68 29.35
C PHE N 255 -25.04 22.51 28.39
N ALA N 256 -26.13 21.80 28.12
CA ALA N 256 -26.13 20.72 27.14
C ALA N 256 -26.99 21.11 25.94
N ALA N 257 -26.64 20.57 24.79
CA ALA N 257 -27.35 20.92 23.57
C ALA N 257 -27.19 19.79 22.55
N GLY N 258 -28.22 19.62 21.73
CA GLY N 258 -28.15 18.68 20.64
C GLY N 258 -28.86 17.37 20.91
N GLY N 259 -30.05 17.21 20.35
CA GLY N 259 -30.79 15.98 20.46
C GLY N 259 -31.75 15.89 21.63
N VAL N 260 -31.74 16.87 22.54
CA VAL N 260 -32.63 16.82 23.69
C VAL N 260 -34.05 17.00 23.20
N ALA N 261 -34.84 15.92 23.21
CA ALA N 261 -36.18 15.93 22.66
C ALA N 261 -37.27 15.53 23.63
N THR N 262 -36.95 14.75 24.65
CA THR N 262 -37.93 14.25 25.60
C THR N 262 -37.51 14.65 27.02
N PRO N 263 -38.46 14.70 27.95
CA PRO N 263 -38.07 15.01 29.34
C PRO N 263 -37.05 14.05 29.92
N ALA N 264 -37.06 12.80 29.46
CA ALA N 264 -36.03 11.86 29.89
C ALA N 264 -34.64 12.33 29.47
N ASP N 265 -34.52 12.89 28.27
CA ASP N 265 -33.21 13.35 27.80
C ASP N 265 -32.74 14.55 28.62
N ALA N 266 -33.64 15.48 28.92
CA ALA N 266 -33.27 16.65 29.71
C ALA N 266 -32.86 16.25 31.12
N ALA N 267 -33.63 15.36 31.74
CA ALA N 267 -33.25 14.86 33.06
C ALA N 267 -31.93 14.11 33.02
N LEU N 268 -31.67 13.35 31.95
CA LEU N 268 -30.40 12.64 31.84
C LEU N 268 -29.25 13.61 31.75
N MET N 269 -29.40 14.67 30.95
CA MET N 269 -28.36 15.69 30.86
C MET N 269 -28.12 16.34 32.21
N MET N 270 -29.19 16.72 32.91
CA MET N 270 -29.03 17.39 34.19
C MET N 270 -28.46 16.45 35.25
N GLN N 271 -28.63 15.14 35.07
CA GLN N 271 -28.07 14.21 36.03
C GLN N 271 -26.62 13.86 35.70
N LEU N 272 -26.22 14.00 34.43
CA LEU N 272 -24.82 13.79 34.08
C LEU N 272 -23.93 14.94 34.55
N GLY N 273 -24.51 16.03 35.05
CA GLY N 273 -23.72 17.09 35.62
C GLY N 273 -23.94 18.47 35.02
N CYS N 274 -24.72 18.55 33.95
CA CYS N 274 -24.95 19.83 33.30
C CYS N 274 -25.76 20.77 34.18
N ASP N 275 -25.89 22.00 33.72
CA ASP N 275 -26.67 23.02 34.42
C ASP N 275 -27.94 23.39 33.67
N GLY N 276 -28.14 22.87 32.46
CA GLY N 276 -29.31 23.21 31.67
C GLY N 276 -29.24 22.49 30.34
N VAL N 277 -30.24 22.76 29.50
CA VAL N 277 -30.36 22.09 28.21
C VAL N 277 -30.84 23.07 27.16
N PHE N 278 -30.54 22.74 25.90
CA PHE N 278 -31.08 23.44 24.74
C PHE N 278 -32.05 22.54 24.00
N VAL N 279 -33.22 23.06 23.66
CA VAL N 279 -34.24 22.33 22.93
C VAL N 279 -34.63 23.15 21.70
N GLY N 280 -34.31 22.64 20.51
CA GLY N 280 -34.41 23.46 19.32
C GLY N 280 -35.67 23.41 18.48
N SER N 281 -36.04 22.23 17.97
CA SER N 281 -37.10 22.14 16.99
C SER N 281 -38.16 21.11 17.29
N GLY N 282 -37.80 20.00 17.93
CA GLY N 282 -38.75 18.91 18.12
C GLY N 282 -39.95 19.25 18.98
N ILE N 283 -39.97 20.45 19.57
CA ILE N 283 -41.03 20.82 20.48
C ILE N 283 -42.20 21.43 19.72
N PHE N 284 -41.91 22.34 18.80
CA PHE N 284 -42.95 23.08 18.12
C PHE N 284 -43.41 22.43 16.82
N LYS N 285 -42.74 21.38 16.37
CA LYS N 285 -43.18 20.61 15.22
C LYS N 285 -43.93 19.34 15.62
N SER N 286 -44.14 19.12 16.92
CA SER N 286 -44.74 17.90 17.43
C SER N 286 -46.26 18.04 17.53
N GLY N 287 -46.87 17.06 18.20
CA GLY N 287 -48.32 17.06 18.34
C GLY N 287 -48.83 18.20 19.20
N ASP N 288 -48.19 18.46 20.33
CA ASP N 288 -48.55 19.56 21.23
C ASP N 288 -47.28 20.23 21.71
N PRO N 289 -47.03 21.46 21.26
CA PRO N 289 -45.79 22.14 21.68
C PRO N 289 -45.78 22.57 23.14
N ALA N 290 -46.88 23.16 23.61
CA ALA N 290 -46.91 23.65 24.98
C ALA N 290 -46.72 22.53 25.98
N ARG N 291 -47.37 21.39 25.74
CA ARG N 291 -47.28 20.27 26.69
C ARG N 291 -45.86 19.73 26.75
N ARG N 292 -45.22 19.52 25.60
CA ARG N 292 -43.86 18.98 25.61
C ARG N 292 -42.87 19.97 26.19
N ALA N 293 -43.05 21.27 25.90
CA ALA N 293 -42.16 22.28 26.45
C ALA N 293 -42.28 22.34 27.96
N ARG N 294 -43.52 22.34 28.48
CA ARG N 294 -43.72 22.32 29.92
C ARG N 294 -43.14 21.06 30.54
N ALA N 295 -43.27 19.93 29.85
CA ALA N 295 -42.72 18.68 30.36
C ALA N 295 -41.20 18.75 30.47
N ILE N 296 -40.54 19.29 29.44
CA ILE N 296 -39.08 19.39 29.48
C ILE N 296 -38.63 20.35 30.56
N VAL N 297 -39.35 21.47 30.72
CA VAL N 297 -39.01 22.42 31.78
C VAL N 297 -39.14 21.76 33.14
N GLN N 298 -40.25 21.05 33.37
CA GLN N 298 -40.43 20.36 34.64
C GLN N 298 -39.37 19.29 34.86
N ALA N 299 -38.93 18.63 33.78
CA ALA N 299 -37.90 17.62 33.92
C ALA N 299 -36.57 18.24 34.32
N VAL N 300 -36.23 19.39 33.74
CA VAL N 300 -35.00 20.06 34.14
C VAL N 300 -35.10 20.55 35.58
N THR N 301 -36.26 21.06 35.98
CA THR N 301 -36.43 21.56 37.35
C THR N 301 -36.37 20.43 38.36
N HIS N 302 -36.91 19.26 38.02
CA HIS N 302 -37.01 18.13 38.93
C HIS N 302 -36.25 16.91 38.41
N TYR N 303 -34.99 17.11 37.99
CA TYR N 303 -34.23 16.04 37.36
C TYR N 303 -33.97 14.86 38.27
N SER N 304 -34.26 14.98 39.57
CA SER N 304 -34.06 13.88 40.50
C SER N 304 -35.37 13.29 41.02
N ASP N 305 -36.46 13.47 40.29
CA ASP N 305 -37.79 13.00 40.71
C ASP N 305 -38.36 12.09 39.62
N PRO N 306 -38.18 10.77 39.74
CA PRO N 306 -38.69 9.87 38.70
C PRO N 306 -40.20 9.92 38.54
N GLU N 307 -40.95 10.05 39.64
CA GLU N 307 -42.40 10.14 39.53
C GLU N 307 -42.82 11.39 38.76
N MET N 308 -42.12 12.50 38.97
CA MET N 308 -42.43 13.72 38.22
C MET N 308 -42.09 13.55 36.75
N LEU N 309 -40.95 12.91 36.44
CA LEU N 309 -40.62 12.62 35.06
C LEU N 309 -41.67 11.74 34.40
N VAL N 310 -42.27 10.83 35.18
CA VAL N 310 -43.33 9.98 34.65
C VAL N 310 -44.58 10.80 34.37
N GLU N 311 -44.99 11.62 35.35
CA GLU N 311 -46.22 12.39 35.20
C GLU N 311 -46.13 13.37 34.03
N VAL N 312 -44.95 13.98 33.84
CA VAL N 312 -44.81 14.92 32.74
C VAL N 312 -44.70 14.20 31.40
N SER N 313 -44.42 12.90 31.40
CA SER N 313 -44.36 12.12 30.17
C SER N 313 -45.66 11.35 29.95
N PRO O 51 3.52 52.89 -17.67
CA PRO O 51 2.88 53.77 -16.68
C PRO O 51 2.07 52.98 -15.66
N PHE O 52 2.67 51.95 -15.08
CA PHE O 52 1.94 51.11 -14.12
C PHE O 52 1.45 51.93 -12.93
N SER O 53 2.26 52.87 -12.45
CA SER O 53 1.84 53.70 -11.33
C SER O 53 0.60 54.52 -11.67
N VAL O 54 0.43 54.88 -12.95
CA VAL O 54 -0.79 55.56 -13.36
C VAL O 54 -2.00 54.65 -13.16
N LYS O 55 -1.86 53.38 -13.51
CA LYS O 55 -2.95 52.42 -13.33
C LYS O 55 -3.24 52.21 -11.84
N VAL O 56 -2.19 52.12 -11.02
CA VAL O 56 -2.40 51.97 -9.58
C VAL O 56 -3.15 53.16 -9.02
N GLY O 57 -2.73 54.37 -9.39
CA GLY O 57 -3.42 55.55 -8.90
C GLY O 57 -4.83 55.68 -9.44
N LEU O 58 -5.06 55.15 -10.65
CA LEU O 58 -6.40 55.17 -11.23
C LEU O 58 -7.33 54.23 -10.46
N ALA O 59 -6.82 53.07 -10.07
CA ALA O 59 -7.63 52.12 -9.31
C ALA O 59 -7.85 52.57 -7.87
N GLN O 60 -7.14 53.61 -7.41
CA GLN O 60 -7.26 54.03 -6.02
C GLN O 60 -8.64 54.59 -5.71
N MET O 61 -9.30 55.20 -6.69
CA MET O 61 -10.59 55.83 -6.41
C MET O 61 -11.68 54.79 -6.10
N LEU O 62 -11.39 53.51 -6.29
CA LEU O 62 -12.32 52.45 -5.91
C LEU O 62 -12.23 52.09 -4.44
N ARG O 63 -11.24 52.62 -3.71
CA ARG O 63 -11.07 52.27 -2.31
C ARG O 63 -12.29 52.67 -1.50
N GLY O 64 -12.70 51.79 -0.59
CA GLY O 64 -13.83 52.06 0.27
C GLY O 64 -15.18 52.02 -0.42
N GLY O 65 -15.31 51.26 -1.50
CA GLY O 65 -16.56 51.16 -2.23
C GLY O 65 -17.01 49.73 -2.42
N VAL O 66 -18.08 49.58 -3.18
CA VAL O 66 -18.69 48.28 -3.47
C VAL O 66 -18.77 48.11 -4.97
N ILE O 67 -18.51 46.89 -5.45
CA ILE O 67 -18.60 46.56 -6.87
C ILE O 67 -19.65 45.48 -7.03
N MET O 68 -20.63 45.74 -7.91
CA MET O 68 -21.81 44.89 -8.02
C MET O 68 -21.94 44.36 -9.44
N ASP O 69 -22.07 43.05 -9.57
CA ASP O 69 -22.26 42.43 -10.88
C ASP O 69 -23.66 42.74 -11.40
N VAL O 70 -23.72 43.37 -12.57
CA VAL O 70 -24.99 43.75 -13.18
C VAL O 70 -25.16 42.96 -14.47
N VAL O 71 -26.41 42.82 -14.91
CA VAL O 71 -26.74 42.04 -16.09
C VAL O 71 -27.47 42.85 -17.14
N ASN O 72 -27.99 44.03 -16.78
CA ASN O 72 -28.71 44.85 -17.74
C ASN O 72 -28.57 46.32 -17.32
N ALA O 73 -29.11 47.20 -18.14
CA ALA O 73 -29.08 48.62 -17.80
C ALA O 73 -29.90 48.91 -16.55
N GLU O 74 -30.93 48.11 -16.27
CA GLU O 74 -31.77 48.37 -15.10
C GLU O 74 -31.06 47.98 -13.81
N GLN O 75 -30.44 46.79 -13.79
CA GLN O 75 -29.65 46.41 -12.63
C GLN O 75 -28.47 47.35 -12.45
N ALA O 76 -27.88 47.81 -13.55
CA ALA O 76 -26.78 48.76 -13.47
C ALA O 76 -27.25 50.08 -12.87
N ARG O 77 -28.42 50.56 -13.28
CA ARG O 77 -28.96 51.79 -12.71
C ARG O 77 -29.27 51.64 -11.23
N ILE O 78 -29.85 50.50 -10.83
CA ILE O 78 -30.11 50.25 -9.42
C ILE O 78 -28.81 50.26 -8.64
N ALA O 79 -27.81 49.50 -9.09
CA ALA O 79 -26.54 49.41 -8.38
C ALA O 79 -25.85 50.77 -8.35
N GLU O 80 -26.13 51.64 -9.32
CA GLU O 80 -25.60 52.99 -9.26
C GLU O 80 -26.30 53.81 -8.18
N GLU O 81 -27.63 53.73 -8.13
CA GLU O 81 -28.35 54.54 -7.15
C GLU O 81 -28.12 54.05 -5.73
N ALA O 82 -27.75 52.78 -5.56
CA ALA O 82 -27.40 52.29 -4.25
C ALA O 82 -26.08 52.84 -3.74
N GLY O 83 -25.28 53.44 -4.61
CA GLY O 83 -24.02 54.03 -4.21
C GLY O 83 -22.78 53.22 -4.52
N ALA O 84 -22.88 52.21 -5.37
CA ALA O 84 -21.72 51.41 -5.72
C ALA O 84 -20.68 52.26 -6.43
N CYS O 85 -19.42 51.85 -6.32
CA CYS O 85 -18.32 52.57 -6.96
C CYS O 85 -18.06 52.09 -8.37
N ALA O 86 -18.48 50.89 -8.73
CA ALA O 86 -18.28 50.34 -10.06
C ALA O 86 -19.21 49.16 -10.25
N VAL O 87 -19.47 48.82 -11.51
CA VAL O 87 -20.30 47.67 -11.85
C VAL O 87 -19.49 46.73 -12.72
N MET O 88 -19.83 45.45 -12.67
CA MET O 88 -19.14 44.42 -13.42
C MET O 88 -20.13 43.83 -14.43
N ALA O 89 -20.14 44.38 -15.64
CA ALA O 89 -21.07 43.95 -16.67
C ALA O 89 -20.84 42.48 -17.00
N LEU O 90 -21.94 41.73 -17.14
CA LEU O 90 -21.87 40.31 -17.43
C LEU O 90 -23.25 39.81 -17.86
N GLU O 91 -23.22 38.72 -18.64
CA GLU O 91 -24.47 38.19 -19.19
C GLU O 91 -25.22 37.33 -18.19
N ARG O 92 -24.51 36.70 -17.25
CA ARG O 92 -25.10 35.78 -16.30
C ARG O 92 -24.35 35.87 -14.99
N VAL O 93 -25.07 36.15 -13.91
CA VAL O 93 -24.50 36.20 -12.56
C VAL O 93 -23.93 34.82 -12.22
N PRO O 94 -23.02 34.71 -11.23
CA PRO O 94 -22.54 33.37 -10.84
C PRO O 94 -23.65 32.38 -10.55
N ALA O 95 -24.79 32.86 -10.04
CA ALA O 95 -25.95 31.98 -9.89
C ALA O 95 -26.46 31.51 -11.25
N ASP O 96 -26.54 32.41 -12.22
CA ASP O 96 -26.99 32.01 -13.55
C ASP O 96 -25.90 31.21 -14.27
N ILE O 97 -24.63 31.50 -14.00
CA ILE O 97 -23.54 30.66 -14.52
C ILE O 97 -23.69 29.24 -14.02
N ARG O 98 -24.08 29.09 -12.74
CA ARG O 98 -24.32 27.76 -12.19
C ARG O 98 -25.58 27.13 -12.80
N ALA O 99 -26.61 27.95 -13.05
CA ALA O 99 -27.88 27.42 -13.51
C ALA O 99 -27.79 26.92 -14.96
N GLN O 100 -27.47 27.81 -15.89
CA GLN O 100 -27.36 27.40 -17.29
C GLN O 100 -26.17 26.49 -17.54
N GLY O 101 -25.19 26.48 -16.62
CA GLY O 101 -24.02 25.65 -16.79
C GLY O 101 -23.20 26.06 -18.00
N GLY O 102 -22.47 25.09 -18.54
CA GLY O 102 -21.67 25.31 -19.71
C GLY O 102 -20.49 26.23 -19.46
N VAL O 103 -19.90 26.68 -20.57
CA VAL O 103 -18.75 27.57 -20.51
C VAL O 103 -19.23 29.01 -20.46
N ALA O 104 -18.55 29.82 -19.65
CA ALA O 104 -18.84 31.25 -19.54
C ALA O 104 -17.68 32.02 -20.13
N ARG O 105 -17.98 33.05 -20.91
CA ARG O 105 -16.97 33.83 -21.60
C ARG O 105 -17.11 35.30 -21.23
N MET O 106 -16.34 36.13 -21.92
CA MET O 106 -16.49 37.57 -21.79
C MET O 106 -17.92 37.97 -22.16
N SER O 107 -18.45 38.94 -21.43
CA SER O 107 -19.79 39.43 -21.69
C SER O 107 -19.87 40.07 -23.08
N ASP O 108 -21.08 40.14 -23.59
CA ASP O 108 -21.29 40.57 -24.97
C ASP O 108 -20.97 42.06 -25.11
N PRO O 109 -20.32 42.48 -26.19
CA PRO O 109 -19.97 43.90 -26.34
C PRO O 109 -21.16 44.84 -26.38
N GLN O 110 -22.29 44.40 -26.95
CA GLN O 110 -23.43 45.31 -27.07
C GLN O 110 -24.00 45.66 -25.70
N MET O 111 -24.13 44.68 -24.82
CA MET O 111 -24.64 44.98 -23.49
C MET O 111 -23.64 45.77 -22.67
N ILE O 112 -22.34 45.57 -22.90
CA ILE O 112 -21.35 46.41 -22.24
C ILE O 112 -21.52 47.86 -22.68
N LYS O 113 -21.72 48.08 -23.98
CA LYS O 113 -21.91 49.46 -24.45
C LYS O 113 -23.18 50.05 -23.90
N GLU O 114 -24.24 49.24 -23.79
CA GLU O 114 -25.50 49.73 -23.23
C GLU O 114 -25.32 50.13 -21.77
N ILE O 115 -24.69 49.28 -20.97
CA ILE O 115 -24.43 49.61 -19.57
C ILE O 115 -23.56 50.85 -19.46
N LYS O 116 -22.47 50.90 -20.22
CA LYS O 116 -21.59 52.06 -20.18
C LYS O 116 -22.32 53.34 -20.54
N GLN O 117 -23.32 53.25 -21.43
CA GLN O 117 -24.11 54.43 -21.75
C GLN O 117 -25.21 54.69 -20.71
N ALA O 118 -25.53 53.71 -19.87
CA ALA O 118 -26.61 53.85 -18.91
C ALA O 118 -26.16 54.40 -17.57
N VAL O 119 -24.93 54.14 -17.14
CA VAL O 119 -24.42 54.60 -15.85
C VAL O 119 -23.24 55.52 -16.08
N THR O 120 -22.84 56.23 -15.03
CA THR O 120 -21.71 57.14 -15.09
C THR O 120 -20.50 56.63 -14.34
N ILE O 121 -20.67 55.72 -13.39
CA ILE O 121 -19.58 55.19 -12.58
C ILE O 121 -18.66 54.34 -13.46
N PRO O 122 -17.45 54.03 -13.02
CA PRO O 122 -16.61 53.09 -13.77
C PRO O 122 -17.33 51.78 -14.02
N VAL O 123 -17.08 51.20 -15.19
CA VAL O 123 -17.70 49.96 -15.61
C VAL O 123 -16.62 48.93 -15.83
N MET O 124 -16.76 47.78 -15.19
CA MET O 124 -15.82 46.68 -15.34
C MET O 124 -16.39 45.64 -16.30
N ALA O 125 -15.53 44.67 -16.64
CA ALA O 125 -15.96 43.51 -17.40
C ALA O 125 -14.98 42.38 -17.10
N LYS O 126 -15.45 41.16 -17.30
N LYS O 126 -15.45 41.16 -17.30
CA LYS O 126 -14.66 39.98 -17.01
CA LYS O 126 -14.66 39.98 -17.01
C LYS O 126 -13.98 39.47 -18.28
C LYS O 126 -13.98 39.47 -18.28
N ALA O 127 -12.75 38.98 -18.12
CA ALA O 127 -12.01 38.36 -19.19
C ALA O 127 -11.42 37.05 -18.69
N ARG O 128 -11.53 36.01 -19.51
CA ARG O 128 -11.03 34.71 -19.09
C ARG O 128 -9.53 34.77 -18.83
N ILE O 129 -9.07 33.89 -17.94
CA ILE O 129 -7.68 33.92 -17.52
C ILE O 129 -6.79 33.53 -18.69
N GLY O 130 -5.79 34.36 -18.98
CA GLY O 130 -4.89 34.10 -20.07
C GLY O 130 -5.46 34.35 -21.44
N HIS O 131 -6.70 34.83 -21.54
CA HIS O 131 -7.33 35.14 -22.82
C HIS O 131 -7.09 36.61 -23.13
N PHE O 132 -5.90 36.89 -23.69
CA PHE O 132 -5.54 38.27 -23.93
C PHE O 132 -6.31 38.90 -25.08
N VAL O 133 -6.97 38.09 -25.91
CA VAL O 133 -7.75 38.67 -26.99
C VAL O 133 -9.08 39.22 -26.48
N GLU O 134 -9.69 38.54 -25.52
CA GLU O 134 -10.85 39.11 -24.85
C GLU O 134 -10.48 40.41 -24.14
N ALA O 135 -9.29 40.46 -23.57
CA ALA O 135 -8.82 41.69 -22.95
C ALA O 135 -8.61 42.79 -23.99
N GLN O 136 -8.10 42.43 -25.17
CA GLN O 136 -7.95 43.41 -26.24
C GLN O 136 -9.30 43.94 -26.68
N ILE O 137 -10.30 43.05 -26.80
CA ILE O 137 -11.64 43.47 -27.18
C ILE O 137 -12.22 44.41 -26.14
N LEU O 138 -12.06 44.06 -24.86
CA LEU O 138 -12.60 44.91 -23.79
C LEU O 138 -11.91 46.26 -23.77
N GLU O 139 -10.60 46.30 -23.95
CA GLU O 139 -9.90 47.58 -24.02
C GLU O 139 -10.35 48.40 -25.21
N ALA O 140 -10.65 47.74 -26.33
CA ALA O 140 -11.11 48.47 -27.51
C ALA O 140 -12.53 48.98 -27.35
N ILE O 141 -13.34 48.33 -26.50
CA ILE O 141 -14.66 48.86 -26.19
C ILE O 141 -14.55 50.14 -25.37
N GLY O 142 -13.55 50.22 -24.51
CA GLY O 142 -13.33 51.42 -23.73
C GLY O 142 -13.76 51.34 -22.30
N ILE O 143 -13.85 50.14 -21.72
CA ILE O 143 -14.27 49.99 -20.34
C ILE O 143 -13.18 50.53 -19.42
N ASP O 144 -13.50 50.73 -18.16
CA ASP O 144 -12.57 51.33 -17.21
C ASP O 144 -11.64 50.33 -16.56
N TYR O 145 -12.15 49.18 -16.13
CA TYR O 145 -11.33 48.15 -15.51
C TYR O 145 -11.68 46.81 -16.11
N ILE O 146 -10.67 45.95 -16.24
CA ILE O 146 -10.83 44.60 -16.76
C ILE O 146 -10.53 43.62 -15.64
N ASP O 147 -11.40 42.63 -15.47
CA ASP O 147 -11.25 41.64 -14.41
C ASP O 147 -10.85 40.32 -15.04
N GLU O 148 -9.58 39.95 -14.94
CA GLU O 148 -9.14 38.64 -15.38
C GLU O 148 -9.69 37.65 -14.36
N SER O 149 -10.87 37.12 -14.64
CA SER O 149 -11.73 36.52 -13.64
C SER O 149 -11.67 35.00 -13.71
N GLU O 150 -11.34 34.38 -12.57
CA GLU O 150 -11.44 32.94 -12.41
C GLU O 150 -12.87 32.47 -12.20
N VAL O 151 -13.80 33.40 -11.93
CA VAL O 151 -15.21 33.05 -11.86
C VAL O 151 -15.68 32.52 -13.21
N LEU O 152 -15.15 33.08 -14.29
CA LEU O 152 -15.42 32.57 -15.63
C LEU O 152 -14.63 31.28 -15.86
N THR O 153 -14.66 30.82 -17.09
CA THR O 153 -13.94 29.59 -17.43
C THR O 153 -12.50 29.89 -17.79
N LEU O 154 -11.59 29.03 -17.36
CA LEU O 154 -10.17 29.16 -17.70
C LEU O 154 -9.97 29.07 -19.20
N ALA O 155 -9.23 30.04 -19.75
CA ALA O 155 -8.84 29.99 -21.15
C ALA O 155 -7.39 29.55 -21.33
N ASP O 156 -6.53 29.83 -20.37
CA ASP O 156 -5.15 29.37 -20.40
C ASP O 156 -4.80 28.89 -19.00
N GLU O 157 -4.72 27.57 -18.82
CA GLU O 157 -4.53 27.01 -17.49
C GLU O 157 -3.17 27.34 -16.92
N ASP O 158 -2.14 27.44 -17.76
CA ASP O 158 -0.78 27.62 -17.29
C ASP O 158 -0.32 29.07 -17.22
N HIS O 159 -0.87 29.95 -18.06
CA HIS O 159 -0.37 31.31 -18.17
C HIS O 159 -1.50 32.31 -18.00
N HIS O 160 -1.19 33.43 -17.38
CA HIS O 160 -2.11 34.55 -17.28
C HIS O 160 -1.75 35.62 -18.31
N ILE O 161 -2.59 36.65 -18.41
CA ILE O 161 -2.35 37.71 -19.38
C ILE O 161 -1.12 38.51 -18.96
N ASN O 162 -0.27 38.83 -19.93
CA ASN O 162 0.82 39.78 -19.72
C ASN O 162 0.19 41.16 -19.71
N LYS O 163 -0.30 41.56 -18.54
CA LYS O 163 -1.17 42.74 -18.44
C LYS O 163 -0.43 44.04 -18.62
N HIS O 164 0.86 44.02 -18.96
CA HIS O 164 1.59 45.26 -19.20
C HIS O 164 1.33 45.81 -20.59
N ASN O 165 0.64 45.06 -21.45
CA ASN O 165 0.43 45.48 -22.83
C ASN O 165 -0.80 46.35 -23.01
N PHE O 166 -1.61 46.54 -21.97
CA PHE O 166 -2.86 47.28 -22.08
C PHE O 166 -2.77 48.58 -21.30
N ARG O 167 -3.50 49.60 -21.76
CA ARG O 167 -3.57 50.85 -21.04
C ARG O 167 -4.67 50.84 -20.00
N ILE O 168 -5.46 49.76 -19.94
CA ILE O 168 -6.58 49.66 -19.01
C ILE O 168 -6.12 48.90 -17.76
N PRO O 169 -6.44 49.38 -16.57
CA PRO O 169 -6.06 48.65 -15.36
C PRO O 169 -6.81 47.33 -15.24
N PHE O 170 -6.14 46.36 -14.63
CA PHE O 170 -6.68 45.02 -14.50
C PHE O 170 -7.00 44.70 -13.06
N VAL O 171 -7.98 43.83 -12.86
CA VAL O 171 -8.35 43.33 -11.54
C VAL O 171 -8.18 41.82 -11.53
N CYS O 172 -7.26 41.33 -10.69
CA CYS O 172 -6.87 39.94 -10.70
C CYS O 172 -7.16 39.28 -9.36
N GLY O 173 -7.64 38.05 -9.41
CA GLY O 173 -7.91 37.30 -8.20
C GLY O 173 -6.66 36.81 -7.53
N CYS O 174 -6.80 36.42 -6.26
CA CYS O 174 -5.69 35.87 -5.51
C CYS O 174 -6.23 35.02 -4.38
N ARG O 175 -5.38 34.12 -3.88
N ARG O 175 -5.38 34.11 -3.89
CA ARG O 175 -5.72 33.30 -2.73
CA ARG O 175 -5.69 33.26 -2.76
C ARG O 175 -4.68 33.37 -1.62
C ARG O 175 -4.69 33.38 -1.63
N ASN O 176 -3.52 33.98 -1.87
CA ASN O 176 -2.50 34.13 -0.84
C ASN O 176 -1.58 35.27 -1.28
N LEU O 177 -0.54 35.50 -0.49
CA LEU O 177 0.36 36.61 -0.80
C LEU O 177 1.18 36.34 -2.04
N GLY O 178 1.64 35.10 -2.23
CA GLY O 178 2.41 34.77 -3.41
C GLY O 178 1.65 35.06 -4.70
N GLU O 179 0.37 34.65 -4.74
N GLU O 179 0.37 34.65 -4.74
CA GLU O 179 -0.44 34.89 -5.93
CA GLU O 179 -0.43 34.89 -5.94
C GLU O 179 -0.66 36.37 -6.18
C GLU O 179 -0.65 36.38 -6.17
N ALA O 180 -0.94 37.12 -5.11
CA ALA O 180 -1.16 38.55 -5.26
C ALA O 180 0.08 39.24 -5.80
N LEU O 181 1.25 38.85 -5.29
CA LEU O 181 2.49 39.46 -5.76
C LEU O 181 2.81 39.06 -7.20
N ARG O 182 2.53 37.81 -7.56
CA ARG O 182 2.73 37.39 -8.94
C ARG O 182 1.83 38.18 -9.88
N ARG O 183 0.57 38.38 -9.50
CA ARG O 183 -0.35 39.12 -10.35
C ARG O 183 0.04 40.58 -10.45
N ILE O 184 0.55 41.16 -9.36
CA ILE O 184 1.01 42.55 -9.42
C ILE O 184 2.24 42.65 -10.31
N ARG O 185 3.07 41.61 -10.33
CA ARG O 185 4.23 41.63 -11.22
C ARG O 185 3.80 41.50 -12.68
N GLU O 186 2.80 40.66 -12.96
CA GLU O 186 2.31 40.56 -14.33
C GLU O 186 1.67 41.84 -14.81
N GLY O 187 1.21 42.71 -13.92
CA GLY O 187 0.68 44.00 -14.33
C GLY O 187 -0.68 44.34 -13.74
N ALA O 188 -1.20 43.50 -12.87
CA ALA O 188 -2.50 43.74 -12.27
C ALA O 188 -2.45 44.99 -11.38
N ALA O 189 -3.29 45.97 -11.70
CA ALA O 189 -3.33 47.22 -10.97
C ALA O 189 -4.29 47.20 -9.80
N MET O 190 -4.93 46.06 -9.52
CA MET O 190 -5.86 45.95 -8.41
C MET O 190 -6.12 44.47 -8.16
N ILE O 191 -6.12 44.09 -6.89
CA ILE O 191 -6.20 42.69 -6.49
C ILE O 191 -7.48 42.47 -5.71
N ARG O 192 -8.16 41.35 -5.98
CA ARG O 192 -9.31 40.93 -5.22
C ARG O 192 -9.10 39.50 -4.74
N THR O 193 -9.38 39.27 -3.46
CA THR O 193 -9.21 37.94 -2.90
C THR O 193 -10.30 37.00 -3.41
N LYS O 194 -9.88 35.81 -3.83
CA LYS O 194 -10.74 34.91 -4.59
C LYS O 194 -11.99 34.51 -3.80
N GLY O 195 -11.82 33.78 -2.70
CA GLY O 195 -12.98 33.29 -2.01
C GLY O 195 -13.52 32.03 -2.65
N GLU O 196 -14.83 32.00 -2.85
CA GLU O 196 -15.52 30.88 -3.48
C GLU O 196 -16.75 31.43 -4.21
N ALA O 197 -16.95 30.99 -5.44
CA ALA O 197 -17.93 31.64 -6.32
C ALA O 197 -19.31 31.02 -6.19
N GLY O 198 -20.28 31.83 -5.77
CA GLY O 198 -21.68 31.55 -5.98
C GLY O 198 -22.45 30.97 -4.82
N THR O 199 -21.82 30.72 -3.68
CA THR O 199 -22.48 30.02 -2.58
C THR O 199 -23.00 30.94 -1.49
N GLY O 200 -22.49 32.15 -1.39
CA GLY O 200 -22.89 33.02 -0.29
C GLY O 200 -22.27 32.69 1.04
N ASN O 201 -21.31 31.79 1.07
CA ASN O 201 -20.62 31.39 2.30
C ASN O 201 -19.23 32.00 2.29
N ILE O 202 -18.94 32.83 3.29
CA ILE O 202 -17.71 33.62 3.30
C ILE O 202 -16.57 32.97 4.06
N ILE O 203 -16.65 31.66 4.35
CA ILE O 203 -15.57 31.00 5.07
C ILE O 203 -14.28 31.08 4.27
N GLU O 204 -14.34 30.83 2.97
CA GLU O 204 -13.14 30.84 2.16
C GLU O 204 -12.63 32.26 1.91
N ALA O 205 -13.53 33.21 1.66
CA ALA O 205 -13.10 34.59 1.49
C ALA O 205 -12.44 35.11 2.76
N VAL O 206 -13.02 34.81 3.92
CA VAL O 206 -12.42 35.22 5.18
C VAL O 206 -11.07 34.56 5.37
N ARG O 207 -10.97 33.27 5.04
CA ARG O 207 -9.69 32.58 5.16
C ARG O 207 -8.63 33.22 4.28
N HIS O 208 -9.01 33.64 3.07
CA HIS O 208 -8.03 34.21 2.17
C HIS O 208 -7.61 35.61 2.61
N VAL O 209 -8.55 36.44 3.05
CA VAL O 209 -8.18 37.74 3.60
C VAL O 209 -7.25 37.57 4.79
N ARG O 210 -7.60 36.66 5.70
CA ARG O 210 -6.76 36.44 6.86
C ARG O 210 -5.39 35.92 6.46
N SER O 211 -5.31 35.08 5.44
CA SER O 211 -4.02 34.53 5.02
C SER O 211 -3.15 35.62 4.39
N VAL O 212 -3.73 36.46 3.54
CA VAL O 212 -2.96 37.52 2.91
C VAL O 212 -2.46 38.51 3.96
N ASN O 213 -3.36 38.97 4.83
CA ASN O 213 -2.95 39.94 5.84
C ASN O 213 -1.99 39.32 6.85
N GLY O 214 -2.10 38.01 7.09
CA GLY O 214 -1.17 37.35 7.97
C GLY O 214 0.21 37.23 7.38
N ASP O 215 0.29 36.89 6.09
CA ASP O 215 1.60 36.92 5.42
C ASP O 215 2.19 38.31 5.41
N ILE O 216 1.37 39.35 5.23
CA ILE O 216 1.90 40.70 5.25
C ILE O 216 2.44 41.06 6.64
N ARG O 217 1.69 40.71 7.69
CA ARG O 217 2.15 41.00 9.04
C ARG O 217 3.40 40.21 9.39
N VAL O 218 3.50 38.97 8.90
CA VAL O 218 4.69 38.17 9.12
C VAL O 218 5.89 38.81 8.42
N LEU O 219 5.68 39.26 7.19
CA LEU O 219 6.75 39.86 6.40
C LEU O 219 7.22 41.17 7.03
N ARG O 220 6.30 41.93 7.63
CA ARG O 220 6.64 43.26 8.12
C ARG O 220 7.75 43.23 9.17
N ASN O 221 7.73 42.23 10.05
CA ASN O 221 8.77 42.07 11.06
C ASN O 221 9.86 41.09 10.65
N MET O 222 9.67 40.34 9.58
CA MET O 222 10.64 39.31 9.19
C MET O 222 12.02 39.90 9.04
N ASP O 223 13.03 39.15 9.47
CA ASP O 223 14.41 39.57 9.30
C ASP O 223 14.77 39.66 7.83
N ASP O 224 15.54 40.68 7.46
CA ASP O 224 15.89 40.88 6.07
C ASP O 224 16.59 39.66 5.50
N ASP O 225 17.55 39.10 6.23
CA ASP O 225 18.31 37.95 5.75
C ASP O 225 17.42 36.76 5.45
N GLU O 226 16.22 36.69 6.03
CA GLU O 226 15.30 35.60 5.77
C GLU O 226 14.33 35.91 4.63
N VAL O 227 14.15 37.20 4.30
CA VAL O 227 13.14 37.58 3.30
C VAL O 227 13.32 36.80 2.01
N PHE O 228 14.56 36.65 1.54
CA PHE O 228 14.82 35.92 0.31
C PHE O 228 14.17 34.54 0.35
N THR O 229 14.41 33.78 1.43
CA THR O 229 13.81 32.46 1.52
C THR O 229 12.29 32.54 1.51
N PHE O 230 11.73 33.54 2.20
CA PHE O 230 10.29 33.77 2.14
C PHE O 230 9.84 33.94 0.69
N ALA O 231 10.58 34.73 -0.09
CA ALA O 231 10.22 34.94 -1.48
C ALA O 231 10.24 33.62 -2.25
N LYS O 232 11.10 32.69 -1.84
CA LYS O 232 11.10 31.38 -2.48
C LYS O 232 9.94 30.52 -1.99
N LYS O 233 9.56 30.70 -0.73
CA LYS O 233 8.46 29.91 -0.18
C LYS O 233 7.15 30.24 -0.88
N LEU O 234 6.94 31.51 -1.21
CA LEU O 234 5.75 31.93 -1.94
C LEU O 234 5.89 31.79 -3.44
N ALA O 235 7.11 31.70 -3.95
CA ALA O 235 7.39 31.80 -5.39
C ALA O 235 6.86 33.12 -5.94
N ALA O 236 7.19 34.20 -5.24
CA ALA O 236 6.81 35.55 -5.60
C ALA O 236 8.05 36.38 -5.90
N PRO O 237 7.96 37.37 -6.78
CA PRO O 237 9.13 38.19 -7.10
C PRO O 237 9.68 38.87 -5.86
N TYR O 238 11.01 38.80 -5.69
CA TYR O 238 11.61 39.33 -4.46
C TYR O 238 11.46 40.84 -4.37
N ASP O 239 11.53 41.54 -5.50
CA ASP O 239 11.40 42.99 -5.46
C ASP O 239 10.04 43.40 -4.94
N LEU O 240 8.98 42.71 -5.36
CA LEU O 240 7.65 43.00 -4.85
C LEU O 240 7.52 42.58 -3.39
N VAL O 241 8.22 41.52 -2.99
CA VAL O 241 8.20 41.12 -1.58
C VAL O 241 8.82 42.21 -0.71
N MET O 242 9.93 42.79 -1.17
CA MET O 242 10.56 43.85 -0.40
C MET O 242 9.71 45.11 -0.41
N GLN O 243 9.05 45.40 -1.53
CA GLN O 243 8.15 46.55 -1.56
C GLN O 243 6.99 46.37 -0.60
N THR O 244 6.45 45.15 -0.51
CA THR O 244 5.42 44.85 0.47
C THR O 244 5.93 45.03 1.89
N LYS O 245 7.11 44.46 2.17
CA LYS O 245 7.69 44.57 3.51
C LYS O 245 7.91 46.04 3.89
N GLN O 246 8.23 46.87 2.92
CA GLN O 246 8.42 48.30 3.21
C GLN O 246 7.09 49.00 3.43
N LEU O 247 6.09 48.70 2.59
CA LEU O 247 4.82 49.41 2.68
C LEU O 247 3.95 48.89 3.82
N GLY O 248 4.20 47.68 4.29
CA GLY O 248 3.34 47.09 5.29
C GLY O 248 2.01 46.62 4.76
N ARG O 249 1.83 46.60 3.45
N ARG O 249 1.83 46.60 3.45
CA ARG O 249 0.59 46.15 2.84
CA ARG O 249 0.59 46.16 2.83
C ARG O 249 0.87 45.81 1.38
C ARG O 249 0.89 45.77 1.39
N LEU O 250 -0.11 45.20 0.74
CA LEU O 250 0.02 44.87 -0.67
C LEU O 250 0.13 46.15 -1.49
N PRO O 251 1.06 46.24 -2.45
CA PRO O 251 1.34 47.51 -3.11
C PRO O 251 0.19 48.05 -3.96
N VAL O 252 -0.95 47.37 -4.02
CA VAL O 252 -2.08 47.79 -4.84
C VAL O 252 -3.34 47.77 -3.99
N VAL O 253 -4.43 48.24 -4.59
CA VAL O 253 -5.73 48.19 -3.92
C VAL O 253 -6.15 46.73 -3.80
N GLN O 254 -6.74 46.38 -2.67
CA GLN O 254 -7.01 45.00 -2.32
C GLN O 254 -8.48 44.86 -1.97
N PHE O 255 -9.23 44.15 -2.81
CA PHE O 255 -10.66 43.98 -2.65
C PHE O 255 -10.98 42.57 -2.18
N ALA O 256 -12.20 42.37 -1.71
CA ALA O 256 -12.69 41.06 -1.33
C ALA O 256 -13.81 40.63 -2.27
N ALA O 257 -13.93 39.32 -2.47
CA ALA O 257 -14.92 38.81 -3.39
C ALA O 257 -15.29 37.39 -2.98
N GLY O 258 -16.54 37.02 -3.24
CA GLY O 258 -16.97 35.65 -3.04
C GLY O 258 -17.75 35.43 -1.75
N GLY O 259 -19.07 35.35 -1.85
CA GLY O 259 -19.90 35.05 -0.70
C GLY O 259 -20.42 36.24 0.06
N VAL O 260 -19.95 37.45 -0.23
CA VAL O 260 -20.42 38.63 0.49
C VAL O 260 -21.89 38.85 0.13
N ALA O 261 -22.78 38.59 1.09
CA ALA O 261 -24.21 38.66 0.84
C ALA O 261 -24.97 39.61 1.76
N THR O 262 -24.50 39.81 2.99
CA THR O 262 -25.18 40.64 3.97
C THR O 262 -24.27 41.79 4.38
N PRO O 263 -24.83 42.89 4.88
CA PRO O 263 -23.98 43.99 5.35
C PRO O 263 -22.96 43.56 6.39
N ALA O 264 -23.30 42.55 7.20
CA ALA O 264 -22.33 42.02 8.15
C ALA O 264 -21.10 41.47 7.44
N ASP O 265 -21.30 40.80 6.30
CA ASP O 265 -20.18 40.22 5.57
C ASP O 265 -19.29 41.31 4.98
N ALA O 266 -19.91 42.35 4.42
CA ALA O 266 -19.13 43.46 3.85
C ALA O 266 -18.34 44.18 4.93
N ALA O 267 -18.98 44.45 6.07
CA ALA O 267 -18.27 45.09 7.17
C ALA O 267 -17.16 44.19 7.71
N LEU O 268 -17.37 42.87 7.73
CA LEU O 268 -16.33 41.96 8.18
C LEU O 268 -15.14 42.00 7.25
N MET O 269 -15.38 41.99 5.94
CA MET O 269 -14.28 42.11 4.98
C MET O 269 -13.54 43.43 5.17
N MET O 270 -14.27 44.53 5.31
CA MET O 270 -13.62 45.83 5.42
C MET O 270 -12.90 45.98 6.75
N GLN O 271 -13.28 45.20 7.76
CA GLN O 271 -12.58 45.27 9.04
C GLN O 271 -11.38 44.32 9.08
N LEU O 272 -11.40 43.27 8.27
CA LEU O 272 -10.24 42.39 8.18
C LEU O 272 -9.08 43.04 7.44
N GLY O 273 -9.29 44.21 6.84
CA GLY O 273 -8.20 44.92 6.20
C GLY O 273 -8.41 45.23 4.73
N CYS O 274 -9.49 44.72 4.14
CA CYS O 274 -9.74 44.94 2.73
C CYS O 274 -10.06 46.40 2.45
N ASP O 275 -10.17 46.72 1.17
CA ASP O 275 -10.50 48.06 0.70
C ASP O 275 -11.88 48.13 0.05
N GLY O 276 -12.56 47.00 -0.09
CA GLY O 276 -13.85 46.97 -0.74
C GLY O 276 -14.33 45.54 -0.86
N VAL O 277 -15.47 45.38 -1.51
CA VAL O 277 -16.10 44.07 -1.64
C VAL O 277 -16.73 43.93 -3.02
N PHE O 278 -16.88 42.69 -3.46
CA PHE O 278 -17.64 42.34 -4.65
C PHE O 278 -18.92 41.62 -4.25
N VAL O 279 -20.05 42.07 -4.79
CA VAL O 279 -21.35 41.46 -4.53
C VAL O 279 -21.98 41.11 -5.88
N GLY O 280 -22.11 39.82 -6.16
CA GLY O 280 -22.47 39.40 -7.50
C GLY O 280 -23.93 39.13 -7.83
N SER O 281 -24.58 38.24 -7.09
CA SER O 281 -25.89 37.74 -7.50
C SER O 281 -26.96 37.83 -6.44
N GLY O 282 -26.64 37.58 -5.17
CA GLY O 282 -27.66 37.43 -4.15
C GLY O 282 -28.45 38.69 -3.87
N ILE O 283 -28.09 39.81 -4.49
CA ILE O 283 -28.74 41.08 -4.19
C ILE O 283 -29.99 41.24 -5.05
N PHE O 284 -29.88 40.90 -6.34
CA PHE O 284 -30.97 41.13 -7.27
C PHE O 284 -31.93 39.95 -7.38
N LYS O 285 -31.62 38.82 -6.73
CA LYS O 285 -32.52 37.70 -6.66
C LYS O 285 -33.29 37.63 -5.34
N SER O 286 -33.16 38.65 -4.51
CA SER O 286 -33.74 38.65 -3.16
C SER O 286 -35.11 39.32 -3.17
N GLY O 287 -35.64 39.53 -1.95
CA GLY O 287 -36.94 40.16 -1.82
C GLY O 287 -36.95 41.61 -2.27
N ASP O 288 -35.91 42.37 -1.93
CA ASP O 288 -35.77 43.77 -2.34
C ASP O 288 -34.32 44.01 -2.71
N PRO O 289 -34.02 44.20 -3.99
CA PRO O 289 -32.61 44.42 -4.38
C PRO O 289 -32.06 45.77 -3.96
N ALA O 290 -32.83 46.84 -4.17
CA ALA O 290 -32.33 48.18 -3.85
C ALA O 290 -32.03 48.30 -2.37
N ARG O 291 -32.89 47.75 -1.51
CA ARG O 291 -32.68 47.87 -0.08
C ARG O 291 -31.41 47.16 0.36
N ARG O 292 -31.21 45.92 -0.10
CA ARG O 292 -30.02 45.18 0.30
C ARG O 292 -28.76 45.81 -0.28
N ALA O 293 -28.84 46.31 -1.51
CA ALA O 293 -27.67 46.95 -2.12
C ALA O 293 -27.29 48.21 -1.35
N ARG O 294 -28.27 49.04 -1.00
CA ARG O 294 -27.99 50.23 -0.22
C ARG O 294 -27.46 49.86 1.16
N ALA O 295 -27.98 48.78 1.74
CA ALA O 295 -27.49 48.35 3.05
C ALA O 295 -26.04 47.92 2.98
N ILE O 296 -25.66 47.19 1.94
CA ILE O 296 -24.27 46.74 1.81
C ILE O 296 -23.35 47.92 1.54
N VAL O 297 -23.81 48.87 0.73
CA VAL O 297 -23.00 50.07 0.48
C VAL O 297 -22.77 50.84 1.78
N GLN O 298 -23.84 51.03 2.55
CA GLN O 298 -23.71 51.73 3.83
C GLN O 298 -22.84 50.96 4.81
N ALA O 299 -22.86 49.63 4.75
CA ALA O 299 -21.99 48.85 5.62
C ALA O 299 -20.53 49.02 5.25
N VAL O 300 -20.24 49.06 3.95
CA VAL O 300 -18.86 49.29 3.53
C VAL O 300 -18.41 50.69 3.92
N THR O 301 -19.26 51.69 3.72
CA THR O 301 -18.88 53.06 4.05
C THR O 301 -18.68 53.23 5.54
N HIS O 302 -19.46 52.53 6.36
CA HIS O 302 -19.44 52.66 7.82
C HIS O 302 -19.05 51.35 8.50
N TYR O 303 -17.96 50.72 8.03
CA TYR O 303 -17.59 49.40 8.50
C TYR O 303 -17.23 49.37 9.99
N SER O 304 -17.15 50.51 10.65
CA SER O 304 -16.83 50.56 12.07
C SER O 304 -17.95 51.12 12.92
N ASP O 305 -19.19 51.08 12.43
CA ASP O 305 -20.35 51.64 13.14
C ASP O 305 -21.37 50.53 13.35
N PRO O 306 -21.37 49.87 14.51
CA PRO O 306 -22.31 48.77 14.74
C PRO O 306 -23.77 49.21 14.68
N GLU O 307 -24.10 50.40 15.17
CA GLU O 307 -25.48 50.87 15.12
C GLU O 307 -25.93 51.05 13.67
N MET O 308 -25.04 51.55 12.81
CA MET O 308 -25.39 51.69 11.39
C MET O 308 -25.58 50.32 10.74
N LEU O 309 -24.72 49.36 11.07
CA LEU O 309 -24.89 48.01 10.55
C LEU O 309 -26.21 47.40 11.00
N VAL O 310 -26.64 47.74 12.22
CA VAL O 310 -27.93 47.26 12.71
C VAL O 310 -29.07 47.90 11.91
N GLU O 311 -29.04 49.22 11.77
CA GLU O 311 -30.11 49.93 11.09
C GLU O 311 -30.24 49.47 9.65
N VAL O 312 -29.11 49.24 8.97
CA VAL O 312 -29.19 48.80 7.58
C VAL O 312 -29.59 47.33 7.47
N SER O 313 -29.45 46.57 8.55
CA SER O 313 -29.86 45.16 8.54
C SER O 313 -31.26 45.00 9.12
N PRO P 51 4.67 12.78 -54.26
CA PRO P 51 5.33 14.08 -54.06
C PRO P 51 4.78 14.82 -52.85
N PHE P 52 5.36 14.55 -51.67
CA PHE P 52 4.86 15.15 -50.44
C PHE P 52 4.92 16.68 -50.50
N SER P 53 5.94 17.22 -51.18
CA SER P 53 6.04 18.67 -51.29
C SER P 53 4.88 19.24 -52.09
N VAL P 54 4.36 18.49 -53.06
CA VAL P 54 3.20 18.96 -53.81
C VAL P 54 1.99 19.05 -52.90
N LYS P 55 1.78 18.05 -52.05
CA LYS P 55 0.67 18.09 -51.11
C LYS P 55 0.83 19.24 -50.12
N VAL P 56 2.07 19.47 -49.66
CA VAL P 56 2.32 20.57 -48.72
C VAL P 56 1.99 21.91 -49.38
N GLY P 57 2.49 22.13 -50.60
CA GLY P 57 2.18 23.38 -51.28
C GLY P 57 0.71 23.52 -51.62
N LEU P 58 0.03 22.40 -51.85
CA LEU P 58 -1.39 22.45 -52.17
C LEU P 58 -2.20 22.81 -50.93
N ALA P 59 -1.78 22.33 -49.76
CA ALA P 59 -2.46 22.70 -48.52
C ALA P 59 -2.15 24.12 -48.08
N GLN P 60 -1.17 24.78 -48.71
CA GLN P 60 -0.76 26.10 -48.26
C GLN P 60 -1.85 27.15 -48.44
N MET P 61 -2.74 26.96 -49.43
CA MET P 61 -3.74 27.98 -49.70
C MET P 61 -4.77 28.09 -48.59
N LEU P 62 -4.78 27.14 -47.65
CA LEU P 62 -5.67 27.23 -46.50
C LEU P 62 -5.13 28.15 -45.42
N ARG P 63 -3.92 28.66 -45.57
CA ARG P 63 -3.35 29.52 -44.54
C ARG P 63 -4.19 30.78 -44.34
N GLY P 64 -4.42 31.14 -43.09
CA GLY P 64 -5.17 32.33 -42.77
C GLY P 64 -6.66 32.25 -43.03
N GLY P 65 -7.26 31.07 -42.90
CA GLY P 65 -8.66 30.88 -43.15
C GLY P 65 -9.35 30.08 -42.06
N VAL P 66 -10.64 29.85 -42.28
CA VAL P 66 -11.49 29.13 -41.34
C VAL P 66 -12.05 27.90 -42.03
N ILE P 67 -12.15 26.80 -41.29
CA ILE P 67 -12.73 25.56 -41.80
C ILE P 67 -13.94 25.21 -40.94
N MET P 68 -15.09 25.01 -41.58
CA MET P 68 -16.35 24.89 -40.87
C MET P 68 -17.01 23.55 -41.21
N ASP P 69 -17.35 22.79 -40.16
CA ASP P 69 -18.05 21.53 -40.36
C ASP P 69 -19.48 21.78 -40.82
N VAL P 70 -19.84 21.23 -41.97
CA VAL P 70 -21.18 21.38 -42.51
C VAL P 70 -21.82 20.01 -42.60
N VAL P 71 -23.15 19.97 -42.60
CA VAL P 71 -23.91 18.73 -42.60
C VAL P 71 -24.93 18.68 -43.71
N ASN P 72 -25.03 19.71 -44.54
CA ASN P 72 -25.94 19.69 -45.67
C ASN P 72 -25.45 20.70 -46.70
N ALA P 73 -26.13 20.74 -47.85
CA ALA P 73 -25.78 21.72 -48.86
C ALA P 73 -26.07 23.14 -48.40
N GLU P 74 -27.04 23.32 -47.49
CA GLU P 74 -27.41 24.67 -47.08
C GLU P 74 -26.39 25.23 -46.09
N GLN P 75 -25.99 24.43 -45.09
CA GLN P 75 -24.93 24.85 -44.19
C GLN P 75 -23.63 25.05 -44.95
N ALA P 76 -23.38 24.22 -45.97
CA ALA P 76 -22.19 24.41 -46.79
C ALA P 76 -22.25 25.71 -47.56
N ARG P 77 -23.41 26.06 -48.11
CA ARG P 77 -23.55 27.32 -48.83
C ARG P 77 -23.37 28.50 -47.89
N ILE P 78 -23.92 28.42 -46.68
CA ILE P 78 -23.72 29.49 -45.69
C ILE P 78 -22.24 29.64 -45.38
N ALA P 79 -21.58 28.53 -45.01
CA ALA P 79 -20.17 28.58 -44.65
C ALA P 79 -19.33 29.10 -45.81
N GLU P 80 -19.75 28.83 -47.04
CA GLU P 80 -19.05 29.42 -48.18
C GLU P 80 -19.26 30.92 -48.24
N GLU P 81 -20.50 31.37 -48.06
CA GLU P 81 -20.78 32.80 -48.17
C GLU P 81 -20.25 33.58 -46.98
N ALA P 82 -20.01 32.90 -45.86
CA ALA P 82 -19.40 33.55 -44.72
C ALA P 82 -17.90 33.80 -44.92
N GLY P 83 -17.32 33.24 -45.96
CA GLY P 83 -15.91 33.46 -46.25
C GLY P 83 -14.98 32.34 -45.85
N ALA P 84 -15.49 31.17 -45.48
CA ALA P 84 -14.62 30.08 -45.06
C ALA P 84 -13.74 29.63 -46.22
N CYS P 85 -12.59 29.05 -45.88
CA CYS P 85 -11.65 28.56 -46.89
C CYS P 85 -11.91 27.12 -47.29
N ALA P 86 -12.59 26.34 -46.46
CA ALA P 86 -12.90 24.95 -46.74
C ALA P 86 -13.98 24.50 -45.78
N VAL P 87 -14.71 23.47 -46.18
CA VAL P 87 -15.75 22.89 -45.34
C VAL P 87 -15.41 21.42 -45.08
N MET P 88 -15.76 20.95 -43.89
CA MET P 88 -15.53 19.58 -43.48
C MET P 88 -16.87 18.86 -43.50
N ALA P 89 -17.20 18.28 -44.65
CA ALA P 89 -18.48 17.60 -44.81
C ALA P 89 -18.57 16.44 -43.83
N LEU P 90 -19.69 16.35 -43.13
CA LEU P 90 -19.93 15.25 -42.19
C LEU P 90 -21.43 15.11 -41.99
N GLU P 91 -21.85 13.85 -41.80
CA GLU P 91 -23.28 13.55 -41.82
C GLU P 91 -24.03 14.21 -40.67
N ARG P 92 -23.44 14.26 -39.48
CA ARG P 92 -24.09 14.86 -38.32
C ARG P 92 -23.02 15.40 -37.38
N VAL P 93 -23.25 16.61 -36.87
CA VAL P 93 -22.26 17.38 -36.11
C VAL P 93 -21.76 16.60 -34.90
N PRO P 94 -20.61 17.00 -34.31
CA PRO P 94 -20.18 16.37 -33.06
C PRO P 94 -21.22 16.42 -31.95
N ALA P 95 -22.12 17.41 -31.99
CA ALA P 95 -23.23 17.42 -31.04
C ALA P 95 -24.10 16.18 -31.19
N ASP P 96 -24.31 15.74 -32.43
CA ASP P 96 -25.05 14.49 -32.65
C ASP P 96 -24.23 13.28 -32.22
N ILE P 97 -22.91 13.32 -32.42
CA ILE P 97 -22.06 12.23 -31.95
C ILE P 97 -22.15 12.08 -30.43
N ARG P 98 -22.33 13.20 -29.73
CA ARG P 98 -22.48 13.13 -28.28
C ARG P 98 -23.89 12.74 -27.87
N ALA P 99 -24.91 13.30 -28.53
CA ALA P 99 -26.28 13.07 -28.10
C ALA P 99 -26.78 11.69 -28.52
N GLN P 100 -26.77 11.41 -29.82
CA GLN P 100 -27.16 10.10 -30.31
C GLN P 100 -26.20 9.00 -29.86
N GLY P 101 -24.99 9.38 -29.43
CA GLY P 101 -24.01 8.41 -29.01
C GLY P 101 -23.57 7.53 -30.15
N GLY P 102 -23.19 6.30 -29.80
CA GLY P 102 -22.83 5.31 -30.79
C GLY P 102 -21.52 5.64 -31.48
N VAL P 103 -21.25 4.85 -32.51
CA VAL P 103 -20.02 5.00 -33.28
C VAL P 103 -20.26 5.96 -34.44
N ALA P 104 -19.28 6.80 -34.72
CA ALA P 104 -19.32 7.74 -35.83
C ALA P 104 -18.28 7.31 -36.86
N ARG P 105 -18.66 7.32 -38.13
CA ARG P 105 -17.81 6.83 -39.20
C ARG P 105 -17.62 7.92 -40.24
N MET P 106 -17.00 7.54 -41.36
CA MET P 106 -16.90 8.43 -42.51
C MET P 106 -18.30 8.85 -42.95
N SER P 107 -18.43 10.12 -43.33
CA SER P 107 -19.71 10.63 -43.78
C SER P 107 -20.15 9.93 -45.07
N ASP P 108 -21.45 9.96 -45.31
CA ASP P 108 -22.03 9.20 -46.41
C ASP P 108 -21.58 9.79 -47.74
N PRO P 109 -21.19 8.97 -48.71
CA PRO P 109 -20.69 9.52 -49.99
C PRO P 109 -21.69 10.38 -50.75
N GLN P 110 -22.99 10.10 -50.62
CA GLN P 110 -23.97 10.88 -51.39
C GLN P 110 -24.00 12.32 -50.91
N MET P 111 -23.98 12.54 -49.60
CA MET P 111 -24.00 13.91 -49.12
C MET P 111 -22.68 14.61 -49.39
N ILE P 112 -21.57 13.87 -49.41
CA ILE P 112 -20.31 14.47 -49.82
C ILE P 112 -20.38 14.95 -51.25
N LYS P 113 -20.96 14.14 -52.14
CA LYS P 113 -21.07 14.55 -53.54
C LYS P 113 -22.01 15.75 -53.67
N GLU P 114 -23.09 15.76 -52.89
CA GLU P 114 -24.01 16.90 -52.92
C GLU P 114 -23.32 18.18 -52.48
N ILE P 115 -22.59 18.13 -51.36
CA ILE P 115 -21.86 19.29 -50.88
C ILE P 115 -20.83 19.74 -51.91
N LYS P 116 -20.05 18.80 -52.42
CA LYS P 116 -19.01 19.13 -53.41
C LYS P 116 -19.62 19.78 -54.64
N GLN P 117 -20.84 19.38 -55.02
CA GLN P 117 -21.50 20.02 -56.14
C GLN P 117 -22.16 21.33 -55.75
N ALA P 118 -22.36 21.58 -54.46
CA ALA P 118 -23.05 22.78 -54.00
C ALA P 118 -22.13 23.96 -53.76
N VAL P 119 -20.87 23.74 -53.39
CA VAL P 119 -19.92 24.80 -53.11
C VAL P 119 -18.74 24.69 -54.05
N THR P 120 -17.96 25.76 -54.10
CA THR P 120 -16.77 25.81 -54.96
C THR P 120 -15.47 25.68 -54.19
N ILE P 121 -15.46 26.01 -52.90
CA ILE P 121 -14.27 25.96 -52.08
C ILE P 121 -13.81 24.52 -51.91
N PRO P 122 -12.57 24.27 -51.49
CA PRO P 122 -12.16 22.89 -51.18
C PRO P 122 -13.08 22.27 -50.14
N VAL P 123 -13.34 20.99 -50.33
CA VAL P 123 -14.24 20.23 -49.46
C VAL P 123 -13.45 19.12 -48.78
N MET P 124 -13.55 19.04 -47.47
CA MET P 124 -12.87 18.01 -46.70
C MET P 124 -13.86 16.91 -46.32
N ALA P 125 -13.31 15.87 -45.71
CA ALA P 125 -14.13 14.83 -45.10
C ALA P 125 -13.28 14.16 -44.03
N LYS P 126 -13.96 13.53 -43.07
N LYS P 126 -13.96 13.53 -43.07
CA LYS P 126 -13.29 12.88 -41.96
CA LYS P 126 -13.31 12.88 -41.95
C LYS P 126 -13.14 11.40 -42.24
C LYS P 126 -13.13 11.39 -42.24
N ALA P 127 -12.02 10.84 -41.81
CA ALA P 127 -11.74 9.42 -41.92
C ALA P 127 -11.21 8.92 -40.58
N ARG P 128 -11.70 7.75 -40.16
CA ARG P 128 -11.29 7.21 -38.87
C ARG P 128 -9.80 6.90 -38.88
N ILE P 129 -9.20 6.95 -37.69
CA ILE P 129 -7.76 6.75 -37.58
C ILE P 129 -7.42 5.31 -37.91
N GLY P 130 -6.47 5.13 -38.83
CA GLY P 130 -6.05 3.81 -39.24
C GLY P 130 -6.98 3.12 -40.21
N HIS P 131 -8.15 3.70 -40.49
CA HIS P 131 -9.08 3.11 -41.45
C HIS P 131 -8.71 3.60 -42.84
N PHE P 132 -7.73 2.91 -43.43
CA PHE P 132 -7.25 3.34 -44.73
C PHE P 132 -8.25 3.06 -45.84
N VAL P 133 -9.24 2.20 -45.61
CA VAL P 133 -10.23 1.94 -46.65
C VAL P 133 -11.22 3.09 -46.75
N GLU P 134 -11.59 3.69 -45.62
CA GLU P 134 -12.39 4.91 -45.69
C GLU P 134 -11.62 6.01 -46.41
N ALA P 135 -10.32 6.09 -46.18
CA ALA P 135 -9.50 7.06 -46.91
C ALA P 135 -9.48 6.75 -48.39
N GLN P 136 -9.44 5.47 -48.76
CA GLN P 136 -9.49 5.10 -50.17
C GLN P 136 -10.82 5.51 -50.79
N ILE P 137 -11.92 5.29 -50.08
CA ILE P 137 -13.23 5.69 -50.56
C ILE P 137 -13.29 7.19 -50.76
N LEU P 138 -12.77 7.95 -49.79
CA LEU P 138 -12.81 9.40 -49.88
C LEU P 138 -11.95 9.90 -51.04
N GLU P 139 -10.78 9.28 -51.25
CA GLU P 139 -9.95 9.66 -52.38
C GLU P 139 -10.63 9.32 -53.70
N ALA P 140 -11.41 8.24 -53.74
CA ALA P 140 -12.10 7.87 -54.96
C ALA P 140 -13.31 8.75 -55.22
N ILE P 141 -13.87 9.37 -54.18
CA ILE P 141 -14.94 10.34 -54.39
C ILE P 141 -14.39 11.61 -55.03
N GLY P 142 -13.17 11.98 -54.68
CA GLY P 142 -12.54 13.14 -55.27
C GLY P 142 -12.50 14.36 -54.40
N ILE P 143 -12.59 14.21 -53.08
CA ILE P 143 -12.56 15.34 -52.16
C ILE P 143 -11.16 15.93 -52.18
N ASP P 144 -11.02 17.15 -51.66
CA ASP P 144 -9.75 17.86 -51.72
C ASP P 144 -8.81 17.51 -50.58
N TYR P 145 -9.31 17.40 -49.35
CA TYR P 145 -8.49 17.07 -48.20
C TYR P 145 -9.21 16.02 -47.37
N ILE P 146 -8.43 15.11 -46.79
CA ILE P 146 -8.95 14.07 -45.92
C ILE P 146 -8.45 14.34 -44.51
N ASP P 147 -9.35 14.29 -43.54
CA ASP P 147 -9.01 14.55 -42.15
C ASP P 147 -9.05 13.22 -41.40
N GLU P 148 -7.87 12.69 -41.08
CA GLU P 148 -7.78 11.51 -40.24
C GLU P 148 -8.14 11.96 -38.84
N SER P 149 -9.43 11.85 -38.50
CA SER P 149 -10.03 12.61 -37.41
C SER P 149 -10.19 11.74 -36.17
N GLU P 150 -9.61 12.20 -35.06
CA GLU P 150 -9.87 11.63 -33.75
C GLU P 150 -11.21 12.06 -33.18
N VAL P 151 -11.84 13.07 -33.76
CA VAL P 151 -13.20 13.42 -33.37
C VAL P 151 -14.15 12.26 -33.65
N LEU P 152 -13.91 11.53 -34.72
CA LEU P 152 -14.65 10.31 -35.00
C LEU P 152 -14.17 9.19 -34.08
N THR P 153 -14.64 7.98 -34.36
CA THR P 153 -14.27 6.84 -33.54
C THR P 153 -12.97 6.22 -34.05
N LEU P 154 -12.13 5.79 -33.12
CA LEU P 154 -10.89 5.11 -33.48
C LEU P 154 -11.18 3.81 -34.22
N ALA P 155 -10.57 3.65 -35.38
CA ALA P 155 -10.64 2.41 -36.13
C ALA P 155 -9.42 1.52 -35.92
N ASP P 156 -8.27 2.11 -35.61
CA ASP P 156 -7.06 1.36 -35.32
C ASP P 156 -6.35 2.08 -34.19
N GLU P 157 -6.39 1.49 -32.98
CA GLU P 157 -5.85 2.16 -31.81
C GLU P 157 -4.34 2.26 -31.87
N ASP P 158 -3.65 1.32 -32.51
CA ASP P 158 -2.20 1.28 -32.49
C ASP P 158 -1.54 1.94 -33.70
N HIS P 159 -2.19 1.94 -34.86
CA HIS P 159 -1.55 2.43 -36.08
C HIS P 159 -2.41 3.46 -36.75
N HIS P 160 -1.76 4.43 -37.40
CA HIS P 160 -2.44 5.41 -38.23
C HIS P 160 -2.27 5.05 -39.70
N ILE P 161 -2.96 5.81 -40.56
CA ILE P 161 -2.89 5.53 -41.99
C ILE P 161 -1.51 5.85 -42.52
N ASN P 162 -0.98 4.96 -43.36
CA ASN P 162 0.25 5.24 -44.10
C ASN P 162 -0.13 6.18 -45.23
N LYS P 163 -0.14 7.47 -44.91
CA LYS P 163 -0.73 8.47 -45.81
C LYS P 163 0.11 8.72 -47.05
N HIS P 164 1.20 8.00 -47.24
CA HIS P 164 2.00 8.17 -48.45
C HIS P 164 1.39 7.47 -49.65
N ASN P 165 0.34 6.67 -49.45
CA ASN P 165 -0.24 5.89 -50.54
C ASN P 165 -1.30 6.64 -51.32
N PHE P 166 -1.74 7.81 -50.86
CA PHE P 166 -2.82 8.55 -51.50
C PHE P 166 -2.28 9.81 -52.15
N ARG P 167 -2.95 10.23 -53.23
CA ARG P 167 -2.59 11.48 -53.88
C ARG P 167 -3.30 12.67 -53.25
N ILE P 168 -4.15 12.43 -52.26
CA ILE P 168 -4.93 13.48 -51.62
C ILE P 168 -4.24 13.91 -50.34
N PRO P 169 -4.09 15.21 -50.09
CA PRO P 169 -3.46 15.64 -48.83
C PRO P 169 -4.31 15.28 -47.63
N PHE P 170 -3.63 15.01 -46.52
CA PHE P 170 -4.29 14.58 -45.30
C PHE P 170 -4.18 15.67 -44.23
N VAL P 171 -5.13 15.67 -43.31
CA VAL P 171 -5.12 16.57 -42.16
C VAL P 171 -5.20 15.73 -40.90
N CYS P 172 -4.14 15.77 -40.09
CA CYS P 172 -4.03 14.91 -38.94
C CYS P 172 -3.95 15.74 -37.66
N GLY P 173 -4.64 15.26 -36.63
CA GLY P 173 -4.61 15.92 -35.35
C GLY P 173 -3.29 15.73 -34.62
N CYS P 174 -3.07 16.58 -33.62
CA CYS P 174 -1.85 16.51 -32.84
C CYS P 174 -2.09 17.15 -31.49
N ARG P 175 -1.27 16.75 -30.51
N ARG P 175 -1.27 16.75 -30.51
CA ARG P 175 -1.33 17.34 -29.18
CA ARG P 175 -1.33 17.28 -29.17
C ARG P 175 0.00 17.87 -28.69
C ARG P 175 0.00 17.86 -28.69
N ASN P 176 1.10 17.61 -29.40
CA ASN P 176 2.40 18.11 -29.00
C ASN P 176 3.30 18.03 -30.23
N LEU P 177 4.57 18.38 -30.04
CA LEU P 177 5.50 18.41 -31.17
C LEU P 177 5.82 17.00 -31.65
N GLY P 178 5.97 16.06 -30.73
CA GLY P 178 6.27 14.68 -31.14
C GLY P 178 5.18 14.10 -32.01
N GLU P 179 3.92 14.30 -31.63
N GLU P 179 3.92 14.29 -31.62
CA GLU P 179 2.82 13.76 -32.41
CA GLU P 179 2.81 13.76 -32.42
C GLU P 179 2.72 14.43 -33.77
C GLU P 179 2.74 14.44 -33.78
N ALA P 180 2.92 15.76 -33.81
CA ALA P 180 2.86 16.47 -35.09
C ALA P 180 3.96 15.99 -36.02
N LEU P 181 5.16 15.78 -35.48
CA LEU P 181 6.26 15.30 -36.32
C LEU P 181 6.03 13.87 -36.78
N ARG P 182 5.48 13.02 -35.91
CA ARG P 182 5.17 11.66 -36.33
C ARG P 182 4.13 11.65 -37.45
N ARG P 183 3.09 12.46 -37.32
CA ARG P 183 2.06 12.52 -38.35
C ARG P 183 2.61 13.08 -39.65
N ILE P 184 3.53 14.05 -39.57
CA ILE P 184 4.13 14.58 -40.78
C ILE P 184 5.02 13.53 -41.43
N ARG P 185 5.66 12.69 -40.63
CA ARG P 185 6.46 11.61 -41.19
C ARG P 185 5.59 10.56 -41.87
N GLU P 186 4.43 10.25 -41.28
CA GLU P 186 3.54 9.29 -41.91
C GLU P 186 2.98 9.79 -43.23
N GLY P 187 2.94 11.11 -43.44
CA GLY P 187 2.51 11.64 -44.72
C GLY P 187 1.49 12.75 -44.63
N ALA P 188 1.15 13.18 -43.42
CA ALA P 188 0.16 14.24 -43.26
C ALA P 188 0.68 15.56 -43.79
N ALA P 189 -0.04 16.13 -44.74
CA ALA P 189 0.36 17.38 -45.37
C ALA P 189 -0.19 18.60 -44.65
N MET P 190 -0.84 18.42 -43.51
CA MET P 190 -1.41 19.54 -42.75
C MET P 190 -1.76 19.04 -41.37
N ILE P 191 -1.45 19.84 -40.36
CA ILE P 191 -1.60 19.45 -38.97
C ILE P 191 -2.59 20.40 -38.29
N ARG P 192 -3.47 19.84 -37.47
CA ARG P 192 -4.36 20.62 -36.63
C ARG P 192 -4.21 20.18 -35.18
N THR P 193 -4.11 21.15 -34.29
CA THR P 193 -3.95 20.84 -32.88
C THR P 193 -5.27 20.34 -32.30
N LYS P 194 -5.18 19.22 -31.58
CA LYS P 194 -6.38 18.48 -31.18
C LYS P 194 -7.32 19.30 -30.32
N GLY P 195 -6.87 19.72 -29.13
CA GLY P 195 -7.79 20.40 -28.25
C GLY P 195 -8.72 19.41 -27.57
N GLU P 196 -10.00 19.78 -27.55
CA GLU P 196 -11.06 18.94 -26.98
C GLU P 196 -12.31 19.17 -27.80
N ALA P 197 -13.00 18.08 -28.14
CA ALA P 197 -14.05 18.15 -29.15
C ALA P 197 -15.43 18.33 -28.54
N GLY P 198 -16.08 19.45 -28.88
CA GLY P 198 -17.50 19.60 -28.69
C GLY P 198 -17.94 20.42 -27.48
N THR P 199 -17.02 20.91 -26.66
CA THR P 199 -17.39 21.59 -25.43
C THR P 199 -17.39 23.10 -25.54
N GLY P 200 -16.75 23.67 -26.56
CA GLY P 200 -16.65 25.11 -26.64
C GLY P 200 -15.68 25.74 -25.66
N ASN P 201 -14.88 24.93 -24.98
CA ASN P 201 -13.89 25.41 -24.01
C ASN P 201 -12.51 25.25 -24.63
N ILE P 202 -11.83 26.38 -24.83
CA ILE P 202 -10.56 26.39 -25.57
C ILE P 202 -9.35 26.17 -24.69
N ILE P 203 -9.53 25.77 -23.43
CA ILE P 203 -8.38 25.62 -22.54
C ILE P 203 -7.42 24.57 -23.08
N GLU P 204 -7.95 23.45 -23.57
CA GLU P 204 -7.08 22.39 -24.08
C GLU P 204 -6.47 22.76 -25.42
N ALA P 205 -7.24 23.38 -26.31
CA ALA P 205 -6.67 23.83 -27.58
C ALA P 205 -5.57 24.84 -27.35
N VAL P 206 -5.76 25.76 -26.40
CA VAL P 206 -4.73 26.73 -26.08
C VAL P 206 -3.51 26.04 -25.49
N ARG P 207 -3.73 25.08 -24.60
CA ARG P 207 -2.61 24.36 -24.01
C ARG P 207 -1.80 23.62 -25.08
N HIS P 208 -2.48 23.03 -26.07
CA HIS P 208 -1.76 22.28 -27.09
C HIS P 208 -1.03 23.20 -28.06
N VAL P 209 -1.67 24.31 -28.44
CA VAL P 209 -0.99 25.28 -29.29
C VAL P 209 0.25 25.82 -28.59
N ARG P 210 0.12 26.15 -27.31
CA ARG P 210 1.26 26.64 -26.55
C ARG P 210 2.33 25.57 -26.41
N SER P 211 1.94 24.30 -26.26
CA SER P 211 2.92 23.23 -26.13
C SER P 211 3.70 23.08 -27.43
N VAL P 212 3.01 23.08 -28.57
CA VAL P 212 3.69 22.92 -29.85
C VAL P 212 4.63 24.09 -30.10
N ASN P 213 4.13 25.31 -29.93
CA ASN P 213 4.96 26.48 -30.22
C ASN P 213 6.11 26.60 -29.21
N GLY P 214 5.89 26.15 -27.97
CA GLY P 214 6.97 26.18 -27.00
C GLY P 214 8.04 25.16 -27.29
N ASP P 215 7.65 23.95 -27.71
CA ASP P 215 8.64 22.98 -28.16
C ASP P 215 9.42 23.49 -29.36
N ILE P 216 8.75 24.17 -30.29
CA ILE P 216 9.46 24.70 -31.45
C ILE P 216 10.45 25.79 -31.03
N ARG P 217 10.03 26.68 -30.12
CA ARG P 217 10.93 27.73 -29.65
C ARG P 217 12.11 27.14 -28.89
N VAL P 218 11.87 26.10 -28.08
CA VAL P 218 12.94 25.43 -27.38
C VAL P 218 13.92 24.81 -28.38
N LEU P 219 13.38 24.17 -29.41
CA LEU P 219 14.22 23.50 -30.40
C LEU P 219 15.06 24.50 -31.19
N ARG P 220 14.50 25.69 -31.45
CA ARG P 220 15.19 26.64 -32.33
C ARG P 220 16.56 27.04 -31.79
N ASN P 221 16.67 27.23 -30.47
CA ASN P 221 17.95 27.58 -29.85
C ASN P 221 18.71 26.36 -29.33
N MET P 222 18.07 25.21 -29.23
CA MET P 222 18.68 24.04 -28.62
C MET P 222 20.02 23.72 -29.30
N ASP P 223 20.99 23.32 -28.48
CA ASP P 223 22.30 22.92 -28.99
C ASP P 223 22.17 21.69 -29.87
N ASP P 224 22.93 21.67 -30.96
CA ASP P 224 22.85 20.55 -31.90
C ASP P 224 23.13 19.22 -31.21
N ASP P 225 24.19 19.17 -30.40
CA ASP P 225 24.56 17.93 -29.72
C ASP P 225 23.44 17.39 -28.84
N GLU P 226 22.52 18.23 -28.40
CA GLU P 226 21.40 17.80 -27.59
C GLU P 226 20.19 17.41 -28.41
N VAL P 227 20.09 17.88 -29.66
CA VAL P 227 18.89 17.66 -30.46
C VAL P 227 18.53 16.19 -30.52
N PHE P 228 19.52 15.31 -30.71
CA PHE P 228 19.24 13.88 -30.76
C PHE P 228 18.44 13.42 -29.55
N THR P 229 18.91 13.78 -28.35
CA THR P 229 18.19 13.37 -27.14
C THR P 229 16.78 13.94 -27.15
N PHE P 230 16.63 15.18 -27.61
CA PHE P 230 15.30 15.76 -27.75
C PHE P 230 14.43 14.89 -28.64
N ALA P 231 14.98 14.44 -29.78
CA ALA P 231 14.22 13.58 -30.67
C ALA P 231 13.80 12.29 -29.97
N LYS P 232 14.60 11.83 -29.01
CA LYS P 232 14.21 10.65 -28.26
C LYS P 232 13.17 10.98 -27.20
N LYS P 233 13.23 12.20 -26.65
CA LYS P 233 12.25 12.60 -25.64
C LYS P 233 10.85 12.67 -26.23
N LEU P 234 10.74 13.12 -27.48
CA LEU P 234 9.45 13.19 -28.15
C LEU P 234 9.08 11.89 -28.85
N ALA P 235 10.05 11.02 -29.12
CA ALA P 235 9.86 9.87 -29.99
C ALA P 235 9.38 10.32 -31.37
N ALA P 236 10.08 11.31 -31.92
CA ALA P 236 9.80 11.86 -33.23
C ALA P 236 10.99 11.62 -34.16
N PRO P 237 10.75 11.51 -35.46
CA PRO P 237 11.87 11.30 -36.40
C PRO P 237 12.88 12.42 -36.30
N TYR P 238 14.16 12.04 -36.26
CA TYR P 238 15.21 13.05 -36.07
C TYR P 238 15.31 13.99 -37.27
N ASP P 239 15.13 13.46 -38.48
CA ASP P 239 15.24 14.31 -39.67
C ASP P 239 14.18 15.40 -39.65
N LEU P 240 12.97 15.07 -39.23
CA LEU P 240 11.92 16.08 -39.11
C LEU P 240 12.22 17.04 -37.97
N VAL P 241 12.84 16.56 -36.89
CA VAL P 241 13.22 17.45 -35.80
C VAL P 241 14.24 18.48 -36.28
N MET P 242 15.20 18.04 -37.08
CA MET P 242 16.20 18.97 -37.60
C MET P 242 15.58 19.92 -38.61
N GLN P 243 14.64 19.43 -39.42
CA GLN P 243 13.97 20.31 -40.36
C GLN P 243 13.15 21.38 -39.63
N THR P 244 12.50 20.99 -38.54
CA THR P 244 11.80 21.96 -37.71
C THR P 244 12.77 22.98 -37.12
N LYS P 245 13.89 22.50 -36.56
CA LYS P 245 14.88 23.39 -35.97
C LYS P 245 15.39 24.39 -37.00
N GLN P 246 15.52 23.96 -38.26
CA GLN P 246 15.99 24.87 -39.30
C GLN P 246 14.90 25.86 -39.70
N LEU P 247 13.66 25.38 -39.85
CA LEU P 247 12.59 26.25 -40.32
C LEU P 247 12.06 27.17 -39.23
N GLY P 248 12.27 26.83 -37.96
CA GLY P 248 11.68 27.60 -36.90
C GLY P 248 10.21 27.36 -36.69
N ARG P 249 9.64 26.37 -37.36
N ARG P 249 9.65 26.36 -37.35
CA ARG P 249 8.23 26.04 -37.23
CA ARG P 249 8.24 26.04 -37.23
C ARG P 249 8.01 24.67 -37.83
C ARG P 249 8.02 24.64 -37.79
N LEU P 250 6.79 24.15 -37.66
CA LEU P 250 6.45 22.86 -38.23
C LEU P 250 6.54 22.94 -39.76
N PRO P 251 7.04 21.89 -40.41
CA PRO P 251 7.23 21.95 -41.87
C PRO P 251 5.94 21.97 -42.67
N VAL P 252 4.78 21.98 -42.02
CA VAL P 252 3.49 21.95 -42.71
C VAL P 252 2.61 23.06 -42.14
N VAL P 253 1.46 23.24 -42.77
CA VAL P 253 0.48 24.20 -42.26
C VAL P 253 -0.09 23.68 -40.96
N GLN P 254 -0.32 24.59 -40.02
CA GLN P 254 -0.66 24.23 -38.64
C GLN P 254 -1.95 24.95 -38.27
N PHE P 255 -3.01 24.18 -38.04
CA PHE P 255 -4.33 24.71 -37.72
C PHE P 255 -4.68 24.44 -36.27
N ALA P 256 -5.71 25.11 -35.80
CA ALA P 256 -6.24 24.87 -34.46
C ALA P 256 -7.65 24.31 -34.56
N ALA P 257 -8.04 23.54 -33.55
CA ALA P 257 -9.34 22.91 -33.57
C ALA P 257 -9.77 22.60 -32.14
N GLY P 258 -11.08 22.64 -31.90
CA GLY P 258 -11.63 22.24 -30.63
C GLY P 258 -11.95 23.39 -29.70
N GLY P 259 -13.23 23.74 -29.62
CA GLY P 259 -13.67 24.76 -28.70
C GLY P 259 -13.75 26.16 -29.25
N VAL P 260 -13.23 26.41 -30.46
CA VAL P 260 -13.27 27.75 -31.03
C VAL P 260 -14.73 28.08 -31.32
N ALA P 261 -15.30 29.01 -30.53
CA ALA P 261 -16.70 29.34 -30.63
C ALA P 261 -16.98 30.81 -30.88
N THR P 262 -16.10 31.71 -30.48
CA THR P 262 -16.30 33.15 -30.61
C THR P 262 -15.15 33.75 -31.40
N PRO P 263 -15.35 34.91 -32.01
CA PRO P 263 -14.25 35.56 -32.74
C PRO P 263 -13.02 35.78 -31.89
N ALA P 264 -13.21 36.02 -30.58
CA ALA P 264 -12.07 36.16 -29.69
C ALA P 264 -11.22 34.89 -29.66
N ASP P 265 -11.87 33.72 -29.68
CA ASP P 265 -11.13 32.46 -29.63
C ASP P 265 -10.35 32.25 -30.92
N ALA P 266 -10.96 32.55 -32.07
CA ALA P 266 -10.28 32.40 -33.34
C ALA P 266 -9.08 33.35 -33.42
N ALA P 267 -9.28 34.60 -33.04
CA ALA P 267 -8.16 35.54 -33.03
C ALA P 267 -7.08 35.13 -32.06
N LEU P 268 -7.45 34.53 -30.93
CA LEU P 268 -6.44 34.07 -29.97
C LEU P 268 -5.62 32.93 -30.55
N MET P 269 -6.29 31.98 -31.21
CA MET P 269 -5.55 30.91 -31.87
C MET P 269 -4.62 31.46 -32.93
N MET P 270 -5.09 32.42 -33.72
CA MET P 270 -4.24 32.96 -34.78
C MET P 270 -3.10 33.81 -34.21
N GLN P 271 -3.27 34.33 -33.01
CA GLN P 271 -2.21 35.12 -32.40
C GLN P 271 -1.20 34.24 -31.66
N LEU P 272 -1.61 33.06 -31.23
CA LEU P 272 -0.68 32.14 -30.61
C LEU P 272 0.27 31.50 -31.62
N GLY P 273 0.03 31.70 -32.91
CA GLY P 273 0.95 31.23 -33.93
C GLY P 273 0.34 30.32 -34.97
N CYS P 274 -0.92 29.95 -34.80
CA CYS P 274 -1.57 29.04 -35.73
C CYS P 274 -1.80 29.73 -37.08
N ASP P 275 -2.24 28.92 -38.05
CA ASP P 275 -2.54 29.42 -39.38
C ASP P 275 -4.02 29.40 -39.72
N GLY P 276 -4.85 28.90 -38.81
CA GLY P 276 -6.28 28.81 -39.07
C GLY P 276 -6.98 28.16 -37.89
N VAL P 277 -8.29 27.95 -38.05
CA VAL P 277 -9.11 27.39 -37.00
C VAL P 277 -10.16 26.46 -37.59
N PHE P 278 -10.63 25.52 -36.76
CA PHE P 278 -11.76 24.68 -37.09
C PHE P 278 -12.94 25.04 -36.20
N VAL P 279 -14.10 25.27 -36.82
CA VAL P 279 -15.33 25.59 -36.10
C VAL P 279 -16.40 24.60 -36.54
N GLY P 280 -16.83 23.75 -35.61
CA GLY P 280 -17.64 22.61 -36.01
C GLY P 280 -19.15 22.72 -35.96
N SER P 281 -19.72 23.03 -34.80
CA SER P 281 -21.16 22.94 -34.63
C SER P 281 -21.80 24.19 -34.04
N GLY P 282 -21.13 24.86 -33.10
CA GLY P 282 -21.77 25.91 -32.33
C GLY P 282 -22.25 27.09 -33.13
N ILE P 283 -21.86 27.19 -34.40
CA ILE P 283 -22.25 28.32 -35.22
C ILE P 283 -23.66 28.14 -35.77
N PHE P 284 -23.99 26.91 -36.16
CA PHE P 284 -25.26 26.63 -36.81
C PHE P 284 -26.36 26.25 -35.83
N LYS P 285 -26.04 26.11 -34.54
CA LYS P 285 -27.03 25.87 -33.51
C LYS P 285 -27.35 27.13 -32.71
N SER P 286 -26.73 28.25 -33.04
CA SER P 286 -26.86 29.49 -32.27
C SER P 286 -28.01 30.33 -32.80
N GLY P 287 -28.07 31.58 -32.31
CA GLY P 287 -29.15 32.47 -32.70
C GLY P 287 -29.10 32.86 -34.16
N ASP P 288 -27.90 33.16 -34.68
CA ASP P 288 -27.72 33.54 -36.08
C ASP P 288 -26.44 32.88 -36.58
N PRO P 289 -26.57 31.90 -37.48
CA PRO P 289 -25.36 31.21 -37.97
C PRO P 289 -24.52 32.07 -38.89
N ALA P 290 -25.15 32.76 -39.85
CA ALA P 290 -24.40 33.58 -40.80
C ALA P 290 -23.61 34.66 -40.08
N ARG P 291 -24.23 35.31 -39.09
CA ARG P 291 -23.56 36.40 -38.39
C ARG P 291 -22.32 35.91 -37.65
N ARG P 292 -22.46 34.84 -36.87
CA ARG P 292 -21.32 34.35 -36.11
C ARG P 292 -20.24 33.78 -37.01
N ALA P 293 -20.64 33.11 -38.10
CA ALA P 293 -19.65 32.58 -39.03
C ALA P 293 -18.87 33.70 -39.70
N ARG P 294 -19.56 34.75 -40.15
CA ARG P 294 -18.87 35.90 -40.73
C ARG P 294 -17.97 36.57 -39.70
N ALA P 295 -18.43 36.64 -38.45
CA ALA P 295 -17.61 37.24 -37.40
C ALA P 295 -16.33 36.46 -37.17
N ILE P 296 -16.42 35.13 -37.14
CA ILE P 296 -15.22 34.32 -36.92
C ILE P 296 -14.29 34.42 -38.11
N VAL P 297 -14.83 34.44 -39.32
CA VAL P 297 -13.99 34.58 -40.51
C VAL P 297 -13.25 35.91 -40.47
N GLN P 298 -13.96 37.00 -40.16
CA GLN P 298 -13.34 38.31 -40.09
C GLN P 298 -12.31 38.37 -38.96
N ALA P 299 -12.56 37.66 -37.86
CA ALA P 299 -11.58 37.63 -36.77
C ALA P 299 -10.31 36.92 -37.19
N VAL P 300 -10.44 35.82 -37.93
CA VAL P 300 -9.25 35.12 -38.42
C VAL P 300 -8.49 35.99 -39.42
N THR P 301 -9.21 36.65 -40.33
CA THR P 301 -8.54 37.49 -41.32
C THR P 301 -7.84 38.67 -40.66
N HIS P 302 -8.43 39.24 -39.62
CA HIS P 302 -7.93 40.44 -38.95
C HIS P 302 -7.52 40.16 -37.51
N TYR P 303 -6.75 39.08 -37.29
CA TYR P 303 -6.45 38.63 -35.94
C TYR P 303 -5.64 39.64 -35.13
N SER P 304 -5.20 40.74 -35.74
CA SER P 304 -4.43 41.76 -35.04
C SER P 304 -5.15 43.10 -34.97
N ASP P 305 -6.46 43.13 -35.17
CA ASP P 305 -7.24 44.37 -35.19
C ASP P 305 -8.29 44.30 -34.09
N PRO P 306 -7.99 44.83 -32.90
CA PRO P 306 -8.98 44.75 -31.80
C PRO P 306 -10.28 45.46 -32.10
N GLU P 307 -10.25 46.59 -32.80
CA GLU P 307 -11.48 47.27 -33.15
C GLU P 307 -12.35 46.41 -34.07
N MET P 308 -11.73 45.70 -35.00
CA MET P 308 -12.48 44.79 -35.86
C MET P 308 -13.09 43.64 -35.06
N LEU P 309 -12.32 43.07 -34.13
CA LEU P 309 -12.84 42.03 -33.27
C LEU P 309 -14.02 42.53 -32.44
N VAL P 310 -13.98 43.80 -32.04
CA VAL P 310 -15.10 44.37 -31.30
C VAL P 310 -16.31 44.51 -32.19
N GLU P 311 -16.13 45.07 -33.40
CA GLU P 311 -17.26 45.30 -34.29
C GLU P 311 -17.91 44.00 -34.70
N VAL P 312 -17.11 42.94 -34.90
CA VAL P 312 -17.70 41.66 -35.29
C VAL P 312 -18.32 40.93 -34.12
N SER P 313 -17.95 41.27 -32.88
CA SER P 313 -18.52 40.65 -31.70
C SER P 313 -19.72 41.43 -31.18
N PRO Q 51 -10.64 -37.26 -40.31
CA PRO Q 51 -10.42 -36.58 -41.59
C PRO Q 51 -10.44 -35.06 -41.44
N PHE Q 52 -9.54 -34.52 -40.61
CA PHE Q 52 -9.53 -33.08 -40.38
C PHE Q 52 -9.29 -32.31 -41.67
N SER Q 53 -8.40 -32.82 -42.53
CA SER Q 53 -8.14 -32.14 -43.80
C SER Q 53 -9.39 -32.07 -44.66
N VAL Q 54 -10.29 -33.04 -44.55
CA VAL Q 54 -11.55 -32.97 -45.26
C VAL Q 54 -12.37 -31.79 -44.77
N LYS Q 55 -12.39 -31.58 -43.45
CA LYS Q 55 -13.12 -30.44 -42.91
C LYS Q 55 -12.49 -29.11 -43.34
N VAL Q 56 -11.16 -29.05 -43.35
CA VAL Q 56 -10.49 -27.84 -43.80
C VAL Q 56 -10.83 -27.54 -45.25
N GLY Q 57 -10.75 -28.55 -46.12
CA GLY Q 57 -11.10 -28.34 -47.52
C GLY Q 57 -12.57 -27.99 -47.71
N LEU Q 58 -13.43 -28.53 -46.84
CA LEU Q 58 -14.85 -28.19 -46.92
C LEU Q 58 -15.09 -26.73 -46.55
N ALA Q 59 -14.35 -26.23 -45.56
CA ALA Q 59 -14.49 -24.84 -45.17
C ALA Q 59 -13.81 -23.89 -46.13
N GLN Q 60 -12.96 -24.39 -47.03
CA GLN Q 60 -12.24 -23.52 -47.95
C GLN Q 60 -13.17 -22.77 -48.89
N MET Q 61 -14.30 -23.37 -49.25
CA MET Q 61 -15.19 -22.74 -50.21
C MET Q 61 -15.88 -21.50 -49.65
N LEU Q 62 -15.72 -21.24 -48.35
CA LEU Q 62 -16.21 -20.00 -47.76
C LEU Q 62 -15.27 -18.83 -48.00
N ARG Q 63 -14.09 -19.06 -48.57
CA ARG Q 63 -13.11 -18.00 -48.75
C ARG Q 63 -13.67 -16.90 -49.64
N GLY Q 64 -13.45 -15.65 -49.24
CA GLY Q 64 -13.87 -14.51 -50.02
C GLY Q 64 -15.36 -14.24 -49.99
N GLY Q 65 -16.06 -14.58 -48.90
CA GLY Q 65 -17.48 -14.39 -48.80
C GLY Q 65 -17.87 -13.68 -47.51
N VAL Q 66 -19.18 -13.58 -47.31
CA VAL Q 66 -19.77 -12.91 -46.17
C VAL Q 66 -20.72 -13.87 -45.47
N ILE Q 67 -20.68 -13.88 -44.14
CA ILE Q 67 -21.57 -14.71 -43.34
C ILE Q 67 -22.46 -13.79 -42.52
N MET Q 68 -23.77 -13.99 -42.62
CA MET Q 68 -24.75 -13.03 -42.12
C MET Q 68 -25.66 -13.69 -41.08
N ASP Q 69 -25.76 -13.07 -39.92
CA ASP Q 69 -26.64 -13.57 -38.87
C ASP Q 69 -28.09 -13.39 -39.30
N VAL Q 70 -28.83 -14.50 -39.39
CA VAL Q 70 -30.23 -14.45 -39.76
C VAL Q 70 -31.06 -14.97 -38.58
N VAL Q 71 -32.30 -14.49 -38.49
CA VAL Q 71 -33.19 -14.84 -37.39
C VAL Q 71 -34.51 -15.41 -37.88
N ASN Q 72 -34.74 -15.46 -39.18
CA ASN Q 72 -35.96 -16.03 -39.72
C ASN Q 72 -35.70 -16.46 -41.16
N ALA Q 73 -36.70 -17.11 -41.76
CA ALA Q 73 -36.55 -17.54 -43.14
C ALA Q 73 -36.47 -16.38 -44.10
N GLU Q 74 -37.09 -15.24 -43.77
CA GLU Q 74 -37.11 -14.11 -44.69
C GLU Q 74 -35.76 -13.38 -44.68
N GLN Q 75 -35.20 -13.17 -43.49
CA GLN Q 75 -33.86 -12.61 -43.42
C GLN Q 75 -32.84 -13.56 -44.06
N ALA Q 76 -33.05 -14.86 -43.91
CA ALA Q 76 -32.17 -15.82 -44.57
C ALA Q 76 -32.28 -15.71 -46.08
N ARG Q 77 -33.50 -15.57 -46.60
CA ARG Q 77 -33.67 -15.43 -48.03
C ARG Q 77 -33.04 -14.14 -48.55
N ILE Q 78 -33.18 -13.05 -47.81
CA ILE Q 78 -32.53 -11.79 -48.20
C ILE Q 78 -31.02 -11.97 -48.21
N ALA Q 79 -30.45 -12.48 -47.12
CA ALA Q 79 -29.01 -12.66 -47.04
C ALA Q 79 -28.50 -13.59 -48.13
N GLU Q 80 -29.36 -14.53 -48.58
CA GLU Q 80 -28.98 -15.37 -49.71
C GLU Q 80 -28.96 -14.55 -51.00
N GLU Q 81 -30.00 -13.75 -51.23
CA GLU Q 81 -30.08 -13.01 -52.48
C GLU Q 81 -29.05 -11.88 -52.53
N ALA Q 82 -28.56 -11.44 -51.38
CA ALA Q 82 -27.50 -10.44 -51.35
C ALA Q 82 -26.14 -11.02 -51.72
N GLY Q 83 -26.01 -12.35 -51.76
CA GLY Q 83 -24.77 -12.97 -52.16
C GLY Q 83 -23.92 -13.54 -51.04
N ALA Q 84 -24.48 -13.70 -49.84
CA ALA Q 84 -23.71 -14.28 -48.74
C ALA Q 84 -23.34 -15.72 -49.06
N CYS Q 85 -22.25 -16.19 -48.45
CA CYS Q 85 -21.81 -17.56 -48.64
C CYS Q 85 -22.40 -18.52 -47.63
N ALA Q 86 -22.86 -18.02 -46.48
CA ALA Q 86 -23.44 -18.85 -45.43
C ALA Q 86 -24.20 -17.95 -44.48
N VAL Q 87 -25.14 -18.54 -43.76
CA VAL Q 87 -25.95 -17.82 -42.78
C VAL Q 87 -25.74 -18.45 -41.42
N MET Q 88 -25.93 -17.64 -40.39
CA MET Q 88 -25.77 -18.07 -39.01
C MET Q 88 -27.12 -18.01 -38.32
N ALA Q 89 -27.86 -19.11 -38.37
CA ALA Q 89 -29.20 -19.14 -37.79
C ALA Q 89 -29.13 -18.89 -36.29
N LEU Q 90 -30.03 -18.05 -35.78
CA LEU Q 90 -30.12 -17.79 -34.36
C LEU Q 90 -31.48 -17.17 -34.07
N GLU Q 91 -31.95 -17.39 -32.84
CA GLU Q 91 -33.32 -17.00 -32.48
C GLU Q 91 -33.50 -15.49 -32.50
N ARG Q 92 -32.59 -14.75 -31.86
CA ARG Q 92 -32.68 -13.29 -31.81
C ARG Q 92 -31.26 -12.72 -31.80
N VAL Q 93 -31.08 -11.58 -32.45
CA VAL Q 93 -29.79 -11.03 -32.84
C VAL Q 93 -28.85 -10.86 -31.64
N PRO Q 94 -27.53 -10.75 -31.87
CA PRO Q 94 -26.62 -10.42 -30.77
C PRO Q 94 -26.97 -9.13 -30.04
N ALA Q 95 -27.71 -8.23 -30.69
CA ALA Q 95 -28.19 -7.04 -29.99
C ALA Q 95 -29.08 -7.41 -28.82
N ASP Q 96 -29.92 -8.44 -28.99
CA ASP Q 96 -30.72 -8.94 -27.88
C ASP Q 96 -29.83 -9.51 -26.78
N ILE Q 97 -28.83 -10.31 -27.15
CA ILE Q 97 -27.94 -10.91 -26.16
C ILE Q 97 -27.22 -9.85 -25.35
N ARG Q 98 -26.89 -8.72 -26.01
CA ARG Q 98 -26.15 -7.67 -25.33
C ARG Q 98 -27.06 -6.80 -24.46
N ALA Q 99 -28.16 -6.29 -25.03
CA ALA Q 99 -28.97 -5.32 -24.31
C ALA Q 99 -30.03 -6.00 -23.45
N GLN Q 100 -30.82 -6.90 -24.02
CA GLN Q 100 -31.89 -7.57 -23.30
C GLN Q 100 -31.37 -8.41 -22.14
N GLY Q 101 -30.11 -8.82 -22.19
CA GLY Q 101 -29.57 -9.63 -21.13
C GLY Q 101 -30.06 -11.07 -21.22
N GLY Q 102 -30.06 -11.74 -20.07
CA GLY Q 102 -30.42 -13.14 -20.02
C GLY Q 102 -29.38 -14.02 -20.66
N VAL Q 103 -29.65 -15.31 -20.62
CA VAL Q 103 -28.73 -16.30 -21.20
C VAL Q 103 -29.16 -16.60 -22.62
N ALA Q 104 -28.19 -16.75 -23.52
CA ALA Q 104 -28.43 -17.08 -24.91
C ALA Q 104 -27.84 -18.46 -25.18
N ARG Q 105 -28.63 -19.32 -25.81
CA ARG Q 105 -28.24 -20.71 -26.03
C ARG Q 105 -28.25 -21.01 -27.52
N MET Q 106 -28.05 -22.28 -27.85
CA MET Q 106 -28.21 -22.74 -29.21
C MET Q 106 -29.60 -22.39 -29.72
N SER Q 107 -29.67 -21.96 -30.97
CA SER Q 107 -30.95 -21.60 -31.57
C SER Q 107 -31.87 -22.81 -31.64
N ASP Q 108 -33.16 -22.53 -31.72
CA ASP Q 108 -34.17 -23.57 -31.65
C ASP Q 108 -34.10 -24.46 -32.90
N PRO Q 109 -34.16 -25.78 -32.75
CA PRO Q 109 -34.02 -26.67 -33.92
C PRO Q 109 -35.06 -26.45 -35.00
N GLN Q 110 -36.29 -26.07 -34.65
CA GLN Q 110 -37.33 -25.92 -35.66
C GLN Q 110 -37.01 -24.78 -36.61
N MET Q 111 -36.53 -23.66 -36.08
CA MET Q 111 -36.20 -22.55 -36.97
C MET Q 111 -34.93 -22.83 -37.77
N ILE Q 112 -34.01 -23.62 -37.21
CA ILE Q 112 -32.86 -24.06 -38.00
C ILE Q 112 -33.33 -24.89 -39.18
N LYS Q 113 -34.26 -25.81 -38.95
CA LYS Q 113 -34.77 -26.63 -40.05
C LYS Q 113 -35.51 -25.78 -41.07
N GLU Q 114 -36.26 -24.79 -40.60
CA GLU Q 114 -36.97 -23.89 -41.52
C GLU Q 114 -36.00 -23.12 -42.40
N ILE Q 115 -34.97 -22.53 -41.78
CA ILE Q 115 -33.96 -21.80 -42.54
C ILE Q 115 -33.26 -22.73 -43.53
N LYS Q 116 -32.82 -23.89 -43.07
CA LYS Q 116 -32.14 -24.84 -43.94
C LYS Q 116 -33.02 -25.25 -45.11
N GLN Q 117 -34.33 -25.31 -44.91
CA GLN Q 117 -35.24 -25.61 -46.00
C GLN Q 117 -35.52 -24.39 -46.88
N ALA Q 118 -35.25 -23.19 -46.37
CA ALA Q 118 -35.55 -21.97 -47.10
C ALA Q 118 -34.43 -21.50 -48.02
N VAL Q 119 -33.17 -21.73 -47.66
CA VAL Q 119 -32.03 -21.30 -48.46
C VAL Q 119 -31.27 -22.53 -48.91
N THR Q 120 -30.39 -22.33 -49.91
CA THR Q 120 -29.59 -23.40 -50.45
C THR Q 120 -28.12 -23.33 -50.03
N ILE Q 121 -27.66 -22.16 -49.60
CA ILE Q 121 -26.27 -21.96 -49.21
C ILE Q 121 -25.98 -22.72 -47.92
N PRO Q 122 -24.72 -22.94 -47.55
CA PRO Q 122 -24.44 -23.53 -46.24
C PRO Q 122 -25.09 -22.74 -45.13
N VAL Q 123 -25.54 -23.45 -44.10
CA VAL Q 123 -26.22 -22.87 -42.95
C VAL Q 123 -25.45 -23.22 -41.70
N MET Q 124 -25.08 -22.21 -40.93
CA MET Q 124 -24.37 -22.38 -39.68
C MET Q 124 -25.33 -22.30 -38.51
N ALA Q 125 -24.81 -22.60 -37.33
CA ALA Q 125 -25.53 -22.39 -36.09
C ALA Q 125 -24.50 -22.21 -34.99
N LYS Q 126 -24.93 -21.55 -33.90
N LYS Q 126 -24.93 -21.55 -33.90
CA LYS Q 126 -24.05 -21.25 -32.80
CA LYS Q 126 -24.05 -21.25 -32.80
C LYS Q 126 -24.21 -22.29 -31.69
C LYS Q 126 -24.21 -22.29 -31.69
N ALA Q 127 -23.10 -22.65 -31.05
CA ALA Q 127 -23.09 -23.57 -29.94
C ALA Q 127 -22.25 -22.98 -28.83
N ARG Q 128 -22.74 -23.06 -27.60
CA ARG Q 128 -22.03 -22.49 -26.48
C ARG Q 128 -20.68 -23.16 -26.30
N ILE Q 129 -19.72 -22.42 -25.75
CA ILE Q 129 -18.36 -22.93 -25.60
C ILE Q 129 -18.36 -24.08 -24.63
N GLY Q 130 -17.72 -25.18 -25.02
CA GLY Q 130 -17.65 -26.35 -24.18
C GLY Q 130 -18.92 -27.14 -24.07
N HIS Q 131 -20.03 -26.64 -24.62
CA HIS Q 131 -21.30 -27.36 -24.58
C HIS Q 131 -21.34 -28.32 -25.76
N PHE Q 132 -20.74 -29.50 -25.55
CA PHE Q 132 -20.65 -30.45 -26.64
C PHE Q 132 -21.98 -31.11 -26.95
N VAL Q 133 -22.97 -31.01 -26.07
CA VAL Q 133 -24.27 -31.60 -26.35
C VAL Q 133 -25.07 -30.74 -27.31
N GLU Q 134 -24.95 -29.42 -27.21
CA GLU Q 134 -25.53 -28.56 -28.23
C GLU Q 134 -24.88 -28.83 -29.57
N ALA Q 135 -23.58 -29.10 -29.58
CA ALA Q 135 -22.90 -29.48 -30.81
C ALA Q 135 -23.43 -30.80 -31.36
N GLN Q 136 -23.69 -31.76 -30.47
CA GLN Q 136 -24.27 -33.03 -30.90
C GLN Q 136 -25.64 -32.83 -31.52
N ILE Q 137 -26.46 -31.99 -30.89
CA ILE Q 137 -27.79 -31.70 -31.42
C ILE Q 137 -27.70 -31.04 -32.79
N LEU Q 138 -26.79 -30.08 -32.93
CA LEU Q 138 -26.63 -29.39 -34.20
C LEU Q 138 -26.15 -30.35 -35.28
N GLU Q 139 -25.18 -31.19 -34.97
CA GLU Q 139 -24.71 -32.18 -35.93
C GLU Q 139 -25.83 -33.15 -36.31
N ALA Q 140 -26.71 -33.46 -35.37
CA ALA Q 140 -27.82 -34.36 -35.69
C ALA Q 140 -28.90 -33.67 -36.49
N ILE Q 141 -29.00 -32.34 -36.44
CA ILE Q 141 -29.93 -31.62 -37.31
C ILE Q 141 -29.41 -31.64 -38.75
N GLY Q 142 -28.09 -31.61 -38.93
CA GLY Q 142 -27.52 -31.68 -40.25
C GLY Q 142 -27.02 -30.38 -40.82
N ILE Q 143 -26.70 -29.41 -39.96
CA ILE Q 143 -26.21 -28.11 -40.43
C ILE Q 143 -24.84 -28.31 -41.04
N ASP Q 144 -24.37 -27.31 -41.80
CA ASP Q 144 -23.10 -27.43 -42.51
C ASP Q 144 -21.90 -27.05 -41.67
N TYR Q 145 -22.00 -25.99 -40.86
CA TYR Q 145 -20.91 -25.58 -39.98
C TYR Q 145 -21.48 -25.26 -38.61
N ILE Q 146 -20.68 -25.50 -37.58
CA ILE Q 146 -21.05 -25.20 -36.21
C ILE Q 146 -20.09 -24.15 -35.69
N ASP Q 147 -20.64 -23.12 -35.04
CA ASP Q 147 -19.83 -22.02 -34.53
C ASP Q 147 -19.82 -22.11 -33.01
N GLU Q 148 -18.68 -22.51 -32.45
CA GLU Q 148 -18.52 -22.51 -31.00
C GLU Q 148 -18.36 -21.05 -30.59
N SER Q 149 -19.48 -20.39 -30.32
CA SER Q 149 -19.57 -18.94 -30.30
C SER Q 149 -19.44 -18.41 -28.88
N GLU Q 150 -18.48 -17.52 -28.68
CA GLU Q 150 -18.38 -16.72 -27.46
C GLU Q 150 -19.39 -15.58 -27.43
N VAL Q 151 -20.02 -15.27 -28.57
CA VAL Q 151 -21.10 -14.30 -28.58
C VAL Q 151 -22.24 -14.78 -27.71
N LEU Q 152 -22.47 -16.09 -27.66
CA LEU Q 152 -23.44 -16.67 -26.76
C LEU Q 152 -22.88 -16.70 -25.34
N THR Q 153 -23.59 -17.39 -24.46
CA THR Q 153 -23.16 -17.50 -23.07
C THR Q 153 -22.19 -18.67 -22.93
N LEU Q 154 -21.17 -18.49 -22.08
CA LEU Q 154 -20.22 -19.56 -21.78
C LEU Q 154 -20.92 -20.71 -21.09
N ALA Q 155 -20.73 -21.93 -21.62
CA ALA Q 155 -21.24 -23.13 -20.97
C ALA Q 155 -20.17 -23.88 -20.21
N ASP Q 156 -18.90 -23.74 -20.61
CA ASP Q 156 -17.78 -24.33 -19.88
C ASP Q 156 -16.65 -23.32 -19.91
N GLU Q 157 -16.39 -22.69 -18.76
CA GLU Q 157 -15.42 -21.60 -18.71
C GLU Q 157 -14.00 -22.09 -18.96
N ASP Q 158 -13.67 -23.32 -18.56
CA ASP Q 158 -12.30 -23.81 -18.62
C ASP Q 158 -12.00 -24.64 -19.86
N HIS Q 159 -12.97 -25.34 -20.42
CA HIS Q 159 -12.71 -26.28 -21.51
C HIS Q 159 -13.59 -25.98 -22.69
N HIS Q 160 -13.03 -26.12 -23.89
CA HIS Q 160 -13.79 -26.04 -25.13
C HIS Q 160 -14.15 -27.44 -25.60
N ILE Q 161 -14.93 -27.50 -26.68
CA ILE Q 161 -15.35 -28.79 -27.20
C ILE Q 161 -14.17 -29.52 -27.81
N ASN Q 162 -14.08 -30.83 -27.55
CA ASN Q 162 -13.13 -31.68 -28.25
C ASN Q 162 -13.71 -31.93 -29.64
N LYS Q 163 -13.44 -30.98 -30.54
CA LYS Q 163 -14.15 -30.93 -31.81
C LYS Q 163 -13.73 -32.03 -32.78
N HIS Q 164 -12.88 -32.96 -32.34
CA HIS Q 164 -12.50 -34.06 -33.22
C HIS Q 164 -13.56 -35.15 -33.25
N ASN Q 165 -14.58 -35.06 -32.40
CA ASN Q 165 -15.59 -36.11 -32.31
C ASN Q 165 -16.74 -35.94 -33.30
N PHE Q 166 -16.80 -34.82 -34.02
CA PHE Q 166 -17.91 -34.53 -34.92
C PHE Q 166 -17.44 -34.57 -36.37
N ARG Q 167 -18.33 -34.98 -37.26
CA ARG Q 167 -18.04 -34.96 -38.68
C ARG Q 167 -18.33 -33.60 -39.29
N ILE Q 168 -18.86 -32.67 -38.51
CA ILE Q 168 -19.22 -31.34 -39.01
C ILE Q 168 -18.11 -30.37 -38.68
N PRO Q 169 -17.68 -29.52 -39.62
CA PRO Q 169 -16.61 -28.57 -39.33
C PRO Q 169 -17.07 -27.49 -38.37
N PHE Q 170 -16.15 -27.06 -37.52
CA PHE Q 170 -16.43 -26.07 -36.49
C PHE Q 170 -15.81 -24.73 -36.86
N VAL Q 171 -16.44 -23.66 -36.39
CA VAL Q 171 -15.92 -22.31 -36.50
C VAL Q 171 -15.68 -21.76 -35.09
N CYS Q 172 -14.44 -21.44 -34.78
CA CYS Q 172 -14.07 -21.06 -33.42
C CYS Q 172 -13.48 -19.66 -33.41
N GLY Q 173 -13.84 -18.90 -32.37
CA GLY Q 173 -13.33 -17.57 -32.20
C GLY Q 173 -11.88 -17.56 -31.75
N CYS Q 174 -11.24 -16.41 -31.92
CA CYS Q 174 -9.86 -16.25 -31.50
C CYS Q 174 -9.57 -14.78 -31.30
N ARG Q 175 -8.52 -14.50 -30.52
N ARG Q 175 -8.53 -14.51 -30.51
CA ARG Q 175 -8.08 -13.14 -30.27
CA ARG Q 175 -8.08 -13.16 -30.22
C ARG Q 175 -6.60 -12.92 -30.53
C ARG Q 175 -6.61 -12.93 -30.53
N ASN Q 176 -5.83 -13.99 -30.73
CA ASN Q 176 -4.41 -13.87 -31.02
C ASN Q 176 -3.97 -15.17 -31.68
N LEU Q 177 -2.66 -15.27 -31.94
CA LEU Q 177 -2.16 -16.46 -32.63
C LEU Q 177 -2.23 -17.69 -31.72
N GLY Q 178 -1.92 -17.53 -30.44
CA GLY Q 178 -1.96 -18.65 -29.53
C GLY Q 178 -3.34 -19.28 -29.44
N GLU Q 179 -4.37 -18.44 -29.30
N GLU Q 179 -4.37 -18.44 -29.29
CA GLU Q 179 -5.73 -18.96 -29.20
CA GLU Q 179 -5.74 -18.96 -29.21
C GLU Q 179 -6.16 -19.63 -30.50
C GLU Q 179 -6.15 -19.64 -30.50
N ALA Q 180 -5.82 -19.02 -31.64
CA ALA Q 180 -6.19 -19.60 -32.92
C ALA Q 180 -5.53 -20.96 -33.10
N LEU Q 181 -4.26 -21.08 -32.71
CA LEU Q 181 -3.57 -22.36 -32.84
C LEU Q 181 -4.14 -23.40 -31.89
N ARG Q 182 -4.49 -22.99 -30.67
CA ARG Q 182 -5.10 -23.92 -29.74
C ARG Q 182 -6.44 -24.42 -30.27
N ARG Q 183 -7.24 -23.53 -30.84
CA ARG Q 183 -8.53 -23.95 -31.38
C ARG Q 183 -8.35 -24.87 -32.58
N ILE Q 184 -7.34 -24.60 -33.42
CA ILE Q 184 -7.08 -25.49 -34.55
C ILE Q 184 -6.62 -26.85 -34.05
N ARG Q 185 -5.89 -26.89 -32.95
CA ARG Q 185 -5.48 -28.17 -32.39
C ARG Q 185 -6.66 -28.94 -31.82
N GLU Q 186 -7.59 -28.25 -31.17
CA GLU Q 186 -8.78 -28.91 -30.64
C GLU Q 186 -9.66 -29.48 -31.74
N GLY Q 187 -9.56 -28.98 -32.97
CA GLY Q 187 -10.29 -29.55 -34.07
C GLY Q 187 -11.07 -28.54 -34.91
N ALA Q 188 -10.93 -27.26 -34.59
CA ALA Q 188 -11.64 -26.24 -35.34
C ALA Q 188 -11.13 -26.14 -36.76
N ALA Q 189 -12.03 -26.31 -37.72
CA ALA Q 189 -11.68 -26.29 -39.14
C ALA Q 189 -11.78 -24.91 -39.75
N MET Q 190 -12.05 -23.87 -38.96
CA MET Q 190 -12.17 -22.51 -39.47
C MET Q 190 -12.15 -21.56 -38.29
N ILE Q 191 -11.39 -20.48 -38.41
CA ILE Q 191 -11.15 -19.54 -37.33
C ILE Q 191 -11.73 -18.19 -37.68
N ARG Q 192 -12.37 -17.55 -36.71
CA ARG Q 192 -12.82 -16.18 -36.87
C ARG Q 192 -12.30 -15.34 -35.72
N THR Q 193 -11.80 -14.15 -36.05
CA THR Q 193 -11.26 -13.27 -35.03
C THR Q 193 -12.38 -12.62 -34.23
N LYS Q 194 -12.23 -12.68 -32.90
CA LYS Q 194 -13.33 -12.37 -32.00
C LYS Q 194 -13.85 -10.94 -32.17
N GLY Q 195 -13.02 -9.94 -31.88
CA GLY Q 195 -13.52 -8.59 -31.94
C GLY Q 195 -14.32 -8.24 -30.69
N GLU Q 196 -15.49 -7.65 -30.90
CA GLU Q 196 -16.38 -7.25 -29.84
C GLU Q 196 -17.81 -7.32 -30.37
N ALA Q 197 -18.72 -7.90 -29.57
CA ALA Q 197 -20.03 -8.27 -30.07
C ALA Q 197 -21.08 -7.20 -29.79
N GLY Q 198 -21.56 -6.55 -30.86
CA GLY Q 198 -22.79 -5.80 -30.79
C GLY Q 198 -22.69 -4.30 -30.88
N THR Q 199 -21.48 -3.73 -30.91
CA THR Q 199 -21.32 -2.29 -30.84
C THR Q 199 -21.10 -1.63 -32.19
N GLY Q 200 -20.76 -2.40 -33.22
CA GLY Q 200 -20.48 -1.80 -34.51
C GLY Q 200 -19.16 -1.05 -34.59
N ASN Q 201 -18.30 -1.21 -33.59
CA ASN Q 201 -17.00 -0.54 -33.55
C ASN Q 201 -15.92 -1.58 -33.83
N ILE Q 202 -15.16 -1.37 -34.92
CA ILE Q 202 -14.20 -2.37 -35.38
C ILE Q 202 -12.81 -2.20 -34.80
N ILE Q 203 -12.64 -1.37 -33.77
CA ILE Q 203 -11.31 -1.16 -33.22
C ILE Q 203 -10.73 -2.46 -32.68
N GLU Q 204 -11.54 -3.24 -31.97
CA GLU Q 204 -11.05 -4.50 -31.41
C GLU Q 204 -10.85 -5.56 -32.48
N ALA Q 205 -11.77 -5.65 -33.44
CA ALA Q 205 -11.59 -6.60 -34.53
C ALA Q 205 -10.34 -6.27 -35.34
N VAL Q 206 -10.12 -4.99 -35.62
CA VAL Q 206 -8.91 -4.58 -36.34
C VAL Q 206 -7.68 -4.92 -35.53
N ARG Q 207 -7.72 -4.66 -34.23
CA ARG Q 207 -6.57 -4.97 -33.39
C ARG Q 207 -6.27 -6.47 -33.39
N HIS Q 208 -7.32 -7.29 -33.40
CA HIS Q 208 -7.10 -8.74 -33.36
C HIS Q 208 -6.56 -9.26 -34.69
N VAL Q 209 -7.12 -8.78 -35.81
CA VAL Q 209 -6.57 -9.15 -37.11
C VAL Q 209 -5.10 -8.74 -37.21
N ARG Q 210 -4.80 -7.51 -36.80
CA ARG Q 210 -3.42 -7.05 -36.86
C ARG Q 210 -2.52 -7.87 -35.96
N SER Q 211 -3.02 -8.28 -34.79
CA SER Q 211 -2.19 -9.06 -33.87
C SER Q 211 -1.91 -10.45 -34.43
N VAL Q 212 -2.94 -11.10 -34.98
CA VAL Q 212 -2.75 -12.43 -35.55
C VAL Q 212 -1.79 -12.38 -36.73
N ASN Q 213 -2.00 -11.44 -37.64
CA ASN Q 213 -1.14 -11.35 -38.82
C ASN Q 213 0.27 -10.91 -38.44
N GLY Q 214 0.40 -10.11 -37.38
CA GLY Q 214 1.71 -9.71 -36.93
C GLY Q 214 2.48 -10.85 -36.31
N ASP Q 215 1.81 -11.68 -35.50
CA ASP Q 215 2.45 -12.88 -34.99
C ASP Q 215 2.85 -13.82 -36.12
N ILE Q 216 2.01 -13.94 -37.15
CA ILE Q 216 2.37 -14.78 -38.29
C ILE Q 216 3.61 -14.25 -38.99
N ARG Q 217 3.66 -12.94 -39.24
CA ARG Q 217 4.81 -12.36 -39.92
C ARG Q 217 6.07 -12.48 -39.07
N VAL Q 218 5.94 -12.33 -37.76
CA VAL Q 218 7.08 -12.49 -36.85
C VAL Q 218 7.58 -13.92 -36.92
N LEU Q 219 6.65 -14.88 -36.91
CA LEU Q 219 7.01 -16.29 -36.96
C LEU Q 219 7.69 -16.66 -38.26
N ARG Q 220 7.27 -16.04 -39.36
CA ARG Q 220 7.76 -16.45 -40.68
C ARG Q 220 9.28 -16.28 -40.80
N ASN Q 221 9.82 -15.22 -40.20
CA ASN Q 221 11.26 -14.99 -40.22
C ASN Q 221 11.97 -15.52 -38.98
N MET Q 222 11.23 -15.81 -37.91
CA MET Q 222 11.84 -16.18 -36.64
C MET Q 222 12.82 -17.33 -36.80
N ASP Q 223 13.94 -17.24 -36.10
CA ASP Q 223 14.94 -18.30 -36.13
C ASP Q 223 14.34 -19.59 -35.59
N ASP Q 224 14.75 -20.71 -36.19
CA ASP Q 224 14.22 -22.01 -35.76
C ASP Q 224 14.46 -22.25 -34.29
N ASP Q 225 15.69 -22.02 -33.83
CA ASP Q 225 16.06 -22.30 -32.45
C ASP Q 225 15.21 -21.51 -31.45
N GLU Q 226 14.62 -20.39 -31.86
CA GLU Q 226 13.77 -19.61 -30.99
C GLU Q 226 12.31 -20.02 -31.04
N VAL Q 227 11.89 -20.71 -32.11
CA VAL Q 227 10.49 -21.03 -32.29
C VAL Q 227 9.90 -21.71 -31.06
N PHE Q 228 10.62 -22.67 -30.48
CA PHE Q 228 10.14 -23.36 -29.29
C PHE Q 228 9.73 -22.38 -28.21
N THR Q 229 10.61 -21.42 -27.89
CA THR Q 229 10.27 -20.43 -26.87
C THR Q 229 9.03 -19.65 -27.27
N PHE Q 230 8.92 -19.29 -28.55
CA PHE Q 230 7.72 -18.62 -29.03
C PHE Q 230 6.49 -19.47 -28.76
N ALA Q 231 6.59 -20.77 -29.02
CA ALA Q 231 5.46 -21.66 -28.76
C ALA Q 231 5.09 -21.65 -27.28
N LYS Q 232 6.07 -21.44 -26.40
CA LYS Q 232 5.76 -21.34 -24.98
C LYS Q 232 5.18 -19.98 -24.65
N LYS Q 233 5.61 -18.95 -25.37
CA LYS Q 233 5.08 -17.61 -25.11
C LYS Q 233 3.60 -17.53 -25.43
N LEU Q 234 3.16 -18.22 -26.49
CA LEU Q 234 1.76 -18.29 -26.85
C LEU Q 234 0.99 -19.36 -26.10
N ALA Q 235 1.69 -20.37 -25.57
CA ALA Q 235 1.06 -21.58 -25.06
C ALA Q 235 0.24 -22.26 -26.15
N ALA Q 236 0.85 -22.35 -27.34
CA ALA Q 236 0.27 -22.99 -28.50
C ALA Q 236 1.04 -24.25 -28.86
N PRO Q 237 0.38 -25.25 -29.45
CA PRO Q 237 1.10 -26.49 -29.81
C PRO Q 237 2.24 -26.20 -30.77
N TYR Q 238 3.40 -26.80 -30.50
CA TYR Q 238 4.58 -26.50 -31.30
C TYR Q 238 4.42 -26.99 -32.74
N ASP Q 239 3.79 -28.14 -32.93
CA ASP Q 239 3.62 -28.65 -34.29
C ASP Q 239 2.80 -27.70 -35.14
N LEU Q 240 1.75 -27.12 -34.56
CA LEU Q 240 0.96 -26.15 -35.30
C LEU Q 240 1.74 -24.85 -35.50
N VAL Q 241 2.60 -24.50 -34.55
CA VAL Q 241 3.44 -23.30 -34.73
C VAL Q 241 4.38 -23.50 -35.90
N MET Q 242 4.97 -24.68 -36.02
CA MET Q 242 5.86 -24.95 -37.14
C MET Q 242 5.09 -25.03 -38.45
N GLN Q 243 3.87 -25.57 -38.43
CA GLN Q 243 3.06 -25.60 -39.63
C GLN Q 243 2.71 -24.19 -40.08
N THR Q 244 2.39 -23.30 -39.14
CA THR Q 244 2.16 -21.91 -39.47
C THR Q 244 3.41 -21.27 -40.05
N LYS Q 245 4.56 -21.47 -39.41
CA LYS Q 245 5.81 -20.90 -39.90
C LYS Q 245 6.13 -21.37 -41.31
N GLN Q 246 5.76 -22.61 -41.63
CA GLN Q 246 5.99 -23.11 -42.98
C GLN Q 246 5.01 -22.52 -43.97
N LEU Q 247 3.74 -22.38 -43.58
CA LEU Q 247 2.71 -21.93 -44.50
C LEU Q 247 2.70 -20.42 -44.66
N GLY Q 248 3.20 -19.68 -43.67
CA GLY Q 248 3.06 -18.24 -43.71
C GLY Q 248 1.69 -17.73 -43.33
N ARG Q 249 0.83 -18.61 -42.79
N ARG Q 249 0.84 -18.61 -42.77
CA ARG Q 249 -0.51 -18.24 -42.37
CA ARG Q 249 -0.50 -18.24 -42.37
C ARG Q 249 -1.07 -19.38 -41.53
C ARG Q 249 -1.05 -19.36 -41.49
N LEU Q 250 -2.25 -19.14 -40.97
CA LEU Q 250 -2.92 -20.19 -40.21
C LEU Q 250 -3.24 -21.36 -41.14
N PRO Q 251 -3.17 -22.60 -40.65
CA PRO Q 251 -3.48 -23.76 -41.50
C PRO Q 251 -4.93 -23.86 -41.90
N VAL Q 252 -5.79 -22.93 -41.49
CA VAL Q 252 -7.22 -23.00 -41.75
C VAL Q 252 -7.69 -21.66 -42.31
N VAL Q 253 -8.95 -21.65 -42.75
CA VAL Q 253 -9.56 -20.41 -43.18
C VAL Q 253 -9.70 -19.48 -41.99
N GLN Q 254 -9.63 -18.18 -42.24
CA GLN Q 254 -9.54 -17.18 -41.18
C GLN Q 254 -10.49 -16.04 -41.52
N PHE Q 255 -11.54 -15.90 -40.73
CA PHE Q 255 -12.58 -14.91 -40.96
C PHE Q 255 -12.49 -13.81 -39.90
N ALA Q 256 -13.16 -12.69 -40.19
CA ALA Q 256 -13.24 -11.59 -39.24
C ALA Q 256 -14.68 -11.45 -38.74
N ALA Q 257 -14.82 -10.95 -37.52
CA ALA Q 257 -16.13 -10.83 -36.92
C ALA Q 257 -16.11 -9.75 -35.86
N GLY Q 258 -17.24 -9.08 -35.69
CA GLY Q 258 -17.40 -8.11 -34.62
C GLY Q 258 -17.25 -6.68 -35.07
N GLY Q 259 -18.38 -5.98 -35.23
CA GLY Q 259 -18.37 -4.58 -35.56
C GLY Q 259 -18.41 -4.26 -37.03
N VAL Q 260 -18.31 -5.26 -37.91
CA VAL Q 260 -18.32 -5.00 -39.34
C VAL Q 260 -19.73 -4.53 -39.72
N ALA Q 261 -19.87 -3.23 -40.02
CA ALA Q 261 -21.16 -2.64 -40.28
C ALA Q 261 -21.29 -1.95 -41.62
N THR Q 262 -20.19 -1.50 -42.21
CA THR Q 262 -20.20 -0.78 -43.47
C THR Q 262 -19.30 -1.48 -44.46
N PRO Q 263 -19.51 -1.25 -45.76
CA PRO Q 263 -18.62 -1.87 -46.76
C PRO Q 263 -17.16 -1.48 -46.57
N ALA Q 264 -16.91 -0.29 -46.04
CA ALA Q 264 -15.54 0.10 -45.73
C ALA Q 264 -14.92 -0.83 -44.70
N ASP Q 265 -15.70 -1.24 -43.69
CA ASP Q 265 -15.17 -2.13 -42.66
C ASP Q 265 -14.86 -3.51 -43.24
N ALA Q 266 -15.75 -4.02 -44.09
CA ALA Q 266 -15.52 -5.33 -44.70
C ALA Q 266 -14.31 -5.31 -45.60
N ALA Q 267 -14.17 -4.25 -46.42
CA ALA Q 267 -12.99 -4.14 -47.26
C ALA Q 267 -11.73 -3.98 -46.43
N LEU Q 268 -11.80 -3.27 -45.31
CA LEU Q 268 -10.63 -3.13 -44.45
C LEU Q 268 -10.22 -4.46 -43.87
N MET Q 269 -11.18 -5.26 -43.42
CA MET Q 269 -10.88 -6.58 -42.91
C MET Q 269 -10.24 -7.45 -43.99
N MET Q 270 -10.81 -7.44 -45.20
CA MET Q 270 -10.28 -8.28 -46.27
C MET Q 270 -8.91 -7.78 -46.73
N GLN Q 271 -8.60 -6.51 -46.51
CA GLN Q 271 -7.29 -6.01 -46.89
C GLN Q 271 -6.25 -6.23 -45.80
N LEU Q 272 -6.69 -6.37 -44.54
CA LEU Q 272 -5.76 -6.70 -43.47
C LEU Q 272 -5.31 -8.16 -43.53
N GLY Q 273 -5.92 -8.97 -44.39
CA GLY Q 273 -5.46 -10.33 -44.58
C GLY Q 273 -6.49 -11.41 -44.36
N CYS Q 274 -7.68 -11.03 -43.90
CA CYS Q 274 -8.71 -12.02 -43.63
C CYS Q 274 -9.22 -12.65 -44.92
N ASP Q 275 -10.06 -13.67 -44.77
CA ASP Q 275 -10.68 -14.35 -45.89
C ASP Q 275 -12.17 -14.08 -45.99
N GLY Q 276 -12.75 -13.40 -45.02
CA GLY Q 276 -14.17 -13.11 -45.02
C GLY Q 276 -14.55 -12.32 -43.79
N VAL Q 277 -15.85 -12.07 -43.66
CA VAL Q 277 -16.36 -11.25 -42.57
C VAL Q 277 -17.68 -11.82 -42.05
N PHE Q 278 -17.99 -11.48 -40.80
CA PHE Q 278 -19.28 -11.76 -40.20
C PHE Q 278 -20.03 -10.44 -39.98
N VAL Q 279 -21.30 -10.42 -40.39
CA VAL Q 279 -22.15 -9.25 -40.23
C VAL Q 279 -23.43 -9.68 -39.53
N GLY Q 280 -23.64 -9.21 -38.31
CA GLY Q 280 -24.70 -9.79 -37.49
C GLY Q 280 -26.07 -9.15 -37.47
N SER Q 281 -26.16 -7.89 -37.06
CA SER Q 281 -27.48 -7.30 -36.81
C SER Q 281 -27.70 -5.95 -37.47
N GLY Q 282 -26.65 -5.14 -37.63
CA GLY Q 282 -26.82 -3.79 -38.12
C GLY Q 282 -27.34 -3.71 -39.54
N ILE Q 283 -27.45 -4.84 -40.23
CA ILE Q 283 -27.87 -4.84 -41.63
C ILE Q 283 -29.38 -4.83 -41.72
N PHE Q 284 -30.04 -5.66 -40.93
CA PHE Q 284 -31.49 -5.81 -41.01
C PHE Q 284 -32.24 -4.85 -40.08
N LYS Q 285 -31.52 -4.09 -39.26
CA LYS Q 285 -32.12 -3.04 -38.44
C LYS Q 285 -31.98 -1.66 -39.05
N SER Q 286 -31.44 -1.56 -40.26
CA SER Q 286 -31.14 -0.29 -40.90
C SER Q 286 -32.30 0.18 -41.75
N GLY Q 287 -32.06 1.25 -42.50
CA GLY Q 287 -33.09 1.79 -43.37
C GLY Q 287 -33.45 0.86 -44.53
N ASP Q 288 -32.45 0.22 -45.13
CA ASP Q 288 -32.65 -0.73 -46.21
C ASP Q 288 -31.69 -1.90 -46.00
N PRO Q 289 -32.20 -3.08 -45.62
CA PRO Q 289 -31.30 -4.20 -45.36
C PRO Q 289 -30.70 -4.80 -46.62
N ALA Q 290 -31.51 -4.97 -47.68
CA ALA Q 290 -31.00 -5.59 -48.90
C ALA Q 290 -29.87 -4.76 -49.51
N ARG Q 291 -30.02 -3.44 -49.52
CA ARG Q 291 -29.00 -2.59 -50.11
C ARG Q 291 -27.69 -2.68 -49.34
N ARG Q 292 -27.74 -2.60 -48.02
CA ARG Q 292 -26.51 -2.66 -47.23
C ARG Q 292 -25.87 -4.03 -47.31
N ALA Q 293 -26.68 -5.09 -47.32
CA ALA Q 293 -26.13 -6.44 -47.43
C ALA Q 293 -25.44 -6.64 -48.77
N ARG Q 294 -26.08 -6.20 -49.85
CA ARG Q 294 -25.46 -6.29 -51.17
C ARG Q 294 -24.19 -5.45 -51.22
N ALA Q 295 -24.20 -4.28 -50.58
CA ALA Q 295 -23.00 -3.44 -50.56
C ALA Q 295 -21.85 -4.12 -49.84
N ILE Q 296 -22.13 -4.76 -48.71
CA ILE Q 296 -21.06 -5.43 -47.96
C ILE Q 296 -20.54 -6.64 -48.74
N VAL Q 297 -21.44 -7.37 -49.40
CA VAL Q 297 -21.00 -8.50 -50.21
C VAL Q 297 -20.11 -8.03 -51.34
N GLN Q 298 -20.51 -6.95 -52.03
CA GLN Q 298 -19.69 -6.41 -53.11
C GLN Q 298 -18.36 -5.88 -52.59
N ALA Q 299 -18.34 -5.35 -51.37
CA ALA Q 299 -17.10 -4.87 -50.80
C ALA Q 299 -16.14 -6.02 -50.52
N VAL Q 300 -16.66 -7.13 -49.99
CA VAL Q 300 -15.81 -8.28 -49.75
C VAL Q 300 -15.31 -8.86 -51.06
N THR Q 301 -16.17 -8.90 -52.09
CA THR Q 301 -15.76 -9.45 -53.36
C THR Q 301 -14.72 -8.58 -54.05
N HIS Q 302 -14.83 -7.26 -53.91
CA HIS Q 302 -13.96 -6.30 -54.58
C HIS Q 302 -13.18 -5.45 -53.58
N TYR Q 303 -12.55 -6.08 -52.60
CA TYR Q 303 -11.90 -5.35 -51.52
C TYR Q 303 -10.75 -4.49 -52.01
N SER Q 304 -10.30 -4.65 -53.25
CA SER Q 304 -9.20 -3.85 -53.79
C SER Q 304 -9.67 -2.85 -54.84
N ASP Q 305 -10.95 -2.47 -54.84
CA ASP Q 305 -11.52 -1.57 -55.84
C ASP Q 305 -12.15 -0.39 -55.13
N PRO Q 306 -11.41 0.72 -54.97
CA PRO Q 306 -11.99 1.89 -54.27
C PRO Q 306 -13.21 2.46 -54.94
N GLU Q 307 -13.24 2.50 -56.28
CA GLU Q 307 -14.41 3.02 -56.97
C GLU Q 307 -15.64 2.16 -56.72
N MET Q 308 -15.45 0.84 -56.65
CA MET Q 308 -16.57 -0.06 -56.33
C MET Q 308 -17.05 0.17 -54.90
N LEU Q 309 -16.11 0.32 -53.96
CA LEU Q 309 -16.49 0.61 -52.57
C LEU Q 309 -17.26 1.93 -52.50
N VAL Q 310 -16.92 2.89 -53.36
CA VAL Q 310 -17.65 4.15 -53.38
C VAL Q 310 -19.06 3.95 -53.92
N GLU Q 311 -19.17 3.27 -55.06
CA GLU Q 311 -20.48 3.09 -55.69
C GLU Q 311 -21.43 2.30 -54.80
N VAL Q 312 -20.90 1.30 -54.09
CA VAL Q 312 -21.77 0.53 -53.20
C VAL Q 312 -22.12 1.30 -51.94
N SER Q 313 -21.39 2.36 -51.64
CA SER Q 313 -21.70 3.19 -50.47
C SER Q 313 -22.48 4.44 -50.89
N PRO R 51 -28.51 -46.95 10.08
CA PRO R 51 -28.45 -47.73 8.84
C PRO R 51 -28.21 -46.85 7.62
N PHE R 52 -27.02 -46.22 7.57
CA PHE R 52 -26.72 -45.31 6.47
C PHE R 52 -26.80 -46.01 5.12
N SER R 53 -26.33 -47.26 5.05
CA SER R 53 -26.37 -48.00 3.79
C SER R 53 -27.80 -48.18 3.30
N VAL R 54 -28.77 -48.29 4.22
CA VAL R 54 -30.16 -48.37 3.82
C VAL R 54 -30.60 -47.07 3.14
N LYS R 55 -30.16 -45.93 3.68
CA LYS R 55 -30.48 -44.65 3.06
C LYS R 55 -29.84 -44.53 1.69
N VAL R 56 -28.59 -44.98 1.56
CA VAL R 56 -27.92 -44.93 0.26
C VAL R 56 -28.67 -45.79 -0.75
N GLY R 57 -29.02 -47.02 -0.37
CA GLY R 57 -29.76 -47.88 -1.28
C GLY R 57 -31.14 -47.34 -1.60
N LEU R 58 -31.74 -46.62 -0.66
CA LEU R 58 -33.05 -46.01 -0.89
C LEU R 58 -32.95 -44.88 -1.91
N ALA R 59 -31.90 -44.08 -1.82
CA ALA R 59 -31.70 -42.99 -2.77
C ALA R 59 -31.27 -43.49 -4.14
N GLN R 60 -30.93 -44.77 -4.27
CA GLN R 60 -30.44 -45.28 -5.55
C GLN R 60 -31.52 -45.26 -6.62
N MET R 61 -32.79 -45.43 -6.24
CA MET R 61 -33.84 -45.51 -7.23
C MET R 61 -34.07 -44.18 -7.94
N LEU R 62 -33.44 -43.11 -7.46
CA LEU R 62 -33.51 -41.83 -8.16
C LEU R 62 -32.50 -41.72 -9.30
N ARG R 63 -31.60 -42.68 -9.44
CA ARG R 63 -30.58 -42.60 -10.48
C ARG R 63 -31.22 -42.58 -11.86
N GLY R 64 -30.68 -41.72 -12.73
CA GLY R 64 -31.18 -41.62 -14.08
C GLY R 64 -32.53 -40.96 -14.22
N GLY R 65 -32.89 -40.07 -13.29
CA GLY R 65 -34.17 -39.40 -13.32
C GLY R 65 -34.01 -37.89 -13.23
N VAL R 66 -35.17 -37.23 -13.16
CA VAL R 66 -35.25 -35.76 -13.09
C VAL R 66 -36.04 -35.39 -11.86
N ILE R 67 -35.62 -34.33 -11.17
CA ILE R 67 -36.30 -33.82 -10.00
C ILE R 67 -36.75 -32.39 -10.29
N MET R 68 -38.04 -32.12 -10.11
CA MET R 68 -38.66 -30.88 -10.54
C MET R 68 -39.29 -30.17 -9.35
N ASP R 69 -38.89 -28.92 -9.13
CA ASP R 69 -39.48 -28.12 -8.06
C ASP R 69 -40.90 -27.75 -8.41
N VAL R 70 -41.85 -28.19 -7.57
CA VAL R 70 -43.25 -27.91 -7.78
C VAL R 70 -43.75 -27.02 -6.65
N VAL R 71 -44.81 -26.26 -6.92
CA VAL R 71 -45.35 -25.30 -5.96
C VAL R 71 -46.83 -25.52 -5.70
N ASN R 72 -47.46 -26.49 -6.34
CA ASN R 72 -48.85 -26.80 -6.08
C ASN R 72 -49.12 -28.23 -6.51
N ALA R 73 -50.34 -28.69 -6.26
CA ALA R 73 -50.71 -30.04 -6.68
C ALA R 73 -50.77 -30.15 -8.20
N GLU R 74 -51.05 -29.05 -8.89
CA GLU R 74 -51.16 -29.10 -10.35
C GLU R 74 -49.80 -29.21 -11.01
N GLN R 75 -48.85 -28.38 -10.58
CA GLN R 75 -47.48 -28.52 -11.08
C GLN R 75 -46.89 -29.86 -10.70
N ALA R 76 -47.23 -30.37 -9.51
CA ALA R 76 -46.77 -31.69 -9.11
C ALA R 76 -47.33 -32.76 -10.03
N ARG R 77 -48.62 -32.67 -10.36
CA ARG R 77 -49.22 -33.65 -11.26
C ARG R 77 -48.58 -33.58 -12.65
N ILE R 78 -48.37 -32.36 -13.16
CA ILE R 78 -47.71 -32.21 -14.46
C ILE R 78 -46.33 -32.85 -14.44
N ALA R 79 -45.51 -32.48 -13.44
CA ALA R 79 -44.17 -33.03 -13.35
C ALA R 79 -44.20 -34.54 -13.17
N GLU R 80 -45.29 -35.08 -12.64
CA GLU R 80 -45.42 -36.53 -12.57
C GLU R 80 -45.69 -37.12 -13.95
N GLU R 81 -46.60 -36.52 -14.71
CA GLU R 81 -46.92 -37.06 -16.03
C GLU R 81 -45.76 -36.92 -16.99
N ALA R 82 -44.88 -35.94 -16.77
CA ALA R 82 -43.70 -35.79 -17.61
C ALA R 82 -42.68 -36.89 -17.37
N GLY R 83 -42.83 -37.68 -16.32
CA GLY R 83 -41.93 -38.77 -16.05
C GLY R 83 -40.85 -38.50 -15.03
N ALA R 84 -40.97 -37.43 -14.25
CA ALA R 84 -39.96 -37.13 -13.24
C ALA R 84 -39.91 -38.22 -12.19
N CYS R 85 -38.75 -38.38 -11.56
CA CYS R 85 -38.58 -39.39 -10.53
C CYS R 85 -38.93 -38.88 -9.14
N ALA R 86 -38.95 -37.58 -8.92
CA ALA R 86 -39.30 -37.00 -7.64
C ALA R 86 -39.60 -35.53 -7.83
N VAL R 87 -40.34 -34.96 -6.88
CA VAL R 87 -40.67 -33.55 -6.89
C VAL R 87 -40.14 -32.92 -5.61
N MET R 88 -39.82 -31.63 -5.69
CA MET R 88 -39.30 -30.87 -4.56
C MET R 88 -40.35 -29.84 -4.16
N ALA R 89 -41.23 -30.22 -3.26
CA ALA R 89 -42.31 -29.34 -2.83
C ALA R 89 -41.73 -28.07 -2.21
N LEU R 90 -42.28 -26.92 -2.60
CA LEU R 90 -41.82 -25.64 -2.07
C LEU R 90 -42.86 -24.58 -2.40
N GLU R 91 -42.95 -23.58 -1.52
CA GLU R 91 -44.04 -22.60 -1.60
C GLU R 91 -43.94 -21.73 -2.85
N ARG R 92 -42.74 -21.31 -3.22
CA ARG R 92 -42.54 -20.40 -4.35
C ARG R 92 -41.17 -20.66 -4.96
N VAL R 93 -41.13 -20.77 -6.29
CA VAL R 93 -39.97 -21.24 -7.04
C VAL R 93 -38.71 -20.44 -6.72
N PRO R 94 -37.52 -20.98 -7.01
CA PRO R 94 -36.29 -20.18 -6.85
C PRO R 94 -36.34 -18.86 -7.60
N ALA R 95 -37.06 -18.80 -8.73
CA ALA R 95 -37.28 -17.53 -9.40
C ALA R 95 -38.07 -16.58 -8.50
N ASP R 96 -39.08 -17.09 -7.80
CA ASP R 96 -39.83 -16.26 -6.86
C ASP R 96 -38.99 -15.92 -5.64
N ILE R 97 -38.16 -16.87 -5.18
CA ILE R 97 -37.23 -16.59 -4.08
C ILE R 97 -36.32 -15.42 -4.45
N ARG R 98 -35.91 -15.35 -5.71
CA ARG R 98 -35.05 -14.26 -6.17
C ARG R 98 -35.84 -12.98 -6.35
N ALA R 99 -37.09 -13.09 -6.83
CA ALA R 99 -37.86 -11.90 -7.16
C ALA R 99 -38.42 -11.22 -5.92
N GLN R 100 -39.25 -11.92 -5.15
CA GLN R 100 -39.86 -11.32 -3.97
C GLN R 100 -38.85 -11.02 -2.86
N GLY R 101 -37.63 -11.55 -2.98
CA GLY R 101 -36.63 -11.31 -1.96
C GLY R 101 -37.03 -11.93 -0.62
N GLY R 102 -36.53 -11.31 0.44
CA GLY R 102 -36.85 -11.76 1.78
C GLY R 102 -36.20 -13.09 2.10
N VAL R 103 -36.53 -13.60 3.27
CA VAL R 103 -36.02 -14.88 3.73
C VAL R 103 -36.93 -15.99 3.25
N ALA R 104 -36.33 -17.11 2.82
CA ALA R 104 -37.07 -18.28 2.39
C ALA R 104 -36.83 -19.40 3.40
N ARG R 105 -37.88 -20.11 3.76
CA ARG R 105 -37.82 -21.14 4.79
C ARG R 105 -38.31 -22.46 4.22
N MET R 106 -38.44 -23.45 5.10
CA MET R 106 -39.08 -24.70 4.74
C MET R 106 -40.49 -24.43 4.24
N SER R 107 -40.89 -25.18 3.22
CA SER R 107 -42.22 -25.04 2.66
C SER R 107 -43.29 -25.39 3.69
N ASP R 108 -44.49 -24.89 3.46
CA ASP R 108 -45.56 -25.02 4.43
C ASP R 108 -46.02 -26.47 4.52
N PRO R 109 -46.25 -27.00 5.72
CA PRO R 109 -46.63 -28.41 5.84
C PRO R 109 -47.92 -28.78 5.13
N GLN R 110 -48.89 -27.88 5.07
CA GLN R 110 -50.17 -28.21 4.45
C GLN R 110 -50.01 -28.49 2.96
N MET R 111 -49.22 -27.65 2.26
CA MET R 111 -49.03 -27.88 0.84
C MET R 111 -48.16 -29.10 0.60
N ILE R 112 -47.24 -29.41 1.51
CA ILE R 112 -46.50 -30.66 1.40
C ILE R 112 -47.43 -31.85 1.49
N LYS R 113 -48.37 -31.82 2.44
CA LYS R 113 -49.32 -32.92 2.56
C LYS R 113 -50.21 -33.01 1.34
N GLU R 114 -50.62 -31.86 0.79
CA GLU R 114 -51.44 -31.86 -0.42
C GLU R 114 -50.70 -32.49 -1.58
N ILE R 115 -49.45 -32.08 -1.81
CA ILE R 115 -48.64 -32.65 -2.89
C ILE R 115 -48.45 -34.14 -2.67
N LYS R 116 -48.07 -34.54 -1.45
CA LYS R 116 -47.86 -35.95 -1.15
C LYS R 116 -49.11 -36.77 -1.40
N GLN R 117 -50.29 -36.18 -1.18
CA GLN R 117 -51.53 -36.88 -1.50
C GLN R 117 -51.89 -36.80 -2.97
N ALA R 118 -51.28 -35.89 -3.72
CA ALA R 118 -51.62 -35.70 -5.12
C ALA R 118 -50.79 -36.54 -6.08
N VAL R 119 -49.54 -36.85 -5.75
CA VAL R 119 -48.67 -37.64 -6.60
C VAL R 119 -48.29 -38.92 -5.89
N THR R 120 -47.71 -39.85 -6.65
CA THR R 120 -47.28 -41.13 -6.11
C THR R 120 -45.76 -41.26 -6.02
N ILE R 121 -45.02 -40.47 -6.79
CA ILE R 121 -43.56 -40.53 -6.81
C ILE R 121 -43.01 -40.03 -5.49
N PRO R 122 -41.75 -40.30 -5.16
CA PRO R 122 -41.15 -39.69 -3.96
C PRO R 122 -41.28 -38.18 -3.98
N VAL R 123 -41.51 -37.62 -2.80
CA VAL R 123 -41.68 -36.18 -2.63
C VAL R 123 -40.57 -35.66 -1.74
N MET R 124 -39.87 -34.64 -2.20
CA MET R 124 -38.81 -34.00 -1.44
C MET R 124 -39.33 -32.71 -0.81
N ALA R 125 -38.49 -32.14 0.05
CA ALA R 125 -38.73 -30.82 0.60
C ALA R 125 -37.40 -30.24 1.01
N LYS R 126 -37.36 -28.91 1.08
N LYS R 126 -37.36 -28.91 1.08
CA LYS R 126 -36.13 -28.20 1.41
CA LYS R 126 -36.13 -28.20 1.41
C LYS R 126 -36.09 -27.85 2.89
C LYS R 126 -36.09 -27.85 2.89
N ALA R 127 -34.91 -27.92 3.48
CA ALA R 127 -34.68 -27.54 4.85
C ALA R 127 -33.45 -26.66 4.91
N ARG R 128 -33.55 -25.56 5.65
CA ARG R 128 -32.43 -24.63 5.74
C ARG R 128 -31.20 -25.33 6.32
N ILE R 129 -30.02 -24.83 5.94
CA ILE R 129 -28.78 -25.48 6.33
C ILE R 129 -28.59 -25.33 7.83
N GLY R 130 -28.34 -26.45 8.50
CA GLY R 130 -28.15 -26.44 9.93
C GLY R 130 -29.41 -26.27 10.74
N HIS R 131 -30.58 -26.18 10.10
CA HIS R 131 -31.85 -26.04 10.79
C HIS R 131 -32.43 -27.44 11.00
N PHE R 132 -31.98 -28.10 12.06
CA PHE R 132 -32.39 -29.47 12.28
C PHE R 132 -33.83 -29.58 12.75
N VAL R 133 -34.43 -28.49 13.20
CA VAL R 133 -35.83 -28.56 13.62
C VAL R 133 -36.75 -28.58 12.41
N GLU R 134 -36.42 -27.84 11.36
CA GLU R 134 -37.16 -27.97 10.11
C GLU R 134 -37.03 -29.38 9.55
N ALA R 135 -35.85 -29.99 9.70
CA ALA R 135 -35.68 -31.37 9.28
C ALA R 135 -36.52 -32.32 10.13
N GLN R 136 -36.63 -32.05 11.44
CA GLN R 136 -37.49 -32.87 12.29
C GLN R 136 -38.94 -32.75 11.86
N ILE R 137 -39.38 -31.53 11.54
CA ILE R 137 -40.75 -31.32 11.10
C ILE R 137 -41.01 -32.06 9.79
N LEU R 138 -40.07 -31.97 8.86
CA LEU R 138 -40.23 -32.65 7.57
C LEU R 138 -40.27 -34.15 7.75
N GLU R 139 -39.39 -34.70 8.59
CA GLU R 139 -39.42 -36.14 8.85
C GLU R 139 -40.72 -36.56 9.53
N ALA R 140 -41.28 -35.69 10.37
CA ALA R 140 -42.54 -36.01 11.01
C ALA R 140 -43.72 -35.92 10.05
N ILE R 141 -43.62 -35.11 9.00
CA ILE R 141 -44.65 -35.10 7.97
C ILE R 141 -44.64 -36.41 7.18
N GLY R 142 -43.47 -36.99 6.99
CA GLY R 142 -43.37 -38.27 6.32
C GLY R 142 -42.89 -38.20 4.89
N ILE R 143 -42.18 -37.14 4.50
CA ILE R 143 -41.68 -37.00 3.15
C ILE R 143 -40.60 -38.04 2.91
N ASP R 144 -40.23 -38.25 1.64
CA ASP R 144 -39.28 -39.29 1.29
C ASP R 144 -37.83 -38.84 1.37
N TYR R 145 -37.51 -37.64 0.87
CA TYR R 145 -36.15 -37.12 0.93
C TYR R 145 -36.19 -35.69 1.41
N ILE R 146 -35.16 -35.30 2.16
CA ILE R 146 -35.03 -33.94 2.67
C ILE R 146 -33.80 -33.31 2.02
N ASP R 147 -33.96 -32.10 1.52
CA ASP R 147 -32.88 -31.39 0.84
C ASP R 147 -32.39 -30.27 1.76
N GLU R 148 -31.24 -30.48 2.39
CA GLU R 148 -30.61 -29.41 3.16
C GLU R 148 -30.08 -28.41 2.15
N SER R 149 -30.89 -27.42 1.81
CA SER R 149 -30.74 -26.67 0.57
C SER R 149 -30.14 -25.29 0.84
N GLU R 150 -29.03 -25.02 0.17
CA GLU R 150 -28.43 -23.69 0.15
C GLU R 150 -29.20 -22.72 -0.73
N VAL R 151 -30.11 -23.22 -1.56
CA VAL R 151 -30.99 -22.33 -2.33
C VAL R 151 -31.85 -21.50 -1.39
N LEU R 152 -32.26 -22.08 -0.27
CA LEU R 152 -32.96 -21.34 0.77
C LEU R 152 -31.98 -20.47 1.54
N THR R 153 -32.48 -19.88 2.62
CA THR R 153 -31.63 -19.01 3.42
C THR R 153 -30.88 -19.83 4.46
N LEU R 154 -29.62 -19.47 4.69
CA LEU R 154 -28.80 -20.11 5.72
C LEU R 154 -29.43 -19.94 7.09
N ALA R 155 -29.55 -21.04 7.82
CA ALA R 155 -29.99 -20.99 9.22
C ALA R 155 -28.85 -21.14 10.20
N ASP R 156 -27.80 -21.87 9.82
CA ASP R 156 -26.61 -22.00 10.65
C ASP R 156 -25.40 -21.88 9.72
N GLU R 157 -24.73 -20.74 9.79
CA GLU R 157 -23.65 -20.47 8.84
C GLU R 157 -22.46 -21.40 9.05
N ASP R 158 -22.18 -21.80 10.29
CA ASP R 158 -20.99 -22.57 10.59
C ASP R 158 -21.20 -24.07 10.61
N HIS R 159 -22.41 -24.55 10.91
CA HIS R 159 -22.64 -25.97 11.10
C HIS R 159 -23.80 -26.44 10.24
N HIS R 160 -23.70 -27.66 9.74
CA HIS R 160 -24.79 -28.31 9.03
C HIS R 160 -25.49 -29.30 9.95
N ILE R 161 -26.58 -29.88 9.45
CA ILE R 161 -27.34 -30.83 10.26
C ILE R 161 -26.53 -32.09 10.46
N ASN R 162 -26.56 -32.61 11.69
CA ASN R 162 -26.01 -33.94 11.97
C ASN R 162 -27.04 -34.93 11.46
N LYS R 163 -26.94 -35.26 10.18
CA LYS R 163 -28.01 -35.98 9.49
C LYS R 163 -28.08 -37.44 9.86
N HIS R 164 -27.29 -37.89 10.84
CA HIS R 164 -27.38 -39.27 11.28
C HIS R 164 -28.54 -39.50 12.24
N ASN R 165 -29.21 -38.44 12.67
CA ASN R 165 -30.28 -38.56 13.65
C ASN R 165 -31.64 -38.83 13.04
N PHE R 166 -31.76 -38.80 11.72
CA PHE R 166 -33.04 -38.95 11.05
C PHE R 166 -33.08 -40.26 10.27
N ARG R 167 -34.28 -40.85 10.19
CA ARG R 167 -34.45 -42.06 9.39
C ARG R 167 -34.72 -41.73 7.92
N ILE R 168 -34.81 -40.45 7.59
CA ILE R 168 -35.13 -40.01 6.23
C ILE R 168 -33.84 -39.65 5.51
N PRO R 169 -33.62 -40.10 4.29
CA PRO R 169 -32.39 -39.74 3.57
C PRO R 169 -32.35 -38.26 3.24
N PHE R 170 -31.15 -37.73 3.19
CA PHE R 170 -30.93 -36.30 2.97
C PHE R 170 -30.27 -36.08 1.61
N VAL R 171 -30.52 -34.90 1.05
CA VAL R 171 -29.88 -34.47 -0.20
C VAL R 171 -29.14 -33.17 0.08
N CYS R 172 -27.82 -33.20 -0.06
CA CYS R 172 -26.99 -32.08 0.34
C CYS R 172 -26.22 -31.55 -0.87
N GLY R 173 -26.13 -30.21 -0.93
CA GLY R 173 -25.39 -29.57 -1.98
C GLY R 173 -23.90 -29.71 -1.82
N CYS R 174 -23.18 -29.48 -2.91
CA CYS R 174 -21.73 -29.56 -2.89
C CYS R 174 -21.16 -28.73 -4.03
N ARG R 175 -19.91 -28.32 -3.88
N ARG R 175 -19.91 -28.32 -3.87
CA ARG R 175 -19.21 -27.59 -4.92
CA ARG R 175 -19.19 -27.56 -4.88
C ARG R 175 -17.87 -28.20 -5.31
C ARG R 175 -17.89 -28.21 -5.30
N ASN R 176 -17.38 -29.19 -4.55
CA ASN R 176 -16.13 -29.86 -4.87
C ASN R 176 -16.13 -31.19 -4.15
N LEU R 177 -15.02 -31.92 -4.28
CA LEU R 177 -14.96 -33.25 -3.68
C LEU R 177 -14.90 -33.18 -2.16
N GLY R 178 -14.17 -32.20 -1.62
CA GLY R 178 -14.10 -32.07 -0.18
C GLY R 178 -15.46 -31.86 0.45
N GLU R 179 -16.26 -30.97 -0.15
N GLU R 179 -16.26 -30.97 -0.14
CA GLU R 179 -17.60 -30.71 0.39
CA GLU R 179 -17.60 -30.71 0.39
C GLU R 179 -18.49 -31.93 0.29
C GLU R 179 -18.49 -31.94 0.30
N ALA R 180 -18.44 -32.63 -0.84
CA ALA R 180 -19.26 -33.82 -1.01
C ALA R 180 -18.90 -34.88 0.02
N LEU R 181 -17.61 -35.06 0.28
CA LEU R 181 -17.19 -36.06 1.25
C LEU R 181 -17.55 -35.64 2.66
N ARG R 182 -17.45 -34.35 2.98
CA ARG R 182 -17.87 -33.88 4.29
C ARG R 182 -19.36 -34.11 4.50
N ARG R 183 -20.17 -33.83 3.48
CA ARG R 183 -21.60 -34.03 3.60
C ARG R 183 -21.95 -35.51 3.72
N ILE R 184 -21.24 -36.37 3.00
CA ILE R 184 -21.49 -37.80 3.13
C ILE R 184 -21.09 -38.28 4.52
N ARG R 185 -20.06 -37.67 5.11
CA ARG R 185 -19.69 -38.05 6.47
C ARG R 185 -20.73 -37.57 7.48
N GLU R 186 -21.29 -36.38 7.28
CA GLU R 186 -22.34 -35.91 8.18
C GLU R 186 -23.60 -36.75 8.08
N GLY R 187 -23.81 -37.48 6.98
CA GLY R 187 -24.95 -38.37 6.88
C GLY R 187 -25.77 -38.21 5.62
N ALA R 188 -25.35 -37.33 4.71
CA ALA R 188 -26.09 -37.11 3.49
C ALA R 188 -26.08 -38.36 2.62
N ALA R 189 -27.26 -38.86 2.29
CA ALA R 189 -27.40 -40.08 1.50
C ALA R 189 -27.48 -39.80 0.01
N MET R 190 -27.34 -38.55 -0.42
CA MET R 190 -27.38 -38.20 -1.83
C MET R 190 -26.85 -36.80 -2.00
N ILE R 191 -26.01 -36.59 -3.00
CA ILE R 191 -25.31 -35.33 -3.21
C ILE R 191 -25.76 -34.71 -4.52
N ARG R 192 -25.97 -33.40 -4.51
CA ARG R 192 -26.26 -32.65 -5.72
C ARG R 192 -25.27 -31.49 -5.83
N THR R 193 -24.68 -31.35 -7.01
CA THR R 193 -23.70 -30.29 -7.22
C THR R 193 -24.40 -28.94 -7.28
N LYS R 194 -23.85 -27.98 -6.52
CA LYS R 194 -24.54 -26.72 -6.24
C LYS R 194 -24.88 -25.95 -7.51
N GLY R 195 -23.87 -25.50 -8.25
CA GLY R 195 -24.17 -24.66 -9.39
C GLY R 195 -24.41 -23.23 -8.98
N GLU R 196 -25.47 -22.65 -9.51
CA GLU R 196 -25.87 -21.27 -9.21
C GLU R 196 -27.39 -21.20 -9.35
N ALA R 197 -28.03 -20.53 -8.38
CA ALA R 197 -29.47 -20.63 -8.24
C ALA R 197 -30.21 -19.55 -9.03
N GLY R 198 -31.01 -19.98 -10.00
CA GLY R 198 -32.07 -19.15 -10.55
C GLY R 198 -31.76 -18.42 -11.85
N THR R 199 -30.58 -18.59 -12.43
CA THR R 199 -30.20 -17.80 -13.60
C THR R 199 -30.34 -18.56 -14.91
N GLY R 200 -30.44 -19.89 -14.88
CA GLY R 200 -30.50 -20.64 -16.11
C GLY R 200 -29.19 -20.76 -16.85
N ASN R 201 -28.09 -20.33 -16.24
CA ASN R 201 -26.77 -20.40 -16.85
C ASN R 201 -25.99 -21.53 -16.18
N ILE R 202 -25.56 -22.51 -16.97
CA ILE R 202 -24.96 -23.72 -16.42
C ILE R 202 -23.45 -23.68 -16.35
N ILE R 203 -22.83 -22.50 -16.46
CA ILE R 203 -21.37 -22.43 -16.40
C ILE R 203 -20.87 -22.93 -15.06
N GLU R 204 -21.52 -22.51 -13.97
CA GLU R 204 -21.07 -22.92 -12.64
C GLU R 204 -21.39 -24.37 -12.34
N ALA R 205 -22.58 -24.84 -12.74
CA ALA R 205 -22.91 -26.25 -12.54
C ALA R 205 -21.95 -27.15 -13.31
N VAL R 206 -21.63 -26.77 -14.56
CA VAL R 206 -20.68 -27.55 -15.34
C VAL R 206 -19.31 -27.51 -14.69
N ARG R 207 -18.89 -26.34 -14.22
CA ARG R 207 -17.60 -26.25 -13.54
C ARG R 207 -17.54 -27.14 -12.31
N HIS R 208 -18.64 -27.22 -11.56
CA HIS R 208 -18.63 -28.03 -10.34
C HIS R 208 -18.64 -29.52 -10.66
N VAL R 209 -19.44 -29.94 -11.64
CA VAL R 209 -19.40 -31.35 -12.07
C VAL R 209 -18.01 -31.71 -12.54
N ARG R 210 -17.40 -30.86 -13.38
CA ARG R 210 -16.07 -31.14 -13.87
C ARG R 210 -15.06 -31.18 -12.75
N SER R 211 -15.20 -30.32 -11.73
CA SER R 211 -14.26 -30.30 -10.64
C SER R 211 -14.38 -31.56 -9.78
N VAL R 212 -15.61 -31.98 -9.48
CA VAL R 212 -15.80 -33.18 -8.68
C VAL R 212 -15.27 -34.40 -9.41
N ASN R 213 -15.66 -34.56 -10.68
CA ASN R 213 -15.21 -35.73 -11.43
C ASN R 213 -13.71 -35.67 -11.67
N GLY R 214 -13.13 -34.48 -11.77
CA GLY R 214 -11.70 -34.38 -11.93
C GLY R 214 -10.95 -34.75 -10.68
N ASP R 215 -11.44 -34.31 -9.51
CA ASP R 215 -10.84 -34.78 -8.26
C ASP R 215 -10.97 -36.28 -8.11
N ILE R 216 -12.09 -36.87 -8.52
CA ILE R 216 -12.23 -38.31 -8.43
C ILE R 216 -11.24 -39.02 -9.34
N ARG R 217 -11.08 -38.52 -10.57
CA ARG R 217 -10.14 -39.15 -11.50
C ARG R 217 -8.70 -38.97 -11.03
N VAL R 218 -8.39 -37.84 -10.41
CA VAL R 218 -7.06 -37.62 -9.85
C VAL R 218 -6.81 -38.60 -8.70
N LEU R 219 -7.81 -38.77 -7.84
CA LEU R 219 -7.68 -39.65 -6.69
C LEU R 219 -7.53 -41.11 -7.13
N ARG R 220 -8.19 -41.50 -8.22
CA ARG R 220 -8.22 -42.90 -8.60
C ARG R 220 -6.82 -43.45 -8.89
N ASN R 221 -5.96 -42.63 -9.51
CA ASN R 221 -4.58 -43.04 -9.78
C ASN R 221 -3.60 -42.56 -8.73
N MET R 222 -4.00 -41.64 -7.85
CA MET R 222 -3.07 -41.06 -6.89
C MET R 222 -2.38 -42.14 -6.07
N ASP R 223 -1.09 -41.93 -5.81
CA ASP R 223 -0.32 -42.84 -4.98
C ASP R 223 -0.89 -42.88 -3.57
N ASP R 224 -0.92 -44.08 -2.98
CA ASP R 224 -1.48 -44.23 -1.65
C ASP R 224 -0.78 -43.33 -0.64
N ASP R 225 0.55 -43.30 -0.67
CA ASP R 225 1.31 -42.51 0.27
C ASP R 225 0.98 -41.03 0.20
N GLU R 226 0.44 -40.56 -0.92
CA GLU R 226 0.04 -39.17 -1.06
C GLU R 226 -1.40 -38.92 -0.66
N VAL R 227 -2.24 -39.96 -0.65
CA VAL R 227 -3.67 -39.78 -0.40
C VAL R 227 -3.92 -38.98 0.88
N PHE R 228 -3.18 -39.29 1.95
CA PHE R 228 -3.36 -38.58 3.20
C PHE R 228 -3.26 -37.07 3.00
N THR R 229 -2.20 -36.62 2.32
CA THR R 229 -2.06 -35.19 2.08
C THR R 229 -3.22 -34.65 1.27
N PHE R 230 -3.68 -35.41 0.27
CA PHE R 230 -4.87 -35.03 -0.47
C PHE R 230 -6.05 -34.82 0.46
N ALA R 231 -6.24 -35.74 1.42
CA ALA R 231 -7.33 -35.61 2.36
C ALA R 231 -7.20 -34.33 3.18
N LYS R 232 -5.96 -33.87 3.41
CA LYS R 232 -5.78 -32.62 4.11
C LYS R 232 -6.03 -31.44 3.19
N LYS R 233 -5.70 -31.59 1.91
CA LYS R 233 -5.91 -30.51 0.96
C LYS R 233 -7.39 -30.19 0.80
N LEU R 234 -8.23 -31.22 0.81
CA LEU R 234 -9.67 -31.03 0.72
C LEU R 234 -10.31 -30.75 2.08
N ALA R 235 -9.65 -31.12 3.17
CA ALA R 235 -10.25 -31.13 4.51
C ALA R 235 -11.48 -32.04 4.51
N ALA R 236 -11.30 -33.24 3.97
CA ALA R 236 -12.33 -34.27 3.91
C ALA R 236 -11.88 -35.49 4.72
N PRO R 237 -12.83 -36.25 5.28
CA PRO R 237 -12.46 -37.42 6.07
C PRO R 237 -11.66 -38.41 5.24
N TYR R 238 -10.56 -38.90 5.81
CA TYR R 238 -9.67 -39.77 5.05
C TYR R 238 -10.34 -41.10 4.71
N ASP R 239 -11.18 -41.61 5.61
CA ASP R 239 -11.83 -42.88 5.32
C ASP R 239 -12.73 -42.78 4.10
N LEU R 240 -13.46 -41.66 3.97
CA LEU R 240 -14.29 -41.46 2.80
C LEU R 240 -13.44 -41.21 1.56
N VAL R 241 -12.28 -40.58 1.73
CA VAL R 241 -11.38 -40.39 0.60
C VAL R 241 -10.89 -41.72 0.07
N MET R 242 -10.55 -42.64 0.98
CA MET R 242 -10.10 -43.96 0.54
C MET R 242 -11.24 -44.75 -0.07
N GLN R 243 -12.45 -44.61 0.49
CA GLN R 243 -13.60 -45.29 -0.12
C GLN R 243 -13.88 -44.77 -1.52
N THR R 244 -13.74 -43.46 -1.73
CA THR R 244 -13.86 -42.90 -3.07
C THR R 244 -12.79 -43.45 -4.00
N LYS R 245 -11.53 -43.44 -3.54
CA LYS R 245 -10.43 -43.93 -4.36
C LYS R 245 -10.65 -45.40 -4.75
N GLN R 246 -11.28 -46.17 -3.86
CA GLN R 246 -11.56 -47.57 -4.17
C GLN R 246 -12.71 -47.69 -5.16
N LEU R 247 -13.77 -46.93 -4.95
CA LEU R 247 -14.96 -47.06 -5.80
C LEU R 247 -14.77 -46.38 -7.15
N GLY R 248 -13.85 -45.43 -7.26
CA GLY R 248 -13.72 -44.68 -8.49
C GLY R 248 -14.80 -43.65 -8.69
N ARG R 249 -15.63 -43.40 -7.69
N ARG R 249 -15.63 -43.39 -7.68
CA ARG R 249 -16.70 -42.42 -7.79
CA ARG R 249 -16.70 -42.42 -7.77
C ARG R 249 -17.14 -42.04 -6.38
C ARG R 249 -17.10 -42.01 -6.36
N LEU R 250 -17.96 -41.01 -6.29
CA LEU R 250 -18.47 -40.59 -5.00
C LEU R 250 -19.36 -41.69 -4.42
N PRO R 251 -19.22 -42.01 -3.13
CA PRO R 251 -19.89 -43.21 -2.59
C PRO R 251 -21.41 -43.12 -2.56
N VAL R 252 -22.01 -42.03 -3.02
CA VAL R 252 -23.45 -41.85 -3.00
C VAL R 252 -23.93 -41.44 -4.38
N VAL R 253 -25.25 -41.35 -4.52
CA VAL R 253 -25.82 -40.87 -5.77
C VAL R 253 -25.50 -39.39 -5.91
N GLN R 254 -25.17 -38.98 -7.14
CA GLN R 254 -24.62 -37.65 -7.41
C GLN R 254 -25.48 -36.98 -8.46
N PHE R 255 -26.19 -35.93 -8.07
CA PHE R 255 -27.10 -35.22 -8.96
C PHE R 255 -26.51 -33.87 -9.33
N ALA R 256 -27.11 -33.25 -10.35
CA ALA R 256 -26.72 -31.90 -10.75
C ALA R 256 -27.88 -30.95 -10.53
N ALA R 257 -27.55 -29.69 -10.27
CA ALA R 257 -28.57 -28.70 -9.98
C ALA R 257 -28.06 -27.32 -10.34
N GLY R 258 -28.97 -26.43 -10.75
CA GLY R 258 -28.62 -25.05 -10.99
C GLY R 258 -28.42 -24.71 -12.45
N GLY R 259 -29.43 -24.09 -13.06
CA GLY R 259 -29.31 -23.63 -14.42
C GLY R 259 -29.77 -24.60 -15.49
N VAL R 260 -30.06 -25.85 -15.14
CA VAL R 260 -30.49 -26.81 -16.13
C VAL R 260 -31.86 -26.38 -16.64
N ALA R 261 -31.92 -25.92 -17.89
CA ALA R 261 -33.14 -25.37 -18.46
C ALA R 261 -33.59 -26.03 -19.74
N THR R 262 -32.67 -26.55 -20.55
CA THR R 262 -32.99 -27.15 -21.83
C THR R 262 -32.55 -28.61 -21.84
N PRO R 263 -33.15 -29.44 -22.69
CA PRO R 263 -32.71 -30.84 -22.76
C PRO R 263 -31.22 -30.99 -23.04
N ALA R 264 -30.63 -30.04 -23.76
CA ALA R 264 -29.19 -30.07 -23.98
C ALA R 264 -28.44 -29.98 -22.66
N ASP R 265 -28.91 -29.13 -21.74
CA ASP R 265 -28.24 -28.98 -20.46
C ASP R 265 -28.34 -30.25 -19.61
N ALA R 266 -29.52 -30.87 -19.61
CA ALA R 266 -29.69 -32.11 -18.85
C ALA R 266 -28.82 -33.22 -19.42
N ALA R 267 -28.80 -33.35 -20.75
CA ALA R 267 -27.95 -34.35 -21.35
C ALA R 267 -26.48 -34.06 -21.10
N LEU R 268 -26.08 -32.79 -21.07
CA LEU R 268 -24.70 -32.44 -20.78
C LEU R 268 -24.33 -32.84 -19.37
N MET R 269 -25.20 -32.57 -18.41
CA MET R 269 -24.95 -33.01 -17.04
C MET R 269 -24.84 -34.52 -16.96
N MET R 270 -25.75 -35.25 -17.60
CA MET R 270 -25.73 -36.70 -17.50
C MET R 270 -24.55 -37.30 -18.25
N GLN R 271 -23.98 -36.56 -19.20
CA GLN R 271 -22.81 -37.06 -19.91
C GLN R 271 -21.52 -36.70 -19.18
N LEU R 272 -21.53 -35.63 -18.38
CA LEU R 272 -20.35 -35.29 -17.58
C LEU R 272 -20.16 -36.25 -16.42
N GLY R 273 -21.10 -37.16 -16.17
CA GLY R 273 -20.93 -38.16 -15.16
C GLY R 273 -21.99 -38.19 -14.07
N CYS R 274 -22.90 -37.22 -14.09
CA CYS R 274 -23.93 -37.14 -13.07
C CYS R 274 -24.90 -38.31 -13.19
N ASP R 275 -25.81 -38.38 -12.21
CA ASP R 275 -26.84 -39.41 -12.18
C ASP R 275 -28.24 -38.84 -12.37
N GLY R 276 -28.36 -37.52 -12.48
CA GLY R 276 -29.66 -36.89 -12.62
C GLY R 276 -29.49 -35.38 -12.59
N VAL R 277 -30.64 -34.69 -12.64
CA VAL R 277 -30.64 -33.23 -12.71
C VAL R 277 -31.79 -32.68 -11.87
N PHE R 278 -31.63 -31.43 -11.45
CA PHE R 278 -32.68 -30.65 -10.81
C PHE R 278 -33.12 -29.54 -11.74
N VAL R 279 -34.44 -29.42 -11.94
CA VAL R 279 -35.02 -28.37 -12.77
C VAL R 279 -36.07 -27.65 -11.94
N GLY R 280 -35.81 -26.39 -11.59
CA GLY R 280 -36.63 -25.73 -10.60
C GLY R 280 -37.80 -24.87 -11.05
N SER R 281 -37.55 -23.87 -11.88
CA SER R 281 -38.57 -22.86 -12.15
C SER R 281 -38.82 -22.61 -13.64
N GLY R 282 -37.78 -22.61 -14.47
CA GLY R 282 -37.93 -22.17 -15.84
C GLY R 282 -38.85 -23.03 -16.70
N ILE R 283 -39.33 -24.15 -16.16
CA ILE R 283 -40.15 -25.06 -16.93
C ILE R 283 -41.60 -24.62 -16.91
N PHE R 284 -42.07 -24.16 -15.76
CA PHE R 284 -43.47 -23.82 -15.59
C PHE R 284 -43.76 -22.34 -15.86
N LYS R 285 -42.74 -21.53 -16.09
CA LYS R 285 -42.92 -20.15 -16.51
C LYS R 285 -42.76 -19.96 -18.01
N SER R 286 -42.63 -21.05 -18.77
CA SER R 286 -42.34 -20.99 -20.19
C SER R 286 -43.62 -21.05 -21.01
N GLY R 287 -43.45 -21.17 -22.32
CA GLY R 287 -44.59 -21.24 -23.22
C GLY R 287 -45.42 -22.49 -23.04
N ASP R 288 -44.77 -23.64 -22.84
CA ASP R 288 -45.45 -24.91 -22.61
C ASP R 288 -44.67 -25.68 -21.55
N PRO R 289 -45.23 -25.82 -20.34
CA PRO R 289 -44.49 -26.53 -19.28
C PRO R 289 -44.40 -28.03 -19.51
N ALA R 290 -45.52 -28.67 -19.89
CA ALA R 290 -45.51 -30.12 -20.06
C ALA R 290 -44.55 -30.54 -21.15
N ARG R 291 -44.51 -29.80 -22.26
CA ARG R 291 -43.62 -30.16 -23.36
C ARG R 291 -42.16 -30.09 -22.95
N ARG R 292 -41.76 -28.99 -22.30
CA ARG R 292 -40.35 -28.84 -21.90
C ARG R 292 -39.99 -29.86 -20.83
N ALA R 293 -40.91 -30.12 -19.89
CA ALA R 293 -40.62 -31.10 -18.85
C ALA R 293 -40.44 -32.49 -19.43
N ARG R 294 -41.32 -32.89 -20.35
CA ARG R 294 -41.18 -34.18 -21.01
C ARG R 294 -39.90 -34.24 -21.84
N ALA R 295 -39.53 -33.12 -22.47
CA ALA R 295 -38.30 -33.09 -23.25
C ALA R 295 -37.09 -33.29 -22.36
N ILE R 296 -37.06 -32.64 -21.19
CA ILE R 296 -35.92 -32.78 -20.31
C ILE R 296 -35.86 -34.20 -19.73
N VAL R 297 -37.01 -34.77 -19.40
CA VAL R 297 -37.04 -36.15 -18.90
C VAL R 297 -36.49 -37.09 -19.97
N GLN R 298 -36.95 -36.94 -21.21
CA GLN R 298 -36.46 -37.79 -22.29
C GLN R 298 -34.97 -37.57 -22.55
N ALA R 299 -34.48 -36.34 -22.34
CA ALA R 299 -33.06 -36.08 -22.51
C ALA R 299 -32.24 -36.80 -21.46
N VAL R 300 -32.71 -36.79 -20.20
CA VAL R 300 -32.00 -37.49 -19.15
C VAL R 300 -32.04 -39.00 -19.40
N THR R 301 -33.18 -39.52 -19.83
CA THR R 301 -33.30 -40.96 -20.08
C THR R 301 -32.42 -41.39 -21.25
N HIS R 302 -32.27 -40.54 -22.25
CA HIS R 302 -31.52 -40.84 -23.47
C HIS R 302 -30.34 -39.90 -23.67
N TYR R 303 -29.53 -39.72 -22.62
CA TYR R 303 -28.46 -38.72 -22.66
C TYR R 303 -27.40 -39.02 -23.70
N SER R 304 -27.44 -40.18 -24.35
CA SER R 304 -26.46 -40.53 -25.35
C SER R 304 -27.06 -40.68 -26.75
N ASP R 305 -28.23 -40.09 -27.00
CA ASP R 305 -28.91 -40.21 -28.28
C ASP R 305 -29.12 -38.81 -28.87
N PRO R 306 -28.23 -38.36 -29.75
CA PRO R 306 -28.38 -37.00 -30.30
C PRO R 306 -29.65 -36.79 -31.07
N GLU R 307 -30.09 -37.78 -31.87
CA GLU R 307 -31.32 -37.64 -32.62
C GLU R 307 -32.52 -37.48 -31.68
N MET R 308 -32.51 -38.20 -30.56
CA MET R 308 -33.58 -38.05 -29.57
C MET R 308 -33.56 -36.66 -28.94
N LEU R 309 -32.37 -36.17 -28.60
CA LEU R 309 -32.27 -34.81 -28.06
C LEU R 309 -32.79 -33.78 -29.06
N VAL R 310 -32.57 -34.04 -30.35
CA VAL R 310 -33.08 -33.13 -31.38
C VAL R 310 -34.60 -33.19 -31.43
N GLU R 311 -35.16 -34.40 -31.49
CA GLU R 311 -36.61 -34.54 -31.64
C GLU R 311 -37.35 -33.96 -30.43
N VAL R 312 -36.83 -34.20 -29.23
CA VAL R 312 -37.49 -33.67 -28.04
C VAL R 312 -37.36 -32.16 -27.92
N SER R 313 -36.35 -31.57 -28.55
CA SER R 313 -36.19 -30.12 -28.52
C SER R 313 -37.22 -29.45 -29.43
N PRO S 51 -1.88 -54.48 12.03
CA PRO S 51 -2.19 -54.54 13.47
C PRO S 51 -1.79 -53.27 14.20
N PHE S 52 -2.44 -52.15 13.88
CA PHE S 52 -2.10 -50.89 14.49
C PHE S 52 -2.26 -50.94 16.01
N SER S 53 -3.26 -51.67 16.48
CA SER S 53 -3.47 -51.81 17.92
C SER S 53 -2.29 -52.53 18.57
N VAL S 54 -1.65 -53.44 17.85
CA VAL S 54 -0.47 -54.11 18.39
C VAL S 54 0.65 -53.10 18.60
N LYS S 55 0.87 -52.22 17.62
CA LYS S 55 1.90 -51.20 17.76
C LYS S 55 1.56 -50.23 18.89
N VAL S 56 0.28 -49.87 19.02
CA VAL S 56 -0.14 -48.97 20.10
C VAL S 56 0.15 -49.61 21.45
N GLY S 57 -0.27 -50.86 21.64
CA GLY S 57 0.00 -51.53 22.90
C GLY S 57 1.47 -51.76 23.15
N LEU S 58 2.25 -51.92 22.09
CA LEU S 58 3.68 -52.13 22.24
C LEU S 58 4.37 -50.84 22.66
N ALA S 59 3.90 -49.70 22.17
CA ALA S 59 4.45 -48.42 22.60
C ALA S 59 4.00 -48.02 24.00
N GLN S 60 3.03 -48.73 24.57
CA GLN S 60 2.48 -48.32 25.85
C GLN S 60 3.50 -48.45 26.98
N MET S 61 4.47 -49.36 26.85
CA MET S 61 5.40 -49.57 27.95
C MET S 61 6.34 -48.37 28.14
N LEU S 62 6.35 -47.43 27.20
CA LEU S 62 7.13 -46.22 27.36
C LEU S 62 6.46 -45.19 28.25
N ARG S 63 5.23 -45.44 28.68
CA ARG S 63 4.50 -44.48 29.50
C ARG S 63 5.23 -44.23 30.81
N GLY S 64 5.32 -42.96 31.19
CA GLY S 64 5.96 -42.59 32.43
C GLY S 64 7.45 -42.75 32.46
N GLY S 65 8.13 -42.57 31.33
CA GLY S 65 9.57 -42.72 31.25
C GLY S 65 10.22 -41.56 30.51
N VAL S 66 11.55 -41.68 30.38
CA VAL S 66 12.38 -40.67 29.74
C VAL S 66 13.08 -41.31 28.56
N ILE S 67 13.23 -40.54 27.47
CA ILE S 67 13.93 -40.98 26.28
C ILE S 67 15.11 -40.05 26.04
N MET S 68 16.30 -40.62 25.89
CA MET S 68 17.53 -39.85 25.87
C MET S 68 18.28 -40.08 24.56
N ASP S 69 18.59 -38.99 23.86
CA ASP S 69 19.39 -39.09 22.65
C ASP S 69 20.83 -39.40 23.00
N VAL S 70 21.33 -40.52 22.48
CA VAL S 70 22.70 -40.96 22.73
C VAL S 70 23.45 -40.97 21.43
N VAL S 71 24.78 -40.85 21.50
CA VAL S 71 25.62 -40.78 20.32
C VAL S 71 26.74 -41.81 20.34
N ASN S 72 26.81 -42.64 21.36
CA ASN S 72 27.81 -43.72 21.39
C ASN S 72 27.32 -44.79 22.34
N ALA S 73 28.08 -45.88 22.43
CA ALA S 73 27.73 -46.95 23.36
C ALA S 73 27.86 -46.49 24.80
N GLU S 74 28.75 -45.53 25.08
CA GLU S 74 28.97 -45.10 26.45
C GLU S 74 27.85 -44.20 26.95
N GLN S 75 27.44 -43.23 26.13
CA GLN S 75 26.29 -42.42 26.49
C GLN S 75 25.03 -43.27 26.57
N ALA S 76 24.92 -44.27 25.71
CA ALA S 76 23.78 -45.19 25.80
C ALA S 76 23.80 -45.97 27.09
N ARG S 77 24.97 -46.44 27.51
CA ARG S 77 25.07 -47.16 28.77
C ARG S 77 24.72 -46.25 29.94
N ILE S 78 25.22 -45.02 29.95
CA ILE S 78 24.88 -44.08 31.02
C ILE S 78 23.39 -43.85 31.07
N ALA S 79 22.78 -43.53 29.92
CA ALA S 79 21.35 -43.30 29.87
C ALA S 79 20.57 -44.53 30.32
N GLU S 80 21.14 -45.71 30.14
CA GLU S 80 20.51 -46.91 30.67
C GLU S 80 20.59 -46.96 32.19
N GLU S 81 21.76 -46.65 32.75
CA GLU S 81 21.90 -46.71 34.20
C GLU S 81 21.11 -45.59 34.88
N ALA S 82 20.88 -44.48 34.19
CA ALA S 82 20.07 -43.41 34.77
C ALA S 82 18.60 -43.78 34.85
N GLY S 83 18.19 -44.88 34.24
CA GLY S 83 16.81 -45.31 34.30
C GLY S 83 15.94 -44.92 33.13
N ALA S 84 16.53 -44.44 32.04
CA ALA S 84 15.73 -44.06 30.88
C ALA S 84 15.01 -45.27 30.31
N CYS S 85 13.85 -45.03 29.68
CA CYS S 85 13.05 -46.11 29.14
C CYS S 85 13.43 -46.48 27.72
N ALA S 86 14.11 -45.59 26.99
CA ALA S 86 14.54 -45.85 25.63
C ALA S 86 15.59 -44.81 25.27
N VAL S 87 16.42 -45.15 24.29
CA VAL S 87 17.44 -44.24 23.79
C VAL S 87 17.18 -43.99 22.32
N MET S 88 17.54 -42.79 21.87
CA MET S 88 17.38 -42.39 20.48
C MET S 88 18.76 -42.31 19.85
N ALA S 89 19.21 -43.41 19.27
CA ALA S 89 20.52 -43.48 18.66
C ALA S 89 20.63 -42.45 17.53
N LEU S 90 21.72 -41.70 17.53
CA LEU S 90 21.95 -40.68 16.51
C LEU S 90 23.42 -40.27 16.55
N GLU S 91 23.92 -39.84 15.38
CA GLU S 91 25.35 -39.66 15.21
C GLU S 91 25.90 -38.54 16.09
N ARG S 92 25.19 -37.42 16.18
CA ARG S 92 25.63 -36.29 17.00
C ARG S 92 24.40 -35.55 17.51
N VAL S 93 24.44 -35.15 18.77
CA VAL S 93 23.30 -34.58 19.51
C VAL S 93 22.67 -33.42 18.76
N PRO S 94 21.40 -33.09 19.03
CA PRO S 94 20.79 -31.92 18.37
C PRO S 94 21.58 -30.64 18.55
N ALA S 95 22.28 -30.49 19.68
CA ALA S 95 23.18 -29.36 19.83
C ALA S 95 24.29 -29.38 18.78
N ASP S 96 24.82 -30.56 18.48
CA ASP S 96 25.83 -30.67 17.43
C ASP S 96 25.23 -30.46 16.05
N ILE S 97 23.99 -30.91 15.84
CA ILE S 97 23.30 -30.63 14.57
C ILE S 97 23.16 -29.13 14.37
N ARG S 98 22.84 -28.41 15.45
CA ARG S 98 22.74 -26.95 15.35
C ARG S 98 24.11 -26.31 15.15
N ALA S 99 25.14 -26.86 15.80
CA ALA S 99 26.46 -26.22 15.75
C ALA S 99 27.12 -26.42 14.39
N GLN S 100 27.36 -27.67 13.99
CA GLN S 100 28.05 -27.93 12.74
C GLN S 100 27.21 -27.55 11.52
N GLY S 101 25.89 -27.55 11.66
CA GLY S 101 25.05 -27.20 10.53
C GLY S 101 24.98 -28.34 9.52
N GLY S 102 24.73 -27.96 8.28
CA GLY S 102 24.61 -28.92 7.21
C GLY S 102 23.35 -29.75 7.32
N VAL S 103 23.28 -30.77 6.49
CA VAL S 103 22.12 -31.66 6.46
C VAL S 103 22.36 -32.81 7.44
N ALA S 104 21.30 -33.22 8.14
CA ALA S 104 21.35 -34.33 9.07
C ALA S 104 20.44 -35.42 8.55
N ARG S 105 20.91 -36.66 8.58
CA ARG S 105 20.21 -37.79 8.01
C ARG S 105 20.02 -38.87 9.08
N MET S 106 19.51 -40.02 8.64
CA MET S 106 19.44 -41.18 9.51
C MET S 106 20.82 -41.52 10.04
N SER S 107 20.88 -41.90 11.31
CA SER S 107 22.15 -42.27 11.92
C SER S 107 22.74 -43.50 11.25
N ASP S 108 24.06 -43.64 11.37
CA ASP S 108 24.77 -44.69 10.66
C ASP S 108 24.39 -46.05 11.21
N PRO S 109 24.14 -47.04 10.35
CA PRO S 109 23.70 -48.36 10.85
C PRO S 109 24.68 -49.04 11.79
N GLN S 110 25.98 -48.81 11.61
CA GLN S 110 26.96 -49.50 12.46
C GLN S 110 26.85 -49.05 13.91
N MET S 111 26.71 -47.75 14.13
CA MET S 111 26.58 -47.28 15.50
C MET S 111 25.23 -47.65 16.09
N ILE S 112 24.20 -47.75 15.27
CA ILE S 112 22.92 -48.26 15.76
C ILE S 112 23.07 -49.70 16.23
N LYS S 113 23.77 -50.53 15.46
CA LYS S 113 23.98 -51.91 15.88
C LYS S 113 24.82 -51.99 17.15
N GLU S 114 25.84 -51.12 17.25
CA GLU S 114 26.66 -51.10 18.46
C GLU S 114 25.84 -50.73 19.68
N ILE S 115 25.04 -49.67 19.58
CA ILE S 115 24.18 -49.26 20.68
C ILE S 115 23.20 -50.37 21.04
N LYS S 116 22.53 -50.93 20.04
CA LYS S 116 21.56 -52.00 20.29
C LYS S 116 22.22 -53.19 20.99
N GLN S 117 23.48 -53.47 20.67
CA GLN S 117 24.18 -54.54 21.35
C GLN S 117 24.71 -54.11 22.72
N ALA S 118 24.78 -52.82 22.99
CA ALA S 118 25.34 -52.31 24.23
C ALA S 118 24.31 -52.15 25.35
N VAL S 119 23.05 -51.88 25.02
CA VAL S 119 22.01 -51.67 26.01
C VAL S 119 20.91 -52.71 25.81
N THR S 120 20.06 -52.84 26.81
CA THR S 120 18.95 -53.79 26.76
C THR S 120 17.60 -53.12 26.56
N ILE S 121 17.48 -51.83 26.87
CA ILE S 121 16.22 -51.11 26.74
C ILE S 121 15.86 -50.96 25.26
N PRO S 122 14.61 -50.64 24.92
CA PRO S 122 14.29 -50.35 23.53
C PRO S 122 15.16 -49.23 22.98
N VAL S 123 15.54 -49.38 21.71
CA VAL S 123 16.43 -48.44 21.03
C VAL S 123 15.66 -47.82 19.87
N MET S 124 15.67 -46.50 19.81
CA MET S 124 15.02 -45.76 18.72
C MET S 124 16.06 -45.31 17.71
N ALA S 125 15.55 -44.72 16.63
CA ALA S 125 16.39 -44.03 15.66
C ALA S 125 15.52 -43.02 14.94
N LYS S 126 16.17 -42.02 14.37
N LYS S 126 16.17 -42.02 14.37
CA LYS S 126 15.47 -40.95 13.68
CA LYS S 126 15.47 -40.95 13.68
C LYS S 126 15.45 -41.23 12.18
C LYS S 126 15.45 -41.23 12.18
N ALA S 127 14.33 -40.88 11.54
CA ALA S 127 14.18 -41.01 10.10
C ALA S 127 13.60 -39.70 9.57
N ARG S 128 14.14 -39.23 8.45
CA ARG S 128 13.69 -37.98 7.88
C ARG S 128 12.23 -38.08 7.46
N ILE S 129 11.54 -36.94 7.46
CA ILE S 129 10.11 -36.93 7.17
C ILE S 129 9.89 -37.27 5.70
N GLY S 130 9.04 -38.26 5.46
CA GLY S 130 8.75 -38.69 4.11
C GLY S 130 9.80 -39.56 3.47
N HIS S 131 10.93 -39.79 4.14
CA HIS S 131 11.99 -40.65 3.62
C HIS S 131 11.68 -42.08 4.06
N PHE S 132 10.83 -42.75 3.29
CA PHE S 132 10.42 -44.09 3.67
C PHE S 132 11.52 -45.12 3.45
N VAL S 133 12.56 -44.79 2.69
CA VAL S 133 13.64 -45.74 2.50
C VAL S 133 14.54 -45.79 3.73
N GLU S 134 14.77 -44.64 4.36
CA GLU S 134 15.47 -44.66 5.64
C GLU S 134 14.68 -45.45 6.67
N ALA S 135 13.36 -45.32 6.65
CA ALA S 135 12.53 -46.12 7.54
C ALA S 135 12.64 -47.60 7.23
N GLN S 136 12.73 -47.95 5.95
CA GLN S 136 12.92 -49.36 5.58
C GLN S 136 14.25 -49.88 6.08
N ILE S 137 15.31 -49.08 5.95
CA ILE S 137 16.62 -49.46 6.44
C ILE S 137 16.58 -49.67 7.96
N LEU S 138 15.94 -48.74 8.67
CA LEU S 138 15.87 -48.85 10.13
C LEU S 138 15.07 -50.08 10.54
N GLU S 139 13.98 -50.37 9.83
CA GLU S 139 13.20 -51.57 10.14
C GLU S 139 14.01 -52.83 9.86
N ALA S 140 14.86 -52.79 8.83
CA ALA S 140 15.68 -53.96 8.51
C ALA S 140 16.83 -54.13 9.49
N ILE S 141 17.26 -53.06 10.15
CA ILE S 141 18.26 -53.19 11.20
C ILE S 141 17.67 -53.89 12.42
N GLY S 142 16.40 -53.64 12.70
CA GLY S 142 15.73 -54.29 13.81
C GLY S 142 15.53 -53.43 15.03
N ILE S 143 15.54 -52.10 14.88
CA ILE S 143 15.34 -51.20 16.01
C ILE S 143 13.90 -51.34 16.50
N ASP S 144 13.63 -50.84 17.70
CA ASP S 144 12.32 -51.00 18.31
C ASP S 144 11.32 -49.93 17.89
N TYR S 145 11.73 -48.66 17.85
CA TYR S 145 10.85 -47.58 17.45
C TYR S 145 11.57 -46.69 16.46
N ILE S 146 10.83 -46.16 15.50
CA ILE S 146 11.36 -45.23 14.50
C ILE S 146 10.74 -43.87 14.74
N ASP S 147 11.58 -42.84 14.77
CA ASP S 147 11.12 -41.49 15.03
C ASP S 147 11.19 -40.70 13.72
N GLU S 148 10.04 -40.49 13.09
CA GLU S 148 9.97 -39.65 11.91
C GLU S 148 10.19 -38.22 12.39
N SER S 149 11.44 -37.78 12.37
CA SER S 149 11.90 -36.65 13.17
C SER S 149 12.02 -35.39 12.32
N GLU S 150 11.33 -34.34 12.74
CA GLU S 150 11.51 -33.02 12.18
C GLU S 150 12.78 -32.34 12.71
N VAL S 151 13.39 -32.88 13.76
CA VAL S 151 14.68 -32.38 14.22
C VAL S 151 15.73 -32.58 13.13
N LEU S 152 15.63 -33.66 12.38
CA LEU S 152 16.48 -33.89 11.23
C LEU S 152 16.03 -33.00 10.07
N THR S 153 16.63 -33.23 8.91
CA THR S 153 16.28 -32.44 7.73
C THR S 153 15.07 -33.04 7.03
N LEU S 154 14.20 -32.17 6.54
CA LEU S 154 13.04 -32.59 5.76
C LEU S 154 13.47 -33.30 4.49
N ALA S 155 12.94 -34.51 4.28
CA ALA S 155 13.17 -35.23 3.04
C ALA S 155 12.01 -35.10 2.07
N ASP S 156 10.80 -34.90 2.57
CA ASP S 156 9.62 -34.67 1.73
C ASP S 156 8.76 -33.62 2.41
N GLU S 157 8.76 -32.41 1.86
CA GLU S 157 8.07 -31.30 2.51
C GLU S 157 6.56 -31.46 2.45
N ASP S 158 6.04 -32.14 1.43
CA ASP S 158 4.60 -32.26 1.24
C ASP S 158 3.98 -33.51 1.86
N HIS S 159 4.71 -34.62 1.93
CA HIS S 159 4.14 -35.87 2.36
C HIS S 159 4.97 -36.49 3.47
N HIS S 160 4.30 -37.20 4.38
CA HIS S 160 4.97 -37.98 5.40
C HIS S 160 4.95 -39.45 5.02
N ILE S 161 5.62 -40.28 5.83
CA ILE S 161 5.69 -41.69 5.54
C ILE S 161 4.33 -42.34 5.74
N ASN S 162 3.94 -43.21 4.81
CA ASN S 162 2.75 -44.04 5.00
C ASN S 162 3.14 -45.15 5.96
N LYS S 163 3.04 -44.85 7.25
CA LYS S 163 3.62 -45.71 8.28
C LYS S 163 2.86 -47.01 8.46
N HIS S 164 1.84 -47.27 7.66
CA HIS S 164 1.13 -48.54 7.76
C HIS S 164 1.88 -49.68 7.10
N ASN S 165 2.98 -49.40 6.39
CA ASN S 165 3.68 -50.43 5.65
C ASN S 165 4.76 -51.14 6.48
N PHE S 166 5.06 -50.66 7.67
CA PHE S 166 6.12 -51.22 8.50
C PHE S 166 5.54 -51.93 9.71
N ARG S 167 6.25 -52.95 10.17
CA ARG S 167 5.86 -53.65 11.38
C ARG S 167 6.41 -52.97 12.63
N ILE S 168 7.21 -51.93 12.46
CA ILE S 168 7.85 -51.24 13.58
C ILE S 168 7.03 -50.02 13.95
N PRO S 169 6.77 -49.79 15.24
CA PRO S 169 6.00 -48.60 15.64
C PRO S 169 6.79 -47.33 15.35
N PHE S 170 6.06 -46.28 15.02
CA PHE S 170 6.64 -44.99 14.65
C PHE S 170 6.37 -43.96 15.73
N VAL S 171 7.24 -42.96 15.81
CA VAL S 171 7.07 -41.82 16.70
C VAL S 171 7.10 -40.56 15.86
N CYS S 172 6.00 -39.82 15.86
CA CYS S 172 5.86 -38.65 14.99
C CYS S 172 5.63 -37.40 15.82
N GLY S 173 6.28 -36.32 15.41
CA GLY S 173 6.10 -35.05 16.07
C GLY S 173 4.75 -34.43 15.78
N CYS S 174 4.39 -33.45 16.61
CA CYS S 174 3.12 -32.77 16.44
C CYS S 174 3.20 -31.41 17.12
N ARG S 175 2.34 -30.50 16.67
N ARG S 175 2.34 -30.50 16.66
CA ARG S 175 2.26 -29.17 17.25
CA ARG S 175 2.25 -29.15 17.19
C ARG S 175 0.85 -28.78 17.67
C ARG S 175 0.86 -28.79 17.67
N ASN S 176 -0.16 -29.58 17.32
CA ASN S 176 -1.53 -29.30 17.73
C ASN S 176 -2.33 -30.59 17.58
N LEU S 177 -3.63 -30.50 17.83
CA LEU S 177 -4.46 -31.69 17.78
C LEU S 177 -4.65 -32.18 16.35
N GLY S 178 -4.80 -31.27 15.40
CA GLY S 178 -4.95 -31.68 14.01
C GLY S 178 -3.75 -32.46 13.51
N GLU S 179 -2.55 -31.99 13.81
N GLU S 179 -2.54 -31.98 13.80
CA GLU S 179 -1.35 -32.68 13.35
CA GLU S 179 -1.35 -32.68 13.35
C GLU S 179 -1.21 -34.03 14.02
C GLU S 179 -1.22 -34.04 14.02
N ALA S 180 -1.49 -34.11 15.33
CA ALA S 180 -1.40 -35.37 16.04
C ALA S 180 -2.37 -36.39 15.47
N LEU S 181 -3.59 -35.94 15.17
CA LEU S 181 -4.59 -36.86 14.61
C LEU S 181 -4.21 -37.28 13.19
N ARG S 182 -3.66 -36.37 12.39
CA ARG S 182 -3.22 -36.75 11.06
C ARG S 182 -2.11 -37.77 11.12
N ARG S 183 -1.14 -37.57 12.02
CA ARG S 183 -0.05 -38.52 12.14
C ARG S 183 -0.53 -39.87 12.66
N ILE S 184 -1.52 -39.87 13.55
CA ILE S 184 -2.07 -41.13 14.03
C ILE S 184 -2.82 -41.84 12.91
N ARG S 185 -3.46 -41.08 12.02
CA ARG S 185 -4.13 -41.70 10.89
C ARG S 185 -3.12 -42.28 9.90
N GLU S 186 -2.01 -41.60 9.67
CA GLU S 186 -0.98 -42.14 8.79
C GLU S 186 -0.38 -43.43 9.33
N GLY S 187 -0.42 -43.65 10.64
CA GLY S 187 0.05 -44.90 11.20
C GLY S 187 0.98 -44.75 12.38
N ALA S 188 1.19 -43.52 12.84
CA ALA S 188 2.09 -43.30 13.97
C ALA S 188 1.50 -43.89 15.25
N ALA S 189 2.26 -44.77 15.88
CA ALA S 189 1.82 -45.43 17.10
C ALA S 189 2.21 -44.69 18.37
N MET S 190 2.78 -43.49 18.24
CA MET S 190 3.21 -42.71 19.39
C MET S 190 3.49 -41.30 18.92
N ILE S 191 3.03 -40.32 19.70
CA ILE S 191 3.12 -38.91 19.33
C ILE S 191 3.97 -38.18 20.35
N ARG S 192 4.81 -37.27 19.87
CA ARG S 192 5.58 -36.38 20.72
C ARG S 192 5.36 -34.94 20.28
N THR S 193 5.12 -34.08 21.25
CA THR S 193 4.89 -32.68 20.93
C THR S 193 6.21 -32.00 20.54
N LYS S 194 6.15 -31.27 19.43
CA LYS S 194 7.36 -30.79 18.77
C LYS S 194 8.20 -29.88 19.67
N GLY S 195 7.65 -28.75 20.08
CA GLY S 195 8.46 -27.81 20.82
C GLY S 195 9.39 -27.05 19.91
N GLU S 196 10.65 -26.94 20.32
CA GLU S 196 11.69 -26.25 19.58
C GLU S 196 13.02 -26.96 19.85
N ALA S 197 13.80 -27.16 18.79
CA ALA S 197 14.96 -28.04 18.88
C ALA S 197 16.24 -27.28 19.25
N GLY S 198 16.84 -27.68 20.37
CA GLY S 198 18.22 -27.35 20.66
C GLY S 198 18.48 -26.16 21.56
N THR S 199 17.45 -25.43 21.98
CA THR S 199 17.64 -24.19 22.72
C THR S 199 17.52 -24.35 24.23
N GLY S 200 16.91 -25.42 24.72
CA GLY S 200 16.70 -25.56 26.13
C GLY S 200 15.61 -24.68 26.71
N ASN S 201 14.81 -24.03 25.86
CA ASN S 201 13.73 -23.16 26.27
C ASN S 201 12.41 -23.87 26.01
N ILE S 202 11.66 -24.13 27.09
CA ILE S 202 10.46 -24.97 27.00
C ILE S 202 9.20 -24.18 26.69
N ILE S 203 9.31 -22.90 26.33
CA ILE S 203 8.12 -22.10 26.09
C ILE S 203 7.27 -22.70 24.97
N GLU S 204 7.92 -23.13 23.88
CA GLU S 204 7.18 -23.69 22.76
C GLU S 204 6.65 -25.08 23.07
N ALA S 205 7.44 -25.92 23.74
CA ALA S 205 6.94 -27.23 24.12
C ALA S 205 5.75 -27.10 25.06
N VAL S 206 5.81 -26.16 26.00
CA VAL S 206 4.68 -25.94 26.90
C VAL S 206 3.47 -25.44 26.13
N ARG S 207 3.69 -24.52 25.18
CA ARG S 207 2.58 -24.02 24.38
C ARG S 207 1.92 -25.14 23.58
N HIS S 208 2.72 -26.07 23.06
CA HIS S 208 2.15 -27.14 22.25
C HIS S 208 1.42 -28.17 23.10
N VAL S 209 1.99 -28.53 24.27
CA VAL S 209 1.29 -29.41 25.19
C VAL S 209 -0.04 -28.79 25.60
N ARG S 210 -0.02 -27.49 25.94
CA ARG S 210 -1.25 -26.83 26.33
C ARG S 210 -2.25 -26.76 25.18
N SER S 211 -1.77 -26.57 23.95
CA SER S 211 -2.67 -26.53 22.81
C SER S 211 -3.35 -27.87 22.59
N VAL S 212 -2.56 -28.95 22.65
CA VAL S 212 -3.13 -30.28 22.43
C VAL S 212 -4.13 -30.62 23.52
N ASN S 213 -3.75 -30.42 24.78
CA ASN S 213 -4.64 -30.78 25.88
C ASN S 213 -5.86 -29.86 25.91
N GLY S 214 -5.71 -28.62 25.48
CA GLY S 214 -6.85 -27.71 25.43
C GLY S 214 -7.82 -28.09 24.33
N ASP S 215 -7.30 -28.47 23.16
CA ASP S 215 -8.18 -28.98 22.11
C ASP S 215 -8.90 -30.24 22.55
N ILE S 216 -8.21 -31.13 23.28
CA ILE S 216 -8.88 -32.35 23.75
C ILE S 216 -9.96 -32.01 24.76
N ARG S 217 -9.70 -31.08 25.67
CA ARG S 217 -10.71 -30.70 26.66
C ARG S 217 -11.90 -30.02 25.99
N VAL S 218 -11.64 -29.19 24.97
CA VAL S 218 -12.72 -28.55 24.22
C VAL S 218 -13.55 -29.61 23.52
N LEU S 219 -12.89 -30.60 22.92
CA LEU S 219 -13.59 -31.64 22.20
C LEU S 219 -14.44 -32.51 23.12
N ARG S 220 -13.96 -32.74 24.35
CA ARG S 220 -14.65 -33.67 25.24
C ARG S 220 -16.08 -33.23 25.54
N ASN S 221 -16.30 -31.94 25.74
CA ASN S 221 -17.64 -31.40 25.98
C ASN S 221 -18.35 -30.95 24.71
N MET S 222 -17.63 -30.79 23.60
CA MET S 222 -18.21 -30.22 22.39
C MET S 222 -19.45 -30.97 21.97
N ASP S 223 -20.46 -30.23 21.50
CA ASP S 223 -21.69 -30.84 21.02
C ASP S 223 -21.41 -31.72 19.81
N ASP S 224 -22.12 -32.84 19.72
CA ASP S 224 -21.92 -33.77 18.63
C ASP S 224 -22.10 -33.10 17.27
N ASP S 225 -23.20 -32.34 17.12
CA ASP S 225 -23.51 -31.70 15.85
C ASP S 225 -22.41 -30.75 15.40
N GLU S 226 -21.60 -30.25 16.32
CA GLU S 226 -20.51 -29.34 15.97
C GLU S 226 -19.21 -30.07 15.67
N VAL S 227 -19.06 -31.32 16.13
CA VAL S 227 -17.79 -32.02 16.01
C VAL S 227 -17.31 -32.02 14.57
N PHE S 228 -18.20 -32.28 13.61
CA PHE S 228 -17.81 -32.30 12.21
C PHE S 228 -17.09 -31.02 11.82
N THR S 229 -17.66 -29.86 12.15
CA THR S 229 -17.01 -28.61 11.81
C THR S 229 -15.65 -28.51 12.48
N PHE S 230 -15.56 -28.96 13.73
CA PHE S 230 -14.26 -29.01 14.41
C PHE S 230 -13.26 -29.82 13.60
N ALA S 231 -13.69 -30.98 13.10
CA ALA S 231 -12.81 -31.80 12.29
C ALA S 231 -12.34 -31.05 11.05
N LYS S 232 -13.18 -30.16 10.52
CA LYS S 232 -12.76 -29.36 9.37
C LYS S 232 -11.84 -28.23 9.81
N LYS S 233 -12.03 -27.72 11.02
CA LYS S 233 -11.16 -26.64 11.49
C LYS S 233 -9.73 -27.12 11.67
N LEU S 234 -9.56 -28.36 12.12
CA LEU S 234 -8.23 -28.93 12.29
C LEU S 234 -7.70 -29.59 11.02
N ALA S 235 -8.58 -29.92 10.08
CA ALA S 235 -8.25 -30.77 8.93
C ALA S 235 -7.70 -32.11 9.41
N ALA S 236 -8.42 -32.72 10.34
CA ALA S 236 -8.10 -34.02 10.91
C ALA S 236 -9.18 -35.03 10.57
N PRO S 237 -8.84 -36.31 10.47
CA PRO S 237 -9.86 -37.33 10.17
C PRO S 237 -10.96 -37.31 11.22
N TYR S 238 -12.21 -37.38 10.75
CA TYR S 238 -13.33 -37.27 11.67
C TYR S 238 -13.42 -38.48 12.58
N ASP S 239 -13.11 -39.67 12.07
CA ASP S 239 -13.19 -40.86 12.91
C ASP S 239 -12.22 -40.78 14.07
N LEU S 240 -11.01 -40.27 13.84
CA LEU S 240 -10.07 -40.08 14.92
C LEU S 240 -10.52 -38.97 15.86
N VAL S 241 -11.19 -37.94 15.34
CA VAL S 241 -11.71 -36.90 16.21
C VAL S 241 -12.76 -37.47 17.15
N MET S 242 -13.64 -38.33 16.64
CA MET S 242 -14.65 -38.93 17.48
C MET S 242 -14.03 -39.90 18.48
N GLN S 243 -13.00 -40.64 18.06
CA GLN S 243 -12.31 -41.53 18.99
C GLN S 243 -11.64 -40.75 20.11
N THR S 244 -11.04 -39.59 19.78
CA THR S 244 -10.49 -38.73 20.80
C THR S 244 -11.57 -38.21 21.75
N LYS S 245 -12.70 -37.76 21.18
CA LYS S 245 -13.79 -37.27 22.00
C LYS S 245 -14.30 -38.34 22.95
N GLN S 246 -14.30 -39.59 22.51
CA GLN S 246 -14.75 -40.68 23.38
C GLN S 246 -13.71 -41.00 24.45
N LEU S 247 -12.44 -41.05 24.07
CA LEU S 247 -11.39 -41.43 25.01
C LEU S 247 -11.03 -40.31 25.97
N GLY S 248 -11.32 -39.06 25.61
CA GLY S 248 -10.87 -37.95 26.43
C GLY S 248 -9.40 -37.65 26.32
N ARG S 249 -8.71 -38.27 25.36
N ARG S 249 -8.72 -38.26 25.35
CA ARG S 249 -7.28 -38.03 25.15
CA ARG S 249 -7.29 -38.05 25.15
C ARG S 249 -6.91 -38.59 23.79
C ARG S 249 -6.93 -38.54 23.76
N LEU S 250 -5.67 -38.35 23.39
CA LEU S 250 -5.19 -38.87 22.12
C LEU S 250 -5.18 -40.39 22.17
N PRO S 251 -5.55 -41.07 21.08
CA PRO S 251 -5.63 -42.54 21.12
C PRO S 251 -4.29 -43.24 21.23
N VAL S 252 -3.18 -42.51 21.33
CA VAL S 252 -1.85 -43.08 21.41
C VAL S 252 -1.10 -42.46 22.57
N VAL S 253 0.08 -43.00 22.85
CA VAL S 253 0.93 -42.44 23.89
C VAL S 253 1.45 -41.08 23.42
N GLN S 254 1.53 -40.14 24.35
CA GLN S 254 1.79 -38.74 24.03
C GLN S 254 2.98 -38.27 24.84
N PHE S 255 4.08 -37.95 24.15
CA PHE S 255 5.32 -37.54 24.79
C PHE S 255 5.58 -36.06 24.55
N ALA S 256 6.53 -35.52 25.30
CA ALA S 256 6.96 -34.14 25.11
C ALA S 256 8.41 -34.12 24.66
N ALA S 257 8.77 -33.08 23.92
CA ALA S 257 10.13 -32.98 23.39
C ALA S 257 10.46 -31.52 23.12
N GLY S 258 11.74 -31.18 23.28
CA GLY S 258 12.21 -29.86 22.92
C GLY S 258 12.38 -28.94 24.09
N GLY S 259 13.63 -28.76 24.54
CA GLY S 259 13.92 -27.82 25.59
C GLY S 259 13.93 -28.38 27.00
N VAL S 260 13.47 -29.61 27.20
CA VAL S 260 13.45 -30.19 28.53
C VAL S 260 14.89 -30.38 28.99
N ALA S 261 15.33 -29.58 29.96
CA ALA S 261 16.71 -29.59 30.40
C ALA S 261 16.90 -29.84 31.88
N THR S 262 15.93 -29.51 32.71
CA THR S 262 16.02 -29.63 34.16
C THR S 262 14.89 -30.50 34.67
N PRO S 263 15.05 -31.12 35.84
CA PRO S 263 13.96 -31.92 36.40
C PRO S 263 12.66 -31.16 36.55
N ALA S 264 12.73 -29.85 36.79
CA ALA S 264 11.52 -29.05 36.85
C ALA S 264 10.78 -29.08 35.52
N ASP S 265 11.50 -29.00 34.41
CA ASP S 265 10.87 -29.00 33.09
C ASP S 265 10.20 -30.34 32.81
N ALA S 266 10.88 -31.44 33.16
CA ALA S 266 10.31 -32.76 32.93
C ALA S 266 9.06 -32.97 33.78
N ALA S 267 9.12 -32.59 35.05
CA ALA S 267 7.95 -32.69 35.91
C ALA S 267 6.82 -31.79 35.41
N LEU S 268 7.15 -30.63 34.86
CA LEU S 268 6.11 -29.75 34.33
C LEU S 268 5.43 -30.38 33.12
N MET S 269 6.21 -30.97 32.22
CA MET S 269 5.62 -31.67 31.09
C MET S 269 4.72 -32.80 31.57
N MET S 270 5.18 -33.59 32.55
CA MET S 270 4.38 -34.71 33.02
C MET S 270 3.15 -34.23 33.77
N GLN S 271 3.18 -33.01 34.31
CA GLN S 271 2.01 -32.51 35.02
C GLN S 271 1.02 -31.84 34.07
N LEU S 272 1.49 -31.36 32.92
CA LEU S 272 0.57 -30.81 31.94
C LEU S 272 -0.24 -31.87 31.22
N GLY S 273 0.09 -33.15 31.43
CA GLY S 273 -0.71 -34.22 30.88
C GLY S 273 0.03 -35.21 30.01
N CYS S 274 1.32 -34.94 29.74
CA CYS S 274 2.10 -35.82 28.90
C CYS S 274 2.36 -37.14 29.59
N ASP S 275 2.96 -38.07 28.83
CA ASP S 275 3.31 -39.38 29.34
C ASP S 275 4.82 -39.60 29.44
N GLY S 276 5.61 -38.65 28.99
CA GLY S 276 7.05 -38.78 29.02
C GLY S 276 7.70 -37.55 28.44
N VAL S 277 9.03 -37.60 28.34
CA VAL S 277 9.81 -36.48 27.85
C VAL S 277 10.97 -36.98 26.99
N PHE S 278 11.44 -36.10 26.11
CA PHE S 278 12.66 -36.33 25.35
C PHE S 278 13.73 -35.34 25.81
N VAL S 279 14.90 -35.87 26.16
CA VAL S 279 16.04 -35.06 26.58
C VAL S 279 17.23 -35.42 25.69
N GLY S 280 17.66 -34.47 24.86
CA GLY S 280 18.61 -34.79 23.81
C GLY S 280 20.08 -34.56 24.08
N SER S 281 20.47 -33.34 24.45
CA SER S 281 21.87 -32.97 24.47
C SER S 281 22.35 -32.37 25.79
N GLY S 282 21.51 -31.58 26.46
CA GLY S 282 21.96 -30.81 27.60
C GLY S 282 22.44 -31.66 28.77
N ILE S 283 22.24 -32.96 28.74
CA ILE S 283 22.63 -33.82 29.85
C ILE S 283 24.10 -34.18 29.74
N PHE S 284 24.54 -34.52 28.53
CA PHE S 284 25.89 -35.04 28.34
C PHE S 284 26.91 -33.96 28.03
N LYS S 285 26.48 -32.72 27.88
CA LYS S 285 27.39 -31.59 27.71
C LYS S 285 27.58 -30.79 28.99
N SER S 286 26.91 -31.18 30.07
CA SER S 286 26.92 -30.43 31.31
C SER S 286 28.04 -30.89 32.24
N GLY S 287 28.00 -30.41 33.48
CA GLY S 287 29.04 -30.74 34.44
C GLY S 287 29.06 -32.20 34.83
N ASP S 288 27.89 -32.81 35.03
CA ASP S 288 27.76 -34.21 35.39
C ASP S 288 26.58 -34.81 34.63
N PRO S 289 26.85 -35.68 33.66
CA PRO S 289 25.73 -36.27 32.89
C PRO S 289 24.91 -37.26 33.69
N ALA S 290 25.56 -38.17 34.41
CA ALA S 290 24.82 -39.18 35.16
C ALA S 290 23.90 -38.54 36.20
N ARG S 291 24.38 -37.52 36.90
CA ARG S 291 23.58 -36.89 37.93
C ARG S 291 22.34 -36.23 37.35
N ARG S 292 22.49 -35.44 36.29
CA ARG S 292 21.34 -34.75 35.71
C ARG S 292 20.38 -35.73 35.06
N ALA S 293 20.89 -36.78 34.42
CA ALA S 293 20.01 -37.77 33.81
C ALA S 293 19.21 -38.50 34.86
N ARG S 294 19.86 -38.91 35.96
CA ARG S 294 19.14 -39.54 37.05
C ARG S 294 18.12 -38.60 37.65
N ALA S 295 18.47 -37.31 37.76
CA ALA S 295 17.54 -36.35 38.31
C ALA S 295 16.30 -36.21 37.43
N ILE S 296 16.49 -36.16 36.12
CA ILE S 296 15.35 -36.02 35.21
C ILE S 296 14.49 -37.28 35.24
N VAL S 297 15.12 -38.46 35.30
CA VAL S 297 14.36 -39.69 35.38
C VAL S 297 13.52 -39.73 36.65
N GLN S 298 14.13 -39.38 37.79
CA GLN S 298 13.41 -39.35 39.04
C GLN S 298 12.30 -38.31 39.03
N ALA S 299 12.50 -37.19 38.33
CA ALA S 299 11.46 -36.18 38.23
C ALA S 299 10.28 -36.70 37.44
N VAL S 300 10.54 -37.40 36.34
CA VAL S 300 9.44 -37.96 35.55
C VAL S 300 8.70 -39.03 36.35
N THR S 301 9.44 -39.88 37.06
CA THR S 301 8.81 -40.94 37.84
C THR S 301 7.97 -40.36 38.98
N HIS S 302 8.44 -39.28 39.59
CA HIS S 302 7.80 -38.67 40.75
C HIS S 302 7.29 -37.26 40.45
N TYR S 303 6.60 -37.08 39.32
CA TYR S 303 6.24 -35.76 38.85
C TYR S 303 5.28 -35.04 39.80
N SER S 304 4.78 -35.69 40.84
CA SER S 304 3.85 -35.06 41.77
C SER S 304 4.41 -34.92 43.17
N ASP S 305 5.73 -35.03 43.35
CA ASP S 305 6.36 -34.97 44.67
C ASP S 305 7.38 -33.83 44.66
N PRO S 306 7.01 -32.64 45.14
CA PRO S 306 7.95 -31.51 45.11
C PRO S 306 9.21 -31.74 45.91
N GLU S 307 9.13 -32.44 47.04
CA GLU S 307 10.33 -32.70 47.83
C GLU S 307 11.33 -33.54 47.04
N MET S 308 10.84 -34.51 46.26
CA MET S 308 11.74 -35.30 45.42
C MET S 308 12.37 -34.44 44.34
N LEU S 309 11.57 -33.57 43.70
CA LEU S 309 12.12 -32.66 42.71
C LEU S 309 13.19 -31.76 43.30
N VAL S 310 13.03 -31.39 44.58
CA VAL S 310 14.04 -30.58 45.24
C VAL S 310 15.31 -31.39 45.48
N GLU S 311 15.16 -32.58 46.05
CA GLU S 311 16.32 -33.39 46.39
C GLU S 311 17.12 -33.76 45.14
N VAL S 312 16.43 -34.04 44.04
CA VAL S 312 17.16 -34.40 42.81
C VAL S 312 17.79 -33.17 42.16
N SER S 313 17.31 -31.98 42.48
CA SER S 313 17.91 -30.75 41.96
C SER S 313 18.98 -30.23 42.90
N PRO T 51 16.44 -38.98 -36.53
CA PRO T 51 16.37 -40.29 -35.86
C PRO T 51 16.26 -40.15 -34.35
N PHE T 52 15.26 -39.41 -33.88
CA PHE T 52 15.11 -39.19 -32.45
C PHE T 52 14.92 -40.49 -31.71
N SER T 53 14.14 -41.42 -32.27
CA SER T 53 13.93 -42.71 -31.63
C SER T 53 15.24 -43.47 -31.45
N VAL T 54 16.18 -43.28 -32.37
CA VAL T 54 17.50 -43.90 -32.20
C VAL T 54 18.18 -43.36 -30.95
N LYS T 55 18.09 -42.04 -30.73
CA LYS T 55 18.68 -41.45 -29.54
C LYS T 55 18.00 -41.95 -28.27
N VAL T 56 16.67 -42.06 -28.31
CA VAL T 56 15.94 -42.57 -27.15
C VAL T 56 16.37 -43.98 -26.83
N GLY T 57 16.42 -44.84 -27.85
CA GLY T 57 16.86 -46.22 -27.62
C GLY T 57 18.30 -46.31 -27.16
N LEU T 58 19.15 -45.38 -27.63
CA LEU T 58 20.53 -45.35 -27.19
C LEU T 58 20.64 -44.98 -25.71
N ALA T 59 19.78 -44.06 -25.27
CA ALA T 59 19.79 -43.66 -23.86
C ALA T 59 19.11 -44.68 -22.96
N GLN T 60 18.38 -45.64 -23.53
CA GLN T 60 17.66 -46.61 -22.71
C GLN T 60 18.62 -47.50 -21.92
N MET T 61 19.82 -47.75 -22.43
CA MET T 61 20.73 -48.66 -21.74
C MET T 61 21.27 -48.06 -20.45
N LEU T 62 20.99 -46.77 -20.19
CA LEU T 62 21.33 -46.17 -18.92
C LEU T 62 20.33 -46.49 -17.82
N ARG T 63 19.22 -47.13 -18.15
CA ARG T 63 18.18 -47.40 -17.17
C ARG T 63 18.71 -48.26 -16.03
N GLY T 64 18.37 -47.88 -14.80
CA GLY T 64 18.77 -48.64 -13.63
C GLY T 64 20.23 -48.50 -13.26
N GLY T 65 20.84 -47.36 -13.52
CA GLY T 65 22.25 -47.14 -13.23
C GLY T 65 22.49 -45.84 -12.47
N VAL T 66 23.76 -45.56 -12.27
CA VAL T 66 24.22 -44.38 -11.53
C VAL T 66 25.18 -43.60 -12.41
N ILE T 67 25.06 -42.28 -12.40
CA ILE T 67 25.94 -41.40 -13.15
C ILE T 67 26.70 -40.54 -12.16
N MET T 68 28.03 -40.54 -12.25
CA MET T 68 28.89 -39.96 -11.23
C MET T 68 29.75 -38.86 -11.83
N ASP T 69 29.70 -37.69 -11.22
CA ASP T 69 30.53 -36.57 -11.65
C ASP T 69 31.99 -36.88 -11.38
N VAL T 70 32.81 -36.92 -12.42
CA VAL T 70 34.24 -37.18 -12.26
C VAL T 70 35.00 -35.95 -12.71
N VAL T 71 36.19 -35.75 -12.14
CA VAL T 71 37.02 -34.59 -12.42
C VAL T 71 38.41 -34.96 -12.87
N ASN T 72 38.74 -36.24 -12.93
CA ASN T 72 40.04 -36.67 -13.41
C ASN T 72 39.93 -38.13 -13.84
N ALA T 73 41.02 -38.65 -14.42
CA ALA T 73 41.01 -40.03 -14.88
C ALA T 73 40.93 -41.01 -13.72
N GLU T 74 41.44 -40.64 -12.54
CA GLU T 74 41.43 -41.57 -11.41
C GLU T 74 40.04 -41.67 -10.79
N GLN T 75 39.37 -40.53 -10.61
CA GLN T 75 37.98 -40.57 -10.16
C GLN T 75 37.10 -41.27 -11.18
N ALA T 76 37.39 -41.08 -12.47
CA ALA T 76 36.64 -41.79 -13.51
C ALA T 76 36.86 -43.30 -13.39
N ARG T 77 38.10 -43.73 -13.15
CA ARG T 77 38.37 -45.15 -13.00
C ARG T 77 37.68 -45.72 -11.77
N ILE T 78 37.68 -44.99 -10.66
CA ILE T 78 36.97 -45.44 -9.47
C ILE T 78 35.48 -45.57 -9.77
N ALA T 79 34.87 -44.51 -10.31
CA ALA T 79 33.45 -44.54 -10.62
C ALA T 79 33.10 -45.66 -11.59
N GLU T 80 34.05 -46.02 -12.46
CA GLU T 80 33.83 -47.18 -13.32
C GLU T 80 33.84 -48.47 -12.52
N GLU T 81 34.83 -48.63 -11.63
CA GLU T 81 34.94 -49.88 -10.89
C GLU T 81 33.84 -50.02 -9.85
N ALA T 82 33.22 -48.91 -9.45
CA ALA T 82 32.09 -48.98 -8.55
C ALA T 82 30.82 -49.44 -9.23
N GLY T 83 30.80 -49.51 -10.56
CA GLY T 83 29.66 -49.99 -11.29
C GLY T 83 28.77 -48.94 -11.91
N ALA T 84 29.26 -47.70 -12.05
CA ALA T 84 28.44 -46.66 -12.67
C ALA T 84 28.17 -47.00 -14.13
N CYS T 85 27.08 -46.45 -14.66
CA CYS T 85 26.73 -46.65 -16.06
C CYS T 85 27.34 -45.59 -16.96
N ALA T 86 27.67 -44.43 -16.42
CA ALA T 86 28.25 -43.34 -17.19
C ALA T 86 28.88 -42.34 -16.22
N VAL T 87 29.78 -41.53 -16.75
CA VAL T 87 30.45 -40.50 -15.96
C VAL T 87 30.18 -39.15 -16.60
N MET T 88 30.25 -38.11 -15.79
CA MET T 88 30.02 -36.74 -16.22
C MET T 88 31.31 -35.96 -16.08
N ALA T 89 32.12 -35.96 -17.13
CA ALA T 89 33.41 -35.29 -17.08
C ALA T 89 33.22 -33.80 -16.83
N LEU T 90 34.02 -33.24 -15.93
CA LEU T 90 33.95 -31.82 -15.62
C LEU T 90 35.21 -31.42 -14.86
N GLU T 91 35.60 -30.15 -15.02
CA GLU T 91 36.90 -29.70 -14.52
C GLU T 91 36.97 -29.73 -13.00
N ARG T 92 35.97 -29.18 -12.32
CA ARG T 92 35.95 -29.17 -10.86
C ARG T 92 34.51 -29.24 -10.39
N VAL T 93 34.29 -29.95 -9.28
CA VAL T 93 32.99 -30.46 -8.85
C VAL T 93 31.92 -29.37 -8.74
N PRO T 94 30.63 -29.74 -8.73
CA PRO T 94 29.59 -28.74 -8.45
C PRO T 94 29.78 -28.01 -7.14
N ALA T 95 30.44 -28.64 -6.16
CA ALA T 95 30.77 -27.93 -4.93
C ALA T 95 31.66 -26.73 -5.22
N ASP T 96 32.60 -26.87 -6.15
CA ASP T 96 33.41 -25.73 -6.60
C ASP T 96 32.53 -24.66 -7.24
N ILE T 97 31.65 -25.06 -8.15
CA ILE T 97 30.79 -24.10 -8.84
C ILE T 97 29.93 -23.33 -7.84
N ARG T 98 29.52 -24.00 -6.76
CA ARG T 98 28.65 -23.36 -5.78
C ARG T 98 29.44 -22.45 -4.84
N ALA T 99 30.53 -22.95 -4.27
CA ALA T 99 31.23 -22.20 -3.23
C ALA T 99 32.20 -21.19 -3.82
N GLN T 100 33.11 -21.63 -4.69
CA GLN T 100 34.13 -20.76 -5.24
C GLN T 100 33.54 -19.64 -6.09
N GLY T 101 32.33 -19.82 -6.61
CA GLY T 101 31.74 -18.80 -7.44
C GLY T 101 32.34 -18.80 -8.83
N GLY T 102 32.27 -17.63 -9.46
CA GLY T 102 32.73 -17.49 -10.83
C GLY T 102 31.82 -18.21 -11.80
N VAL T 103 32.21 -18.14 -13.07
CA VAL T 103 31.43 -18.77 -14.13
C VAL T 103 32.00 -20.14 -14.41
N ALA T 104 31.12 -21.12 -14.60
CA ALA T 104 31.49 -22.49 -14.93
C ALA T 104 31.03 -22.77 -16.35
N ARG T 105 31.92 -23.34 -17.16
CA ARG T 105 31.66 -23.57 -18.57
C ARG T 105 31.79 -25.06 -18.87
N MET T 106 31.72 -25.37 -20.16
CA MET T 106 32.03 -26.72 -20.62
C MET T 106 33.42 -27.12 -20.16
N SER T 107 33.57 -28.37 -19.75
CA SER T 107 34.85 -28.86 -19.29
C SER T 107 35.88 -28.85 -20.42
N ASP T 108 37.15 -28.85 -20.05
CA ASP T 108 38.22 -28.70 -21.02
C ASP T 108 38.31 -29.92 -21.92
N PRO T 109 38.47 -29.76 -23.22
CA PRO T 109 38.49 -30.92 -24.13
C PRO T 109 39.58 -31.93 -23.83
N GLN T 110 40.75 -31.48 -23.36
CA GLN T 110 41.85 -32.42 -23.15
C GLN T 110 41.51 -33.40 -22.04
N MET T 111 40.91 -32.92 -20.95
CA MET T 111 40.56 -33.84 -19.87
C MET T 111 39.39 -34.73 -20.25
N ILE T 112 38.49 -34.25 -21.10
CA ILE T 112 37.44 -35.12 -21.63
C ILE T 112 38.06 -36.25 -22.44
N LYS T 113 39.05 -35.93 -23.27
CA LYS T 113 39.69 -36.98 -24.06
C LYS T 113 40.45 -37.96 -23.16
N GLU T 114 41.09 -37.44 -22.10
CA GLU T 114 41.79 -38.31 -21.17
C GLU T 114 40.83 -39.27 -20.48
N ILE T 115 39.71 -38.73 -19.96
CA ILE T 115 38.71 -39.57 -19.32
C ILE T 115 38.16 -40.60 -20.30
N LYS T 116 37.78 -40.17 -21.49
CA LYS T 116 37.24 -41.08 -22.49
C LYS T 116 38.23 -42.18 -22.84
N GLN T 117 39.53 -41.87 -22.79
CA GLN T 117 40.54 -42.89 -23.04
C GLN T 117 40.81 -43.74 -21.81
N ALA T 118 40.39 -43.29 -20.63
CA ALA T 118 40.67 -44.00 -19.38
C ALA T 118 39.58 -45.00 -19.01
N VAL T 119 38.32 -44.73 -19.33
CA VAL T 119 37.22 -45.63 -18.99
C VAL T 119 36.59 -46.13 -20.28
N THR T 120 35.78 -47.18 -20.15
CA THR T 120 35.09 -47.78 -21.29
C THR T 120 33.61 -47.48 -21.32
N ILE T 121 33.02 -47.10 -20.19
CA ILE T 121 31.59 -46.80 -20.10
C ILE T 121 31.28 -45.54 -20.88
N PRO T 122 30.01 -45.27 -21.19
CA PRO T 122 29.66 -43.97 -21.78
C PRO T 122 30.17 -42.83 -20.94
N VAL T 123 30.57 -41.75 -21.62
CA VAL T 123 31.13 -40.56 -20.98
C VAL T 123 30.30 -39.36 -21.39
N MET T 124 29.79 -38.64 -20.39
CA MET T 124 29.01 -37.44 -20.62
C MET T 124 29.87 -36.21 -20.46
N ALA T 125 29.28 -35.06 -20.79
CA ALA T 125 29.88 -33.77 -20.52
C ALA T 125 28.75 -32.76 -20.41
N LYS T 126 29.04 -31.66 -19.72
N LYS T 126 29.04 -31.66 -19.72
CA LYS T 126 28.05 -30.62 -19.48
CA LYS T 126 28.05 -30.62 -19.48
C LYS T 126 28.22 -29.50 -20.50
C LYS T 126 28.22 -29.50 -20.50
N ALA T 127 27.09 -28.96 -20.96
CA ALA T 127 27.07 -27.84 -21.88
C ALA T 127 26.09 -26.80 -21.34
N ARG T 128 26.50 -25.54 -21.38
CA ARG T 128 25.67 -24.48 -20.85
C ARG T 128 24.36 -24.40 -21.63
N ILE T 129 23.32 -23.93 -20.94
CA ILE T 129 21.99 -23.86 -21.55
C ILE T 129 22.00 -22.88 -22.70
N GLY T 130 21.47 -23.31 -23.84
CA GLY T 130 21.42 -22.47 -25.02
C GLY T 130 22.74 -22.24 -25.69
N HIS T 131 23.85 -22.73 -25.13
CA HIS T 131 25.16 -22.57 -25.73
C HIS T 131 25.37 -23.74 -26.70
N PHE T 132 24.86 -23.56 -27.92
CA PHE T 132 24.92 -24.65 -28.88
C PHE T 132 26.32 -24.85 -29.45
N VAL T 133 27.22 -23.90 -29.25
CA VAL T 133 28.58 -24.08 -29.76
C VAL T 133 29.39 -24.98 -28.84
N GLU T 134 29.16 -24.89 -27.52
CA GLU T 134 29.75 -25.88 -26.62
C GLU T 134 29.23 -27.27 -26.95
N ALA T 135 27.95 -27.37 -27.33
CA ALA T 135 27.41 -28.65 -27.75
C ALA T 135 28.07 -29.13 -29.04
N GLN T 136 28.33 -28.21 -29.98
CA GLN T 136 29.04 -28.59 -31.20
C GLN T 136 30.43 -29.11 -30.90
N ILE T 137 31.14 -28.43 -30.00
CA ILE T 137 32.47 -28.86 -29.61
C ILE T 137 32.44 -30.23 -28.97
N LEU T 138 31.48 -30.45 -28.07
CA LEU T 138 31.36 -31.74 -27.40
C LEU T 138 31.05 -32.85 -28.40
N GLU T 139 30.11 -32.59 -29.32
CA GLU T 139 29.80 -33.59 -30.34
C GLU T 139 31.00 -33.87 -31.22
N ALA T 140 31.85 -32.86 -31.47
CA ALA T 140 33.03 -33.08 -32.27
C ALA T 140 34.12 -33.81 -31.52
N ILE T 141 34.11 -33.76 -30.18
CA ILE T 141 35.05 -34.57 -29.40
C ILE T 141 34.65 -36.03 -29.46
N GLY T 142 33.36 -36.33 -29.52
CA GLY T 142 32.89 -37.68 -29.65
C GLY T 142 32.35 -38.30 -28.39
N ILE T 143 31.88 -37.49 -27.44
CA ILE T 143 31.34 -38.00 -26.20
C ILE T 143 30.02 -38.72 -26.49
N ASP T 144 29.55 -39.52 -25.55
CA ASP T 144 28.35 -40.32 -25.76
C ASP T 144 27.06 -39.58 -25.47
N TYR T 145 27.02 -38.78 -24.41
CA TYR T 145 25.84 -37.99 -24.08
C TYR T 145 26.27 -36.59 -23.71
N ILE T 146 25.41 -35.62 -23.99
CA ILE T 146 25.65 -34.23 -23.67
C ILE T 146 24.59 -33.79 -22.69
N ASP T 147 24.98 -33.11 -21.62
CA ASP T 147 24.06 -32.69 -20.57
C ASP T 147 23.94 -31.17 -20.66
N GLU T 148 22.80 -30.69 -21.13
CA GLU T 148 22.52 -29.26 -21.13
C GLU T 148 22.22 -28.87 -19.69
N SER T 149 23.28 -28.52 -18.96
CA SER T 149 23.26 -28.49 -17.50
C SER T 149 22.97 -27.09 -16.98
N GLU T 150 21.93 -26.98 -16.16
CA GLU T 150 21.69 -25.78 -15.38
C GLU T 150 22.59 -25.70 -14.16
N VAL T 151 23.27 -26.79 -13.80
CA VAL T 151 24.27 -26.74 -12.75
C VAL T 151 25.39 -25.79 -13.14
N LEU T 152 25.70 -25.70 -14.43
CA LEU T 152 26.64 -24.72 -14.94
C LEU T 152 25.99 -23.35 -14.99
N THR T 153 26.68 -22.41 -15.63
CA THR T 153 26.15 -21.07 -15.76
C THR T 153 25.28 -20.98 -17.00
N LEU T 154 24.17 -20.24 -16.89
CA LEU T 154 23.29 -20.01 -18.02
C LEU T 154 24.01 -19.22 -19.11
N ALA T 155 23.97 -19.75 -20.33
CA ALA T 155 24.50 -19.03 -21.48
C ALA T 155 23.43 -18.35 -22.30
N ASP T 156 22.19 -18.83 -22.26
CA ASP T 156 21.07 -18.19 -22.94
C ASP T 156 19.86 -18.32 -22.02
N GLU T 157 19.48 -17.21 -21.39
CA GLU T 157 18.41 -17.25 -20.40
C GLU T 157 17.06 -17.59 -21.02
N ASP T 158 16.83 -17.21 -22.27
CA ASP T 158 15.51 -17.36 -22.88
C ASP T 158 15.36 -18.62 -23.72
N HIS T 159 16.42 -19.10 -24.36
CA HIS T 159 16.31 -20.19 -25.32
C HIS T 159 17.26 -21.31 -24.96
N HIS T 160 16.79 -22.54 -25.15
CA HIS T 160 17.64 -23.72 -25.02
C HIS T 160 18.14 -24.16 -26.39
N ILE T 161 19.01 -25.16 -26.39
CA ILE T 161 19.58 -25.64 -27.64
C ILE T 161 18.50 -26.33 -28.47
N ASN T 162 18.49 -26.06 -29.77
CA ASN T 162 17.67 -26.83 -30.70
C ASN T 162 18.37 -28.16 -30.91
N LYS T 163 18.10 -29.09 -29.99
CA LYS T 163 18.89 -30.31 -29.90
C LYS T 163 18.63 -31.29 -31.03
N HIS T 164 17.83 -30.91 -32.02
CA HIS T 164 17.60 -31.80 -33.16
C HIS T 164 18.74 -31.74 -34.15
N ASN T 165 19.69 -30.82 -33.98
CA ASN T 165 20.76 -30.64 -34.95
C ASN T 165 21.96 -31.53 -34.69
N PHE T 166 21.99 -32.26 -33.58
CA PHE T 166 23.14 -33.08 -33.22
C PHE T 166 22.79 -34.56 -33.29
N ARG T 167 23.78 -35.38 -33.63
CA ARG T 167 23.59 -36.82 -33.64
C ARG T 167 23.82 -37.42 -32.25
N ILE T 168 24.24 -36.61 -31.29
CA ILE T 168 24.54 -37.09 -29.94
C ILE T 168 23.33 -36.85 -29.05
N PRO T 169 22.91 -37.83 -28.27
CA PRO T 169 21.74 -37.63 -27.40
C PRO T 169 22.04 -36.66 -26.28
N PHE T 170 21.03 -35.89 -25.91
CA PHE T 170 21.16 -34.86 -24.90
C PHE T 170 20.46 -35.27 -23.61
N VAL T 171 20.97 -34.76 -22.49
CA VAL T 171 20.34 -34.93 -21.19
C VAL T 171 19.97 -33.57 -20.65
N CYS T 172 18.68 -33.34 -20.44
CA CYS T 172 18.18 -32.03 -20.07
C CYS T 172 17.48 -32.07 -18.73
N GLY T 173 17.70 -31.03 -17.94
CA GLY T 173 17.07 -30.92 -16.65
C GLY T 173 15.61 -30.55 -16.74
N CYS T 174 14.89 -30.80 -15.65
CA CYS T 174 13.48 -30.47 -15.59
C CYS T 174 13.06 -30.30 -14.14
N ARG T 175 11.94 -29.62 -13.94
N ARG T 175 11.94 -29.62 -13.95
CA ARG T 175 11.37 -29.43 -12.62
CA ARG T 175 11.37 -29.38 -12.64
C ARG T 175 9.90 -29.81 -12.52
C ARG T 175 9.91 -29.81 -12.52
N ASN T 176 9.23 -30.07 -13.64
CA ASN T 176 7.84 -30.47 -13.63
C ASN T 176 7.54 -31.15 -14.96
N LEU T 177 6.27 -31.50 -15.17
CA LEU T 177 5.91 -32.19 -16.39
C LEU T 177 6.02 -31.28 -17.60
N GLY T 178 5.61 -30.02 -17.47
CA GLY T 178 5.68 -29.10 -18.60
C GLY T 178 7.08 -28.92 -19.11
N GLU T 179 8.04 -28.75 -18.19
N GLU T 179 8.05 -28.74 -18.20
CA GLU T 179 9.43 -28.54 -18.61
CA GLU T 179 9.43 -28.54 -18.61
C GLU T 179 10.01 -29.79 -19.25
C GLU T 179 9.99 -29.80 -19.26
N ALA T 180 9.70 -30.96 -18.68
CA ALA T 180 10.20 -32.21 -19.26
C ALA T 180 9.66 -32.40 -20.67
N LEU T 181 8.38 -32.09 -20.87
CA LEU T 181 7.80 -32.24 -22.20
C LEU T 181 8.37 -31.22 -23.18
N ARG T 182 8.60 -29.99 -22.73
CA ARG T 182 9.21 -29.01 -23.62
C ARG T 182 10.61 -29.43 -24.01
N ARG T 183 11.40 -29.95 -23.07
CA ARG T 183 12.76 -30.37 -23.39
C ARG T 183 12.74 -31.58 -24.32
N ILE T 184 11.77 -32.48 -24.16
CA ILE T 184 11.68 -33.62 -25.07
C ILE T 184 11.28 -33.14 -26.47
N ARG T 185 10.47 -32.09 -26.54
CA ARG T 185 10.11 -31.55 -27.84
C ARG T 185 11.30 -30.87 -28.50
N GLU T 186 12.12 -30.17 -27.73
CA GLU T 186 13.32 -29.55 -28.30
C GLU T 186 14.31 -30.58 -28.80
N GLY T 187 14.26 -31.82 -28.31
CA GLY T 187 15.13 -32.86 -28.84
C GLY T 187 15.87 -33.65 -27.78
N ALA T 188 15.62 -33.37 -26.50
CA ALA T 188 16.32 -34.06 -25.44
C ALA T 188 15.91 -35.53 -25.39
N ALA T 189 16.89 -36.41 -25.48
CA ALA T 189 16.65 -37.85 -25.49
C ALA T 189 16.69 -38.47 -24.11
N MET T 190 16.82 -37.66 -23.05
CA MET T 190 16.87 -38.18 -21.69
C MET T 190 16.69 -37.02 -20.74
N ILE T 191 15.86 -37.22 -19.72
CA ILE T 191 15.47 -36.15 -18.80
C ILE T 191 15.97 -36.48 -17.40
N ARG T 192 16.47 -35.47 -16.70
CA ARG T 192 16.84 -35.61 -15.31
C ARG T 192 16.17 -34.51 -14.49
N THR T 193 15.59 -34.89 -13.37
CA THR T 193 14.90 -33.93 -12.52
C THR T 193 15.91 -33.06 -11.78
N LYS T 194 15.67 -31.75 -11.84
CA LYS T 194 16.67 -30.77 -11.42
C LYS T 194 17.08 -30.92 -9.97
N GLY T 195 16.15 -30.68 -9.04
CA GLY T 195 16.56 -30.69 -7.65
C GLY T 195 17.23 -29.41 -7.25
N GLU T 196 18.34 -29.53 -6.54
CA GLU T 196 19.15 -28.41 -6.08
C GLU T 196 20.61 -28.86 -6.06
N ALA T 197 21.49 -28.01 -6.57
CA ALA T 197 22.86 -28.44 -6.84
C ALA T 197 23.82 -28.06 -5.72
N GLY T 198 24.31 -29.06 -4.99
CA GLY T 198 25.48 -28.90 -4.16
C GLY T 198 25.26 -29.02 -2.66
N THR T 199 24.02 -29.15 -2.19
CA THR T 199 23.76 -29.12 -0.76
C THR T 199 23.59 -30.49 -0.13
N GLY T 200 23.40 -31.54 -0.93
CA GLY T 200 23.15 -32.85 -0.36
C GLY T 200 21.79 -33.03 0.27
N ASN T 201 20.88 -32.09 0.05
CA ASN T 201 19.54 -32.15 0.61
C ASN T 201 18.56 -32.51 -0.52
N ILE T 202 17.87 -33.64 -0.36
CA ILE T 202 17.04 -34.17 -1.44
C ILE T 202 15.60 -33.70 -1.38
N ILE T 203 15.29 -32.70 -0.56
CA ILE T 203 13.90 -32.24 -0.44
C ILE T 203 13.38 -31.74 -1.78
N GLU T 204 14.20 -30.96 -2.50
CA GLU T 204 13.75 -30.42 -3.78
C GLU T 204 13.73 -31.50 -4.86
N ALA T 205 14.73 -32.38 -4.89
CA ALA T 205 14.70 -33.47 -5.86
C ALA T 205 13.50 -34.37 -5.64
N VAL T 206 13.19 -34.67 -4.37
CA VAL T 206 12.02 -35.49 -4.07
C VAL T 206 10.75 -34.78 -4.50
N ARG T 207 10.67 -33.48 -4.22
CA ARG T 207 9.49 -32.71 -4.62
C ARG T 207 9.32 -32.72 -6.12
N HIS T 208 10.42 -32.65 -6.87
CA HIS T 208 10.31 -32.61 -8.33
C HIS T 208 9.92 -33.97 -8.90
N VAL T 209 10.53 -35.05 -8.40
CA VAL T 209 10.10 -36.38 -8.81
C VAL T 209 8.62 -36.57 -8.52
N ARG T 210 8.18 -36.17 -7.33
CA ARG T 210 6.77 -36.34 -6.98
C ARG T 210 5.88 -35.49 -7.86
N SER T 211 6.32 -34.28 -8.23
CA SER T 211 5.51 -33.42 -9.09
C SER T 211 5.37 -34.02 -10.48
N VAL T 212 6.48 -34.51 -11.05
CA VAL T 212 6.44 -35.09 -12.39
C VAL T 212 5.56 -36.34 -12.39
N ASN T 213 5.79 -37.24 -11.43
CA ASN T 213 5.03 -38.48 -11.43
C ASN T 213 3.56 -38.24 -11.08
N GLY T 214 3.29 -37.21 -10.28
CA GLY T 214 1.90 -36.89 -9.96
C GLY T 214 1.17 -36.29 -11.14
N ASP T 215 1.82 -35.40 -11.89
CA ASP T 215 1.21 -34.90 -13.11
C ASP T 215 0.99 -36.02 -14.11
N ILE T 216 1.91 -36.97 -14.22
CA ILE T 216 1.72 -38.08 -15.15
C ILE T 216 0.55 -38.95 -14.72
N ARG T 217 0.44 -39.24 -13.42
CA ARG T 217 -0.69 -40.03 -12.93
C ARG T 217 -2.01 -39.30 -13.13
N VAL T 218 -2.01 -37.98 -12.94
CA VAL T 218 -3.21 -37.18 -13.18
C VAL T 218 -3.60 -37.25 -14.65
N LEU T 219 -2.60 -37.15 -15.53
CA LEU T 219 -2.86 -37.20 -16.96
C LEU T 219 -3.40 -38.55 -17.39
N ARG T 220 -2.94 -39.63 -16.75
CA ARG T 220 -3.31 -40.97 -17.20
C ARG T 220 -4.80 -41.20 -17.13
N ASN T 221 -5.48 -40.67 -16.12
CA ASN T 221 -6.93 -40.79 -16.01
C ASN T 221 -7.69 -39.61 -16.58
N MET T 222 -7.02 -38.49 -16.81
CA MET T 222 -7.69 -37.26 -17.22
C MET T 222 -8.57 -37.49 -18.44
N ASP T 223 -9.74 -36.87 -18.44
CA ASP T 223 -10.66 -36.97 -19.57
C ASP T 223 -10.01 -36.37 -20.81
N ASP T 224 -10.27 -36.99 -21.96
CA ASP T 224 -9.68 -36.52 -23.22
C ASP T 224 -10.03 -35.06 -23.47
N ASP T 225 -11.30 -34.70 -23.33
CA ASP T 225 -11.75 -33.34 -23.62
C ASP T 225 -11.05 -32.30 -22.77
N GLU T 226 -10.51 -32.68 -21.62
CA GLU T 226 -9.80 -31.74 -20.76
C GLU T 226 -8.31 -31.68 -21.06
N VAL T 227 -7.75 -32.70 -21.72
CA VAL T 227 -6.32 -32.78 -21.93
C VAL T 227 -5.78 -31.50 -22.56
N PHE T 228 -6.47 -30.97 -23.57
CA PHE T 228 -6.03 -29.74 -24.22
C PHE T 228 -5.78 -28.63 -23.19
N THR T 229 -6.75 -28.39 -22.31
CA THR T 229 -6.56 -27.36 -21.30
C THR T 229 -5.36 -27.67 -20.42
N PHE T 230 -5.19 -28.95 -20.05
CA PHE T 230 -4.01 -29.36 -19.30
C PHE T 230 -2.73 -28.98 -20.05
N ALA T 231 -2.72 -29.23 -21.37
CA ALA T 231 -1.54 -28.87 -22.17
C ALA T 231 -1.29 -27.38 -22.12
N LYS T 232 -2.34 -26.58 -21.98
CA LYS T 232 -2.15 -25.13 -21.84
C LYS T 232 -1.69 -24.77 -20.43
N LYS T 233 -2.14 -25.54 -19.44
CA LYS T 233 -1.73 -25.27 -18.07
C LYS T 233 -0.24 -25.49 -17.89
N LEU T 234 0.30 -26.54 -18.50
CA LEU T 234 1.73 -26.80 -18.46
C LEU T 234 2.51 -25.98 -19.48
N ALA T 235 1.85 -25.46 -20.52
CA ALA T 235 2.51 -24.87 -21.67
C ALA T 235 3.46 -25.88 -22.31
N ALA T 236 2.97 -27.11 -22.46
CA ALA T 236 3.70 -28.21 -23.07
C ALA T 236 3.05 -28.60 -24.39
N PRO T 237 3.82 -29.10 -25.35
CA PRO T 237 3.24 -29.50 -26.63
C PRO T 237 2.15 -30.56 -26.43
N TYR T 238 1.03 -30.37 -27.13
CA TYR T 238 -0.11 -31.28 -26.92
C TYR T 238 0.20 -32.68 -27.41
N ASP T 239 0.93 -32.81 -28.51
CA ASP T 239 1.24 -34.14 -29.01
C ASP T 239 2.05 -34.95 -28.01
N LEU T 240 3.01 -34.29 -27.35
CA LEU T 240 3.78 -34.98 -26.32
C LEU T 240 2.92 -35.26 -25.09
N VAL T 241 1.96 -34.39 -24.79
CA VAL T 241 1.05 -34.65 -23.67
C VAL T 241 0.21 -35.89 -23.94
N MET T 242 -0.27 -36.04 -25.17
CA MET T 242 -1.05 -37.21 -25.52
C MET T 242 -0.17 -38.46 -25.54
N GLN T 243 1.07 -38.33 -26.00
CA GLN T 243 1.99 -39.47 -25.97
C GLN T 243 2.26 -39.91 -24.54
N THR T 244 2.44 -38.95 -23.62
CA THR T 244 2.58 -39.28 -22.22
C THR T 244 1.33 -39.98 -21.68
N LYS T 245 0.16 -39.42 -21.98
CA LYS T 245 -1.09 -40.01 -21.49
C LYS T 245 -1.25 -41.44 -22.00
N GLN T 246 -0.79 -41.71 -23.23
CA GLN T 246 -0.89 -43.07 -23.75
C GLN T 246 0.13 -43.99 -23.08
N LEU T 247 1.36 -43.51 -22.91
CA LEU T 247 2.41 -44.37 -22.36
C LEU T 247 2.30 -44.53 -20.85
N GLY T 248 1.64 -43.60 -20.17
CA GLY T 248 1.60 -43.66 -18.73
C GLY T 248 2.86 -43.20 -18.05
N ARG T 249 3.81 -42.66 -18.81
N ARG T 249 3.80 -42.65 -18.80
CA ARG T 249 5.07 -42.18 -18.24
CA ARG T 249 5.07 -42.20 -18.26
C ARG T 249 5.70 -41.21 -19.24
C ARG T 249 5.67 -41.19 -19.23
N LEU T 250 6.78 -40.59 -18.81
CA LEU T 250 7.48 -39.66 -19.68
C LEU T 250 8.08 -40.42 -20.86
N PRO T 251 7.96 -39.91 -22.09
CA PRO T 251 8.34 -40.70 -23.27
C PRO T 251 9.82 -41.01 -23.37
N VAL T 252 10.64 -40.59 -22.42
CA VAL T 252 12.09 -40.81 -22.46
C VAL T 252 12.54 -41.36 -21.11
N VAL T 253 13.82 -41.70 -21.05
CA VAL T 253 14.41 -42.11 -19.78
C VAL T 253 14.40 -40.91 -18.84
N GLN T 254 14.23 -41.19 -17.55
CA GLN T 254 13.98 -40.16 -16.56
C GLN T 254 14.85 -40.42 -15.35
N PHE T 255 15.85 -39.56 -15.14
CA PHE T 255 16.83 -39.71 -14.08
C PHE T 255 16.56 -38.69 -12.98
N ALA T 256 17.16 -38.92 -11.82
CA ALA T 256 17.10 -37.98 -10.72
C ALA T 256 18.46 -37.38 -10.46
N ALA T 257 18.47 -36.15 -9.93
CA ALA T 257 19.72 -35.46 -9.71
C ALA T 257 19.53 -34.42 -8.62
N GLY T 258 20.59 -34.16 -7.87
CA GLY T 258 20.58 -33.08 -6.89
C GLY T 258 20.37 -33.56 -5.48
N GLY T 259 21.45 -33.64 -4.70
CA GLY T 259 21.36 -33.99 -3.31
C GLY T 259 21.49 -35.46 -2.99
N VAL T 260 21.54 -36.33 -4.00
CA VAL T 260 21.64 -37.77 -3.75
C VAL T 260 23.03 -38.03 -3.19
N ALA T 261 23.10 -38.33 -1.88
CA ALA T 261 24.37 -38.50 -1.20
C ALA T 261 24.55 -39.84 -0.53
N THR T 262 23.48 -40.53 -0.14
CA THR T 262 23.55 -41.79 0.57
C THR T 262 22.74 -42.84 -0.19
N PRO T 263 23.04 -44.13 0.04
CA PRO T 263 22.26 -45.18 -0.65
C PRO T 263 20.76 -45.09 -0.37
N ALA T 264 20.38 -44.58 0.81
CA ALA T 264 18.97 -44.38 1.09
C ALA T 264 18.34 -43.40 0.11
N ASP T 265 19.07 -42.34 -0.24
CA ASP T 265 18.53 -41.35 -1.18
C ASP T 265 18.38 -41.94 -2.57
N ALA T 266 19.37 -42.73 -3.01
CA ALA T 266 19.29 -43.35 -4.33
C ALA T 266 18.13 -44.33 -4.40
N ALA T 267 17.97 -45.15 -3.37
CA ALA T 267 16.84 -46.07 -3.33
C ALA T 267 15.52 -45.33 -3.27
N LEU T 268 15.47 -44.20 -2.56
CA LEU T 268 14.26 -43.39 -2.52
C LEU T 268 13.90 -42.88 -3.91
N MET T 269 14.89 -42.34 -4.63
CA MET T 269 14.63 -41.87 -5.98
C MET T 269 14.15 -43.00 -6.88
N MET T 270 14.80 -44.16 -6.80
CA MET T 270 14.43 -45.27 -7.67
C MET T 270 13.07 -45.85 -7.29
N GLN T 271 12.63 -45.63 -6.05
CA GLN T 271 11.31 -46.13 -5.65
C GLN T 271 10.23 -45.11 -5.94
N LEU T 272 10.58 -43.82 -6.06
CA LEU T 272 9.59 -42.83 -6.46
C LEU T 272 9.26 -42.91 -7.93
N GLY T 273 9.99 -43.70 -8.71
CA GLY T 273 9.65 -43.92 -10.10
C GLY T 273 10.75 -43.61 -11.09
N CYS T 274 11.86 -43.05 -10.62
CA CYS T 274 12.95 -42.70 -11.52
C CYS T 274 13.59 -43.94 -12.11
N ASP T 275 14.50 -43.71 -13.05
CA ASP T 275 15.26 -44.78 -13.70
C ASP T 275 16.74 -44.76 -13.32
N GLY T 276 17.17 -43.78 -12.55
CA GLY T 276 18.58 -43.66 -12.19
C GLY T 276 18.79 -42.41 -11.38
N VAL T 277 20.05 -42.18 -11.01
CA VAL T 277 20.42 -41.07 -10.15
C VAL T 277 21.72 -40.44 -10.62
N PHE T 278 21.92 -39.17 -10.26
CA PHE T 278 23.18 -38.48 -10.43
C PHE T 278 23.81 -38.21 -9.06
N VAL T 279 25.10 -38.50 -8.94
CA VAL T 279 25.85 -38.30 -7.70
C VAL T 279 27.10 -37.49 -8.04
N GLY T 280 27.17 -36.26 -7.55
CA GLY T 280 28.20 -35.35 -8.03
C GLY T 280 29.51 -35.23 -7.28
N SER T 281 29.46 -34.84 -6.00
CA SER T 281 30.69 -34.47 -5.30
C SER T 281 30.88 -35.16 -3.97
N GLY T 282 29.82 -35.36 -3.20
CA GLY T 282 29.96 -35.87 -1.85
C GLY T 282 30.55 -37.26 -1.75
N ILE T 283 30.76 -37.93 -2.88
CA ILE T 283 31.27 -39.29 -2.88
C ILE T 283 32.79 -39.28 -2.75
N PHE T 284 33.44 -38.40 -3.50
CA PHE T 284 34.89 -38.38 -3.55
C PHE T 284 35.51 -37.43 -2.53
N LYS T 285 34.69 -36.71 -1.77
CA LYS T 285 35.17 -35.87 -0.68
C LYS T 285 34.96 -36.52 0.68
N SER T 286 34.51 -37.76 0.72
CA SER T 286 34.15 -38.44 1.96
C SER T 286 35.34 -39.22 2.52
N GLY T 287 35.06 -39.99 3.57
CA GLY T 287 36.10 -40.80 4.18
C GLY T 287 36.61 -41.91 3.27
N ASP T 288 35.71 -42.54 2.51
CA ASP T 288 36.06 -43.59 1.55
C ASP T 288 35.19 -43.42 0.32
N PRO T 289 35.78 -42.99 -0.80
CA PRO T 289 34.96 -42.79 -2.00
C PRO T 289 34.49 -44.09 -2.65
N ALA T 290 35.38 -45.08 -2.77
CA ALA T 290 35.00 -46.32 -3.42
C ALA T 290 33.87 -47.02 -2.68
N ARG T 291 33.92 -47.02 -1.35
CA ARG T 291 32.88 -47.68 -0.57
C ARG T 291 31.53 -47.02 -0.77
N ARG T 292 31.47 -45.70 -0.68
CA ARG T 292 30.19 -45.01 -0.83
C ARG T 292 29.66 -45.13 -2.25
N ALA T 293 30.55 -45.07 -3.25
CA ALA T 293 30.11 -45.19 -4.64
C ALA T 293 29.54 -46.59 -4.89
N ARG T 294 30.24 -47.62 -4.40
CA ARG T 294 29.73 -48.98 -4.55
C ARG T 294 28.41 -49.15 -3.81
N ALA T 295 28.28 -48.52 -2.65
CA ALA T 295 27.03 -48.61 -1.90
C ALA T 295 25.88 -47.97 -2.66
N ILE T 296 26.11 -46.81 -3.27
CA ILE T 296 25.04 -46.15 -4.01
C ILE T 296 24.68 -46.95 -5.26
N VAL T 297 25.68 -47.52 -5.93
CA VAL T 297 25.40 -48.36 -7.09
C VAL T 297 24.55 -49.56 -6.70
N GLN T 298 24.93 -50.22 -5.60
CA GLN T 298 24.17 -51.37 -5.13
C GLN T 298 22.76 -50.97 -4.71
N ALA T 299 22.60 -49.75 -4.16
CA ALA T 299 21.28 -49.30 -3.77
C ALA T 299 20.40 -49.07 -4.99
N VAL T 300 20.97 -48.50 -6.05
CA VAL T 300 20.19 -48.31 -7.28
C VAL T 300 19.84 -49.65 -7.90
N THR T 301 20.78 -50.61 -7.87
CA THR T 301 20.51 -51.91 -8.46
C THR T 301 19.46 -52.68 -7.68
N HIS T 302 19.47 -52.54 -6.35
CA HIS T 302 18.57 -53.29 -5.46
C HIS T 302 17.66 -52.36 -4.67
N TYR T 303 17.00 -51.42 -5.35
CA TYR T 303 16.21 -50.40 -4.67
C TYR T 303 15.02 -50.98 -3.91
N SER T 304 14.71 -52.26 -4.08
CA SER T 304 13.60 -52.89 -3.38
C SER T 304 14.06 -53.92 -2.35
N ASP T 305 15.30 -53.83 -1.88
CA ASP T 305 15.87 -54.78 -0.94
C ASP T 305 16.36 -54.04 0.30
N PRO T 306 15.54 -53.94 1.34
CA PRO T 306 15.97 -53.20 2.55
C PRO T 306 17.19 -53.80 3.21
N GLU T 307 17.32 -55.13 3.25
CA GLU T 307 18.50 -55.73 3.85
C GLU T 307 19.76 -55.38 3.08
N MET T 308 19.66 -55.31 1.75
CA MET T 308 20.82 -54.90 0.95
C MET T 308 21.17 -53.44 1.21
N LEU T 309 20.16 -52.57 1.29
CA LEU T 309 20.41 -51.18 1.63
C LEU T 309 21.08 -51.04 2.99
N VAL T 310 20.73 -51.93 3.92
CA VAL T 310 21.36 -51.91 5.24
C VAL T 310 22.81 -52.34 5.14
N GLU T 311 23.06 -53.46 4.46
CA GLU T 311 24.42 -54.00 4.39
C GLU T 311 25.36 -53.03 3.68
N VAL T 312 24.88 -52.37 2.62
CA VAL T 312 25.72 -51.42 1.91
C VAL T 312 25.93 -50.15 2.72
N SER T 313 25.10 -49.90 3.73
CA SER T 313 25.28 -48.73 4.59
C SER T 313 26.04 -49.11 5.86
N PRO U 51 30.96 12.72 -44.72
CA PRO U 51 31.31 11.48 -45.41
C PRO U 51 31.08 10.25 -44.54
N PHE U 52 29.86 10.10 -44.01
CA PHE U 52 29.57 8.99 -43.11
C PHE U 52 29.80 7.65 -43.80
N SER U 53 29.42 7.54 -45.07
CA SER U 53 29.63 6.30 -45.80
C SER U 53 31.10 5.93 -45.88
N VAL U 54 31.99 6.93 -45.90
CA VAL U 54 33.41 6.64 -45.87
C VAL U 54 33.80 5.97 -44.56
N LYS U 55 33.24 6.46 -43.44
CA LYS U 55 33.51 5.85 -42.15
C LYS U 55 32.96 4.43 -42.08
N VAL U 56 31.76 4.23 -42.63
CA VAL U 56 31.18 2.88 -42.64
C VAL U 56 32.07 1.94 -43.44
N GLY U 57 32.49 2.35 -44.64
CA GLY U 57 33.36 1.50 -45.43
C GLY U 57 34.71 1.27 -44.79
N LEU U 58 35.19 2.26 -44.03
CA LEU U 58 36.46 2.12 -43.34
C LEU U 58 36.35 1.10 -42.22
N ALA U 59 35.23 1.09 -41.50
CA ALA U 59 35.02 0.12 -40.45
C ALA U 59 34.72 -1.28 -40.98
N GLN U 60 34.45 -1.41 -42.28
CA GLN U 60 34.10 -2.71 -42.85
C GLN U 60 35.26 -3.70 -42.76
N MET U 61 36.50 -3.21 -42.84
CA MET U 61 37.64 -4.12 -42.86
C MET U 61 37.84 -4.81 -41.51
N LEU U 62 37.09 -4.41 -40.48
CA LEU U 62 37.14 -5.11 -39.21
C LEU U 62 36.22 -6.32 -39.16
N ARG U 63 35.40 -6.53 -40.20
CA ARG U 63 34.46 -7.64 -40.19
C ARG U 63 35.20 -8.98 -40.12
N GLY U 64 34.68 -9.89 -39.30
CA GLY U 64 35.26 -11.20 -39.16
C GLY U 64 36.56 -11.23 -38.40
N GLY U 65 36.79 -10.29 -37.50
CA GLY U 65 38.01 -10.24 -36.73
C GLY U 65 37.74 -10.16 -35.23
N VAL U 66 38.83 -10.00 -34.48
CA VAL U 66 38.80 -9.94 -33.02
C VAL U 66 39.45 -8.66 -32.57
N ILE U 67 38.88 -8.03 -31.54
CA ILE U 67 39.43 -6.81 -30.96
C ILE U 67 39.76 -7.08 -29.51
N MET U 68 40.99 -6.77 -29.10
CA MET U 68 41.52 -7.17 -27.81
C MET U 68 42.00 -5.96 -27.04
N ASP U 69 41.54 -5.81 -25.79
CA ASP U 69 42.02 -4.73 -24.94
C ASP U 69 43.46 -4.99 -24.53
N VAL U 70 44.35 -4.07 -24.91
CA VAL U 70 45.75 -4.16 -24.55
C VAL U 70 46.08 -3.01 -23.62
N VAL U 71 47.09 -3.21 -22.77
CA VAL U 71 47.48 -2.21 -21.77
C VAL U 71 48.93 -1.84 -21.86
N ASN U 72 49.69 -2.42 -22.78
CA ASN U 72 51.08 -2.04 -22.98
C ASN U 72 51.50 -2.44 -24.38
N ALA U 73 52.72 -2.07 -24.75
CA ALA U 73 53.23 -2.46 -26.07
C ALA U 73 53.41 -3.97 -26.18
N GLU U 74 53.66 -4.65 -25.06
CA GLU U 74 53.89 -6.09 -25.12
C GLU U 74 52.59 -6.85 -25.33
N GLN U 75 51.55 -6.50 -24.57
CA GLN U 75 50.24 -7.10 -24.80
C GLN U 75 49.73 -6.76 -26.20
N ALA U 76 50.02 -5.54 -26.67
CA ALA U 76 49.63 -5.17 -28.03
C ALA U 76 50.34 -6.03 -29.05
N ARG U 77 51.64 -6.27 -28.87
CA ARG U 77 52.37 -7.12 -29.80
C ARG U 77 51.84 -8.55 -29.78
N ILE U 78 51.56 -9.07 -28.59
CA ILE U 78 50.98 -10.42 -28.50
C ILE U 78 49.66 -10.48 -29.25
N ALA U 79 48.75 -9.55 -28.94
CA ALA U 79 47.44 -9.54 -29.57
C ALA U 79 47.57 -9.36 -31.08
N GLU U 80 48.64 -8.71 -31.54
CA GLU U 80 48.86 -8.62 -32.97
C GLU U 80 49.29 -9.96 -33.55
N GLU U 81 50.22 -10.65 -32.89
CA GLU U 81 50.71 -11.91 -33.41
C GLU U 81 49.65 -13.00 -33.33
N ALA U 82 48.69 -12.86 -32.43
CA ALA U 82 47.58 -13.81 -32.37
C ALA U 82 46.62 -13.67 -33.54
N GLY U 83 46.71 -12.58 -34.30
CA GLY U 83 45.87 -12.39 -35.45
C GLY U 83 44.70 -11.45 -35.26
N ALA U 84 44.68 -10.67 -34.18
CA ALA U 84 43.57 -9.74 -33.97
C ALA U 84 43.54 -8.69 -35.06
N CYS U 85 42.35 -8.15 -35.31
CA CYS U 85 42.18 -7.13 -36.33
C CYS U 85 42.39 -5.71 -35.80
N ALA U 86 42.28 -5.51 -34.49
CA ALA U 86 42.48 -4.19 -33.89
C ALA U 86 42.69 -4.38 -32.41
N VAL U 87 43.31 -3.38 -31.79
CA VAL U 87 43.53 -3.37 -30.35
C VAL U 87 42.89 -2.12 -29.76
N MET U 88 42.47 -2.22 -28.51
CA MET U 88 41.82 -1.12 -27.80
C MET U 88 42.73 -0.70 -26.66
N ALA U 89 43.58 0.28 -26.92
CA ALA U 89 44.53 0.75 -25.92
C ALA U 89 43.81 1.28 -24.69
N LEU U 90 44.31 0.95 -23.51
CA LEU U 90 43.75 1.42 -22.27
C LEU U 90 44.76 1.21 -21.14
N GLU U 91 44.76 2.13 -20.18
CA GLU U 91 45.83 2.18 -19.18
C GLU U 91 45.82 0.95 -18.29
N ARG U 92 44.64 0.52 -17.83
CA ARG U 92 44.53 -0.62 -16.92
C ARG U 92 43.21 -1.32 -17.20
N VAL U 93 43.24 -2.64 -17.20
CA VAL U 93 42.17 -3.50 -17.71
C VAL U 93 40.82 -3.19 -17.06
N PRO U 94 39.70 -3.58 -17.68
CA PRO U 94 38.41 -3.48 -16.99
C PRO U 94 38.40 -4.17 -15.64
N ALA U 95 39.18 -5.25 -15.49
CA ALA U 95 39.33 -5.86 -14.16
C ALA U 95 39.92 -4.87 -13.17
N ASP U 96 40.87 -4.04 -13.61
CA ASP U 96 41.37 -2.97 -12.75
C ASP U 96 40.31 -1.90 -12.51
N ILE U 97 39.51 -1.59 -13.53
CA ILE U 97 38.42 -0.63 -13.35
C ILE U 97 37.46 -1.12 -12.27
N ARG U 98 37.29 -2.44 -12.17
CA ARG U 98 36.38 -3.00 -11.15
C ARG U 98 37.05 -3.07 -9.80
N ALA U 99 38.33 -3.50 -9.76
CA ALA U 99 38.99 -3.77 -8.48
C ALA U 99 39.49 -2.48 -7.83
N GLN U 100 40.31 -1.70 -8.55
CA GLN U 100 40.82 -0.46 -8.03
C GLN U 100 39.72 0.56 -7.78
N GLY U 101 38.53 0.35 -8.35
CA GLY U 101 37.44 1.28 -8.19
C GLY U 101 37.74 2.61 -8.86
N GLY U 102 37.12 3.65 -8.31
CA GLY U 102 37.35 5.00 -8.81
C GLY U 102 36.80 5.19 -10.20
N VAL U 103 37.08 6.37 -10.73
CA VAL U 103 36.62 6.75 -12.07
C VAL U 103 37.67 6.32 -13.09
N ALA U 104 37.21 5.82 -14.24
CA ALA U 104 38.08 5.46 -15.35
C ALA U 104 37.83 6.44 -16.48
N ARG U 105 38.91 6.89 -17.11
CA ARG U 105 38.82 7.92 -18.14
C ARG U 105 39.46 7.41 -19.42
N MET U 106 39.59 8.31 -20.39
CA MET U 106 40.32 8.02 -21.61
C MET U 106 41.74 7.59 -21.26
N SER U 107 42.26 6.63 -22.02
CA SER U 107 43.61 6.16 -21.80
C SER U 107 44.63 7.26 -22.05
N ASP U 108 45.80 7.10 -21.45
CA ASP U 108 46.81 8.15 -21.47
C ASP U 108 47.40 8.31 -22.88
N PRO U 109 47.57 9.54 -23.36
CA PRO U 109 48.08 9.72 -24.73
C PRO U 109 49.45 9.10 -24.99
N GLN U 110 50.34 9.10 -24.00
CA GLN U 110 51.69 8.57 -24.22
C GLN U 110 51.66 7.09 -24.53
N MET U 111 50.87 6.32 -23.76
CA MET U 111 50.81 4.89 -24.02
C MET U 111 50.06 4.60 -25.31
N ILE U 112 49.10 5.44 -25.67
CA ILE U 112 48.46 5.29 -26.98
C ILE U 112 49.49 5.47 -28.09
N LYS U 113 50.34 6.48 -27.99
CA LYS U 113 51.36 6.69 -29.01
C LYS U 113 52.35 5.53 -29.04
N GLU U 114 52.70 5.01 -27.86
CA GLU U 114 53.61 3.87 -27.80
C GLU U 114 53.02 2.64 -28.49
N ILE U 115 51.76 2.32 -28.17
CA ILE U 115 51.08 1.20 -28.81
C ILE U 115 50.99 1.41 -30.32
N LYS U 116 50.54 2.60 -30.73
CA LYS U 116 50.41 2.89 -32.14
C LYS U 116 51.74 2.75 -32.87
N GLN U 117 52.84 3.05 -32.20
CA GLN U 117 54.16 2.85 -32.80
C GLN U 117 54.62 1.41 -32.70
N ALA U 118 54.01 0.61 -31.84
CA ALA U 118 54.45 -0.77 -31.63
C ALA U 118 53.77 -1.78 -32.54
N VAL U 119 52.52 -1.53 -32.95
CA VAL U 119 51.78 -2.45 -33.81
C VAL U 119 51.44 -1.76 -35.11
N THR U 120 51.00 -2.55 -36.08
CA THR U 120 50.62 -2.04 -37.39
C THR U 120 49.13 -2.06 -37.64
N ILE U 121 48.39 -2.88 -36.90
CA ILE U 121 46.95 -3.02 -37.08
C ILE U 121 46.25 -1.74 -36.61
N PRO U 122 44.99 -1.52 -36.97
CA PRO U 122 44.25 -0.38 -36.41
C PRO U 122 44.28 -0.40 -34.89
N VAL U 123 44.35 0.79 -34.30
CA VAL U 123 44.42 0.96 -32.86
C VAL U 123 43.21 1.77 -32.41
N MET U 124 42.46 1.22 -31.47
CA MET U 124 41.30 1.90 -30.92
C MET U 124 41.66 2.54 -29.59
N ALA U 125 40.73 3.35 -29.09
CA ALA U 125 40.82 3.90 -27.75
C ALA U 125 39.42 4.19 -27.26
N LYS U 126 39.27 4.25 -25.95
N LYS U 126 39.27 4.26 -25.94
CA LYS U 126 37.98 4.47 -25.32
CA LYS U 126 37.98 4.47 -25.32
C LYS U 126 37.79 5.94 -24.97
C LYS U 126 37.79 5.93 -24.97
N ALA U 127 36.57 6.43 -25.13
CA ALA U 127 36.21 7.78 -24.75
C ALA U 127 34.92 7.73 -23.95
N ARG U 128 34.86 8.48 -22.87
CA ARG U 128 33.68 8.47 -22.02
C ARG U 128 32.47 8.96 -22.81
N ILE U 129 31.29 8.47 -22.40
CA ILE U 129 30.08 8.78 -23.14
C ILE U 129 29.76 10.26 -23.01
N GLY U 130 29.54 10.92 -24.13
CA GLY U 130 29.24 12.33 -24.15
C GLY U 130 30.43 13.24 -23.87
N HIS U 131 31.62 12.68 -23.70
CA HIS U 131 32.82 13.48 -23.46
C HIS U 131 33.49 13.74 -24.80
N PHE U 132 32.99 14.76 -25.49
CA PHE U 132 33.50 15.04 -26.83
C PHE U 132 34.91 15.62 -26.83
N VAL U 133 35.39 16.10 -25.69
CA VAL U 133 36.75 16.62 -25.65
C VAL U 133 37.76 15.49 -25.61
N GLU U 134 37.45 14.41 -24.90
CA GLU U 134 38.30 13.22 -24.97
C GLU U 134 38.32 12.68 -26.39
N ALA U 135 37.19 12.73 -27.08
CA ALA U 135 37.16 12.32 -28.48
C ALA U 135 38.00 13.24 -29.35
N GLN U 136 37.98 14.55 -29.08
CA GLN U 136 38.83 15.47 -29.82
C GLN U 136 40.30 15.16 -29.59
N ILE U 137 40.67 14.87 -28.35
CA ILE U 137 42.05 14.52 -28.03
C ILE U 137 42.46 13.25 -28.75
N LEU U 138 41.59 12.24 -28.74
CA LEU U 138 41.90 10.98 -29.41
C LEU U 138 42.04 11.18 -30.91
N GLU U 139 41.16 11.95 -31.52
CA GLU U 139 41.27 12.22 -32.95
C GLU U 139 42.54 13.01 -33.26
N ALA U 140 42.96 13.87 -32.35
CA ALA U 140 44.20 14.62 -32.57
C ALA U 140 45.43 13.76 -32.40
N ILE U 141 45.35 12.69 -31.60
CA ILE U 141 46.45 11.75 -31.51
C ILE U 141 46.61 10.98 -32.82
N GLY U 142 45.50 10.69 -33.50
CA GLY U 142 45.56 10.02 -34.78
C GLY U 142 45.19 8.56 -34.75
N ILE U 143 44.43 8.12 -33.75
CA ILE U 143 44.03 6.72 -33.66
C ILE U 143 43.05 6.42 -34.78
N ASP U 144 42.80 5.13 -35.02
CA ASP U 144 41.96 4.71 -36.13
C ASP U 144 40.48 4.67 -35.80
N TYR U 145 40.11 4.15 -34.64
CA TYR U 145 38.72 4.10 -34.22
C TYR U 145 38.60 4.56 -32.79
N ILE U 146 37.50 5.22 -32.47
CA ILE U 146 37.21 5.71 -31.13
C ILE U 146 36.01 4.96 -30.60
N ASP U 147 36.10 4.47 -29.38
CA ASP U 147 35.02 3.71 -28.76
C ASP U 147 34.38 4.56 -27.67
N GLU U 148 33.20 5.11 -27.96
CA GLU U 148 32.43 5.81 -26.94
C GLU U 148 31.91 4.75 -25.99
N SER U 149 32.68 4.47 -24.95
CA SER U 149 32.57 3.22 -24.21
C SER U 149 31.84 3.42 -22.89
N GLU U 150 30.76 2.66 -22.69
CA GLU U 150 30.07 2.58 -21.42
C GLU U 150 30.83 1.75 -20.40
N VAL U 151 31.85 0.99 -20.83
CA VAL U 151 32.70 0.28 -19.88
C VAL U 151 33.42 1.28 -18.99
N LEU U 152 33.79 2.43 -19.53
CA LEU U 152 34.34 3.52 -18.75
C LEU U 152 33.23 4.19 -17.95
N THR U 153 33.58 5.31 -17.31
CA THR U 153 32.61 6.03 -16.52
C THR U 153 31.85 7.03 -17.38
N LEU U 154 30.55 7.16 -17.12
CA LEU U 154 29.71 8.12 -17.81
C LEU U 154 30.21 9.54 -17.57
N ALA U 155 30.39 10.29 -18.66
CA ALA U 155 30.72 11.71 -18.56
C ALA U 155 29.52 12.61 -18.81
N ASP U 156 28.55 12.14 -19.60
CA ASP U 156 27.31 12.87 -19.82
C ASP U 156 26.18 11.86 -19.80
N GLU U 157 25.40 11.85 -18.72
CA GLU U 157 24.37 10.84 -18.54
C GLU U 157 23.25 10.97 -19.56
N ASP U 158 22.92 12.19 -19.98
CA ASP U 158 21.77 12.42 -20.84
C ASP U 158 22.10 12.46 -22.32
N HIS U 159 23.31 12.86 -22.69
CA HIS U 159 23.64 13.08 -24.09
C HIS U 159 24.90 12.31 -24.47
N HIS U 160 24.92 11.82 -25.70
CA HIS U 160 26.11 11.20 -26.27
C HIS U 160 26.82 12.18 -27.19
N ILE U 161 27.98 11.77 -27.70
CA ILE U 161 28.75 12.65 -28.57
C ILE U 161 28.03 12.81 -29.90
N ASN U 162 28.00 14.03 -30.40
CA ASN U 162 27.54 14.29 -31.77
C ASN U 162 28.68 13.88 -32.69
N LYS U 163 28.70 12.58 -33.01
CA LYS U 163 29.87 11.99 -33.66
C LYS U 163 30.02 12.39 -35.12
N HIS U 164 29.19 13.30 -35.62
CA HIS U 164 29.35 13.76 -36.99
C HIS U 164 30.45 14.80 -37.11
N ASN U 165 31.00 15.28 -36.00
CA ASN U 165 31.99 16.35 -36.04
C ASN U 165 33.42 15.84 -36.21
N PHE U 166 33.64 14.53 -36.17
CA PHE U 166 34.98 13.96 -36.23
C PHE U 166 35.17 13.21 -37.54
N ARG U 167 36.41 13.23 -38.03
CA ARG U 167 36.74 12.46 -39.23
C ARG U 167 37.10 11.02 -38.89
N ILE U 168 37.12 10.67 -37.61
CA ILE U 168 37.50 9.34 -37.16
C ILE U 168 36.25 8.52 -36.89
N PRO U 169 36.17 7.28 -37.37
CA PRO U 169 34.98 6.47 -37.11
C PRO U 169 34.85 6.12 -35.64
N PHE U 170 33.61 5.98 -35.20
CA PHE U 170 33.30 5.72 -33.79
C PHE U 170 32.73 4.31 -33.63
N VAL U 171 32.94 3.76 -32.44
CA VAL U 171 32.36 2.47 -32.06
C VAL U 171 31.51 2.68 -30.82
N CYS U 172 30.21 2.41 -30.95
CA CYS U 172 29.26 2.73 -29.90
C CYS U 172 28.55 1.47 -29.42
N GLY U 173 28.36 1.39 -28.11
CA GLY U 173 27.65 0.27 -27.53
C GLY U 173 26.16 0.34 -27.77
N CYS U 174 25.51 -0.82 -27.61
CA CYS U 174 24.06 -0.89 -27.79
C CYS U 174 23.54 -2.09 -27.02
N ARG U 175 22.24 -2.04 -26.70
N ARG U 175 22.25 -2.03 -26.70
CA ARG U 175 21.58 -3.14 -26.04
CA ARG U 175 21.55 -3.10 -26.01
C ARG U 175 20.32 -3.62 -26.77
C ARG U 175 20.35 -3.62 -26.77
N ASN U 176 19.86 -2.90 -27.77
CA ASN U 176 18.69 -3.30 -28.54
C ASN U 176 18.74 -2.57 -29.87
N LEU U 177 17.70 -2.78 -30.68
CA LEU U 177 17.69 -2.16 -32.01
C LEU U 177 17.52 -0.66 -31.94
N GLY U 178 16.67 -0.18 -31.02
CA GLY U 178 16.48 1.26 -30.88
C GLY U 178 17.77 1.97 -30.57
N GLU U 179 18.56 1.43 -29.62
N GLU U 179 18.56 1.43 -29.62
CA GLU U 179 19.81 2.06 -29.26
CA GLU U 179 19.81 2.06 -29.26
C GLU U 179 20.80 2.05 -30.40
C GLU U 179 20.80 2.06 -30.41
N ALA U 180 20.90 0.92 -31.11
CA ALA U 180 21.82 0.83 -32.24
C ALA U 180 21.47 1.84 -33.31
N LEU U 181 20.16 1.99 -33.59
CA LEU U 181 19.75 2.94 -34.62
C LEU U 181 19.98 4.38 -34.16
N ARG U 182 19.74 4.67 -32.88
CA ARG U 182 20.03 6.01 -32.38
C ARG U 182 21.51 6.34 -32.49
N ARG U 183 22.37 5.37 -32.16
CA ARG U 183 23.80 5.61 -32.24
C ARG U 183 24.26 5.76 -33.69
N ILE U 184 23.67 5.01 -34.60
CA ILE U 184 24.01 5.17 -36.01
C ILE U 184 23.55 6.53 -36.52
N ARG U 185 22.43 7.03 -35.98
CA ARG U 185 21.99 8.36 -36.38
C ARG U 185 22.91 9.45 -35.82
N GLU U 186 23.38 9.28 -34.59
CA GLU U 186 24.32 10.24 -34.03
C GLU U 186 25.65 10.26 -34.78
N GLY U 187 26.01 9.18 -35.47
CA GLY U 187 27.21 9.18 -36.28
C GLY U 187 28.11 7.97 -36.07
N ALA U 188 27.69 7.03 -35.23
CA ALA U 188 28.51 5.86 -34.96
C ALA U 188 28.66 5.00 -36.22
N ALA U 189 29.90 4.80 -36.64
CA ALA U 189 30.20 4.03 -37.84
C ALA U 189 30.36 2.54 -37.58
N MET U 190 30.16 2.10 -36.34
CA MET U 190 30.29 0.68 -35.99
C MET U 190 29.67 0.46 -34.63
N ILE U 191 28.89 -0.60 -34.50
CA ILE U 191 28.12 -0.88 -33.30
C ILE U 191 28.62 -2.16 -32.66
N ARG U 192 28.72 -2.14 -31.33
CA ARG U 192 29.04 -3.34 -30.55
C ARG U 192 27.97 -3.54 -29.49
N THR U 193 27.48 -4.77 -29.38
CA THR U 193 26.45 -5.06 -28.40
C THR U 193 27.04 -5.08 -26.99
N LYS U 194 26.36 -4.37 -26.09
CA LYS U 194 26.92 -4.06 -24.78
C LYS U 194 27.29 -5.31 -23.99
N GLY U 195 26.31 -6.13 -23.62
CA GLY U 195 26.62 -7.25 -22.78
C GLY U 195 26.73 -6.83 -21.32
N GLU U 196 27.79 -7.29 -20.67
CA GLU U 196 28.08 -6.97 -19.27
C GLU U 196 29.59 -7.01 -19.09
N ALA U 197 30.12 -5.98 -18.44
CA ALA U 197 31.56 -5.77 -18.41
C ALA U 197 32.22 -6.44 -17.22
N GLY U 198 33.14 -7.36 -17.50
CA GLY U 198 34.11 -7.79 -16.51
C GLY U 198 33.88 -9.16 -15.88
N THR U 199 32.76 -9.82 -16.17
CA THR U 199 32.41 -11.04 -15.45
C THR U 199 32.74 -12.32 -16.22
N GLY U 200 32.92 -12.25 -17.53
CA GLY U 200 33.15 -13.47 -18.29
C GLY U 200 31.92 -14.31 -18.52
N ASN U 201 30.73 -13.80 -18.19
CA ASN U 201 29.47 -14.51 -18.36
C ASN U 201 28.74 -13.89 -19.54
N ILE U 202 28.45 -14.71 -20.55
CA ILE U 202 27.90 -14.19 -21.80
C ILE U 202 26.38 -14.25 -21.87
N ILE U 203 25.70 -14.43 -20.75
CA ILE U 203 24.24 -14.48 -20.79
C ILE U 203 23.67 -13.19 -21.32
N GLU U 204 24.20 -12.05 -20.86
CA GLU U 204 23.67 -10.75 -21.28
C GLU U 204 24.09 -10.42 -22.70
N ALA U 205 25.33 -10.71 -23.08
CA ALA U 205 25.75 -10.48 -24.45
C ALA U 205 24.92 -11.31 -25.43
N VAL U 206 24.67 -12.57 -25.08
CA VAL U 206 23.85 -13.42 -25.94
C VAL U 206 22.43 -12.88 -26.00
N ARG U 207 21.89 -12.44 -24.87
CA ARG U 207 20.54 -11.88 -24.87
C ARG U 207 20.47 -10.65 -25.77
N HIS U 208 21.51 -9.81 -25.76
CA HIS U 208 21.47 -8.59 -26.55
C HIS U 208 21.61 -8.89 -28.04
N VAL U 209 22.52 -9.80 -28.41
CA VAL U 209 22.62 -10.20 -29.81
C VAL U 209 21.30 -10.79 -30.28
N ARG U 210 20.71 -11.67 -29.49
CA ARG U 210 19.44 -12.27 -29.87
C ARG U 210 18.34 -11.22 -29.98
N SER U 211 18.34 -10.22 -29.11
CA SER U 211 17.31 -9.19 -29.16
C SER U 211 17.47 -8.31 -30.40
N VAL U 212 18.71 -7.92 -30.72
CA VAL U 212 18.92 -7.09 -31.90
C VAL U 212 18.55 -7.85 -33.16
N ASN U 213 19.05 -9.08 -33.30
CA ASN U 213 18.74 -9.85 -34.50
C ASN U 213 17.26 -10.20 -34.56
N GLY U 214 16.61 -10.36 -33.41
CA GLY U 214 15.19 -10.64 -33.42
C GLY U 214 14.36 -9.44 -33.85
N ASP U 215 14.73 -8.24 -33.37
CA ASP U 215 14.08 -7.04 -33.87
C ASP U 215 14.30 -6.86 -35.36
N ILE U 216 15.51 -7.18 -35.86
CA ILE U 216 15.74 -7.06 -37.29
C ILE U 216 14.89 -8.04 -38.08
N ARG U 217 14.79 -9.28 -37.60
CA ARG U 217 13.98 -10.27 -38.30
C ARG U 217 12.50 -9.91 -38.24
N VAL U 218 12.05 -9.33 -37.12
CA VAL U 218 10.66 -8.88 -37.01
C VAL U 218 10.40 -7.75 -38.00
N LEU U 219 11.35 -6.81 -38.09
CA LEU U 219 11.20 -5.66 -38.97
C LEU U 219 11.19 -6.09 -40.44
N ARG U 220 11.95 -7.13 -40.77
CA ARG U 220 12.11 -7.50 -42.17
C ARG U 220 10.79 -7.88 -42.83
N ASN U 221 9.93 -8.57 -42.09
CA ASN U 221 8.60 -8.95 -42.59
C ASN U 221 7.50 -7.98 -42.19
N MET U 222 7.77 -7.08 -41.24
CA MET U 222 6.74 -6.20 -40.73
C MET U 222 6.06 -5.43 -41.86
N ASP U 223 4.75 -5.25 -41.73
CA ASP U 223 3.99 -4.49 -42.71
C ASP U 223 4.45 -3.03 -42.70
N ASP U 224 4.52 -2.44 -43.90
CA ASP U 224 4.99 -1.06 -43.99
C ASP U 224 4.14 -0.12 -43.15
N ASP U 225 2.82 -0.26 -43.23
CA ASP U 225 1.93 0.63 -42.48
C ASP U 225 2.15 0.56 -40.98
N GLU U 226 2.75 -0.52 -40.48
CA GLU U 226 3.05 -0.65 -39.06
C GLU U 226 4.43 -0.15 -38.70
N VAL U 227 5.34 -0.05 -39.67
CA VAL U 227 6.73 0.31 -39.38
C VAL U 227 6.81 1.58 -38.57
N PHE U 228 6.03 2.60 -38.93
CA PHE U 228 6.04 3.86 -38.19
C PHE U 228 5.85 3.62 -36.70
N THR U 229 4.82 2.86 -36.33
CA THR U 229 4.59 2.61 -34.92
C THR U 229 5.76 1.88 -34.29
N PHE U 230 6.35 0.93 -35.02
CA PHE U 230 7.57 0.28 -34.55
C PHE U 230 8.64 1.30 -34.25
N ALA U 231 8.82 2.27 -35.15
CA ALA U 231 9.83 3.30 -34.93
C ALA U 231 9.55 4.08 -33.66
N LYS U 232 8.27 4.22 -33.30
CA LYS U 232 7.93 4.90 -32.05
C LYS U 232 8.15 3.98 -30.86
N LYS U 233 7.94 2.67 -31.04
CA LYS U 233 8.14 1.73 -29.95
C LYS U 233 9.60 1.69 -29.51
N LEU U 234 10.52 1.77 -30.48
CA LEU U 234 11.94 1.79 -30.17
C LEU U 234 12.46 3.19 -29.85
N ALA U 235 11.73 4.23 -30.26
CA ALA U 235 12.23 5.60 -30.23
C ALA U 235 13.51 5.73 -31.05
N ALA U 236 13.46 5.18 -32.26
CA ALA U 236 14.56 5.20 -33.21
C ALA U 236 14.16 5.99 -34.45
N PRO U 237 15.12 6.63 -35.12
CA PRO U 237 14.78 7.41 -36.32
C PRO U 237 14.13 6.53 -37.37
N TYR U 238 13.02 7.02 -37.94
CA TYR U 238 12.28 6.21 -38.89
C TYR U 238 13.07 5.93 -40.15
N ASP U 239 13.87 6.89 -40.61
CA ASP U 239 14.65 6.67 -41.83
C ASP U 239 15.62 5.52 -41.64
N LEU U 240 16.27 5.44 -40.49
CA LEU U 240 17.17 4.34 -40.22
C LEU U 240 16.40 3.03 -40.05
N VAL U 241 15.18 3.10 -39.50
CA VAL U 241 14.36 1.90 -39.38
C VAL U 241 14.02 1.35 -40.76
N MET U 242 13.69 2.24 -41.69
CA MET U 242 13.36 1.78 -43.05
C MET U 242 14.61 1.27 -43.75
N GLN U 243 15.77 1.91 -43.52
CA GLN U 243 17.00 1.41 -44.10
C GLN U 243 17.34 0.02 -43.57
N THR U 244 17.11 -0.21 -42.28
CA THR U 244 17.30 -1.54 -41.71
C THR U 244 16.35 -2.54 -42.35
N LYS U 245 15.06 -2.19 -42.43
CA LYS U 245 14.07 -3.08 -43.03
C LYS U 245 14.43 -3.43 -44.47
N GLN U 246 15.05 -2.48 -45.19
CA GLN U 246 15.45 -2.77 -46.55
C GLN U 246 16.69 -3.66 -46.60
N LEU U 247 17.67 -3.39 -45.74
CA LEU U 247 18.92 -4.14 -45.79
C LEU U 247 18.80 -5.50 -45.13
N GLY U 248 17.81 -5.69 -44.26
CA GLY U 248 17.72 -6.94 -43.52
C GLY U 248 18.73 -7.08 -42.42
N ARG U 249 19.46 -6.01 -42.10
N ARG U 249 19.45 -6.00 -42.09
CA ARG U 249 20.46 -6.03 -41.03
CA ARG U 249 20.45 -6.02 -41.03
C ARG U 249 20.75 -4.60 -40.62
C ARG U 249 20.71 -4.59 -40.59
N LEU U 250 21.49 -4.46 -39.53
CA LEU U 250 21.86 -3.14 -39.06
C LEU U 250 22.78 -2.48 -40.10
N PRO U 251 22.56 -1.20 -40.43
CA PRO U 251 23.28 -0.60 -41.56
C PRO U 251 24.78 -0.45 -41.35
N VAL U 252 25.33 -0.88 -40.21
CA VAL U 252 26.75 -0.75 -39.93
C VAL U 252 27.29 -2.09 -39.49
N VAL U 253 28.62 -2.13 -39.30
CA VAL U 253 29.24 -3.34 -38.77
C VAL U 253 28.82 -3.52 -37.33
N GLN U 254 28.55 -4.76 -36.95
CA GLN U 254 27.93 -5.09 -35.67
C GLN U 254 28.82 -6.09 -34.94
N PHE U 255 29.42 -5.66 -33.85
CA PHE U 255 30.34 -6.48 -33.06
C PHE U 255 29.68 -6.91 -31.76
N ALA U 256 30.30 -7.88 -31.11
CA ALA U 256 29.85 -8.33 -29.80
C ALA U 256 30.90 -8.02 -28.75
N ALA U 257 30.46 -7.82 -27.52
CA ALA U 257 31.38 -7.46 -26.45
C ALA U 257 30.79 -7.87 -25.11
N GLY U 258 31.65 -8.22 -24.18
CA GLY U 258 31.22 -8.49 -22.83
C GLY U 258 31.11 -9.98 -22.51
N GLY U 259 32.10 -10.51 -21.80
CA GLY U 259 32.05 -11.89 -21.36
C GLY U 259 32.67 -12.90 -22.29
N VAL U 260 33.01 -12.53 -23.52
CA VAL U 260 33.59 -13.48 -24.46
C VAL U 260 34.97 -13.87 -23.93
N ALA U 261 35.09 -15.12 -23.47
CA ALA U 261 36.32 -15.59 -22.83
C ALA U 261 36.93 -16.82 -23.48
N THR U 262 36.13 -17.72 -24.03
CA THR U 262 36.61 -18.96 -24.63
C THR U 262 36.25 -18.98 -26.10
N PRO U 263 36.97 -19.77 -26.90
CA PRO U 263 36.63 -19.86 -28.33
C PRO U 263 35.20 -20.25 -28.59
N ALA U 264 34.59 -21.02 -27.69
CA ALA U 264 33.18 -21.35 -27.84
C ALA U 264 32.31 -20.09 -27.79
N ASP U 265 32.66 -19.15 -26.92
CA ASP U 265 31.87 -17.92 -26.80
C ASP U 265 32.00 -17.07 -28.06
N ALA U 266 33.22 -16.96 -28.59
CA ALA U 266 33.43 -16.18 -29.81
C ALA U 266 32.70 -16.80 -30.99
N ALA U 267 32.78 -18.12 -31.12
CA ALA U 267 32.06 -18.79 -32.20
C ALA U 267 30.55 -18.66 -32.02
N LEU U 268 30.07 -18.67 -30.78
CA LEU U 268 28.64 -18.48 -30.54
C LEU U 268 28.19 -17.10 -30.96
N MET U 269 28.98 -16.07 -30.62
CA MET U 269 28.65 -14.73 -31.06
C MET U 269 28.65 -14.64 -32.58
N MET U 270 29.66 -15.20 -33.23
CA MET U 270 29.75 -15.09 -34.68
C MET U 270 28.68 -15.92 -35.38
N GLN U 271 28.12 -16.92 -34.69
CA GLN U 271 27.04 -17.70 -35.28
C GLN U 271 25.68 -17.09 -35.02
N LEU U 272 25.55 -16.30 -33.95
CA LEU U 272 24.30 -15.60 -33.70
C LEU U 272 24.08 -14.44 -34.66
N GLY U 273 25.07 -14.11 -35.50
CA GLY U 273 24.89 -13.10 -36.51
C GLY U 273 25.86 -11.94 -36.44
N CYS U 274 26.70 -11.91 -35.41
CA CYS U 274 27.64 -10.81 -35.24
C CYS U 274 28.70 -10.83 -36.33
N ASP U 275 29.52 -9.78 -36.34
CA ASP U 275 30.63 -9.65 -37.28
C ASP U 275 31.99 -9.74 -36.61
N GLY U 276 32.02 -9.87 -35.28
CA GLY U 276 33.28 -9.92 -34.56
C GLY U 276 33.00 -9.92 -33.08
N VAL U 277 34.09 -9.89 -32.29
CA VAL U 277 33.99 -9.97 -30.84
C VAL U 277 35.02 -9.06 -30.19
N PHE U 278 34.73 -8.67 -28.95
CA PHE U 278 35.68 -7.98 -28.10
C PHE U 278 36.10 -8.89 -26.95
N VAL U 279 37.40 -9.04 -26.78
CA VAL U 279 37.96 -9.85 -25.69
C VAL U 279 38.90 -8.97 -24.88
N GLY U 280 38.51 -8.65 -23.65
CA GLY U 280 39.22 -7.61 -22.93
C GLY U 280 40.34 -7.99 -21.99
N SER U 281 40.09 -8.84 -21.00
CA SER U 281 41.05 -9.04 -19.92
C SER U 281 41.36 -10.49 -19.60
N GLY U 282 40.38 -11.39 -19.76
CA GLY U 282 40.57 -12.76 -19.32
C GLY U 282 41.65 -13.51 -20.08
N ILE U 283 42.20 -12.91 -21.13
CA ILE U 283 43.17 -13.60 -21.96
C ILE U 283 44.57 -13.46 -21.39
N PHE U 284 44.92 -12.27 -20.92
CA PHE U 284 46.26 -11.99 -20.45
C PHE U 284 46.45 -12.26 -18.97
N LYS U 285 45.37 -12.53 -18.23
CA LYS U 285 45.46 -12.95 -16.83
C LYS U 285 45.40 -14.46 -16.68
N SER U 286 45.42 -15.21 -17.78
CA SER U 286 45.23 -16.65 -17.76
C SER U 286 46.58 -17.37 -17.72
N GLY U 287 46.52 -18.70 -17.86
CA GLY U 287 47.73 -19.50 -17.83
C GLY U 287 48.65 -19.23 -19.01
N ASP U 288 48.08 -19.10 -20.21
CA ASP U 288 48.85 -18.79 -21.42
C ASP U 288 48.05 -17.80 -22.25
N PRO U 289 48.51 -16.55 -22.35
CA PRO U 289 47.73 -15.56 -23.11
C PRO U 289 47.79 -15.76 -24.62
N ALA U 290 48.98 -16.05 -25.15
CA ALA U 290 49.11 -16.20 -26.60
C ALA U 290 48.26 -17.36 -27.11
N ARG U 291 48.25 -18.47 -26.38
CA ARG U 291 47.48 -19.63 -26.82
C ARG U 291 46.00 -19.34 -26.86
N ARG U 292 45.46 -18.74 -25.79
CA ARG U 292 44.03 -18.46 -25.75
C ARG U 292 43.65 -17.39 -26.77
N ALA U 293 44.51 -16.39 -26.97
CA ALA U 293 44.23 -15.36 -27.96
C ALA U 293 44.19 -15.95 -29.36
N ARG U 294 45.18 -16.78 -29.70
CA ARG U 294 45.18 -17.43 -31.00
C ARG U 294 43.98 -18.35 -31.15
N ALA U 295 43.58 -19.02 -30.08
CA ALA U 295 42.41 -19.90 -30.15
C ALA U 295 41.15 -19.10 -30.43
N ILE U 296 40.98 -17.94 -29.78
CA ILE U 296 39.79 -17.14 -30.00
C ILE U 296 39.79 -16.55 -31.41
N VAL U 297 40.96 -16.14 -31.90
CA VAL U 297 41.06 -15.64 -33.26
C VAL U 297 40.66 -16.72 -34.26
N GLN U 298 41.20 -17.92 -34.08
CA GLN U 298 40.85 -19.04 -34.96
C GLN U 298 39.38 -19.39 -34.86
N ALA U 299 38.78 -19.25 -33.68
CA ALA U 299 37.36 -19.53 -33.53
C ALA U 299 36.53 -18.52 -34.30
N VAL U 300 36.90 -17.24 -34.24
CA VAL U 300 36.16 -16.24 -34.99
C VAL U 300 36.32 -16.47 -36.49
N THR U 301 37.54 -16.80 -36.93
CA THR U 301 37.77 -17.02 -38.36
C THR U 301 37.01 -18.24 -38.85
N HIS U 302 36.92 -19.29 -38.03
CA HIS U 302 36.29 -20.56 -38.40
C HIS U 302 35.06 -20.86 -37.56
N TYR U 303 34.17 -19.86 -37.43
CA TYR U 303 33.04 -19.99 -36.51
C TYR U 303 32.07 -21.11 -36.90
N SER U 304 32.25 -21.74 -38.06
CA SER U 304 31.38 -22.82 -38.48
C SER U 304 32.10 -24.16 -38.59
N ASP U 305 33.24 -24.33 -37.92
CA ASP U 305 34.03 -25.55 -37.98
C ASP U 305 34.17 -26.14 -36.58
N PRO U 306 33.31 -27.09 -36.21
CA PRO U 306 33.40 -27.66 -34.85
C PRO U 306 34.72 -28.33 -34.56
N GLU U 307 35.31 -29.05 -35.53
CA GLU U 307 36.60 -29.69 -35.29
C GLU U 307 37.68 -28.67 -35.02
N MET U 308 37.65 -27.53 -35.71
CA MET U 308 38.61 -26.47 -35.45
C MET U 308 38.42 -25.88 -34.06
N LEU U 309 37.16 -25.65 -33.66
CA LEU U 309 36.89 -25.16 -32.31
C LEU U 309 37.39 -26.15 -31.26
N VAL U 310 37.31 -27.44 -31.56
CA VAL U 310 37.82 -28.45 -30.63
C VAL U 310 39.34 -28.37 -30.54
N GLU U 311 40.01 -28.34 -31.70
CA GLU U 311 41.47 -28.33 -31.71
C GLU U 311 42.03 -27.10 -31.03
N VAL U 312 41.38 -25.95 -31.22
CA VAL U 312 41.87 -24.73 -30.57
C VAL U 312 41.52 -24.71 -29.08
N SER U 313 40.57 -25.52 -28.65
CA SER U 313 40.23 -25.58 -27.23
C SER U 313 40.92 -26.77 -26.56
N PRO V 51 26.88 48.67 -4.44
CA PRO V 51 27.62 48.64 -5.70
C PRO V 51 27.80 47.23 -6.24
N PHE V 52 26.69 46.52 -6.46
CA PHE V 52 26.77 45.14 -6.93
C PHE V 52 27.48 45.07 -8.28
N SER V 53 27.30 46.08 -9.13
CA SER V 53 27.98 46.10 -10.41
C SER V 53 29.49 46.20 -10.23
N VAL V 54 29.94 46.87 -9.16
CA VAL V 54 31.37 46.93 -8.89
C VAL V 54 31.91 45.53 -8.58
N LYS V 55 31.19 44.76 -7.75
CA LYS V 55 31.61 43.39 -7.45
C LYS V 55 31.58 42.52 -8.70
N VAL V 56 30.57 42.71 -9.55
CA VAL V 56 30.48 41.94 -10.78
C VAL V 56 31.67 42.22 -11.67
N GLY V 57 31.99 43.50 -11.89
CA GLY V 57 33.14 43.84 -12.70
C GLY V 57 34.45 43.39 -12.07
N LEU V 58 34.50 43.36 -10.74
CA LEU V 58 35.69 42.90 -10.05
C LEU V 58 35.91 41.41 -10.27
N ALA V 59 34.83 40.63 -10.26
CA ALA V 59 34.94 39.20 -10.49
C ALA V 59 35.18 38.86 -11.97
N GLN V 60 35.08 39.86 -12.86
CA GLN V 60 35.20 39.57 -14.29
C GLN V 60 36.61 39.14 -14.66
N MET V 61 37.62 39.60 -13.92
CA MET V 61 38.99 39.27 -14.30
C MET V 61 39.31 37.80 -14.10
N LEU V 62 38.44 37.05 -13.43
CA LEU V 62 38.62 35.61 -13.29
C LEU V 62 38.17 34.84 -14.53
N ARG V 63 37.60 35.52 -15.52
CA ARG V 63 37.10 34.83 -16.70
C ARG V 63 38.23 34.14 -17.45
N GLY V 64 38.00 32.91 -17.86
CA GLY V 64 38.98 32.16 -18.62
C GLY V 64 40.18 31.69 -17.83
N GLY V 65 40.01 31.40 -16.54
CA GLY V 65 41.10 30.98 -15.69
C GLY V 65 40.74 29.75 -14.87
N VAL V 66 41.69 29.36 -14.02
CA VAL V 66 41.57 28.18 -13.17
C VAL V 66 41.69 28.61 -11.72
N ILE V 67 40.87 28.01 -10.86
CA ILE V 67 40.92 28.26 -9.43
C ILE V 67 41.24 26.95 -8.72
N MET V 68 42.31 26.94 -7.92
CA MET V 68 42.85 25.72 -7.36
C MET V 68 42.87 25.80 -5.85
N ASP V 69 42.26 24.82 -5.18
CA ASP V 69 42.28 24.75 -3.74
C ASP V 69 43.68 24.42 -3.25
N VAL V 70 44.23 25.29 -2.40
CA VAL V 70 45.55 25.10 -1.83
C VAL V 70 45.41 24.96 -0.32
N VAL V 71 46.38 24.31 0.31
CA VAL V 71 46.34 24.04 1.74
C VAL V 71 47.58 24.52 2.46
N ASN V 72 48.52 25.13 1.76
CA ASN V 72 49.70 25.69 2.41
C ASN V 72 50.29 26.75 1.49
N ALA V 73 51.34 27.42 1.97
CA ALA V 73 52.01 28.41 1.14
C ALA V 73 52.70 27.76 -0.06
N GLU V 74 53.12 26.50 0.07
CA GLU V 74 53.86 25.87 -1.01
C GLU V 74 52.93 25.44 -2.14
N GLN V 75 51.80 24.83 -1.79
CA GLN V 75 50.80 24.51 -2.81
C GLN V 75 50.27 25.78 -3.47
N ALA V 76 50.11 26.85 -2.68
CA ALA V 76 49.68 28.11 -3.25
C ALA V 76 50.72 28.66 -4.23
N ARG V 77 52.00 28.57 -3.87
CA ARG V 77 53.05 29.02 -4.79
C ARG V 77 53.05 28.20 -6.06
N ILE V 78 52.92 26.88 -5.94
CA ILE V 78 52.87 26.02 -7.13
C ILE V 78 51.69 26.42 -8.02
N ALA V 79 50.49 26.51 -7.42
CA ALA V 79 49.31 26.89 -8.18
C ALA V 79 49.48 28.26 -8.82
N GLU V 80 50.27 29.12 -8.21
CA GLU V 80 50.56 30.41 -8.84
C GLU V 80 51.46 30.22 -10.06
N GLU V 81 52.52 29.42 -9.93
CA GLU V 81 53.42 29.23 -11.06
C GLU V 81 52.75 28.47 -12.19
N ALA V 82 51.75 27.64 -11.88
CA ALA V 82 51.03 26.93 -12.92
C ALA V 82 50.15 27.84 -13.75
N GLY V 83 49.95 29.09 -13.34
CA GLY V 83 49.15 30.03 -14.09
C GLY V 83 47.73 30.20 -13.62
N ALA V 84 47.39 29.71 -12.43
CA ALA V 84 46.02 29.84 -11.93
C ALA V 84 45.66 31.31 -11.75
N CYS V 85 44.36 31.60 -11.83
CA CYS V 85 43.88 32.97 -11.67
C CYS V 85 43.57 33.31 -10.21
N ALA V 86 43.32 32.31 -9.37
CA ALA V 86 43.02 32.52 -7.96
C ALA V 86 43.18 31.19 -7.24
N VAL V 87 43.41 31.28 -5.94
CA VAL V 87 43.53 30.10 -5.09
C VAL V 87 42.45 30.15 -4.02
N MET V 88 42.02 28.97 -3.60
CA MET V 88 40.99 28.84 -2.57
C MET V 88 41.65 28.28 -1.31
N ALA V 89 42.10 29.16 -0.44
CA ALA V 89 42.79 28.75 0.77
C ALA V 89 41.85 27.93 1.64
N LEU V 90 42.36 26.82 2.17
CA LEU V 90 41.57 25.92 3.02
C LEU V 90 42.51 24.98 3.74
N GLU V 91 42.08 24.54 4.93
CA GLU V 91 42.97 23.81 5.82
C GLU V 91 43.38 22.46 5.27
N ARG V 92 42.43 21.70 4.72
CA ARG V 92 42.72 20.39 4.15
C ARG V 92 41.77 20.14 2.98
N VAL V 93 42.31 19.55 1.91
CA VAL V 93 41.64 19.44 0.61
C VAL V 93 40.26 18.82 0.74
N PRO V 94 39.35 19.05 -0.22
CA PRO V 94 38.04 18.37 -0.18
C PRO V 94 38.14 16.86 -0.09
N ALA V 95 39.16 16.27 -0.71
CA ALA V 95 39.40 14.84 -0.55
C ALA V 95 39.61 14.48 0.91
N ASP V 96 40.37 15.30 1.64
CA ASP V 96 40.55 15.06 3.06
C ASP V 96 39.27 15.34 3.85
N ILE V 97 38.48 16.33 3.40
CA ILE V 97 37.19 16.60 4.04
C ILE V 97 36.29 15.37 3.96
N ARG V 98 36.31 14.67 2.82
CA ARG V 98 35.52 13.45 2.68
C ARG V 98 36.16 12.29 3.45
N ALA V 99 37.50 12.23 3.47
CA ALA V 99 38.17 11.08 4.08
C ALA V 99 38.07 11.11 5.60
N GLN V 100 38.62 12.15 6.23
CA GLN V 100 38.61 12.21 7.69
C GLN V 100 37.21 12.40 8.25
N GLY V 101 36.30 12.97 7.47
CA GLY V 101 34.96 13.19 7.97
C GLY V 101 34.91 14.39 8.90
N GLY V 102 33.96 14.33 9.83
CA GLY V 102 33.77 15.41 10.78
C GLY V 102 33.21 16.65 10.11
N VAL V 103 33.18 17.73 10.89
CA VAL V 103 32.65 18.99 10.40
C VAL V 103 33.80 19.85 9.87
N ALA V 104 33.61 20.45 8.71
CA ALA V 104 34.59 21.33 8.09
C ALA V 104 34.06 22.76 8.19
N ARG V 105 34.93 23.69 8.57
CA ARG V 105 34.55 25.07 8.80
C ARG V 105 35.42 25.99 7.95
N MET V 106 35.27 27.29 8.19
CA MET V 106 36.15 28.27 7.57
C MET V 106 37.60 27.95 7.91
N SER V 107 38.48 28.13 6.93
CA SER V 107 39.89 27.87 7.14
C SER V 107 40.47 28.83 8.16
N ASP V 108 41.57 28.41 8.79
CA ASP V 108 42.14 29.16 9.89
C ASP V 108 42.70 30.48 9.40
N PRO V 109 42.46 31.59 10.11
CA PRO V 109 42.93 32.90 9.62
C PRO V 109 44.44 33.00 9.44
N GLN V 110 45.22 32.29 10.26
CA GLN V 110 46.67 32.43 10.16
C GLN V 110 47.19 31.87 8.83
N MET V 111 46.67 30.72 8.41
CA MET V 111 47.12 30.17 7.14
C MET V 111 46.60 30.99 5.97
N ILE V 112 45.42 31.60 6.12
CA ILE V 112 44.94 32.52 5.08
C ILE V 112 45.89 33.70 4.94
N LYS V 113 46.34 34.26 6.07
CA LYS V 113 47.26 35.38 6.00
C LYS V 113 48.60 34.95 5.40
N GLU V 114 49.06 33.75 5.76
CA GLU V 114 50.31 33.25 5.19
C GLU V 114 50.21 33.09 3.68
N ILE V 115 49.13 32.46 3.20
CA ILE V 115 48.92 32.30 1.77
C ILE V 115 48.83 33.65 1.09
N LYS V 116 48.02 34.56 1.63
CA LYS V 116 47.88 35.88 1.03
C LYS V 116 49.21 36.61 0.95
N GLN V 117 50.09 36.39 1.92
CA GLN V 117 51.41 37.00 1.86
C GLN V 117 52.36 36.23 0.95
N ALA V 118 52.03 34.98 0.61
CA ALA V 118 52.92 34.15 -0.21
C ALA V 118 52.68 34.29 -1.71
N VAL V 119 51.46 34.59 -2.14
CA VAL V 119 51.13 34.70 -3.55
C VAL V 119 50.62 36.10 -3.83
N THR V 120 50.58 36.45 -5.13
CA THR V 120 50.11 37.76 -5.56
C THR V 120 48.73 37.72 -6.18
N ILE V 121 48.30 36.57 -6.70
CA ILE V 121 47.00 36.43 -7.34
C ILE V 121 45.89 36.62 -6.31
N PRO V 122 44.65 36.89 -6.74
CA PRO V 122 43.55 36.93 -5.78
C PRO V 122 43.45 35.64 -4.98
N VAL V 123 43.09 35.77 -3.71
CA VAL V 123 43.00 34.65 -2.79
C VAL V 123 41.57 34.53 -2.31
N MET V 124 41.01 33.34 -2.41
CA MET V 124 39.65 33.08 -1.94
C MET V 124 39.70 32.38 -0.59
N ALA V 125 38.51 32.18 -0.02
CA ALA V 125 38.35 31.34 1.14
C ALA V 125 36.90 30.87 1.16
N LYS V 126 36.68 29.76 1.85
N LYS V 126 36.68 29.76 1.85
CA LYS V 126 35.36 29.15 1.93
CA LYS V 126 35.36 29.15 1.93
C LYS V 126 34.66 29.61 3.20
C LYS V 126 34.66 29.61 3.20
N ALA V 127 33.34 29.81 3.10
CA ALA V 127 32.51 30.17 4.23
C ALA V 127 31.26 29.32 4.20
N ARG V 128 30.88 28.81 5.37
CA ARG V 128 29.72 27.93 5.45
C ARG V 128 28.45 28.67 5.04
N ILE V 129 27.49 27.91 4.52
CA ILE V 129 26.25 28.50 4.01
C ILE V 129 25.45 29.07 5.16
N GLY V 130 25.07 30.34 5.05
CA GLY V 130 24.31 31.00 6.08
C GLY V 130 25.11 31.45 7.27
N HIS V 131 26.40 31.10 7.35
CA HIS V 131 27.25 31.53 8.45
C HIS V 131 27.84 32.89 8.09
N PHE V 132 27.07 33.93 8.36
CA PHE V 132 27.52 35.27 7.97
C PHE V 132 28.63 35.79 8.87
N VAL V 133 28.85 35.17 10.04
CA VAL V 133 29.94 35.62 10.89
C VAL V 133 31.28 35.15 10.34
N GLU V 134 31.33 33.94 9.80
CA GLU V 134 32.55 33.50 9.11
C GLU V 134 32.83 34.41 7.92
N ALA V 135 31.79 34.84 7.21
CA ALA V 135 31.98 35.78 6.11
C ALA V 135 32.49 37.12 6.63
N GLN V 136 32.00 37.57 7.79
CA GLN V 136 32.51 38.80 8.37
C GLN V 136 33.98 38.68 8.73
N ILE V 137 34.37 37.54 9.29
CA ILE V 137 35.77 37.29 9.63
C ILE V 137 36.62 37.31 8.38
N LEU V 138 36.17 36.64 7.32
CA LEU V 138 36.92 36.60 6.08
C LEU V 138 37.05 37.98 5.45
N GLU V 139 35.99 38.77 5.50
CA GLU V 139 36.07 40.13 4.98
C GLU V 139 37.02 40.98 5.80
N ALA V 140 37.08 40.74 7.11
CA ALA V 140 37.98 41.51 7.96
C ALA V 140 39.43 41.08 7.79
N ILE V 141 39.67 39.84 7.33
CA ILE V 141 41.04 39.43 7.01
C ILE V 141 41.53 40.16 5.77
N GLY V 142 40.64 40.41 4.81
CA GLY V 142 41.01 41.13 3.61
C GLY V 142 41.16 40.29 2.38
N ILE V 143 40.54 39.10 2.34
CA ILE V 143 40.64 38.23 1.17
C ILE V 143 39.89 38.87 0.02
N ASP V 144 40.12 38.36 -1.20
CA ASP V 144 39.54 38.96 -2.39
C ASP V 144 38.15 38.45 -2.72
N TYR V 145 37.91 37.15 -2.59
CA TYR V 145 36.61 36.56 -2.88
C TYR V 145 36.26 35.58 -1.77
N ILE V 146 34.98 35.52 -1.42
CA ILE V 146 34.47 34.60 -0.42
C ILE V 146 33.59 33.58 -1.13
N ASP V 147 33.81 32.31 -0.85
CA ASP V 147 33.06 31.23 -1.47
C ASP V 147 32.11 30.66 -0.44
N GLU V 148 30.83 30.99 -0.55
CA GLU V 148 29.81 30.41 0.30
C GLU V 148 29.64 28.96 -0.16
N SER V 149 30.39 28.06 0.46
CA SER V 149 30.71 26.77 -0.12
C SER V 149 29.87 25.67 0.51
N GLU V 150 29.12 24.96 -0.34
CA GLU V 150 28.43 23.74 0.06
C GLU V 150 29.37 22.56 0.21
N VAL V 151 30.61 22.67 -0.28
CA VAL V 151 31.61 21.65 -0.02
C VAL V 151 31.89 21.53 1.46
N LEU V 152 31.84 22.66 2.18
CA LEU V 152 31.96 22.66 3.63
C LEU V 152 30.66 22.17 4.25
N THR V 153 30.57 22.30 5.57
CA THR V 153 29.38 21.86 6.29
C THR V 153 28.32 22.95 6.26
N LEU V 154 27.07 22.54 6.10
CA LEU V 154 25.95 23.46 6.15
C LEU V 154 25.82 24.10 7.52
N ALA V 155 25.83 25.44 7.57
CA ALA V 155 25.64 26.15 8.82
C ALA V 155 24.20 26.64 9.00
N ASP V 156 23.48 26.88 7.91
CA ASP V 156 22.08 27.27 7.98
C ASP V 156 21.35 26.59 6.83
N GLU V 157 20.57 25.56 7.15
CA GLU V 157 19.93 24.75 6.13
C GLU V 157 18.86 25.54 5.38
N ASP V 158 18.22 26.51 6.03
CA ASP V 158 17.11 27.23 5.44
C ASP V 158 17.49 28.52 4.74
N HIS V 159 18.53 29.22 5.20
CA HIS V 159 18.84 30.55 4.69
C HIS V 159 20.30 30.63 4.29
N HIS V 160 20.56 31.42 3.25
CA HIS V 160 21.93 31.74 2.85
C HIS V 160 22.30 33.13 3.34
N ILE V 161 23.57 33.49 3.13
CA ILE V 161 24.05 34.79 3.58
C ILE V 161 23.41 35.90 2.76
N ASN V 162 22.96 36.94 3.44
CA ASN V 162 22.51 38.16 2.76
C ASN V 162 23.77 38.90 2.31
N LYS V 163 24.26 38.50 1.13
CA LYS V 163 25.59 38.92 0.68
C LYS V 163 25.65 40.39 0.29
N HIS V 164 24.57 41.14 0.45
CA HIS V 164 24.61 42.57 0.14
C HIS V 164 25.28 43.38 1.24
N ASN V 165 25.60 42.76 2.38
CA ASN V 165 26.14 43.50 3.50
C ASN V 165 27.66 43.61 3.47
N PHE V 166 28.33 42.90 2.57
CA PHE V 166 29.79 42.88 2.53
C PHE V 166 30.30 43.61 1.30
N ARG V 167 31.49 44.19 1.42
CA ARG V 167 32.12 44.83 0.28
C ARG V 167 32.93 43.84 -0.56
N ILE V 168 33.01 42.59 -0.11
CA ILE V 168 33.80 41.57 -0.79
C ILE V 168 32.90 40.75 -1.70
N PRO V 169 33.30 40.49 -2.95
CA PRO V 169 32.46 39.68 -3.83
C PRO V 169 32.39 38.24 -3.35
N PHE V 170 31.23 37.62 -3.57
CA PHE V 170 30.96 36.27 -3.11
C PHE V 170 30.93 35.30 -4.29
N VAL V 171 31.19 34.04 -4.00
CA VAL V 171 31.08 32.96 -4.97
C VAL V 171 30.13 31.91 -4.41
N CYS V 172 29.03 31.67 -5.10
CA CYS V 172 27.99 30.79 -4.60
C CYS V 172 27.75 29.66 -5.59
N GLY V 173 27.55 28.46 -5.05
CA GLY V 173 27.26 27.31 -5.86
C GLY V 173 25.84 27.32 -6.40
N CYS V 174 25.62 26.48 -7.41
CA CYS V 174 24.29 26.36 -8.00
C CYS V 174 24.17 25.00 -8.68
N ARG V 175 22.94 24.57 -8.88
N ARG V 175 22.93 24.58 -8.86
CA ARG V 175 22.65 23.34 -9.59
CA ARG V 175 22.62 23.34 -9.55
C ARG V 175 21.68 23.51 -10.74
C ARG V 175 21.70 23.52 -10.74
N ASN V 176 21.07 24.68 -10.89
CA ASN V 176 20.15 24.94 -12.00
C ASN V 176 20.02 26.45 -12.14
N LEU V 177 19.16 26.87 -13.06
CA LEU V 177 19.01 28.30 -13.31
C LEU V 177 18.31 29.00 -12.15
N GLY V 178 17.32 28.35 -11.55
CA GLY V 178 16.63 28.96 -10.42
C GLY V 178 17.56 29.25 -9.27
N GLU V 179 18.42 28.29 -8.93
N GLU V 179 18.42 28.29 -8.93
CA GLU V 179 19.35 28.50 -7.82
CA GLU V 179 19.36 28.50 -7.82
C GLU V 179 20.37 29.58 -8.14
C GLU V 179 20.36 29.59 -8.15
N ALA V 180 20.88 29.60 -9.38
CA ALA V 180 21.84 30.62 -9.76
C ALA V 180 21.22 32.00 -9.69
N LEU V 181 19.98 32.14 -10.14
CA LEU V 181 19.31 33.43 -10.09
C LEU V 181 19.01 33.84 -8.66
N ARG V 182 18.61 32.89 -7.81
CA ARG V 182 18.38 33.22 -6.41
C ARG V 182 19.65 33.70 -5.73
N ARG V 183 20.77 33.01 -5.99
CA ARG V 183 22.04 33.42 -5.39
C ARG V 183 22.50 34.77 -5.92
N ILE V 184 22.24 35.06 -7.19
CA ILE V 184 22.60 36.36 -7.74
C ILE V 184 21.73 37.45 -7.12
N ARG V 185 20.47 37.12 -6.81
CA ARG V 185 19.62 38.09 -6.13
C ARG V 185 20.08 38.35 -4.71
N GLU V 186 20.50 37.30 -3.99
CA GLU V 186 21.01 37.50 -2.64
C GLU V 186 22.27 38.34 -2.62
N GLY V 187 23.03 38.40 -3.70
CA GLY V 187 24.18 39.26 -3.77
C GLY V 187 25.45 38.60 -4.27
N ALA V 188 25.35 37.36 -4.71
CA ALA V 188 26.53 36.65 -5.20
C ALA V 188 27.02 37.27 -6.50
N ALA V 189 28.28 37.69 -6.51
CA ALA V 189 28.87 38.33 -7.67
C ALA V 189 29.56 37.34 -8.61
N MET V 190 29.43 36.04 -8.35
CA MET V 190 30.04 35.03 -9.19
C MET V 190 29.45 33.68 -8.83
N ILE V 191 29.10 32.90 -9.84
CA ILE V 191 28.39 31.64 -9.66
C ILE V 191 29.28 30.50 -10.15
N ARG V 192 29.28 29.39 -9.41
CA ARG V 192 29.94 28.17 -9.83
C ARG V 192 28.96 27.02 -9.75
N THR V 193 28.94 26.20 -10.79
CA THR V 193 28.02 25.06 -10.81
C THR V 193 28.52 23.98 -9.84
N LYS V 194 27.58 23.50 -9.02
CA LYS V 194 27.92 22.66 -7.89
C LYS V 194 28.66 21.40 -8.30
N GLY V 195 28.05 20.56 -9.14
CA GLY V 195 28.71 19.33 -9.49
C GLY V 195 28.59 18.29 -8.41
N GLU V 196 29.69 17.63 -8.12
CA GLU V 196 29.75 16.53 -7.15
C GLU V 196 31.14 16.56 -6.50
N ALA V 197 31.16 16.74 -5.18
CA ALA V 197 32.39 17.08 -4.49
C ALA V 197 33.23 15.85 -4.17
N GLY V 198 34.44 15.81 -4.72
CA GLY V 198 35.49 14.96 -4.21
C GLY V 198 35.75 13.66 -4.93
N THR V 199 34.97 13.32 -5.95
CA THR V 199 35.07 12.01 -6.57
C THR V 199 35.87 12.00 -7.88
N GLY V 200 36.06 13.16 -8.50
CA GLY V 200 36.72 13.18 -9.79
C GLY V 200 35.86 12.74 -10.94
N ASN V 201 34.55 12.57 -10.73
CA ASN V 201 33.61 12.15 -11.75
C ASN V 201 32.78 13.37 -12.15
N ILE V 202 32.90 13.78 -13.41
CA ILE V 202 32.30 15.04 -13.87
C ILE V 202 30.87 14.87 -14.39
N ILE V 203 30.25 13.72 -14.18
CA ILE V 203 28.91 13.50 -14.73
C ILE V 203 27.94 14.52 -14.17
N GLU V 204 28.02 14.79 -12.86
CA GLU V 204 27.08 15.73 -12.25
C GLU V 204 27.41 17.17 -12.62
N ALA V 205 28.69 17.53 -12.65
CA ALA V 205 29.07 18.87 -13.08
C ALA V 205 28.63 19.11 -14.52
N VAL V 206 28.80 18.11 -15.39
CA VAL V 206 28.37 18.25 -16.77
C VAL V 206 26.85 18.38 -16.83
N ARG V 207 26.14 17.59 -16.04
CA ARG V 207 24.68 17.68 -16.03
C ARG V 207 24.22 19.06 -15.59
N HIS V 208 24.90 19.65 -14.59
CA HIS V 208 24.47 20.96 -14.10
C HIS V 208 24.81 22.06 -15.08
N VAL V 209 25.99 22.01 -15.70
CA VAL V 209 26.33 22.99 -16.73
C VAL V 209 25.32 22.91 -17.88
N ARG V 210 25.03 21.69 -18.33
CA ARG V 210 24.07 21.53 -19.41
C ARG V 210 22.69 22.01 -19.01
N SER V 211 22.29 21.80 -17.75
CA SER V 211 20.98 22.24 -17.30
C SER V 211 20.88 23.76 -17.26
N VAL V 212 21.92 24.42 -16.74
CA VAL V 212 21.90 25.88 -16.68
C VAL V 212 21.89 26.47 -18.07
N ASN V 213 22.78 25.99 -18.95
CA ASN V 213 22.84 26.55 -20.30
C ASN V 213 21.59 26.21 -21.09
N GLY V 214 20.97 25.06 -20.82
CA GLY V 214 19.74 24.72 -21.49
C GLY V 214 18.57 25.59 -21.05
N ASP V 215 18.49 25.86 -19.74
CA ASP V 215 17.48 26.80 -19.27
C ASP V 215 17.69 28.19 -19.86
N ILE V 216 18.94 28.63 -20.00
CA ILE V 216 19.20 29.93 -20.58
C ILE V 216 18.79 29.96 -22.05
N ARG V 217 19.11 28.89 -22.79
CA ARG V 217 18.73 28.83 -24.20
C ARG V 217 17.21 28.79 -24.35
N VAL V 218 16.54 28.05 -23.48
CA VAL V 218 15.07 28.00 -23.50
C VAL V 218 14.50 29.39 -23.23
N LEU V 219 15.07 30.09 -22.26
CA LEU V 219 14.58 31.41 -21.88
C LEU V 219 14.79 32.42 -23.01
N ARG V 220 15.90 32.29 -23.74
CA ARG V 220 16.24 33.29 -24.75
C ARG V 220 15.16 33.43 -25.82
N ASN V 221 14.57 32.32 -26.25
CA ASN V 221 13.50 32.34 -27.24
C ASN V 221 12.11 32.41 -26.62
N MET V 222 11.99 32.08 -25.33
CA MET V 222 10.67 31.96 -24.70
C MET V 222 9.84 33.21 -24.91
N ASP V 223 8.55 33.01 -25.16
CA ASP V 223 7.61 34.12 -25.32
C ASP V 223 7.52 34.92 -24.04
N ASP V 224 7.44 36.25 -24.17
CA ASP V 224 7.40 37.12 -23.01
C ASP V 224 6.23 36.77 -22.09
N ASP V 225 5.05 36.56 -22.67
CA ASP V 225 3.86 36.26 -21.87
C ASP V 225 4.03 35.00 -21.04
N GLU V 226 4.92 34.10 -21.43
CA GLU V 226 5.18 32.89 -20.67
C GLU V 226 6.28 33.05 -19.64
N VAL V 227 7.14 34.06 -19.80
CA VAL V 227 8.30 34.20 -18.92
C VAL V 227 7.89 34.20 -17.46
N PHE V 228 6.83 34.91 -17.11
CA PHE V 228 6.37 34.95 -15.72
C PHE V 228 6.18 33.54 -15.16
N THR V 229 5.47 32.69 -15.89
CA THR V 229 5.26 31.33 -15.42
C THR V 229 6.59 30.60 -15.26
N PHE V 230 7.51 30.82 -16.20
CA PHE V 230 8.85 30.26 -16.07
C PHE V 230 9.49 30.69 -14.76
N ALA V 231 9.37 31.98 -14.43
CA ALA V 231 9.93 32.47 -13.17
C ALA V 231 9.31 31.76 -11.98
N LYS V 232 8.05 31.34 -12.10
CA LYS V 232 7.42 30.60 -11.02
C LYS V 232 7.89 29.15 -11.02
N LYS V 233 8.18 28.60 -12.21
CA LYS V 233 8.64 27.22 -12.28
C LYS V 233 9.99 27.06 -11.60
N LEU V 234 10.86 28.05 -11.73
CA LEU V 234 12.16 28.01 -11.08
C LEU V 234 12.13 28.56 -9.66
N ALA V 235 11.12 29.33 -9.30
CA ALA V 235 11.10 30.11 -8.06
C ALA V 235 12.30 31.04 -8.00
N ALA V 236 12.51 31.77 -9.09
CA ALA V 236 13.58 32.73 -9.22
C ALA V 236 13.00 34.14 -9.40
N PRO V 237 13.72 35.17 -8.97
CA PRO V 237 13.22 36.54 -9.14
C PRO V 237 12.95 36.85 -10.61
N TYR V 238 11.81 37.46 -10.88
CA TYR V 238 11.42 37.71 -12.26
C TYR V 238 12.33 38.73 -12.92
N ASP V 239 12.77 39.74 -12.17
CA ASP V 239 13.63 40.76 -12.77
C ASP V 239 14.94 40.14 -13.24
N LEU V 240 15.51 39.22 -12.46
CA LEU V 240 16.71 38.53 -12.89
C LEU V 240 16.43 37.60 -14.05
N VAL V 241 15.24 37.00 -14.10
CA VAL V 241 14.89 36.16 -15.24
C VAL V 241 14.85 36.97 -16.52
N MET V 242 14.27 38.18 -16.45
CA MET V 242 14.21 39.02 -17.63
C MET V 242 15.60 39.53 -18.00
N GLN V 243 16.44 39.83 -17.00
CA GLN V 243 17.80 40.25 -17.31
C GLN V 243 18.58 39.12 -17.98
N THR V 244 18.38 37.88 -17.53
CA THR V 244 18.99 36.75 -18.21
C THR V 244 18.48 36.61 -19.64
N LYS V 245 17.17 36.71 -19.82
CA LYS V 245 16.58 36.61 -21.15
C LYS V 245 17.15 37.68 -22.08
N GLN V 246 17.42 38.86 -21.55
CA GLN V 246 17.99 39.93 -22.38
C GLN V 246 19.46 39.67 -22.68
N LEU V 247 20.21 39.21 -21.68
CA LEU V 247 21.65 39.03 -21.87
C LEU V 247 21.99 37.74 -22.62
N GLY V 248 21.09 36.76 -22.62
CA GLY V 248 21.41 35.48 -23.20
C GLY V 248 22.32 34.63 -22.35
N ARG V 249 22.58 35.04 -21.11
N ARG V 249 22.56 35.03 -21.11
CA ARG V 249 23.43 34.28 -20.20
CA ARG V 249 23.43 34.29 -20.20
C ARG V 249 23.20 34.81 -18.79
C ARG V 249 23.16 34.77 -18.78
N LEU V 250 23.81 34.13 -17.82
CA LEU V 250 23.70 34.57 -16.44
C LEU V 250 24.34 35.94 -16.29
N PRO V 251 23.75 36.84 -15.50
CA PRO V 251 24.31 38.20 -15.39
C PRO V 251 25.65 38.28 -14.70
N VAL V 252 26.23 37.15 -14.27
CA VAL V 252 27.49 37.14 -13.55
C VAL V 252 28.42 36.12 -14.20
N VAL V 253 29.67 36.11 -13.74
CA VAL V 253 30.62 35.12 -14.21
C VAL V 253 30.20 33.74 -13.71
N GLN V 254 30.38 32.73 -14.56
CA GLN V 254 29.83 31.40 -14.31
C GLN V 254 30.97 30.38 -14.41
N PHE V 255 31.28 29.74 -13.30
CA PHE V 255 32.37 28.79 -13.22
C PHE V 255 31.84 27.37 -13.06
N ALA V 256 32.73 26.40 -13.25
CA ALA V 256 32.40 25.01 -13.02
C ALA V 256 33.22 24.46 -11.87
N ALA V 257 32.68 23.46 -11.19
CA ALA V 257 33.36 22.89 -10.03
C ALA V 257 32.87 21.48 -9.79
N GLY V 258 33.77 20.63 -9.31
CA GLY V 258 33.40 19.28 -8.91
C GLY V 258 33.78 18.23 -9.93
N GLY V 259 34.86 17.52 -9.67
CA GLY V 259 35.26 16.42 -10.51
C GLY V 259 36.25 16.76 -11.60
N VAL V 260 36.53 18.04 -11.85
CA VAL V 260 37.47 18.40 -12.90
C VAL V 260 38.85 17.93 -12.48
N ALA V 261 39.36 16.89 -13.15
CA ALA V 261 40.63 16.28 -12.78
C ALA V 261 41.66 16.25 -13.90
N THR V 262 41.24 16.24 -15.16
CA THR V 262 42.14 16.13 -16.30
C THR V 262 41.92 17.31 -17.22
N PRO V 263 42.92 17.65 -18.03
CA PRO V 263 42.74 18.76 -18.99
C PRO V 263 41.54 18.59 -19.90
N ALA V 264 41.19 17.34 -20.24
CA ALA V 264 40.01 17.10 -21.03
C ALA V 264 38.75 17.58 -20.31
N ASP V 265 38.67 17.35 -19.00
CA ASP V 265 37.49 17.77 -18.25
C ASP V 265 37.38 19.29 -18.19
N ALA V 266 38.52 19.97 -17.99
CA ALA V 266 38.51 21.42 -17.94
C ALA V 266 38.12 22.01 -19.29
N ALA V 267 38.70 21.49 -20.37
CA ALA V 267 38.33 21.95 -21.69
C ALA V 267 36.86 21.65 -22.00
N LEU V 268 36.33 20.53 -21.51
CA LEU V 268 34.93 20.22 -21.73
C LEU V 268 34.03 21.22 -21.01
N MET V 269 34.37 21.54 -19.77
CA MET V 269 33.62 22.56 -19.05
C MET V 269 33.65 23.89 -19.77
N MET V 270 34.83 24.29 -20.26
CA MET V 270 34.94 25.57 -20.94
C MET V 270 34.24 25.55 -22.29
N GLN V 271 34.06 24.37 -22.89
CA GLN V 271 33.36 24.29 -24.17
C GLN V 271 31.86 24.21 -23.98
N LEU V 272 31.39 23.72 -22.82
CA LEU V 272 29.96 23.71 -22.56
C LEU V 272 29.42 25.10 -22.26
N GLY V 273 30.29 26.09 -22.10
CA GLY V 273 29.83 27.46 -21.94
C GLY V 273 30.33 28.16 -20.69
N CYS V 274 31.01 27.42 -19.81
CA CYS V 274 31.50 28.01 -18.57
C CYS V 274 32.60 29.02 -18.85
N ASP V 275 33.00 29.71 -17.78
CA ASP V 275 34.07 30.71 -17.86
C ASP V 275 35.33 30.28 -17.11
N GLY V 276 35.30 29.15 -16.44
CA GLY V 276 36.45 28.69 -15.67
C GLY V 276 36.13 27.38 -14.99
N VAL V 277 37.07 26.93 -14.17
CA VAL V 277 36.93 25.64 -13.49
C VAL V 277 37.53 25.73 -12.09
N PHE V 278 37.05 24.85 -11.21
CA PHE V 278 37.63 24.67 -9.89
C PHE V 278 38.28 23.28 -9.81
N VAL V 279 39.54 23.26 -9.41
CA VAL V 279 40.30 22.01 -9.26
C VAL V 279 40.78 21.94 -7.82
N GLY V 280 40.28 20.97 -7.06
CA GLY V 280 40.50 20.98 -5.62
C GLY V 280 41.66 20.18 -5.05
N SER V 281 41.70 18.88 -5.29
CA SER V 281 42.63 18.01 -4.59
C SER V 281 43.47 17.13 -5.48
N GLY V 282 42.91 16.60 -6.57
CA GLY V 282 43.57 15.56 -7.33
C GLY V 282 44.88 15.96 -7.94
N ILE V 283 45.20 17.26 -7.97
CA ILE V 283 46.42 17.72 -8.62
C ILE V 283 47.61 17.54 -7.69
N PHE V 284 47.42 17.82 -6.41
CA PHE V 284 48.51 17.78 -5.45
C PHE V 284 48.66 16.43 -4.77
N LYS V 285 47.79 15.47 -5.08
CA LYS V 285 47.91 14.11 -4.58
C LYS V 285 48.40 13.15 -5.65
N SER V 286 48.74 13.64 -6.83
CA SER V 286 49.10 12.80 -7.97
C SER V 286 50.62 12.69 -8.11
N GLY V 287 51.04 12.07 -9.21
CA GLY V 287 52.46 11.83 -9.44
C GLY V 287 53.26 13.11 -9.61
N ASP V 288 52.70 14.10 -10.29
CA ASP V 288 53.36 15.39 -10.50
C ASP V 288 52.31 16.49 -10.41
N PRO V 289 52.36 17.30 -9.35
CA PRO V 289 51.36 18.37 -9.22
C PRO V 289 51.57 19.51 -10.21
N ALA V 290 52.81 19.97 -10.37
CA ALA V 290 53.07 21.09 -11.28
C ALA V 290 52.68 20.75 -12.70
N ARG V 291 52.99 19.53 -13.15
CA ARG V 291 52.69 19.15 -14.53
C ARG V 291 51.19 19.15 -14.79
N ARG V 292 50.42 18.48 -13.92
CA ARG V 292 48.97 18.40 -14.13
C ARG V 292 48.32 19.77 -13.97
N ALA V 293 48.80 20.58 -13.04
CA ALA V 293 48.24 21.91 -12.85
C ALA V 293 48.48 22.78 -14.09
N ARG V 294 49.71 22.76 -14.61
CA ARG V 294 50.01 23.50 -15.83
C ARG V 294 49.19 22.98 -17.00
N ALA V 295 48.99 21.66 -17.05
CA ALA V 295 48.19 21.09 -18.13
C ALA V 295 46.75 21.58 -18.08
N ILE V 296 46.17 21.60 -16.88
CA ILE V 296 44.77 22.05 -16.75
C ILE V 296 44.66 23.54 -17.07
N VAL V 297 45.64 24.34 -16.63
CA VAL V 297 45.62 25.77 -16.95
C VAL V 297 45.69 25.98 -18.45
N GLN V 298 46.62 25.28 -19.11
CA GLN V 298 46.74 25.40 -20.56
C GLN V 298 45.50 24.90 -21.28
N ALA V 299 44.82 23.89 -20.72
CA ALA V 299 43.60 23.41 -21.33
C ALA V 299 42.49 24.44 -21.25
N VAL V 300 42.38 25.11 -20.10
CA VAL V 300 41.36 26.16 -19.97
C VAL V 300 41.68 27.32 -20.88
N THR V 301 42.96 27.70 -20.98
CA THR V 301 43.33 28.83 -21.82
C THR V 301 43.09 28.51 -23.30
N HIS V 302 43.31 27.26 -23.70
CA HIS V 302 43.20 26.82 -25.09
C HIS V 302 42.10 25.79 -25.28
N TYR V 303 40.91 26.06 -24.73
CA TYR V 303 39.84 25.06 -24.70
C TYR V 303 39.35 24.67 -26.09
N SER V 304 39.82 25.33 -27.15
CA SER V 304 39.41 25.01 -28.50
C SER V 304 40.55 24.48 -29.36
N ASP V 305 41.66 24.03 -28.76
CA ASP V 305 42.83 23.55 -29.48
C ASP V 305 43.08 22.11 -29.11
N PRO V 306 42.57 21.15 -29.89
CA PRO V 306 42.75 19.73 -29.54
C PRO V 306 44.21 19.30 -29.51
N GLU V 307 45.04 19.83 -30.41
CA GLU V 307 46.46 19.47 -30.38
C GLU V 307 47.12 19.94 -29.09
N MET V 308 46.74 21.12 -28.60
CA MET V 308 47.27 21.58 -27.33
C MET V 308 46.82 20.69 -26.18
N LEU V 309 45.54 20.30 -26.18
CA LEU V 309 45.05 19.38 -25.15
C LEU V 309 45.80 18.06 -25.21
N VAL V 310 46.22 17.63 -26.41
CA VAL V 310 46.99 16.40 -26.53
C VAL V 310 48.38 16.58 -25.93
N GLU V 311 49.07 17.65 -26.33
CA GLU V 311 50.43 17.86 -25.86
C GLU V 311 50.48 18.04 -24.34
N VAL V 312 49.48 18.71 -23.77
CA VAL V 312 49.47 18.89 -22.33
C VAL V 312 49.07 17.62 -21.60
N SER V 313 48.44 16.67 -22.29
CA SER V 313 48.09 15.39 -21.70
C SER V 313 49.15 14.35 -22.00
N PRO W 51 9.21 33.08 44.57
CA PRO W 51 9.08 34.23 43.67
C PRO W 51 9.80 34.00 42.36
N PHE W 52 9.04 33.70 41.30
CA PHE W 52 9.65 33.39 40.01
C PHE W 52 10.46 34.57 39.48
N SER W 53 9.94 35.79 39.67
CA SER W 53 10.65 36.97 39.17
C SER W 53 12.02 37.12 39.82
N VAL W 54 12.17 36.68 41.06
CA VAL W 54 13.48 36.70 41.70
C VAL W 54 14.45 35.77 40.98
N LYS W 55 13.96 34.59 40.58
CA LYS W 55 14.80 33.66 39.82
C LYS W 55 15.17 34.23 38.47
N VAL W 56 14.21 34.88 37.80
CA VAL W 56 14.50 35.49 36.50
C VAL W 56 15.56 36.57 36.65
N GLY W 57 15.40 37.45 37.63
CA GLY W 57 16.39 38.49 37.84
C GLY W 57 17.75 37.94 38.24
N LEU W 58 17.76 36.82 38.97
CA LEU W 58 19.02 36.18 39.34
C LEU W 58 19.72 35.61 38.12
N ALA W 59 18.96 35.05 37.18
CA ALA W 59 19.56 34.51 35.96
C ALA W 59 19.96 35.61 34.98
N GLN W 60 19.49 36.84 35.17
CA GLN W 60 19.79 37.91 34.22
C GLN W 60 21.27 38.22 34.16
N MET W 61 21.99 38.04 35.27
CA MET W 61 23.41 38.41 35.30
C MET W 61 24.25 37.48 34.44
N LEU W 62 23.67 36.40 33.91
CA LEU W 62 24.37 35.56 32.95
C LEU W 62 24.35 36.11 31.54
N ARG W 63 23.61 37.20 31.29
CA ARG W 63 23.47 37.73 29.94
C ARG W 63 24.82 38.15 29.40
N GLY W 64 25.06 37.80 28.13
CA GLY W 64 26.30 38.18 27.47
C GLY W 64 27.52 37.42 27.91
N GLY W 65 27.36 36.16 28.35
CA GLY W 65 28.48 35.36 28.82
C GLY W 65 28.52 34.00 28.16
N VAL W 66 29.47 33.19 28.64
CA VAL W 66 29.72 31.85 28.11
C VAL W 66 29.64 30.87 29.27
N ILE W 67 29.02 29.72 29.03
CA ILE W 67 28.91 28.66 30.03
C ILE W 67 29.65 27.44 29.51
N MET W 68 30.59 26.92 30.30
CA MET W 68 31.55 25.95 29.84
C MET W 68 31.44 24.66 30.65
N ASP W 69 31.30 23.53 29.95
CA ASP W 69 31.24 22.24 30.63
C ASP W 69 32.60 21.91 31.23
N VAL W 70 32.64 21.71 32.54
CA VAL W 70 33.87 21.36 33.22
C VAL W 70 33.70 20.00 33.87
N VAL W 71 34.80 19.27 34.03
CA VAL W 71 34.78 17.93 34.61
C VAL W 71 35.75 17.77 35.76
N ASN W 72 36.49 18.81 36.11
CA ASN W 72 37.40 18.76 37.24
C ASN W 72 37.67 20.18 37.72
N ALA W 73 38.38 20.29 38.84
CA ALA W 73 38.69 21.61 39.37
C ALA W 73 39.64 22.38 38.47
N GLU W 74 40.49 21.68 37.71
CA GLU W 74 41.45 22.36 36.86
C GLU W 74 40.79 22.93 35.62
N GLN W 75 39.92 22.13 34.97
CA GLN W 75 39.14 22.66 33.86
C GLN W 75 38.23 23.79 34.32
N ALA W 76 37.70 23.68 35.54
CA ALA W 76 36.88 24.76 36.08
C ALA W 76 37.69 26.02 36.29
N ARG W 77 38.92 25.89 36.79
CA ARG W 77 39.77 27.05 36.99
C ARG W 77 40.14 27.69 35.65
N ILE W 78 40.44 26.87 34.64
CA ILE W 78 40.73 27.41 33.32
C ILE W 78 39.52 28.17 32.78
N ALA W 79 38.35 27.52 32.79
CA ALA W 79 37.14 28.16 32.28
C ALA W 79 36.82 29.43 33.05
N GLU W 80 37.21 29.50 34.32
CA GLU W 80 37.05 30.74 35.07
C GLU W 80 38.01 31.80 34.56
N GLU W 81 39.28 31.45 34.38
CA GLU W 81 40.25 32.44 33.97
C GLU W 81 40.05 32.89 32.53
N ALA W 82 39.36 32.08 31.73
CA ALA W 82 39.02 32.49 30.37
C ALA W 82 37.89 33.50 30.34
N GLY W 83 37.19 33.70 31.44
CA GLY W 83 36.13 34.69 31.50
C GLY W 83 34.72 34.15 31.40
N ALA W 84 34.51 32.86 31.60
CA ALA W 84 33.16 32.30 31.57
C ALA W 84 32.33 32.88 32.69
N CYS W 85 31.01 32.94 32.48
CA CYS W 85 30.11 33.44 33.50
C CYS W 85 29.64 32.36 34.46
N ALA W 86 29.70 31.09 34.04
CA ALA W 86 29.27 29.98 34.86
C ALA W 86 29.84 28.70 34.27
N VAL W 87 29.95 27.67 35.10
CA VAL W 87 30.45 26.37 34.66
C VAL W 87 29.35 25.33 34.89
N MET W 88 29.40 24.28 34.09
CA MET W 88 28.43 23.19 34.15
C MET W 88 29.17 21.95 34.65
N ALA W 89 29.22 21.78 35.96
CA ALA W 89 29.92 20.65 36.55
C ALA W 89 29.29 19.35 36.08
N LEU W 90 30.13 18.41 35.64
CA LEU W 90 29.66 17.11 35.19
C LEU W 90 30.82 16.14 35.16
N GLU W 91 30.52 14.85 35.35
CA GLU W 91 31.56 13.87 35.57
C GLU W 91 32.50 13.72 34.38
N ARG W 92 31.95 13.58 33.16
CA ARG W 92 32.75 13.42 31.96
C ARG W 92 31.98 14.00 30.77
N VAL W 93 32.70 14.70 29.91
CA VAL W 93 32.13 15.55 28.84
C VAL W 93 31.18 14.76 27.95
N PRO W 94 30.29 15.45 27.20
CA PRO W 94 29.42 14.72 26.25
C PRO W 94 30.18 13.81 25.31
N ALA W 95 31.39 14.19 24.89
CA ALA W 95 32.22 13.28 24.11
C ALA W 95 32.56 12.03 24.91
N ASP W 96 32.81 12.19 26.21
CA ASP W 96 33.09 11.02 27.04
C ASP W 96 31.82 10.24 27.35
N ILE W 97 30.67 10.91 27.39
CA ILE W 97 29.40 10.19 27.47
C ILE W 97 29.23 9.31 26.23
N ARG W 98 29.61 9.83 25.07
CA ARG W 98 29.57 9.02 23.85
C ARG W 98 30.57 7.88 23.91
N ALA W 99 31.77 8.16 24.45
CA ALA W 99 32.80 7.13 24.52
C ALA W 99 32.40 5.97 25.42
N GLN W 100 31.99 6.27 26.66
CA GLN W 100 31.49 5.24 27.55
C GLN W 100 30.16 4.68 27.10
N GLY W 101 29.32 5.49 26.47
CA GLY W 101 27.97 5.06 26.18
C GLY W 101 27.18 4.97 27.46
N GLY W 102 26.17 4.10 27.44
CA GLY W 102 25.37 3.84 28.62
C GLY W 102 24.57 5.06 29.06
N VAL W 103 24.11 4.99 30.30
CA VAL W 103 23.28 6.03 30.87
C VAL W 103 24.16 7.08 31.56
N ALA W 104 23.79 8.34 31.43
CA ALA W 104 24.45 9.45 32.09
C ALA W 104 23.49 10.07 33.07
N ARG W 105 23.96 10.34 34.28
CA ARG W 105 23.11 10.83 35.37
C ARG W 105 23.66 12.15 35.88
N MET W 106 23.04 12.64 36.95
CA MET W 106 23.57 13.79 37.68
C MET W 106 25.00 13.52 38.11
N SER W 107 25.84 14.55 38.00
CA SER W 107 27.24 14.42 38.37
C SER W 107 27.38 14.13 39.87
N ASP W 108 28.53 13.59 40.24
CA ASP W 108 28.76 13.15 41.61
C ASP W 108 28.82 14.35 42.54
N PRO W 109 28.14 14.31 43.69
CA PRO W 109 28.14 15.47 44.60
C PRO W 109 29.52 15.89 45.07
N GLN W 110 30.46 14.95 45.22
CA GLN W 110 31.78 15.30 45.72
C GLN W 110 32.51 16.21 44.75
N MET W 111 32.45 15.89 43.45
CA MET W 111 33.15 16.73 42.49
C MET W 111 32.42 18.06 42.30
N ILE W 112 31.10 18.09 42.46
CA ILE W 112 30.40 19.37 42.46
C ILE W 112 30.88 20.24 43.61
N LYS W 113 31.04 19.66 44.79
CA LYS W 113 31.53 20.44 45.93
C LYS W 113 32.96 20.90 45.70
N GLU W 114 33.79 20.05 45.10
CA GLU W 114 35.16 20.44 44.80
C GLU W 114 35.21 21.61 43.83
N ILE W 115 34.44 21.52 42.74
CA ILE W 115 34.39 22.61 41.76
C ILE W 115 33.87 23.88 42.42
N LYS W 116 32.77 23.79 43.16
CA LYS W 116 32.20 24.96 43.82
C LYS W 116 33.20 25.59 44.77
N GLN W 117 34.06 24.78 45.39
CA GLN W 117 35.10 25.32 46.26
C GLN W 117 36.29 25.85 45.47
N ALA W 118 36.43 25.45 44.21
CA ALA W 118 37.58 25.83 43.40
C ALA W 118 37.39 27.14 42.65
N VAL W 119 36.17 27.44 42.21
CA VAL W 119 35.90 28.66 41.46
C VAL W 119 34.94 29.54 42.25
N THR W 120 34.84 30.80 41.84
CA THR W 120 33.97 31.76 42.50
C THR W 120 32.72 32.09 41.69
N ILE W 121 32.75 31.85 40.38
CA ILE W 121 31.62 32.15 39.50
C ILE W 121 30.45 31.23 39.83
N PRO W 122 29.23 31.53 39.38
CA PRO W 122 28.14 30.57 39.53
C PRO W 122 28.50 29.21 38.96
N VAL W 123 27.99 28.17 39.60
CA VAL W 123 28.27 26.80 39.22
C VAL W 123 26.94 26.10 38.95
N MET W 124 26.82 25.49 37.78
CA MET W 124 25.63 24.76 37.40
C MET W 124 25.86 23.27 37.57
N ALA W 125 24.77 22.51 37.39
CA ALA W 125 24.84 21.07 37.32
C ALA W 125 23.66 20.59 36.51
N LYS W 126 23.79 19.39 35.94
N LYS W 126 23.79 19.39 35.94
CA LYS W 126 22.78 18.82 35.09
CA LYS W 126 22.78 18.82 35.09
C LYS W 126 21.90 17.86 35.89
C LYS W 126 21.90 17.86 35.89
N ALA W 127 20.60 17.88 35.60
CA ALA W 127 19.64 16.98 36.21
C ALA W 127 18.78 16.38 35.12
N ARG W 128 18.56 15.07 35.22
CA ARG W 128 17.79 14.38 34.19
C ARG W 128 16.37 14.93 34.12
N ILE W 129 15.78 14.86 32.94
CA ILE W 129 14.45 15.42 32.73
C ILE W 129 13.43 14.67 33.56
N GLY W 130 12.62 15.42 34.30
CA GLY W 130 11.61 14.81 35.14
C GLY W 130 12.13 14.15 36.39
N HIS W 131 13.44 14.09 36.57
CA HIS W 131 14.03 13.49 37.77
C HIS W 131 14.14 14.57 38.84
N PHE W 132 13.03 14.78 39.55
CA PHE W 132 13.00 15.85 40.53
C PHE W 132 13.82 15.54 41.78
N VAL W 133 14.21 14.28 41.98
CA VAL W 133 15.02 13.96 43.15
C VAL W 133 16.47 14.34 42.92
N GLU W 134 16.97 14.19 41.69
CA GLU W 134 18.28 14.74 41.38
C GLU W 134 18.29 16.24 41.55
N ALA W 135 17.18 16.90 41.19
CA ALA W 135 17.07 18.33 41.41
C ALA W 135 17.06 18.66 42.90
N GLN W 136 16.40 17.84 43.72
CA GLN W 136 16.41 18.05 45.16
C GLN W 136 17.81 17.91 45.72
N ILE W 137 18.55 16.90 45.25
CA ILE W 137 19.92 16.69 45.70
C ILE W 137 20.79 17.88 45.32
N LEU W 138 20.65 18.36 44.08
CA LEU W 138 21.44 19.49 43.62
C LEU W 138 21.12 20.74 44.41
N GLU W 139 19.83 21.01 44.66
CA GLU W 139 19.46 22.16 45.46
C GLU W 139 20.00 22.04 46.89
N ALA W 140 20.08 20.81 47.41
CA ALA W 140 20.62 20.64 48.75
C ALA W 140 22.13 20.76 48.79
N ILE W 141 22.81 20.55 47.65
CA ILE W 141 24.25 20.81 47.60
C ILE W 141 24.52 22.30 47.62
N GLY W 142 23.63 23.10 47.03
CA GLY W 142 23.77 24.54 47.06
C GLY W 142 24.29 25.16 45.78
N ILE W 143 24.13 24.48 44.64
CA ILE W 143 24.59 25.02 43.37
C ILE W 143 23.75 26.23 43.01
N ASP W 144 24.23 27.04 42.06
CA ASP W 144 23.54 28.28 41.69
C ASP W 144 22.44 28.08 40.66
N TYR W 145 22.65 27.25 39.66
CA TYR W 145 21.64 26.97 38.65
C TYR W 145 21.59 25.47 38.40
N ILE W 146 20.40 24.97 38.07
CA ILE W 146 20.20 23.57 37.75
C ILE W 146 19.75 23.49 36.30
N ASP W 147 20.35 22.59 35.54
CA ASP W 147 20.06 22.44 34.12
C ASP W 147 19.32 21.12 33.93
N GLU W 148 18.02 21.21 33.66
CA GLU W 148 17.23 20.02 33.34
C GLU W 148 17.62 19.61 31.93
N SER W 149 18.64 18.78 31.84
CA SER W 149 19.40 18.59 30.60
C SER W 149 18.91 17.37 29.84
N GLU W 150 18.52 17.59 28.59
CA GLU W 150 18.27 16.51 27.64
C GLU W 150 19.55 15.91 27.10
N VAL W 151 20.70 16.58 27.30
CA VAL W 151 21.98 16.00 26.94
C VAL W 151 22.22 14.72 27.74
N LEU W 152 21.73 14.68 28.97
CA LEU W 152 21.77 13.47 29.77
C LEU W 152 20.68 12.51 29.31
N THR W 153 20.47 11.46 30.10
CA THR W 153 19.45 10.48 29.75
C THR W 153 18.10 10.90 30.32
N LEU W 154 17.05 10.67 29.55
CA LEU W 154 15.69 10.94 30.00
C LEU W 154 15.34 10.08 31.21
N ALA W 155 14.85 10.73 32.27
CA ALA W 155 14.36 10.02 33.44
C ALA W 155 12.85 9.93 33.48
N ASP W 156 12.15 10.87 32.85
CA ASP W 156 10.70 10.82 32.73
C ASP W 156 10.35 11.30 31.34
N GLU W 157 9.93 10.38 30.47
CA GLU W 157 9.70 10.71 29.07
C GLU W 157 8.52 11.65 28.89
N ASP W 158 7.51 11.56 29.75
CA ASP W 158 6.28 12.32 29.57
C ASP W 158 6.22 13.62 30.35
N HIS W 159 6.86 13.70 31.51
CA HIS W 159 6.71 14.85 32.39
C HIS W 159 8.06 15.44 32.74
N HIS W 160 8.12 16.76 32.80
CA HIS W 160 9.29 17.47 33.29
C HIS W 160 9.11 17.84 34.76
N ILE W 161 10.16 18.39 35.35
CA ILE W 161 10.09 18.75 36.77
C ILE W 161 9.14 19.92 36.96
N ASN W 162 8.33 19.84 38.01
CA ASN W 162 7.53 20.98 38.44
C ASN W 162 8.47 21.93 39.15
N LYS W 163 9.15 22.76 38.35
CA LYS W 163 10.28 23.53 38.85
C LYS W 163 9.87 24.67 39.78
N HIS W 164 8.59 24.78 40.12
CA HIS W 164 8.17 25.81 41.07
C HIS W 164 8.46 25.42 42.50
N ASN W 165 8.88 24.18 42.75
CA ASN W 165 9.08 23.70 44.11
C ASN W 165 10.47 23.99 44.66
N PHE W 166 11.39 24.51 43.84
CA PHE W 166 12.76 24.74 44.26
C PHE W 166 13.05 26.23 44.31
N ARG W 167 13.96 26.61 45.22
CA ARG W 167 14.40 28.00 45.30
C ARG W 167 15.55 28.28 44.35
N ILE W 168 16.03 27.26 43.65
CA ILE W 168 17.18 27.40 42.75
C ILE W 168 16.65 27.56 41.32
N PRO W 169 17.16 28.53 40.56
CA PRO W 169 16.68 28.71 39.19
C PRO W 169 17.11 27.57 38.29
N PHE W 170 16.25 27.23 37.34
CA PHE W 170 16.47 26.12 36.43
C PHE W 170 16.81 26.62 35.03
N VAL W 171 17.58 25.81 34.31
CA VAL W 171 17.90 26.06 32.91
C VAL W 171 17.35 24.90 32.10
N CYS W 172 16.41 25.20 31.19
CA CYS W 172 15.69 24.16 30.47
C CYS W 172 15.91 24.31 28.98
N GLY W 173 16.09 23.18 28.31
CA GLY W 173 16.26 23.18 26.87
C GLY W 173 14.98 23.45 26.13
N CYS W 174 15.12 23.83 24.86
CA CYS W 174 13.97 24.08 24.03
C CYS W 174 14.37 23.93 22.56
N ARG W 175 13.37 23.73 21.71
N ARG W 175 13.36 23.73 21.72
CA ARG W 175 13.59 23.64 20.28
CA ARG W 175 13.54 23.58 20.29
C ARG W 175 12.70 24.55 19.46
C ARG W 175 12.70 24.55 19.47
N ASN W 176 11.70 25.18 20.07
CA ASN W 176 10.83 26.11 19.37
C ASN W 176 10.18 27.01 20.42
N LEU W 177 9.28 27.87 19.96
CA LEU W 177 8.66 28.81 20.89
C LEU W 177 7.70 28.09 21.84
N GLY W 178 6.95 27.11 21.33
CA GLY W 178 6.02 26.39 22.18
C GLY W 178 6.71 25.72 23.34
N GLU W 179 7.85 25.06 23.07
N GLU W 179 7.84 25.04 23.07
CA GLU W 179 8.56 24.36 24.13
CA GLU W 179 8.57 24.36 24.13
C GLU W 179 9.15 25.33 25.12
C GLU W 179 9.14 25.34 25.13
N ALA W 180 9.71 26.45 24.64
CA ALA W 180 10.28 27.45 25.54
C ALA W 180 9.20 28.02 26.46
N LEU W 181 8.01 28.28 25.91
CA LEU W 181 6.94 28.82 26.73
C LEU W 181 6.43 27.78 27.73
N ARG W 182 6.34 26.52 27.31
CA ARG W 182 5.93 25.49 28.25
C ARG W 182 6.91 25.35 29.40
N ARG W 183 8.22 25.39 29.09
CA ARG W 183 9.22 25.27 30.13
C ARG W 183 9.20 26.48 31.06
N ILE W 184 8.94 27.67 30.52
CA ILE W 184 8.84 28.86 31.37
C ILE W 184 7.61 28.76 32.26
N ARG W 185 6.53 28.14 31.76
CA ARG W 185 5.36 27.96 32.60
C ARG W 185 5.61 26.95 33.69
N GLU W 186 6.35 25.88 33.40
CA GLU W 186 6.69 24.90 34.43
C GLU W 186 7.57 25.49 35.53
N GLY W 187 8.29 26.57 35.24
CA GLY W 187 9.08 27.24 36.27
C GLY W 187 10.52 27.52 35.88
N ALA W 188 10.89 27.20 34.65
CA ALA W 188 12.27 27.42 34.21
C ALA W 188 12.58 28.91 34.15
N ALA W 189 13.62 29.33 34.85
CA ALA W 189 14.02 30.72 34.92
C ALA W 189 15.04 31.10 33.85
N MET W 190 15.37 30.19 32.94
CA MET W 190 16.34 30.47 31.90
C MET W 190 16.25 29.36 30.86
N ILE W 191 16.26 29.76 29.59
CA ILE W 191 16.02 28.84 28.48
C ILE W 191 17.28 28.76 27.62
N ARG W 192 17.62 27.55 27.18
CA ARG W 192 18.69 27.36 26.23
C ARG W 192 18.18 26.54 25.06
N THR W 193 18.51 26.99 23.84
CA THR W 193 18.05 26.29 22.66
C THR W 193 18.84 25.00 22.47
N LYS W 194 18.10 23.91 22.24
CA LYS W 194 18.65 22.57 22.32
C LYS W 194 19.80 22.35 21.34
N GLY W 195 19.53 22.47 20.04
CA GLY W 195 20.58 22.18 19.09
C GLY W 195 20.75 20.69 18.90
N GLU W 196 22.00 20.24 18.94
CA GLU W 196 22.35 18.84 18.79
C GLU W 196 23.63 18.58 19.60
N ALA W 197 23.63 17.49 20.36
CA ALA W 197 24.69 17.28 21.34
C ALA W 197 25.85 16.48 20.77
N GLY W 198 27.04 17.09 20.79
CA GLY W 198 28.28 16.35 20.67
C GLY W 198 28.99 16.40 19.33
N THR W 199 28.36 16.95 18.29
CA THR W 199 28.92 16.85 16.94
C THR W 199 29.70 18.09 16.51
N GLY W 200 29.55 19.21 17.21
CA GLY W 200 30.22 20.42 16.78
C GLY W 200 29.63 21.06 15.53
N ASN W 201 28.45 20.63 15.11
CA ASN W 201 27.78 21.16 13.94
C ASN W 201 26.62 22.03 14.39
N ILE W 202 26.65 23.31 14.04
CA ILE W 202 25.68 24.27 14.55
C ILE W 202 24.45 24.41 13.68
N ILE W 203 24.25 23.52 12.71
CA ILE W 203 23.10 23.66 11.81
C ILE W 203 21.80 23.56 12.59
N GLU W 204 21.71 22.63 13.54
CA GLU W 204 20.48 22.48 14.31
C GLU W 204 20.31 23.60 15.33
N ALA W 205 21.40 24.00 15.99
CA ALA W 205 21.30 25.12 16.92
C ALA W 205 20.89 26.40 16.20
N VAL W 206 21.46 26.64 15.01
CA VAL W 206 21.08 27.81 14.23
C VAL W 206 19.62 27.72 13.81
N ARG W 207 19.18 26.54 13.38
CA ARG W 207 17.78 26.37 12.99
C ARG W 207 16.86 26.64 14.16
N HIS W 208 17.25 26.24 15.37
CA HIS W 208 16.37 26.42 16.53
C HIS W 208 16.33 27.88 16.97
N VAL W 209 17.48 28.55 17.00
CA VAL W 209 17.48 29.98 17.28
C VAL W 209 16.62 30.73 16.27
N ARG W 210 16.76 30.39 14.98
CA ARG W 210 15.98 31.05 13.96
C ARG W 210 14.50 30.76 14.13
N SER W 211 14.14 29.53 14.51
CA SER W 211 12.73 29.20 14.71
C SER W 211 12.13 29.97 15.87
N VAL W 212 12.85 30.04 16.99
CA VAL W 212 12.34 30.75 18.16
C VAL W 212 12.19 32.23 17.85
N ASN W 213 13.23 32.84 17.28
CA ASN W 213 13.17 34.27 17.00
C ASN W 213 12.16 34.58 15.90
N GLY W 214 11.95 33.65 14.97
CA GLY W 214 10.96 33.86 13.94
C GLY W 214 9.55 33.78 14.48
N ASP W 215 9.29 32.82 15.38
CA ASP W 215 7.99 32.80 16.05
C ASP W 215 7.76 34.05 16.88
N ILE W 216 8.80 34.56 17.54
CA ILE W 216 8.63 35.78 18.31
C ILE W 216 8.31 36.96 17.40
N ARG W 217 9.02 37.08 16.28
CA ARG W 217 8.75 38.18 15.36
C ARG W 217 7.37 38.06 14.74
N VAL W 218 6.93 36.83 14.43
CA VAL W 218 5.59 36.62 13.90
C VAL W 218 4.55 37.03 14.93
N LEU W 219 4.77 36.66 16.19
CA LEU W 219 3.85 36.98 17.26
C LEU W 219 3.76 38.48 17.49
N ARG W 220 4.88 39.19 17.34
CA ARG W 220 4.91 40.61 17.68
C ARG W 220 3.92 41.43 16.85
N ASN W 221 3.75 41.08 15.59
CA ASN W 221 2.79 41.76 14.73
C ASN W 221 1.43 41.06 14.66
N MET W 222 1.36 39.80 15.07
CA MET W 222 0.14 39.01 14.90
C MET W 222 -1.07 39.73 15.49
N ASP W 223 -2.18 39.64 14.77
CA ASP W 223 -3.44 40.23 15.24
C ASP W 223 -3.86 39.59 16.54
N ASP W 224 -4.42 40.40 17.44
CA ASP W 224 -4.84 39.89 18.75
C ASP W 224 -5.82 38.73 18.60
N ASP W 225 -6.84 38.90 17.75
CA ASP W 225 -7.87 37.89 17.59
C ASP W 225 -7.32 36.55 17.13
N GLU W 226 -6.16 36.54 16.50
CA GLU W 226 -5.54 35.29 16.04
C GLU W 226 -4.63 34.68 17.08
N VAL W 227 -4.15 35.46 18.06
CA VAL W 227 -3.17 34.98 19.02
C VAL W 227 -3.63 33.67 19.66
N PHE W 228 -4.89 33.60 20.07
CA PHE W 228 -5.41 32.38 20.69
C PHE W 228 -5.12 31.16 19.84
N THR W 229 -5.46 31.22 18.55
CA THR W 229 -5.20 30.09 17.68
C THR W 229 -3.71 29.77 17.63
N PHE W 230 -2.88 30.82 17.57
CA PHE W 230 -1.43 30.60 17.63
C PHE W 230 -1.05 29.84 18.88
N ALA W 231 -1.63 30.22 20.02
CA ALA W 231 -1.33 29.53 21.27
C ALA W 231 -1.72 28.06 21.19
N LYS W 232 -2.76 27.74 20.41
CA LYS W 232 -3.13 26.35 20.21
C LYS W 232 -2.19 25.67 19.24
N LYS W 233 -1.68 26.41 18.26
CA LYS W 233 -0.75 25.83 17.28
C LYS W 233 0.54 25.39 17.96
N LEU W 234 1.01 26.17 18.93
CA LEU W 234 2.21 25.82 19.68
C LEU W 234 1.91 24.89 20.86
N ALA W 235 0.66 24.83 21.31
CA ALA W 235 0.31 24.18 22.57
C ALA W 235 1.09 24.79 23.73
N ALA W 236 1.14 26.12 23.74
CA ALA W 236 1.80 26.91 24.76
C ALA W 236 0.77 27.70 25.56
N PRO W 237 1.05 27.98 26.83
CA PRO W 237 0.08 28.74 27.64
C PRO W 237 -0.19 30.10 27.03
N TYR W 238 -1.48 30.47 26.99
CA TYR W 238 -1.84 31.72 26.32
C TYR W 238 -1.30 32.93 27.07
N ASP W 239 -1.28 32.89 28.40
CA ASP W 239 -0.80 34.04 29.14
C ASP W 239 0.67 34.31 28.84
N LEU W 240 1.47 33.25 28.71
CA LEU W 240 2.87 33.44 28.35
C LEU W 240 3.00 33.88 26.89
N VAL W 241 2.09 33.44 26.03
CA VAL W 241 2.12 33.91 24.64
C VAL W 241 1.86 35.40 24.57
N MET W 242 0.90 35.89 25.36
CA MET W 242 0.62 37.32 25.37
C MET W 242 1.76 38.09 26.02
N GLN W 243 2.38 37.51 27.05
CA GLN W 243 3.54 38.18 27.65
C GLN W 243 4.68 38.30 26.66
N THR W 244 4.92 37.25 25.87
CA THR W 244 5.91 37.31 24.81
C THR W 244 5.55 38.37 23.78
N LYS W 245 4.30 38.38 23.34
CA LYS W 245 3.87 39.36 22.34
C LYS W 245 4.05 40.78 22.85
N GLN W 246 3.85 40.99 24.15
CA GLN W 246 4.05 42.33 24.71
C GLN W 246 5.53 42.67 24.82
N LEU W 247 6.35 41.73 25.29
CA LEU W 247 7.76 42.01 25.49
C LEU W 247 8.55 42.04 24.20
N GLY W 248 8.05 41.39 23.15
CA GLY W 248 8.82 41.28 21.93
C GLY W 248 9.94 40.27 21.99
N ARG W 249 10.01 39.47 23.05
N ARG W 249 10.00 39.47 23.04
CA ARG W 249 11.05 38.46 23.20
CA ARG W 249 11.04 38.46 23.20
C ARG W 249 10.57 37.44 24.22
C ARG W 249 10.55 37.42 24.20
N LEU W 250 11.34 36.38 24.37
CA LEU W 250 11.01 35.35 25.34
C LEU W 250 11.15 35.94 26.75
N PRO W 251 10.20 35.68 27.65
CA PRO W 251 10.18 36.40 28.94
C PRO W 251 11.35 36.08 29.85
N VAL W 252 12.30 35.25 29.44
CA VAL W 252 13.43 34.88 30.27
C VAL W 252 14.72 35.01 29.46
N VAL W 253 15.85 34.82 30.15
CA VAL W 253 17.12 34.79 29.46
C VAL W 253 17.14 33.59 28.52
N GLN W 254 17.81 33.75 27.39
CA GLN W 254 17.74 32.78 26.29
C GLN W 254 19.15 32.52 25.79
N PHE W 255 19.65 31.32 26.05
CA PHE W 255 21.00 30.93 25.69
C PHE W 255 20.98 29.97 24.51
N ALA W 256 22.14 29.79 23.88
CA ALA W 256 22.29 28.83 22.80
C ALA W 256 23.20 27.70 23.25
N ALA W 257 22.99 26.52 22.68
CA ALA W 257 23.76 25.36 23.08
C ALA W 257 23.78 24.35 21.94
N GLY W 258 24.87 23.60 21.84
CA GLY W 258 24.95 22.51 20.89
C GLY W 258 25.74 22.86 19.64
N GLY W 259 26.98 22.40 19.57
CA GLY W 259 27.80 22.59 18.41
C GLY W 259 28.66 23.83 18.40
N VAL W 260 28.51 24.72 19.38
CA VAL W 260 29.31 25.94 19.40
C VAL W 260 30.75 25.55 19.69
N ALA W 261 31.62 25.63 18.67
CA ALA W 261 32.99 25.18 18.78
C ALA W 261 34.03 26.24 18.46
N THR W 262 33.69 27.26 17.69
CA THR W 262 34.63 28.30 17.27
C THR W 262 34.07 29.66 17.64
N PRO W 263 34.93 30.67 17.76
CA PRO W 263 34.43 32.02 18.05
C PRO W 263 33.43 32.51 17.01
N ALA W 264 33.57 32.06 15.77
CA ALA W 264 32.60 32.42 14.75
C ALA W 264 31.21 31.91 15.11
N ASP W 265 31.13 30.69 15.66
CA ASP W 265 29.83 30.13 16.03
C ASP W 265 29.21 30.89 17.19
N ALA W 266 30.03 31.26 18.18
CA ALA W 266 29.52 32.01 19.31
C ALA W 266 29.01 33.39 18.88
N ALA W 267 29.78 34.07 18.04
CA ALA W 267 29.33 35.35 17.51
C ALA W 267 28.08 35.20 16.66
N LEU W 268 27.97 34.11 15.90
CA LEU W 268 26.77 33.87 15.12
C LEU W 268 25.55 33.73 16.03
N MET W 269 25.68 32.93 17.09
CA MET W 269 24.58 32.77 18.02
C MET W 269 24.20 34.10 18.67
N MET W 270 25.19 34.88 19.09
CA MET W 270 24.90 36.14 19.75
C MET W 270 24.33 37.17 18.78
N GLN W 271 24.58 36.99 17.48
CA GLN W 271 24.01 37.92 16.50
C GLN W 271 22.63 37.48 16.04
N LEU W 272 22.32 36.19 16.15
CA LEU W 272 20.98 35.74 15.84
C LEU W 272 19.96 36.13 16.89
N GLY W 273 20.41 36.66 18.03
CA GLY W 273 19.50 37.16 19.04
C GLY W 273 19.67 36.56 20.42
N CYS W 274 20.53 35.55 20.55
CA CYS W 274 20.71 34.89 21.83
C CYS W 274 21.38 35.83 22.84
N ASP W 275 21.45 35.36 24.08
CA ASP W 275 22.09 36.10 25.16
C ASP W 275 23.38 35.45 25.63
N GLY W 276 23.70 34.28 25.13
CA GLY W 276 24.90 33.58 25.53
C GLY W 276 25.00 32.25 24.81
N VAL W 277 26.03 31.49 25.17
CA VAL W 277 26.31 30.22 24.50
C VAL W 277 26.79 29.18 25.51
N PHE W 278 26.62 27.91 25.15
CA PHE W 278 27.19 26.79 25.88
C PHE W 278 28.28 26.14 25.05
N VAL W 279 29.42 25.88 25.67
CA VAL W 279 30.55 25.24 25.02
C VAL W 279 30.98 24.05 25.86
N GLY W 280 30.80 22.84 25.34
CA GLY W 280 30.94 21.66 26.18
C GLY W 280 32.27 20.92 26.23
N SER W 281 32.75 20.43 25.09
CA SER W 281 33.87 19.50 25.10
C SER W 281 35.01 19.89 24.18
N GLY W 282 34.72 20.43 22.99
CA GLY W 282 35.76 20.66 22.01
C GLY W 282 36.82 21.64 22.43
N ILE W 283 36.64 22.30 23.57
CA ILE W 283 37.59 23.32 24.01
C ILE W 283 38.76 22.67 24.71
N PHE W 284 38.48 21.73 25.61
CA PHE W 284 39.53 21.11 26.42
C PHE W 284 40.11 19.86 25.77
N LYS W 285 39.53 19.38 24.68
CA LYS W 285 40.09 18.27 23.91
C LYS W 285 40.92 18.74 22.74
N SER W 286 41.10 20.04 22.56
CA SER W 286 41.77 20.61 21.40
C SER W 286 43.24 20.83 21.67
N GLY W 287 43.89 21.52 20.73
CA GLY W 287 45.33 21.76 20.85
C GLY W 287 45.69 22.65 22.03
N ASP W 288 44.92 23.72 22.25
CA ASP W 288 45.13 24.64 23.36
C ASP W 288 43.77 25.03 23.92
N PRO W 289 43.45 24.57 25.14
CA PRO W 289 42.13 24.89 25.70
C PRO W 289 41.98 26.34 26.14
N ALA W 290 43.00 26.89 26.81
CA ALA W 290 42.89 28.25 27.32
C ALA W 290 42.72 29.25 26.18
N ARG W 291 43.47 29.06 25.09
CA ARG W 291 43.38 29.99 23.97
C ARG W 291 41.99 29.97 23.33
N ARG W 292 41.47 28.77 23.06
CA ARG W 292 40.15 28.69 22.43
C ARG W 292 39.05 29.18 23.35
N ALA W 293 39.16 28.89 24.65
CA ALA W 293 38.16 29.36 25.60
C ALA W 293 38.16 30.88 25.67
N ARG W 294 39.35 31.49 25.77
CA ARG W 294 39.43 32.94 25.78
C ARG W 294 38.91 33.53 24.48
N ALA W 295 39.18 32.87 23.36
CA ALA W 295 38.69 33.35 22.07
C ALA W 295 37.17 33.33 22.02
N ILE W 296 36.54 32.26 22.50
CA ILE W 296 35.09 32.18 22.47
C ILE W 296 34.48 33.21 23.42
N VAL W 297 35.10 33.42 24.59
CA VAL W 297 34.60 34.42 25.51
C VAL W 297 34.68 35.80 24.88
N GLN W 298 35.81 36.13 24.25
CA GLN W 298 35.95 37.42 23.59
C GLN W 298 34.98 37.56 22.42
N ALA W 299 34.67 36.46 21.74
CA ALA W 299 33.70 36.52 20.65
C ALA W 299 32.30 36.82 21.18
N VAL W 300 31.92 36.21 22.29
CA VAL W 300 30.62 36.50 22.88
C VAL W 300 30.57 37.94 23.37
N THR W 301 31.65 38.43 23.96
CA THR W 301 31.65 39.79 24.48
C THR W 301 31.61 40.81 23.34
N HIS W 302 32.30 40.54 22.24
CA HIS W 302 32.42 41.47 21.12
C HIS W 302 31.78 40.90 19.85
N TYR W 303 30.55 40.39 19.96
CA TYR W 303 29.92 39.70 18.84
C TYR W 303 29.68 40.61 17.64
N SER W 304 29.86 41.91 17.78
CA SER W 304 29.67 42.85 16.67
C SER W 304 30.97 43.46 16.18
N ASP W 305 32.11 42.81 16.44
CA ASP W 305 33.43 43.33 16.07
C ASP W 305 34.14 42.31 15.21
N PRO W 306 34.05 42.43 13.88
CA PRO W 306 34.72 41.44 13.01
C PRO W 306 36.22 41.40 13.18
N GLU W 307 36.87 42.55 13.39
CA GLU W 307 38.32 42.56 13.59
C GLU W 307 38.70 41.81 14.86
N MET W 308 37.90 41.95 15.92
CA MET W 308 38.16 41.21 17.15
C MET W 308 37.97 39.70 16.93
N LEU W 309 36.91 39.33 16.21
CA LEU W 309 36.71 37.91 15.89
C LEU W 309 37.87 37.36 15.09
N VAL W 310 38.47 38.19 14.22
CA VAL W 310 39.63 37.75 13.45
C VAL W 310 40.84 37.56 14.37
N GLU W 311 41.11 38.56 15.22
CA GLU W 311 42.29 38.49 16.08
C GLU W 311 42.20 37.31 17.04
N VAL W 312 41.01 37.03 17.57
CA VAL W 312 40.87 35.90 18.48
C VAL W 312 40.93 34.57 17.76
N SER W 313 40.74 34.57 16.44
CA SER W 313 40.84 33.34 15.65
C SER W 313 42.20 33.23 14.98
N PRO X 51 -5.94 -18.59 52.35
CA PRO X 51 -5.70 -17.46 53.24
C PRO X 51 -4.91 -16.34 52.55
N PHE X 52 -5.48 -15.78 51.48
CA PHE X 52 -4.76 -14.76 50.72
C PHE X 52 -4.43 -13.56 51.58
N SER X 53 -5.34 -13.16 52.46
CA SER X 53 -5.09 -12.02 53.33
C SER X 53 -3.89 -12.26 54.23
N VAL X 54 -3.64 -13.51 54.61
CA VAL X 54 -2.44 -13.83 55.39
C VAL X 54 -1.20 -13.55 54.57
N LYS X 55 -1.22 -13.89 53.28
CA LYS X 55 -0.07 -13.61 52.42
C LYS X 55 0.12 -12.12 52.24
N VAL X 56 -0.97 -11.37 52.08
CA VAL X 56 -0.86 -9.92 51.93
C VAL X 56 -0.26 -9.31 53.19
N GLY X 57 -0.74 -9.73 54.36
CA GLY X 57 -0.18 -9.21 55.60
C GLY X 57 1.26 -9.64 55.82
N LEU X 58 1.62 -10.82 55.32
CA LEU X 58 3.00 -11.28 55.44
C LEU X 58 3.93 -10.45 54.58
N ALA X 59 3.49 -10.09 53.38
CA ALA X 59 4.30 -9.25 52.51
C ALA X 59 4.37 -7.81 52.97
N GLN X 60 3.55 -7.42 53.96
CA GLN X 60 3.53 -6.02 54.39
C GLN X 60 4.84 -5.61 55.06
N MET X 61 5.52 -6.54 55.71
CA MET X 61 6.73 -6.17 56.44
C MET X 61 7.87 -5.78 55.51
N LEU X 62 7.70 -5.97 54.20
CA LEU X 62 8.68 -5.50 53.23
C LEU X 62 8.50 -4.04 52.86
N ARG X 63 7.43 -3.39 53.32
CA ARG X 63 7.17 -2.00 52.97
C ARG X 63 8.30 -1.11 53.46
N GLY X 64 8.70 -0.16 52.61
CA GLY X 64 9.74 0.77 52.97
C GLY X 64 11.13 0.18 53.03
N GLY X 65 11.40 -0.88 52.28
CA GLY X 65 12.69 -1.53 52.28
C GLY X 65 13.26 -1.67 50.88
N VAL X 66 14.40 -2.35 50.81
CA VAL X 66 15.14 -2.56 49.57
C VAL X 66 15.35 -4.06 49.39
N ILE X 67 15.22 -4.53 48.15
CA ILE X 67 15.44 -5.93 47.81
C ILE X 67 16.57 -6.00 46.81
N MET X 68 17.58 -6.82 47.09
CA MET X 68 18.82 -6.83 46.34
C MET X 68 19.10 -8.23 45.80
N ASP X 69 19.36 -8.32 44.50
CA ASP X 69 19.74 -9.59 43.90
C ASP X 69 21.13 -10.00 44.36
N VAL X 70 21.21 -11.13 45.05
CA VAL X 70 22.48 -11.67 45.51
C VAL X 70 22.77 -12.95 44.75
N VAL X 71 24.05 -13.28 44.61
CA VAL X 71 24.47 -14.45 43.84
C VAL X 71 25.34 -15.39 44.65
N ASN X 72 25.66 -15.05 45.89
CA ASN X 72 26.43 -15.94 46.75
C ASN X 72 26.14 -15.58 48.19
N ALA X 73 26.71 -16.36 49.11
CA ALA X 73 26.54 -16.06 50.53
C ALA X 73 27.22 -14.76 50.92
N GLU X 74 28.28 -14.37 50.21
CA GLU X 74 29.00 -13.15 50.57
C GLU X 74 28.23 -11.91 50.14
N GLN X 75 27.73 -11.90 48.91
CA GLN X 75 26.88 -10.79 48.49
C GLN X 75 25.61 -10.73 49.34
N ALA X 76 25.08 -11.89 49.73
CA ALA X 76 23.92 -11.91 50.60
C ALA X 76 24.24 -11.28 51.95
N ARG X 77 25.40 -11.62 52.52
CA ARG X 77 25.79 -11.03 53.80
C ARG X 77 25.98 -9.53 53.68
N ILE X 78 26.62 -9.08 52.60
CA ILE X 78 26.79 -7.64 52.39
C ILE X 78 25.43 -6.95 52.30
N ALA X 79 24.54 -7.47 51.45
CA ALA X 79 23.24 -6.87 51.27
C ALA X 79 22.44 -6.89 52.58
N GLU X 80 22.73 -7.86 53.45
CA GLU X 80 22.10 -7.85 54.76
C GLU X 80 22.65 -6.74 55.63
N GLU X 81 23.97 -6.58 55.66
CA GLU X 81 24.56 -5.56 56.53
C GLU X 81 24.26 -4.15 56.02
N ALA X 82 23.97 -4.00 54.74
CA ALA X 82 23.57 -2.70 54.22
C ALA X 82 22.17 -2.30 54.67
N GLY X 83 21.39 -3.23 55.21
CA GLY X 83 20.07 -2.92 55.71
C GLY X 83 18.93 -3.32 54.80
N ALA X 84 19.17 -4.14 53.79
CA ALA X 84 18.09 -4.57 52.90
C ALA X 84 17.06 -5.37 53.67
N CYS X 85 15.83 -5.36 53.17
CA CYS X 85 14.74 -6.09 53.81
C CYS X 85 14.61 -7.52 53.30
N ALA X 86 15.14 -7.83 52.13
CA ALA X 86 15.08 -9.16 51.57
C ALA X 86 16.11 -9.27 50.46
N VAL X 87 16.49 -10.50 50.15
CA VAL X 87 17.43 -10.77 49.06
C VAL X 87 16.76 -11.72 48.07
N MET X 88 17.16 -11.62 46.82
CA MET X 88 16.62 -12.43 45.74
C MET X 88 17.72 -13.33 45.22
N ALA X 89 17.82 -14.54 45.77
CA ALA X 89 18.87 -15.47 45.39
C ALA X 89 18.77 -15.80 43.91
N LEU X 90 19.92 -15.84 43.23
CA LEU X 90 19.97 -16.19 41.82
C LEU X 90 21.40 -16.56 41.46
N GLU X 91 21.54 -17.52 40.53
CA GLU X 91 22.85 -18.09 40.25
C GLU X 91 23.81 -17.08 39.64
N ARG X 92 23.35 -16.31 38.66
CA ARG X 92 24.19 -15.34 37.98
C ARG X 92 23.34 -14.15 37.59
N VAL X 93 23.91 -12.95 37.76
CA VAL X 93 23.19 -11.68 37.71
C VAL X 93 22.42 -11.50 36.40
N PRO X 94 21.41 -10.63 36.36
CA PRO X 94 20.79 -10.29 35.07
C PRO X 94 21.77 -9.82 34.03
N ALA X 95 22.89 -9.20 34.45
CA ALA X 95 23.94 -8.87 33.51
C ALA X 95 24.51 -10.12 32.84
N ASP X 96 24.61 -11.21 33.60
CA ASP X 96 25.02 -12.48 33.00
C ASP X 96 23.94 -13.04 32.07
N ILE X 97 22.67 -12.88 32.45
CA ILE X 97 21.57 -13.29 31.57
C ILE X 97 21.65 -12.54 30.24
N ARG X 98 22.12 -11.30 30.29
CA ARG X 98 22.20 -10.48 29.08
C ARG X 98 23.44 -10.82 28.26
N ALA X 99 24.58 -11.00 28.93
CA ALA X 99 25.85 -11.18 28.22
C ALA X 99 26.03 -12.63 27.77
N GLN X 100 26.00 -13.57 28.72
CA GLN X 100 26.15 -14.98 28.40
C GLN X 100 25.02 -15.50 27.52
N GLY X 101 23.91 -14.77 27.43
CA GLY X 101 22.80 -15.21 26.63
C GLY X 101 22.17 -16.47 27.21
N GLY X 102 21.57 -17.25 26.32
CA GLY X 102 20.96 -18.50 26.71
C GLY X 102 19.73 -18.30 27.57
N VAL X 103 19.17 -19.43 28.01
CA VAL X 103 17.98 -19.41 28.84
C VAL X 103 18.39 -19.33 30.30
N ALA X 104 17.63 -18.55 31.07
CA ALA X 104 17.83 -18.43 32.51
C ALA X 104 16.65 -19.08 33.20
N ARG X 105 16.92 -19.85 34.25
CA ARG X 105 15.91 -20.63 34.94
C ARG X 105 15.90 -20.26 36.41
N MET X 106 15.10 -21.00 37.18
CA MET X 106 15.11 -20.88 38.63
C MET X 106 16.53 -21.11 39.15
N SER X 107 16.89 -20.34 40.17
CA SER X 107 18.20 -20.48 40.78
C SER X 107 18.37 -21.87 41.40
N ASP X 108 19.63 -22.27 41.55
CA ASP X 108 19.93 -23.62 41.97
C ASP X 108 19.54 -23.83 43.43
N PRO X 109 18.95 -24.96 43.79
CA PRO X 109 18.51 -25.17 45.18
C PRO X 109 19.63 -25.14 46.20
N GLN X 110 20.83 -25.62 45.85
CA GLN X 110 21.92 -25.66 46.82
C GLN X 110 22.35 -24.26 47.24
N MET X 111 22.48 -23.35 46.28
CA MET X 111 22.88 -21.99 46.64
C MET X 111 21.74 -21.26 47.36
N ILE X 112 20.50 -21.60 47.04
CA ILE X 112 19.38 -21.04 47.81
C ILE X 112 19.48 -21.47 49.27
N LYS X 113 19.76 -22.75 49.51
CA LYS X 113 19.88 -23.22 50.88
C LYS X 113 21.07 -22.57 51.58
N GLU X 114 22.18 -22.39 50.85
CA GLU X 114 23.34 -21.73 51.43
C GLU X 114 23.02 -20.30 51.83
N ILE X 115 22.39 -19.53 50.94
CA ILE X 115 22.01 -18.16 51.26
C ILE X 115 21.05 -18.13 52.43
N LYS X 116 20.01 -18.97 52.39
CA LYS X 116 19.03 -19.02 53.47
C LYS X 116 19.70 -19.32 54.81
N GLN X 117 20.75 -20.14 54.80
CA GLN X 117 21.47 -20.41 56.03
C GLN X 117 22.46 -19.30 56.37
N ALA X 118 22.79 -18.43 55.42
CA ALA X 118 23.79 -17.39 55.65
C ALA X 118 23.20 -16.09 56.17
N VAL X 119 21.97 -15.75 55.81
CA VAL X 119 21.33 -14.51 56.25
C VAL X 119 20.10 -14.86 57.07
N THR X 120 19.58 -13.83 57.75
CA THR X 120 18.39 -13.99 58.58
C THR X 120 17.16 -13.32 58.00
N ILE X 121 17.33 -12.38 57.08
CA ILE X 121 16.21 -11.65 56.48
C ILE X 121 15.43 -12.58 55.56
N PRO X 122 14.21 -12.22 55.16
CA PRO X 122 13.51 -13.02 54.15
C PRO X 122 14.35 -13.20 52.90
N VAL X 123 14.24 -14.38 52.30
CA VAL X 123 14.99 -14.74 51.10
C VAL X 123 14.00 -15.04 50.00
N MET X 124 14.18 -14.37 48.86
CA MET X 124 13.34 -14.59 47.69
C MET X 124 14.05 -15.48 46.69
N ALA X 125 13.30 -15.90 45.67
CA ALA X 125 13.87 -16.60 44.54
C ALA X 125 12.97 -16.35 43.34
N LYS X 126 13.53 -16.52 42.16
N LYS X 126 13.53 -16.52 42.16
CA LYS X 126 12.83 -16.26 40.92
CA LYS X 126 12.83 -16.26 40.92
C LYS X 126 12.28 -17.56 40.34
C LYS X 126 12.28 -17.56 40.34
N ALA X 127 11.10 -17.50 39.75
CA ALA X 127 10.48 -18.63 39.08
C ALA X 127 9.97 -18.15 37.73
N ARG X 128 10.21 -18.95 36.70
CA ARG X 128 9.79 -18.56 35.37
C ARG X 128 8.27 -18.41 35.31
N ILE X 129 7.81 -17.55 34.41
CA ILE X 129 6.39 -17.24 34.33
C ILE X 129 5.62 -18.46 33.86
N GLY X 130 4.60 -18.83 34.61
CA GLY X 130 3.80 -20.00 34.28
C GLY X 130 4.45 -21.33 34.57
N HIS X 131 5.66 -21.33 35.14
CA HIS X 131 6.36 -22.56 35.48
C HIS X 131 6.03 -22.90 36.93
N PHE X 132 4.88 -23.57 37.12
CA PHE X 132 4.42 -23.84 38.47
C PHE X 132 5.24 -24.94 39.15
N VAL X 133 6.01 -25.72 38.40
CA VAL X 133 6.83 -26.74 39.03
C VAL X 133 8.07 -26.13 39.68
N GLU X 134 8.66 -25.12 39.04
CA GLU X 134 9.72 -24.37 39.71
C GLU X 134 9.19 -23.71 40.98
N ALA X 135 7.96 -23.22 40.95
CA ALA X 135 7.36 -22.65 42.14
C ALA X 135 7.14 -23.72 43.21
N GLN X 136 6.75 -24.94 42.81
CA GLN X 136 6.61 -26.02 43.76
C GLN X 136 7.94 -26.36 44.40
N ILE X 137 9.01 -26.39 43.59
CA ILE X 137 10.34 -26.68 44.11
C ILE X 137 10.77 -25.61 45.09
N LEU X 138 10.54 -24.34 44.74
CA LEU X 138 10.93 -23.25 45.63
C LEU X 138 10.15 -23.29 46.94
N GLU X 139 8.84 -23.56 46.87
CA GLU X 139 8.05 -23.68 48.09
C GLU X 139 8.52 -24.86 48.94
N ALA X 140 8.97 -25.93 48.29
CA ALA X 140 9.47 -27.08 49.04
C ALA X 140 10.83 -26.82 49.66
N ILE X 141 11.62 -25.90 49.09
CA ILE X 141 12.87 -25.50 49.73
C ILE X 141 12.59 -24.71 50.99
N GLY X 142 11.52 -23.93 51.01
CA GLY X 142 11.14 -23.18 52.19
C GLY X 142 11.47 -21.72 52.16
N ILE X 143 11.62 -21.13 50.96
CA ILE X 143 11.94 -19.72 50.84
C ILE X 143 10.74 -18.90 51.30
N ASP X 144 10.94 -17.61 51.52
CA ASP X 144 9.89 -16.75 52.05
C ASP X 144 9.00 -16.16 50.99
N TYR X 145 9.54 -15.68 49.88
CA TYR X 145 8.75 -15.12 48.80
C TYR X 145 9.26 -15.67 47.47
N ILE X 146 8.34 -15.86 46.54
CA ILE X 146 8.65 -16.35 45.20
C ILE X 146 8.34 -15.26 44.22
N ASP X 147 9.26 -15.01 43.29
CA ASP X 147 9.10 -13.95 42.30
C ASP X 147 8.86 -14.60 40.95
N GLU X 148 7.62 -14.59 40.49
CA GLU X 148 7.31 -15.04 39.14
C GLU X 148 7.86 -13.98 38.20
N SER X 149 9.09 -14.18 37.76
CA SER X 149 9.92 -13.10 37.24
C SER X 149 9.99 -13.15 35.72
N GLU X 150 9.61 -12.04 35.08
CA GLU X 150 9.81 -11.85 33.65
C GLU X 150 11.26 -11.52 33.32
N VAL X 151 12.08 -11.18 34.31
CA VAL X 151 13.51 -11.01 34.07
C VAL X 151 14.12 -12.31 33.58
N LEU X 152 13.64 -13.44 34.09
CA LEU X 152 14.03 -14.74 33.59
C LEU X 152 13.36 -15.02 32.25
N THR X 153 13.52 -16.25 31.77
CA THR X 153 12.92 -16.61 30.49
C THR X 153 11.50 -17.10 30.68
N LEU X 154 10.62 -16.72 29.76
CA LEU X 154 9.24 -17.17 29.78
C LEU X 154 9.16 -18.68 29.67
N ALA X 155 8.41 -19.30 30.57
CA ALA X 155 8.12 -20.72 30.49
C ALA X 155 6.73 -21.02 29.94
N ASP X 156 5.78 -20.11 30.13
CA ASP X 156 4.45 -20.25 29.57
C ASP X 156 4.03 -18.87 29.08
N GLU X 157 4.04 -18.69 27.75
CA GLU X 157 3.79 -17.37 27.19
C GLU X 157 2.36 -16.91 27.41
N ASP X 158 1.39 -17.83 27.43
CA ASP X 158 -0.01 -17.46 27.51
C ASP X 158 -0.58 -17.46 28.93
N HIS X 159 -0.04 -18.26 29.84
CA HIS X 159 -0.64 -18.42 31.15
C HIS X 159 0.40 -18.19 32.24
N HIS X 160 -0.04 -17.60 33.34
CA HIS X 160 0.79 -17.45 34.53
C HIS X 160 0.42 -18.51 35.55
N ILE X 161 1.19 -18.55 36.65
CA ILE X 161 0.93 -19.54 37.68
C ILE X 161 -0.37 -19.23 38.39
N ASN X 162 -1.17 -20.26 38.64
CA ASN X 162 -2.34 -20.14 39.50
C ASN X 162 -1.83 -20.11 40.93
N LYS X 163 -1.47 -18.91 41.38
CA LYS X 163 -0.70 -18.76 42.62
C LYS X 163 -1.52 -19.01 43.87
N HIS X 164 -2.78 -19.43 43.73
CA HIS X 164 -3.58 -19.74 44.90
C HIS X 164 -3.26 -21.12 45.48
N ASN X 165 -2.44 -21.90 44.78
CA ASN X 165 -2.17 -23.27 45.21
C ASN X 165 -0.99 -23.37 46.18
N PHE X 166 -0.26 -22.28 46.41
CA PHE X 166 0.93 -22.30 47.25
C PHE X 166 0.68 -21.54 48.54
N ARG X 167 1.32 -21.99 49.61
CA ARG X 167 1.24 -21.27 50.88
C ARG X 167 2.27 -20.15 50.97
N ILE X 168 3.11 -20.00 49.95
CA ILE X 168 4.17 -19.01 49.95
C ILE X 168 3.72 -17.79 49.16
N PRO X 169 3.90 -16.59 49.67
CA PRO X 169 3.49 -15.40 48.91
C PRO X 169 4.32 -15.22 47.66
N PHE X 170 3.70 -14.63 46.64
CA PHE X 170 4.32 -14.44 45.34
C PHE X 170 4.56 -12.97 45.07
N VAL X 171 5.57 -12.68 44.26
CA VAL X 171 5.87 -11.34 43.80
C VAL X 171 5.81 -11.33 42.28
N CYS X 172 4.88 -10.57 41.73
CA CYS X 172 4.61 -10.60 40.30
C CYS X 172 4.85 -9.24 39.68
N GLY X 173 5.44 -9.24 38.49
CA GLY X 173 5.68 -8.02 37.77
C GLY X 173 4.42 -7.44 37.18
N CYS X 174 4.50 -6.17 36.82
CA CYS X 174 3.37 -5.48 36.22
C CYS X 174 3.86 -4.28 35.44
N ARG X 175 3.06 -3.85 34.47
N ARG X 175 3.06 -3.85 34.47
CA ARG X 175 3.36 -2.66 33.69
CA ARG X 175 3.34 -2.69 33.65
C ARG X 175 2.24 -1.63 33.68
C ARG X 175 2.25 -1.64 33.69
N ASN X 176 1.06 -1.97 34.19
CA ASN X 176 -0.05 -1.04 34.26
C ASN X 176 -1.02 -1.55 35.31
N LEU X 177 -2.15 -0.84 35.45
CA LEU X 177 -3.10 -1.22 36.48
C LEU X 177 -3.81 -2.52 36.14
N GLY X 178 -4.14 -2.72 34.86
CA GLY X 178 -4.79 -3.96 34.47
C GLY X 178 -3.95 -5.18 34.80
N GLU X 179 -2.66 -5.12 34.50
N GLU X 179 -2.66 -5.13 34.49
CA GLU X 179 -1.78 -6.26 34.78
CA GLU X 179 -1.78 -6.26 34.78
C GLU X 179 -1.66 -6.49 36.28
C GLU X 179 -1.66 -6.50 36.29
N ALA X 180 -1.51 -5.43 37.06
CA ALA X 180 -1.39 -5.58 38.51
C ALA X 180 -2.64 -6.22 39.09
N LEU X 181 -3.82 -5.79 38.61
CA LEU X 181 -5.05 -6.37 39.12
C LEU X 181 -5.22 -7.82 38.68
N ARG X 182 -4.83 -8.14 37.46
CA ARG X 182 -4.89 -9.53 37.02
C ARG X 182 -3.98 -10.41 37.87
N ARG X 183 -2.78 -9.92 38.18
CA ARG X 183 -1.86 -10.71 38.98
C ARG X 183 -2.35 -10.85 40.41
N ILE X 184 -2.97 -9.82 40.95
CA ILE X 184 -3.54 -9.92 42.30
C ILE X 184 -4.70 -10.91 42.30
N ARG X 185 -5.44 -10.98 41.20
CA ARG X 185 -6.52 -11.96 41.12
C ARG X 185 -5.98 -13.38 41.01
N GLU X 186 -4.90 -13.57 40.26
CA GLU X 186 -4.30 -14.89 40.18
C GLU X 186 -3.72 -15.34 41.52
N GLY X 187 -3.40 -14.42 42.42
CA GLY X 187 -2.95 -14.79 43.73
C GLY X 187 -1.66 -14.11 44.19
N ALA X 188 -1.15 -13.19 43.38
CA ALA X 188 0.08 -12.50 43.74
C ALA X 188 -0.13 -11.63 44.98
N ALA X 189 0.66 -11.89 46.02
CA ALA X 189 0.54 -11.16 47.27
C ALA X 189 1.40 -9.91 47.31
N MET X 190 2.09 -9.58 46.23
CA MET X 190 2.94 -8.40 46.20
C MET X 190 3.29 -8.12 44.75
N ILE X 191 3.23 -6.85 44.35
CA ILE X 191 3.40 -6.44 42.97
C ILE X 191 4.64 -5.56 42.85
N ARG X 192 5.42 -5.79 41.81
CA ARG X 192 6.55 -4.92 41.47
C ARG X 192 6.41 -4.45 40.03
N THR X 193 6.60 -3.15 39.84
CA THR X 193 6.48 -2.59 38.50
C THR X 193 7.68 -2.99 37.65
N LYS X 194 7.38 -3.46 36.44
CA LYS X 194 8.37 -4.13 35.61
C LYS X 194 9.59 -3.27 35.31
N GLY X 195 9.40 -2.17 34.58
CA GLY X 195 10.56 -1.41 34.19
C GLY X 195 11.23 -2.00 32.96
N GLU X 196 12.55 -2.11 33.02
CA GLU X 196 13.37 -2.67 31.94
C GLU X 196 14.60 -3.31 32.56
N ALA X 197 14.97 -4.48 32.06
CA ALA X 197 15.95 -5.32 32.74
C ALA X 197 17.38 -5.06 32.26
N GLY X 198 18.23 -4.58 33.17
CA GLY X 198 19.66 -4.66 33.01
C GLY X 198 20.37 -3.42 32.51
N THR X 199 19.65 -2.33 32.25
CA THR X 199 20.27 -1.16 31.62
C THR X 199 20.60 -0.04 32.59
N GLY X 200 20.02 -0.02 33.78
CA GLY X 200 20.26 1.08 34.68
C GLY X 200 19.56 2.37 34.32
N ASN X 201 18.65 2.34 33.35
CA ASN X 201 17.91 3.51 32.90
C ASN X 201 16.49 3.40 33.41
N ILE X 202 16.06 4.38 34.22
CA ILE X 202 14.78 4.28 34.90
C ILE X 202 13.64 4.96 34.17
N ILE X 203 13.80 5.26 32.87
CA ILE X 203 12.72 5.90 32.13
C ILE X 203 11.49 5.02 32.11
N GLU X 204 11.67 3.72 31.86
CA GLU X 204 10.52 2.81 31.77
C GLU X 204 9.94 2.51 33.14
N ALA X 205 10.78 2.33 34.16
CA ALA X 205 10.26 2.11 35.50
C ALA X 205 9.47 3.32 35.98
N VAL X 206 9.98 4.52 35.72
CA VAL X 206 9.25 5.73 36.11
C VAL X 206 7.94 5.82 35.33
N ARG X 207 7.97 5.51 34.04
CA ARG X 207 6.74 5.54 33.25
C ARG X 207 5.71 4.56 33.80
N HIS X 208 6.15 3.39 34.25
CA HIS X 208 5.20 2.41 34.75
C HIS X 208 4.64 2.79 36.10
N VAL X 209 5.47 3.29 37.01
CA VAL X 209 4.96 3.80 38.28
C VAL X 209 3.96 4.91 38.05
N ARG X 210 4.30 5.86 37.16
CA ARG X 210 3.39 6.96 36.89
C ARG X 210 2.10 6.47 36.26
N SER X 211 2.17 5.46 35.40
CA SER X 211 0.96 4.94 34.76
C SER X 211 0.06 4.25 35.77
N VAL X 212 0.64 3.43 36.65
CA VAL X 212 -0.16 2.73 37.65
C VAL X 212 -0.80 3.72 38.61
N ASN X 213 -0.01 4.66 39.14
CA ASN X 213 -0.57 5.62 40.08
C ASN X 213 -1.56 6.55 39.40
N GLY X 214 -1.37 6.81 38.10
CA GLY X 214 -2.31 7.64 37.37
C GLY X 214 -3.64 6.94 37.14
N ASP X 215 -3.59 5.65 36.79
CA ASP X 215 -4.82 4.89 36.70
C ASP X 215 -5.53 4.81 38.05
N ILE X 216 -4.78 4.69 39.14
CA ILE X 216 -5.42 4.66 40.46
C ILE X 216 -6.08 5.99 40.77
N ARG X 217 -5.40 7.09 40.48
CA ARG X 217 -5.97 8.41 40.76
C ARG X 217 -7.19 8.67 39.87
N VAL X 218 -7.15 8.19 38.63
CA VAL X 218 -8.30 8.33 37.74
C VAL X 218 -9.48 7.53 38.28
N LEU X 219 -9.20 6.31 38.74
CA LEU X 219 -10.25 5.44 39.26
C LEU X 219 -10.87 6.01 40.53
N ARG X 220 -10.06 6.68 41.35
CA ARG X 220 -10.55 7.12 42.66
C ARG X 220 -11.72 8.09 42.53
N ASN X 221 -11.69 8.98 41.55
CA ASN X 221 -12.79 9.92 41.31
C ASN X 221 -13.78 9.43 40.26
N MET X 222 -13.43 8.39 39.50
CA MET X 222 -14.28 7.94 38.41
C MET X 222 -15.70 7.66 38.89
N ASP X 223 -16.68 8.02 38.07
CA ASP X 223 -18.07 7.75 38.38
C ASP X 223 -18.32 6.25 38.44
N ASP X 224 -19.14 5.82 39.40
CA ASP X 224 -19.41 4.40 39.57
C ASP X 224 -19.95 3.78 38.30
N ASP X 225 -20.92 4.45 37.66
CA ASP X 225 -21.55 3.92 36.45
C ASP X 225 -20.55 3.70 35.32
N GLU X 226 -19.40 4.38 35.35
CA GLU X 226 -18.37 4.20 34.35
C GLU X 226 -17.35 3.14 34.73
N VAL X 227 -17.24 2.81 36.01
CA VAL X 227 -16.20 1.89 36.47
C VAL X 227 -16.22 0.59 35.67
N PHE X 228 -17.40 0.03 35.42
CA PHE X 228 -17.51 -1.21 34.67
C PHE X 228 -16.76 -1.11 33.34
N THR X 229 -17.01 -0.04 32.58
CA THR X 229 -16.33 0.12 31.30
C THR X 229 -14.83 0.22 31.50
N PHE X 230 -14.40 0.92 32.55
CA PHE X 230 -12.98 0.98 32.89
C PHE X 230 -12.44 -0.43 33.08
N ALA X 231 -13.18 -1.27 33.81
CA ALA X 231 -12.73 -2.63 34.04
C ALA X 231 -12.57 -3.39 32.72
N LYS X 232 -13.38 -3.03 31.72
CA LYS X 232 -13.25 -3.66 30.42
C LYS X 232 -12.07 -3.06 29.65
N LYS X 233 -11.79 -1.78 29.86
CA LYS X 233 -10.68 -1.15 29.17
C LYS X 233 -9.36 -1.75 29.59
N LEU X 234 -9.22 -2.08 30.88
CA LEU X 234 -8.01 -2.71 31.39
C LEU X 234 -8.02 -4.22 31.22
N ALA X 235 -9.20 -4.83 31.04
CA ALA X 235 -9.36 -6.27 31.11
C ALA X 235 -8.90 -6.80 32.45
N ALA X 236 -9.36 -6.14 33.51
CA ALA X 236 -9.06 -6.49 34.89
C ALA X 236 -10.34 -6.88 35.62
N PRO X 237 -10.25 -7.77 36.61
CA PRO X 237 -11.46 -8.18 37.33
C PRO X 237 -12.15 -7.00 37.98
N TYR X 238 -13.47 -6.93 37.81
CA TYR X 238 -14.20 -5.77 38.29
C TYR X 238 -14.18 -5.68 39.81
N ASP X 239 -14.22 -6.82 40.50
CA ASP X 239 -14.20 -6.79 41.95
C ASP X 239 -12.92 -6.16 42.47
N LEU X 240 -11.78 -6.49 41.86
CA LEU X 240 -10.53 -5.88 42.26
C LEU X 240 -10.48 -4.41 41.86
N VAL X 241 -11.12 -4.05 40.75
CA VAL X 241 -11.18 -2.64 40.36
C VAL X 241 -11.95 -1.84 41.39
N MET X 242 -13.06 -2.38 41.89
CA MET X 242 -13.83 -1.68 42.90
C MET X 242 -13.07 -1.63 44.22
N GLN X 243 -12.35 -2.70 44.56
CA GLN X 243 -11.54 -2.68 45.78
C GLN X 243 -10.45 -1.63 45.69
N THR X 244 -9.84 -1.49 44.51
CA THR X 244 -8.86 -0.42 44.30
C THR X 244 -9.50 0.95 44.45
N LYS X 245 -10.64 1.15 43.79
CA LYS X 245 -11.33 2.44 43.87
C LYS X 245 -11.69 2.78 45.31
N GLN X 246 -12.00 1.78 46.11
CA GLN X 246 -12.32 2.04 47.52
C GLN X 246 -11.07 2.36 48.32
N LEU X 247 -9.99 1.59 48.11
CA LEU X 247 -8.79 1.77 48.90
C LEU X 247 -7.98 2.98 48.46
N GLY X 248 -8.17 3.45 47.23
CA GLY X 248 -7.33 4.52 46.72
C GLY X 248 -5.94 4.10 46.35
N ARG X 249 -5.65 2.80 46.34
N ARG X 249 -5.66 2.80 46.33
CA ARG X 249 -4.34 2.29 45.98
CA ARG X 249 -4.34 2.28 45.97
C ARG X 249 -4.48 0.82 45.62
C ARG X 249 -4.50 0.84 45.56
N LEU X 250 -3.40 0.26 45.09
CA LEU X 250 -3.41 -1.15 44.73
C LEU X 250 -3.54 -1.99 46.00
N PRO X 251 -4.40 -3.01 46.00
CA PRO X 251 -4.72 -3.72 47.26
C PRO X 251 -3.55 -4.48 47.87
N VAL X 252 -2.36 -4.45 47.27
CA VAL X 252 -1.21 -5.19 47.77
C VAL X 252 -0.03 -4.24 47.85
N VAL X 253 1.08 -4.76 48.41
CA VAL X 253 2.31 -3.98 48.46
C VAL X 253 2.84 -3.82 47.04
N GLN X 254 3.36 -2.63 46.74
CA GLN X 254 3.70 -2.24 45.38
C GLN X 254 5.15 -1.79 45.36
N PHE X 255 6.01 -2.56 44.72
CA PHE X 255 7.44 -2.29 44.66
C PHE X 255 7.82 -1.79 43.27
N ALA X 256 9.02 -1.22 43.18
CA ALA X 256 9.57 -0.80 41.90
C ALA X 256 10.78 -1.64 41.56
N ALA X 257 11.02 -1.81 40.26
CA ALA X 257 12.14 -2.64 39.82
C ALA X 257 12.57 -2.20 38.44
N GLY X 258 13.87 -2.36 38.16
CA GLY X 258 14.39 -2.10 36.84
C GLY X 258 15.07 -0.76 36.69
N GLY X 259 16.39 -0.77 36.71
CA GLY X 259 17.16 0.44 36.48
C GLY X 259 17.53 1.24 37.70
N VAL X 260 16.98 0.91 38.87
CA VAL X 260 17.29 1.66 40.08
C VAL X 260 18.76 1.41 40.41
N ALA X 261 19.60 2.43 40.24
CA ALA X 261 21.03 2.30 40.42
C ALA X 261 21.64 3.25 41.43
N THR X 262 21.08 4.44 41.60
CA THR X 262 21.61 5.46 42.49
C THR X 262 20.58 5.78 43.55
N PRO X 263 21.02 6.31 44.71
CA PRO X 263 20.05 6.70 45.73
C PRO X 263 18.99 7.67 45.24
N ALA X 264 19.34 8.51 44.26
CA ALA X 264 18.34 9.39 43.66
C ALA X 264 17.22 8.58 43.00
N ASP X 265 17.56 7.48 42.34
CA ASP X 265 16.55 6.68 41.67
C ASP X 265 15.63 6.00 42.69
N ALA X 266 16.20 5.48 43.77
CA ALA X 266 15.40 4.84 44.80
C ALA X 266 14.48 5.84 45.47
N ALA X 267 15.00 7.03 45.79
CA ALA X 267 14.16 8.06 46.38
C ALA X 267 13.08 8.52 45.41
N LEU X 268 13.39 8.57 44.12
CA LEU X 268 12.38 8.96 43.13
C LEU X 268 11.26 7.94 43.07
N MET X 269 11.62 6.65 43.08
CA MET X 269 10.58 5.61 43.11
C MET X 269 9.73 5.72 44.36
N MET X 270 10.37 5.91 45.52
CA MET X 270 9.62 5.95 46.76
C MET X 270 8.79 7.23 46.87
N GLN X 271 9.15 8.27 46.13
CA GLN X 271 8.34 9.49 46.15
C GLN X 271 7.22 9.44 45.12
N LEU X 272 7.39 8.65 44.06
CA LEU X 272 6.31 8.49 43.09
C LEU X 272 5.16 7.64 43.64
N GLY X 273 5.32 7.06 44.82
CA GLY X 273 4.23 6.34 45.44
C GLY X 273 4.52 4.89 45.77
N CYS X 274 5.68 4.39 45.35
CA CYS X 274 6.02 2.99 45.57
C CYS X 274 6.23 2.72 47.06
N ASP X 275 6.42 1.44 47.37
CA ASP X 275 6.68 0.99 48.74
C ASP X 275 8.08 0.45 48.92
N GLY X 276 8.87 0.38 47.84
CA GLY X 276 10.21 -0.17 47.92
C GLY X 276 10.80 -0.24 46.52
N VAL X 277 12.00 -0.80 46.45
CA VAL X 277 12.75 -0.87 45.20
C VAL X 277 13.49 -2.20 45.09
N PHE X 278 13.76 -2.60 43.85
CA PHE X 278 14.64 -3.72 43.57
C PHE X 278 15.93 -3.19 42.95
N VAL X 279 17.07 -3.61 43.51
CA VAL X 279 18.38 -3.23 43.00
C VAL X 279 19.15 -4.51 42.71
N GLY X 280 19.40 -4.77 41.44
CA GLY X 280 19.89 -6.09 41.06
C GLY X 280 21.38 -6.33 40.94
N SER X 281 22.07 -5.59 40.06
CA SER X 281 23.42 -5.94 39.71
C SER X 281 24.43 -4.80 39.78
N GLY X 282 23.99 -3.57 39.50
CA GLY X 282 24.94 -2.47 39.41
C GLY X 282 25.64 -2.14 40.72
N ILE X 283 25.22 -2.76 41.82
CA ILE X 283 25.75 -2.43 43.13
C ILE X 283 27.04 -3.19 43.38
N PHE X 284 27.06 -4.47 43.01
CA PHE X 284 28.20 -5.33 43.31
C PHE X 284 29.23 -5.36 42.18
N LYS X 285 28.93 -4.78 41.02
CA LYS X 285 29.89 -4.64 39.95
C LYS X 285 30.59 -3.28 39.96
N SER X 286 30.28 -2.43 40.94
CA SER X 286 30.76 -1.06 40.97
C SER X 286 32.04 -0.95 41.79
N GLY X 287 32.45 0.30 42.04
CA GLY X 287 33.68 0.54 42.76
C GLY X 287 33.63 0.09 44.21
N ASP X 288 32.50 0.33 44.89
CA ASP X 288 32.32 -0.08 46.28
C ASP X 288 30.89 -0.56 46.45
N PRO X 289 30.69 -1.87 46.64
CA PRO X 289 29.31 -2.38 46.78
C PRO X 289 28.65 -2.01 48.08
N ALA X 290 29.36 -2.14 49.20
CA ALA X 290 28.75 -1.87 50.50
C ALA X 290 28.32 -0.42 50.62
N ARG X 291 29.15 0.51 50.13
CA ARG X 291 28.82 1.93 50.24
C ARG X 291 27.57 2.26 49.43
N ARG X 292 27.50 1.81 48.19
CA ARG X 292 26.34 2.12 47.36
C ARG X 292 25.09 1.43 47.88
N ALA X 293 25.22 0.21 48.38
CA ALA X 293 24.06 -0.49 48.93
C ALA X 293 23.52 0.23 50.17
N ARG X 294 24.42 0.64 51.07
CA ARG X 294 23.99 1.39 52.24
C ARG X 294 23.38 2.72 51.84
N ALA X 295 23.93 3.35 50.81
CA ALA X 295 23.38 4.63 50.35
C ALA X 295 21.96 4.45 49.81
N ILE X 296 21.73 3.39 49.04
CA ILE X 296 20.39 3.17 48.49
C ILE X 296 19.41 2.82 49.60
N VAL X 297 19.85 2.02 50.57
CA VAL X 297 18.98 1.70 51.71
C VAL X 297 18.59 2.96 52.47
N GLN X 298 19.58 3.82 52.75
CA GLN X 298 19.30 5.07 53.44
C GLN X 298 18.42 5.99 52.60
N ALA X 299 18.54 5.93 51.28
CA ALA X 299 17.68 6.75 50.43
C ALA X 299 16.24 6.28 50.49
N VAL X 300 16.03 4.96 50.51
CA VAL X 300 14.67 4.44 50.62
C VAL X 300 14.09 4.77 51.99
N THR X 301 14.90 4.64 53.05
CA THR X 301 14.41 4.92 54.39
C THR X 301 14.07 6.39 54.55
N HIS X 302 14.83 7.27 53.91
CA HIS X 302 14.68 8.72 54.04
C HIS X 302 14.34 9.38 52.72
N TYR X 303 13.35 8.84 52.01
CA TYR X 303 13.05 9.30 50.66
C TYR X 303 12.58 10.75 50.60
N SER X 304 12.35 11.40 51.74
CA SER X 304 11.92 12.79 51.77
C SER X 304 12.94 13.71 52.41
N ASP X 305 14.20 13.32 52.47
CA ASP X 305 15.26 14.10 53.12
C ASP X 305 16.35 14.41 52.10
N PRO X 306 16.29 15.56 51.44
CA PRO X 306 17.31 15.86 50.42
C PRO X 306 18.73 15.92 50.96
N GLU X 307 18.92 16.46 52.16
CA GLU X 307 20.26 16.50 52.74
C GLU X 307 20.80 15.09 52.97
N MET X 308 19.94 14.17 53.39
CA MET X 308 20.37 12.78 53.57
C MET X 308 20.73 12.15 52.23
N LEU X 309 19.93 12.39 51.19
CA LEU X 309 20.25 11.89 49.86
C LEU X 309 21.58 12.44 49.37
N VAL X 310 21.90 13.68 49.76
CA VAL X 310 23.19 14.27 49.37
C VAL X 310 24.32 13.57 50.12
N GLU X 311 24.18 13.44 51.44
CA GLU X 311 25.26 12.87 52.24
C GLU X 311 25.54 11.42 51.84
N VAL X 312 24.49 10.66 51.53
CA VAL X 312 24.71 9.28 51.13
C VAL X 312 25.29 9.18 49.73
N SER X 313 25.17 10.23 48.93
CA SER X 313 25.75 10.25 47.59
C SER X 313 27.14 10.90 47.60
#